data_6NYN
#
_entry.id   6NYN
#
_cell.length_a   1
_cell.length_b   1
_cell.length_c   1
_cell.angle_alpha   90.00
_cell.angle_beta   90.00
_cell.angle_gamma   90.00
#
_symmetry.space_group_name_H-M   'P 1'
#
_entity_poly.entity_id   1
_entity_poly.type   'polypeptide(L)'
_entity_poly.pdbx_seq_one_letter_code
;AFFTTVIIPAIVGGIATGTAVGTVSGLLGWGLKQAEEANKTPDKPDKVWRIQAGKGFNEFPNKEYDLYKSLLSSKIDGGW
DWGNAATHYWIKGGQWNKLEVDMKDAVGTYKLSGLRNFTGGDLDVNMQKATLRLGQFNGNSFTSYKDSADRTTRVDFNAK
NILIDNFLEINNRVGSGAGRKASSTVLTLQASEGITSSKNAEISLYDGATLNLASNSVKLNGNVWMGRLQYVGAYLAPSY
STINTSKVTGEVNFNHLTVGDHNAAQAGIIASNKTHIGTLDLWQSAGLNIIAPPEGGYKDKPNNTPSQSGAKNDKQESSQ
NNSNTQVINPPNSTQKTEVQPTQVIDGPFAGGKDTVVNIDRINTKADGTIKVGGFKASLTTNAAHLNIGKGGVNLSNQAS
GRTLLVENLTGNITVDGPLRVNNQVGGYALAGSSANFEFKAGVDTKNGTATFNNDISLGRFVNLKVDAHTANFKGIDTGN
GGFNTLDFSGVTNKVNINKLITASTNVAVKNFNINELIVKTNGVSVGEYTHFSEDIGSQSRINTVRLETGTRSIFSGGVK
FKSGEKLVIDEFYYSPWNYFDARNIKNVEITRKFASSTPENPWGTSKLMFNNLTLGQNAVMDYSQFSNLTIQGDFINNQG
TINYLVRGGKVATLNVGNAAAMMFNNDIDSATGFYKPLIKINSAQDLIKNTEHVLLKAKIIGYGNVSTGTNGISNVNLEE
QFKERLALYNNNNRMDTCVVRNTDDIKACGMAIGNQSMVNNPDNYKYLIGKAWKNIGISKTANGSKISVYYLGNSTPTEN
GGNTTNLPTNTTNNARFASYA
;
_entity_poly.pdbx_strand_id   A,B,C,D,E,F,G,H,I,J,K,L
#
# COMPACT_ATOMS: atom_id res chain seq x y z
N LEU A 27 -2.78 -49.80 -9.26
CA LEU A 27 -1.75 -49.46 -10.23
C LEU A 27 -0.35 -49.67 -9.63
N LEU A 28 -0.24 -49.47 -8.31
CA LEU A 28 1.02 -49.74 -7.63
C LEU A 28 1.19 -51.20 -7.27
N GLY A 29 0.14 -51.84 -6.73
CA GLY A 29 0.26 -53.17 -6.20
C GLY A 29 0.52 -53.18 -4.70
N TRP A 30 0.00 -54.22 -4.05
CA TRP A 30 0.12 -54.31 -2.61
C TRP A 30 1.54 -54.63 -2.19
N GLY A 31 2.29 -55.33 -3.04
CA GLY A 31 3.64 -55.74 -2.68
C GLY A 31 4.60 -54.57 -2.57
N LEU A 32 4.30 -53.47 -3.24
CA LEU A 32 5.05 -52.24 -3.01
C LEU A 32 4.55 -51.51 -1.77
N LYS A 33 3.23 -51.49 -1.58
CA LYS A 33 2.62 -50.66 -0.56
C LYS A 33 2.95 -51.14 0.84
N GLN A 34 2.81 -52.44 1.10
CA GLN A 34 3.16 -52.94 2.43
C GLN A 34 4.66 -52.90 2.64
N ALA A 35 5.46 -53.14 1.62
CA ALA A 35 6.90 -53.13 1.79
C ALA A 35 7.44 -51.73 2.02
N GLU A 36 6.73 -50.70 1.59
CA GLU A 36 7.16 -49.35 1.93
C GLU A 36 6.55 -48.82 3.22
N GLU A 37 5.39 -49.34 3.64
CA GLU A 37 4.83 -48.91 4.91
C GLU A 37 5.38 -49.66 6.11
N ALA A 38 5.98 -50.83 5.91
CA ALA A 38 6.45 -51.60 7.05
C ALA A 38 7.74 -51.02 7.62
N ASN A 39 8.53 -50.33 6.80
CA ASN A 39 9.77 -49.71 7.24
C ASN A 39 9.63 -48.19 7.24
N LYS A 40 9.08 -47.66 8.33
CA LYS A 40 8.95 -46.22 8.50
C LYS A 40 9.27 -45.84 9.93
N THR A 41 9.83 -44.65 10.08
CA THR A 41 9.79 -43.99 11.38
C THR A 41 8.35 -43.63 11.69
N PRO A 42 7.93 -43.67 12.98
CA PRO A 42 6.52 -43.41 13.31
C PRO A 42 6.01 -42.03 12.93
N ASP A 43 6.59 -40.98 13.51
CA ASP A 43 6.25 -39.57 13.26
C ASP A 43 7.30 -38.73 13.97
N LYS A 44 7.10 -37.41 13.92
CA LYS A 44 7.82 -36.46 14.77
C LYS A 44 6.79 -35.60 15.48
N PRO A 45 6.21 -36.05 16.59
CA PRO A 45 5.22 -35.22 17.28
C PRO A 45 5.84 -34.39 18.39
N ASP A 46 5.35 -33.16 18.50
CA ASP A 46 5.57 -32.34 19.68
C ASP A 46 4.52 -32.67 20.72
N LYS A 47 4.78 -32.24 21.95
CA LYS A 47 3.91 -32.44 23.11
C LYS A 47 3.64 -33.94 23.35
N VAL A 48 4.70 -34.63 23.74
CA VAL A 48 4.58 -36.02 24.13
C VAL A 48 3.98 -36.06 25.53
N TRP A 49 2.67 -36.27 25.61
CA TRP A 49 2.00 -36.36 26.90
C TRP A 49 2.35 -37.70 27.53
N ARG A 50 2.46 -37.73 28.85
CA ARG A 50 2.68 -38.97 29.57
C ARG A 50 1.75 -39.07 30.76
N ILE A 51 0.98 -40.14 30.80
CA ILE A 51 0.01 -40.40 31.87
C ILE A 51 0.38 -41.73 32.49
N GLN A 52 0.54 -41.75 33.81
CA GLN A 52 0.79 -42.99 34.53
C GLN A 52 -0.38 -43.26 35.45
N ALA A 53 -0.97 -44.44 35.35
CA ALA A 53 -2.01 -44.84 36.27
C ALA A 53 -1.38 -45.21 37.60
N GLY A 54 -1.55 -44.36 38.60
CA GLY A 54 -0.91 -44.55 39.88
C GLY A 54 -1.66 -45.51 40.77
N LYS A 55 -1.85 -45.12 42.02
CA LYS A 55 -2.52 -46.00 42.98
C LYS A 55 -4.03 -45.86 42.85
N GLY A 56 -4.72 -46.93 43.21
CA GLY A 56 -6.15 -46.99 43.05
C GLY A 56 -6.58 -48.09 42.12
N PHE A 57 -5.83 -48.28 41.02
CA PHE A 57 -6.20 -49.28 40.03
C PHE A 57 -5.70 -50.66 40.38
N ASN A 58 -4.48 -50.76 40.92
CA ASN A 58 -3.68 -51.97 40.81
C ASN A 58 -3.96 -53.01 41.89
N GLU A 59 -5.14 -52.97 42.52
CA GLU A 59 -5.46 -54.03 43.46
C GLU A 59 -6.91 -54.47 43.48
N PHE A 60 -7.75 -54.04 42.54
CA PHE A 60 -9.09 -54.58 42.39
C PHE A 60 -9.13 -55.43 41.13
N PRO A 61 -9.01 -56.75 41.23
CA PRO A 61 -8.85 -57.59 40.04
C PRO A 61 -10.10 -57.78 39.21
N ASN A 62 -11.27 -57.32 39.67
CA ASN A 62 -12.50 -57.67 38.96
C ASN A 62 -13.45 -56.50 38.85
N LYS A 63 -12.95 -55.27 38.76
CA LYS A 63 -13.82 -54.13 38.97
C LYS A 63 -14.64 -53.77 37.74
N GLU A 64 -14.16 -54.11 36.53
CA GLU A 64 -14.74 -53.67 35.25
C GLU A 64 -14.77 -52.14 35.18
N TYR A 65 -13.56 -51.60 35.08
CA TYR A 65 -13.34 -50.18 34.89
C TYR A 65 -13.87 -49.73 33.54
N ASP A 66 -13.96 -48.43 33.35
CA ASP A 66 -13.97 -47.82 32.03
C ASP A 66 -12.58 -47.27 31.81
N LEU A 67 -12.17 -47.18 30.55
CA LEU A 67 -10.84 -46.69 30.25
C LEU A 67 -10.86 -45.31 29.64
N TYR A 68 -11.88 -45.02 28.83
CA TYR A 68 -11.99 -43.69 28.26
C TYR A 68 -12.33 -42.67 29.34
N LYS A 69 -13.45 -42.87 30.03
CA LYS A 69 -13.96 -41.86 30.94
C LYS A 69 -13.13 -41.77 32.21
N SER A 70 -12.70 -42.90 32.76
CA SER A 70 -11.98 -42.85 34.02
C SER A 70 -10.53 -42.47 33.85
N LEU A 71 -9.93 -42.78 32.70
CA LEU A 71 -8.53 -42.41 32.49
C LEU A 71 -8.29 -41.52 31.29
N LEU A 72 -8.72 -41.94 30.10
CA LEU A 72 -8.21 -41.34 28.88
C LEU A 72 -8.85 -40.01 28.55
N SER A 73 -10.02 -39.71 29.11
CA SER A 73 -10.70 -38.47 28.72
C SER A 73 -10.07 -37.23 29.33
N SER A 74 -9.05 -37.40 30.19
CA SER A 74 -8.29 -36.26 30.67
C SER A 74 -7.47 -35.63 29.56
N LYS A 75 -6.89 -36.43 28.67
CA LYS A 75 -6.05 -35.91 27.61
C LYS A 75 -6.49 -36.42 26.24
N ILE A 76 -7.78 -36.69 26.08
CA ILE A 76 -8.38 -36.92 24.76
C ILE A 76 -9.66 -36.11 24.72
N ASP A 77 -9.70 -35.11 23.85
CA ASP A 77 -10.79 -34.16 23.81
C ASP A 77 -11.68 -34.40 22.59
N GLY A 78 -12.97 -34.44 22.81
CA GLY A 78 -13.91 -34.57 21.72
C GLY A 78 -14.08 -33.26 20.97
N GLY A 79 -14.93 -33.30 19.96
CA GLY A 79 -15.20 -32.09 19.20
C GLY A 79 -16.18 -32.26 18.05
N TRP A 80 -16.22 -31.24 17.20
CA TRP A 80 -17.10 -31.22 16.05
C TRP A 80 -16.35 -30.63 14.86
N ASP A 81 -16.35 -31.35 13.74
CA ASP A 81 -15.71 -30.88 12.53
C ASP A 81 -16.76 -30.21 11.66
N TRP A 82 -16.51 -28.96 11.29
CA TRP A 82 -17.43 -28.24 10.41
C TRP A 82 -17.32 -28.84 9.02
N GLY A 83 -18.27 -29.70 8.69
CA GLY A 83 -18.17 -30.57 7.54
C GLY A 83 -18.16 -32.01 8.01
N ASN A 84 -19.22 -32.74 7.67
CA ASN A 84 -19.54 -34.16 7.91
C ASN A 84 -19.01 -34.73 9.23
N ALA A 85 -19.40 -34.14 10.35
CA ALA A 85 -19.05 -34.69 11.64
C ALA A 85 -20.20 -35.50 12.20
N ALA A 86 -19.85 -36.58 12.89
CA ALA A 86 -20.71 -37.18 13.89
C ALA A 86 -20.13 -36.99 15.28
N THR A 87 -18.91 -37.46 15.50
CA THR A 87 -18.07 -36.98 16.58
C THR A 87 -16.73 -36.61 15.98
N HIS A 88 -15.77 -36.22 16.82
CA HIS A 88 -14.45 -35.83 16.36
C HIS A 88 -13.51 -35.90 17.54
N TYR A 89 -12.52 -36.80 17.46
CA TYR A 89 -11.60 -36.99 18.57
C TYR A 89 -10.18 -36.82 18.09
N TRP A 90 -9.38 -36.14 18.91
CA TRP A 90 -7.95 -36.03 18.71
C TRP A 90 -7.30 -36.11 20.08
N ILE A 91 -6.04 -35.72 20.17
CA ILE A 91 -5.36 -35.92 21.45
C ILE A 91 -5.41 -34.67 22.30
N LYS A 92 -4.70 -33.62 21.88
CA LYS A 92 -4.71 -32.36 22.60
C LYS A 92 -4.15 -31.26 21.70
N GLY A 93 -5.00 -30.31 21.31
CA GLY A 93 -4.54 -29.23 20.45
C GLY A 93 -4.11 -29.67 19.07
N GLY A 94 -4.91 -30.48 18.40
CA GLY A 94 -4.60 -30.95 17.07
C GLY A 94 -4.34 -32.43 17.04
N GLN A 95 -4.13 -32.94 15.82
CA GLN A 95 -3.94 -34.36 15.59
C GLN A 95 -2.48 -34.75 15.49
N TRP A 96 -1.57 -33.96 16.06
CA TRP A 96 -0.14 -34.24 15.92
C TRP A 96 0.55 -34.33 17.26
N ASN A 97 -0.10 -34.90 18.26
CA ASN A 97 0.42 -34.94 19.62
C ASN A 97 0.34 -36.36 20.17
N LYS A 98 1.49 -36.89 20.55
CA LYS A 98 1.55 -38.23 21.13
C LYS A 98 1.21 -38.19 22.61
N LEU A 99 0.44 -39.17 23.06
CA LEU A 99 0.34 -39.44 24.50
C LEU A 99 0.84 -40.86 24.71
N GLU A 100 1.06 -41.23 25.96
CA GLU A 100 1.28 -42.63 26.31
C GLU A 100 0.72 -42.91 27.70
N VAL A 101 0.32 -44.15 27.93
CA VAL A 101 -0.18 -44.60 29.22
C VAL A 101 0.72 -45.73 29.68
N ASP A 102 1.27 -45.59 30.89
CA ASP A 102 2.23 -46.55 31.39
C ASP A 102 1.68 -47.15 32.69
N MET A 103 0.86 -48.18 32.58
CA MET A 103 0.31 -48.80 33.79
C MET A 103 1.25 -49.83 34.37
N LYS A 104 1.46 -50.93 33.64
CA LYS A 104 2.38 -52.04 33.92
C LYS A 104 2.04 -52.88 35.15
N ASP A 105 1.06 -52.47 35.96
CA ASP A 105 0.60 -53.31 37.05
C ASP A 105 -0.89 -53.18 37.32
N ALA A 106 -1.63 -52.41 36.53
CA ALA A 106 -3.02 -52.16 36.83
C ALA A 106 -3.87 -53.38 36.49
N VAL A 107 -4.37 -54.04 37.52
CA VAL A 107 -5.07 -55.31 37.37
C VAL A 107 -6.55 -55.03 37.31
N GLY A 108 -7.23 -55.66 36.38
CA GLY A 108 -8.66 -55.53 36.27
C GLY A 108 -9.12 -55.89 34.87
N THR A 109 -10.13 -55.14 34.41
CA THR A 109 -10.68 -55.31 33.08
C THR A 109 -11.25 -54.01 32.58
N TYR A 110 -10.78 -53.57 31.42
CA TYR A 110 -10.99 -52.23 30.92
C TYR A 110 -11.76 -52.28 29.62
N LYS A 111 -12.37 -51.16 29.25
CA LYS A 111 -13.11 -51.13 28.01
C LYS A 111 -13.11 -49.74 27.41
N LEU A 112 -13.20 -49.68 26.09
CA LEU A 112 -13.24 -48.40 25.38
C LEU A 112 -14.67 -47.93 25.20
N SER A 113 -15.48 -48.71 24.47
CA SER A 113 -16.93 -48.61 24.41
C SER A 113 -17.41 -47.24 23.89
N GLY A 114 -17.04 -46.93 22.66
CA GLY A 114 -17.66 -45.79 22.02
C GLY A 114 -16.74 -44.72 21.48
N LEU A 115 -15.45 -45.02 21.34
CA LEU A 115 -14.52 -44.05 20.75
C LEU A 115 -14.65 -44.12 19.23
N ARG A 116 -15.46 -43.21 18.70
CA ARG A 116 -15.79 -43.23 17.28
C ARG A 116 -15.18 -42.03 16.56
N ASN A 117 -14.68 -42.30 15.35
CA ASN A 117 -14.00 -41.32 14.49
C ASN A 117 -12.82 -40.68 15.22
N PHE A 118 -12.00 -41.51 15.84
CA PHE A 118 -10.79 -41.07 16.51
C PHE A 118 -9.73 -40.73 15.48
N THR A 119 -9.41 -39.45 15.32
CA THR A 119 -8.29 -39.07 14.46
C THR A 119 -6.97 -39.21 15.21
N GLY A 120 -6.79 -38.41 16.26
CA GLY A 120 -5.75 -38.60 17.25
C GLY A 120 -4.32 -38.64 16.82
N GLY A 121 -3.70 -39.80 16.99
CA GLY A 121 -2.30 -39.95 16.66
C GLY A 121 -1.49 -40.41 17.85
N ASP A 122 -0.89 -41.60 17.71
CA ASP A 122 0.17 -42.12 18.58
C ASP A 122 -0.31 -42.33 20.01
N LEU A 123 -1.30 -43.21 20.15
CA LEU A 123 -1.57 -43.83 21.44
C LEU A 123 -0.68 -45.04 21.62
N ASP A 124 -0.42 -45.41 22.87
CA ASP A 124 0.08 -46.74 23.20
C ASP A 124 -0.27 -47.02 24.64
N VAL A 125 -1.31 -47.80 24.84
CA VAL A 125 -1.84 -48.05 26.17
C VAL A 125 -1.16 -49.29 26.72
N ASN A 126 -0.05 -49.10 27.40
CA ASN A 126 0.77 -50.21 27.88
C ASN A 126 0.11 -50.76 29.14
N MET A 127 -0.56 -51.91 29.00
CA MET A 127 -1.32 -52.52 30.09
C MET A 127 -0.89 -53.97 30.27
N GLN A 128 0.18 -54.20 30.99
CA GLN A 128 0.47 -55.58 31.36
C GLN A 128 -0.52 -56.04 32.42
N LYS A 129 -0.77 -57.36 32.43
CA LYS A 129 -1.73 -58.07 33.30
C LYS A 129 -3.08 -57.36 33.44
N ALA A 130 -3.60 -56.85 32.32
CA ALA A 130 -4.87 -56.14 32.30
C ALA A 130 -5.68 -56.62 31.10
N THR A 131 -6.80 -57.28 31.37
CA THR A 131 -7.71 -57.69 30.32
C THR A 131 -8.36 -56.47 29.70
N LEU A 132 -8.36 -56.41 28.38
CA LEU A 132 -9.04 -55.33 27.68
C LEU A 132 -10.40 -55.83 27.22
N ARG A 133 -11.22 -54.91 26.73
CA ARG A 133 -12.44 -55.25 26.00
C ARG A 133 -12.75 -54.11 25.06
N LEU A 134 -12.41 -54.24 23.79
CA LEU A 134 -12.38 -53.07 22.92
C LEU A 134 -13.75 -52.82 22.28
N GLY A 135 -14.83 -53.20 22.94
CA GLY A 135 -16.16 -52.89 22.44
C GLY A 135 -17.23 -53.32 23.40
N GLN A 136 -18.14 -52.41 23.72
CA GLN A 136 -19.25 -52.71 24.62
C GLN A 136 -20.33 -51.68 24.30
N PHE A 137 -21.45 -52.14 23.73
CA PHE A 137 -22.67 -51.37 23.45
C PHE A 137 -22.47 -50.37 22.30
N ASN A 138 -21.24 -50.19 21.84
CA ASN A 138 -20.91 -49.21 20.81
C ASN A 138 -19.57 -49.59 20.21
N GLY A 139 -19.39 -49.28 18.94
CA GLY A 139 -18.19 -49.65 18.23
C GLY A 139 -17.03 -48.70 18.48
N ASN A 140 -15.97 -48.88 17.70
CA ASN A 140 -14.77 -48.08 17.81
C ASN A 140 -14.24 -47.78 16.41
N SER A 141 -13.41 -46.75 16.30
CA SER A 141 -12.88 -46.35 15.01
C SER A 141 -11.54 -45.66 15.22
N PHE A 142 -10.65 -45.83 14.25
CA PHE A 142 -9.30 -45.28 14.34
C PHE A 142 -8.90 -44.80 12.96
N THR A 143 -8.87 -43.49 12.77
CA THR A 143 -8.75 -42.88 11.46
C THR A 143 -7.64 -41.84 11.53
N SER A 144 -7.18 -41.36 10.39
CA SER A 144 -6.32 -40.18 10.33
C SER A 144 -6.87 -39.21 9.29
N TYR A 145 -6.14 -38.11 9.10
CA TYR A 145 -6.47 -37.12 8.10
C TYR A 145 -5.32 -36.96 7.12
N LYS A 146 -5.67 -36.74 5.85
CA LYS A 146 -4.68 -36.43 4.82
C LYS A 146 -4.31 -34.97 4.99
N ASP A 147 -3.25 -34.73 5.76
CA ASP A 147 -2.73 -33.40 5.96
C ASP A 147 -1.66 -33.13 4.90
N SER A 148 -0.91 -32.04 5.07
CA SER A 148 0.25 -31.81 4.24
C SER A 148 1.48 -32.57 4.73
N ALA A 149 1.40 -33.19 5.90
CA ALA A 149 2.49 -33.99 6.43
C ALA A 149 2.31 -35.48 6.19
N ASP A 150 1.08 -35.90 5.88
CA ASP A 150 0.73 -37.28 5.51
C ASP A 150 1.10 -38.27 6.62
N ARG A 151 0.42 -38.10 7.74
CA ARG A 151 0.75 -38.83 8.96
C ARG A 151 -0.05 -40.11 9.10
N THR A 152 0.43 -40.99 9.96
CA THR A 152 -0.25 -42.21 10.36
C THR A 152 -0.87 -41.99 11.72
N THR A 153 -1.37 -43.07 12.32
CA THR A 153 -1.87 -43.00 13.69
C THR A 153 -1.03 -43.79 14.67
N ARG A 154 -0.62 -45.02 14.32
CA ARG A 154 0.23 -45.88 15.14
C ARG A 154 -0.37 -46.18 16.51
N VAL A 155 -1.68 -46.43 16.53
CA VAL A 155 -2.37 -46.75 17.76
C VAL A 155 -1.94 -48.13 18.24
N ASP A 156 -1.47 -48.20 19.49
CA ASP A 156 -0.91 -49.44 20.01
C ASP A 156 -1.66 -49.85 21.28
N PHE A 157 -1.55 -51.12 21.63
CA PHE A 157 -2.08 -51.66 22.88
C PHE A 157 -1.15 -52.77 23.34
N ASN A 158 -1.17 -53.07 24.62
CA ASN A 158 -0.27 -54.10 25.12
C ASN A 158 -0.94 -54.90 26.23
N ALA A 159 -2.19 -55.32 26.02
CA ALA A 159 -2.99 -55.91 27.07
C ALA A 159 -2.60 -57.38 27.32
N LYS A 160 -3.45 -58.13 28.02
CA LYS A 160 -3.18 -59.54 28.29
C LYS A 160 -4.13 -60.45 27.53
N ASN A 161 -5.43 -60.30 27.69
CA ASN A 161 -6.39 -60.69 26.66
C ASN A 161 -6.86 -59.41 26.01
N ILE A 162 -7.64 -59.49 24.93
CA ILE A 162 -8.15 -58.30 24.28
C ILE A 162 -9.66 -58.30 24.14
N LEU A 163 -10.23 -59.39 23.60
CA LEU A 163 -11.69 -59.66 23.65
C LEU A 163 -12.49 -58.55 22.98
N ILE A 164 -12.39 -58.49 21.64
CA ILE A 164 -12.88 -57.35 20.84
C ILE A 164 -14.35 -57.05 21.09
N ASP A 165 -15.21 -58.04 20.86
CA ASP A 165 -16.58 -58.12 21.38
C ASP A 165 -17.58 -57.08 20.85
N ASN A 166 -17.13 -56.14 20.03
CA ASN A 166 -18.00 -55.28 19.23
C ASN A 166 -17.14 -54.72 18.11
N PHE A 167 -17.79 -54.13 17.10
CA PHE A 167 -17.11 -53.85 15.84
C PHE A 167 -16.08 -52.73 15.99
N LEU A 168 -15.11 -52.75 15.09
CA LEU A 168 -13.99 -51.83 15.09
C LEU A 168 -13.67 -51.50 13.64
N GLU A 169 -13.65 -50.22 13.30
CA GLU A 169 -13.45 -49.79 11.93
C GLU A 169 -12.16 -49.01 11.82
N ILE A 170 -11.14 -49.64 11.25
CA ILE A 170 -9.82 -49.04 11.15
C ILE A 170 -9.76 -48.26 9.84
N ASN A 171 -9.37 -46.98 9.94
CA ASN A 171 -9.32 -46.03 8.83
C ASN A 171 -10.66 -45.93 8.11
N ASN A 172 -11.71 -45.59 8.86
CA ASN A 172 -13.03 -45.51 8.24
C ASN A 172 -13.20 -44.19 7.50
N ARG A 173 -14.40 -43.95 6.99
CA ARG A 173 -14.81 -42.62 6.60
C ARG A 173 -15.28 -41.89 7.85
N VAL A 174 -14.93 -40.61 7.95
CA VAL A 174 -15.28 -39.84 9.14
C VAL A 174 -16.77 -39.56 9.19
N GLY A 175 -17.27 -38.80 8.22
CA GLY A 175 -18.69 -38.65 8.06
C GLY A 175 -19.18 -39.20 6.73
N SER A 176 -19.40 -38.30 5.79
CA SER A 176 -19.89 -38.66 4.46
C SER A 176 -19.13 -37.82 3.43
N GLY A 177 -18.01 -38.35 2.94
CA GLY A 177 -17.35 -37.82 1.77
C GLY A 177 -16.55 -36.56 1.97
N ALA A 178 -17.22 -35.45 2.26
CA ALA A 178 -16.61 -34.13 2.20
C ALA A 178 -15.73 -33.87 3.42
N GLY A 179 -15.30 -32.62 3.58
CA GLY A 179 -14.36 -32.31 4.64
C GLY A 179 -12.97 -32.81 4.29
N ARG A 180 -12.22 -33.18 5.32
CA ARG A 180 -10.88 -33.69 5.12
C ARG A 180 -10.91 -35.21 4.89
N LYS A 181 -10.06 -35.66 3.99
CA LYS A 181 -10.02 -37.07 3.63
C LYS A 181 -9.13 -37.84 4.61
N ALA A 182 -9.19 -39.15 4.53
CA ALA A 182 -8.55 -40.04 5.49
C ALA A 182 -7.27 -40.61 4.89
N SER A 183 -6.16 -40.46 5.63
CA SER A 183 -4.89 -41.04 5.24
C SER A 183 -4.72 -42.40 5.90
N SER A 184 -3.49 -42.92 5.90
CA SER A 184 -3.22 -44.27 6.38
C SER A 184 -3.26 -44.33 7.91
N THR A 185 -3.18 -45.56 8.42
CA THR A 185 -3.13 -45.81 9.85
C THR A 185 -2.49 -47.16 10.12
N VAL A 186 -2.12 -47.38 11.37
CA VAL A 186 -1.57 -48.65 11.84
C VAL A 186 -2.16 -48.93 13.21
N LEU A 187 -2.77 -50.11 13.36
CA LEU A 187 -3.23 -50.56 14.66
C LEU A 187 -2.38 -51.74 15.08
N THR A 188 -1.97 -51.77 16.34
CA THR A 188 -1.16 -52.86 16.86
C THR A 188 -1.79 -53.40 18.13
N LEU A 189 -2.10 -54.67 18.14
CA LEU A 189 -2.71 -55.33 19.28
C LEU A 189 -1.77 -56.42 19.75
N GLN A 190 -1.23 -56.26 20.94
CA GLN A 190 -0.06 -57.04 21.33
C GLN A 190 -0.30 -57.74 22.66
N ALA A 191 -1.38 -58.50 22.72
CA ALA A 191 -1.69 -59.27 23.93
C ALA A 191 -0.69 -60.39 24.16
N SER A 192 -0.90 -61.15 25.22
CA SER A 192 -0.05 -62.26 25.53
C SER A 192 -0.80 -63.50 25.97
N GLU A 193 -2.11 -63.55 25.81
CA GLU A 193 -2.89 -64.74 26.10
C GLU A 193 -3.92 -65.09 25.05
N GLY A 194 -4.23 -64.19 24.15
CA GLY A 194 -5.17 -64.49 23.08
C GLY A 194 -5.95 -63.25 22.68
N ILE A 195 -6.17 -63.12 21.38
CA ILE A 195 -6.98 -62.05 20.82
C ILE A 195 -8.22 -62.71 20.26
N THR A 196 -9.25 -62.88 21.07
CA THR A 196 -10.45 -63.50 20.55
C THR A 196 -11.40 -62.40 20.12
N SER A 197 -12.63 -62.80 19.82
CA SER A 197 -13.64 -61.86 19.35
C SER A 197 -15.00 -62.49 19.57
N SER A 198 -16.04 -61.66 19.47
CA SER A 198 -17.39 -62.19 19.56
C SER A 198 -17.95 -62.41 18.17
N LYS A 199 -19.22 -62.82 18.13
CA LYS A 199 -19.84 -63.21 16.86
C LYS A 199 -20.19 -62.02 16.00
N ASN A 200 -20.62 -60.92 16.62
CA ASN A 200 -21.07 -59.74 15.89
C ASN A 200 -20.03 -58.62 15.92
N ALA A 201 -18.75 -58.95 15.84
CA ALA A 201 -17.69 -57.94 15.88
C ALA A 201 -17.11 -57.81 14.48
N GLU A 202 -17.62 -56.84 13.73
CA GLU A 202 -17.21 -56.62 12.35
C GLU A 202 -15.91 -55.82 12.34
N ILE A 203 -14.80 -56.50 12.18
CA ILE A 203 -13.54 -55.80 11.94
C ILE A 203 -13.51 -55.43 10.47
N SER A 204 -13.45 -54.13 10.18
CA SER A 204 -13.50 -53.69 8.79
C SER A 204 -12.43 -52.64 8.59
N LEU A 205 -11.27 -53.06 8.12
CA LEU A 205 -10.16 -52.16 7.84
C LEU A 205 -10.16 -51.79 6.37
N TYR A 206 -9.78 -50.54 6.08
CA TYR A 206 -10.05 -49.95 4.78
C TYR A 206 -8.74 -49.64 4.06
N ASP A 207 -8.86 -48.79 3.02
CA ASP A 207 -7.82 -48.45 2.03
C ASP A 207 -6.40 -48.29 2.58
N GLY A 208 -6.24 -47.63 3.72
CA GLY A 208 -4.89 -47.39 4.17
C GLY A 208 -4.49 -48.19 5.39
N ALA A 209 -5.42 -48.98 5.90
CA ALA A 209 -5.27 -49.55 7.23
C ALA A 209 -4.41 -50.80 7.23
N THR A 210 -3.69 -51.00 8.32
CA THR A 210 -3.00 -52.25 8.60
C THR A 210 -3.46 -52.74 9.96
N LEU A 211 -2.86 -53.84 10.40
CA LEU A 211 -3.18 -54.44 11.69
C LEU A 211 -2.05 -55.38 12.03
N ASN A 212 -1.39 -55.17 13.17
CA ASN A 212 -0.35 -56.08 13.62
C ASN A 212 -0.81 -56.77 14.88
N LEU A 213 -0.67 -58.09 14.93
CA LEU A 213 -1.07 -58.87 16.08
C LEU A 213 0.16 -59.62 16.60
N ALA A 214 0.24 -59.84 17.91
CA ALA A 214 1.43 -60.50 18.42
C ALA A 214 1.17 -61.43 19.58
N SER A 215 -0.07 -61.85 19.79
CA SER A 215 -0.38 -62.73 20.90
C SER A 215 -0.16 -64.17 20.45
N ASN A 216 -0.70 -65.14 21.18
CA ASN A 216 -0.89 -66.47 20.62
C ASN A 216 -2.37 -66.79 20.51
N SER A 217 -2.72 -67.53 19.45
CA SER A 217 -4.06 -68.04 19.17
C SER A 217 -5.08 -66.90 18.99
N VAL A 218 -4.85 -66.12 17.93
CA VAL A 218 -5.88 -65.22 17.42
C VAL A 218 -7.05 -66.07 16.93
N LYS A 219 -8.26 -65.77 17.40
CA LYS A 219 -9.43 -66.47 16.88
C LYS A 219 -10.60 -65.50 16.71
N LEU A 220 -10.62 -64.84 15.55
CA LEU A 220 -11.60 -63.82 15.25
C LEU A 220 -12.86 -64.49 14.72
N ASN A 221 -13.86 -64.62 15.58
CA ASN A 221 -15.08 -65.31 15.19
C ASN A 221 -16.09 -64.41 14.51
N GLY A 222 -15.67 -63.29 13.94
CA GLY A 222 -16.57 -62.36 13.31
C GLY A 222 -16.15 -61.99 11.90
N ASN A 223 -16.94 -61.09 11.31
CA ASN A 223 -16.76 -60.65 9.94
C ASN A 223 -15.50 -59.79 9.84
N VAL A 224 -14.41 -60.38 9.39
CA VAL A 224 -13.25 -59.57 9.03
C VAL A 224 -13.43 -59.07 7.62
N TRP A 225 -13.32 -57.76 7.43
CA TRP A 225 -13.72 -57.13 6.18
C TRP A 225 -12.56 -56.30 5.64
N MET A 226 -11.64 -56.93 4.91
CA MET A 226 -10.51 -56.21 4.34
C MET A 226 -10.94 -55.49 3.07
N GLY A 227 -10.89 -54.17 3.08
CA GLY A 227 -11.25 -53.43 1.89
C GLY A 227 -12.72 -53.16 1.84
N ARG A 228 -13.09 -51.88 1.83
CA ARG A 228 -14.51 -51.52 1.80
C ARG A 228 -14.61 -50.23 1.00
N LEU A 229 -15.82 -49.92 0.55
CA LEU A 229 -16.08 -48.64 -0.10
C LEU A 229 -15.88 -47.54 0.94
N GLN A 230 -14.74 -46.86 0.84
CA GLN A 230 -14.43 -45.81 1.80
C GLN A 230 -15.32 -44.59 1.59
N TYR A 231 -15.63 -44.29 0.33
CA TYR A 231 -16.52 -43.19 0.00
C TYR A 231 -17.74 -43.74 -0.73
N VAL A 232 -18.64 -42.84 -1.11
CA VAL A 232 -19.99 -43.27 -1.45
C VAL A 232 -20.07 -43.83 -2.87
N GLY A 233 -19.27 -43.32 -3.80
CA GLY A 233 -19.40 -43.75 -5.18
C GLY A 233 -18.10 -44.17 -5.84
N ALA A 234 -16.99 -44.00 -5.13
CA ALA A 234 -15.67 -44.28 -5.70
C ALA A 234 -15.48 -45.80 -5.80
N TYR A 235 -15.97 -46.36 -6.91
CA TYR A 235 -15.79 -47.77 -7.18
C TYR A 235 -14.41 -48.07 -7.74
N LEU A 236 -13.61 -47.06 -8.05
CA LEU A 236 -12.32 -47.24 -8.69
C LEU A 236 -11.16 -46.94 -7.74
N ALA A 237 -11.37 -47.07 -6.45
CA ALA A 237 -10.29 -46.88 -5.49
C ALA A 237 -9.37 -48.10 -5.51
N PRO A 238 -8.09 -47.91 -5.18
CA PRO A 238 -7.18 -49.06 -5.03
C PRO A 238 -7.56 -49.99 -3.88
N SER A 239 -7.70 -49.41 -2.68
CA SER A 239 -8.22 -50.08 -1.47
C SER A 239 -7.35 -51.29 -1.08
N TYR A 240 -6.14 -50.98 -0.63
CA TYR A 240 -5.26 -51.99 -0.07
C TYR A 240 -5.56 -52.21 1.40
N SER A 241 -4.96 -53.25 1.98
CA SER A 241 -5.03 -53.51 3.41
C SER A 241 -3.93 -54.49 3.77
N THR A 242 -3.85 -54.80 5.06
CA THR A 242 -2.86 -55.73 5.60
C THR A 242 -3.30 -56.18 6.97
N ILE A 243 -3.28 -57.47 7.24
CA ILE A 243 -3.42 -57.99 8.60
C ILE A 243 -2.19 -58.81 8.89
N ASN A 244 -1.16 -58.16 9.43
CA ASN A 244 0.16 -58.76 9.56
C ASN A 244 0.20 -59.51 10.87
N THR A 245 -0.29 -60.74 10.87
CA THR A 245 -0.25 -61.57 12.06
C THR A 245 1.07 -62.32 12.17
N SER A 246 2.19 -61.60 12.10
CA SER A 246 3.49 -62.22 11.96
C SER A 246 3.99 -62.89 13.22
N LYS A 247 3.69 -62.34 14.38
CA LYS A 247 4.32 -62.79 15.61
C LYS A 247 3.55 -63.90 16.28
N VAL A 248 2.43 -64.33 15.70
CA VAL A 248 1.46 -65.15 16.42
C VAL A 248 2.02 -66.56 16.58
N THR A 249 2.42 -66.90 17.80
CA THR A 249 3.05 -68.17 18.05
C THR A 249 2.07 -69.31 18.27
N GLY A 250 0.77 -69.06 18.14
CA GLY A 250 -0.21 -70.08 18.44
C GLY A 250 -0.99 -70.57 17.24
N GLU A 251 -2.30 -70.37 17.27
CA GLU A 251 -3.22 -70.96 16.30
C GLU A 251 -4.07 -69.85 15.71
N VAL A 252 -3.70 -69.38 14.52
CA VAL A 252 -4.51 -68.38 13.83
C VAL A 252 -5.82 -69.05 13.40
N ASN A 253 -6.93 -68.35 13.59
CA ASN A 253 -8.21 -68.95 13.29
C ASN A 253 -9.18 -67.83 12.90
N PHE A 254 -9.27 -67.54 11.61
CA PHE A 254 -10.36 -66.67 11.20
C PHE A 254 -11.64 -67.47 11.13
N ASN A 255 -12.74 -66.77 10.89
CA ASN A 255 -13.98 -67.52 10.73
C ASN A 255 -14.74 -67.07 9.50
N HIS A 256 -14.67 -65.78 9.19
CA HIS A 256 -15.46 -65.25 8.09
C HIS A 256 -14.67 -64.09 7.51
N LEU A 257 -13.89 -64.37 6.47
CA LEU A 257 -13.08 -63.35 5.85
C LEU A 257 -13.74 -62.86 4.57
N THR A 258 -13.77 -61.55 4.40
CA THR A 258 -14.45 -60.97 3.25
C THR A 258 -13.59 -59.87 2.67
N VAL A 259 -13.12 -60.06 1.45
CA VAL A 259 -12.19 -59.15 0.80
C VAL A 259 -12.94 -58.37 -0.27
N GLY A 260 -12.87 -57.05 -0.20
CA GLY A 260 -13.33 -56.27 -1.32
C GLY A 260 -14.82 -56.01 -1.29
N ASP A 261 -15.18 -54.84 -1.81
CA ASP A 261 -16.59 -54.46 -1.95
C ASP A 261 -16.65 -53.42 -3.05
N HIS A 262 -17.15 -53.83 -4.23
CA HIS A 262 -17.44 -52.96 -5.37
C HIS A 262 -16.20 -52.23 -5.87
N ASN A 263 -15.04 -52.86 -5.76
CA ASN A 263 -13.78 -52.30 -6.24
C ASN A 263 -12.77 -53.42 -6.45
N ALA A 264 -11.57 -53.05 -6.86
CA ALA A 264 -10.49 -54.00 -7.09
C ALA A 264 -9.56 -53.97 -5.87
N ALA A 265 -10.00 -54.60 -4.80
CA ALA A 265 -9.22 -54.60 -3.56
C ALA A 265 -8.14 -55.66 -3.64
N GLN A 266 -6.96 -55.32 -3.12
CA GLN A 266 -5.81 -56.21 -3.10
C GLN A 266 -5.33 -56.31 -1.66
N ALA A 267 -5.87 -57.27 -0.93
CA ALA A 267 -5.52 -57.46 0.47
C ALA A 267 -4.37 -58.44 0.60
N GLY A 268 -3.76 -58.46 1.78
CA GLY A 268 -2.63 -59.33 2.01
C GLY A 268 -2.50 -59.66 3.48
N ILE A 269 -2.28 -60.93 3.77
CA ILE A 269 -2.14 -61.41 5.14
C ILE A 269 -0.79 -62.07 5.28
N ILE A 270 0.10 -61.46 6.04
CA ILE A 270 1.41 -62.03 6.29
C ILE A 270 1.26 -62.89 7.53
N ALA A 271 1.00 -64.17 7.32
CA ALA A 271 0.57 -65.03 8.42
C ALA A 271 1.78 -65.65 9.11
N SER A 272 1.52 -66.64 9.95
CA SER A 272 2.53 -67.34 10.73
C SER A 272 2.44 -68.83 10.51
N ASN A 273 2.45 -69.22 9.24
CA ASN A 273 2.60 -70.58 8.68
C ASN A 273 1.64 -71.63 9.25
N LYS A 274 0.48 -71.19 9.77
CA LYS A 274 -0.64 -72.09 10.05
C LYS A 274 -1.88 -71.22 10.11
N THR A 275 -2.73 -71.28 9.10
CA THR A 275 -3.83 -70.33 8.99
C THR A 275 -5.11 -71.07 8.62
N HIS A 276 -5.80 -71.61 9.60
CA HIS A 276 -7.14 -72.09 9.35
C HIS A 276 -8.06 -70.89 9.26
N ILE A 277 -8.75 -70.72 8.14
CA ILE A 277 -9.83 -69.75 8.10
C ILE A 277 -11.12 -70.50 7.81
N GLY A 278 -12.21 -69.76 7.82
CA GLY A 278 -13.49 -70.34 7.49
C GLY A 278 -13.96 -69.89 6.13
N THR A 279 -15.15 -69.31 6.07
CA THR A 279 -15.73 -68.89 4.82
C THR A 279 -15.02 -67.66 4.28
N LEU A 280 -14.45 -67.77 3.09
CA LEU A 280 -13.83 -66.67 2.37
C LEU A 280 -14.77 -66.19 1.28
N ASP A 281 -15.02 -64.89 1.24
CA ASP A 281 -15.97 -64.31 0.29
C ASP A 281 -15.27 -63.21 -0.50
N LEU A 282 -14.67 -63.59 -1.62
CA LEU A 282 -14.04 -62.59 -2.48
C LEU A 282 -15.08 -61.78 -3.23
N TRP A 283 -14.61 -60.73 -3.88
CA TRP A 283 -15.42 -59.96 -4.79
C TRP A 283 -15.09 -60.42 -6.21
N GLN A 284 -15.64 -59.75 -7.22
CA GLN A 284 -15.35 -60.06 -8.63
C GLN A 284 -13.88 -59.85 -8.95
N SER A 285 -13.30 -58.75 -8.47
CA SER A 285 -11.95 -58.35 -8.81
C SER A 285 -11.09 -58.19 -7.57
N ALA A 286 -11.25 -59.07 -6.60
CA ALA A 286 -10.56 -58.96 -5.32
C ALA A 286 -9.38 -59.91 -5.26
N GLY A 287 -8.20 -59.37 -4.95
CA GLY A 287 -7.02 -60.17 -4.77
C GLY A 287 -6.77 -60.50 -3.30
N LEU A 288 -5.85 -61.43 -3.08
CA LEU A 288 -5.52 -61.85 -1.74
C LEU A 288 -4.10 -62.41 -1.74
N ASN A 289 -3.23 -61.85 -0.93
CA ASN A 289 -1.83 -62.28 -0.90
C ASN A 289 -1.53 -62.84 0.48
N ILE A 290 -1.87 -64.09 0.71
CA ILE A 290 -1.50 -64.76 1.94
C ILE A 290 -0.03 -65.14 1.78
N ILE A 291 0.82 -64.66 2.68
CA ILE A 291 2.24 -64.86 2.57
C ILE A 291 2.73 -65.62 3.80
N ALA A 292 3.17 -66.85 3.59
CA ALA A 292 3.79 -67.60 4.65
C ALA A 292 5.19 -67.05 4.92
N PRO A 293 5.76 -67.28 6.10
CA PRO A 293 7.11 -66.81 6.38
C PRO A 293 8.15 -67.61 5.61
N PRO A 294 9.41 -67.14 5.55
CA PRO A 294 10.47 -67.94 4.92
C PRO A 294 10.88 -69.13 5.76
N GLU A 295 11.97 -69.79 5.33
CA GLU A 295 12.38 -71.06 5.91
C GLU A 295 12.80 -70.92 7.37
N GLY A 296 13.73 -70.02 7.65
CA GLY A 296 14.17 -69.86 9.01
C GLY A 296 13.35 -68.87 9.80
N GLY A 297 12.24 -68.43 9.23
CA GLY A 297 11.44 -67.38 9.83
C GLY A 297 12.06 -66.02 9.63
N TYR A 298 11.34 -65.00 10.07
CA TYR A 298 11.82 -63.63 9.94
C TYR A 298 12.93 -63.36 10.94
N LYS A 299 13.99 -62.73 10.44
CA LYS A 299 15.13 -62.23 11.24
C LYS A 299 15.83 -63.30 12.09
N GLN A 335 20.64 -27.51 -2.20
CA GLN A 335 21.06 -26.85 -0.97
C GLN A 335 21.95 -27.76 -0.14
N LYS A 336 21.44 -28.94 0.17
CA LYS A 336 22.17 -29.93 0.96
C LYS A 336 21.57 -31.30 0.70
N THR A 337 22.45 -32.29 0.50
CA THR A 337 22.01 -33.66 0.34
C THR A 337 21.48 -34.19 1.67
N GLU A 338 20.63 -35.20 1.59
CA GLU A 338 20.16 -35.90 2.78
C GLU A 338 19.93 -37.35 2.44
N VAL A 339 20.37 -38.23 3.35
CA VAL A 339 20.38 -39.67 3.10
C VAL A 339 19.09 -40.25 3.65
N GLN A 340 18.22 -40.69 2.76
CA GLN A 340 17.06 -41.45 3.18
C GLN A 340 17.50 -42.83 3.64
N PRO A 341 16.78 -43.44 4.59
CA PRO A 341 17.20 -44.74 5.09
C PRO A 341 16.98 -45.85 4.09
N THR A 342 17.62 -46.99 4.36
CA THR A 342 17.55 -48.13 3.45
C THR A 342 16.17 -48.76 3.47
N GLN A 343 15.47 -48.61 2.36
CA GLN A 343 14.11 -49.12 2.20
C GLN A 343 14.23 -50.52 1.61
N VAL A 344 14.39 -51.51 2.48
CA VAL A 344 14.51 -52.89 2.05
C VAL A 344 13.15 -53.34 1.54
N ILE A 345 13.12 -53.92 0.35
CA ILE A 345 11.87 -54.30 -0.30
C ILE A 345 11.85 -55.82 -0.40
N ASP A 346 10.67 -56.38 -0.64
CA ASP A 346 10.48 -57.82 -0.69
C ASP A 346 10.09 -58.24 -2.09
N GLY A 347 10.54 -59.41 -2.50
CA GLY A 347 10.04 -60.05 -3.69
C GLY A 347 9.18 -61.23 -3.32
N PRO A 348 8.58 -61.86 -4.31
CA PRO A 348 7.82 -63.09 -4.03
C PRO A 348 8.74 -64.26 -3.74
N PHE A 349 8.86 -64.63 -2.47
CA PHE A 349 9.78 -65.68 -2.07
C PHE A 349 9.01 -66.98 -1.85
N ALA A 350 9.72 -68.00 -1.38
CA ALA A 350 9.13 -69.31 -1.11
C ALA A 350 8.91 -69.45 0.38
N GLY A 351 7.77 -70.01 0.77
CA GLY A 351 7.51 -70.26 2.17
C GLY A 351 8.37 -71.38 2.70
N GLY A 352 8.28 -71.58 4.02
CA GLY A 352 8.99 -72.65 4.68
C GLY A 352 8.41 -74.02 4.36
N LYS A 353 8.88 -75.01 5.10
CA LYS A 353 8.49 -76.39 4.80
C LYS A 353 7.06 -76.69 5.24
N ASP A 354 6.77 -76.44 6.51
CA ASP A 354 5.44 -76.74 7.05
C ASP A 354 4.57 -75.48 7.14
N THR A 355 4.24 -74.95 5.97
CA THR A 355 3.39 -73.77 5.85
C THR A 355 2.07 -74.20 5.26
N VAL A 356 1.01 -74.13 6.06
CA VAL A 356 -0.28 -74.69 5.71
C VAL A 356 -1.32 -73.59 5.76
N VAL A 357 -2.15 -73.50 4.74
CA VAL A 357 -3.24 -72.51 4.68
C VAL A 357 -4.53 -73.27 4.44
N ASN A 358 -5.28 -73.55 5.49
CA ASN A 358 -6.45 -74.43 5.41
C ASN A 358 -7.72 -73.64 5.18
N ILE A 359 -7.79 -72.92 4.06
CA ILE A 359 -9.01 -72.22 3.70
C ILE A 359 -10.08 -73.26 3.37
N ASP A 360 -11.26 -73.13 3.96
CA ASP A 360 -12.22 -74.21 3.84
C ASP A 360 -13.47 -73.88 3.03
N ARG A 361 -13.64 -72.64 2.58
CA ARG A 361 -14.72 -72.31 1.65
C ARG A 361 -14.42 -71.01 0.92
N ILE A 362 -14.52 -71.02 -0.41
CA ILE A 362 -14.26 -69.84 -1.20
C ILE A 362 -15.54 -69.52 -1.96
N ASN A 363 -16.22 -68.45 -1.58
CA ASN A 363 -17.35 -67.99 -2.37
C ASN A 363 -16.93 -66.78 -3.16
N THR A 364 -17.88 -66.18 -3.89
CA THR A 364 -17.63 -64.96 -4.64
C THR A 364 -18.95 -64.23 -4.81
N LYS A 365 -18.99 -62.96 -4.43
CA LYS A 365 -20.16 -62.14 -4.66
C LYS A 365 -20.01 -61.42 -5.99
N ALA A 366 -20.84 -61.80 -6.96
CA ALA A 366 -20.65 -61.31 -8.33
C ALA A 366 -21.94 -60.65 -8.81
N ASP A 367 -21.98 -59.32 -8.69
CA ASP A 367 -23.00 -58.52 -9.36
C ASP A 367 -22.38 -57.19 -9.75
N GLY A 368 -23.09 -56.45 -10.59
CA GLY A 368 -22.62 -55.14 -10.99
C GLY A 368 -22.57 -54.96 -12.49
N THR A 369 -21.52 -54.30 -12.99
CA THR A 369 -21.42 -53.99 -14.39
C THR A 369 -20.98 -55.22 -15.19
N ILE A 370 -20.82 -55.02 -16.50
CA ILE A 370 -20.37 -56.07 -17.41
C ILE A 370 -19.18 -55.53 -18.18
N LYS A 371 -18.06 -56.22 -18.09
CA LYS A 371 -16.83 -55.81 -18.76
C LYS A 371 -16.60 -56.75 -19.93
N VAL A 372 -15.60 -56.43 -20.76
CA VAL A 372 -15.32 -57.19 -21.98
C VAL A 372 -14.82 -58.60 -21.69
N GLY A 373 -14.32 -58.87 -20.49
CA GLY A 373 -13.98 -60.21 -20.05
C GLY A 373 -14.74 -60.55 -18.78
N GLY A 374 -14.07 -61.30 -17.92
CA GLY A 374 -14.62 -61.53 -16.59
C GLY A 374 -14.23 -60.42 -15.65
N PHE A 375 -13.83 -60.77 -14.44
CA PHE A 375 -13.13 -59.83 -13.58
C PHE A 375 -11.96 -60.45 -12.83
N LYS A 376 -11.82 -61.77 -12.85
CA LYS A 376 -10.65 -62.51 -12.36
C LYS A 376 -10.41 -62.25 -10.87
N ALA A 377 -11.32 -62.78 -10.07
CA ALA A 377 -11.05 -62.93 -8.64
C ALA A 377 -9.87 -63.87 -8.46
N SER A 378 -9.04 -63.57 -7.46
CA SER A 378 -7.79 -64.28 -7.33
C SER A 378 -7.34 -64.29 -5.88
N LEU A 379 -6.60 -65.32 -5.52
CA LEU A 379 -5.84 -65.33 -4.29
C LEU A 379 -4.47 -65.91 -4.59
N THR A 380 -3.47 -65.42 -3.89
CA THR A 380 -2.09 -65.75 -4.17
C THR A 380 -1.39 -66.18 -2.89
N THR A 381 -0.87 -67.39 -2.89
CA THR A 381 -0.31 -67.99 -1.69
C THR A 381 1.05 -68.54 -2.00
N ASN A 382 2.05 -68.18 -1.22
CA ASN A 382 3.34 -68.83 -1.37
C ASN A 382 3.64 -69.80 -0.24
N ALA A 383 2.64 -70.50 0.25
CA ALA A 383 2.88 -71.53 1.24
C ALA A 383 3.13 -72.87 0.57
N ALA A 384 3.71 -73.80 1.33
CA ALA A 384 4.04 -75.10 0.78
C ALA A 384 2.84 -76.02 0.65
N HIS A 385 1.68 -75.63 1.20
CA HIS A 385 0.44 -76.36 1.01
C HIS A 385 -0.67 -75.35 0.94
N LEU A 386 -1.67 -75.62 0.12
CA LEU A 386 -2.90 -74.83 0.13
C LEU A 386 -4.05 -75.82 0.15
N ASN A 387 -4.37 -76.34 1.32
CA ASN A 387 -5.45 -77.30 1.44
C ASN A 387 -6.77 -76.55 1.39
N ILE A 388 -7.68 -77.03 0.56
CA ILE A 388 -9.02 -76.47 0.55
C ILE A 388 -10.00 -77.58 0.87
N GLY A 389 -10.69 -77.43 1.99
CA GLY A 389 -11.45 -78.51 2.56
C GLY A 389 -12.80 -78.73 1.92
N LYS A 390 -13.72 -79.23 2.74
CA LYS A 390 -14.92 -79.87 2.23
C LYS A 390 -15.99 -78.88 1.79
N GLY A 391 -15.79 -77.59 2.05
CA GLY A 391 -16.72 -76.61 1.53
C GLY A 391 -16.63 -76.42 0.04
N GLY A 392 -15.47 -76.68 -0.54
CA GLY A 392 -15.32 -76.58 -1.98
C GLY A 392 -15.25 -75.16 -2.48
N VAL A 393 -15.61 -74.96 -3.73
CA VAL A 393 -15.46 -73.68 -4.42
C VAL A 393 -16.81 -73.29 -5.00
N ASN A 394 -17.26 -72.09 -4.67
CA ASN A 394 -18.45 -71.51 -5.27
C ASN A 394 -18.02 -70.34 -6.15
N LEU A 395 -18.89 -69.99 -7.10
CA LEU A 395 -18.59 -68.89 -8.01
C LEU A 395 -19.91 -68.35 -8.54
N SER A 396 -20.28 -67.15 -8.11
CA SER A 396 -21.46 -66.50 -8.67
C SER A 396 -21.11 -65.98 -10.06
N ASN A 397 -22.10 -65.93 -10.94
CA ASN A 397 -21.88 -65.67 -12.35
C ASN A 397 -22.90 -64.64 -12.85
N GLN A 398 -22.40 -63.52 -13.37
CA GLN A 398 -23.23 -62.55 -14.06
C GLN A 398 -23.21 -62.89 -15.55
N ALA A 399 -23.58 -61.97 -16.44
CA ALA A 399 -23.71 -62.27 -17.87
C ALA A 399 -22.37 -62.63 -18.50
N SER A 400 -21.30 -61.93 -18.12
CA SER A 400 -19.98 -62.37 -18.54
C SER A 400 -19.47 -63.45 -17.58
N GLY A 401 -18.58 -64.29 -18.08
CA GLY A 401 -18.09 -65.39 -17.29
C GLY A 401 -17.05 -64.98 -16.27
N ARG A 402 -17.38 -65.12 -14.99
CA ARG A 402 -16.43 -64.77 -13.94
C ARG A 402 -15.28 -65.75 -13.89
N THR A 403 -14.19 -65.33 -13.27
CA THR A 403 -12.95 -66.08 -13.31
C THR A 403 -12.36 -66.15 -11.91
N LEU A 404 -11.98 -67.34 -11.49
CA LEU A 404 -11.34 -67.54 -10.20
C LEU A 404 -9.93 -68.06 -10.42
N LEU A 405 -8.97 -67.42 -9.76
CA LEU A 405 -7.55 -67.72 -9.92
C LEU A 405 -7.00 -68.18 -8.56
N VAL A 406 -7.00 -69.48 -8.33
CA VAL A 406 -6.49 -70.04 -7.08
C VAL A 406 -5.02 -70.32 -7.32
N GLU A 407 -4.21 -69.28 -7.19
CA GLU A 407 -2.80 -69.38 -7.53
C GLU A 407 -2.02 -69.93 -6.33
N ASN A 408 -0.91 -70.57 -6.62
CA ASN A 408 0.06 -70.94 -5.60
C ASN A 408 1.43 -70.74 -6.21
N LEU A 409 2.31 -70.00 -5.52
CA LEU A 409 3.60 -69.72 -6.12
C LEU A 409 4.54 -70.91 -5.96
N THR A 410 4.88 -71.29 -4.73
CA THR A 410 5.88 -72.32 -4.51
C THR A 410 5.32 -73.45 -3.66
N GLY A 411 4.13 -73.93 -3.99
CA GLY A 411 3.56 -75.01 -3.21
C GLY A 411 2.71 -76.01 -3.97
N ASN A 412 1.80 -76.64 -3.25
CA ASN A 412 0.85 -77.60 -3.80
C ASN A 412 -0.55 -77.02 -3.66
N ILE A 413 -1.51 -77.69 -4.29
CA ILE A 413 -2.92 -77.38 -4.08
C ILE A 413 -3.64 -78.69 -3.86
N THR A 414 -4.40 -78.79 -2.78
CA THR A 414 -5.13 -80.01 -2.47
C THR A 414 -6.59 -79.62 -2.24
N VAL A 415 -7.35 -79.52 -3.32
CA VAL A 415 -8.76 -79.21 -3.23
C VAL A 415 -9.52 -80.50 -2.98
N ASP A 416 -10.33 -80.51 -1.93
CA ASP A 416 -11.10 -81.71 -1.59
C ASP A 416 -12.60 -81.46 -1.62
N GLY A 417 -13.06 -80.55 -2.45
CA GLY A 417 -14.46 -80.17 -2.45
C GLY A 417 -15.05 -80.05 -3.84
N PRO A 418 -16.37 -79.96 -3.92
CA PRO A 418 -17.04 -79.90 -5.24
C PRO A 418 -16.96 -78.49 -5.82
N LEU A 419 -16.54 -78.42 -7.08
CA LEU A 419 -16.42 -77.13 -7.75
C LEU A 419 -17.80 -76.67 -8.20
N ARG A 420 -18.48 -75.91 -7.36
CA ARG A 420 -19.79 -75.40 -7.70
C ARG A 420 -19.65 -74.13 -8.52
N VAL A 421 -20.78 -73.70 -9.09
CA VAL A 421 -20.92 -72.38 -9.70
C VAL A 421 -22.38 -71.99 -9.61
N ASN A 422 -22.63 -70.77 -9.12
CA ASN A 422 -23.94 -70.28 -8.68
C ASN A 422 -24.56 -71.16 -7.61
N ASN A 423 -23.70 -71.82 -6.84
CA ASN A 423 -24.05 -72.70 -5.71
C ASN A 423 -24.92 -73.87 -6.17
N GLN A 424 -24.46 -74.59 -7.18
CA GLN A 424 -24.91 -75.96 -7.44
C GLN A 424 -23.79 -76.69 -8.15
N VAL A 425 -23.85 -78.02 -8.10
CA VAL A 425 -22.73 -78.84 -8.54
C VAL A 425 -22.62 -78.85 -10.06
N GLY A 426 -23.75 -78.96 -10.75
CA GLY A 426 -23.75 -78.91 -12.20
C GLY A 426 -23.40 -77.54 -12.72
N GLY A 427 -24.29 -76.58 -12.52
CA GLY A 427 -23.99 -75.20 -12.84
C GLY A 427 -23.89 -74.87 -14.31
N TYR A 428 -25.03 -74.89 -15.00
CA TYR A 428 -25.06 -74.47 -16.39
C TYR A 428 -24.78 -72.98 -16.50
N ALA A 429 -24.09 -72.60 -17.57
CA ALA A 429 -23.77 -71.23 -17.85
C ALA A 429 -23.94 -70.98 -19.35
N LEU A 430 -24.31 -69.76 -19.71
CA LEU A 430 -24.63 -69.43 -21.08
C LEU A 430 -23.35 -69.18 -21.87
N ALA A 431 -23.49 -68.82 -23.15
CA ALA A 431 -22.34 -68.76 -24.05
C ALA A 431 -21.45 -67.57 -23.75
N GLY A 432 -22.04 -66.41 -23.48
CA GLY A 432 -21.27 -65.26 -23.04
C GLY A 432 -20.74 -65.39 -21.62
N SER A 433 -21.28 -66.32 -20.85
CA SER A 433 -20.82 -66.55 -19.47
C SER A 433 -19.93 -67.79 -19.47
N SER A 434 -18.65 -67.59 -19.80
CA SER A 434 -17.67 -68.66 -19.76
C SER A 434 -16.97 -68.59 -18.41
N ALA A 435 -17.43 -69.39 -17.46
CA ALA A 435 -16.85 -69.41 -16.11
C ALA A 435 -15.47 -70.05 -16.20
N ASN A 436 -14.50 -69.43 -15.56
CA ASN A 436 -13.10 -69.81 -15.73
C ASN A 436 -12.49 -70.15 -14.39
N PHE A 437 -12.55 -71.42 -14.01
CA PHE A 437 -11.76 -71.91 -12.90
C PHE A 437 -10.31 -71.99 -13.35
N GLU A 438 -9.40 -71.72 -12.44
CA GLU A 438 -8.00 -71.62 -12.82
C GLU A 438 -7.12 -71.92 -11.62
N PHE A 439 -6.15 -72.78 -11.83
CA PHE A 439 -5.29 -73.26 -10.75
C PHE A 439 -3.86 -73.17 -11.22
N LYS A 440 -2.97 -72.80 -10.31
CA LYS A 440 -1.55 -72.62 -10.61
C LYS A 440 -0.79 -73.24 -9.45
N ALA A 441 -0.40 -74.49 -9.57
CA ALA A 441 0.23 -75.18 -8.46
C ALA A 441 1.73 -75.27 -8.69
N GLY A 442 2.50 -74.54 -7.89
CA GLY A 442 3.94 -74.58 -7.97
C GLY A 442 4.48 -73.87 -9.19
N VAL A 443 4.26 -72.56 -9.25
CA VAL A 443 4.62 -71.81 -10.45
C VAL A 443 6.13 -71.61 -10.54
N ASP A 444 6.71 -70.95 -9.55
CA ASP A 444 8.10 -70.54 -9.67
C ASP A 444 9.10 -71.65 -9.38
N THR A 445 8.63 -72.81 -8.93
CA THR A 445 9.52 -73.95 -8.72
C THR A 445 9.24 -75.11 -9.65
N LYS A 446 8.05 -75.13 -10.27
CA LYS A 446 7.69 -76.05 -11.36
C LYS A 446 7.74 -77.52 -10.95
N ASN A 447 7.48 -77.79 -9.66
CA ASN A 447 7.40 -79.15 -9.17
C ASN A 447 6.26 -79.29 -8.17
N GLY A 448 5.12 -78.68 -8.46
CA GLY A 448 3.97 -78.70 -7.56
C GLY A 448 2.80 -79.43 -8.18
N THR A 449 2.20 -80.34 -7.41
CA THR A 449 1.05 -81.09 -7.84
C THR A 449 -0.22 -80.30 -7.54
N ALA A 450 -1.27 -80.56 -8.30
CA ALA A 450 -2.59 -79.97 -8.05
C ALA A 450 -3.57 -81.12 -7.86
N THR A 451 -3.59 -81.69 -6.67
CA THR A 451 -4.38 -82.88 -6.41
C THR A 451 -5.81 -82.52 -6.07
N PHE A 452 -6.77 -83.04 -6.84
CA PHE A 452 -8.19 -82.78 -6.58
C PHE A 452 -8.79 -84.10 -6.14
N ASN A 453 -8.80 -84.38 -4.84
CA ASN A 453 -9.29 -85.66 -4.36
C ASN A 453 -10.81 -85.76 -4.32
N ASN A 454 -11.54 -84.81 -4.89
CA ASN A 454 -12.99 -84.94 -4.99
C ASN A 454 -13.38 -85.02 -6.45
N ASP A 455 -14.41 -85.81 -6.71
CA ASP A 455 -14.94 -86.01 -8.06
C ASP A 455 -15.60 -84.72 -8.53
N ILE A 456 -14.91 -83.98 -9.40
CA ILE A 456 -15.43 -82.69 -9.83
C ILE A 456 -16.52 -82.91 -10.87
N SER A 457 -17.31 -81.86 -11.10
CA SER A 457 -18.41 -81.91 -12.04
C SER A 457 -18.60 -80.54 -12.64
N LEU A 458 -18.36 -80.42 -13.94
CA LEU A 458 -18.46 -79.17 -14.65
C LEU A 458 -19.60 -79.24 -15.65
N GLY A 459 -20.45 -78.21 -15.64
CA GLY A 459 -21.57 -78.14 -16.55
C GLY A 459 -21.22 -77.55 -17.89
N ARG A 460 -21.98 -76.55 -18.31
CA ARG A 460 -21.88 -75.99 -19.65
C ARG A 460 -21.20 -74.63 -19.60
N PHE A 461 -20.27 -74.40 -20.53
CA PHE A 461 -19.49 -73.16 -20.66
C PHE A 461 -18.72 -72.84 -19.37
N VAL A 462 -18.05 -73.85 -18.84
CA VAL A 462 -17.17 -73.69 -17.68
C VAL A 462 -15.79 -74.20 -18.08
N ASN A 463 -14.75 -73.45 -17.72
CA ASN A 463 -13.42 -73.64 -18.33
C ASN A 463 -12.38 -73.86 -17.25
N LEU A 464 -12.18 -75.12 -16.86
CA LEU A 464 -11.09 -75.47 -15.97
C LEU A 464 -9.76 -75.34 -16.68
N LYS A 465 -8.76 -74.80 -15.98
CA LYS A 465 -7.39 -74.89 -16.48
C LYS A 465 -6.43 -75.06 -15.31
N VAL A 466 -5.51 -76.01 -15.46
CA VAL A 466 -4.59 -76.39 -14.39
C VAL A 466 -3.18 -76.33 -14.95
N ASP A 467 -2.33 -75.52 -14.35
CA ASP A 467 -0.97 -75.33 -14.85
C ASP A 467 -0.03 -75.74 -13.73
N ALA A 468 0.25 -77.03 -13.65
CA ALA A 468 1.01 -77.55 -12.52
C ALA A 468 2.09 -78.52 -13.00
N HIS A 469 2.68 -79.25 -12.07
CA HIS A 469 3.61 -80.31 -12.44
C HIS A 469 2.91 -81.64 -12.70
N THR A 470 2.14 -82.15 -11.75
CA THR A 470 1.48 -83.44 -11.89
C THR A 470 0.07 -83.30 -11.35
N ALA A 471 -0.89 -83.00 -12.22
CA ALA A 471 -2.26 -82.73 -11.79
C ALA A 471 -3.00 -84.04 -11.61
N ASN A 472 -2.93 -84.60 -10.41
CA ASN A 472 -3.71 -85.78 -10.09
C ASN A 472 -5.18 -85.41 -9.98
N PHE A 473 -6.04 -86.43 -10.09
CA PHE A 473 -7.48 -86.23 -10.04
C PHE A 473 -8.12 -87.47 -9.45
N LYS A 474 -9.45 -87.42 -9.37
CA LYS A 474 -10.27 -88.60 -9.11
C LYS A 474 -11.42 -88.75 -10.09
N GLY A 475 -11.81 -87.70 -10.79
CA GLY A 475 -12.84 -87.82 -11.80
C GLY A 475 -13.32 -86.48 -12.31
N ILE A 476 -13.47 -86.37 -13.63
CA ILE A 476 -13.93 -85.15 -14.29
C ILE A 476 -15.16 -85.50 -15.11
N ASP A 477 -16.24 -84.77 -14.88
CA ASP A 477 -17.53 -85.10 -15.47
C ASP A 477 -18.08 -83.88 -16.18
N THR A 478 -17.83 -83.78 -17.49
CA THR A 478 -18.24 -82.63 -18.28
C THR A 478 -19.16 -83.01 -19.43
N GLY A 479 -19.60 -84.28 -19.49
CA GLY A 479 -20.45 -84.69 -20.59
C GLY A 479 -21.87 -84.17 -20.48
N ASN A 480 -22.25 -83.65 -19.31
CA ASN A 480 -23.60 -83.14 -19.12
C ASN A 480 -23.77 -81.80 -19.82
N GLY A 481 -22.78 -80.91 -19.72
CA GLY A 481 -22.94 -79.57 -20.23
C GLY A 481 -22.35 -79.33 -21.61
N GLY A 482 -21.11 -79.75 -21.82
CA GLY A 482 -20.44 -79.49 -23.08
C GLY A 482 -19.89 -78.08 -23.15
N PHE A 483 -19.21 -77.81 -24.27
CA PHE A 483 -18.56 -76.53 -24.57
C PHE A 483 -17.57 -76.11 -23.47
N ASN A 484 -16.79 -77.08 -23.02
CA ASN A 484 -15.93 -76.90 -21.86
C ASN A 484 -14.48 -76.90 -22.31
N THR A 485 -13.78 -75.81 -22.04
CA THR A 485 -12.35 -75.73 -22.32
C THR A 485 -11.62 -76.33 -21.13
N LEU A 486 -11.29 -77.61 -21.22
CA LEU A 486 -10.60 -78.34 -20.18
C LEU A 486 -9.12 -78.25 -20.47
N ASP A 487 -8.53 -77.09 -20.18
CA ASP A 487 -7.16 -76.83 -20.55
C ASP A 487 -6.21 -77.46 -19.53
N PHE A 488 -5.11 -77.99 -20.03
CA PHE A 488 -4.03 -78.54 -19.21
C PHE A 488 -2.69 -78.16 -19.81
N SER A 489 -2.62 -76.98 -20.45
CA SER A 489 -1.46 -76.65 -21.26
C SER A 489 -0.21 -76.42 -20.44
N GLY A 490 -0.37 -76.01 -19.18
CA GLY A 490 0.80 -75.76 -18.38
C GLY A 490 1.40 -76.99 -17.74
N VAL A 491 0.78 -78.16 -17.92
CA VAL A 491 1.19 -79.36 -17.20
C VAL A 491 2.56 -79.81 -17.66
N THR A 492 3.46 -80.00 -16.69
CA THR A 492 4.82 -80.42 -16.99
C THR A 492 4.85 -81.83 -17.56
N ASN A 493 4.48 -82.83 -16.78
CA ASN A 493 4.45 -84.18 -17.35
C ASN A 493 3.07 -84.84 -17.32
N LYS A 494 2.46 -85.11 -16.16
CA LYS A 494 1.37 -86.07 -16.13
C LYS A 494 0.08 -85.46 -15.62
N VAL A 495 -1.05 -85.98 -16.11
CA VAL A 495 -2.39 -85.65 -15.63
C VAL A 495 -3.07 -86.99 -15.37
N ASN A 496 -3.11 -87.42 -14.12
CA ASN A 496 -3.49 -88.81 -13.83
C ASN A 496 -4.97 -88.90 -13.47
N ILE A 497 -5.81 -88.57 -14.45
CA ILE A 497 -7.26 -88.59 -14.25
C ILE A 497 -7.73 -90.03 -14.07
N ASN A 498 -8.64 -90.24 -13.11
CA ASN A 498 -9.15 -91.57 -12.82
C ASN A 498 -10.45 -91.88 -13.55
N LYS A 499 -11.20 -90.87 -13.99
CA LYS A 499 -12.47 -91.10 -14.67
C LYS A 499 -12.82 -89.86 -15.47
N LEU A 500 -13.32 -90.04 -16.69
CA LEU A 500 -13.60 -88.93 -17.59
C LEU A 500 -14.95 -89.11 -18.26
N ILE A 501 -15.74 -88.04 -18.29
CA ILE A 501 -17.02 -88.00 -18.98
C ILE A 501 -17.05 -86.73 -19.82
N THR A 502 -17.08 -86.87 -21.14
CA THR A 502 -17.02 -85.74 -22.06
C THR A 502 -18.06 -85.86 -23.17
N ALA A 503 -18.61 -84.70 -23.57
CA ALA A 503 -19.48 -84.61 -24.73
C ALA A 503 -18.90 -83.72 -25.83
N SER A 504 -18.63 -82.46 -25.52
CA SER A 504 -18.04 -81.53 -26.49
C SER A 504 -17.01 -80.70 -25.72
N THR A 505 -15.78 -81.17 -25.72
CA THR A 505 -14.76 -80.68 -24.81
C THR A 505 -13.55 -80.27 -25.62
N ASN A 506 -12.67 -79.47 -25.01
CA ASN A 506 -11.49 -78.92 -25.64
C ASN A 506 -10.26 -79.32 -24.84
N VAL A 507 -10.17 -80.63 -24.58
CA VAL A 507 -9.09 -81.20 -23.77
C VAL A 507 -7.76 -80.97 -24.47
N ALA A 508 -6.75 -80.55 -23.72
CA ALA A 508 -5.42 -80.32 -24.27
C ALA A 508 -4.40 -80.83 -23.26
N VAL A 509 -4.02 -82.10 -23.37
CA VAL A 509 -3.07 -82.72 -22.47
C VAL A 509 -1.88 -83.20 -23.28
N LYS A 510 -0.67 -82.98 -22.77
CA LYS A 510 0.52 -83.39 -23.49
C LYS A 510 1.01 -84.79 -23.12
N ASN A 511 0.69 -85.27 -21.92
CA ASN A 511 1.03 -86.62 -21.49
C ASN A 511 0.14 -86.95 -20.30
N PHE A 512 -0.40 -88.16 -20.28
CA PHE A 512 -1.40 -88.54 -19.30
C PHE A 512 -1.49 -90.06 -19.21
N ASN A 513 -2.29 -90.53 -18.24
CA ASN A 513 -2.83 -91.88 -18.29
C ASN A 513 -4.21 -91.88 -17.62
N ILE A 514 -5.22 -91.63 -18.44
CA ILE A 514 -6.61 -91.57 -17.99
C ILE A 514 -7.16 -92.99 -18.06
N ASN A 515 -7.27 -93.66 -16.92
CA ASN A 515 -7.56 -95.09 -16.95
C ASN A 515 -9.05 -95.42 -17.11
N GLU A 516 -9.88 -94.45 -17.46
CA GLU A 516 -11.28 -94.73 -17.79
C GLU A 516 -11.78 -93.58 -18.66
N LEU A 517 -12.43 -93.90 -19.78
CA LEU A 517 -12.86 -92.89 -20.75
C LEU A 517 -14.29 -93.19 -21.19
N ILE A 518 -15.10 -92.15 -21.32
CA ILE A 518 -16.47 -92.25 -21.80
C ILE A 518 -16.64 -91.34 -23.00
N VAL A 519 -17.10 -91.91 -24.10
CA VAL A 519 -17.35 -91.18 -25.34
C VAL A 519 -18.85 -91.01 -25.45
N LYS A 520 -19.36 -89.86 -25.02
CA LYS A 520 -20.79 -89.61 -25.07
C LYS A 520 -21.19 -88.98 -26.41
N THR A 521 -22.48 -89.05 -26.71
CA THR A 521 -23.08 -88.29 -27.77
C THR A 521 -23.63 -86.99 -27.19
N ASN A 522 -24.09 -86.11 -28.07
CA ASN A 522 -24.41 -84.73 -27.72
C ASN A 522 -25.66 -84.25 -28.46
N GLY A 523 -26.70 -85.06 -28.45
CA GLY A 523 -27.92 -84.72 -29.14
C GLY A 523 -27.88 -85.11 -30.61
N VAL A 524 -28.30 -84.21 -31.49
CA VAL A 524 -28.25 -84.46 -32.93
C VAL A 524 -27.33 -83.50 -33.64
N SER A 525 -26.88 -82.43 -33.00
CA SER A 525 -26.02 -81.44 -33.65
C SER A 525 -24.61 -82.00 -33.81
N VAL A 526 -23.92 -81.50 -34.83
CA VAL A 526 -22.54 -81.86 -35.10
C VAL A 526 -21.67 -80.63 -34.89
N GLY A 527 -20.37 -80.81 -35.05
CA GLY A 527 -19.41 -79.81 -34.65
C GLY A 527 -19.13 -79.79 -33.17
N GLU A 528 -19.64 -80.78 -32.45
CA GLU A 528 -19.50 -80.88 -31.00
C GLU A 528 -18.90 -82.24 -30.70
N TYR A 529 -17.70 -82.26 -30.13
CA TYR A 529 -16.91 -83.48 -30.05
C TYR A 529 -15.78 -83.31 -29.05
N THR A 530 -15.27 -84.45 -28.59
CA THR A 530 -14.03 -84.47 -27.84
C THR A 530 -12.88 -84.15 -28.79
N HIS A 531 -12.08 -83.16 -28.44
CA HIS A 531 -11.05 -82.63 -29.32
C HIS A 531 -9.75 -82.51 -28.53
N PHE A 532 -8.90 -83.52 -28.64
CA PHE A 532 -7.57 -83.39 -28.05
C PHE A 532 -6.75 -82.46 -28.93
N SER A 533 -6.86 -81.16 -28.67
CA SER A 533 -6.42 -80.13 -29.60
C SER A 533 -4.95 -79.78 -29.46
N GLU A 534 -4.13 -80.67 -28.90
CA GLU A 534 -2.68 -80.50 -28.96
C GLU A 534 -2.05 -81.89 -28.95
N ASP A 535 -0.72 -81.91 -28.94
CA ASP A 535 0.03 -83.15 -29.15
C ASP A 535 -0.09 -84.07 -27.95
N ILE A 536 -0.20 -85.37 -28.21
CA ILE A 536 -0.42 -86.36 -27.16
C ILE A 536 0.90 -87.00 -26.74
N GLY A 537 1.96 -86.81 -27.50
CA GLY A 537 3.27 -87.20 -27.04
C GLY A 537 3.55 -88.68 -27.20
N SER A 538 4.34 -89.19 -26.26
CA SER A 538 4.90 -90.53 -26.35
C SER A 538 4.52 -91.45 -25.22
N GLN A 539 4.40 -90.95 -24.00
CA GLN A 539 4.12 -91.81 -22.86
C GLN A 539 2.64 -91.85 -22.51
N SER A 540 1.77 -91.45 -23.43
CA SER A 540 0.35 -91.40 -23.18
C SER A 540 -0.23 -92.80 -23.05
N ARG A 541 -1.44 -92.87 -22.49
CA ARG A 541 -2.05 -94.13 -22.10
C ARG A 541 -3.51 -93.87 -21.75
N ILE A 542 -4.37 -94.82 -22.04
CA ILE A 542 -5.74 -94.89 -21.52
C ILE A 542 -5.99 -96.35 -21.19
N ASN A 543 -6.47 -96.65 -20.00
CA ASN A 543 -6.66 -98.06 -19.68
C ASN A 543 -8.06 -98.58 -19.96
N THR A 544 -9.01 -97.71 -20.27
CA THR A 544 -10.34 -98.17 -20.70
C THR A 544 -11.00 -97.07 -21.51
N VAL A 545 -11.35 -97.37 -22.76
CA VAL A 545 -12.22 -96.51 -23.56
C VAL A 545 -13.58 -97.19 -23.64
N ARG A 546 -14.64 -96.43 -23.42
CA ARG A 546 -15.99 -96.98 -23.46
C ARG A 546 -16.89 -96.01 -24.21
N LEU A 547 -17.08 -96.27 -25.50
CA LEU A 547 -18.05 -95.54 -26.29
C LEU A 547 -19.46 -95.94 -25.87
N GLU A 548 -20.37 -94.97 -25.86
CA GLU A 548 -21.77 -95.24 -25.63
C GLU A 548 -22.55 -94.90 -26.89
N THR A 549 -23.78 -95.42 -26.95
CA THR A 549 -24.54 -95.41 -28.19
C THR A 549 -25.04 -94.00 -28.52
N GLY A 550 -24.80 -93.57 -29.76
CA GLY A 550 -25.22 -92.25 -30.19
C GLY A 550 -26.69 -92.18 -30.56
N THR A 551 -27.01 -91.43 -31.60
CA THR A 551 -28.37 -91.33 -32.10
C THR A 551 -28.41 -91.77 -33.56
N ARG A 552 -29.60 -92.17 -34.01
CA ARG A 552 -29.77 -92.79 -35.32
C ARG A 552 -29.49 -91.78 -36.43
N SER A 553 -28.87 -92.26 -37.51
CA SER A 553 -28.68 -91.61 -38.80
C SER A 553 -27.71 -90.44 -38.81
N ILE A 554 -26.98 -90.18 -37.72
CA ILE A 554 -26.00 -89.10 -37.69
C ILE A 554 -24.95 -89.39 -36.63
N PHE A 555 -23.68 -89.11 -36.97
CA PHE A 555 -22.57 -89.18 -36.02
C PHE A 555 -22.51 -87.85 -35.28
N SER A 556 -23.27 -87.78 -34.19
CA SER A 556 -23.36 -86.51 -33.45
C SER A 556 -22.13 -86.26 -32.62
N GLY A 557 -21.86 -87.13 -31.66
CA GLY A 557 -20.69 -87.01 -30.81
C GLY A 557 -19.55 -87.89 -31.32
N GLY A 558 -18.37 -87.64 -30.76
CA GLY A 558 -17.21 -88.42 -31.12
C GLY A 558 -15.94 -87.83 -30.57
N VAL A 559 -14.85 -88.53 -30.86
CA VAL A 559 -13.52 -88.20 -30.35
C VAL A 559 -12.59 -88.03 -31.53
N LYS A 560 -11.95 -86.87 -31.63
CA LYS A 560 -10.92 -86.68 -32.64
C LYS A 560 -9.67 -86.11 -31.99
N PHE A 561 -8.55 -86.34 -32.65
CA PHE A 561 -7.24 -85.95 -32.15
C PHE A 561 -6.67 -84.90 -33.11
N LYS A 562 -5.44 -84.48 -32.85
CA LYS A 562 -4.72 -83.69 -33.84
C LYS A 562 -3.31 -84.20 -34.06
N SER A 563 -2.68 -84.74 -33.03
CA SER A 563 -1.28 -85.13 -33.11
C SER A 563 -0.98 -86.19 -32.06
N GLY A 564 0.29 -86.54 -31.95
CA GLY A 564 0.73 -87.64 -31.12
C GLY A 564 1.26 -88.80 -31.95
N GLU A 565 1.87 -89.75 -31.24
CA GLU A 565 2.40 -90.93 -31.92
C GLU A 565 1.94 -92.26 -31.35
N LYS A 566 1.51 -92.32 -30.09
CA LYS A 566 0.98 -93.56 -29.54
C LYS A 566 0.07 -93.27 -28.35
N LEU A 567 -0.83 -94.21 -28.09
CA LEU A 567 -1.63 -94.22 -26.86
C LEU A 567 -2.03 -95.66 -26.56
N VAL A 568 -1.38 -96.26 -25.59
CA VAL A 568 -1.57 -97.66 -25.25
C VAL A 568 -2.94 -97.84 -24.60
N ILE A 569 -3.91 -98.30 -25.37
CA ILE A 569 -5.25 -98.58 -24.88
C ILE A 569 -5.31 -100.06 -24.51
N ASP A 570 -5.92 -100.36 -23.36
CA ASP A 570 -6.18 -101.76 -23.04
C ASP A 570 -7.51 -102.25 -23.59
N GLU A 571 -8.62 -101.63 -23.22
CA GLU A 571 -9.92 -102.16 -23.58
C GLU A 571 -10.70 -101.06 -24.30
N PHE A 572 -11.56 -101.48 -25.22
CA PHE A 572 -12.26 -100.55 -26.10
C PHE A 572 -13.68 -101.05 -26.29
N TYR A 573 -14.58 -100.13 -26.63
CA TYR A 573 -15.93 -100.53 -27.02
C TYR A 573 -16.36 -99.80 -28.27
N TYR A 574 -17.03 -100.53 -29.16
CA TYR A 574 -17.75 -99.90 -30.26
C TYR A 574 -19.02 -99.25 -29.74
N SER A 575 -19.69 -98.51 -30.62
CA SER A 575 -21.02 -97.98 -30.35
C SER A 575 -21.65 -97.60 -31.68
N PRO A 576 -22.96 -97.74 -31.82
CA PRO A 576 -23.63 -97.12 -32.96
C PRO A 576 -23.57 -95.61 -32.88
N TRP A 577 -23.01 -95.01 -33.93
CA TRP A 577 -23.08 -93.57 -34.23
C TRP A 577 -22.30 -92.71 -33.24
N ASN A 578 -21.11 -93.17 -32.86
CA ASN A 578 -20.13 -92.29 -32.23
C ASN A 578 -18.77 -92.66 -32.81
N TYR A 579 -18.09 -91.68 -33.41
CA TYR A 579 -16.89 -91.93 -34.19
C TYR A 579 -15.65 -91.82 -33.31
N PHE A 580 -14.77 -92.81 -33.41
CA PHE A 580 -13.50 -92.80 -32.70
C PHE A 580 -12.42 -92.42 -33.71
N ASP A 581 -12.39 -91.13 -34.05
CA ASP A 581 -11.37 -90.64 -34.96
C ASP A 581 -10.01 -90.62 -34.27
N ALA A 582 -9.02 -91.23 -34.90
CA ALA A 582 -7.70 -91.43 -34.33
C ALA A 582 -6.65 -90.84 -35.25
N ARG A 583 -6.83 -89.57 -35.62
CA ARG A 583 -5.96 -88.89 -36.56
C ARG A 583 -4.52 -88.81 -36.07
N ASN A 584 -3.61 -89.05 -37.00
CA ASN A 584 -2.20 -88.65 -36.96
C ASN A 584 -1.35 -89.47 -35.99
N ILE A 585 -1.96 -90.33 -35.21
CA ILE A 585 -1.24 -91.10 -34.21
C ILE A 585 -0.91 -92.47 -34.77
N LYS A 586 0.37 -92.82 -34.73
CA LYS A 586 0.90 -93.90 -35.54
C LYS A 586 1.14 -95.20 -34.79
N ASN A 587 0.85 -95.29 -33.50
CA ASN A 587 1.06 -96.54 -32.76
C ASN A 587 -0.09 -96.80 -31.79
N VAL A 588 -1.33 -96.70 -32.28
CA VAL A 588 -2.50 -96.91 -31.44
C VAL A 588 -2.55 -98.37 -31.05
N GLU A 589 -2.15 -98.69 -29.82
CA GLU A 589 -1.93 -100.06 -29.40
C GLU A 589 -3.10 -100.55 -28.57
N ILE A 590 -3.54 -101.79 -28.85
CA ILE A 590 -4.54 -102.46 -28.04
C ILE A 590 -3.88 -103.66 -27.39
N THR A 591 -4.24 -103.94 -26.13
CA THR A 591 -3.57 -104.97 -25.35
C THR A 591 -4.53 -106.02 -24.81
N ARG A 592 -5.79 -105.68 -24.61
CA ARG A 592 -6.78 -106.69 -24.21
C ARG A 592 -8.05 -106.41 -25.01
N LYS A 593 -9.17 -106.98 -24.54
CA LYS A 593 -10.43 -107.17 -25.27
C LYS A 593 -10.91 -105.94 -26.04
N PHE A 594 -11.34 -106.17 -27.28
CA PHE A 594 -11.73 -105.11 -28.21
C PHE A 594 -13.14 -105.45 -28.66
N ALA A 595 -14.14 -105.00 -27.90
CA ALA A 595 -15.51 -105.43 -28.09
C ALA A 595 -16.41 -104.25 -28.48
N SER A 596 -17.72 -104.47 -28.43
CA SER A 596 -18.72 -103.43 -28.61
C SER A 596 -19.48 -103.19 -27.32
N SER A 597 -20.01 -101.98 -27.18
CA SER A 597 -20.81 -101.65 -26.00
C SER A 597 -22.15 -102.37 -26.01
N THR A 598 -22.60 -102.84 -27.17
CA THR A 598 -23.69 -103.80 -27.28
C THR A 598 -23.06 -105.14 -27.64
N PRO A 599 -22.55 -105.90 -26.66
CA PRO A 599 -21.60 -106.99 -26.97
C PRO A 599 -22.23 -108.22 -27.60
N GLU A 600 -23.51 -108.48 -27.37
CA GLU A 600 -24.12 -109.68 -27.92
C GLU A 600 -25.10 -109.36 -29.05
N ASN A 601 -25.48 -108.09 -29.19
CA ASN A 601 -26.38 -107.66 -30.27
C ASN A 601 -25.87 -106.37 -30.91
N PRO A 602 -24.83 -106.46 -31.74
CA PRO A 602 -24.35 -105.25 -32.41
C PRO A 602 -25.27 -104.82 -33.53
N TRP A 603 -25.23 -103.53 -33.85
CA TRP A 603 -25.93 -102.92 -34.96
C TRP A 603 -25.35 -101.54 -35.20
N GLY A 604 -25.78 -100.90 -36.28
CA GLY A 604 -25.31 -99.57 -36.58
C GLY A 604 -23.92 -99.55 -37.20
N THR A 605 -23.27 -98.40 -37.06
CA THR A 605 -21.94 -98.15 -37.58
C THR A 605 -21.08 -97.48 -36.51
N SER A 606 -19.76 -97.60 -36.67
CA SER A 606 -18.80 -97.00 -35.73
C SER A 606 -17.57 -96.58 -36.54
N LYS A 607 -17.44 -95.29 -36.81
CA LYS A 607 -16.29 -94.83 -37.59
C LYS A 607 -15.02 -94.87 -36.77
N LEU A 608 -14.24 -95.94 -36.93
CA LEU A 608 -12.93 -96.07 -36.31
C LEU A 608 -11.87 -95.54 -37.27
N MET A 609 -11.98 -94.24 -37.55
CA MET A 609 -11.22 -93.58 -38.60
C MET A 609 -9.77 -93.42 -38.15
N PHE A 610 -8.98 -94.46 -38.41
CA PHE A 610 -7.62 -94.54 -37.87
C PHE A 610 -6.62 -93.92 -38.83
N ASN A 611 -5.34 -94.03 -38.47
CA ASN A 611 -4.24 -93.91 -39.40
C ASN A 611 -3.17 -94.96 -39.22
N ASN A 612 -3.23 -95.76 -38.15
CA ASN A 612 -2.35 -96.88 -37.83
C ASN A 612 -2.92 -97.56 -36.60
N LEU A 613 -2.56 -98.82 -36.40
CA LEU A 613 -2.67 -99.45 -35.09
C LEU A 613 -1.64 -100.57 -35.02
N THR A 614 -1.46 -101.10 -33.81
CA THR A 614 -0.62 -102.28 -33.61
C THR A 614 -1.14 -103.03 -32.40
N LEU A 615 -1.73 -104.21 -32.63
CA LEU A 615 -2.38 -104.97 -31.57
C LEU A 615 -1.41 -106.00 -31.03
N GLY A 616 -1.34 -106.12 -29.71
CA GLY A 616 -0.39 -106.98 -29.05
C GLY A 616 -0.98 -108.32 -28.64
N GLN A 617 -0.57 -108.77 -27.46
CA GLN A 617 -0.88 -110.12 -27.02
C GLN A 617 -2.32 -110.24 -26.54
N ASN A 618 -2.97 -111.34 -26.93
CA ASN A 618 -4.21 -111.85 -26.33
C ASN A 618 -5.41 -110.93 -26.50
N ALA A 619 -5.32 -109.92 -27.35
CA ALA A 619 -6.39 -108.91 -27.44
C ALA A 619 -7.38 -109.37 -28.49
N VAL A 620 -8.52 -109.87 -28.01
CA VAL A 620 -9.55 -110.43 -28.89
C VAL A 620 -10.29 -109.28 -29.56
N MET A 621 -10.53 -109.41 -30.87
CA MET A 621 -11.34 -108.44 -31.58
C MET A 621 -12.64 -109.07 -32.06
N ASP A 622 -13.65 -108.21 -32.26
CA ASP A 622 -14.98 -108.63 -32.68
C ASP A 622 -15.37 -107.76 -33.89
N TYR A 623 -15.00 -108.21 -35.07
CA TYR A 623 -15.25 -107.44 -36.29
C TYR A 623 -16.40 -108.02 -37.10
N SER A 624 -17.43 -107.21 -37.31
CA SER A 624 -18.59 -107.59 -38.10
C SER A 624 -18.89 -106.49 -39.11
N GLN A 625 -20.03 -106.65 -39.80
CA GLN A 625 -20.56 -105.60 -40.68
C GLN A 625 -21.17 -104.46 -39.88
N PHE A 626 -21.41 -104.67 -38.59
CA PHE A 626 -22.07 -103.72 -37.72
C PHE A 626 -21.10 -102.72 -37.11
N SER A 627 -19.85 -102.73 -37.54
CA SER A 627 -18.84 -101.80 -37.09
C SER A 627 -17.87 -101.59 -38.25
N ASN A 628 -18.06 -100.52 -39.02
CA ASN A 628 -17.22 -100.27 -40.17
C ASN A 628 -15.83 -99.79 -39.76
N LEU A 629 -14.99 -100.75 -39.38
CA LEU A 629 -13.65 -100.50 -38.87
C LEU A 629 -12.76 -100.09 -40.03
N THR A 630 -12.50 -98.79 -40.16
CA THR A 630 -11.90 -98.23 -41.36
C THR A 630 -10.45 -97.82 -41.08
N ILE A 631 -9.51 -98.62 -41.57
CA ILE A 631 -8.08 -98.41 -41.32
C ILE A 631 -7.47 -97.74 -42.54
N GLN A 632 -6.83 -96.60 -42.32
CA GLN A 632 -6.02 -95.93 -43.33
C GLN A 632 -4.53 -96.13 -43.12
N GLY A 633 -4.14 -97.22 -42.47
CA GLY A 633 -2.75 -97.45 -42.14
C GLY A 633 -2.39 -98.91 -41.96
N ASP A 634 -1.45 -99.16 -41.07
CA ASP A 634 -0.73 -100.42 -41.05
C ASP A 634 -1.22 -101.33 -39.94
N PHE A 635 -2.27 -102.13 -40.19
CA PHE A 635 -2.81 -103.03 -39.18
C PHE A 635 -1.80 -104.13 -38.88
N ILE A 636 -1.09 -104.00 -37.77
CA ILE A 636 -0.06 -104.95 -37.38
C ILE A 636 -0.59 -105.75 -36.21
N ASN A 637 -0.46 -107.07 -36.27
CA ASN A 637 -0.91 -107.93 -35.19
C ASN A 637 0.30 -108.64 -34.59
N ASN A 638 0.41 -108.63 -33.27
CA ASN A 638 1.32 -109.49 -32.54
C ASN A 638 0.55 -110.75 -32.15
N GLN A 639 1.00 -111.49 -31.13
CA GLN A 639 0.40 -112.77 -30.76
C GLN A 639 -0.99 -112.56 -30.16
N GLY A 640 -1.95 -112.21 -31.02
CA GLY A 640 -3.28 -111.86 -30.57
C GLY A 640 -4.37 -112.58 -31.34
N THR A 641 -5.36 -113.10 -30.63
CA THR A 641 -6.36 -114.00 -31.21
C THR A 641 -7.59 -113.19 -31.63
N ILE A 642 -7.66 -112.85 -32.92
CA ILE A 642 -8.78 -112.07 -33.45
C ILE A 642 -9.92 -113.03 -33.77
N ASN A 643 -11.12 -112.68 -33.33
CA ASN A 643 -12.32 -113.47 -33.61
C ASN A 643 -13.16 -112.79 -34.66
N TYR A 644 -13.93 -113.59 -35.40
CA TYR A 644 -14.82 -113.12 -36.45
C TYR A 644 -16.23 -113.61 -36.18
N LEU A 645 -17.16 -113.15 -37.03
CA LEU A 645 -18.58 -113.46 -36.94
C LEU A 645 -19.23 -113.06 -38.26
N VAL A 646 -20.30 -113.76 -38.62
CA VAL A 646 -20.88 -113.59 -39.95
C VAL A 646 -22.09 -112.65 -39.94
N ARG A 647 -23.05 -112.88 -39.03
CA ARG A 647 -24.33 -112.20 -38.95
C ARG A 647 -25.04 -112.15 -40.31
N GLY A 648 -25.35 -113.34 -40.81
CA GLY A 648 -25.94 -113.51 -42.12
C GLY A 648 -25.16 -114.38 -43.07
N GLY A 649 -24.24 -115.21 -42.57
CA GLY A 649 -23.53 -116.16 -43.40
C GLY A 649 -22.32 -115.62 -44.14
N LYS A 650 -22.16 -114.31 -44.22
CA LYS A 650 -21.05 -113.73 -44.97
C LYS A 650 -20.14 -112.94 -44.04
N VAL A 651 -18.84 -112.96 -44.34
CA VAL A 651 -17.82 -112.35 -43.49
C VAL A 651 -17.44 -111.00 -44.09
N ALA A 652 -17.48 -109.95 -43.26
CA ALA A 652 -17.04 -108.63 -43.68
C ALA A 652 -15.52 -108.62 -43.82
N THR A 653 -15.02 -108.04 -44.91
CA THR A 653 -13.59 -107.96 -45.14
C THR A 653 -12.97 -106.87 -44.27
N LEU A 654 -11.68 -106.98 -44.02
CA LEU A 654 -10.95 -106.07 -43.15
C LEU A 654 -9.80 -105.47 -43.96
N ASN A 655 -9.83 -104.16 -44.16
CA ASN A 655 -8.94 -103.49 -45.11
C ASN A 655 -7.67 -103.04 -44.40
N VAL A 656 -6.56 -103.70 -44.71
CA VAL A 656 -5.24 -103.27 -44.27
C VAL A 656 -4.71 -102.29 -45.31
N GLY A 657 -4.21 -101.14 -44.84
CA GLY A 657 -3.87 -100.07 -45.76
C GLY A 657 -2.60 -100.35 -46.55
N ASN A 658 -1.50 -100.63 -45.85
CA ASN A 658 -0.22 -100.86 -46.51
C ASN A 658 0.31 -102.27 -46.26
N ALA A 659 0.43 -102.70 -45.01
CA ALA A 659 1.05 -103.99 -44.73
C ALA A 659 0.57 -104.51 -43.38
N ALA A 660 0.30 -105.81 -43.32
CA ALA A 660 -0.03 -106.50 -42.08
C ALA A 660 1.08 -107.50 -41.81
N ALA A 661 2.18 -107.01 -41.24
CA ALA A 661 3.33 -107.86 -40.95
C ALA A 661 3.23 -108.41 -39.54
N MET A 662 3.40 -109.73 -39.41
CA MET A 662 3.14 -110.38 -38.14
C MET A 662 4.32 -111.26 -37.75
N MET A 663 4.39 -111.59 -36.46
CA MET A 663 5.47 -112.39 -35.90
C MET A 663 4.93 -113.05 -34.64
N PHE A 664 5.23 -114.34 -34.47
CA PHE A 664 4.61 -115.11 -33.40
C PHE A 664 5.67 -116.00 -32.75
N ASN A 665 5.20 -117.00 -32.01
CA ASN A 665 6.08 -117.99 -31.39
C ASN A 665 5.30 -119.29 -31.29
N ASN A 666 5.85 -120.23 -30.53
CA ASN A 666 5.17 -121.49 -30.22
C ASN A 666 4.14 -121.22 -29.13
N ASP A 667 3.02 -120.63 -29.56
CA ASP A 667 1.95 -120.19 -28.66
C ASP A 667 1.00 -121.36 -28.37
N ILE A 668 1.57 -122.42 -27.79
CA ILE A 668 0.88 -123.68 -27.53
C ILE A 668 0.25 -123.64 -26.14
N ASP A 669 -0.96 -124.21 -26.04
CA ASP A 669 -1.63 -124.34 -24.76
C ASP A 669 -1.90 -125.81 -24.50
N SER A 670 -2.18 -126.12 -23.23
CA SER A 670 -2.55 -127.48 -22.83
C SER A 670 -4.07 -127.66 -22.78
N ALA A 671 -4.84 -126.59 -23.04
CA ALA A 671 -6.29 -126.73 -23.10
C ALA A 671 -6.71 -127.39 -24.41
N THR A 672 -6.00 -127.10 -25.49
CA THR A 672 -6.27 -127.70 -26.79
C THR A 672 -5.22 -128.69 -27.25
N GLY A 673 -3.94 -128.47 -26.89
CA GLY A 673 -2.84 -129.29 -27.36
C GLY A 673 -2.16 -128.72 -28.59
N PHE A 674 -2.91 -127.98 -29.40
CA PHE A 674 -2.38 -127.25 -30.53
C PHE A 674 -1.82 -125.92 -30.03
N TYR A 675 -1.36 -125.08 -30.94
CA TYR A 675 -1.16 -123.67 -30.67
C TYR A 675 -2.49 -122.99 -30.29
N LYS A 676 -2.39 -121.79 -29.74
CA LYS A 676 -3.58 -120.99 -29.52
C LYS A 676 -4.21 -120.62 -30.86
N PRO A 677 -5.54 -120.71 -30.98
CA PRO A 677 -6.19 -120.44 -32.27
C PRO A 677 -6.10 -118.97 -32.66
N LEU A 678 -5.23 -118.70 -33.63
CA LEU A 678 -4.67 -117.36 -33.81
C LEU A 678 -5.64 -116.41 -34.49
N ILE A 679 -6.43 -116.90 -35.45
CA ILE A 679 -7.51 -116.13 -36.05
C ILE A 679 -8.72 -117.06 -36.12
N LYS A 680 -9.79 -116.70 -35.44
CA LYS A 680 -10.97 -117.55 -35.33
C LYS A 680 -12.15 -116.94 -36.07
N ILE A 681 -12.97 -117.79 -36.67
CA ILE A 681 -14.26 -117.41 -37.23
C ILE A 681 -15.30 -118.17 -36.44
N ASN A 682 -15.82 -117.55 -35.39
CA ASN A 682 -16.84 -118.18 -34.56
C ASN A 682 -18.21 -117.61 -34.90
N SER A 683 -19.25 -118.34 -34.49
CA SER A 683 -20.67 -118.02 -34.75
C SER A 683 -20.98 -117.97 -36.24
N ALA A 684 -20.16 -118.68 -37.03
CA ALA A 684 -20.40 -118.94 -38.44
C ALA A 684 -21.10 -120.28 -38.63
N GLN A 685 -22.21 -120.46 -37.91
CA GLN A 685 -22.98 -121.70 -38.02
C GLN A 685 -23.69 -121.78 -39.37
N ASP A 686 -24.22 -120.65 -39.84
CA ASP A 686 -24.82 -120.55 -41.15
C ASP A 686 -23.85 -120.07 -42.22
N LEU A 687 -22.57 -120.38 -42.07
CA LEU A 687 -21.57 -120.02 -43.07
C LEU A 687 -21.85 -120.76 -44.36
N ILE A 688 -21.96 -120.01 -45.46
CA ILE A 688 -22.49 -120.51 -46.72
C ILE A 688 -21.46 -121.44 -47.35
N LYS A 689 -21.84 -122.70 -47.55
CA LYS A 689 -20.97 -123.68 -48.16
C LYS A 689 -20.79 -123.37 -49.64
N ASN A 690 -19.65 -123.79 -50.19
CA ASN A 690 -19.30 -123.68 -51.62
C ASN A 690 -19.25 -122.24 -52.08
N THR A 691 -18.76 -121.35 -51.22
CA THR A 691 -18.78 -119.92 -51.50
C THR A 691 -17.53 -119.27 -50.91
N GLU A 692 -16.85 -118.48 -51.75
CA GLU A 692 -15.76 -117.66 -51.26
C GLU A 692 -16.25 -116.57 -50.32
N HIS A 693 -15.76 -116.59 -49.10
CA HIS A 693 -16.03 -115.53 -48.12
C HIS A 693 -14.70 -114.84 -47.84
N VAL A 694 -14.57 -113.61 -48.32
CA VAL A 694 -13.35 -112.85 -48.14
C VAL A 694 -13.20 -112.42 -46.68
N LEU A 695 -12.16 -112.94 -46.02
CA LEU A 695 -11.95 -112.63 -44.62
C LEU A 695 -11.40 -111.22 -44.45
N LEU A 696 -10.39 -110.88 -45.24
CA LEU A 696 -9.74 -109.58 -45.16
C LEU A 696 -9.05 -109.27 -46.48
N LYS A 697 -9.23 -108.04 -46.96
CA LYS A 697 -8.46 -107.54 -48.08
C LYS A 697 -7.21 -106.84 -47.58
N ALA A 698 -6.06 -107.35 -47.99
CA ALA A 698 -4.79 -106.85 -47.48
C ALA A 698 -3.80 -106.81 -48.63
N LYS A 699 -2.63 -106.27 -48.36
CA LYS A 699 -1.59 -106.14 -49.37
C LYS A 699 -0.41 -107.05 -49.09
N ILE A 700 0.04 -107.16 -47.84
CA ILE A 700 1.11 -108.05 -47.44
C ILE A 700 0.67 -108.76 -46.17
N ILE A 701 0.54 -110.08 -46.22
CA ILE A 701 0.44 -110.89 -45.01
C ILE A 701 1.83 -111.42 -44.71
N GLY A 702 2.60 -110.65 -43.96
CA GLY A 702 3.95 -111.06 -43.65
C GLY A 702 4.01 -111.87 -42.37
N TYR A 703 4.00 -113.19 -42.48
CA TYR A 703 4.08 -114.05 -41.32
C TYR A 703 5.51 -114.04 -40.78
N GLY A 704 5.62 -114.22 -39.47
CA GLY A 704 6.93 -114.47 -38.88
C GLY A 704 6.81 -115.29 -37.62
N ASN A 705 7.96 -115.76 -37.16
CA ASN A 705 8.13 -116.29 -35.82
C ASN A 705 9.44 -115.76 -35.28
N VAL A 706 9.94 -116.38 -34.19
CA VAL A 706 11.23 -115.97 -33.62
C VAL A 706 12.41 -116.25 -34.53
N SER A 707 12.24 -117.09 -35.56
CA SER A 707 13.16 -117.17 -36.67
C SER A 707 12.36 -116.98 -37.94
N THR A 708 13.06 -117.00 -39.08
CA THR A 708 12.38 -116.98 -40.37
C THR A 708 11.65 -118.30 -40.61
N GLY A 709 12.29 -119.41 -40.28
CA GLY A 709 11.66 -120.71 -40.32
C GLY A 709 10.54 -120.84 -39.30
N THR A 710 9.41 -121.35 -39.74
CA THR A 710 8.18 -121.24 -38.98
C THR A 710 7.91 -122.50 -38.16
N ASN A 711 6.68 -122.55 -37.62
CA ASN A 711 6.22 -123.57 -36.66
C ASN A 711 7.10 -123.61 -35.42
N GLY A 712 7.08 -122.49 -34.69
CA GLY A 712 7.81 -122.35 -33.45
C GLY A 712 9.24 -121.89 -33.68
N ILE A 713 10.20 -122.80 -33.50
CA ILE A 713 11.60 -122.53 -33.81
C ILE A 713 12.15 -123.71 -34.62
N SER A 714 12.12 -123.56 -35.93
CA SER A 714 12.49 -124.61 -36.88
C SER A 714 12.83 -123.92 -38.20
N ASN A 715 12.84 -124.71 -39.29
CA ASN A 715 13.13 -124.18 -40.62
C ASN A 715 12.00 -124.47 -41.60
N VAL A 716 10.75 -124.28 -41.17
CA VAL A 716 9.59 -124.55 -42.02
C VAL A 716 9.23 -123.27 -42.77
N ASN A 717 8.70 -123.41 -43.98
CA ASN A 717 8.30 -122.27 -44.81
C ASN A 717 7.16 -121.46 -44.20
N LEU A 718 6.78 -120.38 -44.90
CA LEU A 718 6.12 -119.25 -44.25
C LEU A 718 4.60 -119.33 -44.19
N GLU A 719 3.93 -119.86 -45.21
CA GLU A 719 2.50 -119.59 -45.31
C GLU A 719 1.60 -120.81 -45.10
N GLU A 720 2.08 -122.03 -45.35
CA GLU A 720 1.19 -123.19 -45.34
C GLU A 720 0.77 -123.60 -43.94
N GLN A 721 1.61 -123.38 -42.94
CA GLN A 721 1.29 -123.66 -41.55
C GLN A 721 0.36 -122.62 -40.96
N PHE A 722 0.11 -121.52 -41.67
CA PHE A 722 -0.80 -120.50 -41.15
C PHE A 722 -2.24 -120.89 -41.42
N LYS A 723 -2.45 -121.85 -42.34
CA LYS A 723 -3.74 -122.53 -42.40
C LYS A 723 -4.01 -123.36 -41.15
N GLU A 724 -2.96 -123.83 -40.48
CA GLU A 724 -3.15 -124.64 -39.28
C GLU A 724 -3.58 -123.79 -38.09
N ARG A 725 -2.95 -122.64 -37.88
CA ARG A 725 -3.24 -121.81 -36.72
C ARG A 725 -4.56 -121.07 -36.81
N LEU A 726 -5.10 -120.87 -38.01
CA LEU A 726 -6.48 -120.43 -38.11
C LEU A 726 -7.42 -121.56 -37.70
N ALA A 727 -8.64 -121.19 -37.32
CA ALA A 727 -9.60 -122.17 -36.85
C ALA A 727 -11.00 -121.71 -37.23
N LEU A 728 -11.87 -122.68 -37.44
CA LEU A 728 -13.27 -122.44 -37.76
C LEU A 728 -14.08 -123.13 -36.67
N TYR A 729 -14.46 -122.36 -35.65
CA TYR A 729 -15.09 -122.90 -34.45
C TYR A 729 -16.60 -122.87 -34.63
N ASN A 730 -17.17 -123.97 -35.11
CA ASN A 730 -18.61 -124.00 -35.30
C ASN A 730 -19.17 -125.34 -34.86
N ASN A 731 -20.47 -125.33 -34.53
CA ASN A 731 -21.14 -126.37 -33.75
C ASN A 731 -20.39 -126.64 -32.43
N ASN A 732 -19.93 -125.53 -31.82
CA ASN A 732 -19.28 -125.49 -30.49
C ASN A 732 -18.01 -126.33 -30.42
N ASN A 733 -17.35 -126.53 -31.56
CA ASN A 733 -16.06 -127.19 -31.60
C ASN A 733 -15.34 -126.68 -32.85
N ARG A 734 -14.06 -127.02 -32.98
CA ARG A 734 -13.27 -126.58 -34.13
C ARG A 734 -13.54 -127.50 -35.32
N MET A 735 -14.02 -126.90 -36.41
CA MET A 735 -14.35 -127.66 -37.60
C MET A 735 -13.32 -127.55 -38.69
N ASP A 736 -12.43 -126.55 -38.62
CA ASP A 736 -11.34 -126.44 -39.58
C ASP A 736 -10.37 -127.60 -39.43
N THR A 737 -9.73 -127.68 -38.27
CA THR A 737 -9.05 -128.87 -37.83
C THR A 737 -9.76 -129.40 -36.59
N CYS A 738 -9.46 -130.64 -36.23
CA CYS A 738 -10.02 -131.21 -35.00
C CYS A 738 -8.83 -131.76 -34.21
N VAL A 739 -8.36 -130.96 -33.27
CA VAL A 739 -7.16 -131.25 -32.50
C VAL A 739 -7.54 -132.17 -31.36
N VAL A 740 -6.97 -133.37 -31.36
CA VAL A 740 -7.45 -134.48 -30.53
C VAL A 740 -6.32 -135.01 -29.67
N ARG A 741 -6.55 -135.13 -28.36
CA ARG A 741 -5.61 -135.80 -27.47
C ARG A 741 -6.22 -136.95 -26.69
N ASN A 742 -7.52 -137.17 -26.75
CA ASN A 742 -8.16 -138.26 -26.02
C ASN A 742 -9.38 -138.73 -26.80
N THR A 743 -10.23 -139.54 -26.16
CA THR A 743 -11.44 -140.05 -26.80
C THR A 743 -12.68 -139.24 -26.47
N ASP A 744 -12.60 -138.37 -25.45
CA ASP A 744 -13.75 -137.59 -25.02
C ASP A 744 -14.12 -136.49 -26.02
N ASP A 745 -13.14 -135.85 -26.65
CA ASP A 745 -13.43 -134.78 -27.59
C ASP A 745 -13.87 -135.30 -28.95
N ILE A 746 -13.78 -136.61 -29.17
CA ILE A 746 -14.28 -137.22 -30.40
C ILE A 746 -15.80 -137.10 -30.49
N LYS A 747 -16.48 -137.07 -29.33
CA LYS A 747 -17.92 -136.88 -29.29
C LYS A 747 -18.32 -135.52 -29.84
N ALA A 748 -17.74 -134.45 -29.29
CA ALA A 748 -18.01 -133.11 -29.78
C ALA A 748 -17.44 -132.87 -31.17
N CYS A 749 -16.40 -133.60 -31.56
CA CYS A 749 -15.88 -133.48 -32.92
C CYS A 749 -16.84 -134.06 -33.93
N GLY A 750 -17.43 -135.23 -33.64
CA GLY A 750 -18.47 -135.77 -34.49
C GLY A 750 -19.74 -134.95 -34.45
N MET A 751 -20.01 -134.28 -33.33
CA MET A 751 -21.09 -133.29 -33.31
C MET A 751 -20.77 -132.09 -34.19
N ALA A 752 -19.49 -131.73 -34.29
CA ALA A 752 -19.08 -130.59 -35.11
C ALA A 752 -19.18 -130.91 -36.59
N ILE A 753 -18.74 -132.11 -36.99
CA ILE A 753 -18.77 -132.46 -38.41
C ILE A 753 -20.01 -133.25 -38.79
N GLY A 754 -20.91 -133.52 -37.85
CA GLY A 754 -22.18 -134.14 -38.17
C GLY A 754 -22.10 -135.60 -38.59
N ASN A 755 -21.32 -136.40 -37.87
CA ASN A 755 -21.10 -137.81 -38.21
C ASN A 755 -21.20 -138.65 -36.95
N GLN A 756 -22.06 -139.66 -36.97
CA GLN A 756 -22.20 -140.58 -35.84
C GLN A 756 -21.08 -141.61 -35.78
N SER A 757 -20.20 -141.65 -36.78
CA SER A 757 -19.01 -142.51 -36.73
C SER A 757 -17.98 -142.01 -35.72
N MET A 758 -18.09 -140.76 -35.27
CA MET A 758 -17.28 -140.25 -34.19
C MET A 758 -18.09 -140.01 -32.92
N VAL A 759 -19.41 -140.18 -32.98
CA VAL A 759 -20.28 -139.91 -31.83
C VAL A 759 -20.56 -141.22 -31.09
N ASN A 760 -21.03 -142.23 -31.82
CA ASN A 760 -21.41 -143.48 -31.18
C ASN A 760 -20.19 -144.30 -30.75
N ASN A 761 -19.08 -144.18 -31.46
CA ASN A 761 -17.86 -144.93 -31.14
C ASN A 761 -16.62 -144.06 -31.28
N PRO A 762 -16.02 -143.62 -30.18
CA PRO A 762 -14.79 -142.81 -30.28
C PRO A 762 -13.57 -143.62 -30.66
N ASP A 763 -13.54 -144.91 -30.34
CA ASP A 763 -12.43 -145.78 -30.70
C ASP A 763 -12.50 -146.29 -32.12
N ASN A 764 -13.49 -145.83 -32.90
CA ASN A 764 -13.55 -146.17 -34.31
C ASN A 764 -12.39 -145.53 -35.07
N TYR A 765 -11.98 -144.34 -34.67
CA TYR A 765 -10.93 -143.59 -35.35
C TYR A 765 -9.76 -143.45 -34.39
N LYS A 766 -8.64 -144.09 -34.72
CA LYS A 766 -7.48 -144.17 -33.83
C LYS A 766 -6.25 -143.52 -34.44
N TYR A 767 -6.47 -142.59 -35.38
CA TYR A 767 -5.39 -141.85 -36.04
C TYR A 767 -5.09 -140.54 -35.32
N LEU A 768 -5.54 -140.39 -34.08
CA LEU A 768 -5.68 -139.09 -33.44
C LEU A 768 -5.17 -139.10 -32.00
N ILE A 769 -4.33 -140.06 -31.66
CA ILE A 769 -3.66 -140.10 -30.36
C ILE A 769 -2.33 -139.39 -30.58
N GLY A 770 -2.25 -138.15 -30.10
CA GLY A 770 -1.09 -137.33 -30.39
C GLY A 770 -1.09 -136.72 -31.77
N LYS A 771 -2.23 -136.77 -32.46
CA LYS A 771 -2.34 -136.24 -33.81
C LYS A 771 -3.60 -135.38 -33.95
N ALA A 772 -3.90 -134.96 -35.17
CA ALA A 772 -5.13 -134.26 -35.49
C ALA A 772 -5.45 -134.51 -36.96
N TRP A 773 -6.39 -133.74 -37.49
CA TRP A 773 -6.76 -133.85 -38.90
C TRP A 773 -7.39 -132.56 -39.37
N LYS A 774 -6.96 -132.08 -40.54
CA LYS A 774 -7.59 -130.93 -41.17
C LYS A 774 -8.77 -131.41 -42.01
N ASN A 775 -9.88 -130.68 -41.94
CA ASN A 775 -11.09 -131.08 -42.62
C ASN A 775 -10.96 -130.80 -44.11
N ILE A 776 -11.13 -131.84 -44.91
CA ILE A 776 -11.21 -131.67 -46.36
C ILE A 776 -12.56 -131.04 -46.71
N GLY A 777 -12.55 -130.18 -47.71
CA GLY A 777 -13.69 -129.35 -48.00
C GLY A 777 -13.64 -127.98 -47.38
N ILE A 778 -12.56 -127.66 -46.67
CA ILE A 778 -12.33 -126.35 -46.09
C ILE A 778 -10.95 -125.89 -46.50
N SER A 779 -10.88 -124.87 -47.35
CA SER A 779 -9.63 -124.37 -47.89
C SER A 779 -9.44 -122.92 -47.47
N LYS A 780 -8.19 -122.52 -47.26
CA LYS A 780 -7.88 -121.15 -46.88
C LYS A 780 -6.64 -120.69 -47.62
N THR A 781 -6.49 -119.38 -47.77
CA THR A 781 -5.29 -118.76 -48.30
C THR A 781 -4.55 -118.06 -47.17
N ALA A 782 -3.23 -118.16 -47.16
CA ALA A 782 -2.40 -117.49 -46.17
C ALA A 782 -1.15 -116.92 -46.82
N ASN A 783 -1.23 -116.70 -48.13
CA ASN A 783 -0.08 -116.19 -48.86
C ASN A 783 0.07 -114.69 -48.64
N GLY A 784 1.03 -114.11 -49.35
CA GLY A 784 1.40 -112.72 -49.15
C GLY A 784 0.44 -111.68 -49.70
N SER A 785 -0.76 -112.06 -50.14
CA SER A 785 -1.65 -111.09 -50.75
C SER A 785 -3.09 -111.17 -50.27
N LYS A 786 -3.52 -112.31 -49.71
CA LYS A 786 -4.93 -112.48 -49.39
C LYS A 786 -5.09 -113.60 -48.36
N ILE A 787 -5.98 -113.37 -47.40
CA ILE A 787 -6.48 -114.42 -46.52
C ILE A 787 -7.98 -114.55 -46.78
N SER A 788 -8.38 -115.62 -47.45
CA SER A 788 -9.77 -115.92 -47.71
C SER A 788 -10.05 -117.37 -47.34
N VAL A 789 -11.22 -117.62 -46.78
CA VAL A 789 -11.62 -118.95 -46.32
C VAL A 789 -12.65 -119.50 -47.28
N TYR A 790 -12.42 -120.72 -47.77
CA TYR A 790 -13.26 -121.37 -48.78
C TYR A 790 -13.93 -122.56 -48.10
N TYR A 791 -15.05 -122.30 -47.43
CA TYR A 791 -15.84 -123.35 -46.82
C TYR A 791 -16.69 -123.98 -47.90
N LEU A 792 -16.30 -125.17 -48.35
CA LEU A 792 -17.00 -125.85 -49.44
C LEU A 792 -17.36 -127.29 -49.11
N GLY A 793 -16.99 -127.80 -47.94
CA GLY A 793 -17.38 -129.14 -47.58
C GLY A 793 -17.16 -129.55 -46.14
N ASN A 794 -18.20 -130.07 -45.51
CA ASN A 794 -18.09 -130.73 -44.21
C ASN A 794 -18.02 -132.24 -44.44
N SER A 795 -16.89 -132.67 -45.00
CA SER A 795 -16.72 -134.05 -45.42
C SER A 795 -16.26 -134.92 -44.25
N THR A 796 -16.64 -136.18 -44.31
CA THR A 796 -16.27 -137.12 -43.27
C THR A 796 -14.83 -137.59 -43.49
N PRO A 797 -13.95 -137.40 -42.52
CA PRO A 797 -12.57 -137.88 -42.69
C PRO A 797 -12.49 -139.38 -42.51
N THR A 798 -11.74 -140.03 -43.39
CA THR A 798 -11.42 -141.43 -43.21
C THR A 798 -10.34 -141.59 -42.14
N GLU A 799 -10.15 -142.83 -41.70
CA GLU A 799 -9.26 -143.06 -40.57
C GLU A 799 -7.79 -142.99 -40.99
N ASN A 800 -7.37 -143.84 -41.92
CA ASN A 800 -5.96 -143.95 -42.29
C ASN A 800 -5.79 -143.75 -43.80
N GLY A 801 -6.37 -142.66 -44.31
CA GLY A 801 -6.25 -142.35 -45.72
C GLY A 801 -5.53 -141.06 -46.01
N GLY A 802 -5.60 -140.09 -45.11
CA GLY A 802 -4.92 -138.84 -45.28
C GLY A 802 -5.67 -137.71 -44.60
N ASN A 803 -5.25 -136.48 -44.95
CA ASN A 803 -5.76 -135.23 -44.39
C ASN A 803 -5.59 -135.18 -42.86
N THR A 804 -4.46 -135.69 -42.38
CA THR A 804 -4.19 -135.76 -40.95
C THR A 804 -3.00 -134.88 -40.62
N THR A 805 -3.01 -134.30 -39.42
CA THR A 805 -1.91 -133.47 -38.94
C THR A 805 -1.46 -133.99 -37.59
N ASN A 806 -0.34 -133.46 -37.12
CA ASN A 806 0.25 -133.88 -35.85
C ASN A 806 -0.02 -132.81 -34.78
N LEU A 807 0.44 -133.06 -33.57
CA LEU A 807 0.44 -132.02 -32.54
C LEU A 807 1.74 -131.23 -32.60
N PRO A 808 1.72 -129.97 -32.14
CA PRO A 808 3.00 -129.24 -32.00
C PRO A 808 3.92 -129.86 -30.96
N THR A 809 3.43 -130.03 -29.72
CA THR A 809 4.12 -130.70 -28.61
C THR A 809 5.47 -130.05 -28.33
N ASN A 810 5.41 -128.81 -27.84
CA ASN A 810 6.62 -128.08 -27.49
C ASN A 810 6.62 -127.72 -26.01
N THR A 811 5.96 -128.55 -25.21
CA THR A 811 5.91 -128.35 -23.76
C THR A 811 6.55 -129.53 -23.05
N LEU B 27 28.92 -24.03 -34.06
CA LEU B 27 29.75 -22.84 -33.86
C LEU B 27 30.81 -23.11 -32.79
N LEU B 28 30.49 -23.96 -31.82
CA LEU B 28 31.46 -24.34 -30.81
C LEU B 28 32.36 -25.47 -31.28
N GLY B 29 31.79 -26.51 -31.89
CA GLY B 29 32.54 -27.70 -32.23
C GLY B 29 32.40 -28.77 -31.16
N TRP B 30 32.45 -30.02 -31.62
CA TRP B 30 32.26 -31.15 -30.71
C TRP B 30 33.46 -31.33 -29.79
N GLY B 31 34.65 -30.95 -30.25
CA GLY B 31 35.86 -31.15 -29.46
C GLY B 31 35.90 -30.29 -28.22
N LEU B 32 35.16 -29.18 -28.21
CA LEU B 32 34.98 -28.43 -26.98
C LEU B 32 33.88 -29.04 -26.12
N LYS B 33 32.80 -29.49 -26.76
CA LYS B 33 31.60 -29.89 -26.06
C LYS B 33 31.81 -31.17 -25.25
N GLN B 34 32.40 -32.19 -25.88
CA GLN B 34 32.66 -33.42 -25.14
C GLN B 34 33.75 -33.21 -24.11
N ALA B 35 34.75 -32.38 -24.40
CA ALA B 35 35.83 -32.18 -23.45
C ALA B 35 35.39 -31.38 -22.24
N GLU B 36 34.33 -30.58 -22.36
CA GLU B 36 33.78 -29.91 -21.19
C GLU B 36 32.71 -30.71 -20.48
N GLU B 37 32.02 -31.63 -21.16
CA GLU B 37 31.03 -32.45 -20.48
C GLU B 37 31.62 -33.68 -19.83
N ALA B 38 32.81 -34.11 -20.23
CA ALA B 38 33.37 -35.34 -19.66
C ALA B 38 33.90 -35.10 -18.26
N ASN B 39 34.30 -33.89 -17.94
CA ASN B 39 34.81 -33.55 -16.60
C ASN B 39 33.81 -32.65 -15.88
N LYS B 40 32.82 -33.28 -15.25
CA LYS B 40 31.83 -32.57 -14.45
C LYS B 40 31.53 -33.34 -13.19
N THR B 41 31.24 -32.60 -12.13
CA THR B 41 30.53 -33.19 -11.01
C THR B 41 29.11 -33.53 -11.47
N PRO B 42 28.52 -34.64 -10.94
CA PRO B 42 27.19 -35.06 -11.42
C PRO B 42 26.08 -34.04 -11.21
N ASP B 43 25.77 -33.70 -9.96
CA ASP B 43 24.76 -32.74 -9.55
C ASP B 43 24.92 -32.51 -8.06
N LYS B 44 24.00 -31.72 -7.50
CA LYS B 44 23.81 -31.62 -6.05
C LYS B 44 22.33 -31.86 -5.76
N PRO B 45 21.89 -33.11 -5.66
CA PRO B 45 20.48 -33.36 -5.37
C PRO B 45 20.21 -33.55 -3.88
N ASP B 46 19.10 -33.00 -3.45
CA ASP B 46 18.52 -33.33 -2.17
C ASP B 46 17.65 -34.57 -2.31
N LYS B 47 17.31 -35.18 -1.18
CA LYS B 47 16.48 -36.39 -1.09
C LYS B 47 17.09 -37.54 -1.89
N VAL B 48 18.24 -38.01 -1.41
CA VAL B 48 18.86 -39.19 -1.99
C VAL B 48 18.09 -40.41 -1.52
N TRP B 49 17.17 -40.90 -2.34
CA TRP B 49 16.41 -42.09 -1.99
C TRP B 49 17.32 -43.31 -2.11
N ARG B 50 17.10 -44.30 -1.26
CA ARG B 50 17.85 -45.54 -1.36
C ARG B 50 16.89 -46.72 -1.23
N ILE B 51 16.90 -47.59 -2.23
CA ILE B 51 16.06 -48.77 -2.27
C ILE B 51 16.97 -49.98 -2.39
N GLN B 52 16.80 -50.94 -1.51
CA GLN B 52 17.56 -52.19 -1.58
C GLN B 52 16.58 -53.32 -1.85
N ALA B 53 16.85 -54.10 -2.88
CA ALA B 53 16.04 -55.29 -3.15
C ALA B 53 16.44 -56.38 -2.17
N GLY B 54 15.59 -56.65 -1.20
CA GLY B 54 15.91 -57.59 -0.15
C GLY B 54 15.67 -59.03 -0.55
N LYS B 55 15.01 -59.78 0.31
CA LYS B 55 14.78 -61.19 0.04
C LYS B 55 13.55 -61.36 -0.85
N GLY B 56 13.55 -62.46 -1.61
CA GLY B 56 12.51 -62.70 -2.58
C GLY B 56 13.04 -62.77 -3.99
N PHE B 57 13.98 -61.88 -4.31
CA PHE B 57 14.50 -61.82 -5.67
C PHE B 57 15.62 -62.81 -5.91
N ASN B 58 16.50 -63.00 -4.93
CA ASN B 58 17.86 -63.47 -5.16
C ASN B 58 17.99 -64.98 -5.23
N GLU B 59 16.91 -65.71 -5.51
CA GLU B 59 17.07 -67.14 -5.69
C GLU B 59 16.18 -67.77 -6.76
N PHE B 60 15.50 -66.98 -7.59
CA PHE B 60 14.80 -67.51 -8.76
C PHE B 60 15.56 -67.08 -10.01
N PRO B 61 16.40 -67.94 -10.57
CA PRO B 61 17.28 -67.52 -11.65
C PRO B 61 16.61 -67.29 -13.00
N ASN B 62 15.33 -67.63 -13.16
CA ASN B 62 14.76 -67.59 -14.50
C ASN B 62 13.35 -67.01 -14.49
N LYS B 63 13.05 -66.08 -13.59
CA LYS B 63 11.66 -65.76 -13.37
C LYS B 63 11.08 -64.78 -14.40
N GLU B 64 11.93 -63.96 -15.04
CA GLU B 64 11.53 -62.87 -15.93
C GLU B 64 10.63 -61.88 -15.16
N TYR B 65 11.28 -61.19 -14.23
CA TYR B 65 10.66 -60.13 -13.45
C TYR B 65 10.30 -58.96 -14.35
N ASP B 66 9.51 -58.04 -13.82
CA ASP B 66 9.47 -56.68 -14.31
C ASP B 66 10.27 -55.84 -13.34
N LEU B 67 10.84 -54.75 -13.82
CA LEU B 67 11.66 -53.91 -12.97
C LEU B 67 10.98 -52.60 -12.62
N TYR B 68 10.21 -52.05 -13.54
CA TYR B 68 9.47 -50.83 -13.23
C TYR B 68 8.36 -51.11 -12.23
N LYS B 69 7.45 -52.01 -12.58
CA LYS B 69 6.25 -52.21 -11.78
C LYS B 69 6.54 -52.92 -10.47
N SER B 70 7.42 -53.93 -10.50
CA SER B 70 7.65 -54.69 -9.28
C SER B 70 8.60 -53.98 -8.33
N LEU B 71 9.52 -53.16 -8.84
CA LEU B 71 10.45 -52.46 -7.96
C LEU B 71 10.39 -50.95 -8.07
N LEU B 72 10.57 -50.41 -9.28
CA LEU B 72 10.90 -49.00 -9.40
C LEU B 72 9.70 -48.08 -9.27
N SER B 73 8.49 -48.58 -9.45
CA SER B 73 7.33 -47.70 -9.41
C SER B 73 6.95 -47.27 -8.01
N SER B 74 7.65 -47.77 -6.98
CA SER B 74 7.46 -47.27 -5.64
C SER B 74 7.98 -45.85 -5.50
N LYS B 75 9.11 -45.53 -6.14
CA LYS B 75 9.72 -44.22 -6.01
C LYS B 75 9.98 -43.59 -7.37
N ILE B 76 9.18 -43.94 -8.38
CA ILE B 76 9.15 -43.23 -9.65
C ILE B 76 7.69 -42.99 -9.98
N ASP B 77 7.28 -41.73 -10.01
CA ASP B 77 5.88 -41.38 -10.17
C ASP B 77 5.62 -40.80 -11.55
N GLY B 78 4.58 -41.29 -12.19
CA GLY B 78 4.18 -40.75 -13.47
C GLY B 78 3.46 -39.44 -13.33
N GLY B 79 3.05 -38.89 -14.47
CA GLY B 79 2.31 -37.65 -14.43
C GLY B 79 1.92 -37.09 -15.79
N TRP B 80 1.49 -35.83 -15.80
CA TRP B 80 1.05 -35.16 -17.01
C TRP B 80 1.58 -33.74 -16.98
N ASP B 81 2.25 -33.32 -18.06
CA ASP B 81 2.76 -31.97 -18.17
C ASP B 81 1.75 -31.13 -18.95
N TRP B 82 1.30 -30.03 -18.36
CA TRP B 82 0.37 -29.15 -19.05
C TRP B 82 1.13 -28.44 -20.15
N GLY B 83 0.97 -28.93 -21.38
CA GLY B 83 1.82 -28.57 -22.48
C GLY B 83 2.56 -29.80 -22.96
N ASN B 84 2.24 -30.24 -24.18
CA ASN B 84 2.76 -31.36 -24.97
C ASN B 84 3.20 -32.59 -24.17
N ALA B 85 2.29 -33.16 -23.40
CA ALA B 85 2.59 -34.40 -22.69
C ALA B 85 2.03 -35.58 -23.46
N ALA B 86 2.79 -36.68 -23.41
CA ALA B 86 2.23 -38.01 -23.62
C ALA B 86 2.24 -38.80 -22.34
N THR B 87 3.42 -38.98 -21.74
CA THR B 87 3.54 -39.31 -20.33
C THR B 87 4.51 -38.31 -19.71
N HIS B 88 4.83 -38.49 -18.43
CA HIS B 88 5.74 -37.59 -17.74
C HIS B 88 6.24 -38.31 -16.51
N TYR B 89 7.54 -38.58 -16.46
CA TYR B 89 8.12 -39.31 -15.34
C TYR B 89 9.24 -38.52 -14.72
N TRP B 90 9.27 -38.56 -13.39
CA TRP B 90 10.36 -37.99 -12.62
C TRP B 90 10.60 -38.93 -11.45
N ILE B 91 11.33 -38.47 -10.44
CA ILE B 91 11.68 -39.40 -9.38
C ILE B 91 10.71 -39.29 -8.21
N LYS B 92 10.75 -38.17 -7.50
CA LYS B 92 9.84 -37.93 -6.38
C LYS B 92 9.84 -36.46 -6.01
N GLY B 93 8.73 -35.78 -6.25
CA GLY B 93 8.64 -34.37 -5.93
C GLY B 93 9.56 -33.50 -6.76
N GLY B 94 9.57 -33.66 -8.06
CA GLY B 94 10.40 -32.87 -8.95
C GLY B 94 11.48 -33.70 -9.61
N GLN B 95 12.21 -33.03 -10.50
CA GLN B 95 13.24 -33.68 -11.29
C GLN B 95 14.63 -33.50 -10.71
N TRP B 96 14.75 -33.23 -9.40
CA TRP B 96 16.05 -32.98 -8.82
C TRP B 96 16.33 -33.89 -7.63
N ASN B 97 15.92 -35.15 -7.71
CA ASN B 97 16.03 -36.08 -6.60
C ASN B 97 16.67 -37.37 -7.07
N LYS B 98 17.79 -37.72 -6.45
CA LYS B 98 18.48 -38.96 -6.77
C LYS B 98 17.85 -40.14 -6.05
N LEU B 99 17.72 -41.26 -6.75
CA LEU B 99 17.47 -42.53 -6.07
C LEU B 99 18.64 -43.44 -6.40
N GLU B 100 18.73 -44.57 -5.72
CA GLU B 100 19.63 -45.63 -6.13
C GLU B 100 19.04 -46.98 -5.75
N VAL B 101 19.41 -48.01 -6.51
CA VAL B 101 18.97 -49.38 -6.26
C VAL B 101 20.22 -50.21 -6.05
N ASP B 102 20.29 -50.92 -4.93
CA ASP B 102 21.48 -51.67 -4.57
C ASP B 102 21.10 -53.13 -4.41
N MET B 103 21.10 -53.87 -5.51
CA MET B 103 20.74 -55.29 -5.43
C MET B 103 21.95 -56.14 -5.07
N LYS B 104 22.92 -56.21 -5.99
CA LYS B 104 24.22 -56.89 -5.88
C LYS B 104 24.15 -58.41 -5.77
N ASP B 105 22.97 -58.99 -5.64
CA ASP B 105 22.84 -60.45 -5.68
C ASP B 105 21.54 -60.92 -6.32
N ALA B 106 20.71 -60.02 -6.82
CA ALA B 106 19.40 -60.42 -7.31
C ALA B 106 19.53 -61.10 -8.67
N VAL B 107 19.29 -62.40 -8.69
CA VAL B 107 19.52 -63.24 -9.86
C VAL B 107 18.21 -63.36 -10.62
N GLY B 108 18.27 -63.19 -11.92
CA GLY B 108 17.11 -63.36 -12.75
C GLY B 108 17.28 -62.63 -14.06
N THR B 109 16.18 -62.06 -14.53
CA THR B 109 16.16 -61.29 -15.77
C THR B 109 15.06 -60.23 -15.69
N TYR B 110 15.45 -58.99 -15.90
CA TYR B 110 14.62 -57.83 -15.60
C TYR B 110 14.35 -57.05 -16.88
N LYS B 111 13.30 -56.24 -16.85
CA LYS B 111 13.01 -55.45 -18.04
C LYS B 111 12.33 -54.16 -17.65
N LEU B 112 12.54 -53.13 -18.49
CA LEU B 112 11.91 -51.83 -18.25
C LEU B 112 10.57 -51.73 -18.96
N SER B 113 10.57 -51.84 -20.28
CA SER B 113 9.39 -52.07 -21.11
C SER B 113 8.35 -50.96 -20.97
N GLY B 114 8.73 -49.75 -21.34
CA GLY B 114 7.73 -48.71 -21.49
C GLY B 114 7.95 -47.43 -20.71
N LEU B 115 9.16 -47.21 -20.20
CA LEU B 115 9.46 -45.96 -19.51
C LEU B 115 9.74 -44.89 -20.54
N ARG B 116 8.72 -44.11 -20.85
CA ARG B 116 8.80 -43.12 -21.92
C ARG B 116 8.74 -41.72 -21.37
N ASN B 117 9.57 -40.84 -21.96
CA ASN B 117 9.73 -39.43 -21.55
C ASN B 117 10.10 -39.32 -20.08
N PHE B 118 11.08 -40.10 -19.67
CA PHE B 118 11.61 -40.07 -18.31
C PHE B 118 12.48 -38.83 -18.14
N THR B 119 12.01 -37.85 -17.37
CA THR B 119 12.87 -36.71 -17.04
C THR B 119 13.79 -37.06 -15.88
N GLY B 120 13.22 -37.32 -14.72
CA GLY B 120 13.91 -37.95 -13.59
C GLY B 120 15.16 -37.30 -13.06
N GLY B 121 16.28 -38.00 -13.21
CA GLY B 121 17.53 -37.53 -12.67
C GLY B 121 18.16 -38.51 -11.72
N ASP B 122 19.35 -39.00 -12.09
CA ASP B 122 20.27 -39.73 -11.23
C ASP B 122 19.69 -41.06 -10.74
N LEU B 123 19.40 -41.92 -11.69
CA LEU B 123 19.25 -43.35 -11.41
C LEU B 123 20.61 -44.00 -11.43
N ASP B 124 20.73 -45.12 -10.71
CA ASP B 124 21.83 -46.07 -10.91
C ASP B 124 21.37 -47.42 -10.39
N VAL B 125 20.98 -48.29 -11.30
CA VAL B 125 20.40 -49.56 -10.93
C VAL B 125 21.52 -50.58 -10.86
N ASN B 126 22.12 -50.73 -9.71
CA ASN B 126 23.29 -51.57 -9.52
C ASN B 126 22.81 -53.02 -9.44
N MET B 127 22.99 -53.76 -10.52
CA MET B 127 22.50 -55.14 -10.63
C MET B 127 23.64 -56.06 -11.05
N GLN B 128 24.45 -56.50 -10.11
CA GLN B 128 25.39 -57.56 -10.45
C GLN B 128 24.64 -58.87 -10.63
N LYS B 129 25.22 -59.74 -11.47
CA LYS B 129 24.68 -61.06 -11.89
C LYS B 129 23.18 -61.04 -12.21
N ALA B 130 22.74 -60.01 -12.91
CA ALA B 130 21.34 -59.84 -13.29
C ALA B 130 21.26 -59.43 -14.74
N THR B 131 20.72 -60.29 -15.59
CA THR B 131 20.50 -59.96 -16.99
C THR B 131 19.42 -58.89 -17.09
N LEU B 132 19.69 -57.86 -17.87
CA LEU B 132 18.71 -56.83 -18.10
C LEU B 132 18.04 -57.09 -19.45
N ARG B 133 16.97 -56.35 -19.74
CA ARG B 133 16.40 -56.30 -21.08
C ARG B 133 15.71 -54.95 -21.21
N LEU B 134 16.34 -53.99 -21.87
CA LEU B 134 15.88 -52.62 -21.76
C LEU B 134 14.82 -52.29 -22.82
N GLY B 135 14.04 -53.28 -23.25
CA GLY B 135 12.96 -53.01 -24.15
C GLY B 135 12.14 -54.26 -24.42
N GLN B 136 10.83 -54.14 -24.28
CA GLN B 136 9.93 -55.27 -24.53
C GLN B 136 8.56 -54.65 -24.80
N PHE B 137 8.10 -54.77 -26.06
CA PHE B 137 6.76 -54.36 -26.53
C PHE B 137 6.60 -52.84 -26.58
N ASN B 138 7.56 -52.08 -26.05
CA ASN B 138 7.48 -50.64 -25.97
C ASN B 138 8.88 -50.11 -25.75
N GLY B 139 9.14 -48.91 -26.25
CA GLY B 139 10.45 -48.32 -26.18
C GLY B 139 10.74 -47.67 -24.84
N ASN B 140 11.85 -46.94 -24.79
CA ASN B 140 12.30 -46.25 -23.61
C ASN B 140 12.86 -44.89 -23.99
N SER B 141 12.93 -43.98 -23.02
CA SER B 141 13.41 -42.64 -23.27
C SER B 141 14.00 -42.06 -21.99
N PHE B 142 15.02 -41.22 -22.16
CA PHE B 142 15.74 -40.65 -21.02
C PHE B 142 16.08 -39.21 -21.39
N THR B 143 15.37 -38.26 -20.78
CA THR B 143 15.42 -36.87 -21.18
C THR B 143 15.66 -36.03 -19.93
N SER B 144 16.01 -34.77 -20.10
CA SER B 144 16.00 -33.80 -19.01
C SER B 144 15.24 -32.56 -19.44
N TYR B 145 15.22 -31.58 -18.54
CA TYR B 145 14.62 -30.28 -18.82
C TYR B 145 15.65 -29.17 -18.66
N LYS B 146 15.54 -28.16 -19.52
CA LYS B 146 16.37 -26.97 -19.41
C LYS B 146 15.77 -26.11 -18.30
N ASP B 147 16.26 -26.31 -17.10
CA ASP B 147 15.87 -25.52 -15.94
C ASP B 147 16.77 -24.30 -15.83
N SER B 148 16.69 -23.60 -14.70
CA SER B 148 17.65 -22.56 -14.41
C SER B 148 18.93 -23.10 -13.80
N ALA B 149 18.96 -24.39 -13.45
CA ALA B 149 20.15 -25.03 -12.92
C ALA B 149 20.94 -25.79 -13.99
N ASP B 150 20.31 -26.11 -15.11
CA ASP B 150 20.92 -26.75 -16.29
C ASP B 150 21.53 -28.11 -15.92
N ARG B 151 20.64 -29.01 -15.54
CA ARG B 151 21.04 -30.30 -14.99
C ARG B 151 21.13 -31.37 -16.06
N THR B 152 21.82 -32.45 -15.73
CA THR B 152 21.90 -33.65 -16.53
C THR B 152 20.97 -34.71 -15.95
N THR B 153 21.08 -35.93 -16.45
CA THR B 153 20.33 -37.04 -15.87
C THR B 153 21.22 -38.07 -15.21
N ARG B 154 22.33 -38.46 -15.84
CA ARG B 154 23.31 -39.41 -15.30
C ARG B 154 22.71 -40.76 -14.97
N VAL B 155 21.83 -41.23 -15.85
CA VAL B 155 21.18 -42.53 -15.69
C VAL B 155 22.21 -43.64 -15.87
N ASP B 156 22.33 -44.50 -14.89
CA ASP B 156 23.36 -45.53 -14.90
C ASP B 156 22.73 -46.91 -14.78
N PHE B 157 23.47 -47.93 -15.17
CA PHE B 157 23.09 -49.33 -15.01
C PHE B 157 24.35 -50.14 -14.80
N ASN B 158 24.21 -51.30 -14.17
CA ASN B 158 25.40 -52.10 -13.90
C ASN B 158 25.10 -53.59 -14.04
N ALA B 159 24.41 -53.96 -15.11
CA ALA B 159 23.89 -55.32 -15.27
C ALA B 159 24.99 -56.30 -15.67
N LYS B 160 24.59 -57.49 -16.14
CA LYS B 160 25.56 -58.50 -16.57
C LYS B 160 25.55 -58.70 -18.08
N ASN B 161 24.40 -59.03 -18.67
CA ASN B 161 24.12 -58.71 -20.05
C ASN B 161 23.17 -57.54 -20.04
N ILE B 162 22.85 -56.96 -21.20
CA ILE B 162 21.92 -55.85 -21.25
C ILE B 162 20.76 -56.10 -22.23
N LEU B 163 21.08 -56.49 -23.47
CA LEU B 163 20.10 -57.02 -24.44
C LEU B 163 18.97 -56.03 -24.72
N ILE B 164 19.33 -54.95 -25.45
CA ILE B 164 18.48 -53.76 -25.61
C ILE B 164 17.10 -54.13 -26.16
N ASP B 165 17.05 -54.75 -27.33
CA ASP B 165 15.91 -55.50 -27.85
C ASP B 165 14.66 -54.70 -28.20
N ASN B 166 14.65 -53.40 -27.93
CA ASN B 166 13.65 -52.47 -28.48
C ASN B 166 14.24 -51.08 -28.36
N PHE B 167 13.64 -50.10 -29.04
CA PHE B 167 14.30 -48.82 -29.25
C PHE B 167 14.41 -48.02 -27.97
N LEU B 168 15.40 -47.12 -27.96
CA LEU B 168 15.72 -46.30 -26.81
C LEU B 168 16.12 -44.92 -27.33
N GLU B 169 15.46 -43.89 -26.84
CA GLU B 169 15.68 -42.54 -27.33
C GLU B 169 16.26 -41.67 -26.23
N ILE B 170 17.55 -41.39 -26.33
CA ILE B 170 18.26 -40.65 -25.29
C ILE B 170 18.15 -39.17 -25.63
N ASN B 171 17.68 -38.37 -24.67
CA ASN B 171 17.43 -36.93 -24.81
C ASN B 171 16.50 -36.64 -25.97
N ASN B 172 15.31 -37.23 -25.95
CA ASN B 172 14.38 -37.04 -27.05
C ASN B 172 13.64 -35.71 -26.90
N ARG B 173 12.69 -35.46 -27.78
CA ARG B 173 11.68 -34.44 -27.55
C ARG B 173 10.60 -35.05 -26.66
N VAL B 174 10.10 -34.26 -25.71
CA VAL B 174 9.11 -34.77 -24.77
C VAL B 174 7.78 -34.99 -25.47
N GLY B 175 7.17 -33.90 -25.95
CA GLY B 175 6.01 -34.02 -26.79
C GLY B 175 6.26 -33.47 -28.18
N SER B 176 5.77 -32.25 -28.40
CA SER B 176 5.91 -31.57 -29.69
C SER B 176 6.25 -30.11 -29.43
N GLY B 177 7.55 -29.81 -29.37
CA GLY B 177 8.02 -28.44 -29.40
C GLY B 177 7.87 -27.64 -28.14
N ALA B 178 6.63 -27.34 -27.76
CA ALA B 178 6.35 -26.33 -26.74
C ALA B 178 6.61 -26.89 -25.34
N GLY B 179 6.17 -26.16 -24.32
CA GLY B 179 6.47 -26.55 -22.97
C GLY B 179 7.93 -26.26 -22.63
N ARG B 180 8.49 -27.11 -21.77
CA ARG B 180 9.88 -26.96 -21.38
C ARG B 180 10.78 -27.71 -22.34
N LYS B 181 11.93 -27.10 -22.64
CA LYS B 181 12.86 -27.69 -23.59
C LYS B 181 13.77 -28.68 -22.88
N ALA B 182 14.52 -29.44 -23.68
CA ALA B 182 15.31 -30.57 -23.19
C ALA B 182 16.78 -30.17 -23.11
N SER B 183 17.38 -30.38 -21.94
CA SER B 183 18.80 -30.14 -21.74
C SER B 183 19.58 -31.44 -21.97
N SER B 184 20.83 -31.47 -21.53
CA SER B 184 21.71 -32.59 -21.80
C SER B 184 21.37 -33.79 -20.92
N THR B 185 22.02 -34.91 -21.21
CA THR B 185 21.88 -36.14 -20.45
C THR B 185 23.11 -37.01 -20.63
N VAL B 186 23.23 -38.02 -19.77
CA VAL B 186 24.29 -39.01 -19.84
C VAL B 186 23.68 -40.36 -19.51
N LEU B 187 23.86 -41.34 -20.39
CA LEU B 187 23.46 -42.70 -20.12
C LEU B 187 24.72 -43.55 -19.99
N THR B 188 24.75 -44.42 -19.01
CA THR B 188 25.90 -45.29 -18.80
C THR B 188 25.43 -46.73 -18.68
N LEU B 189 25.93 -47.58 -19.54
CA LEU B 189 25.57 -48.99 -19.56
C LEU B 189 26.83 -49.79 -19.30
N GLN B 190 26.88 -50.48 -18.16
CA GLN B 190 28.16 -50.97 -17.66
C GLN B 190 28.07 -52.46 -17.37
N ALA B 191 27.67 -53.23 -18.37
CA ALA B 191 27.58 -54.68 -18.22
C ALA B 191 28.97 -55.31 -18.10
N SER B 192 28.99 -56.63 -17.98
CA SER B 192 30.25 -57.35 -17.89
C SER B 192 30.27 -58.62 -18.72
N GLU B 193 29.31 -58.82 -19.62
CA GLU B 193 29.33 -59.95 -20.52
C GLU B 193 28.98 -59.60 -21.95
N GLY B 194 28.43 -58.45 -22.21
CA GLY B 194 28.12 -58.04 -23.57
C GLY B 194 26.88 -57.16 -23.60
N ILE B 195 26.93 -56.15 -24.46
CA ILE B 195 25.80 -55.26 -24.69
C ILE B 195 25.37 -55.53 -26.12
N THR B 196 24.48 -56.48 -26.31
CA THR B 196 24.02 -56.74 -27.66
C THR B 196 22.74 -55.96 -27.89
N SER B 197 22.08 -56.27 -29.00
CA SER B 197 20.86 -55.57 -29.38
C SER B 197 20.11 -56.43 -30.37
N SER B 198 18.85 -56.09 -30.60
CA SER B 198 18.09 -56.80 -31.61
C SER B 198 18.10 -56.02 -32.91
N LYS B 199 17.36 -56.52 -33.90
CA LYS B 199 17.40 -55.96 -35.24
C LYS B 199 16.63 -54.65 -35.33
N ASN B 200 15.51 -54.55 -34.62
CA ASN B 200 14.64 -53.37 -34.69
C ASN B 200 14.78 -52.47 -33.47
N ALA B 201 16.00 -52.32 -32.94
CA ALA B 201 16.22 -51.49 -31.76
C ALA B 201 16.93 -50.22 -32.21
N GLU B 202 16.14 -49.18 -32.45
CA GLU B 202 16.65 -47.90 -32.93
C GLU B 202 17.19 -47.10 -31.75
N ILE B 203 18.49 -47.14 -31.56
CA ILE B 203 19.12 -46.24 -30.61
C ILE B 203 19.27 -44.88 -31.28
N SER B 204 18.62 -43.87 -30.72
CA SER B 204 18.65 -42.55 -31.37
C SER B 204 18.91 -41.51 -30.30
N LEU B 205 20.17 -41.14 -30.14
CA LEU B 205 20.57 -40.12 -29.18
C LEU B 205 20.70 -38.78 -29.88
N TYR B 206 20.34 -37.72 -29.17
CA TYR B 206 20.10 -36.43 -29.80
C TYR B 206 21.09 -35.39 -29.31
N ASP B 207 20.75 -34.11 -29.56
CA ASP B 207 21.59 -32.92 -29.37
C ASP B 207 22.46 -32.90 -28.13
N GLY B 208 21.95 -33.33 -26.99
CA GLY B 208 22.76 -33.21 -25.79
C GLY B 208 23.24 -34.54 -25.24
N ALA B 209 22.87 -35.62 -25.90
CA ALA B 209 23.00 -36.93 -25.31
C ALA B 209 24.40 -37.50 -25.48
N THR B 210 24.83 -38.28 -24.50
CA THR B 210 26.03 -39.09 -24.59
C THR B 210 25.65 -40.53 -24.29
N LEU B 211 26.66 -41.39 -24.26
CA LEU B 211 26.45 -42.81 -23.98
C LEU B 211 27.81 -43.39 -23.61
N ASN B 212 27.92 -43.97 -22.43
CA ASN B 212 29.15 -44.62 -22.02
C ASN B 212 28.90 -46.11 -21.90
N LEU B 213 29.79 -46.91 -22.49
CA LEU B 213 29.66 -48.36 -22.44
C LEU B 213 30.92 -48.91 -21.80
N ALA B 214 30.82 -50.02 -21.09
CA ALA B 214 32.01 -50.53 -20.42
C ALA B 214 32.08 -52.05 -20.37
N SER B 215 31.32 -52.75 -21.19
CA SER B 215 31.34 -54.20 -21.16
C SER B 215 32.44 -54.69 -22.09
N ASN B 216 32.42 -55.96 -22.47
CA ASN B 216 33.18 -56.39 -23.63
C ASN B 216 32.23 -56.85 -24.74
N SER B 217 32.64 -56.58 -25.98
CA SER B 217 31.96 -56.99 -27.21
C SER B 217 30.54 -56.39 -27.30
N VAL B 218 30.51 -55.06 -27.41
CA VAL B 218 29.30 -54.36 -27.83
C VAL B 218 29.00 -54.78 -29.26
N LYS B 219 27.78 -55.23 -29.52
CA LYS B 219 27.39 -55.54 -30.90
C LYS B 219 25.96 -55.09 -31.17
N LEU B 220 25.83 -53.82 -31.54
CA LEU B 220 24.54 -53.19 -31.75
C LEU B 220 24.07 -53.49 -33.16
N ASN B 221 23.17 -54.45 -33.29
CA ASN B 221 22.72 -54.87 -34.60
C ASN B 221 21.55 -54.04 -35.13
N GLY B 222 21.37 -52.81 -34.63
CA GLY B 222 20.27 -51.98 -35.05
C GLY B 222 20.70 -50.59 -35.47
N ASN B 223 19.70 -49.78 -35.80
CA ASN B 223 19.91 -48.43 -36.29
C ASN B 223 20.40 -47.55 -35.16
N VAL B 224 21.71 -47.31 -35.11
CA VAL B 224 22.22 -46.27 -34.22
C VAL B 224 22.11 -44.94 -34.93
N TRP B 225 21.48 -43.97 -34.27
CA TRP B 225 21.09 -42.72 -34.94
C TRP B 225 21.64 -41.54 -34.14
N MET B 226 22.88 -41.16 -34.39
CA MET B 226 23.48 -40.03 -33.69
C MET B 226 23.02 -38.73 -34.34
N GLY B 227 22.29 -37.92 -33.60
CA GLY B 227 21.86 -36.65 -34.13
C GLY B 227 20.56 -36.78 -34.88
N ARG B 228 19.53 -36.08 -34.42
CA ARG B 228 18.23 -36.16 -35.06
C ARG B 228 17.58 -34.80 -34.91
N LEU B 229 16.56 -34.55 -35.73
CA LEU B 229 15.75 -33.35 -35.60
C LEU B 229 15.04 -33.41 -34.26
N GLN B 230 15.55 -32.64 -33.29
CA GLN B 230 14.96 -32.66 -31.96
C GLN B 230 13.60 -31.97 -31.96
N TYR B 231 13.47 -30.90 -32.75
CA TYR B 231 12.22 -30.19 -32.87
C TYR B 231 11.76 -30.25 -34.33
N VAL B 232 10.62 -29.63 -34.60
CA VAL B 232 9.90 -29.94 -35.83
C VAL B 232 10.49 -29.22 -37.05
N GLY B 233 11.04 -28.02 -36.87
CA GLY B 233 11.51 -27.27 -38.02
C GLY B 233 12.91 -26.72 -37.89
N ALA B 234 13.52 -26.90 -36.72
CA ALA B 234 14.84 -26.34 -36.45
C ALA B 234 15.90 -27.15 -37.21
N TYR B 235 16.09 -26.77 -38.46
CA TYR B 235 17.13 -27.38 -39.29
C TYR B 235 18.51 -26.82 -38.99
N LEU B 236 18.61 -25.78 -38.17
CA LEU B 236 19.87 -25.11 -37.90
C LEU B 236 20.37 -25.37 -36.49
N ALA B 237 19.98 -26.49 -35.88
CA ALA B 237 20.49 -26.83 -34.58
C ALA B 237 21.93 -27.35 -34.70
N PRO B 238 22.73 -27.19 -33.65
CA PRO B 238 24.08 -27.80 -33.65
C PRO B 238 24.06 -29.32 -33.65
N SER B 239 23.33 -29.91 -32.70
CA SER B 239 23.04 -31.36 -32.62
C SER B 239 24.32 -32.19 -32.53
N TYR B 240 24.98 -32.05 -31.38
CA TYR B 240 26.13 -32.90 -31.07
C TYR B 240 25.68 -34.22 -30.47
N SER B 241 26.62 -35.15 -30.32
CA SER B 241 26.38 -36.40 -29.62
C SER B 241 27.73 -37.02 -29.28
N THR B 242 27.68 -38.17 -28.62
CA THR B 242 28.88 -38.92 -28.20
C THR B 242 28.46 -40.33 -27.86
N ILE B 243 29.18 -41.32 -28.39
CA ILE B 243 29.05 -42.69 -27.91
C ILE B 243 30.42 -43.13 -27.45
N ASN B 244 30.72 -42.91 -26.18
CA ASN B 244 32.06 -43.06 -25.64
C ASN B 244 32.23 -44.51 -25.22
N THR B 245 32.57 -45.36 -26.17
CA THR B 245 32.81 -46.77 -25.86
C THR B 245 34.24 -47.00 -25.42
N SER B 246 34.71 -46.26 -24.43
CA SER B 246 36.12 -46.22 -24.09
C SER B 246 36.61 -47.47 -23.39
N LYS B 247 35.79 -48.08 -22.56
CA LYS B 247 36.25 -49.14 -21.68
C LYS B 247 36.13 -50.51 -22.32
N VAL B 248 35.65 -50.60 -23.55
CA VAL B 248 35.21 -51.86 -24.13
C VAL B 248 36.43 -52.71 -24.45
N THR B 249 36.65 -53.74 -23.65
CA THR B 249 37.84 -54.57 -23.82
C THR B 249 37.68 -55.66 -24.86
N GLY B 250 36.55 -55.71 -25.56
CA GLY B 250 36.32 -56.79 -26.50
C GLY B 250 36.28 -56.37 -27.95
N GLU B 251 35.13 -56.57 -28.59
CA GLU B 251 34.98 -56.40 -30.04
C GLU B 251 33.81 -55.48 -30.29
N VAL B 252 34.10 -54.20 -30.56
CA VAL B 252 33.05 -53.26 -30.92
C VAL B 252 32.52 -53.64 -32.29
N ASN B 253 31.20 -53.62 -32.45
CA ASN B 253 30.62 -54.05 -33.72
C ASN B 253 29.32 -53.30 -33.92
N PHE B 254 29.37 -52.18 -34.60
CA PHE B 254 28.11 -51.58 -35.02
C PHE B 254 27.59 -52.31 -36.24
N ASN B 255 26.38 -51.96 -36.65
CA ASN B 255 25.90 -52.58 -37.87
C ASN B 255 25.33 -51.54 -38.82
N HIS B 256 24.69 -50.52 -38.29
CA HIS B 256 24.03 -49.53 -39.13
C HIS B 256 24.11 -48.20 -38.41
N LEU B 257 25.12 -47.41 -38.73
CA LEU B 257 25.30 -46.13 -38.09
C LEU B 257 24.80 -45.02 -39.00
N THR B 258 24.05 -44.09 -38.42
CA THR B 258 23.46 -43.02 -39.20
C THR B 258 23.61 -41.71 -38.47
N VAL B 259 24.37 -40.80 -39.05
CA VAL B 259 24.70 -39.53 -38.41
C VAL B 259 23.91 -38.43 -39.08
N GLY B 260 23.19 -37.66 -38.29
CA GLY B 260 22.64 -36.43 -38.83
C GLY B 260 21.33 -36.64 -39.54
N ASP B 261 20.47 -35.62 -39.43
CA ASP B 261 19.19 -35.60 -40.13
C ASP B 261 18.78 -34.15 -40.30
N HIS B 262 18.92 -33.63 -41.52
CA HIS B 262 18.45 -32.30 -41.92
C HIS B 262 19.11 -31.18 -41.11
N ASN B 263 20.35 -31.39 -40.71
CA ASN B 263 21.11 -30.39 -39.96
C ASN B 263 22.60 -30.69 -40.11
N ALA B 264 23.41 -29.87 -39.45
CA ALA B 264 24.86 -30.03 -39.47
C ALA B 264 25.29 -30.71 -38.18
N ALA B 265 25.05 -32.02 -38.11
CA ALA B 265 25.39 -32.76 -36.91
C ALA B 265 26.86 -33.10 -36.88
N GLN B 266 27.46 -33.02 -35.70
CA GLN B 266 28.87 -33.31 -35.49
C GLN B 266 28.97 -34.35 -34.38
N ALA B 267 28.93 -35.62 -34.77
CA ALA B 267 28.99 -36.71 -33.82
C ALA B 267 30.44 -37.13 -33.58
N GLY B 268 30.64 -37.89 -32.52
CA GLY B 268 31.98 -38.35 -32.19
C GLY B 268 31.92 -39.63 -31.39
N ILE B 269 32.77 -40.57 -31.76
CA ILE B 269 32.84 -41.87 -31.11
C ILE B 269 34.25 -42.06 -30.58
N ILE B 270 34.41 -42.05 -29.28
CA ILE B 270 35.70 -42.29 -28.67
C ILE B 270 35.80 -43.80 -28.46
N ALA B 271 36.38 -44.48 -29.42
CA ALA B 271 36.30 -45.93 -29.45
C ALA B 271 37.45 -46.55 -28.67
N SER B 272 37.64 -47.85 -28.83
CA SER B 272 38.64 -48.64 -28.13
C SER B 272 39.50 -49.41 -29.13
N ASN B 273 40.03 -48.67 -30.11
CA ASN B 273 41.06 -49.05 -31.09
C ASN B 273 40.78 -50.35 -31.86
N LYS B 274 39.52 -50.74 -31.99
CA LYS B 274 39.10 -51.77 -32.96
C LYS B 274 37.61 -51.57 -33.17
N THR B 275 37.22 -51.04 -34.33
CA THR B 275 35.83 -50.63 -34.52
C THR B 275 35.36 -51.09 -35.89
N HIS B 276 34.91 -52.33 -35.98
CA HIS B 276 34.20 -52.75 -37.18
C HIS B 276 32.81 -52.15 -37.11
N ILE B 277 32.44 -51.37 -38.12
CA ILE B 277 31.05 -50.99 -38.25
C ILE B 277 30.54 -51.52 -39.58
N GLY B 278 29.26 -51.34 -39.82
CA GLY B 278 28.67 -51.74 -41.08
C GLY B 278 28.36 -50.54 -41.94
N THR B 279 27.11 -50.42 -42.36
CA THR B 279 26.70 -49.34 -43.23
C THR B 279 26.67 -48.02 -42.49
N LEU B 280 27.46 -47.06 -42.96
CA LEU B 280 27.46 -45.70 -42.43
C LEU B 280 26.69 -44.81 -43.39
N ASP B 281 25.75 -44.03 -42.85
CA ASP B 281 24.90 -43.18 -43.68
C ASP B 281 24.98 -41.75 -43.18
N LEU B 282 25.94 -40.98 -43.71
CA LEU B 282 26.04 -39.59 -43.33
C LEU B 282 24.94 -38.76 -43.97
N TRP B 283 24.84 -37.52 -43.52
CA TRP B 283 23.97 -36.54 -44.14
C TRP B 283 24.83 -35.67 -45.06
N GLN B 284 24.24 -34.62 -45.64
CA GLN B 284 24.97 -33.68 -46.49
C GLN B 284 26.06 -32.96 -45.72
N SER B 285 25.77 -32.53 -44.51
CA SER B 285 26.67 -31.72 -43.71
C SER B 285 26.94 -32.36 -42.36
N ALA B 286 27.12 -33.67 -42.34
CA ALA B 286 27.29 -34.41 -41.10
C ALA B 286 28.76 -34.76 -40.88
N GLY B 287 29.28 -34.40 -39.71
CA GLY B 287 30.62 -34.74 -39.34
C GLY B 287 30.67 -35.99 -38.47
N LEU B 288 31.88 -36.51 -38.30
CA LEU B 288 32.07 -37.72 -37.50
C LEU B 288 33.50 -37.73 -37.00
N ASN B 289 33.66 -37.80 -35.69
CA ASN B 289 35.00 -37.76 -35.09
C ASN B 289 35.23 -39.07 -34.36
N ILE B 290 35.65 -40.09 -35.09
CA ILE B 290 36.05 -41.35 -34.48
C ILE B 290 37.45 -41.12 -33.92
N ILE B 291 37.61 -41.30 -32.62
CA ILE B 291 38.88 -41.02 -31.96
C ILE B 291 39.39 -42.29 -31.34
N ALA B 292 40.51 -42.79 -31.87
CA ALA B 292 41.19 -43.90 -31.26
C ALA B 292 41.89 -43.44 -29.98
N PRO B 293 42.19 -44.35 -29.05
CA PRO B 293 42.91 -43.96 -27.84
C PRO B 293 44.35 -43.63 -28.13
N PRO B 294 45.08 -42.99 -27.19
CA PRO B 294 46.52 -42.78 -27.38
C PRO B 294 47.34 -44.05 -27.26
N GLU B 295 48.67 -43.86 -27.25
CA GLU B 295 49.60 -44.98 -27.34
C GLU B 295 49.50 -45.90 -26.12
N GLY B 296 49.62 -45.35 -24.93
CA GLY B 296 49.58 -46.18 -23.74
C GLY B 296 48.16 -46.36 -23.21
N GLY B 297 47.18 -45.92 -23.98
CA GLY B 297 45.81 -45.92 -23.51
C GLY B 297 45.55 -44.78 -22.55
N TYR B 298 44.29 -44.66 -22.15
CA TYR B 298 43.89 -43.62 -21.22
C TYR B 298 44.37 -43.95 -19.82
N LYS B 299 44.94 -42.95 -19.15
CA LYS B 299 45.36 -42.99 -17.74
C LYS B 299 46.32 -44.12 -17.39
N GLN B 335 32.50 -10.33 -4.14
CA GLN B 335 32.16 -10.76 -2.79
C GLN B 335 33.19 -11.74 -2.26
N LYS B 336 33.41 -12.82 -3.00
CA LYS B 336 34.38 -13.85 -2.62
C LYS B 336 34.78 -14.61 -3.86
N THR B 337 36.08 -14.87 -3.99
CA THR B 337 36.57 -15.70 -5.08
C THR B 337 36.15 -17.14 -4.86
N GLU B 338 36.11 -17.90 -5.95
CA GLU B 338 35.86 -19.34 -5.87
C GLU B 338 36.61 -20.03 -7.00
N VAL B 339 37.26 -21.14 -6.66
CA VAL B 339 38.16 -21.82 -7.57
C VAL B 339 37.38 -22.90 -8.30
N GLN B 340 37.16 -22.69 -9.59
CA GLN B 340 36.60 -23.74 -10.41
C GLN B 340 37.64 -24.84 -10.62
N PRO B 341 37.21 -26.08 -10.79
CA PRO B 341 38.19 -27.17 -10.92
C PRO B 341 38.89 -27.14 -12.26
N THR B 342 40.00 -27.88 -12.34
CA THR B 342 40.82 -27.91 -13.54
C THR B 342 40.11 -28.63 -14.67
N GLN B 343 39.73 -27.86 -15.68
CA GLN B 343 39.01 -28.37 -16.83
C GLN B 343 40.05 -28.76 -17.89
N VAL B 344 40.55 -29.97 -17.78
CA VAL B 344 41.56 -30.47 -18.72
C VAL B 344 40.87 -30.68 -20.06
N ILE B 345 41.47 -30.13 -21.12
CA ILE B 345 40.87 -30.17 -22.44
C ILE B 345 41.76 -31.02 -23.33
N ASP B 346 41.22 -31.46 -24.46
CA ASP B 346 41.92 -32.34 -25.39
C ASP B 346 42.19 -31.62 -26.69
N GLY B 347 43.32 -31.93 -27.30
CA GLY B 347 43.58 -31.53 -28.66
C GLY B 347 43.52 -32.73 -29.57
N PRO B 348 43.64 -32.50 -30.86
CA PRO B 348 43.71 -33.64 -31.79
C PRO B 348 45.05 -34.36 -31.71
N PHE B 349 45.05 -35.52 -31.07
CA PHE B 349 46.29 -36.25 -30.85
C PHE B 349 46.40 -37.40 -31.85
N ALA B 350 47.44 -38.21 -31.71
CA ALA B 350 47.67 -39.34 -32.57
C ALA B 350 47.24 -40.62 -31.86
N GLY B 351 46.59 -41.51 -32.59
CA GLY B 351 46.21 -42.78 -32.03
C GLY B 351 47.41 -43.69 -31.80
N GLY B 352 47.15 -44.81 -31.15
CA GLY B 352 48.18 -45.81 -30.91
C GLY B 352 48.59 -46.53 -32.18
N LYS B 353 49.37 -47.59 -31.98
CA LYS B 353 49.95 -48.30 -33.13
C LYS B 353 48.90 -49.14 -33.85
N ASP B 354 48.22 -50.02 -33.13
CA ASP B 354 47.24 -50.92 -33.72
C ASP B 354 45.82 -50.42 -33.50
N THR B 355 45.52 -49.28 -34.12
CA THR B 355 44.20 -48.68 -34.06
C THR B 355 43.56 -48.80 -35.43
N VAL B 356 42.50 -49.60 -35.52
CA VAL B 356 41.91 -49.99 -36.78
C VAL B 356 40.44 -49.59 -36.77
N VAL B 357 39.98 -48.95 -37.83
CA VAL B 357 38.57 -48.56 -37.96
C VAL B 357 38.07 -49.13 -39.28
N ASN B 358 37.39 -50.27 -39.22
CA ASN B 358 37.03 -51.03 -40.42
C ASN B 358 35.62 -50.66 -40.88
N ILE B 359 35.41 -49.39 -41.22
CA ILE B 359 34.14 -48.97 -41.78
C ILE B 359 33.98 -49.61 -43.16
N ASP B 360 32.86 -50.26 -43.43
CA ASP B 360 32.76 -51.04 -44.64
C ASP B 360 31.79 -50.52 -45.69
N ARG B 361 31.04 -49.45 -45.40
CA ARG B 361 30.22 -48.80 -46.42
C ARG B 361 29.86 -47.39 -45.99
N ILE B 362 30.11 -46.42 -46.85
CA ILE B 362 29.80 -45.03 -46.57
C ILE B 362 28.79 -44.55 -47.61
N ASN B 363 27.56 -44.35 -47.20
CA ASN B 363 26.59 -43.75 -48.08
C ASN B 363 26.39 -42.28 -47.68
N THR B 364 25.47 -41.60 -48.35
CA THR B 364 25.13 -40.22 -48.02
C THR B 364 23.72 -39.96 -48.50
N LYS B 365 22.86 -39.49 -47.61
CA LYS B 365 21.51 -39.08 -48.00
C LYS B 365 21.52 -37.61 -48.34
N ALA B 366 21.32 -37.28 -49.62
CA ALA B 366 21.50 -35.91 -50.08
C ALA B 366 20.23 -35.44 -50.76
N ASP B 367 19.39 -34.73 -50.01
CA ASP B 367 18.29 -33.96 -50.59
C ASP B 367 18.09 -32.71 -49.75
N GLY B 368 17.29 -31.79 -50.27
CA GLY B 368 17.00 -30.57 -49.54
C GLY B 368 17.27 -29.31 -50.33
N THR B 369 17.82 -28.30 -49.68
CA THR B 369 18.05 -27.02 -50.31
C THR B 369 19.28 -27.06 -51.19
N ILE B 370 19.60 -25.92 -51.79
CA ILE B 370 20.77 -25.77 -52.65
C ILE B 370 21.56 -24.58 -52.14
N LYS B 371 22.82 -24.80 -51.79
CA LYS B 371 23.69 -23.77 -51.26
C LYS B 371 24.70 -23.39 -52.35
N VAL B 372 25.48 -22.34 -52.11
CA VAL B 372 26.42 -21.82 -53.08
C VAL B 372 27.57 -22.77 -53.38
N GLY B 373 27.83 -23.74 -52.51
CA GLY B 373 28.77 -24.81 -52.75
C GLY B 373 28.10 -26.15 -52.60
N GLY B 374 28.85 -27.11 -52.08
CA GLY B 374 28.26 -28.38 -51.73
C GLY B 374 27.68 -28.33 -50.33
N PHE B 375 27.91 -29.36 -49.54
CA PHE B 375 27.71 -29.29 -48.10
C PHE B 375 28.81 -29.95 -47.29
N LYS B 376 29.69 -30.72 -47.93
CA LYS B 376 30.92 -31.27 -47.35
C LYS B 376 30.62 -32.19 -46.15
N ALA B 377 30.02 -33.32 -46.48
CA ALA B 377 29.99 -34.43 -45.53
C ALA B 377 31.41 -34.87 -45.23
N SER B 378 31.66 -35.24 -43.98
CA SER B 378 33.02 -35.49 -43.55
C SER B 378 33.04 -36.49 -42.41
N LEU B 379 34.14 -37.22 -42.31
CA LEU B 379 34.44 -37.99 -41.12
C LEU B 379 35.91 -37.79 -40.81
N THR B 380 36.24 -37.79 -39.53
CA THR B 380 37.58 -37.46 -39.08
C THR B 380 38.08 -38.53 -38.13
N THR B 381 39.18 -39.15 -38.46
CA THR B 381 39.69 -40.30 -37.73
C THR B 381 41.15 -40.07 -37.42
N ASN B 382 41.53 -40.22 -36.16
CA ASN B 382 42.96 -40.20 -35.86
C ASN B 382 43.49 -41.58 -35.51
N ALA B 383 43.01 -42.61 -36.18
CA ALA B 383 43.56 -43.93 -35.98
C ALA B 383 44.70 -44.18 -36.96
N ALA B 384 45.51 -45.19 -36.65
CA ALA B 384 46.66 -45.49 -37.49
C ALA B 384 46.28 -46.24 -38.77
N HIS B 385 45.03 -46.69 -38.89
CA HIS B 385 44.54 -47.28 -40.12
C HIS B 385 43.09 -46.86 -40.28
N LEU B 386 42.66 -46.63 -41.51
CA LEU B 386 41.25 -46.45 -41.79
C LEU B 386 40.93 -47.34 -42.98
N ASN B 387 40.71 -48.61 -42.73
CA ASN B 387 40.40 -49.55 -43.80
C ASN B 387 38.96 -49.35 -44.20
N ILE B 388 38.70 -49.23 -45.49
CA ILE B 388 37.34 -49.18 -45.99
C ILE B 388 37.16 -50.34 -46.95
N GLY B 389 36.27 -51.25 -46.60
CA GLY B 389 36.16 -52.53 -47.27
C GLY B 389 35.40 -52.48 -48.56
N LYS B 390 34.78 -53.62 -48.87
CA LYS B 390 34.34 -53.90 -50.22
C LYS B 390 33.03 -53.21 -50.58
N GLY B 391 32.37 -52.57 -49.62
CA GLY B 391 31.19 -51.80 -49.95
C GLY B 391 31.50 -50.53 -50.71
N GLY B 392 32.70 -49.98 -50.53
CA GLY B 392 33.10 -48.80 -51.26
C GLY B 392 32.43 -47.54 -50.77
N VAL B 393 32.33 -46.55 -51.64
CA VAL B 393 31.85 -45.22 -51.28
C VAL B 393 30.71 -44.84 -52.21
N ASN B 394 29.58 -44.48 -51.64
CA ASN B 394 28.45 -43.93 -52.39
C ASN B 394 28.31 -42.46 -52.05
N LEU B 395 27.65 -41.72 -52.94
CA LEU B 395 27.46 -40.29 -52.74
C LEU B 395 26.24 -39.87 -53.55
N SER B 396 25.15 -39.55 -52.86
CA SER B 396 23.99 -39.01 -53.54
C SER B 396 24.28 -37.55 -53.90
N ASN B 397 23.68 -37.08 -54.99
CA ASN B 397 24.03 -35.80 -55.58
C ASN B 397 22.75 -35.04 -55.94
N GLN B 398 22.61 -33.85 -55.36
CA GLN B 398 21.54 -32.91 -55.74
C GLN B 398 22.12 -32.00 -56.82
N ALA B 399 21.49 -30.84 -57.09
CA ALA B 399 21.90 -29.98 -58.19
C ALA B 399 23.30 -29.41 -57.99
N SER B 400 23.63 -29.02 -56.76
CA SER B 400 25.02 -28.67 -56.49
C SER B 400 25.82 -29.93 -56.19
N GLY B 401 27.12 -29.86 -56.41
CA GLY B 401 27.96 -31.03 -56.23
C GLY B 401 28.29 -31.29 -54.78
N ARG B 402 27.82 -32.44 -54.27
CA ARG B 402 28.10 -32.78 -52.88
C ARG B 402 29.57 -33.16 -52.72
N THR B 403 30.03 -33.12 -51.47
CA THR B 403 31.44 -33.26 -51.18
C THR B 403 31.62 -34.23 -50.02
N LEU B 404 32.51 -35.19 -50.18
CA LEU B 404 32.82 -36.14 -49.13
C LEU B 404 34.27 -35.96 -48.71
N LEU B 405 34.50 -35.84 -47.40
CA LEU B 405 35.82 -35.58 -46.83
C LEU B 405 36.19 -36.75 -45.93
N VAL B 406 36.90 -37.73 -46.48
CA VAL B 406 37.33 -38.89 -45.72
C VAL B 406 38.69 -38.55 -45.16
N GLU B 407 38.70 -37.82 -44.06
CA GLU B 407 39.92 -37.30 -43.50
C GLU B 407 40.56 -38.36 -42.61
N ASN B 408 41.88 -38.28 -42.47
CA ASN B 408 42.61 -39.05 -41.48
C ASN B 408 43.70 -38.15 -40.94
N LEU B 409 43.79 -38.01 -39.62
CA LEU B 409 44.78 -37.10 -39.08
C LEU B 409 46.16 -37.71 -39.07
N THR B 410 46.36 -38.80 -38.33
CA THR B 410 47.69 -39.37 -38.16
C THR B 410 47.72 -40.82 -38.57
N GLY B 411 47.15 -41.14 -39.73
CA GLY B 411 47.15 -42.52 -40.16
C GLY B 411 47.25 -42.76 -41.65
N ASN B 412 46.74 -43.90 -42.09
CA ASN B 412 46.69 -44.29 -43.48
C ASN B 412 45.23 -44.37 -43.92
N ILE B 413 45.02 -44.53 -45.21
CA ILE B 413 43.70 -44.82 -45.75
C ILE B 413 43.85 -45.96 -46.74
N THR B 414 43.07 -47.02 -46.56
CA THR B 414 43.14 -48.16 -47.46
C THR B 414 41.72 -48.43 -47.96
N VAL B 415 41.32 -47.73 -49.00
CA VAL B 415 40.01 -47.94 -49.61
C VAL B 415 40.13 -49.09 -50.59
N ASP B 416 39.25 -50.09 -50.44
CA ASP B 416 39.28 -51.25 -51.31
C ASP B 416 37.97 -51.43 -52.07
N GLY B 417 37.27 -50.34 -52.36
CA GLY B 417 35.97 -50.43 -52.98
C GLY B 417 35.76 -49.44 -54.10
N PRO B 418 34.69 -49.64 -54.88
CA PRO B 418 34.45 -48.76 -56.02
C PRO B 418 33.82 -47.45 -55.60
N LEU B 419 34.39 -46.35 -56.08
CA LEU B 419 33.90 -45.02 -55.72
C LEU B 419 32.66 -44.72 -56.56
N ARG B 420 31.49 -45.06 -56.04
CA ARG B 420 30.24 -44.78 -56.74
C ARG B 420 29.80 -43.35 -56.47
N VAL B 421 28.81 -42.92 -57.24
CA VAL B 421 28.08 -41.69 -57.00
C VAL B 421 26.69 -41.86 -57.59
N ASN B 422 25.67 -41.55 -56.78
CA ASN B 422 24.26 -41.87 -57.01
C ASN B 422 24.03 -43.37 -57.19
N ASN B 423 24.92 -44.17 -56.57
CA ASN B 423 24.90 -45.63 -56.56
C ASN B 423 25.00 -46.21 -57.98
N GLN B 424 26.02 -45.76 -58.71
CA GLN B 424 26.53 -46.51 -59.86
C GLN B 424 28.00 -46.16 -60.04
N VAL B 425 28.71 -47.03 -60.75
CA VAL B 425 30.16 -46.94 -60.81
C VAL B 425 30.60 -45.76 -61.68
N GLY B 426 29.94 -45.56 -62.82
CA GLY B 426 30.26 -44.44 -63.67
C GLY B 426 29.86 -43.13 -63.05
N GLY B 427 28.56 -42.90 -62.93
CA GLY B 427 28.05 -41.75 -62.21
C GLY B 427 28.28 -40.42 -62.88
N TYR B 428 27.57 -40.17 -63.98
CA TYR B 428 27.63 -38.86 -64.62
C TYR B 428 26.98 -37.79 -63.72
N ALA B 429 27.57 -36.60 -63.78
CA ALA B 429 27.07 -35.46 -63.02
C ALA B 429 27.15 -34.24 -63.90
N LEU B 430 26.23 -33.30 -63.67
CA LEU B 430 26.11 -32.13 -64.54
C LEU B 430 27.14 -31.08 -64.13
N ALA B 431 27.11 -29.93 -64.80
CA ALA B 431 28.18 -28.95 -64.66
C ALA B 431 28.11 -28.24 -63.31
N GLY B 432 26.92 -27.87 -62.88
CA GLY B 432 26.74 -27.33 -61.54
C GLY B 432 26.91 -28.35 -60.44
N SER B 433 26.84 -29.64 -60.77
CA SER B 433 27.02 -30.71 -59.79
C SER B 433 28.44 -31.25 -59.93
N SER B 434 29.38 -30.59 -59.28
CA SER B 434 30.77 -31.05 -59.26
C SER B 434 30.96 -31.86 -57.99
N ALA B 435 30.84 -33.18 -58.10
CA ALA B 435 30.99 -34.07 -56.95
C ALA B 435 32.46 -34.08 -56.54
N ASN B 436 32.72 -33.95 -55.25
CA ASN B 436 34.06 -33.74 -54.75
C ASN B 436 34.42 -34.83 -53.74
N PHE B 437 35.03 -35.90 -54.24
CA PHE B 437 35.67 -36.85 -53.36
C PHE B 437 36.95 -36.23 -52.83
N GLU B 438 37.29 -36.54 -51.59
CA GLU B 438 38.41 -35.86 -50.95
C GLU B 438 38.98 -36.75 -49.88
N PHE B 439 40.30 -36.91 -49.89
CA PHE B 439 40.99 -37.81 -49.00
C PHE B 439 42.17 -37.07 -48.39
N LYS B 440 42.43 -37.33 -47.13
CA LYS B 440 43.50 -36.66 -46.39
C LYS B 440 44.18 -37.73 -45.57
N ALA B 441 45.25 -38.32 -46.06
CA ALA B 441 45.88 -39.44 -45.39
C ALA B 441 47.16 -38.95 -44.71
N GLY B 442 47.14 -38.96 -43.38
CA GLY B 442 48.31 -38.58 -42.61
C GLY B 442 48.59 -37.10 -42.66
N VAL B 443 47.67 -36.30 -42.12
CA VAL B 443 47.79 -34.85 -42.25
C VAL B 443 48.87 -34.32 -41.32
N ASP B 444 48.72 -34.51 -40.02
CA ASP B 444 49.57 -33.86 -39.06
C ASP B 444 50.94 -34.53 -38.90
N THR B 445 51.15 -35.68 -39.51
CA THR B 445 52.45 -36.33 -39.47
C THR B 445 53.13 -36.40 -40.84
N LYS B 446 52.36 -36.21 -41.92
CA LYS B 446 52.87 -36.04 -43.28
C LYS B 446 53.66 -37.25 -43.79
N ASN B 447 53.32 -38.43 -43.30
CA ASN B 447 53.94 -39.67 -43.78
C ASN B 447 52.90 -40.77 -43.90
N GLY B 448 51.73 -40.43 -44.43
CA GLY B 448 50.64 -41.39 -44.56
C GLY B 448 50.29 -41.65 -46.01
N THR B 449 50.18 -42.92 -46.37
CA THR B 449 49.82 -43.33 -47.71
C THR B 449 48.30 -43.37 -47.83
N ALA B 450 47.81 -43.18 -49.06
CA ALA B 450 46.39 -43.33 -49.35
C ALA B 450 46.24 -44.40 -50.43
N THR B 451 46.28 -45.66 -50.02
CA THR B 451 46.31 -46.76 -50.97
C THR B 451 44.90 -47.12 -51.40
N PHE B 452 44.64 -47.08 -52.70
CA PHE B 452 43.32 -47.45 -53.23
C PHE B 452 43.53 -48.73 -54.03
N ASN B 453 43.38 -49.87 -53.38
CA ASN B 453 43.63 -51.14 -54.06
C ASN B 453 42.49 -51.58 -54.98
N ASN B 454 41.51 -50.74 -55.25
CA ASN B 454 40.48 -51.09 -56.22
C ASN B 454 40.56 -50.12 -57.38
N ASP B 455 40.28 -50.64 -58.57
CA ASP B 455 40.30 -49.87 -59.80
C ASP B 455 39.14 -48.88 -59.78
N ILE B 456 39.45 -47.61 -59.53
CA ILE B 456 38.40 -46.61 -59.40
C ILE B 456 37.91 -46.21 -60.79
N SER B 457 36.74 -45.58 -60.82
CA SER B 457 36.13 -45.16 -62.07
C SER B 457 35.32 -43.91 -61.82
N LEU B 458 35.75 -42.80 -62.40
CA LEU B 458 35.10 -41.52 -62.23
C LEU B 458 34.48 -41.07 -63.54
N GLY B 459 33.22 -40.64 -63.48
CA GLY B 459 32.51 -40.18 -64.65
C GLY B 459 32.75 -38.72 -64.95
N ARG B 460 31.68 -37.96 -65.11
CA ARG B 460 31.74 -36.59 -65.57
C ARG B 460 31.46 -35.63 -64.41
N PHE B 461 32.27 -34.56 -64.32
CA PHE B 461 32.19 -33.54 -63.27
C PHE B 461 32.29 -34.14 -61.86
N VAL B 462 33.28 -35.00 -61.68
CA VAL B 462 33.61 -35.57 -60.39
C VAL B 462 35.08 -35.27 -60.10
N ASN B 463 35.37 -34.84 -58.87
CA ASN B 463 36.64 -34.19 -58.57
C ASN B 463 37.34 -34.90 -57.41
N LEU B 464 38.13 -35.91 -57.74
CA LEU B 464 38.97 -36.55 -56.74
C LEU B 464 40.10 -35.62 -56.33
N LYS B 465 40.41 -35.59 -55.04
CA LYS B 465 41.64 -34.96 -54.59
C LYS B 465 42.22 -35.72 -53.41
N VAL B 466 43.51 -35.98 -53.47
CA VAL B 466 44.21 -36.79 -52.48
C VAL B 466 45.40 -36.01 -51.98
N ASP B 467 45.45 -35.77 -50.67
CA ASP B 467 46.51 -34.96 -50.09
C ASP B 467 47.23 -35.84 -49.07
N ALA B 468 48.18 -36.64 -49.54
CA ALA B 468 48.82 -37.63 -48.70
C ALA B 468 50.32 -37.61 -48.88
N HIS B 469 51.01 -38.62 -48.35
CA HIS B 469 52.43 -38.77 -48.61
C HIS B 469 52.72 -39.55 -49.88
N THR B 470 52.19 -40.76 -50.02
CA THR B 470 52.46 -41.59 -51.19
C THR B 470 51.16 -42.25 -51.61
N ALA B 471 50.44 -41.62 -52.54
CA ALA B 471 49.12 -42.09 -52.92
C ALA B 471 49.26 -43.21 -53.96
N ASN B 472 49.36 -44.44 -53.47
CA ASN B 472 49.37 -45.59 -54.36
C ASN B 472 47.98 -45.79 -54.96
N PHE B 473 47.94 -46.52 -56.07
CA PHE B 473 46.71 -46.77 -56.79
C PHE B 473 46.77 -48.13 -57.46
N LYS B 474 45.69 -48.47 -58.15
CA LYS B 474 45.69 -49.56 -59.11
C LYS B 474 45.12 -49.18 -60.46
N GLY B 475 44.35 -48.10 -60.55
CA GLY B 475 43.85 -47.65 -61.84
C GLY B 475 42.83 -46.56 -61.71
N ILE B 476 42.94 -45.53 -62.55
CA ILE B 476 42.03 -44.39 -62.56
C ILE B 476 41.46 -44.27 -63.96
N ASP B 477 40.14 -44.25 -64.07
CA ASP B 477 39.47 -44.30 -65.36
C ASP B 477 38.50 -43.15 -65.46
N THR B 478 38.94 -42.03 -66.05
CA THR B 478 38.13 -40.83 -66.16
C THR B 478 37.90 -40.41 -67.61
N GLY B 479 38.31 -41.23 -68.57
CA GLY B 479 38.14 -40.86 -69.96
C GLY B 479 36.71 -40.94 -70.45
N ASN B 480 35.85 -41.61 -69.68
CA ASN B 480 34.46 -41.75 -70.08
C ASN B 480 33.69 -40.44 -69.89
N GLY B 481 33.92 -39.75 -68.77
CA GLY B 481 33.14 -38.57 -68.46
C GLY B 481 33.78 -37.25 -68.82
N GLY B 482 35.04 -37.05 -68.46
CA GLY B 482 35.71 -35.79 -68.69
C GLY B 482 35.31 -34.75 -67.66
N PHE B 483 35.95 -33.58 -67.80
CA PHE B 483 35.79 -32.41 -66.92
C PHE B 483 36.05 -32.77 -65.45
N ASN B 484 37.12 -33.51 -65.24
CA ASN B 484 37.41 -34.08 -63.94
C ASN B 484 38.65 -33.41 -63.37
N THR B 485 38.50 -32.78 -62.20
CA THR B 485 39.62 -32.19 -61.50
C THR B 485 40.27 -33.29 -60.67
N LEU B 486 41.30 -33.93 -61.22
CA LEU B 486 42.01 -35.00 -60.56
C LEU B 486 43.18 -34.38 -59.83
N ASP B 487 42.90 -33.76 -58.69
CA ASP B 487 43.90 -33.00 -57.97
C ASP B 487 44.77 -33.93 -57.14
N PHE B 488 46.06 -33.63 -57.09
CA PHE B 488 47.02 -34.33 -56.26
C PHE B 488 47.98 -33.33 -55.63
N SER B 489 47.50 -32.12 -55.35
CA SER B 489 48.40 -31.02 -55.00
C SER B 489 49.04 -31.23 -53.63
N GLY B 490 48.38 -31.96 -52.74
CA GLY B 490 48.97 -32.15 -51.43
C GLY B 490 50.01 -33.24 -51.35
N VAL B 491 50.24 -33.97 -52.46
CA VAL B 491 51.10 -35.15 -52.42
C VAL B 491 52.53 -34.76 -52.14
N THR B 492 53.12 -35.40 -51.12
CA THR B 492 54.49 -35.11 -50.73
C THR B 492 55.48 -35.53 -51.83
N ASN B 493 55.58 -36.82 -52.10
CA ASN B 493 56.47 -37.22 -53.19
C ASN B 493 55.77 -37.97 -54.33
N LYS B 494 55.19 -39.15 -54.11
CA LYS B 494 54.89 -40.01 -55.25
C LYS B 494 53.42 -40.33 -55.36
N VAL B 495 52.96 -40.53 -56.61
CA VAL B 495 51.62 -41.01 -56.91
C VAL B 495 51.81 -42.17 -57.87
N ASN B 496 51.74 -43.40 -57.37
CA ASN B 496 52.18 -44.55 -58.14
C ASN B 496 51.00 -45.23 -58.84
N ILE B 497 50.38 -44.47 -59.75
CA ILE B 497 49.22 -44.98 -60.49
C ILE B 497 49.65 -46.10 -61.42
N ASN B 498 48.85 -47.16 -61.48
CA ASN B 498 49.15 -48.31 -62.31
C ASN B 498 48.49 -48.25 -63.68
N LYS B 499 47.42 -47.47 -63.85
CA LYS B 499 46.73 -47.41 -65.13
C LYS B 499 45.91 -46.12 -65.16
N LEU B 500 45.92 -45.43 -66.29
CA LEU B 500 45.26 -44.12 -66.41
C LEU B 500 44.47 -44.05 -67.70
N ILE B 501 43.24 -43.54 -67.61
CA ILE B 501 42.37 -43.29 -68.75
C ILE B 501 41.80 -41.90 -68.60
N THR B 502 42.17 -40.99 -69.51
CA THR B 502 41.77 -39.58 -69.42
C THR B 502 41.28 -39.06 -70.77
N ALA B 503 40.29 -38.19 -70.71
CA ALA B 503 39.82 -37.44 -71.89
C ALA B 503 40.00 -35.94 -71.75
N SER B 504 39.41 -35.33 -70.71
CA SER B 504 39.55 -33.90 -70.47
C SER B 504 39.68 -33.73 -68.95
N THR B 505 40.92 -33.73 -68.49
CA THR B 505 41.21 -33.89 -67.08
C THR B 505 42.11 -32.74 -66.64
N ASN B 506 42.18 -32.52 -65.34
CA ASN B 506 42.93 -31.43 -64.73
C ASN B 506 43.94 -31.99 -63.75
N VAL B 507 44.71 -32.98 -64.23
CA VAL B 507 45.69 -33.67 -63.41
C VAL B 507 46.76 -32.69 -62.94
N ALA B 508 47.12 -32.78 -61.67
CA ALA B 508 48.15 -31.91 -61.10
C ALA B 508 49.01 -32.75 -60.17
N VAL B 509 50.07 -33.35 -60.69
CA VAL B 509 50.96 -34.20 -59.91
C VAL B 509 52.36 -33.60 -59.97
N LYS B 510 53.05 -33.57 -58.84
CA LYS B 510 54.39 -33.01 -58.80
C LYS B 510 55.49 -34.02 -59.04
N ASN B 511 55.24 -35.30 -58.76
CA ASN B 511 56.20 -36.37 -59.01
C ASN B 511 55.42 -37.67 -58.99
N PHE B 512 55.71 -38.56 -59.95
CA PHE B 512 54.92 -39.77 -60.13
C PHE B 512 55.71 -40.78 -60.93
N ASN B 513 55.15 -41.99 -61.05
CA ASN B 513 55.53 -42.91 -62.13
C ASN B 513 54.31 -43.73 -62.54
N ILE B 514 53.54 -43.19 -63.49
CA ILE B 514 52.33 -43.81 -63.99
C ILE B 514 52.74 -44.75 -65.10
N ASN B 515 52.80 -46.05 -64.83
CA ASN B 515 53.40 -46.97 -65.80
C ASN B 515 52.47 -47.40 -66.93
N GLU B 516 51.34 -46.73 -67.11
CA GLU B 516 50.49 -46.97 -68.28
C GLU B 516 49.63 -45.73 -68.49
N LEU B 517 49.57 -45.24 -69.72
CA LEU B 517 48.87 -43.99 -70.03
C LEU B 517 48.04 -44.16 -71.29
N ILE B 518 46.83 -43.62 -71.28
CA ILE B 518 45.94 -43.63 -72.43
C ILE B 518 45.55 -42.20 -72.78
N VAL B 519 45.78 -41.83 -74.02
CA VAL B 519 45.45 -40.50 -74.53
C VAL B 519 44.20 -40.66 -75.39
N LYS B 520 43.03 -40.41 -74.80
CA LYS B 520 41.79 -40.54 -75.53
C LYS B 520 41.43 -39.24 -76.25
N THR B 521 40.53 -39.35 -77.22
CA THR B 521 39.86 -38.22 -77.81
C THR B 521 38.55 -38.00 -77.09
N ASN B 522 37.88 -36.89 -77.42
CA ASN B 522 36.74 -36.40 -76.65
C ASN B 522 35.67 -35.83 -77.57
N GLY B 523 35.33 -36.58 -78.62
CA GLY B 523 34.34 -36.12 -79.57
C GLY B 523 34.94 -35.25 -80.63
N VAL B 524 34.29 -34.13 -80.95
CA VAL B 524 34.80 -33.19 -81.92
C VAL B 524 35.13 -31.83 -81.31
N SER B 525 34.71 -31.56 -80.08
CA SER B 525 34.96 -30.28 -79.45
C SER B 525 36.41 -30.16 -79.02
N VAL B 526 36.89 -28.93 -78.98
CA VAL B 526 38.24 -28.62 -78.53
C VAL B 526 38.15 -27.84 -77.23
N GLY B 527 39.32 -27.52 -76.67
CA GLY B 527 39.38 -26.98 -75.33
C GLY B 527 39.24 -28.03 -74.26
N GLU B 528 39.25 -29.31 -74.64
CA GLU B 528 39.08 -30.42 -73.73
C GLU B 528 40.28 -31.35 -73.92
N TYR B 529 41.08 -31.51 -72.88
CA TYR B 529 42.39 -32.13 -73.04
C TYR B 529 42.94 -32.53 -71.68
N THR B 530 43.89 -33.45 -71.71
CA THR B 530 44.70 -33.73 -70.53
C THR B 530 45.62 -32.56 -70.27
N HIS B 531 45.59 -32.04 -69.06
CA HIS B 531 46.28 -30.80 -68.70
C HIS B 531 47.04 -31.03 -67.41
N PHE B 532 48.32 -31.36 -67.51
CA PHE B 532 49.14 -31.42 -66.32
C PHE B 532 49.44 -29.99 -65.87
N SER B 533 48.54 -29.43 -65.08
CA SER B 533 48.50 -28.00 -64.84
C SER B 533 49.41 -27.54 -63.71
N GLU B 534 50.43 -28.32 -63.36
CA GLU B 534 51.48 -27.85 -62.46
C GLU B 534 52.78 -28.54 -62.84
N ASP B 535 53.83 -28.25 -62.07
CA ASP B 535 55.17 -28.67 -62.42
C ASP B 535 55.34 -30.18 -62.24
N ILE B 536 56.08 -30.80 -63.16
CA ILE B 536 56.24 -32.24 -63.18
C ILE B 536 57.54 -32.66 -62.50
N GLY B 537 58.43 -31.72 -62.25
CA GLY B 537 59.56 -32.01 -61.40
C GLY B 537 60.68 -32.72 -62.13
N SER B 538 61.38 -33.56 -61.38
CA SER B 538 62.62 -34.17 -61.82
C SER B 538 62.59 -35.69 -61.84
N GLN B 539 61.93 -36.32 -60.90
CA GLN B 539 61.94 -37.78 -60.83
C GLN B 539 60.74 -38.42 -61.50
N SER B 540 60.05 -37.67 -62.35
CA SER B 540 58.85 -38.17 -63.01
C SER B 540 59.18 -39.26 -64.02
N ARG B 541 58.16 -40.00 -64.41
CA ARG B 541 58.32 -41.21 -65.21
C ARG B 541 56.95 -41.65 -65.70
N ILE B 542 56.90 -42.22 -66.90
CA ILE B 542 55.76 -42.97 -67.42
C ILE B 542 56.34 -44.16 -68.14
N ASN B 543 55.87 -45.37 -67.85
CA ASN B 543 56.48 -46.50 -68.52
C ASN B 543 55.75 -46.94 -69.79
N THR B 544 54.57 -46.40 -70.08
CA THR B 544 53.90 -46.65 -71.36
C THR B 544 52.94 -45.52 -71.64
N VAL B 545 53.12 -44.85 -72.78
CA VAL B 545 52.14 -43.92 -73.31
C VAL B 545 51.50 -44.59 -74.52
N ARG B 546 50.18 -44.53 -74.59
CA ARG B 546 49.45 -45.15 -75.70
C ARG B 546 48.36 -44.20 -76.17
N LEU B 547 48.67 -43.42 -77.19
CA LEU B 547 47.67 -42.61 -77.85
C LEU B 547 46.71 -43.50 -78.64
N GLU B 548 45.43 -43.12 -78.64
CA GLU B 548 44.44 -43.79 -79.46
C GLU B 548 43.93 -42.81 -80.50
N THR B 549 43.29 -43.35 -81.54
CA THR B 549 42.97 -42.59 -82.73
C THR B 549 41.85 -41.59 -82.47
N GLY B 550 42.08 -40.34 -82.85
CA GLY B 550 41.08 -39.31 -82.66
C GLY B 550 39.98 -39.33 -83.70
N THR B 551 39.53 -38.16 -84.13
CA THR B 551 38.53 -38.04 -85.18
C THR B 551 39.09 -37.21 -86.32
N ARG B 552 38.51 -37.38 -87.50
CA ARG B 552 39.04 -36.81 -88.73
C ARG B 552 38.92 -35.29 -88.71
N SER B 553 39.94 -34.61 -89.26
CA SER B 553 40.01 -33.19 -89.60
C SER B 553 40.08 -32.25 -88.40
N ILE B 554 40.24 -32.76 -87.17
CA ILE B 554 40.36 -31.89 -86.00
C ILE B 554 41.11 -32.63 -84.90
N PHE B 555 42.02 -31.90 -84.23
CA PHE B 555 42.70 -32.41 -83.03
C PHE B 555 41.80 -32.14 -81.83
N SER B 556 40.91 -33.10 -81.57
CA SER B 556 39.93 -32.90 -80.51
C SER B 556 40.56 -33.09 -79.13
N GLY B 557 41.05 -34.29 -78.85
CA GLY B 557 41.70 -34.58 -77.60
C GLY B 557 43.20 -34.47 -77.69
N GLY B 558 43.84 -34.47 -76.53
CA GLY B 558 45.29 -34.40 -76.51
C GLY B 558 45.80 -34.18 -75.10
N VAL B 559 47.12 -34.12 -75.02
CA VAL B 559 47.85 -34.00 -73.76
C VAL B 559 48.76 -32.78 -73.85
N LYS B 560 48.59 -31.85 -72.92
CA LYS B 560 49.52 -30.73 -72.83
C LYS B 560 50.01 -30.59 -71.40
N PHE B 561 51.17 -29.97 -71.27
CA PHE B 561 51.84 -29.80 -70.00
C PHE B 561 51.90 -28.31 -69.68
N LYS B 562 52.54 -27.96 -68.58
CA LYS B 562 52.89 -26.56 -68.34
C LYS B 562 54.33 -26.38 -67.93
N SER B 563 54.90 -27.35 -67.22
CA SER B 563 56.24 -27.19 -66.66
C SER B 563 56.84 -28.56 -66.42
N GLY B 564 58.01 -28.57 -65.80
CA GLY B 564 58.80 -29.78 -65.61
C GLY B 564 60.08 -29.73 -66.44
N GLU B 565 60.94 -30.70 -66.16
CA GLU B 565 62.21 -30.79 -66.88
C GLU B 565 62.49 -32.14 -67.52
N LYS B 566 61.89 -33.24 -67.04
CA LYS B 566 62.08 -34.53 -67.67
C LYS B 566 60.93 -35.46 -67.33
N LEU B 567 60.70 -36.44 -68.19
CA LEU B 567 59.81 -37.56 -67.92
C LEU B 567 60.27 -38.76 -68.74
N VAL B 568 60.91 -39.72 -68.08
CA VAL B 568 61.49 -40.87 -68.74
C VAL B 568 60.38 -41.79 -69.24
N ILE B 569 60.08 -41.70 -70.52
CA ILE B 569 59.08 -42.56 -71.15
C ILE B 569 59.80 -43.76 -71.75
N ASP B 570 59.25 -44.96 -71.57
CA ASP B 570 59.77 -46.12 -72.27
C ASP B 570 59.16 -46.31 -73.65
N GLU B 571 57.84 -46.46 -73.74
CA GLU B 571 57.22 -46.82 -75.01
C GLU B 571 56.15 -45.79 -75.30
N PHE B 572 55.93 -45.54 -76.58
CA PHE B 572 55.05 -44.48 -77.04
C PHE B 572 54.28 -44.96 -78.26
N TYR B 573 53.12 -44.35 -78.51
CA TYR B 573 52.40 -44.62 -79.74
C TYR B 573 51.93 -43.32 -80.36
N TYR B 574 52.03 -43.24 -81.69
CA TYR B 574 51.36 -42.19 -82.44
C TYR B 574 49.86 -42.49 -82.51
N SER B 575 49.13 -41.52 -83.04
CA SER B 575 47.73 -41.71 -83.37
C SER B 575 47.32 -40.62 -84.35
N PRO B 576 46.41 -40.90 -85.27
CA PRO B 576 45.79 -39.82 -86.03
C PRO B 576 44.93 -38.94 -85.14
N TRP B 577 45.27 -37.64 -85.13
CA TRP B 577 44.45 -36.55 -84.59
C TRP B 577 44.32 -36.61 -83.07
N ASN B 578 45.42 -36.89 -82.38
CA ASN B 578 45.54 -36.60 -80.96
C ASN B 578 46.94 -36.07 -80.71
N TYR B 579 47.04 -34.88 -80.15
CA TYR B 579 48.30 -34.16 -80.07
C TYR B 579 49.00 -34.45 -78.75
N PHE B 580 50.28 -34.79 -78.83
CA PHE B 580 51.10 -35.02 -77.65
C PHE B 580 51.94 -33.78 -77.43
N ASP B 581 51.31 -32.72 -76.92
CA ASP B 581 52.02 -31.49 -76.63
C ASP B 581 52.91 -31.70 -75.41
N ALA B 582 54.18 -31.36 -75.54
CA ALA B 582 55.19 -31.61 -74.52
C ALA B 582 55.89 -30.31 -74.16
N ARG B 583 55.08 -29.30 -73.82
CA ARG B 583 55.58 -27.96 -73.51
C ARG B 583 56.54 -27.96 -72.33
N ASN B 584 57.61 -27.19 -72.49
CA ASN B 584 58.47 -26.64 -71.44
C ASN B 584 59.38 -27.69 -70.78
N ILE B 585 59.22 -28.94 -71.12
CA ILE B 585 60.00 -30.00 -70.51
C ILE B 585 61.18 -30.34 -71.39
N LYS B 586 62.37 -30.29 -70.81
CA LYS B 586 63.62 -30.21 -71.56
C LYS B 586 64.37 -31.52 -71.67
N ASN B 587 63.91 -32.62 -71.09
CA ASN B 587 64.62 -33.88 -71.20
C ASN B 587 63.66 -35.05 -71.41
N VAL B 588 62.76 -34.90 -72.38
CA VAL B 588 61.76 -35.94 -72.66
C VAL B 588 62.49 -37.15 -73.24
N GLU B 589 62.70 -38.16 -72.42
CA GLU B 589 63.57 -39.27 -72.77
C GLU B 589 62.75 -40.48 -73.21
N ILE B 590 63.20 -41.12 -74.29
CA ILE B 590 62.62 -42.38 -74.76
C ILE B 590 63.69 -43.45 -74.60
N THR B 591 63.28 -44.65 -74.20
CA THR B 591 64.22 -45.72 -73.88
C THR B 591 63.97 -47.00 -74.67
N ARG B 592 62.73 -47.24 -75.10
CA ARG B 592 62.46 -48.37 -75.98
C ARG B 592 61.49 -47.90 -77.06
N LYS B 593 60.85 -48.86 -77.74
CA LYS B 593 60.15 -48.71 -79.02
C LYS B 593 59.23 -47.50 -79.10
N PHE B 594 59.31 -46.79 -80.23
CA PHE B 594 58.62 -45.53 -80.46
C PHE B 594 57.81 -45.73 -81.74
N ALA B 595 56.60 -46.26 -81.61
CA ALA B 595 55.82 -46.68 -82.77
C ALA B 595 54.53 -45.90 -82.90
N SER B 596 53.63 -46.37 -83.75
CA SER B 596 52.29 -45.82 -83.90
C SER B 596 51.26 -46.83 -83.41
N SER B 597 50.10 -46.31 -82.99
CA SER B 597 49.02 -47.20 -82.56
C SER B 597 48.39 -47.95 -83.73
N THR B 598 48.59 -47.46 -84.96
CA THR B 598 48.33 -48.21 -86.17
C THR B 598 49.68 -48.61 -86.74
N PRO B 599 50.30 -49.70 -86.26
CA PRO B 599 51.74 -49.90 -86.47
C PRO B 599 52.11 -50.33 -87.89
N GLU B 600 51.22 -50.96 -88.63
CA GLU B 600 51.57 -51.41 -89.97
C GLU B 600 50.88 -50.60 -91.05
N ASN B 601 49.88 -49.80 -90.68
CA ASN B 601 49.18 -48.93 -91.62
C ASN B 601 48.97 -47.54 -91.04
N PRO B 602 50.02 -46.71 -90.98
CA PRO B 602 49.86 -45.36 -90.46
C PRO B 602 49.13 -44.47 -91.46
N TRP B 603 48.50 -43.44 -90.92
CA TRP B 603 47.85 -42.38 -91.71
C TRP B 603 47.56 -41.21 -90.76
N GLY B 604 47.11 -40.11 -91.34
CA GLY B 604 46.75 -38.96 -90.54
C GLY B 604 47.98 -38.16 -90.09
N THR B 605 47.77 -37.41 -89.01
CA THR B 605 48.78 -36.55 -88.42
C THR B 605 48.81 -36.74 -86.90
N SER B 606 49.94 -36.40 -86.30
CA SER B 606 50.13 -36.52 -84.85
C SER B 606 51.02 -35.37 -84.39
N LYS B 607 50.44 -34.34 -83.78
CA LYS B 607 51.24 -33.21 -83.35
C LYS B 607 52.08 -33.57 -82.13
N LEU B 608 53.33 -33.92 -82.35
CA LEU B 608 54.29 -34.17 -81.26
C LEU B 608 55.03 -32.86 -80.96
N MET B 609 54.25 -31.88 -80.50
CA MET B 609 54.70 -30.49 -80.34
C MET B 609 55.64 -30.41 -79.13
N PHE B 610 56.91 -30.67 -79.38
CA PHE B 610 57.88 -30.81 -78.31
C PHE B 610 58.53 -29.47 -77.98
N ASN B 611 59.51 -29.52 -77.07
CA ASN B 611 60.50 -28.47 -76.92
C ASN B 611 61.92 -29.01 -76.75
N ASN B 612 62.08 -30.32 -76.56
CA ASN B 612 63.35 -31.04 -76.47
C ASN B 612 63.02 -32.53 -76.41
N LEU B 613 63.99 -33.37 -76.75
CA LEU B 613 63.96 -34.76 -76.35
C LEU B 613 65.40 -35.26 -76.30
N THR B 614 65.57 -36.46 -75.75
CA THR B 614 66.86 -37.14 -75.77
C THR B 614 66.62 -38.64 -75.74
N LEU B 615 66.90 -39.31 -76.84
CA LEU B 615 66.59 -40.73 -76.99
C LEU B 615 67.83 -41.54 -76.63
N GLY B 616 67.63 -42.61 -75.86
CA GLY B 616 68.73 -43.41 -75.37
C GLY B 616 68.95 -44.68 -76.18
N GLN B 617 69.27 -45.75 -75.46
CA GLN B 617 69.70 -46.99 -76.09
C GLN B 617 68.54 -47.75 -76.70
N ASN B 618 68.77 -48.27 -77.91
CA ASN B 618 67.96 -49.33 -78.54
C ASN B 618 66.53 -48.92 -78.85
N ALA B 619 66.21 -47.63 -78.77
CA ALA B 619 64.81 -47.20 -78.91
C ALA B 619 64.55 -46.92 -80.38
N VAL B 620 63.84 -47.84 -81.02
CA VAL B 620 63.57 -47.75 -82.45
C VAL B 620 62.48 -46.71 -82.68
N MET B 621 62.67 -45.87 -83.69
CA MET B 621 61.64 -44.91 -84.08
C MET B 621 61.11 -45.25 -85.46
N ASP B 622 59.88 -44.80 -85.72
CA ASP B 622 59.17 -45.05 -86.98
C ASP B 622 58.65 -43.70 -87.48
N TYR B 623 59.47 -42.99 -88.22
CA TYR B 623 59.11 -41.66 -88.69
C TYR B 623 58.74 -41.66 -90.17
N SER B 624 57.52 -41.25 -90.47
CA SER B 624 57.03 -41.15 -91.84
C SER B 624 56.38 -39.79 -92.04
N GLN B 625 55.74 -39.62 -93.21
CA GLN B 625 54.92 -38.45 -93.49
C GLN B 625 53.59 -38.49 -92.76
N PHE B 626 53.23 -39.64 -92.21
CA PHE B 626 51.95 -39.88 -91.56
C PHE B 626 51.99 -39.51 -90.08
N SER B 627 53.08 -38.89 -89.63
CA SER B 627 53.21 -38.43 -88.25
C SER B 627 54.12 -37.21 -88.30
N ASN B 628 53.52 -36.02 -88.30
CA ASN B 628 54.29 -34.79 -88.39
C ASN B 628 55.00 -34.49 -87.06
N LEU B 629 56.12 -35.17 -86.85
CA LEU B 629 56.90 -35.09 -85.63
C LEU B 629 57.63 -33.76 -85.61
N THR B 630 57.10 -32.81 -84.83
CA THR B 630 57.53 -31.42 -84.91
C THR B 630 58.35 -31.04 -83.68
N ILE B 631 59.66 -30.94 -83.85
CA ILE B 631 60.60 -30.68 -82.76
C ILE B 631 60.96 -29.19 -82.78
N GLN B 632 60.73 -28.51 -81.66
CA GLN B 632 61.21 -27.15 -81.44
C GLN B 632 62.45 -27.10 -80.56
N GLY B 633 63.23 -28.16 -80.51
CA GLY B 633 64.37 -28.23 -79.64
C GLY B 633 65.45 -29.17 -80.09
N ASP B 634 66.14 -29.78 -79.13
CA ASP B 634 67.43 -30.40 -79.38
C ASP B 634 67.31 -31.91 -79.48
N PHE B 635 67.02 -32.44 -80.66
CA PHE B 635 66.89 -33.89 -80.83
C PHE B 635 68.25 -34.55 -80.66
N ILE B 636 68.47 -35.14 -79.50
CA ILE B 636 69.74 -35.78 -79.18
C ILE B 636 69.51 -37.28 -79.20
N ASN B 637 70.40 -38.01 -79.85
CA ASN B 637 70.30 -39.47 -79.92
C ASN B 637 71.53 -40.06 -79.23
N ASN B 638 71.29 -41.03 -78.36
CA ASN B 638 72.33 -41.90 -77.84
C ASN B 638 72.38 -43.14 -78.73
N GLN B 639 72.92 -44.26 -78.25
CA GLN B 639 73.12 -45.48 -79.05
C GLN B 639 71.77 -46.12 -79.38
N GLY B 640 71.02 -45.47 -80.27
CA GLY B 640 69.67 -45.91 -80.59
C GLY B 640 69.42 -46.02 -82.09
N THR B 641 68.79 -47.11 -82.51
CA THR B 641 68.66 -47.44 -83.92
C THR B 641 67.34 -46.91 -84.46
N ILE B 642 67.39 -45.75 -85.11
CA ILE B 642 66.20 -45.14 -85.68
C ILE B 642 65.93 -45.74 -87.05
N ASN B 643 64.69 -46.14 -87.29
CA ASN B 643 64.29 -46.69 -88.58
C ASN B 643 63.48 -45.67 -89.36
N TYR B 644 63.53 -45.78 -90.68
CA TYR B 644 62.80 -44.90 -91.59
C TYR B 644 61.93 -45.73 -92.52
N LEU B 645 61.13 -45.02 -93.33
CA LEU B 645 60.18 -45.61 -94.27
C LEU B 645 59.75 -44.52 -95.24
N VAL B 646 59.41 -44.93 -96.46
CA VAL B 646 59.17 -43.94 -97.52
C VAL B 646 57.68 -43.66 -97.71
N ARG B 647 56.86 -44.71 -97.83
CA ARG B 647 55.43 -44.64 -98.17
C ARG B 647 55.17 -43.75 -99.39
N GLY B 648 55.74 -44.18 -100.51
CA GLY B 648 55.69 -43.43 -101.74
C GLY B 648 57.02 -43.06 -102.34
N GLY B 649 58.10 -43.73 -101.95
CA GLY B 649 59.40 -43.52 -102.54
C GLY B 649 60.20 -42.35 -102.00
N LYS B 650 59.58 -41.45 -101.24
CA LYS B 650 60.28 -40.27 -100.76
C LYS B 650 60.31 -40.28 -99.23
N VAL B 651 61.41 -39.76 -98.67
CA VAL B 651 61.65 -39.79 -97.23
C VAL B 651 61.30 -38.43 -96.65
N ALA B 652 60.47 -38.43 -95.60
CA ALA B 652 60.13 -37.20 -94.89
C ALA B 652 61.34 -36.73 -94.09
N THR B 653 61.63 -35.44 -94.15
CA THR B 653 62.76 -34.89 -93.41
C THR B 653 62.40 -34.73 -91.94
N LEU B 654 63.41 -34.70 -91.09
CA LEU B 654 63.24 -34.62 -89.65
C LEU B 654 63.99 -33.38 -89.15
N ASN B 655 63.24 -32.43 -88.58
CA ASN B 655 63.76 -31.10 -88.30
C ASN B 655 64.32 -31.06 -86.87
N VAL B 656 65.64 -30.99 -86.77
CA VAL B 656 66.32 -30.74 -85.50
C VAL B 656 66.41 -29.24 -85.29
N GLY B 657 66.01 -28.78 -84.11
CA GLY B 657 65.87 -27.35 -83.90
C GLY B 657 67.20 -26.62 -83.78
N ASN B 658 68.06 -27.07 -82.87
CA ASN B 658 69.35 -26.42 -82.65
C ASN B 658 70.52 -27.35 -82.95
N ALA B 659 70.57 -28.52 -82.34
CA ALA B 659 71.74 -29.38 -82.50
C ALA B 659 71.36 -30.82 -82.24
N ALA B 660 71.89 -31.73 -83.05
CA ALA B 660 71.75 -33.16 -82.86
C ALA B 660 73.14 -33.73 -82.57
N ALA B 661 73.57 -33.60 -81.32
CA ALA B 661 74.90 -34.07 -80.94
C ALA B 661 74.81 -35.51 -80.42
N MET B 662 75.68 -36.36 -80.94
CA MET B 662 75.57 -37.78 -80.68
C MET B 662 76.91 -38.34 -80.22
N MET B 663 76.85 -39.51 -79.57
CA MET B 663 78.03 -40.17 -79.02
C MET B 663 77.71 -41.65 -78.93
N PHE B 664 78.64 -42.50 -79.34
CA PHE B 664 78.37 -43.93 -79.46
C PHE B 664 79.56 -44.71 -78.92
N ASN B 665 79.61 -45.99 -79.28
CA ASN B 665 80.73 -46.85 -78.91
C ASN B 665 80.85 -47.91 -80.00
N ASN B 666 81.67 -48.93 -79.73
CA ASN B 666 81.79 -50.09 -80.61
C ASN B 666 80.57 -50.99 -80.41
N ASP B 667 79.45 -50.57 -81.00
CA ASP B 667 78.17 -51.24 -80.83
C ASP B 667 78.05 -52.39 -81.84
N ILE B 668 78.97 -53.33 -81.72
CA ILE B 668 79.11 -54.46 -82.63
C ILE B 668 78.26 -55.64 -82.14
N ASP B 669 77.64 -56.34 -83.08
CA ASP B 669 76.89 -57.55 -82.76
C ASP B 669 77.48 -58.72 -83.55
N SER B 670 77.16 -59.92 -83.10
CA SER B 670 77.55 -61.13 -83.81
C SER B 670 76.47 -61.64 -84.75
N ALA B 671 75.31 -60.97 -84.79
CA ALA B 671 74.28 -61.34 -85.75
C ALA B 671 74.63 -60.86 -87.15
N THR B 672 75.27 -59.69 -87.24
CA THR B 672 75.71 -59.14 -88.51
C THR B 672 77.22 -59.15 -88.70
N GLY B 673 77.99 -58.99 -87.63
CA GLY B 673 79.45 -58.88 -87.71
C GLY B 673 79.92 -57.45 -87.75
N PHE B 674 79.09 -56.56 -88.29
CA PHE B 674 79.34 -55.13 -88.28
C PHE B 674 78.89 -54.57 -86.93
N TYR B 675 78.96 -53.25 -86.77
CA TYR B 675 78.23 -52.55 -85.74
C TYR B 675 76.72 -52.74 -85.92
N LYS B 676 75.98 -52.40 -84.88
CA LYS B 676 74.52 -52.35 -85.01
C LYS B 676 74.13 -51.26 -86.01
N PRO B 677 73.17 -51.52 -86.89
CA PRO B 677 72.81 -50.53 -87.92
C PRO B 677 72.11 -49.32 -87.32
N LEU B 678 72.86 -48.22 -87.26
CA LEU B 678 72.55 -47.14 -86.33
C LEU B 678 71.40 -46.27 -86.80
N ILE B 679 71.30 -46.03 -88.10
CA ILE B 679 70.14 -45.35 -88.69
C ILE B 679 69.77 -46.15 -89.93
N LYS B 680 68.56 -46.69 -89.96
CA LYS B 680 68.12 -47.56 -91.03
C LYS B 680 67.02 -46.90 -91.84
N ILE B 681 67.01 -47.16 -93.15
CA ILE B 681 65.92 -46.80 -94.02
C ILE B 681 65.37 -48.11 -94.56
N ASN B 682 64.35 -48.64 -93.90
CA ASN B 682 63.74 -49.89 -94.31
C ASN B 682 62.42 -49.60 -95.03
N SER B 683 61.94 -50.60 -95.77
CA SER B 683 60.71 -50.54 -96.60
C SER B 683 60.79 -49.44 -97.65
N ALA B 684 62.01 -49.09 -98.03
CA ALA B 684 62.31 -48.24 -99.19
C ALA B 684 62.59 -49.08 -100.42
N GLN B 685 61.66 -49.99 -100.73
CA GLN B 685 61.82 -50.84 -101.90
C GLN B 685 61.62 -50.04 -103.17
N ASP B 686 60.66 -49.11 -103.17
CA ASP B 686 60.43 -48.20 -104.28
C ASP B 686 61.16 -46.87 -104.10
N LEU B 687 62.31 -46.88 -103.43
CA LEU B 687 63.10 -45.67 -103.27
C LEU B 687 63.62 -45.20 -104.63
N ILE B 688 63.35 -43.94 -104.94
CA ILE B 688 63.53 -43.42 -106.29
C ILE B 688 65.02 -43.27 -106.57
N LYS B 689 65.49 -43.97 -107.59
CA LYS B 689 66.89 -43.92 -107.99
C LYS B 689 67.18 -42.56 -108.63
N ASN B 690 68.45 -42.14 -108.51
CA ASN B 690 68.99 -40.91 -109.12
C ASN B 690 68.29 -39.66 -108.60
N THR B 691 67.96 -39.66 -107.30
CA THR B 691 67.17 -38.59 -106.73
C THR B 691 67.63 -38.33 -105.30
N GLU B 692 67.88 -37.06 -104.98
CA GLU B 692 68.16 -36.68 -103.60
C GLU B 692 66.91 -36.84 -102.74
N HIS B 693 67.02 -37.66 -101.72
CA HIS B 693 65.98 -37.83 -100.71
C HIS B 693 66.53 -37.30 -99.40
N VAL B 694 66.02 -36.16 -98.96
CA VAL B 694 66.50 -35.54 -97.72
C VAL B 694 66.02 -36.34 -96.52
N LEU B 695 66.97 -36.93 -95.78
CA LEU B 695 66.63 -37.76 -94.64
C LEU B 695 66.21 -36.89 -93.46
N LEU B 696 66.98 -35.84 -93.17
CA LEU B 696 66.70 -34.97 -92.04
C LEU B 696 67.36 -33.62 -92.28
N LYS B 697 66.61 -32.55 -92.03
CA LYS B 697 67.19 -31.21 -91.99
C LYS B 697 67.64 -30.88 -90.58
N ALA B 698 68.92 -30.61 -90.43
CA ALA B 698 69.50 -30.39 -89.12
C ALA B 698 70.52 -29.27 -89.21
N LYS B 699 71.05 -28.87 -88.07
CA LYS B 699 72.02 -27.79 -88.02
C LYS B 699 73.41 -28.28 -87.64
N ILE B 700 73.53 -29.20 -86.68
CA ILE B 700 74.80 -29.79 -86.29
C ILE B 700 74.56 -31.29 -86.14
N ILE B 701 75.26 -32.09 -86.97
CA ILE B 701 75.35 -33.52 -86.72
C ILE B 701 76.68 -33.75 -86.01
N GLY B 702 76.66 -33.67 -84.68
CA GLY B 702 77.88 -33.85 -83.94
C GLY B 702 78.09 -35.29 -83.55
N TYR B 703 78.88 -36.02 -84.34
CA TYR B 703 79.18 -37.40 -84.03
C TYR B 703 80.16 -37.47 -82.87
N GLY B 704 80.05 -38.55 -82.08
CA GLY B 704 81.07 -38.84 -81.11
C GLY B 704 81.17 -40.32 -80.85
N ASN B 705 82.23 -40.69 -80.14
CA ASN B 705 82.36 -42.00 -79.51
C ASN B 705 82.95 -41.77 -78.13
N VAL B 706 83.45 -42.85 -77.51
CA VAL B 706 84.08 -42.75 -76.19
C VAL B 706 85.37 -41.95 -76.21
N SER B 707 85.96 -41.73 -77.38
CA SER B 707 86.99 -40.72 -77.56
C SER B 707 86.56 -39.83 -78.72
N THR B 708 87.37 -38.81 -79.02
CA THR B 708 87.13 -37.99 -80.18
C THR B 708 87.38 -38.78 -81.46
N GLY B 709 88.46 -39.56 -81.47
CA GLY B 709 88.74 -40.47 -82.57
C GLY B 709 87.70 -41.57 -82.66
N THR B 710 87.22 -41.82 -83.88
CA THR B 710 86.02 -42.61 -84.06
C THR B 710 86.35 -44.06 -84.40
N ASN B 711 85.31 -44.79 -84.81
CA ASN B 711 85.31 -46.24 -85.04
C ASN B 711 85.73 -47.01 -83.78
N GLY B 712 84.90 -46.88 -82.75
CA GLY B 712 85.11 -47.57 -81.50
C GLY B 712 85.99 -46.78 -80.55
N ILE B 713 87.23 -47.24 -80.37
CA ILE B 713 88.23 -46.52 -79.60
C ILE B 713 89.53 -46.51 -80.40
N SER B 714 89.73 -45.42 -81.15
CA SER B 714 90.85 -45.26 -82.07
C SER B 714 91.03 -43.77 -82.31
N ASN B 715 91.74 -43.42 -83.38
CA ASN B 715 91.97 -42.03 -83.75
C ASN B 715 91.48 -41.72 -85.18
N VAL B 716 90.31 -42.22 -85.53
CA VAL B 716 89.76 -42.00 -86.87
C VAL B 716 88.91 -40.74 -86.85
N ASN B 717 88.85 -40.03 -87.98
CA ASN B 717 88.07 -38.79 -88.11
C ASN B 717 86.57 -39.02 -87.96
N LEU B 718 85.80 -37.93 -88.04
CA LEU B 718 84.48 -37.88 -87.42
C LEU B 718 83.34 -38.34 -88.31
N GLU B 719 83.36 -38.04 -89.60
CA GLU B 719 82.11 -38.14 -90.35
C GLU B 719 82.08 -39.24 -91.40
N GLU B 720 83.21 -39.68 -91.93
CA GLU B 720 83.21 -40.61 -93.07
C GLU B 720 82.78 -42.03 -92.68
N GLN B 721 83.08 -42.45 -91.45
CA GLN B 721 82.66 -43.74 -90.93
C GLN B 721 81.19 -43.77 -90.58
N PHE B 722 80.52 -42.62 -90.57
CA PHE B 722 79.11 -42.60 -90.23
C PHE B 722 78.27 -42.96 -91.44
N LYS B 723 78.87 -42.91 -92.64
CA LYS B 723 78.29 -43.57 -93.79
C LYS B 723 78.27 -45.08 -93.64
N GLU B 724 79.20 -45.64 -92.86
CA GLU B 724 79.25 -47.08 -92.68
C GLU B 724 78.15 -47.57 -91.74
N ARG B 725 77.92 -46.88 -90.63
CA ARG B 725 76.95 -47.32 -89.65
C ARG B 725 75.50 -47.10 -90.07
N LEU B 726 75.24 -46.20 -91.01
CA LEU B 726 73.93 -46.18 -91.65
C LEU B 726 73.77 -47.39 -92.56
N ALA B 727 72.53 -47.74 -92.83
CA ALA B 727 72.23 -48.91 -93.63
C ALA B 727 70.96 -48.67 -94.43
N LEU B 728 70.89 -49.31 -95.59
CA LEU B 728 69.74 -49.24 -96.47
C LEU B 728 69.26 -50.68 -96.65
N TYR B 729 68.28 -51.07 -95.85
CA TYR B 729 67.83 -52.45 -95.76
C TYR B 729 66.67 -52.64 -96.73
N ASN B 730 66.98 -53.08 -97.96
CA ASN B 730 65.92 -53.29 -98.93
C ASN B 730 66.17 -54.58 -99.70
N ASN B 731 65.08 -55.12 -100.25
CA ASN B 731 64.99 -56.51 -100.72
C ASN B 731 65.41 -57.48 -99.62
N ASN B 732 64.98 -57.17 -98.38
CA ASN B 732 65.16 -58.00 -97.18
C ASN B 732 66.62 -58.26 -96.84
N ASN B 733 67.52 -57.39 -97.26
CA ASN B 733 68.92 -57.45 -96.88
C ASN B 733 69.47 -56.03 -96.94
N ARG B 734 70.69 -55.84 -96.48
CA ARG B 734 71.31 -54.53 -96.48
C ARG B 734 71.91 -54.24 -97.85
N MET B 735 71.44 -53.17 -98.48
CA MET B 735 71.91 -52.81 -99.82
C MET B 735 72.91 -51.66 -99.81
N ASP B 736 72.99 -50.91 -98.71
CA ASP B 736 74.00 -49.85 -98.61
C ASP B 736 75.39 -50.46 -98.56
N THR B 737 75.67 -51.24 -97.52
CA THR B 737 76.80 -52.14 -97.50
C THR B 737 76.26 -53.56 -97.43
N CYS B 738 77.14 -54.52 -97.72
CA CYS B 738 76.75 -55.93 -97.59
C CYS B 738 77.81 -56.59 -96.70
N VAL B 739 77.49 -56.70 -95.42
CA VAL B 739 78.43 -57.18 -94.42
C VAL B 739 78.39 -58.70 -94.43
N VAL B 740 79.53 -59.31 -94.74
CA VAL B 740 79.60 -60.72 -95.11
C VAL B 740 80.61 -61.42 -94.21
N ARG B 741 80.19 -62.55 -93.62
CA ARG B 741 81.11 -63.41 -92.88
C ARG B 741 81.12 -64.85 -93.36
N ASN B 742 80.25 -65.25 -94.29
CA ASN B 742 80.23 -66.61 -94.79
C ASN B 742 79.73 -66.59 -96.24
N THR B 743 79.39 -67.76 -96.78
CA THR B 743 78.90 -67.87 -98.15
C THR B 743 77.38 -67.92 -98.23
N ASP B 744 76.70 -68.13 -97.10
CA ASP B 744 75.25 -68.24 -97.09
C ASP B 744 74.56 -66.91 -97.33
N ASP B 745 75.10 -65.81 -96.80
CA ASP B 745 74.46 -64.51 -96.96
C ASP B 745 74.73 -63.90 -98.33
N ILE B 746 75.62 -64.52 -99.12
CA ILE B 746 75.87 -64.08 -100.49
C ILE B 746 74.64 -64.29 -101.35
N LYS B 747 73.83 -65.30 -101.03
CA LYS B 747 72.58 -65.56 -101.75
C LYS B 747 71.60 -64.40 -101.59
N ALA B 748 71.30 -64.04 -100.34
CA ALA B 748 70.42 -62.90 -100.08
C ALA B 748 71.06 -61.57 -100.47
N CYS B 749 72.38 -61.49 -100.49
CA CYS B 749 73.03 -60.26 -100.95
C CYS B 749 72.86 -60.06 -102.45
N GLY B 750 73.01 -61.14 -103.23
CA GLY B 750 72.71 -61.07 -104.65
C GLY B 750 71.23 -60.89 -104.93
N MET B 751 70.37 -61.39 -104.04
CA MET B 751 68.96 -61.05 -104.12
C MET B 751 68.71 -59.58 -103.83
N ALA B 752 69.52 -58.99 -102.96
CA ALA B 752 69.36 -57.58 -102.61
C ALA B 752 69.81 -56.68 -103.74
N ILE B 753 70.94 -56.99 -104.37
CA ILE B 753 71.46 -56.15 -105.44
C ILE B 753 71.03 -56.62 -106.83
N GLY B 754 70.28 -57.71 -106.92
CA GLY B 754 69.72 -58.15 -108.19
C GLY B 754 70.74 -58.70 -109.18
N ASN B 755 71.65 -59.56 -108.71
CA ASN B 755 72.71 -60.10 -109.55
C ASN B 755 72.84 -61.59 -109.28
N GLN B 756 72.76 -62.41 -110.34
CA GLN B 756 72.94 -63.85 -110.23
C GLN B 756 74.39 -64.27 -110.08
N SER B 757 75.33 -63.32 -110.21
CA SER B 757 76.73 -63.61 -109.94
C SER B 757 77.01 -63.83 -108.46
N MET B 758 76.10 -63.44 -107.58
CA MET B 758 76.19 -63.76 -106.17
C MET B 758 75.11 -64.76 -105.74
N VAL B 759 74.20 -65.12 -106.64
CA VAL B 759 73.11 -66.03 -106.31
C VAL B 759 73.47 -67.45 -106.71
N ASN B 760 73.87 -67.63 -107.98
CA ASN B 760 74.16 -68.96 -108.47
C ASN B 760 75.47 -69.51 -107.94
N ASN B 761 76.45 -68.64 -107.66
CA ASN B 761 77.75 -69.05 -107.15
C ASN B 761 78.25 -68.13 -106.05
N PRO B 762 78.19 -68.55 -104.79
CA PRO B 762 78.70 -67.70 -103.70
C PRO B 762 80.22 -67.62 -103.65
N ASP B 763 80.92 -68.64 -104.13
CA ASP B 763 82.37 -68.65 -104.17
C ASP B 763 82.94 -67.90 -105.36
N ASN B 764 82.10 -67.27 -106.17
CA ASN B 764 82.57 -66.41 -107.24
C ASN B 764 83.28 -65.18 -106.70
N TYR B 765 82.80 -64.66 -105.56
CA TYR B 765 83.34 -63.45 -104.96
C TYR B 765 83.95 -63.82 -103.61
N LYS B 766 85.27 -63.70 -103.51
CA LYS B 766 86.00 -64.15 -102.33
C LYS B 766 86.72 -63.00 -101.64
N TYR B 767 86.24 -61.77 -101.85
CA TYR B 767 86.80 -60.58 -101.22
C TYR B 767 86.10 -60.24 -99.91
N LEU B 768 85.38 -61.20 -99.33
CA LEU B 768 84.36 -60.92 -98.32
C LEU B 768 84.43 -61.89 -97.15
N ILE B 769 85.56 -62.54 -96.97
CA ILE B 769 85.80 -63.40 -95.81
C ILE B 769 86.48 -62.50 -94.78
N GLY B 770 85.71 -62.07 -93.79
CA GLY B 770 86.20 -61.10 -92.85
C GLY B 770 86.16 -59.68 -93.37
N LYS B 771 85.47 -59.45 -94.48
CA LYS B 771 85.37 -58.13 -95.07
C LYS B 771 83.93 -57.79 -95.43
N ALA B 772 83.74 -56.68 -96.14
CA ALA B 772 82.45 -56.29 -96.67
C ALA B 772 82.68 -55.41 -97.89
N TRP B 773 81.62 -54.75 -98.35
CA TRP B 773 81.74 -53.84 -99.48
C TRP B 773 80.59 -52.84 -99.45
N LYS B 774 80.92 -51.56 -99.64
CA LYS B 774 79.91 -50.53 -99.79
C LYS B 774 79.46 -50.46 -101.25
N ASN B 775 78.16 -50.32 -101.46
CA ASN B 775 77.60 -50.33 -102.80
C ASN B 775 77.89 -49.00 -103.48
N ILE B 776 78.56 -49.07 -104.64
CA ILE B 776 78.72 -47.89 -105.47
C ILE B 776 77.40 -47.56 -106.13
N GLY B 777 77.12 -46.27 -106.28
CA GLY B 777 75.82 -45.81 -106.68
C GLY B 777 74.92 -45.42 -105.53
N ILE B 778 75.41 -45.53 -104.30
CA ILE B 778 74.68 -45.11 -103.10
C ILE B 778 75.59 -44.19 -102.31
N SER B 779 75.24 -42.91 -102.24
CA SER B 779 76.05 -41.92 -101.57
C SER B 779 75.26 -41.29 -100.43
N LYS B 780 75.95 -40.93 -99.35
CA LYS B 780 75.30 -40.29 -98.21
C LYS B 780 76.17 -39.17 -97.68
N THR B 781 75.55 -38.22 -97.00
CA THR B 781 76.26 -37.17 -96.28
C THR B 781 76.15 -37.42 -94.79
N ALA B 782 77.24 -37.18 -94.07
CA ALA B 782 77.26 -37.34 -92.62
C ALA B 782 78.06 -36.21 -91.99
N ASN B 783 78.18 -35.10 -92.71
CA ASN B 783 78.94 -33.96 -92.22
C ASN B 783 78.14 -33.18 -91.18
N GLY B 784 78.70 -32.06 -90.75
CA GLY B 784 78.14 -31.28 -89.66
C GLY B 784 76.91 -30.45 -90.01
N SER B 785 76.30 -30.62 -91.18
CA SER B 785 75.17 -29.78 -91.55
C SER B 785 74.00 -30.53 -92.15
N LYS B 786 74.20 -31.75 -92.66
CA LYS B 786 73.13 -32.43 -93.38
C LYS B 786 73.41 -33.92 -93.45
N ILE B 787 72.36 -34.72 -93.24
CA ILE B 787 72.39 -36.14 -93.58
C ILE B 787 71.35 -36.37 -94.67
N SER B 788 71.83 -36.61 -95.89
CA SER B 788 70.96 -36.92 -97.02
C SER B 788 71.52 -38.15 -97.73
N VAL B 789 70.61 -38.99 -98.22
CA VAL B 789 70.98 -40.25 -98.86
C VAL B 789 70.72 -40.10 -100.35
N TYR B 790 71.73 -40.41 -101.17
CA TYR B 790 71.69 -40.25 -102.62
C TYR B 790 71.69 -41.64 -103.24
N TYR B 791 70.52 -42.24 -103.34
CA TYR B 791 70.38 -43.55 -103.99
C TYR B 791 70.33 -43.30 -105.49
N LEU B 792 71.44 -43.59 -106.17
CA LEU B 792 71.53 -43.35 -107.60
C LEU B 792 72.02 -44.56 -108.40
N GLY B 793 72.34 -45.67 -107.73
CA GLY B 793 72.73 -46.85 -108.48
C GLY B 793 72.80 -48.14 -107.67
N ASN B 794 72.16 -49.18 -108.18
CA ASN B 794 72.33 -50.53 -107.67
C ASN B 794 73.31 -51.27 -108.57
N SER B 795 74.57 -50.85 -108.48
CA SER B 795 75.61 -51.33 -109.38
C SER B 795 76.19 -52.64 -108.86
N THR B 796 76.65 -53.46 -109.80
CA THR B 796 77.25 -54.74 -109.46
C THR B 796 78.69 -54.52 -108.99
N PRO B 797 79.05 -54.93 -107.78
CA PRO B 797 80.43 -54.78 -107.34
C PRO B 797 81.33 -55.82 -107.99
N THR B 798 82.50 -55.37 -108.43
CA THR B 798 83.52 -56.29 -108.89
C THR B 798 84.21 -56.93 -107.70
N GLU B 799 84.98 -57.99 -107.98
CA GLU B 799 85.55 -58.78 -106.89
C GLU B 799 86.74 -58.07 -106.25
N ASN B 800 87.79 -57.80 -107.04
CA ASN B 800 89.04 -57.25 -106.50
C ASN B 800 89.39 -55.95 -107.21
N GLY B 801 88.43 -55.04 -107.28
CA GLY B 801 88.67 -53.75 -107.91
C GLY B 801 88.54 -52.57 -106.96
N GLY B 802 87.71 -52.68 -105.94
CA GLY B 802 87.56 -51.63 -104.98
C GLY B 802 86.15 -51.63 -104.39
N ASN B 803 85.85 -50.52 -103.70
CA ASN B 803 84.59 -50.29 -102.98
C ASN B 803 84.34 -51.38 -101.94
N THR B 804 85.40 -51.79 -101.25
CA THR B 804 85.32 -52.86 -100.26
C THR B 804 85.66 -52.28 -98.89
N THR B 805 85.04 -52.85 -97.86
CA THR B 805 85.29 -52.45 -96.48
C THR B 805 85.63 -53.69 -95.67
N ASN B 806 86.08 -53.47 -94.43
CA ASN B 806 86.50 -54.55 -93.55
C ASN B 806 85.42 -54.76 -92.49
N LEU B 807 85.63 -55.73 -91.59
CA LEU B 807 84.78 -55.87 -90.42
C LEU B 807 85.35 -55.04 -89.27
N PRO B 808 84.50 -54.62 -88.33
CA PRO B 808 85.03 -53.99 -87.11
C PRO B 808 85.87 -54.93 -86.27
N THR B 809 85.31 -56.09 -85.89
CA THR B 809 85.97 -57.18 -85.17
C THR B 809 86.58 -56.69 -83.85
N ASN B 810 85.69 -56.32 -82.93
CA ASN B 810 86.12 -55.85 -81.62
C ASN B 810 85.57 -56.75 -80.53
N THR B 811 85.35 -58.02 -80.86
CA THR B 811 84.87 -59.00 -79.90
C THR B 811 85.89 -60.12 -79.73
N LEU C 27 44.43 17.80 -16.82
CA LEU C 27 44.35 18.55 -15.59
C LEU C 27 45.08 17.83 -14.45
N LEU C 28 45.08 16.49 -14.51
CA LEU C 28 45.84 15.72 -13.53
C LEU C 28 47.31 15.60 -13.90
N GLY C 29 47.60 15.29 -15.16
CA GLY C 29 48.95 14.99 -15.57
C GLY C 29 49.23 13.50 -15.58
N TRP C 30 50.10 13.10 -16.50
CA TRP C 30 50.40 11.68 -16.66
C TRP C 30 51.23 11.14 -15.51
N GLY C 31 52.03 12.01 -14.88
CA GLY C 31 52.92 11.56 -13.81
C GLY C 31 52.16 11.14 -12.56
N LEU C 32 50.94 11.65 -12.38
CA LEU C 32 50.07 11.13 -11.34
C LEU C 32 49.38 9.86 -11.79
N LYS C 33 48.94 9.83 -13.05
CA LYS C 33 48.08 8.76 -13.53
C LYS C 33 48.80 7.44 -13.60
N GLN C 34 49.99 7.41 -14.19
CA GLN C 34 50.74 6.16 -14.24
C GLN C 34 51.23 5.75 -12.87
N ALA C 35 51.61 6.71 -12.03
CA ALA C 35 52.10 6.36 -10.71
C ALA C 35 51.00 5.83 -9.79
N GLU C 36 49.74 6.17 -10.06
CA GLU C 36 48.67 5.57 -9.29
C GLU C 36 48.12 4.29 -9.92
N GLU C 37 48.27 4.10 -11.23
CA GLU C 37 47.82 2.85 -11.83
C GLU C 37 48.86 1.73 -11.76
N ALA C 38 50.12 2.06 -11.54
CA ALA C 38 51.14 1.01 -11.53
C ALA C 38 51.09 0.20 -10.24
N ASN C 39 50.62 0.80 -9.15
CA ASN C 39 50.52 0.11 -7.87
C ASN C 39 49.04 -0.12 -7.52
N LYS C 40 48.50 -1.22 -8.05
CA LYS C 40 47.12 -1.61 -7.76
C LYS C 40 47.04 -3.11 -7.58
N THR C 41 46.13 -3.53 -6.70
CA THR C 41 45.66 -4.90 -6.75
C THR C 41 44.87 -5.10 -8.03
N PRO C 42 44.92 -6.29 -8.66
CA PRO C 42 44.24 -6.49 -9.95
C PRO C 42 42.73 -6.29 -9.92
N ASP C 43 42.01 -7.10 -9.16
CA ASP C 43 40.57 -7.05 -8.98
C ASP C 43 40.21 -8.01 -7.86
N LYS C 44 38.91 -8.16 -7.62
CA LYS C 44 38.36 -9.23 -6.80
C LYS C 44 37.28 -9.95 -7.61
N PRO C 45 37.64 -10.90 -8.48
CA PRO C 45 36.62 -11.59 -9.25
C PRO C 45 36.17 -12.89 -8.60
N ASP C 46 34.89 -13.14 -8.70
CA ASP C 46 34.33 -14.45 -8.43
C ASP C 46 34.41 -15.29 -9.69
N LYS C 47 34.24 -16.61 -9.53
CA LYS C 47 34.28 -17.60 -10.60
C LYS C 47 35.61 -17.55 -11.36
N VAL C 48 36.66 -17.94 -10.65
CA VAL C 48 37.96 -18.08 -11.27
C VAL C 48 37.96 -19.36 -12.08
N TRP C 49 37.72 -19.25 -13.38
CA TRP C 49 37.75 -20.41 -14.25
C TRP C 49 39.19 -20.86 -14.45
N ARG C 50 39.40 -22.16 -14.60
CA ARG C 50 40.73 -22.68 -14.89
C ARG C 50 40.63 -23.71 -15.99
N ILE C 51 41.39 -23.48 -17.07
CA ILE C 51 41.43 -24.36 -18.22
C ILE C 51 42.87 -24.80 -18.41
N GLN C 52 43.09 -26.10 -18.49
CA GLN C 52 44.43 -26.63 -18.76
C GLN C 52 44.39 -27.34 -20.10
N ALA C 53 45.29 -26.98 -21.00
CA ALA C 53 45.41 -27.68 -22.26
C ALA C 53 46.14 -29.00 -22.01
N GLY C 54 45.39 -30.10 -22.07
CA GLY C 54 45.95 -31.40 -21.74
C GLY C 54 46.69 -32.02 -22.90
N LYS C 55 46.42 -33.29 -23.18
CA LYS C 55 47.12 -33.99 -24.23
C LYS C 55 46.47 -33.70 -25.58
N GLY C 56 47.28 -33.80 -26.62
CA GLY C 56 46.83 -33.46 -27.95
C GLY C 56 47.61 -32.30 -28.53
N PHE C 57 47.91 -31.30 -27.72
CA PHE C 57 48.59 -30.11 -28.22
C PHE C 57 50.10 -30.28 -28.23
N ASN C 58 50.67 -30.94 -27.22
CA ASN C 58 52.05 -30.74 -26.82
C ASN C 58 53.05 -31.58 -27.60
N GLU C 59 52.70 -32.06 -28.78
CA GLU C 59 53.70 -32.76 -29.58
C GLU C 59 53.62 -32.54 -31.09
N PHE C 60 52.82 -31.59 -31.57
CA PHE C 60 52.86 -31.19 -32.97
C PHE C 60 53.49 -29.80 -33.06
N PRO C 61 54.78 -29.71 -33.38
CA PRO C 61 55.47 -28.42 -33.30
C PRO C 61 55.13 -27.42 -34.38
N ASN C 62 54.37 -27.80 -35.41
CA ASN C 62 54.20 -26.89 -36.54
C ASN C 62 52.76 -26.87 -37.05
N LYS C 63 51.78 -27.05 -36.17
CA LYS C 63 50.45 -27.34 -36.67
C LYS C 63 49.68 -26.09 -37.11
N GLU C 64 50.03 -24.92 -36.57
CA GLU C 64 49.27 -23.68 -36.76
C GLU C 64 47.82 -23.84 -36.29
N TYR C 65 47.71 -23.99 -34.97
CA TYR C 65 46.44 -24.07 -34.28
C TYR C 65 45.67 -22.76 -34.41
N ASP C 66 44.40 -22.78 -34.05
CA ASP C 66 43.69 -21.60 -33.65
C ASP C 66 43.60 -21.63 -32.13
N LEU C 67 43.52 -20.47 -31.52
CA LEU C 67 43.47 -20.41 -30.06
C LEU C 67 42.11 -20.04 -29.54
N TYR C 68 41.39 -19.18 -30.26
CA TYR C 68 40.04 -18.83 -29.86
C TYR C 68 39.10 -20.02 -30.03
N LYS C 69 39.00 -20.52 -31.26
CA LYS C 69 37.99 -21.52 -31.58
C LYS C 69 38.34 -22.88 -30.99
N SER C 70 39.61 -23.27 -31.04
CA SER C 70 39.94 -24.61 -30.57
C SER C 70 40.05 -24.67 -29.06
N LEU C 71 40.40 -23.58 -28.39
CA LEU C 71 40.51 -23.61 -26.94
C LEU C 71 39.62 -22.60 -26.23
N LEU C 72 39.73 -21.32 -26.56
CA LEU C 72 39.19 -20.29 -25.69
C LEU C 72 37.69 -20.10 -25.83
N SER C 73 37.09 -20.55 -26.91
CA SER C 73 35.66 -20.31 -27.09
C SER C 73 34.79 -21.20 -26.21
N SER C 74 35.39 -22.11 -25.46
CA SER C 74 34.63 -22.88 -24.48
C SER C 74 34.18 -22.00 -23.32
N LYS C 75 35.02 -21.06 -22.89
CA LYS C 75 34.70 -20.21 -21.75
C LYS C 75 34.86 -18.74 -22.09
N ILE C 76 34.67 -18.37 -23.35
CA ILE C 76 34.52 -16.98 -23.77
C ILE C 76 33.33 -16.92 -24.70
N ASP C 77 32.28 -16.22 -24.28
CA ASP C 77 31.01 -16.21 -25.00
C ASP C 77 30.80 -14.87 -25.68
N GLY C 78 30.43 -14.93 -26.95
CA GLY C 78 30.10 -13.72 -27.67
C GLY C 78 28.74 -13.18 -27.29
N GLY C 79 28.36 -12.09 -27.93
CA GLY C 79 27.06 -11.52 -27.68
C GLY C 79 26.75 -10.25 -28.44
N TRP C 80 25.69 -9.57 -28.01
CA TRP C 80 25.23 -8.33 -28.64
C TRP C 80 24.81 -7.37 -27.56
N ASP C 81 25.33 -6.15 -27.60
CA ASP C 81 24.97 -5.12 -26.64
C ASP C 81 23.88 -4.26 -27.26
N TRP C 82 22.75 -4.14 -26.57
CA TRP C 82 21.68 -3.28 -27.06
C TRP C 82 22.11 -1.84 -26.90
N GLY C 83 22.55 -1.25 -28.01
CA GLY C 83 23.26 0.01 -27.99
C GLY C 83 24.67 -0.22 -28.52
N ASN C 84 24.96 0.37 -29.69
CA ASN C 84 26.20 0.40 -30.47
C ASN C 84 27.07 -0.85 -30.37
N ALA C 85 26.51 -2.00 -30.75
CA ALA C 85 27.31 -3.22 -30.80
C ALA C 85 27.74 -3.49 -32.24
N ALA C 86 28.95 -4.02 -32.35
CA ALA C 86 29.35 -4.79 -33.52
C ALA C 86 29.52 -6.25 -33.15
N THR C 87 30.39 -6.55 -32.20
CA THR C 87 30.36 -7.79 -31.44
C THR C 87 30.38 -7.42 -29.97
N HIS C 88 30.45 -8.42 -29.10
CA HIS C 88 30.47 -8.20 -27.67
C HIS C 88 31.00 -9.45 -27.01
N TYR C 89 32.15 -9.35 -26.36
CA TYR C 89 32.77 -10.51 -25.75
C TYR C 89 33.04 -10.24 -24.28
N TRP C 90 32.77 -11.26 -23.47
CA TRP C 90 33.12 -11.26 -22.06
C TRP C 90 33.57 -12.66 -21.71
N ILE C 91 33.65 -12.97 -20.42
CA ILE C 91 34.22 -14.26 -20.06
C ILE C 91 33.12 -15.30 -19.87
N LYS C 92 32.34 -15.15 -18.81
CA LYS C 92 31.23 -16.06 -18.53
C LYS C 92 30.28 -15.45 -17.52
N GLY C 93 29.08 -15.10 -17.94
CA GLY C 93 28.12 -14.50 -17.04
C GLY C 93 28.51 -13.14 -16.53
N GLY C 94 28.92 -12.24 -17.42
CA GLY C 94 29.30 -10.90 -17.05
C GLY C 94 30.78 -10.66 -17.26
N GLN C 95 31.17 -9.41 -17.03
CA GLN C 95 32.55 -8.96 -17.26
C GLN C 95 33.38 -8.98 -15.99
N TRP C 96 33.02 -9.77 -14.99
CA TRP C 96 33.74 -9.77 -13.73
C TRP C 96 34.22 -11.15 -13.34
N ASN C 97 34.65 -11.96 -14.30
CA ASN C 97 35.02 -13.34 -14.05
C ASN C 97 36.38 -13.63 -14.67
N LYS C 98 37.32 -14.05 -13.83
CA LYS C 98 38.65 -14.40 -14.29
C LYS C 98 38.67 -15.82 -14.84
N LEU C 99 39.39 -16.00 -15.95
CA LEU C 99 39.78 -17.34 -16.36
C LEU C 99 41.29 -17.39 -16.38
N GLU C 100 41.86 -18.57 -16.51
CA GLU C 100 43.28 -18.70 -16.80
C GLU C 100 43.52 -19.95 -17.65
N VAL C 101 44.57 -19.92 -18.44
CA VAL C 101 44.98 -21.04 -19.28
C VAL C 101 46.38 -21.42 -18.87
N ASP C 102 46.59 -22.68 -18.53
CA ASP C 102 47.87 -23.15 -18.01
C ASP C 102 48.40 -24.24 -18.92
N MET C 103 49.07 -23.86 -20.00
CA MET C 103 49.60 -24.87 -20.92
C MET C 103 50.96 -25.39 -20.45
N LYS C 104 51.96 -24.51 -20.48
CA LYS C 104 53.35 -24.71 -20.03
C LYS C 104 54.15 -25.74 -20.81
N ASP C 105 53.54 -26.47 -21.74
CA ASP C 105 54.30 -27.35 -22.62
C ASP C 105 53.72 -27.46 -24.01
N ALA C 106 52.65 -26.72 -24.33
CA ALA C 106 51.98 -26.89 -25.60
C ALA C 106 52.80 -26.24 -26.71
N VAL C 107 53.37 -27.08 -27.57
CA VAL C 107 54.31 -26.64 -28.59
C VAL C 107 53.54 -26.45 -29.89
N GLY C 108 53.79 -25.34 -30.56
CA GLY C 108 53.17 -25.09 -31.84
C GLY C 108 53.18 -23.61 -32.15
N THR C 109 52.10 -23.16 -32.76
CA THR C 109 51.92 -21.76 -33.11
C THR C 109 50.44 -21.42 -33.14
N TYR C 110 50.06 -20.42 -32.38
CA TYR C 110 48.68 -20.13 -32.06
C TYR C 110 48.31 -18.75 -32.58
N LYS C 111 47.01 -18.51 -32.73
CA LYS C 111 46.60 -17.20 -33.21
C LYS C 111 45.22 -16.86 -32.66
N LEU C 112 44.98 -15.55 -32.50
CA LEU C 112 43.69 -15.07 -32.03
C LEU C 112 42.74 -14.79 -33.18
N SER C 113 43.11 -13.86 -34.05
CA SER C 113 42.52 -13.64 -35.37
C SER C 113 41.03 -13.31 -35.29
N GLY C 114 40.71 -12.19 -34.65
CA GLY C 114 39.37 -11.68 -34.77
C GLY C 114 38.61 -11.44 -33.47
N LEU C 115 39.31 -11.41 -32.34
CA LEU C 115 38.65 -11.11 -31.07
C LEU C 115 38.49 -9.60 -30.96
N ARG C 116 37.30 -9.13 -31.33
CA ARG C 116 37.04 -7.70 -31.40
C ARG C 116 36.05 -7.27 -30.34
N ASN C 117 36.32 -6.10 -29.75
CA ASN C 117 35.54 -5.51 -28.65
C ASN C 117 35.42 -6.47 -27.48
N PHE C 118 36.55 -7.04 -27.08
CA PHE C 118 36.61 -7.92 -25.92
C PHE C 118 36.54 -7.09 -24.65
N THR C 119 35.42 -7.19 -23.93
CA THR C 119 35.35 -6.55 -22.61
C THR C 119 36.00 -7.42 -21.55
N GLY C 120 35.44 -8.59 -21.31
CA GLY C 120 36.08 -9.67 -20.56
C GLY C 120 36.56 -9.39 -19.16
N GLY C 121 37.87 -9.45 -18.97
CA GLY C 121 38.44 -9.28 -17.67
C GLY C 121 39.28 -10.46 -17.24
N ASP C 122 40.57 -10.20 -17.03
CA ASP C 122 41.52 -11.09 -16.37
C ASP C 122 41.73 -12.40 -17.12
N LEU C 123 42.23 -12.27 -18.35
CA LEU C 123 42.87 -13.39 -19.02
C LEU C 123 44.33 -13.48 -18.58
N ASP C 124 44.90 -14.66 -18.68
CA ASP C 124 46.36 -14.83 -18.68
C ASP C 124 46.67 -16.17 -19.35
N VAL C 125 47.07 -16.10 -20.60
CA VAL C 125 47.28 -17.29 -21.39
C VAL C 125 48.74 -17.70 -21.25
N ASN C 126 49.02 -18.53 -20.28
CA ASN C 126 50.38 -18.91 -19.93
C ASN C 126 50.82 -19.97 -20.93
N MET C 127 51.65 -19.57 -21.89
CA MET C 127 52.09 -20.44 -22.98
C MET C 127 53.62 -20.42 -23.07
N GLN C 128 54.28 -21.22 -22.26
CA GLN C 128 55.71 -21.39 -22.49
C GLN C 128 55.93 -22.23 -23.74
N LYS C 129 57.08 -21.99 -24.39
CA LYS C 129 57.53 -22.60 -25.67
C LYS C 129 56.42 -22.69 -26.71
N ALA C 130 55.64 -21.62 -26.85
CA ALA C 130 54.55 -21.56 -27.81
C ALA C 130 54.58 -20.22 -28.52
N THR C 131 54.86 -20.24 -29.81
CA THR C 131 54.82 -19.03 -30.62
C THR C 131 53.38 -18.54 -30.74
N LEU C 132 53.17 -17.27 -30.49
CA LEU C 132 51.86 -16.67 -30.66
C LEU C 132 51.80 -15.97 -32.02
N ARG C 133 50.61 -15.54 -32.41
CA ARG C 133 50.43 -14.63 -33.53
C ARG C 133 49.15 -13.87 -33.30
N LEU C 134 49.23 -12.64 -32.81
CA LEU C 134 48.05 -11.99 -32.28
C LEU C 134 47.27 -11.24 -33.36
N GLY C 135 47.35 -11.69 -34.60
CA GLY C 135 46.56 -11.09 -35.66
C GLY C 135 46.71 -11.83 -36.96
N GLN C 136 45.59 -12.17 -37.58
CA GLN C 136 45.60 -12.88 -38.86
C GLN C 136 44.24 -12.61 -39.49
N PHE C 137 44.23 -11.84 -40.59
CA PHE C 137 43.07 -11.55 -41.43
C PHE C 137 42.06 -10.61 -40.74
N ASN C 138 42.25 -10.33 -39.46
CA ASN C 138 41.32 -9.53 -38.67
C ASN C 138 42.06 -9.04 -37.44
N GLY C 139 41.68 -7.87 -36.95
CA GLY C 139 42.34 -7.26 -35.82
C GLY C 139 41.88 -7.82 -34.49
N ASN C 140 42.32 -7.14 -33.43
CA ASN C 140 41.98 -7.52 -32.06
C ASN C 140 41.71 -6.27 -31.25
N SER C 141 41.01 -6.44 -30.13
CA SER C 141 40.66 -5.32 -29.28
C SER C 141 40.50 -5.80 -27.85
N PHE C 142 40.84 -4.93 -26.91
CA PHE C 142 40.81 -5.27 -25.49
C PHE C 142 40.32 -4.04 -24.73
N THR C 143 39.08 -4.09 -24.26
CA THR C 143 38.40 -2.91 -23.74
C THR C 143 37.80 -3.29 -22.39
N SER C 144 37.38 -2.31 -21.60
CA SER C 144 36.55 -2.56 -20.43
C SER C 144 35.34 -1.65 -20.45
N TYR C 145 34.55 -1.73 -19.40
CA TYR C 145 33.39 -0.86 -19.22
C TYR C 145 33.50 -0.07 -17.93
N LYS C 146 33.02 1.17 -17.97
CA LYS C 146 32.96 2.01 -16.78
C LYS C 146 31.74 1.56 -16.00
N ASP C 147 31.96 0.63 -15.08
CA ASP C 147 30.92 0.14 -14.19
C ASP C 147 30.89 1.01 -12.93
N SER C 148 30.16 0.58 -11.92
CA SER C 148 30.23 1.21 -10.61
C SER C 148 31.41 0.71 -9.80
N ALA C 149 32.10 -0.33 -10.26
CA ALA C 149 33.27 -0.85 -9.58
C ALA C 149 34.57 -0.34 -10.18
N ASP C 150 34.54 0.19 -11.41
CA ASP C 150 35.66 0.82 -12.11
C ASP C 150 36.83 -0.15 -12.27
N ARG C 151 36.58 -1.19 -13.04
CA ARG C 151 37.50 -2.30 -13.15
C ARG C 151 38.45 -2.12 -14.33
N THR C 152 39.54 -2.87 -14.30
CA THR C 152 40.50 -2.98 -15.39
C THR C 152 40.24 -4.28 -16.15
N THR C 153 41.16 -4.63 -17.04
CA THR C 153 41.09 -5.91 -17.73
C THR C 153 42.22 -6.84 -17.35
N ARG C 154 43.46 -6.35 -17.30
CA ARG C 154 44.65 -7.10 -16.90
C ARG C 154 44.89 -8.32 -17.79
N VAL C 155 44.69 -8.14 -19.10
CA VAL C 155 44.89 -9.21 -20.07
C VAL C 155 46.39 -9.51 -20.17
N ASP C 156 46.76 -10.76 -19.96
CA ASP C 156 48.17 -11.15 -19.92
C ASP C 156 48.44 -12.22 -20.96
N PHE C 157 49.72 -12.37 -21.32
CA PHE C 157 50.19 -13.44 -22.19
C PHE C 157 51.59 -13.81 -21.77
N ASN C 158 52.01 -15.02 -22.08
CA ASN C 158 53.34 -15.44 -21.66
C ASN C 158 54.01 -16.31 -22.72
N ALA C 159 53.94 -15.88 -23.98
CA ALA C 159 54.35 -16.71 -25.10
C ALA C 159 55.88 -16.75 -25.24
N LYS C 160 56.37 -17.21 -26.38
CA LYS C 160 57.81 -17.28 -26.63
C LYS C 160 58.27 -16.27 -27.67
N ASN C 161 57.70 -16.28 -28.86
CA ASN C 161 57.62 -15.11 -29.70
C ASN C 161 56.19 -14.62 -29.63
N ILE C 162 55.88 -13.47 -30.21
CA ILE C 162 54.52 -12.96 -30.19
C ILE C 162 54.00 -12.63 -31.59
N LEU C 163 54.76 -11.85 -32.37
CA LEU C 163 54.53 -11.68 -33.82
C LEU C 163 53.13 -11.12 -34.11
N ILE C 164 52.96 -9.83 -33.76
CA ILE C 164 51.64 -9.18 -33.73
C ILE C 164 50.89 -9.30 -35.05
N ASP C 165 51.50 -8.79 -36.13
CA ASP C 165 51.17 -9.13 -37.52
C ASP C 165 49.81 -8.66 -38.03
N ASN C 166 48.97 -8.07 -37.18
CA ASN C 166 47.79 -7.32 -37.59
C ASN C 166 47.41 -6.43 -36.41
N PHE C 167 46.53 -5.46 -36.67
CA PHE C 167 46.35 -4.36 -35.73
C PHE C 167 45.67 -4.82 -34.45
N LEU C 168 45.91 -4.06 -33.39
CA LEU C 168 45.43 -4.34 -32.06
C LEU C 168 45.06 -3.01 -31.41
N GLU C 169 43.82 -2.90 -30.93
CA GLU C 169 43.33 -1.65 -30.38
C GLU C 169 43.01 -1.83 -28.90
N ILE C 170 43.88 -1.29 -28.05
CA ILE C 170 43.76 -1.46 -26.62
C ILE C 170 42.90 -0.32 -26.09
N ASN C 171 41.85 -0.68 -25.35
CA ASN C 171 40.84 0.25 -24.82
C ASN C 171 40.21 1.10 -25.91
N ASN C 172 39.62 0.44 -26.91
CA ASN C 172 39.04 1.18 -28.01
C ASN C 172 37.65 1.71 -27.64
N ARG C 173 36.97 2.32 -28.59
CA ARG C 173 35.54 2.53 -28.48
C ARG C 173 34.86 1.24 -28.91
N VAL C 174 33.78 0.88 -28.20
CA VAL C 174 33.08 -0.36 -28.47
C VAL C 174 32.34 -0.28 -29.79
N GLY C 175 31.35 0.61 -29.87
CA GLY C 175 30.70 0.91 -31.11
C GLY C 175 30.89 2.35 -31.51
N SER C 176 29.87 3.16 -31.28
CA SER C 176 29.88 4.58 -31.62
C SER C 176 29.23 5.35 -30.48
N GLY C 177 30.06 5.79 -29.52
CA GLY C 177 29.63 6.76 -28.54
C GLY C 177 28.75 6.26 -27.42
N ALA C 178 27.52 5.86 -27.75
CA ALA C 178 26.48 5.64 -26.75
C ALA C 178 26.68 4.29 -26.05
N GLY C 179 25.69 3.88 -25.28
CA GLY C 179 25.83 2.67 -24.50
C GLY C 179 26.72 2.93 -23.29
N ARG C 180 27.44 1.90 -22.89
CA ARG C 180 28.35 2.01 -21.76
C ARG C 180 29.72 2.49 -22.23
N LYS C 181 30.33 3.35 -21.42
CA LYS C 181 31.61 3.92 -21.77
C LYS C 181 32.75 2.99 -21.33
N ALA C 182 33.95 3.30 -21.80
CA ALA C 182 35.11 2.43 -21.64
C ALA C 182 36.00 2.95 -20.52
N SER C 183 36.32 2.07 -19.57
CA SER C 183 37.24 2.40 -18.49
C SER C 183 38.66 1.95 -18.87
N SER C 184 39.55 1.89 -17.90
CA SER C 184 40.95 1.61 -18.15
C SER C 184 41.19 0.13 -18.45
N THR C 185 42.41 -0.17 -18.85
CA THR C 185 42.84 -1.54 -19.13
C THR C 185 44.34 -1.64 -19.00
N VAL C 186 44.82 -2.88 -18.94
CA VAL C 186 46.24 -3.20 -18.90
C VAL C 186 46.47 -4.41 -19.78
N LEU C 187 47.38 -4.29 -20.73
CA LEU C 187 47.81 -5.44 -21.54
C LEU C 187 49.25 -5.76 -21.18
N THR C 188 49.55 -7.03 -21.03
CA THR C 188 50.90 -7.46 -20.70
C THR C 188 51.35 -8.54 -21.66
N LEU C 189 52.44 -8.29 -22.37
CA LEU C 189 52.97 -9.22 -23.34
C LEU C 189 54.36 -9.61 -22.88
N GLN C 190 54.55 -10.88 -22.53
CA GLN C 190 55.71 -11.26 -21.74
C GLN C 190 56.44 -12.41 -22.41
N ALA C 191 56.80 -12.22 -23.67
CA ALA C 191 57.55 -13.23 -24.41
C ALA C 191 58.97 -13.39 -23.86
N SER C 192 59.72 -14.28 -24.49
CA SER C 192 61.10 -14.50 -24.08
C SER C 192 62.05 -14.65 -25.25
N GLU C 193 61.63 -14.31 -26.47
CA GLU C 193 62.51 -14.31 -27.61
C GLU C 193 62.37 -13.09 -28.51
N GLY C 194 61.33 -12.32 -28.37
CA GLY C 194 61.16 -11.11 -29.16
C GLY C 194 59.70 -10.84 -29.42
N ILE C 195 59.35 -9.56 -29.37
CA ILE C 195 58.00 -9.10 -29.70
C ILE C 195 58.15 -8.28 -30.97
N THR C 196 58.05 -8.92 -32.11
CA THR C 196 58.16 -8.17 -33.35
C THR C 196 56.77 -7.81 -33.81
N SER C 197 56.69 -7.30 -35.03
CA SER C 197 55.42 -6.87 -35.61
C SER C 197 55.57 -6.82 -37.11
N SER C 198 54.44 -6.73 -37.81
CA SER C 198 54.49 -6.57 -39.25
C SER C 198 54.34 -5.10 -39.61
N LYS C 199 54.29 -4.83 -40.91
CA LYS C 199 54.30 -3.47 -41.40
C LYS C 199 52.96 -2.78 -41.21
N ASN C 200 51.87 -3.51 -41.38
CA ASN C 200 50.52 -2.94 -41.29
C ASN C 200 49.84 -3.28 -39.98
N ALA C 201 50.57 -3.31 -38.87
CA ALA C 201 49.99 -3.64 -37.57
C ALA C 201 49.90 -2.37 -36.75
N GLU C 202 48.74 -1.73 -36.80
CA GLU C 202 48.50 -0.47 -36.11
C GLU C 202 48.18 -0.74 -34.65
N ILE C 203 49.17 -0.62 -33.79
CA ILE C 203 48.91 -0.64 -32.36
C ILE C 203 48.41 0.73 -31.95
N SER C 204 47.18 0.79 -31.44
CA SER C 204 46.58 2.07 -31.12
C SER C 204 45.94 1.97 -29.75
N LEU C 205 46.66 2.36 -28.72
CA LEU C 205 46.16 2.34 -27.36
C LEU C 205 45.64 3.72 -26.99
N TYR C 206 44.57 3.75 -26.20
CA TYR C 206 43.78 4.95 -26.03
C TYR C 206 43.83 5.45 -24.59
N ASP C 207 42.89 6.34 -24.26
CA ASP C 207 42.80 7.13 -23.01
C ASP C 207 43.18 6.39 -21.74
N GLY C 208 42.76 5.15 -21.57
CA GLY C 208 43.05 4.49 -20.31
C GLY C 208 44.07 3.39 -20.41
N ALA C 209 44.57 3.13 -21.60
CA ALA C 209 45.30 1.91 -21.87
C ALA C 209 46.75 2.02 -21.46
N THR C 210 47.31 0.90 -21.04
CA THR C 210 48.75 0.75 -20.82
C THR C 210 49.22 -0.44 -21.64
N LEU C 211 50.50 -0.76 -21.50
CA LEU C 211 51.10 -1.88 -22.20
C LEU C 211 52.41 -2.21 -21.50
N ASN C 212 52.56 -3.43 -21.02
CA ASN C 212 53.80 -3.84 -20.40
C ASN C 212 54.45 -4.90 -21.27
N LEU C 213 55.74 -4.75 -21.55
CA LEU C 213 56.47 -5.70 -22.37
C LEU C 213 57.63 -6.23 -21.55
N ALA C 214 58.03 -7.49 -21.77
CA ALA C 214 59.10 -8.01 -20.94
C ALA C 214 60.03 -8.96 -21.68
N SER C 215 60.02 -8.95 -23.00
CA SER C 215 60.88 -9.85 -23.76
C SER C 215 62.24 -9.20 -23.94
N ASN C 216 63.05 -9.68 -24.86
CA ASN C 216 64.16 -8.89 -25.36
C ASN C 216 63.94 -8.55 -26.83
N SER C 217 64.40 -7.36 -27.21
CA SER C 217 64.39 -6.82 -28.57
C SER C 217 62.96 -6.71 -29.13
N VAL C 218 62.19 -5.84 -28.50
CA VAL C 218 60.94 -5.37 -29.09
C VAL C 218 61.28 -4.60 -30.37
N LYS C 219 60.65 -4.97 -31.48
CA LYS C 219 60.85 -4.21 -32.70
C LYS C 219 59.53 -4.05 -33.46
N LEU C 220 58.78 -3.03 -33.08
CA LEU C 220 57.45 -2.78 -33.63
C LEU C 220 57.58 -2.00 -34.92
N ASN C 221 57.48 -2.70 -36.05
CA ASN C 221 57.67 -2.05 -37.34
C ASN C 221 56.41 -1.42 -37.88
N GLY C 222 55.43 -1.09 -37.04
CA GLY C 222 54.18 -0.52 -37.48
C GLY C 222 53.82 0.74 -36.74
N ASN C 223 52.63 1.26 -37.09
CA ASN C 223 52.13 2.51 -36.54
C ASN C 223 51.73 2.30 -35.09
N VAL C 224 52.60 2.71 -34.17
CA VAL C 224 52.19 2.79 -32.78
C VAL C 224 51.49 4.11 -32.55
N TRP C 225 50.29 4.06 -32.01
CA TRP C 225 49.41 5.24 -31.96
C TRP C 225 48.97 5.47 -30.52
N MET C 226 49.77 6.19 -29.74
CA MET C 226 49.42 6.48 -28.36
C MET C 226 48.46 7.67 -28.33
N GLY C 227 47.24 7.43 -27.87
CA GLY C 227 46.29 8.51 -27.76
C GLY C 227 45.53 8.69 -29.05
N ARG C 228 44.21 8.54 -29.00
CA ARG C 228 43.39 8.68 -30.18
C ARG C 228 42.06 9.25 -29.74
N LEU C 229 41.31 9.79 -30.70
CA LEU C 229 39.94 10.24 -30.43
C LEU C 229 39.12 9.02 -30.08
N GLN C 230 38.85 8.87 -28.78
CA GLN C 230 38.09 7.72 -28.32
C GLN C 230 36.63 7.83 -28.74
N TYR C 231 36.08 9.04 -28.72
CA TYR C 231 34.72 9.29 -29.14
C TYR C 231 34.74 10.24 -30.33
N VAL C 232 33.55 10.57 -30.83
CA VAL C 232 33.45 11.14 -32.16
C VAL C 232 33.79 12.64 -32.17
N GLY C 233 33.48 13.36 -31.10
CA GLY C 233 33.67 14.81 -31.14
C GLY C 233 34.42 15.36 -29.94
N ALA C 234 34.72 14.51 -28.97
CA ALA C 234 35.35 14.95 -27.73
C ALA C 234 36.82 15.27 -28.00
N TYR C 235 37.04 16.51 -28.46
CA TYR C 235 38.40 16.99 -28.69
C TYR C 235 39.09 17.42 -27.40
N LEU C 236 38.36 17.45 -26.28
CA LEU C 236 38.89 17.95 -25.03
C LEU C 236 39.11 16.84 -24.01
N ALA C 237 39.32 15.62 -24.46
CA ALA C 237 39.62 14.53 -23.56
C ALA C 237 41.06 14.63 -23.07
N PRO C 238 41.36 14.12 -21.88
CA PRO C 238 42.76 14.07 -21.42
C PRO C 238 43.63 13.13 -22.25
N SER C 239 43.18 11.87 -22.42
CA SER C 239 43.78 10.87 -23.31
C SER C 239 45.24 10.59 -22.96
N TYR C 240 45.41 9.96 -21.80
CA TYR C 240 46.72 9.47 -21.39
C TYR C 240 47.00 8.09 -21.99
N SER C 241 48.24 7.63 -21.85
CA SER C 241 48.62 6.28 -22.24
C SER C 241 49.96 5.96 -21.57
N THR C 242 50.44 4.74 -21.82
CA THR C 242 51.70 4.24 -21.28
C THR C 242 52.12 3.02 -22.07
N ILE C 243 53.38 2.99 -22.50
CA ILE C 243 53.96 1.76 -23.02
C ILE C 243 55.18 1.46 -22.18
N ASN C 244 55.00 0.70 -21.11
CA ASN C 244 56.00 0.52 -20.08
C ASN C 244 56.88 -0.65 -20.50
N THR C 245 57.86 -0.38 -21.34
CA THR C 245 58.79 -1.41 -21.78
C THR C 245 59.94 -1.56 -20.80
N SER C 246 59.64 -1.74 -19.51
CA SER C 246 60.65 -1.65 -18.47
C SER C 246 61.59 -2.84 -18.43
N LYS C 247 61.11 -4.02 -18.73
CA LYS C 247 61.89 -5.23 -18.49
C LYS C 247 62.74 -5.62 -19.68
N VAL C 248 62.69 -4.85 -20.76
CA VAL C 248 63.22 -5.28 -22.05
C VAL C 248 64.74 -5.27 -22.00
N THR C 249 65.34 -6.46 -21.93
CA THR C 249 66.77 -6.57 -21.78
C THR C 249 67.53 -6.47 -23.10
N GLY C 250 66.84 -6.24 -24.20
CA GLY C 250 67.51 -6.24 -25.50
C GLY C 250 67.56 -4.89 -26.18
N GLU C 251 66.94 -4.79 -27.35
CA GLU C 251 67.06 -3.63 -28.22
C GLU C 251 65.66 -3.14 -28.56
N VAL C 252 65.21 -2.10 -27.88
CA VAL C 252 63.93 -1.49 -28.20
C VAL C 252 64.06 -0.80 -29.56
N ASN C 253 63.06 -0.97 -30.41
CA ASN C 253 63.15 -0.42 -31.75
C ASN C 253 61.74 -0.11 -32.23
N PHE C 254 61.29 1.12 -32.00
CA PHE C 254 60.06 1.50 -32.67
C PHE C 254 60.35 1.86 -34.12
N ASN C 255 59.31 2.11 -34.88
CA ASN C 255 59.58 2.55 -36.24
C ASN C 255 58.75 3.76 -36.60
N HIS C 256 57.54 3.84 -36.09
CA HIS C 256 56.64 4.94 -36.46
C HIS C 256 55.76 5.21 -35.25
N LEU C 257 56.17 6.17 -34.44
CA LEU C 257 55.40 6.51 -33.26
C LEU C 257 54.58 7.77 -33.51
N THR C 258 53.32 7.72 -33.09
CA THR C 258 52.42 8.83 -33.35
C THR C 258 51.61 9.12 -32.11
N VAL C 259 51.81 10.28 -31.52
CA VAL C 259 51.18 10.65 -30.26
C VAL C 259 50.08 11.65 -30.54
N GLY C 260 48.88 11.36 -30.06
CA GLY C 260 47.86 12.38 -30.05
C GLY C 260 47.12 12.49 -31.36
N ASP C 261 45.84 12.84 -31.25
CA ASP C 261 45.00 13.08 -32.42
C ASP C 261 43.87 14.00 -31.97
N HIS C 262 43.95 15.27 -32.37
CA HIS C 262 42.90 16.29 -32.16
C HIS C 262 42.58 16.51 -30.69
N ASN C 263 43.59 16.36 -29.82
CA ASN C 263 43.42 16.58 -28.40
C ASN C 263 44.78 16.85 -27.77
N ALA C 264 44.78 17.04 -26.46
CA ALA C 264 46.01 17.29 -25.71
C ALA C 264 46.44 16.00 -25.04
N ALA C 265 47.01 15.09 -25.84
CA ALA C 265 47.41 13.80 -25.31
C ALA C 265 48.76 13.91 -24.62
N GLN C 266 48.91 13.21 -23.51
CA GLN C 266 50.13 13.20 -22.72
C GLN C 266 50.55 11.74 -22.54
N ALA C 267 51.35 11.25 -23.48
CA ALA C 267 51.80 9.88 -23.44
C ALA C 267 53.13 9.78 -22.69
N GLY C 268 53.49 8.55 -22.33
CA GLY C 268 54.71 8.33 -21.59
C GLY C 268 55.23 6.93 -21.83
N ILE C 269 56.53 6.83 -22.06
CA ILE C 269 57.18 5.56 -22.32
C ILE C 269 58.27 5.37 -21.28
N ILE C 270 58.09 4.42 -20.39
CA ILE C 270 59.09 4.12 -19.40
C ILE C 270 60.00 3.06 -20.01
N ALA C 271 61.08 3.50 -20.64
CA ALA C 271 61.86 2.62 -21.48
C ALA C 271 62.93 1.92 -20.66
N SER C 272 63.88 1.29 -21.36
CA SER C 272 64.96 0.51 -20.76
C SER C 272 66.30 0.99 -21.29
N ASN C 273 66.51 2.31 -21.18
CA ASN C 273 67.77 3.06 -21.39
C ASN C 273 68.49 2.78 -22.71
N LYS C 274 67.75 2.34 -23.74
CA LYS C 274 68.25 2.36 -25.11
C LYS C 274 67.03 2.30 -26.01
N THR C 275 66.68 3.41 -26.66
CA THR C 275 65.40 3.49 -27.36
C THR C 275 65.63 4.13 -28.72
N HIS C 276 66.01 3.35 -29.70
CA HIS C 276 65.98 3.83 -31.07
C HIS C 276 64.54 3.83 -31.52
N ILE C 277 64.03 4.99 -31.93
CA ILE C 277 62.75 4.99 -32.63
C ILE C 277 62.97 5.55 -34.01
N GLY C 278 61.92 5.55 -34.81
CA GLY C 278 61.99 6.13 -36.13
C GLY C 278 61.25 7.44 -36.19
N THR C 279 60.30 7.54 -37.12
CA THR C 279 59.56 8.77 -37.31
C THR C 279 58.59 9.01 -36.16
N LEU C 280 58.75 10.13 -35.47
CA LEU C 280 57.85 10.57 -34.42
C LEU C 280 56.95 11.66 -34.97
N ASP C 281 55.65 11.52 -34.78
CA ASP C 281 54.68 12.46 -35.33
C ASP C 281 53.80 12.98 -34.20
N LEU C 282 54.21 14.06 -33.56
CA LEU C 282 53.40 14.66 -32.52
C LEU C 282 52.20 15.38 -33.11
N TRP C 283 51.30 15.79 -32.23
CA TRP C 283 50.20 16.65 -32.58
C TRP C 283 50.57 18.07 -32.17
N GLN C 284 49.63 19.02 -32.31
CA GLN C 284 49.85 20.40 -31.90
C GLN C 284 50.12 20.51 -30.40
N SER C 285 49.35 19.78 -29.60
CA SER C 285 49.39 19.89 -28.15
C SER C 285 49.67 18.53 -27.51
N ALA C 286 50.56 17.76 -28.10
CA ALA C 286 50.84 16.41 -27.64
C ALA C 286 52.13 16.37 -26.85
N GLY C 287 52.06 15.82 -25.64
CA GLY C 287 53.22 15.64 -24.80
C GLY C 287 53.79 14.23 -24.93
N LEU C 288 54.99 14.06 -24.39
CA LEU C 288 55.65 12.76 -24.45
C LEU C 288 56.65 12.71 -23.31
N ASN C 289 56.52 11.70 -22.45
CA ASN C 289 57.40 11.59 -21.28
C ASN C 289 58.18 10.28 -21.41
N ILE C 290 59.26 10.32 -22.16
CA ILE C 290 60.17 9.18 -22.23
C ILE C 290 60.99 9.21 -20.96
N ILE C 291 60.93 8.16 -20.16
CA ILE C 291 61.59 8.12 -18.87
C ILE C 291 62.60 6.99 -18.86
N ALA C 292 63.87 7.34 -18.81
CA ALA C 292 64.91 6.36 -18.64
C ALA C 292 64.89 5.83 -17.20
N PRO C 293 65.44 4.64 -16.96
CA PRO C 293 65.49 4.13 -15.59
C PRO C 293 66.50 4.89 -14.74
N PRO C 294 66.46 4.72 -13.41
CA PRO C 294 67.51 5.33 -12.56
C PRO C 294 68.86 4.66 -12.69
N GLU C 295 69.78 5.07 -11.81
CA GLU C 295 71.18 4.66 -11.93
C GLU C 295 71.36 3.16 -11.74
N GLY C 296 70.85 2.62 -10.64
CA GLY C 296 71.02 1.20 -10.39
C GLY C 296 69.91 0.36 -10.99
N GLY C 297 69.06 0.99 -11.79
CA GLY C 297 67.89 0.33 -12.31
C GLY C 297 66.80 0.23 -11.27
N TYR C 298 65.65 -0.29 -11.69
CA TYR C 298 64.52 -0.45 -10.80
C TYR C 298 64.76 -1.61 -9.84
N LYS C 299 64.47 -1.37 -8.56
CA LYS C 299 64.49 -2.37 -7.48
C LYS C 299 65.82 -3.10 -7.31
N GLN C 335 32.30 4.32 10.86
CA GLN C 335 31.97 2.95 11.25
C GLN C 335 33.21 2.18 11.66
N LYS C 336 34.20 2.14 10.76
CA LYS C 336 35.46 1.45 11.00
C LYS C 336 36.51 2.01 10.06
N THR C 337 37.70 2.26 10.60
CA THR C 337 38.82 2.69 9.78
C THR C 337 39.29 1.55 8.90
N GLU C 338 39.94 1.89 7.80
CA GLU C 338 40.57 0.91 6.94
C GLU C 338 41.81 1.50 6.32
N VAL C 339 42.88 0.72 6.30
CA VAL C 339 44.20 1.19 5.91
C VAL C 339 44.38 0.91 4.42
N GLN C 340 44.39 1.96 3.62
CA GLN C 340 44.75 1.82 2.22
C GLN C 340 46.25 1.54 2.12
N PRO C 341 46.68 0.81 1.10
CA PRO C 341 48.11 0.48 1.00
C PRO C 341 48.95 1.67 0.61
N THR C 342 50.27 1.53 0.80
CA THR C 342 51.20 2.61 0.54
C THR C 342 51.32 2.87 -0.95
N GLN C 343 50.83 4.01 -1.38
CA GLN C 343 50.82 4.42 -2.77
C GLN C 343 52.10 5.21 -3.01
N VAL C 344 53.18 4.51 -3.31
CA VAL C 344 54.47 5.15 -3.57
C VAL C 344 54.37 5.88 -4.89
N ILE C 345 54.76 7.15 -4.90
CA ILE C 345 54.62 8.00 -6.07
C ILE C 345 56.02 8.35 -6.56
N ASP C 346 56.12 8.82 -7.80
CA ASP C 346 57.38 9.13 -8.42
C ASP C 346 57.48 10.62 -8.68
N GLY C 347 58.68 11.16 -8.56
CA GLY C 347 58.96 12.49 -9.01
C GLY C 347 59.83 12.44 -10.26
N PRO C 348 60.09 13.59 -10.85
CA PRO C 348 61.02 13.61 -11.99
C PRO C 348 62.46 13.41 -11.54
N PHE C 349 62.99 12.22 -11.77
CA PHE C 349 64.35 11.89 -11.32
C PHE C 349 65.32 11.98 -12.47
N ALA C 350 66.57 11.61 -12.22
CA ALA C 350 67.61 11.63 -13.22
C ALA C 350 67.85 10.21 -13.72
N GLY C 351 68.05 10.08 -15.02
CA GLY C 351 68.36 8.78 -15.58
C GLY C 351 69.75 8.33 -15.23
N GLY C 352 70.06 7.09 -15.59
CA GLY C 352 71.38 6.54 -15.37
C GLY C 352 72.42 7.16 -16.31
N LYS C 353 73.60 6.54 -16.30
CA LYS C 353 74.72 7.11 -17.04
C LYS C 353 74.57 6.90 -18.55
N ASP C 354 74.38 5.66 -18.97
CA ASP C 354 74.29 5.32 -20.39
C ASP C 354 72.83 5.14 -20.82
N THR C 355 72.09 6.24 -20.75
CA THR C 355 70.68 6.26 -21.15
C THR C 355 70.57 7.07 -22.43
N VAL C 356 70.24 6.41 -23.53
CA VAL C 356 70.30 6.99 -24.86
C VAL C 356 68.92 6.88 -25.50
N VAL C 357 68.43 7.98 -26.07
CA VAL C 357 67.14 7.99 -26.76
C VAL C 357 67.38 8.52 -28.17
N ASN C 358 67.52 7.62 -29.14
CA ASN C 358 67.94 7.99 -30.48
C ASN C 358 66.73 8.24 -31.38
N ILE C 359 65.92 9.22 -31.03
CA ILE C 359 64.81 9.61 -31.89
C ILE C 359 65.37 10.23 -33.16
N ASP C 360 64.93 9.77 -34.33
CA ASP C 360 65.60 10.20 -35.54
C ASP C 360 64.79 11.09 -36.47
N ARG C 361 63.51 11.35 -36.16
CA ARG C 361 62.73 12.32 -36.91
C ARG C 361 61.53 12.79 -36.10
N ILE C 362 61.36 14.09 -35.96
CA ILE C 362 60.24 14.65 -35.22
C ILE C 362 59.42 15.49 -36.19
N ASN C 363 58.24 15.02 -36.54
CA ASN C 363 57.34 15.84 -37.32
C ASN C 363 56.24 16.37 -36.41
N THR C 364 55.29 17.10 -36.99
CA THR C 364 54.14 17.59 -36.24
C THR C 364 53.00 17.80 -37.22
N LYS C 365 51.85 17.22 -36.92
CA LYS C 365 50.66 17.46 -37.73
C LYS C 365 49.88 18.62 -37.14
N ALA C 366 49.83 19.74 -37.86
CA ALA C 366 49.28 20.96 -37.30
C ALA C 366 48.17 21.48 -38.20
N ASP C 367 46.93 21.15 -37.85
CA ASP C 367 45.76 21.79 -38.44
C ASP C 367 44.69 21.88 -37.36
N GLY C 368 43.65 22.66 -37.66
CA GLY C 368 42.55 22.78 -36.73
C GLY C 368 42.21 24.21 -36.38
N THR C 369 41.89 24.45 -35.11
CA THR C 369 41.47 25.77 -34.68
C THR C 369 42.67 26.70 -34.52
N ILE C 370 42.39 27.93 -34.08
CA ILE C 370 43.41 28.94 -33.85
C ILE C 370 43.21 29.46 -32.44
N LYS C 371 44.24 29.35 -31.62
CA LYS C 371 44.19 29.78 -30.23
C LYS C 371 45.02 31.06 -30.11
N VAL C 372 44.96 31.70 -28.93
CA VAL C 372 45.61 32.98 -28.70
C VAL C 372 47.13 32.88 -28.73
N GLY C 373 47.69 31.69 -28.56
CA GLY C 373 49.10 31.45 -28.73
C GLY C 373 49.33 30.36 -29.76
N GLY C 374 50.36 29.54 -29.52
CA GLY C 374 50.55 28.37 -30.32
C GLY C 374 49.74 27.21 -29.77
N PHE C 375 50.35 26.03 -29.73
CA PHE C 375 49.81 24.94 -28.92
C PHE C 375 50.86 24.18 -28.14
N LYS C 376 52.15 24.40 -28.43
CA LYS C 376 53.29 23.90 -27.65
C LYS C 376 53.31 22.37 -27.59
N ALA C 377 53.58 21.78 -28.75
CA ALA C 377 53.98 20.38 -28.79
C ALA C 377 55.28 20.21 -28.00
N SER C 378 55.39 19.09 -27.30
CA SER C 378 56.50 18.93 -26.38
C SER C 378 56.83 17.46 -26.21
N LEU C 379 58.09 17.19 -25.90
CA LEU C 379 58.49 15.89 -25.41
C LEU C 379 59.45 16.11 -24.26
N THR C 380 59.42 15.22 -23.28
CA THR C 380 60.17 15.39 -22.05
C THR C 380 60.95 14.13 -21.76
N THR C 381 62.26 14.26 -21.66
CA THR C 381 63.14 13.12 -21.53
C THR C 381 64.08 13.36 -20.38
N ASN C 382 64.17 12.40 -19.46
CA ASN C 382 65.20 12.51 -18.43
C ASN C 382 66.34 11.53 -18.64
N ALA C 383 66.72 11.28 -19.89
CA ALA C 383 67.87 10.46 -20.15
C ALA C 383 69.13 11.32 -20.22
N ALA C 384 70.28 10.66 -20.11
CA ALA C 384 71.54 11.37 -20.12
C ALA C 384 71.98 11.79 -21.51
N HIS C 385 71.29 11.33 -22.55
CA HIS C 385 71.54 11.78 -23.91
C HIS C 385 70.21 11.82 -24.63
N LEU C 386 70.02 12.80 -25.51
CA LEU C 386 68.88 12.79 -26.40
C LEU C 386 69.43 13.08 -27.79
N ASN C 387 69.94 12.06 -28.46
CA ASN C 387 70.49 12.23 -29.78
C ASN C 387 69.34 12.32 -30.76
N ILE C 388 69.37 13.32 -31.63
CA ILE C 388 68.41 13.41 -32.71
C ILE C 388 69.16 13.39 -34.02
N GLY C 389 68.91 12.36 -34.81
CA GLY C 389 69.73 12.06 -35.96
C GLY C 389 69.41 12.90 -37.18
N LYS C 390 69.66 12.29 -38.34
CA LYS C 390 69.79 13.03 -39.58
C LYS C 390 68.46 13.44 -40.18
N GLY C 391 67.35 12.94 -39.64
CA GLY C 391 66.05 13.40 -40.11
C GLY C 391 65.73 14.82 -39.72
N GLY C 392 66.30 15.29 -38.61
CA GLY C 392 66.10 16.66 -38.20
C GLY C 392 64.72 16.90 -37.60
N VAL C 393 64.28 18.15 -37.66
CA VAL C 393 63.05 18.57 -37.00
C VAL C 393 62.15 19.25 -38.03
N ASN C 394 60.92 18.78 -38.14
CA ASN C 394 59.91 19.41 -38.96
C ASN C 394 58.86 20.03 -38.05
N LEU C 395 58.13 21.00 -38.58
CA LEU C 395 57.10 21.67 -37.80
C LEU C 395 56.08 22.26 -38.78
N SER C 396 54.89 21.68 -38.82
CA SER C 396 53.83 22.27 -39.62
C SER C 396 53.29 23.49 -38.89
N ASN C 397 52.80 24.47 -39.65
CA ASN C 397 52.46 25.78 -39.13
C ASN C 397 51.11 26.22 -39.67
N GLN C 398 50.17 26.49 -38.77
CA GLN C 398 48.89 27.09 -39.12
C GLN C 398 49.05 28.60 -38.96
N ALA C 399 47.95 29.37 -38.86
CA ALA C 399 48.03 30.82 -38.84
C ALA C 399 48.74 31.34 -37.59
N SER C 400 48.49 30.73 -36.44
CA SER C 400 49.29 31.05 -35.27
C SER C 400 50.58 30.24 -35.30
N GLY C 401 51.61 30.75 -34.64
CA GLY C 401 52.91 30.10 -34.67
C GLY C 401 52.98 28.91 -33.74
N ARG C 402 53.16 27.72 -34.30
CA ARG C 402 53.26 26.52 -33.49
C ARG C 402 54.58 26.50 -32.73
N THR C 403 54.63 25.69 -31.69
CA THR C 403 55.74 25.71 -30.75
C THR C 403 56.17 24.27 -30.47
N LEU C 404 57.47 24.02 -30.56
CA LEU C 404 58.02 22.71 -30.24
C LEU C 404 58.94 22.83 -29.05
N LEU C 405 58.75 21.98 -28.06
CA LEU C 405 59.49 22.00 -26.80
C LEU C 405 60.26 20.69 -26.66
N VAL C 406 61.51 20.67 -27.11
CA VAL C 406 62.34 19.49 -27.03
C VAL C 406 63.07 19.58 -25.69
N GLU C 407 62.40 19.19 -24.64
CA GLU C 407 62.93 19.37 -23.30
C GLU C 407 63.83 18.20 -22.95
N ASN C 408 64.78 18.45 -22.05
CA ASN C 408 65.56 17.39 -21.44
C ASN C 408 65.77 17.78 -19.99
N LEU C 409 65.45 16.89 -19.07
CA LEU C 409 65.56 17.26 -17.66
C LEU C 409 67.01 17.20 -17.18
N THR C 410 67.61 16.02 -17.19
CA THR C 410 68.94 15.85 -16.62
C THR C 410 69.91 15.28 -17.65
N GLY C 411 69.91 15.83 -18.85
CA GLY C 411 70.82 15.31 -19.86
C GLY C 411 71.39 16.32 -20.83
N ASN C 412 71.75 15.83 -22.02
CA ASN C 412 72.26 16.65 -23.10
C ASN C 412 71.28 16.60 -24.25
N ILE C 413 71.50 17.43 -25.26
CA ILE C 413 70.76 17.35 -26.52
C ILE C 413 71.77 17.44 -27.63
N THR C 414 71.74 16.49 -28.56
CA THR C 414 72.66 16.47 -29.68
C THR C 414 71.83 16.37 -30.95
N VAL C 415 71.35 17.49 -31.44
CA VAL C 415 70.60 17.53 -32.68
C VAL C 415 71.59 17.59 -33.84
N ASP C 416 71.46 16.67 -34.78
CA ASP C 416 72.35 16.63 -35.93
C ASP C 416 71.60 16.78 -37.25
N GLY C 417 70.50 17.52 -37.25
CA GLY C 417 69.68 17.63 -38.44
C GLY C 417 69.21 19.03 -38.71
N PRO C 418 68.66 19.25 -39.91
CA PRO C 418 68.24 20.60 -40.29
C PRO C 418 66.87 20.93 -39.69
N LEU C 419 66.80 22.10 -39.05
CA LEU C 419 65.56 22.53 -38.42
C LEU C 419 64.61 23.07 -39.48
N ARG C 420 63.78 22.20 -40.03
CA ARG C 420 62.81 22.61 -41.03
C ARG C 420 61.57 23.18 -40.36
N VAL C 421 60.73 23.79 -41.18
CA VAL C 421 59.38 24.19 -40.79
C VAL C 421 58.53 24.21 -42.05
N ASN C 422 57.37 23.55 -41.98
CA ASN C 422 56.51 23.21 -43.12
C ASN C 422 57.26 22.38 -44.16
N ASN C 423 58.25 21.63 -43.70
CA ASN C 423 59.09 20.72 -44.49
C ASN C 423 59.83 21.47 -45.61
N GLN C 424 60.54 22.53 -45.22
CA GLN C 424 61.64 23.06 -46.03
C GLN C 424 62.62 23.74 -45.10
N VAL C 425 63.85 23.92 -45.58
CA VAL C 425 64.95 24.36 -44.72
C VAL C 425 64.81 25.83 -44.36
N GLY C 426 64.45 26.67 -45.33
CA GLY C 426 64.23 28.07 -45.07
C GLY C 426 63.00 28.31 -44.22
N GLY C 427 61.84 28.05 -44.79
CA GLY C 427 60.61 28.10 -44.02
C GLY C 427 60.16 29.47 -43.58
N TYR C 428 59.72 30.29 -44.52
CA TYR C 428 59.15 31.58 -44.18
C TYR C 428 57.83 31.41 -43.44
N ALA C 429 57.59 32.31 -42.49
CA ALA C 429 56.37 32.32 -41.71
C ALA C 429 55.92 33.76 -41.54
N LEU C 430 54.61 33.95 -41.44
CA LEU C 430 54.03 35.28 -41.41
C LEU C 430 54.13 35.86 -39.99
N ALA C 431 53.59 37.06 -39.80
CA ALA C 431 53.82 37.80 -38.56
C ALA C 431 53.05 37.20 -37.40
N GLY C 432 51.79 36.81 -37.63
CA GLY C 432 51.04 36.10 -36.63
C GLY C 432 51.50 34.67 -36.41
N SER C 433 52.28 34.13 -37.34
CA SER C 433 52.81 32.77 -37.21
C SER C 433 54.27 32.86 -36.77
N SER C 434 54.47 33.00 -35.47
CA SER C 434 55.81 33.02 -34.89
C SER C 434 56.14 31.60 -34.44
N ALA C 435 56.83 30.85 -35.28
CA ALA C 435 57.21 29.48 -34.98
C ALA C 435 58.26 29.50 -33.88
N ASN C 436 58.08 28.66 -32.87
CA ASN C 436 58.89 28.71 -31.65
C ASN C 436 59.57 27.38 -31.43
N PHE C 437 60.79 27.23 -31.96
CA PHE C 437 61.64 26.13 -31.54
C PHE C 437 62.15 26.42 -30.15
N GLU C 438 62.30 25.36 -29.37
CA GLU C 438 62.64 25.55 -27.96
C GLU C 438 63.36 24.32 -27.44
N PHE C 439 64.47 24.55 -26.77
CA PHE C 439 65.33 23.47 -26.31
C PHE C 439 65.67 23.74 -24.85
N LYS C 440 65.74 22.68 -24.06
CA LYS C 440 66.01 22.78 -22.64
C LYS C 440 66.97 21.66 -22.31
N ALA C 441 68.26 21.92 -22.31
CA ALA C 441 69.26 20.88 -22.13
C ALA C 441 69.80 20.94 -20.72
N GLY C 442 69.48 19.93 -19.91
CA GLY C 442 70.00 19.86 -18.56
C GLY C 442 69.36 20.86 -17.63
N VAL C 443 68.06 20.73 -17.40
CA VAL C 443 67.34 21.74 -16.63
C VAL C 443 67.65 21.61 -15.15
N ASP C 444 67.35 20.46 -14.55
CA ASP C 444 67.42 20.33 -13.11
C ASP C 444 68.82 20.12 -12.58
N THR C 445 69.80 19.92 -13.46
CA THR C 445 71.19 19.80 -13.02
C THR C 445 72.07 20.94 -13.50
N LYS C 446 71.61 21.70 -14.51
CA LYS C 446 72.23 22.96 -14.95
C LYS C 446 73.66 22.79 -15.45
N ASN C 447 73.98 21.61 -15.98
CA ASN C 447 75.28 21.37 -16.57
C ASN C 447 75.15 20.55 -17.85
N GLY C 448 74.16 20.88 -18.67
CA GLY C 448 73.90 20.14 -19.90
C GLY C 448 74.11 21.01 -21.12
N THR C 449 74.86 20.47 -22.09
CA THR C 449 75.11 21.16 -23.34
C THR C 449 73.99 20.88 -24.32
N ALA C 450 73.78 21.81 -25.26
CA ALA C 450 72.83 21.61 -26.34
C ALA C 450 73.59 21.75 -27.65
N THR C 451 74.27 20.68 -28.06
CA THR C 451 75.14 20.72 -29.22
C THR C 451 74.35 20.50 -30.50
N PHE C 452 74.43 21.45 -31.41
CA PHE C 452 73.74 21.33 -32.70
C PHE C 452 74.83 21.20 -33.75
N ASN C 453 75.23 19.98 -34.07
CA ASN C 453 76.32 19.78 -35.02
C ASN C 453 75.91 19.94 -36.47
N ASN C 454 74.71 20.44 -36.77
CA ASN C 454 74.33 20.72 -38.14
C ASN C 454 74.10 22.21 -38.28
N ASP C 455 74.46 22.73 -39.45
CA ASP C 455 74.31 24.14 -39.78
C ASP C 455 72.83 24.47 -39.90
N ILE C 456 72.28 25.11 -38.89
CA ILE C 456 70.84 25.38 -38.89
C ILE C 456 70.55 26.56 -39.81
N SER C 457 69.28 26.70 -40.17
CA SER C 457 68.86 27.77 -41.06
C SER C 457 67.43 28.15 -40.71
N LEU C 458 67.26 29.37 -40.22
CA LEU C 458 65.96 29.87 -39.80
C LEU C 458 65.52 31.00 -40.72
N GLY C 459 64.28 30.92 -41.19
CA GLY C 459 63.73 31.93 -42.07
C GLY C 459 63.14 33.11 -41.31
N ARG C 460 61.90 33.44 -41.64
CA ARG C 460 61.25 34.65 -41.15
C ARG C 460 60.21 34.29 -40.10
N PHE C 461 60.20 35.06 -38.99
CA PHE C 461 59.30 34.87 -37.85
C PHE C 461 59.40 33.47 -37.25
N VAL C 462 60.63 33.02 -37.03
CA VAL C 462 60.92 31.76 -36.35
C VAL C 462 61.81 32.08 -35.15
N ASN C 463 61.51 31.47 -34.01
CA ASN C 463 62.05 31.94 -32.73
C ASN C 463 62.74 30.78 -32.01
N LEU C 464 64.02 30.60 -32.28
CA LEU C 464 64.83 29.65 -31.53
C LEU C 464 65.06 30.16 -30.12
N LYS C 465 64.99 29.28 -29.13
CA LYS C 465 65.48 29.60 -27.81
C LYS C 465 66.09 28.37 -27.16
N VAL C 466 67.26 28.56 -26.58
CA VAL C 466 68.05 27.47 -26.00
C VAL C 466 68.41 27.84 -24.58
N ASP C 467 68.00 27.02 -23.63
CA ASP C 467 68.24 27.30 -22.22
C ASP C 467 69.06 26.17 -21.65
N ALA C 468 70.37 26.26 -21.81
CA ALA C 468 71.25 25.16 -21.46
C ALA C 468 72.45 25.66 -20.68
N HIS C 469 73.45 24.80 -20.51
CA HIS C 469 74.71 25.22 -19.92
C HIS C 469 75.68 25.78 -20.94
N THR C 470 76.01 25.03 -21.98
CA THR C 470 76.98 25.46 -22.99
C THR C 470 76.44 25.08 -24.35
N ALA C 471 75.73 26.00 -25.00
CA ALA C 471 75.07 25.70 -26.27
C ALA C 471 76.07 25.83 -27.41
N ASN C 472 76.75 24.74 -27.71
CA ASN C 472 77.63 24.72 -28.87
C ASN C 472 76.81 24.74 -30.15
N PHE C 473 77.45 25.12 -31.24
CA PHE C 473 76.80 25.22 -32.54
C PHE C 473 77.81 24.92 -33.64
N LYS C 474 77.32 24.98 -34.88
CA LYS C 474 78.18 25.04 -36.04
C LYS C 474 77.82 26.16 -37.00
N GLY C 475 76.62 26.71 -36.93
CA GLY C 475 76.28 27.85 -37.76
C GLY C 475 74.80 28.18 -37.69
N ILE C 476 74.49 29.48 -37.58
CA ILE C 476 73.12 29.97 -37.50
C ILE C 476 72.93 30.97 -38.62
N ASP C 477 71.91 30.76 -39.45
CA ASP C 477 71.72 31.55 -40.66
C ASP C 477 70.31 32.11 -40.66
N THR C 478 70.15 33.34 -40.17
CA THR C 478 68.84 33.97 -40.06
C THR C 478 68.75 35.27 -40.85
N GLY C 479 69.78 35.60 -41.63
CA GLY C 479 69.75 36.84 -42.39
C GLY C 479 68.80 36.83 -43.56
N ASN C 480 68.33 35.64 -43.96
CA ASN C 480 67.42 35.54 -45.08
C ASN C 480 66.02 36.01 -44.71
N GLY C 481 65.54 35.65 -43.53
CA GLY C 481 64.18 35.94 -43.16
C GLY C 481 63.98 37.18 -42.30
N GLY C 482 64.78 37.30 -41.24
CA GLY C 482 64.61 38.40 -40.32
C GLY C 482 63.46 38.17 -39.35
N PHE C 483 63.30 39.14 -38.43
CA PHE C 483 62.29 39.14 -37.37
C PHE C 483 62.36 37.88 -36.51
N ASN C 484 63.58 37.52 -36.16
CA ASN C 484 63.83 36.24 -35.50
C ASN C 484 64.27 36.51 -34.07
N THR C 485 63.52 35.97 -33.12
CA THR C 485 63.89 36.06 -31.71
C THR C 485 64.84 34.91 -31.42
N LEU C 486 66.14 35.17 -31.50
CA LEU C 486 67.18 34.19 -31.26
C LEU C 486 67.55 34.28 -29.79
N ASP C 487 66.71 33.73 -28.93
CA ASP C 487 66.88 33.88 -27.50
C ASP C 487 67.90 32.88 -26.99
N PHE C 488 68.72 33.32 -26.04
CA PHE C 488 69.69 32.49 -25.35
C PHE C 488 69.71 32.84 -23.87
N SER C 489 68.56 33.26 -23.33
CA SER C 489 68.54 33.86 -21.99
C SER C 489 68.84 32.85 -20.91
N GLY C 490 68.56 31.58 -21.13
CA GLY C 490 68.82 30.61 -20.10
C GLY C 490 70.25 30.12 -20.04
N VAL C 491 71.10 30.57 -20.96
CA VAL C 491 72.45 30.01 -21.08
C VAL C 491 73.27 30.37 -19.86
N THR C 492 73.87 29.34 -19.25
CA THR C 492 74.68 29.54 -18.05
C THR C 492 75.94 30.34 -18.36
N ASN C 493 76.85 29.79 -19.17
CA ASN C 493 78.02 30.58 -19.52
C ASN C 493 78.18 30.82 -21.02
N LYS C 494 78.37 29.81 -21.87
CA LYS C 494 78.91 30.07 -23.20
C LYS C 494 77.96 29.62 -24.30
N VAL C 495 78.01 30.33 -25.43
CA VAL C 495 77.31 29.97 -26.66
C VAL C 495 78.36 30.03 -27.76
N ASN C 496 78.90 28.88 -28.15
CA ASN C 496 80.10 28.87 -28.98
C ASN C 496 79.72 28.70 -30.45
N ILE C 497 79.02 29.71 -30.98
CA ILE C 497 78.59 29.70 -32.37
C ILE C 497 79.79 29.82 -33.30
N ASN C 498 79.79 29.03 -34.36
CA ASN C 498 80.89 29.03 -35.31
C ASN C 498 80.66 29.95 -36.50
N LYS C 499 79.40 30.30 -36.80
CA LYS C 499 79.13 31.15 -37.96
C LYS C 499 77.76 31.77 -37.75
N LEU C 500 77.61 33.06 -38.07
CA LEU C 500 76.37 33.79 -37.83
C LEU C 500 76.01 34.63 -39.04
N ILE C 501 74.73 34.59 -39.43
CA ILE C 501 74.18 35.42 -40.49
C ILE C 501 72.89 36.02 -39.98
N THR C 502 72.86 37.34 -39.84
CA THR C 502 71.71 38.05 -39.27
C THR C 502 71.34 39.27 -40.09
N ALA C 503 70.04 39.54 -40.16
CA ALA C 503 69.52 40.76 -40.75
C ALA C 503 68.75 41.62 -39.75
N SER C 504 67.69 41.07 -39.15
CA SER C 504 66.91 41.79 -38.14
C SER C 504 66.57 40.78 -37.05
N THR C 505 67.43 40.71 -36.04
CA THR C 505 67.42 39.62 -35.10
C THR C 505 67.35 40.19 -33.70
N ASN C 506 66.97 39.36 -32.74
CA ASN C 506 66.77 39.74 -31.34
C ASN C 506 67.67 38.87 -30.46
N VAL C 507 68.95 38.82 -30.83
CA VAL C 507 69.93 38.00 -30.14
C VAL C 507 70.08 38.48 -28.70
N ALA C 508 70.12 37.55 -27.76
CA ALA C 508 70.28 37.89 -26.35
C ALA C 508 71.22 36.86 -25.73
N VAL C 509 72.52 37.14 -25.75
CA VAL C 509 73.53 36.25 -25.21
C VAL C 509 74.29 36.98 -24.12
N LYS C 510 74.55 36.30 -23.00
CA LYS C 510 75.24 36.92 -21.89
C LYS C 510 76.76 36.74 -21.95
N ASN C 511 77.24 35.68 -22.61
CA ASN C 511 78.67 35.44 -22.77
C ASN C 511 78.81 34.45 -23.92
N PHE C 512 79.77 34.70 -24.81
CA PHE C 512 79.91 33.91 -26.02
C PHE C 512 81.30 34.09 -26.60
N ASN C 513 81.60 33.32 -27.65
CA ASN C 513 82.67 33.66 -28.58
C ASN C 513 82.29 33.18 -29.98
N ILE C 514 81.60 34.06 -30.72
CA ILE C 514 81.13 33.78 -32.06
C ILE C 514 82.27 34.15 -33.01
N ASN C 515 83.01 33.16 -33.51
CA ASN C 515 84.23 33.47 -34.24
C ASN C 515 84.02 33.84 -35.70
N GLU C 516 82.79 34.13 -36.12
CA GLU C 516 82.54 34.68 -37.45
C GLU C 516 81.20 35.40 -37.41
N LEU C 517 81.15 36.62 -37.93
CA LEU C 517 79.95 37.45 -37.85
C LEU C 517 79.69 38.11 -39.20
N ILE C 518 78.43 38.14 -39.61
CA ILE C 518 78.02 38.80 -40.84
C ILE C 518 76.96 39.85 -40.51
N VAL C 519 77.21 41.08 -40.94
CA VAL C 519 76.30 42.21 -40.73
C VAL C 519 75.62 42.47 -42.06
N LYS C 520 74.42 41.92 -42.25
CA LYS C 520 73.70 42.10 -43.49
C LYS C 520 72.83 43.35 -43.44
N THR C 521 72.43 43.80 -44.62
CA THR C 521 71.37 44.80 -44.76
C THR C 521 70.06 44.08 -44.97
N ASN C 522 68.97 44.85 -44.96
CA ASN C 522 67.62 44.31 -44.89
C ASN C 522 66.66 45.11 -45.77
N GLY C 523 67.07 45.36 -47.01
CA GLY C 523 66.25 46.13 -47.92
C GLY C 523 66.47 47.61 -47.76
N VAL C 524 65.38 48.38 -47.72
CA VAL C 524 65.46 49.81 -47.50
C VAL C 524 64.78 50.26 -46.21
N SER C 525 64.01 49.39 -45.57
CA SER C 525 63.31 49.75 -44.35
C SER C 525 64.28 49.84 -43.18
N VAL C 526 63.92 50.67 -42.21
CA VAL C 526 64.69 50.83 -40.99
C VAL C 526 63.87 50.30 -39.83
N GLY C 527 64.46 50.34 -38.63
CA GLY C 527 63.89 49.66 -37.49
C GLY C 527 64.14 48.18 -37.48
N GLU C 528 64.97 47.69 -38.39
CA GLU C 528 65.28 46.28 -38.54
C GLU C 528 66.80 46.14 -38.45
N TYR C 529 67.28 45.43 -37.43
CA TYR C 529 68.70 45.47 -37.10
C TYR C 529 69.04 44.33 -36.16
N THR C 530 70.33 44.00 -36.12
CA THR C 530 70.85 43.12 -35.09
C THR C 530 70.82 43.87 -33.76
N HIS C 531 70.21 43.25 -32.76
CA HIS C 531 69.95 43.90 -31.49
C HIS C 531 70.37 42.97 -30.36
N PHE C 532 71.59 43.13 -29.86
CA PHE C 532 71.98 42.37 -28.68
C PHE C 532 71.28 42.97 -27.48
N SER C 533 70.07 42.51 -27.22
CA SER C 533 69.15 43.20 -26.33
C SER C 533 69.33 42.83 -24.85
N GLU C 534 70.50 42.33 -24.47
CA GLU C 534 70.83 42.18 -23.05
C GLU C 534 72.33 42.33 -22.91
N ASP C 535 72.80 42.17 -21.67
CA ASP C 535 74.18 42.49 -21.33
C ASP C 535 75.15 41.47 -21.93
N ILE C 536 76.29 41.96 -22.39
CA ILE C 536 77.26 41.12 -23.09
C ILE C 536 78.36 40.65 -22.13
N GLY C 537 78.45 41.25 -20.96
CA GLY C 537 79.31 40.69 -19.93
C GLY C 537 80.76 41.07 -20.10
N SER C 538 81.62 40.14 -19.69
CA SER C 538 83.05 40.39 -19.57
C SER C 538 83.91 39.48 -20.41
N GLN C 539 83.54 38.22 -20.57
CA GLN C 539 84.39 37.29 -21.30
C GLN C 539 83.98 37.13 -22.74
N SER C 540 83.20 38.07 -23.28
CA SER C 540 82.71 37.99 -24.63
C SER C 540 83.85 38.15 -25.64
N ARG C 541 83.56 37.76 -26.88
CA ARG C 541 84.58 37.67 -27.92
C ARG C 541 83.88 37.45 -29.25
N ILE C 542 84.45 38.01 -30.31
CA ILE C 542 84.12 37.68 -31.69
C ILE C 542 85.44 37.64 -32.44
N ASN C 543 85.70 36.56 -33.19
CA ASN C 543 86.99 36.52 -33.86
C ASN C 543 86.98 37.05 -35.28
N THR C 544 85.80 37.32 -35.87
CA THR C 544 85.72 37.98 -37.17
C THR C 544 84.38 38.67 -37.29
N VAL C 545 84.39 39.99 -37.51
CA VAL C 545 83.22 40.73 -37.92
C VAL C 545 83.39 41.09 -39.39
N ARG C 546 82.34 40.87 -40.18
CA ARG C 546 82.40 41.17 -41.61
C ARG C 546 81.10 41.85 -42.01
N LEU C 547 81.13 43.18 -42.04
CA LEU C 547 80.03 43.95 -42.59
C LEU C 547 79.98 43.77 -44.12
N GLU C 548 78.76 43.71 -44.65
CA GLU C 548 78.57 43.69 -46.09
C GLU C 548 77.85 44.97 -46.50
N THR C 549 77.90 45.27 -47.79
CA THR C 549 77.48 46.57 -48.30
C THR C 549 75.97 46.72 -48.26
N GLY C 550 75.51 47.83 -47.68
CA GLY C 550 74.08 48.09 -47.59
C GLY C 550 73.48 48.60 -48.88
N THR C 551 72.55 49.54 -48.77
CA THR C 551 71.94 50.17 -49.93
C THR C 551 72.16 51.68 -49.85
N ARG C 552 72.08 52.34 -51.00
CA ARG C 552 72.45 53.74 -51.14
C ARG C 552 71.46 54.62 -50.37
N SER C 553 72.00 55.68 -49.76
CA SER C 553 71.31 56.83 -49.16
C SER C 553 70.54 56.52 -47.89
N ILE C 554 70.66 55.31 -47.31
CA ILE C 554 69.99 54.98 -46.06
C ILE C 554 70.74 53.87 -45.35
N PHE C 555 70.86 54.01 -44.02
CA PHE C 555 71.42 52.95 -43.16
C PHE C 555 70.28 52.00 -42.81
N SER C 556 70.08 51.01 -43.68
CA SER C 556 68.96 50.10 -43.50
C SER C 556 69.24 49.09 -42.40
N GLY C 557 70.25 48.25 -42.59
CA GLY C 557 70.63 47.27 -41.61
C GLY C 557 71.77 47.76 -40.73
N GLY C 558 72.00 47.04 -39.65
CA GLY C 558 73.08 47.39 -38.75
C GLY C 558 73.03 46.58 -37.48
N VAL C 559 74.00 46.86 -36.62
CA VAL C 559 74.21 46.14 -35.36
C VAL C 559 74.23 47.16 -34.24
N LYS C 560 73.33 46.99 -33.26
CA LYS C 560 73.39 47.82 -32.07
C LYS C 560 73.35 46.94 -30.83
N PHE C 561 73.87 47.48 -29.75
CA PHE C 561 74.01 46.77 -28.48
C PHE C 561 73.11 47.46 -27.46
N LYS C 562 73.15 46.98 -26.22
CA LYS C 562 72.54 47.74 -25.14
C LYS C 562 73.47 47.86 -23.94
N SER C 563 74.30 46.86 -23.70
CA SER C 563 75.13 46.85 -22.50
C SER C 563 76.34 45.97 -22.73
N GLY C 564 77.11 45.76 -21.67
CA GLY C 564 78.39 45.06 -21.75
C GLY C 564 79.55 46.02 -21.48
N GLU C 565 80.73 45.41 -21.32
CA GLU C 565 81.93 46.20 -21.08
C GLU C 565 83.08 45.92 -22.03
N LYS C 566 83.14 44.75 -22.67
CA LYS C 566 84.20 44.48 -23.64
C LYS C 566 83.76 43.39 -24.60
N LEU C 567 84.35 43.39 -25.79
CA LEU C 567 84.24 42.29 -26.74
C LEU C 567 85.49 42.30 -27.62
N VAL C 568 86.39 41.35 -27.36
CA VAL C 568 87.67 41.29 -28.05
C VAL C 568 87.45 40.84 -29.49
N ILE C 569 87.47 41.80 -30.40
CA ILE C 569 87.33 41.52 -31.83
C ILE C 569 88.73 41.41 -32.42
N ASP C 570 88.95 40.41 -33.27
CA ASP C 570 90.21 40.36 -34.01
C ASP C 570 90.16 41.15 -35.32
N GLU C 571 89.25 40.81 -36.22
CA GLU C 571 89.26 41.41 -37.55
C GLU C 571 87.89 42.03 -37.80
N PHE C 572 87.88 43.10 -38.58
CA PHE C 572 86.68 43.89 -38.80
C PHE C 572 86.64 44.34 -40.25
N TYR C 573 85.45 44.62 -40.75
CA TYR C 573 85.32 45.23 -42.07
C TYR C 573 84.34 46.39 -42.03
N TYR C 574 84.68 47.47 -42.73
CA TYR C 574 83.73 48.53 -43.01
C TYR C 574 82.75 48.05 -44.08
N SER C 575 81.73 48.87 -44.32
CA SER C 575 80.83 48.69 -45.45
C SER C 575 80.11 50.00 -45.69
N PRO C 576 79.78 50.32 -46.93
CA PRO C 576 78.84 51.41 -47.17
C PRO C 576 77.44 51.07 -46.66
N TRP C 577 76.96 51.94 -45.76
CA TRP C 577 75.55 52.00 -45.32
C TRP C 577 75.12 50.78 -44.50
N ASN C 578 76.00 50.35 -43.59
CA ASN C 578 75.59 49.47 -42.50
C ASN C 578 76.32 49.93 -41.25
N TYR C 579 75.57 50.26 -40.21
CA TYR C 579 76.12 50.93 -39.04
C TYR C 579 76.53 49.91 -37.99
N PHE C 580 77.74 50.05 -37.47
CA PHE C 580 78.24 49.21 -36.40
C PHE C 580 78.12 50.00 -35.09
N ASP C 581 76.90 50.11 -34.60
CA ASP C 581 76.67 50.81 -33.34
C ASP C 581 77.19 49.95 -32.19
N ALA C 582 78.02 50.56 -31.35
CA ALA C 582 78.71 49.88 -30.26
C ALA C 582 78.42 50.55 -28.94
N ARG C 583 77.11 50.72 -28.66
CA ARG C 583 76.66 51.42 -27.47
C ARG C 583 77.13 50.75 -26.19
N ASN C 584 77.55 51.59 -25.24
CA ASN C 584 77.66 51.32 -23.81
C ASN C 584 78.83 50.40 -23.44
N ILE C 585 79.51 49.85 -24.42
CA ILE C 585 80.60 48.91 -24.15
C ILE C 585 81.92 49.66 -24.18
N LYS C 586 82.68 49.52 -23.10
CA LYS C 586 83.78 50.41 -22.81
C LYS C 586 85.16 49.88 -23.13
N ASN C 587 85.29 48.66 -23.63
CA ASN C 587 86.62 48.13 -23.96
C ASN C 587 86.58 47.36 -25.27
N VAL C 588 86.02 47.97 -26.32
CA VAL C 588 85.92 47.33 -27.63
C VAL C 588 87.33 47.19 -28.20
N GLU C 589 87.88 46.00 -28.14
CA GLU C 589 89.30 45.80 -28.43
C GLU C 589 89.47 45.21 -29.83
N ILE C 590 90.43 45.73 -30.57
CA ILE C 590 90.82 45.19 -31.87
C ILE C 590 92.24 44.65 -31.72
N THR C 591 92.53 43.52 -32.35
CA THR C 591 93.81 42.84 -32.19
C THR C 591 94.54 42.60 -33.51
N ARG C 592 93.82 42.50 -34.63
CA ARG C 592 94.48 42.41 -35.93
C ARG C 592 93.68 43.29 -36.89
N LYS C 593 93.91 43.08 -38.19
CA LYS C 593 93.57 43.96 -39.31
C LYS C 593 92.17 44.56 -39.24
N PHE C 594 92.09 45.87 -39.50
CA PHE C 594 90.87 46.66 -39.37
C PHE C 594 90.65 47.32 -40.73
N ALA C 595 89.98 46.62 -41.64
CA ALA C 595 89.89 47.05 -43.03
C ALA C 595 88.46 47.34 -43.44
N SER C 596 88.23 47.49 -44.73
CA SER C 596 86.90 47.62 -45.30
C SER C 596 86.57 46.41 -46.16
N SER C 597 85.26 46.13 -46.31
CA SER C 597 84.84 45.01 -47.15
C SER C 597 85.05 45.31 -48.63
N THR C 598 85.21 46.58 -48.99
CA THR C 598 85.73 46.97 -50.29
C THR C 598 87.15 47.47 -50.07
N PRO C 599 88.14 46.58 -49.99
CA PRO C 599 89.44 46.96 -49.40
C PRO C 599 90.31 47.85 -50.26
N GLU C 600 90.15 47.82 -51.58
CA GLU C 600 91.00 48.64 -52.43
C GLU C 600 90.24 49.80 -53.06
N ASN C 601 88.91 49.78 -52.99
CA ASN C 601 88.08 50.87 -53.50
C ASN C 601 86.97 51.22 -52.52
N PRO C 602 87.30 51.92 -51.44
CA PRO C 602 86.26 52.32 -50.48
C PRO C 602 85.41 53.46 -51.04
N TRP C 603 84.19 53.53 -50.53
CA TRP C 603 83.24 54.62 -50.82
C TRP C 603 82.12 54.55 -49.78
N GLY C 604 81.26 55.56 -49.80
CA GLY C 604 80.14 55.56 -48.90
C GLY C 604 80.51 56.00 -47.49
N THR C 605 79.67 55.59 -46.54
CA THR C 605 79.82 55.91 -45.13
C THR C 605 79.60 54.64 -44.30
N SER C 606 80.14 54.65 -43.08
CA SER C 606 80.02 53.52 -42.15
C SER C 606 79.95 54.09 -40.74
N LYS C 607 78.75 54.13 -40.16
CA LYS C 607 78.62 54.67 -38.80
C LYS C 607 79.19 53.72 -37.77
N LEU C 608 80.43 53.97 -37.36
CA LEU C 608 81.06 53.21 -36.28
C LEU C 608 80.81 53.94 -34.96
N MET C 609 79.52 54.01 -34.61
CA MET C 609 79.04 54.84 -33.50
C MET C 609 79.43 54.19 -32.18
N PHE C 610 80.64 54.52 -31.73
CA PHE C 610 81.22 53.85 -30.58
C PHE C 610 80.87 54.56 -29.28
N ASN C 611 81.45 54.07 -28.19
CA ASN C 611 81.59 54.83 -26.95
C ASN C 611 82.96 54.69 -26.32
N ASN C 612 83.81 53.79 -26.80
CA ASN C 612 85.19 53.57 -26.40
C ASN C 612 85.78 52.53 -27.35
N LEU C 613 87.11 52.51 -27.44
CA LEU C 613 87.81 51.35 -27.98
C LEU C 613 89.21 51.33 -27.37
N THR C 614 89.91 50.22 -27.57
CA THR C 614 91.31 50.12 -27.20
C THR C 614 92.00 49.13 -28.12
N LEU C 615 92.86 49.62 -29.00
CA LEU C 615 93.48 48.79 -30.03
C LEU C 615 94.84 48.32 -29.53
N GLY C 616 95.12 47.03 -29.74
CA GLY C 616 96.33 46.42 -29.23
C GLY C 616 97.42 46.31 -30.27
N GLN C 617 98.13 45.18 -30.23
CA GLN C 617 99.33 45.01 -31.02
C GLN C 617 99.01 44.74 -32.48
N ASN C 618 99.78 45.39 -33.38
CA ASN C 618 99.91 45.04 -34.79
C ASN C 618 98.63 45.19 -35.60
N ALA C 619 97.61 45.84 -35.05
CA ALA C 619 96.31 45.89 -35.70
C ALA C 619 96.27 47.11 -36.61
N VAL C 620 96.41 46.87 -37.91
CA VAL C 620 96.48 47.94 -38.89
C VAL C 620 95.08 48.51 -39.11
N MET C 621 94.98 49.83 -39.16
CA MET C 621 93.71 50.46 -39.49
C MET C 621 93.80 51.19 -40.82
N ASP C 622 92.64 51.37 -41.45
CA ASP C 622 92.53 52.01 -42.77
C ASP C 622 91.45 53.09 -42.65
N TYR C 623 91.85 54.29 -42.24
CA TYR C 623 90.90 55.37 -42.02
C TYR C 623 90.96 56.40 -43.14
N SER C 624 89.84 56.60 -43.82
CA SER C 624 89.71 57.59 -44.88
C SER C 624 88.46 58.42 -44.66
N GLN C 625 88.14 59.27 -45.64
CA GLN C 625 86.89 60.00 -45.66
C GLN C 625 85.71 59.11 -46.01
N PHE C 626 85.97 57.91 -46.52
CA PHE C 626 84.96 56.98 -46.98
C PHE C 626 84.43 56.10 -45.87
N SER C 627 84.82 56.38 -44.63
CA SER C 627 84.33 55.65 -43.46
C SER C 627 84.33 56.64 -42.30
N ASN C 628 83.17 57.24 -42.02
CA ASN C 628 83.08 58.22 -40.95
C ASN C 628 83.15 57.57 -39.58
N LEU C 629 84.37 57.25 -39.16
CA LEU C 629 84.66 56.55 -37.91
C LEU C 629 84.44 57.52 -36.76
N THR C 630 83.29 57.39 -36.09
CA THR C 630 82.83 58.39 -35.14
C THR C 630 82.97 57.88 -33.71
N ILE C 631 83.98 58.37 -32.99
CA ILE C 631 84.29 57.92 -31.64
C ILE C 631 83.72 58.93 -30.66
N GLN C 632 82.89 58.44 -29.73
CA GLN C 632 82.42 59.23 -28.59
C GLN C 632 83.14 58.87 -27.30
N GLY C 633 84.37 58.37 -27.39
CA GLY C 633 85.08 57.93 -26.22
C GLY C 633 86.58 57.94 -26.38
N ASP C 634 87.25 57.00 -25.72
CA ASP C 634 88.67 57.10 -25.46
C ASP C 634 89.48 56.23 -26.39
N PHE C 635 89.85 56.73 -27.57
CA PHE C 635 90.62 55.95 -28.53
C PHE C 635 92.03 55.73 -27.98
N ILE C 636 92.27 54.54 -27.47
CA ILE C 636 93.56 54.20 -26.88
C ILE C 636 94.25 53.24 -27.82
N ASN C 637 95.53 53.50 -28.10
CA ASN C 637 96.31 52.64 -28.98
C ASN C 637 97.46 52.04 -28.16
N ASN C 638 97.64 50.73 -28.29
CA ASN C 638 98.83 50.05 -27.82
C ASN C 638 99.80 49.97 -29.01
N GLN C 639 100.76 49.04 -29.00
CA GLN C 639 101.80 48.96 -30.03
C GLN C 639 101.21 48.51 -31.36
N GLY C 640 100.45 49.41 -31.99
CA GLY C 640 99.73 49.07 -33.21
C GLY C 640 99.95 50.07 -34.32
N THR C 641 100.18 49.59 -35.54
CA THR C 641 100.61 50.42 -36.65
C THR C 641 99.39 50.86 -37.47
N ILE C 642 98.91 52.07 -37.21
CA ILE C 642 97.75 52.59 -37.93
C ILE C 642 98.21 53.20 -39.24
N ASN C 643 97.53 52.85 -40.33
CA ASN C 643 97.85 53.40 -41.64
C ASN C 643 96.79 54.43 -42.04
N TYR C 644 97.21 55.38 -42.88
CA TYR C 644 96.34 56.44 -43.38
C TYR C 644 96.36 56.43 -44.90
N LEU C 645 95.51 57.28 -45.48
CA LEU C 645 95.33 57.42 -46.92
C LEU C 645 94.59 58.73 -47.17
N VAL C 646 94.84 59.33 -48.35
CA VAL C 646 94.33 60.66 -48.60
C VAL C 646 93.05 60.65 -49.44
N ARG C 647 93.05 59.92 -50.55
CA ARG C 647 91.97 59.88 -51.55
C ARG C 647 91.54 61.29 -51.97
N GLY C 648 92.49 62.01 -52.55
CA GLY C 648 92.29 63.38 -52.93
C GLY C 648 93.26 64.38 -52.31
N GLY C 649 94.40 63.92 -51.81
CA GLY C 649 95.43 64.80 -51.30
C GLY C 649 95.24 65.28 -49.88
N LYS C 650 94.07 65.12 -49.30
CA LYS C 650 93.81 65.63 -47.95
C LYS C 650 93.49 64.46 -47.01
N VAL C 651 93.91 64.62 -45.76
CA VAL C 651 93.78 63.56 -44.76
C VAL C 651 92.58 63.87 -43.87
N ALA C 652 91.69 62.89 -43.72
CA ALA C 652 90.55 63.03 -42.82
C ALA C 652 91.02 62.97 -41.38
N THR C 653 90.52 63.89 -40.55
CA THR C 653 90.90 63.92 -39.14
C THR C 653 90.19 62.82 -38.37
N LEU C 654 90.77 62.43 -37.23
CA LEU C 654 90.25 61.34 -36.42
C LEU C 654 89.99 61.89 -35.02
N ASN C 655 88.73 61.88 -34.60
CA ASN C 655 88.29 62.59 -33.40
C ASN C 655 88.38 61.67 -32.19
N VAL C 656 89.34 61.94 -31.31
CA VAL C 656 89.43 61.27 -30.01
C VAL C 656 88.58 62.06 -29.03
N GLY C 657 87.73 61.36 -28.29
CA GLY C 657 86.73 62.04 -27.47
C GLY C 657 87.32 62.70 -26.24
N ASN C 658 88.04 61.93 -25.42
CA ASN C 658 88.61 62.46 -24.19
C ASN C 658 90.13 62.39 -24.18
N ALA C 659 90.72 61.22 -24.42
CA ALA C 659 92.16 61.08 -24.29
C ALA C 659 92.64 59.92 -25.13
N ALA C 660 93.78 60.11 -25.80
CA ALA C 660 94.46 59.05 -26.53
C ALA C 660 95.80 58.80 -25.86
N ALA C 661 95.78 58.03 -24.77
CA ALA C 661 97.00 57.76 -24.02
C ALA C 661 97.65 56.48 -24.52
N MET C 662 98.94 56.55 -24.79
CA MET C 662 99.61 55.45 -25.47
C MET C 662 100.88 55.07 -24.70
N MET C 663 101.36 53.86 -24.96
CA MET C 663 102.54 53.31 -24.30
C MET C 663 103.13 52.25 -25.22
N PHE C 664 104.45 52.26 -25.38
CA PHE C 664 105.09 51.42 -26.38
C PHE C 664 106.35 50.81 -25.79
N ASN C 665 107.22 50.31 -26.65
CA ASN C 665 108.50 49.76 -26.26
C ASN C 665 109.47 49.97 -27.42
N ASN C 666 110.64 49.33 -27.32
CA ASN C 666 111.62 49.32 -28.40
C ASN C 666 111.15 48.33 -29.48
N ASP C 667 110.16 48.78 -30.26
CA ASP C 667 109.51 47.95 -31.28
C ASP C 667 110.31 47.98 -32.58
N ILE C 668 111.55 47.53 -32.47
CA ILE C 668 112.54 47.56 -33.55
C ILE C 668 112.44 46.28 -34.37
N ASP C 669 112.59 46.42 -35.69
CA ASP C 669 112.63 45.28 -36.58
C ASP C 669 113.95 45.29 -37.34
N SER C 670 114.30 44.13 -37.90
CA SER C 670 115.48 44.02 -38.75
C SER C 670 115.15 44.18 -40.23
N ALA C 671 113.87 44.35 -40.57
CA ALA C 671 113.50 44.60 -41.96
C ALA C 671 113.81 46.05 -42.35
N THR C 672 113.65 46.97 -41.40
CA THR C 672 113.97 48.38 -41.63
C THR C 672 115.20 48.86 -40.87
N GLY C 673 115.46 48.33 -39.68
CA GLY C 673 116.54 48.78 -38.82
C GLY C 673 116.09 49.81 -37.80
N PHE C 674 115.05 50.57 -38.13
CA PHE C 674 114.42 51.49 -37.22
C PHE C 674 113.43 50.71 -36.36
N TYR C 675 112.68 51.41 -35.51
CA TYR C 675 111.47 50.89 -34.93
C TYR C 675 110.44 50.56 -36.03
N LYS C 676 109.41 49.81 -35.64
CA LYS C 676 108.28 49.60 -36.54
C LYS C 676 107.57 50.93 -36.79
N PRO C 677 107.19 51.22 -38.04
CA PRO C 677 106.56 52.52 -38.34
C PRO C 677 105.17 52.64 -37.73
N LEU C 678 105.10 53.45 -36.66
CA LEU C 678 104.03 53.32 -35.69
C LEU C 678 102.73 53.95 -36.19
N ILE C 679 102.81 55.06 -36.91
CA ILE C 679 101.66 55.66 -37.58
C ILE C 679 102.11 56.02 -38.99
N LYS C 680 101.48 55.43 -39.99
CA LYS C 680 101.90 55.61 -41.38
C LYS C 680 100.85 56.37 -42.14
N ILE C 681 101.30 57.20 -43.09
CA ILE C 681 100.44 57.84 -44.07
C ILE C 681 100.90 57.33 -45.43
N ASN C 682 100.27 56.26 -45.90
CA ASN C 682 100.61 55.66 -47.18
C ASN C 682 99.58 56.08 -48.22
N SER C 683 99.96 55.93 -49.51
CA SER C 683 99.16 56.30 -50.68
C SER C 683 98.83 57.80 -50.70
N ALA C 684 99.66 58.58 -50.02
CA ALA C 684 99.67 60.03 -50.09
C ALA C 684 100.66 60.52 -51.13
N GLN C 685 100.54 59.99 -52.35
CA GLN C 685 101.43 60.40 -53.44
C GLN C 685 101.10 61.81 -53.90
N ASP C 686 99.81 62.15 -53.95
CA ASP C 686 99.36 63.49 -54.27
C ASP C 686 99.12 64.34 -53.04
N LEU C 687 99.86 64.08 -51.96
CA LEU C 687 99.73 64.88 -50.74
C LEU C 687 100.19 66.31 -51.01
N ILE C 688 99.31 67.26 -50.69
CA ILE C 688 99.46 68.64 -51.14
C ILE C 688 100.59 69.29 -50.36
N LYS C 689 101.62 69.75 -51.08
CA LYS C 689 102.76 70.40 -50.48
C LYS C 689 102.35 71.78 -49.96
N ASN C 690 103.07 72.25 -48.93
CA ASN C 690 102.91 73.58 -48.33
C ASN C 690 101.51 73.79 -47.74
N THR C 691 100.96 72.73 -47.15
CA THR C 691 99.59 72.77 -46.68
C THR C 691 99.46 71.94 -45.40
N GLU C 692 98.85 72.54 -44.38
CA GLU C 692 98.52 71.79 -43.17
C GLU C 692 97.45 70.76 -43.46
N HIS C 693 97.77 69.50 -43.21
CA HIS C 693 96.82 68.40 -43.30
C HIS C 693 96.64 67.86 -41.89
N VAL C 694 95.47 68.10 -41.30
CA VAL C 694 95.20 67.65 -39.94
C VAL C 694 95.02 66.14 -39.92
N LEU C 695 95.93 65.45 -39.23
CA LEU C 695 95.88 63.99 -39.18
C LEU C 695 94.76 63.52 -38.24
N LEU C 696 94.69 64.12 -37.05
CA LEU C 696 93.71 63.74 -36.05
C LEU C 696 93.49 64.90 -35.08
N LYS C 697 92.23 65.19 -34.79
CA LYS C 697 91.89 66.11 -33.73
C LYS C 697 91.71 65.35 -32.42
N ALA C 698 92.53 65.70 -31.43
CA ALA C 698 92.54 64.96 -30.18
C ALA C 698 92.71 65.96 -29.04
N LYS C 699 92.62 65.46 -27.83
CA LYS C 699 92.74 66.30 -26.64
C LYS C 699 94.02 66.03 -25.88
N ILE C 700 94.42 64.77 -25.71
CA ILE C 700 95.66 64.41 -25.04
C ILE C 700 96.33 63.33 -25.90
N ILE C 701 97.52 63.62 -26.42
CA ILE C 701 98.37 62.59 -26.99
C ILE C 701 99.37 62.22 -25.90
N GLY C 702 99.01 61.25 -25.06
CA GLY C 702 99.88 60.86 -23.99
C GLY C 702 100.80 59.73 -24.41
N TYR C 703 102.01 60.06 -24.81
CA TYR C 703 102.99 59.06 -25.20
C TYR C 703 103.52 58.36 -23.96
N GLY C 704 103.88 57.08 -24.13
CA GLY C 704 104.62 56.41 -23.09
C GLY C 704 105.50 55.32 -23.68
N ASN C 705 106.37 54.80 -22.82
CA ASN C 705 107.09 53.56 -23.06
C ASN C 705 107.10 52.79 -21.76
N VAL C 706 107.97 51.77 -21.66
CA VAL C 706 108.09 50.98 -20.44
C VAL C 706 108.64 51.78 -19.26
N SER C 707 109.24 52.94 -19.52
CA SER C 707 109.50 53.93 -18.48
C SER C 707 108.91 55.24 -18.96
N THR C 708 109.04 56.28 -18.12
CA THR C 708 108.63 57.62 -18.54
C THR C 708 109.58 58.16 -19.59
N GLY C 709 110.88 57.94 -19.39
CA GLY C 709 111.89 58.27 -20.39
C GLY C 709 111.74 57.44 -21.64
N THR C 710 111.79 58.09 -22.79
CA THR C 710 111.36 57.48 -24.03
C THR C 710 112.53 56.92 -24.82
N ASN C 711 112.24 56.55 -26.07
CA ASN C 711 113.15 55.84 -26.99
C ASN C 711 113.62 54.52 -26.39
N GLY C 712 112.66 53.62 -26.18
CA GLY C 712 112.93 52.29 -25.66
C GLY C 712 112.94 52.27 -24.15
N ILE C 713 114.14 52.13 -23.57
CA ILE C 713 114.32 52.22 -22.13
C ILE C 713 115.51 53.14 -21.84
N SER C 714 115.20 54.41 -21.60
CA SER C 714 116.21 55.46 -21.42
C SER C 714 115.53 56.59 -20.66
N ASN C 715 116.14 57.78 -20.72
CA ASN C 715 115.59 58.97 -20.06
C ASN C 715 115.36 60.12 -21.04
N VAL C 716 114.81 59.82 -22.21
CA VAL C 716 114.56 60.83 -23.24
C VAL C 716 113.16 61.40 -23.04
N ASN C 717 112.97 62.67 -23.38
CA ASN C 717 111.68 63.34 -23.26
C ASN C 717 110.60 62.75 -24.16
N LEU C 718 109.39 63.29 -24.06
CA LEU C 718 108.19 62.55 -24.43
C LEU C 718 107.77 62.69 -25.89
N GLU C 719 107.91 63.86 -26.50
CA GLU C 719 107.17 64.08 -27.74
C GLU C 719 108.03 64.19 -29.00
N GLU C 720 109.29 64.58 -28.89
CA GLU C 720 110.09 64.88 -30.09
C GLU C 720 110.49 63.63 -30.86
N GLN C 721 110.69 62.50 -30.16
CA GLN C 721 111.00 61.23 -30.79
C GLN C 721 109.78 60.59 -31.44
N PHE C 722 108.59 61.14 -31.21
CA PHE C 722 107.40 60.56 -31.82
C PHE C 722 107.24 61.07 -33.24
N LYS C 723 107.95 62.15 -33.58
CA LYS C 723 108.15 62.48 -34.99
C LYS C 723 108.99 61.43 -35.71
N GLU C 724 109.85 60.72 -34.99
CA GLU C 724 110.68 59.72 -35.63
C GLU C 724 109.89 58.45 -35.97
N ARG C 725 109.05 57.98 -35.05
CA ARG C 725 108.32 56.75 -35.25
C ARG C 725 107.17 56.86 -36.24
N LEU C 726 106.66 58.07 -36.48
CA LEU C 726 105.78 58.26 -37.62
C LEU C 726 106.56 58.17 -38.92
N ALA C 727 105.86 57.88 -40.00
CA ALA C 727 106.50 57.70 -41.29
C ALA C 727 105.55 58.16 -42.39
N LEU C 728 106.15 58.63 -43.48
CA LEU C 728 105.41 59.08 -44.65
C LEU C 728 105.92 58.22 -45.80
N TYR C 729 105.19 57.16 -46.10
CA TYR C 729 105.61 56.14 -47.05
C TYR C 729 105.05 56.50 -48.42
N ASN C 730 105.84 57.22 -49.23
CA ASN C 730 105.36 57.59 -50.55
C ASN C 730 106.48 57.45 -51.56
N ASN C 731 106.07 57.28 -52.82
CA ASN C 731 106.92 56.76 -53.92
C ASN C 731 107.57 55.44 -53.52
N ASN C 732 106.77 54.59 -52.85
CA ASN C 732 107.10 53.21 -52.46
C ASN C 732 108.31 53.13 -51.54
N ASN C 733 108.60 54.19 -50.80
CA ASN C 733 109.65 54.19 -49.79
C ASN C 733 109.26 55.23 -48.74
N ARG C 734 109.98 55.27 -47.64
CA ARG C 734 109.71 56.22 -46.57
C ARG C 734 110.34 57.57 -46.92
N MET C 735 109.48 58.59 -46.99
CA MET C 735 109.95 59.93 -47.34
C MET C 735 110.06 60.86 -46.14
N ASP C 736 109.44 60.51 -45.01
CA ASP C 736 109.58 61.30 -43.80
C ASP C 736 111.01 61.22 -43.28
N THR C 737 111.44 60.02 -42.91
CA THR C 737 112.84 59.72 -42.72
C THR C 737 113.23 58.67 -43.75
N CYS C 738 114.54 58.50 -43.94
CA CYS C 738 115.02 57.46 -44.84
C CYS C 738 116.03 56.63 -44.03
N VAL C 739 115.54 55.52 -43.50
CA VAL C 739 116.32 54.67 -42.61
C VAL C 739 117.19 53.74 -43.45
N VAL C 740 118.50 53.88 -43.29
CA VAL C 740 119.47 53.31 -44.23
C VAL C 740 120.45 52.43 -43.47
N ARG C 741 120.64 51.20 -43.97
CA ARG C 741 121.68 50.32 -43.44
C ARG C 741 122.64 49.81 -44.50
N ASN C 742 122.40 50.07 -45.78
CA ASN C 742 123.31 49.62 -46.84
C ASN C 742 123.24 50.61 -48.00
N THR C 743 123.78 50.23 -49.16
CA THR C 743 123.78 51.08 -50.33
C THR C 743 122.64 50.77 -51.30
N ASP C 744 121.98 49.62 -51.12
CA ASP C 744 120.90 49.21 -52.01
C ASP C 744 119.64 50.05 -51.86
N ASP C 745 119.30 50.44 -50.62
CA ASP C 745 118.09 51.22 -50.40
C ASP C 745 118.27 52.68 -50.75
N ILE C 746 119.49 53.11 -51.04
CA ILE C 746 119.75 54.47 -51.49
C ILE C 746 119.12 54.72 -52.85
N LYS C 747 119.00 53.67 -53.68
CA LYS C 747 118.34 53.77 -54.98
C LYS C 747 116.87 54.13 -54.82
N ALA C 748 116.13 53.34 -54.04
CA ALA C 748 114.73 53.63 -53.79
C ALA C 748 114.54 54.88 -52.94
N CYS C 749 115.53 55.27 -52.13
CA CYS C 749 115.42 56.50 -51.38
C CYS C 749 115.53 57.72 -52.29
N GLY C 750 116.44 57.68 -53.25
CA GLY C 750 116.51 58.74 -54.26
C GLY C 750 115.32 58.72 -55.20
N MET C 751 114.73 57.55 -55.42
CA MET C 751 113.45 57.49 -56.12
C MET C 751 112.33 58.11 -55.29
N ALA C 752 112.41 58.00 -53.96
CA ALA C 752 111.39 58.55 -53.10
C ALA C 752 111.48 60.07 -53.03
N ILE C 753 112.70 60.61 -52.93
CA ILE C 753 112.86 62.06 -52.83
C ILE C 753 113.12 62.72 -54.17
N GLY C 754 113.18 61.95 -55.26
CA GLY C 754 113.31 62.52 -56.58
C GLY C 754 114.64 63.16 -56.90
N ASN C 755 115.74 62.50 -56.54
CA ASN C 755 117.08 63.04 -56.73
C ASN C 755 118.00 61.96 -57.29
N GLN C 756 118.65 62.25 -58.41
CA GLN C 756 119.59 61.31 -59.02
C GLN C 756 120.93 61.29 -58.31
N SER C 757 121.15 62.17 -57.33
CA SER C 757 122.35 62.12 -56.50
C SER C 757 122.35 60.93 -55.56
N MET C 758 121.20 60.30 -55.34
CA MET C 758 121.13 59.05 -54.60
C MET C 758 120.78 57.86 -55.50
N VAL C 759 120.49 58.11 -56.77
CA VAL C 759 120.08 57.06 -57.70
C VAL C 759 121.29 56.58 -58.49
N ASN C 760 121.99 57.52 -59.13
CA ASN C 760 123.12 57.15 -59.99
C ASN C 760 124.34 56.71 -59.18
N ASN C 761 124.52 57.26 -57.98
CA ASN C 761 125.66 56.92 -57.14
C ASN C 761 125.25 56.77 -55.68
N PRO C 762 125.16 55.53 -55.17
CA PRO C 762 124.81 55.35 -53.75
C PRO C 762 125.94 55.71 -52.80
N ASP C 763 127.19 55.61 -53.24
CA ASP C 763 128.34 55.96 -52.40
C ASP C 763 128.62 57.46 -52.39
N ASN C 764 127.78 58.26 -53.04
CA ASN C 764 127.90 59.71 -52.96
C ASN C 764 127.61 60.21 -51.55
N TYR C 765 126.67 59.56 -50.86
CA TYR C 765 126.25 59.97 -49.53
C TYR C 765 126.62 58.86 -48.55
N LYS C 766 127.56 59.16 -47.66
CA LYS C 766 128.12 58.16 -46.76
C LYS C 766 127.86 58.51 -45.29
N TYR C 767 126.81 59.30 -45.04
CA TYR C 767 126.40 59.68 -43.69
C TYR C 767 125.37 58.73 -43.12
N LEU C 768 125.21 57.55 -43.70
CA LEU C 768 124.03 56.73 -43.53
C LEU C 768 124.38 55.26 -43.30
N ILE C 769 125.60 54.98 -42.87
CA ILE C 769 126.02 53.63 -42.49
C ILE C 769 125.78 53.56 -40.99
N GLY C 770 124.71 52.89 -40.60
CA GLY C 770 124.30 52.88 -39.20
C GLY C 770 123.55 54.13 -38.79
N LYS C 771 123.14 54.96 -39.75
CA LYS C 771 122.44 56.20 -39.46
C LYS C 771 121.21 56.34 -40.34
N ALA C 772 120.57 57.51 -40.28
CA ALA C 772 119.46 57.85 -41.15
C ALA C 772 119.42 59.37 -41.29
N TRP C 773 118.31 59.87 -41.84
CA TRP C 773 118.13 61.31 -41.96
C TRP C 773 116.65 61.63 -42.07
N LYS C 774 116.21 62.64 -41.32
CA LYS C 774 114.85 63.15 -41.44
C LYS C 774 114.81 64.20 -42.54
N ASN C 775 113.76 64.13 -43.36
CA ASN C 775 113.64 65.02 -44.51
C ASN C 775 113.25 66.42 -44.05
N ILE C 776 114.08 67.40 -44.40
CA ILE C 776 113.72 68.79 -44.16
C ILE C 776 112.64 69.19 -45.18
N GLY C 777 111.71 70.03 -44.73
CA GLY C 777 110.52 70.32 -45.49
C GLY C 777 109.33 69.46 -45.11
N ILE C 778 109.48 68.58 -44.13
CA ILE C 778 108.40 67.76 -43.60
C ILE C 778 108.40 67.94 -42.08
N SER C 779 107.35 68.58 -41.56
CA SER C 779 107.25 68.87 -40.14
C SER C 779 106.01 68.21 -39.58
N LYS C 780 106.08 67.77 -38.32
CA LYS C 780 104.94 67.15 -37.66
C LYS C 780 104.85 67.63 -36.22
N THR C 781 103.65 67.55 -35.66
CA THR C 781 103.42 67.81 -34.25
C THR C 781 103.15 66.49 -33.54
N ALA C 782 103.68 66.35 -32.33
CA ALA C 782 103.45 65.17 -31.53
C ALA C 782 103.27 65.56 -30.06
N ASN C 783 102.88 66.81 -29.84
CA ASN C 783 102.70 67.30 -28.49
C ASN C 783 101.37 66.81 -27.90
N GLY C 784 101.07 67.30 -26.71
CA GLY C 784 99.92 66.82 -25.96
C GLY C 784 98.56 67.30 -26.44
N SER C 785 98.46 67.95 -27.60
CA SER C 785 97.18 68.48 -28.02
C SER C 785 96.84 68.21 -29.48
N LYS C 786 97.82 67.90 -30.33
CA LYS C 786 97.55 67.79 -31.76
C LYS C 786 98.64 66.99 -32.44
N ILE C 787 98.25 66.11 -33.35
CA ILE C 787 99.17 65.50 -34.30
C ILE C 787 98.75 65.95 -35.70
N SER C 788 99.55 66.84 -36.29
CA SER C 788 99.32 67.30 -37.65
C SER C 788 100.63 67.22 -38.42
N VAL C 789 100.53 66.86 -39.69
CA VAL C 789 101.69 66.67 -40.55
C VAL C 789 101.75 67.84 -41.53
N TYR C 790 102.91 68.49 -41.61
CA TYR C 790 103.13 69.68 -42.43
C TYR C 790 104.08 69.30 -43.54
N TYR C 791 103.54 68.74 -44.63
CA TYR C 791 104.34 68.41 -45.80
C TYR C 791 104.51 69.68 -46.61
N LEU C 792 105.69 70.28 -46.54
CA LEU C 792 105.97 71.52 -47.23
C LEU C 792 107.22 71.50 -48.07
N GLY C 793 107.97 70.39 -48.08
CA GLY C 793 109.13 70.32 -48.95
C GLY C 793 109.76 68.95 -49.10
N ASN C 794 109.97 68.54 -50.35
CA ASN C 794 110.78 67.37 -50.66
C ASN C 794 112.19 67.84 -51.04
N SER C 795 112.90 68.32 -50.02
CA SER C 795 114.20 68.93 -50.22
C SER C 795 115.29 67.88 -50.27
N THR C 796 116.35 68.20 -51.01
CA THR C 796 117.48 67.29 -51.15
C THR C 796 118.36 67.41 -49.91
N PRO C 797 118.60 66.32 -49.18
CA PRO C 797 119.49 66.40 -48.02
C PRO C 797 120.95 66.45 -48.44
N THR C 798 121.69 67.34 -47.79
CA THR C 798 123.13 67.36 -47.98
C THR C 798 123.77 66.22 -47.20
N GLU C 799 125.05 65.98 -47.48
CA GLU C 799 125.70 64.79 -46.91
C GLU C 799 126.07 65.01 -45.45
N ASN C 800 126.90 66.01 -45.17
CA ASN C 800 127.44 66.23 -43.83
C ASN C 800 127.13 67.64 -43.35
N GLY C 801 125.86 68.03 -43.46
CA GLY C 801 125.44 69.35 -43.01
C GLY C 801 124.43 69.33 -41.87
N GLY C 802 123.62 68.28 -41.80
CA GLY C 802 122.65 68.17 -40.74
C GLY C 802 121.43 67.40 -41.19
N ASN C 803 120.38 67.49 -40.36
CA ASN C 803 119.11 66.79 -40.54
C ASN C 803 119.30 65.29 -40.63
N THR C 804 120.21 64.75 -39.81
CA THR C 804 120.53 63.33 -39.82
C THR C 804 120.15 62.72 -38.47
N THR C 805 119.75 61.45 -38.51
CA THR C 805 119.40 60.71 -37.32
C THR C 805 120.19 59.41 -37.29
N ASN C 806 120.13 58.72 -36.15
CA ASN C 806 120.87 57.48 -35.94
C ASN C 806 119.91 56.29 -36.04
N LEU C 807 120.44 55.08 -35.90
CA LEU C 807 119.59 53.92 -35.75
C LEU C 807 119.27 53.68 -34.27
N PRO C 808 118.15 53.02 -33.97
CA PRO C 808 117.91 52.60 -32.57
C PRO C 808 118.93 51.59 -32.09
N THR C 809 119.07 50.46 -32.80
CA THR C 809 120.06 49.40 -32.56
C THR C 809 119.94 48.85 -31.13
N ASN C 810 118.81 48.18 -30.90
CA ASN C 810 118.58 47.56 -29.59
C ASN C 810 118.43 46.06 -29.74
N THR C 811 119.07 45.49 -30.74
CA THR C 811 119.03 44.05 -30.97
C THR C 811 120.44 43.47 -30.86
N LEU D 27 28.18 33.84 25.18
CA LEU D 27 27.38 33.35 26.30
C LEU D 27 28.11 32.21 27.03
N LEU D 28 28.91 31.45 26.28
CA LEU D 28 29.71 30.41 26.90
C LEU D 28 31.02 30.95 27.47
N GLY D 29 31.72 31.79 26.71
CA GLY D 29 33.05 32.23 27.08
C GLY D 29 34.13 31.38 26.43
N TRP D 30 35.25 32.04 26.16
CA TRP D 30 36.35 31.36 25.48
C TRP D 30 37.04 30.35 26.38
N GLY D 31 37.02 30.59 27.69
CA GLY D 31 37.72 29.70 28.62
C GLY D 31 37.08 28.34 28.72
N LEU D 32 35.80 28.22 28.39
CA LEU D 32 35.17 26.92 28.24
C LEU D 32 35.48 26.32 26.87
N LYS D 33 35.45 27.16 25.83
CA LYS D 33 35.51 26.67 24.47
C LYS D 33 36.86 26.07 24.13
N GLN D 34 37.95 26.78 24.45
CA GLN D 34 39.27 26.24 24.19
C GLN D 34 39.56 25.06 25.09
N ALA D 35 39.10 25.10 26.33
CA ALA D 35 39.39 23.99 27.24
C ALA D 35 38.63 22.73 26.88
N GLU D 36 37.52 22.85 26.16
CA GLU D 36 36.84 21.65 25.67
C GLU D 36 37.30 21.22 24.29
N GLU D 37 37.85 22.13 23.48
CA GLU D 37 38.36 21.72 22.18
C GLU D 37 39.79 21.23 22.23
N ALA D 38 40.54 21.54 23.28
CA ALA D 38 41.95 21.12 23.31
C ALA D 38 42.07 19.65 23.63
N ASN D 39 41.11 19.07 24.34
CA ASN D 39 41.13 17.66 24.70
C ASN D 39 40.04 16.91 23.92
N LYS D 40 40.36 16.53 22.70
CA LYS D 40 39.46 15.75 21.86
C LYS D 40 40.22 14.67 21.12
N THR D 41 39.56 13.54 20.90
CA THR D 41 40.00 12.63 19.86
C THR D 41 39.80 13.31 18.51
N PRO D 42 40.68 13.06 17.52
CA PRO D 42 40.57 13.77 16.23
C PRO D 42 39.27 13.52 15.47
N ASP D 43 39.00 12.28 15.08
CA ASP D 43 37.81 11.84 14.37
C ASP D 43 37.82 10.32 14.33
N LYS D 44 36.84 9.75 13.64
CA LYS D 44 36.85 8.35 13.25
C LYS D 44 36.61 8.27 11.74
N PRO D 45 37.65 8.44 10.91
CA PRO D 45 37.44 8.36 9.47
C PRO D 45 37.69 6.98 8.91
N ASP D 46 36.86 6.60 7.97
CA ASP D 46 37.13 5.47 7.10
C ASP D 46 37.97 5.94 5.92
N LYS D 47 38.56 4.96 5.22
CA LYS D 47 39.42 5.18 4.06
C LYS D 47 40.60 6.08 4.40
N VAL D 48 41.48 5.55 5.23
CA VAL D 48 42.72 6.24 5.54
C VAL D 48 43.66 6.07 4.35
N TRP D 49 43.71 7.07 3.48
CA TRP D 49 44.61 7.03 2.34
C TRP D 49 46.04 7.24 2.82
N ARG D 50 46.99 6.60 2.16
CA ARG D 50 48.39 6.81 2.47
C ARG D 50 49.19 7.00 1.19
N ILE D 51 49.88 8.12 1.10
CA ILE D 51 50.70 8.46 -0.05
C ILE D 51 52.12 8.67 0.43
N GLN D 52 53.07 7.99 -0.18
CA GLN D 52 54.48 8.18 0.14
C GLN D 52 55.17 8.75 -1.08
N ALA D 53 55.87 9.86 -0.91
CA ALA D 53 56.68 10.41 -1.98
C ALA D 53 57.95 9.59 -2.12
N GLY D 54 58.02 8.79 -3.18
CA GLY D 54 59.13 7.88 -3.35
C GLY D 54 60.34 8.55 -3.96
N LYS D 55 60.93 7.92 -4.97
CA LYS D 55 62.13 8.45 -5.58
C LYS D 55 61.77 9.50 -6.62
N GLY D 56 62.70 10.42 -6.84
CA GLY D 56 62.46 11.53 -7.72
C GLY D 56 62.54 12.86 -7.01
N PHE D 57 61.99 12.91 -5.80
CA PHE D 57 61.95 14.17 -5.06
C PHE D 57 63.22 14.43 -4.29
N ASN D 58 63.82 13.39 -3.70
CA ASN D 58 64.68 13.54 -2.54
C ASN D 58 66.13 13.84 -2.89
N GLU D 59 66.42 14.37 -4.06
CA GLU D 59 67.79 14.77 -4.35
C GLU D 59 67.94 16.03 -5.19
N PHE D 60 66.88 16.79 -5.44
CA PHE D 60 67.00 18.11 -6.06
C PHE D 60 66.70 19.17 -5.00
N PRO D 61 67.73 19.76 -4.39
CA PRO D 61 67.50 20.64 -3.25
C PRO D 61 66.91 22.00 -3.57
N ASN D 62 66.78 22.38 -4.84
CA ASN D 62 66.38 23.75 -5.15
C ASN D 62 65.36 23.82 -6.28
N LYS D 63 64.49 22.82 -6.41
CA LYS D 63 63.75 22.70 -7.66
C LYS D 63 62.52 23.62 -7.70
N GLU D 64 61.98 24.00 -6.54
CA GLU D 64 60.71 24.74 -6.42
C GLU D 64 59.57 23.94 -7.07
N TYR D 65 59.27 22.84 -6.41
CA TYR D 65 58.16 21.97 -6.77
C TYR D 65 56.83 22.70 -6.60
N ASP D 66 55.78 22.11 -7.12
CA ASP D 66 54.43 22.37 -6.66
C ASP D 66 54.04 21.18 -5.81
N LEU D 67 53.14 21.40 -4.86
CA LEU D 67 52.74 20.33 -3.97
C LEU D 67 51.34 19.84 -4.25
N TYR D 68 50.45 20.76 -4.64
CA TYR D 68 49.10 20.34 -4.99
C TYR D 68 49.09 19.53 -6.29
N LYS D 69 49.59 20.13 -7.36
CA LYS D 69 49.46 19.53 -8.68
C LYS D 69 50.39 18.33 -8.86
N SER D 70 51.62 18.42 -8.35
CA SER D 70 52.55 17.33 -8.58
C SER D 70 52.32 16.17 -7.64
N LEU D 71 51.80 16.42 -6.43
CA LEU D 71 51.57 15.32 -5.50
C LEU D 71 50.12 15.19 -5.05
N LEU D 72 49.54 16.25 -4.51
CA LEU D 72 48.32 16.10 -3.73
C LEU D 72 47.06 15.97 -4.58
N SER D 73 47.11 16.38 -5.85
CA SER D 73 45.91 16.34 -6.65
C SER D 73 45.54 14.93 -7.10
N SER D 74 46.36 13.93 -6.78
CA SER D 74 45.98 12.55 -7.03
C SER D 74 44.85 12.11 -6.12
N LYS D 75 44.86 12.55 -4.86
CA LYS D 75 43.86 12.13 -3.90
C LYS D 75 43.20 13.32 -3.22
N ILE D 76 43.14 14.46 -3.91
CA ILE D 76 42.31 15.59 -3.50
C ILE D 76 41.55 16.05 -4.73
N ASP D 77 40.24 15.92 -4.71
CA ASP D 77 39.42 16.18 -5.87
C ASP D 77 38.62 17.47 -5.70
N GLY D 78 38.66 18.32 -6.71
CA GLY D 78 37.87 19.52 -6.71
C GLY D 78 36.41 19.24 -6.98
N GLY D 79 35.63 20.32 -7.00
CA GLY D 79 34.22 20.16 -7.30
C GLY D 79 33.41 21.44 -7.26
N TRP D 80 32.10 21.30 -7.26
CA TRP D 80 31.16 22.42 -7.25
C TRP D 80 30.02 22.09 -6.30
N ASP D 81 29.73 22.99 -5.37
CA ASP D 81 28.62 22.80 -4.45
C ASP D 81 27.42 23.55 -5.00
N TRP D 82 26.31 22.84 -5.16
CA TRP D 82 25.08 23.48 -5.64
C TRP D 82 24.55 24.36 -4.51
N GLY D 83 24.81 25.66 -4.62
CA GLY D 83 24.63 26.57 -3.52
C GLY D 83 25.97 27.15 -3.13
N ASN D 84 26.13 28.47 -3.36
CA ASN D 84 27.26 29.36 -3.10
C ASN D 84 28.64 28.72 -3.21
N ALA D 85 28.96 28.18 -4.38
CA ALA D 85 30.31 27.67 -4.60
C ALA D 85 31.13 28.68 -5.37
N ALA D 86 32.42 28.72 -5.03
CA ALA D 86 33.44 29.23 -5.92
C ALA D 86 34.35 28.10 -6.38
N THR D 87 34.97 27.39 -5.44
CA THR D 87 35.50 26.06 -5.68
C THR D 87 34.96 25.18 -4.56
N HIS D 88 35.39 23.91 -4.53
CA HIS D 88 34.94 22.97 -3.53
C HIS D 88 35.94 21.82 -3.49
N TYR D 89 36.62 21.67 -2.37
CA TYR D 89 37.63 20.63 -2.24
C TYR D 89 37.35 19.75 -1.06
N TRP D 90 37.55 18.45 -1.27
CA TRP D 90 37.48 17.46 -0.20
C TRP D 90 38.57 16.45 -0.48
N ILE D 91 38.52 15.30 0.19
CA ILE D 91 39.62 14.37 0.05
C ILE D 91 39.33 13.33 -1.03
N LYS D 92 38.38 12.44 -0.76
CA LYS D 92 37.99 11.43 -1.73
C LYS D 92 36.66 10.82 -1.33
N GLY D 93 35.62 11.06 -2.11
CA GLY D 93 34.31 10.53 -1.79
C GLY D 93 33.70 11.07 -0.52
N GLY D 94 33.71 12.38 -0.35
CA GLY D 94 33.14 13.01 0.83
C GLY D 94 34.20 13.66 1.68
N GLN D 95 33.72 14.34 2.73
CA GLN D 95 34.58 15.10 3.63
C GLN D 95 34.96 14.32 4.87
N TRP D 96 34.90 12.99 4.85
CA TRP D 96 35.17 12.21 6.04
C TRP D 96 36.25 11.17 5.82
N ASN D 97 37.29 11.51 5.05
CA ASN D 97 38.32 10.57 4.67
C ASN D 97 39.69 11.17 4.94
N LYS D 98 40.47 10.49 5.77
CA LYS D 98 41.82 10.93 6.08
C LYS D 98 42.79 10.49 4.98
N LEU D 99 43.71 11.39 4.63
CA LEU D 99 44.89 10.97 3.88
C LEU D 99 46.11 11.30 4.74
N GLU D 100 47.27 10.81 4.35
CA GLU D 100 48.52 11.27 4.92
C GLU D 100 49.62 11.21 3.89
N VAL D 101 50.61 12.07 4.03
CA VAL D 101 51.77 12.11 3.15
C VAL D 101 53.00 11.90 4.02
N ASP D 102 53.81 10.91 3.67
CA ASP D 102 54.96 10.53 4.48
C ASP D 102 56.22 10.67 3.64
N MET D 103 56.78 11.88 3.58
CA MET D 103 57.99 12.08 2.78
C MET D 103 59.24 11.72 3.59
N LYS D 104 59.52 12.52 4.63
CA LYS D 104 60.61 12.37 5.60
C LYS D 104 62.02 12.52 5.04
N ASP D 105 62.17 12.63 3.72
CA ASP D 105 63.49 12.94 3.16
C ASP D 105 63.42 13.79 1.91
N ALA D 106 62.23 14.24 1.49
CA ALA D 106 62.11 14.95 0.23
C ALA D 106 62.63 16.37 0.38
N VAL D 107 63.76 16.64 -0.26
CA VAL D 107 64.47 17.91 -0.10
C VAL D 107 64.06 18.81 -1.24
N GLY D 108 63.77 20.06 -0.91
CA GLY D 108 63.43 21.04 -1.91
C GLY D 108 62.66 22.19 -1.29
N THR D 109 61.70 22.68 -2.06
CA THR D 109 60.81 23.75 -1.62
C THR D 109 59.48 23.65 -2.33
N TYR D 110 58.41 23.59 -1.54
CA TYR D 110 57.09 23.21 -2.00
C TYR D 110 56.13 24.36 -1.79
N LYS D 111 55.01 24.33 -2.51
CA LYS D 111 54.03 25.38 -2.34
C LYS D 111 52.64 24.87 -2.62
N LEU D 112 51.66 25.48 -1.97
CA LEU D 112 50.25 25.12 -2.17
C LEU D 112 49.63 25.95 -3.28
N SER D 113 49.57 27.27 -3.08
CA SER D 113 49.30 28.26 -4.12
C SER D 113 47.92 28.06 -4.77
N GLY D 114 46.87 28.18 -3.96
CA GLY D 114 45.55 28.26 -4.54
C GLY D 114 44.52 27.26 -4.06
N LEU D 115 44.78 26.58 -2.95
CA LEU D 115 43.80 25.65 -2.39
C LEU D 115 42.77 26.46 -1.61
N ARG D 116 41.66 26.75 -2.28
CA ARG D 116 40.64 27.61 -1.70
C ARG D 116 39.37 26.85 -1.40
N ASN D 117 38.77 27.18 -0.25
CA ASN D 117 37.55 26.52 0.27
C ASN D 117 37.74 25.02 0.40
N PHE D 118 38.86 24.63 1.00
CA PHE D 118 39.16 23.23 1.27
C PHE D 118 38.33 22.75 2.45
N THR D 119 37.34 21.89 2.19
CA THR D 119 36.61 21.27 3.28
C THR D 119 37.39 20.09 3.85
N GLY D 120 37.57 19.06 3.04
CA GLY D 120 38.53 17.99 3.29
C GLY D 120 38.41 17.20 4.57
N GLY D 121 39.42 17.32 5.42
CA GLY D 121 39.47 16.57 6.64
C GLY D 121 40.71 15.72 6.76
N ASP D 122 41.51 16.03 7.78
CA ASP D 122 42.61 15.19 8.26
C ASP D 122 43.72 15.01 7.21
N LEU D 123 44.32 16.13 6.83
CA LEU D 123 45.62 16.10 6.19
C LEU D 123 46.71 16.07 7.26
N ASP D 124 47.87 15.54 6.89
CA ASP D 124 49.10 15.77 7.65
C ASP D 124 50.27 15.54 6.72
N VAL D 125 50.84 16.62 6.22
CA VAL D 125 51.88 16.54 5.23
C VAL D 125 53.21 16.51 5.93
N ASN D 126 53.69 15.33 6.24
CA ASN D 126 54.90 15.15 7.04
C ASN D 126 56.09 15.37 6.12
N MET D 127 56.73 16.53 6.24
CA MET D 127 57.83 16.93 5.37
C MET D 127 59.03 17.35 6.20
N GLN D 128 59.82 16.41 6.66
CA GLN D 128 61.08 16.80 7.26
C GLN D 128 62.04 17.28 6.17
N LYS D 129 62.95 18.19 6.58
CA LYS D 129 63.94 18.89 5.74
C LYS D 129 63.38 19.38 4.39
N ALA D 130 62.18 19.96 4.44
CA ALA D 130 61.52 20.46 3.24
C ALA D 130 60.92 21.83 3.56
N THR D 131 61.45 22.85 2.91
CA THR D 131 60.90 24.20 3.05
C THR D 131 59.53 24.25 2.40
N LEU D 132 58.57 24.80 3.11
CA LEU D 132 57.24 24.99 2.56
C LEU D 132 57.10 26.44 2.08
N ARG D 133 56.01 26.72 1.37
CA ARG D 133 55.61 28.08 1.08
C ARG D 133 54.10 28.07 0.89
N LEU D 134 53.34 28.48 1.89
CA LEU D 134 51.92 28.20 1.87
C LEU D 134 51.12 29.30 1.17
N GLY D 135 51.74 29.98 0.21
CA GLY D 135 51.02 30.95 -0.58
C GLY D 135 51.87 31.54 -1.68
N GLN D 136 51.34 31.54 -2.90
CA GLN D 136 52.05 32.08 -4.04
C GLN D 136 50.98 32.41 -5.08
N PHE D 137 50.79 33.71 -5.34
CA PHE D 137 49.91 34.26 -6.37
C PHE D 137 48.41 34.07 -6.04
N ASN D 138 48.11 33.31 -4.99
CA ASN D 138 46.73 32.99 -4.62
C ASN D 138 46.74 32.53 -3.18
N GLY D 139 45.64 32.78 -2.48
CA GLY D 139 45.55 32.46 -1.08
C GLY D 139 45.20 31.01 -0.83
N ASN D 140 44.90 30.70 0.43
CA ASN D 140 44.54 29.37 0.86
C ASN D 140 43.41 29.45 1.88
N SER D 141 42.72 28.33 2.07
CA SER D 141 41.59 28.30 2.98
C SER D 141 41.40 26.89 3.50
N PHE D 142 40.94 26.78 4.75
CA PHE D 142 40.78 25.48 5.41
C PHE D 142 39.51 25.55 6.24
N THR D 143 38.47 24.89 5.79
CA THR D 143 37.13 25.05 6.33
C THR D 143 36.57 23.65 6.61
N SER D 144 35.50 23.56 7.36
CA SER D 144 34.72 22.33 7.47
C SER D 144 33.25 22.63 7.23
N TYR D 145 32.43 21.59 7.38
CA TYR D 145 30.98 21.72 7.27
C TYR D 145 30.32 21.26 8.55
N LYS D 146 29.23 21.94 8.91
CA LYS D 146 28.42 21.53 10.04
C LYS D 146 27.54 20.38 9.58
N ASP D 147 28.04 19.17 9.76
CA ASP D 147 27.30 17.96 9.44
C ASP D 147 26.49 17.53 10.66
N SER D 148 25.94 16.33 10.61
CA SER D 148 25.32 15.74 11.79
C SER D 148 26.34 15.08 12.71
N ALA D 149 27.59 14.96 12.27
CA ALA D 149 28.65 14.40 13.09
C ALA D 149 29.50 15.47 13.76
N ASP D 150 29.46 16.71 13.26
CA ASP D 150 30.12 17.88 13.84
C ASP D 150 31.63 17.68 13.91
N ARG D 151 32.23 17.58 12.73
CA ARG D 151 33.62 17.20 12.60
C ARG D 151 34.53 18.42 12.53
N THR D 152 35.81 18.19 12.77
CA THR D 152 36.88 19.16 12.61
C THR D 152 37.60 18.89 11.30
N THR D 153 38.73 19.57 11.10
CA THR D 153 39.58 19.28 9.95
C THR D 153 40.92 18.70 10.34
N ARG D 154 41.58 19.24 11.36
CA ARG D 154 42.86 18.76 11.90
C ARG D 154 43.96 18.74 10.84
N VAL D 155 44.00 19.79 10.02
CA VAL D 155 45.00 19.91 8.97
C VAL D 155 46.37 20.15 9.62
N ASP D 156 47.35 19.33 9.29
CA ASP D 156 48.65 19.38 9.93
C ASP D 156 49.73 19.57 8.88
N PHE D 157 50.90 20.04 9.33
CA PHE D 157 52.08 20.16 8.50
C PHE D 157 53.29 19.94 9.38
N ASN D 158 54.41 19.54 8.78
CA ASN D 158 55.58 19.26 9.59
C ASN D 158 56.86 19.69 8.86
N ALA D 159 56.85 20.89 8.29
CA ALA D 159 57.91 21.33 7.39
C ALA D 159 59.16 21.76 8.17
N LYS D 160 60.09 22.46 7.52
CA LYS D 160 61.30 22.93 8.16
C LYS D 160 61.31 24.45 8.34
N ASN D 161 61.15 25.21 7.27
CA ASN D 161 60.60 26.56 7.35
C ASN D 161 59.18 26.46 6.82
N ILE D 162 58.40 27.53 6.91
CA ILE D 162 57.04 27.51 6.39
C ILE D 162 56.77 28.65 5.42
N LEU D 163 57.09 29.90 5.80
CA LEU D 163 57.15 31.05 4.88
C LEU D 163 55.80 31.29 4.19
N ILE D 164 54.84 31.77 4.99
CA ILE D 164 53.41 31.84 4.59
C ILE D 164 53.21 32.60 3.28
N ASP D 165 53.65 33.86 3.24
CA ASP D 165 53.91 34.64 2.03
C ASP D 165 52.69 35.00 1.17
N ASN D 166 51.50 34.52 1.53
CA ASN D 166 50.24 35.02 0.99
C ASN D 166 49.15 34.58 1.96
N PHE D 167 47.96 35.16 1.82
CA PHE D 167 46.96 35.09 2.87
C PHE D 167 46.39 33.67 3.01
N LEU D 168 45.90 33.40 4.21
CA LEU D 168 45.38 32.10 4.59
C LEU D 168 44.16 32.33 5.48
N GLU D 169 43.03 31.76 5.11
CA GLU D 169 41.78 31.98 5.83
C GLU D 169 41.30 30.68 6.45
N ILE D 170 41.47 30.58 7.76
CA ILE D 170 41.13 29.35 8.48
C ILE D 170 39.68 29.46 8.91
N ASN D 171 38.89 28.43 8.56
CA ASN D 171 37.44 28.36 8.80
C ASN D 171 36.72 29.56 8.21
N ASN D 172 36.87 29.78 6.92
CA ASN D 172 36.24 30.94 6.30
C ASN D 172 34.76 30.65 6.00
N ARG D 173 34.11 31.59 5.35
CA ARG D 173 32.85 31.31 4.69
C ARG D 173 33.16 30.68 3.35
N VAL D 174 32.36 29.69 2.96
CA VAL D 174 32.61 28.97 1.72
C VAL D 174 32.28 29.85 0.52
N GLY D 175 31.01 30.21 0.37
CA GLY D 175 30.62 31.20 -0.60
C GLY D 175 30.03 32.42 0.04
N SER D 176 28.70 32.51 0.03
CA SER D 176 27.96 33.64 0.59
C SER D 176 26.74 33.08 1.32
N GLY D 177 26.91 32.82 2.61
CA GLY D 177 25.79 32.57 3.49
C GLY D 177 25.13 31.21 3.39
N ALA D 178 24.48 30.94 2.26
CA ALA D 178 23.57 29.81 2.14
C ALA D 178 24.35 28.51 1.96
N GLY D 179 23.64 27.44 1.62
CA GLY D 179 24.26 26.14 1.55
C GLY D 179 24.52 25.59 2.94
N ARG D 180 25.60 24.82 3.05
CA ARG D 180 25.98 24.24 4.33
C ARG D 180 26.87 25.20 5.10
N LYS D 181 26.66 25.25 6.41
CA LYS D 181 27.41 26.16 7.25
C LYS D 181 28.74 25.53 7.67
N ALA D 182 29.60 26.35 8.26
CA ALA D 182 30.97 25.96 8.57
C ALA D 182 31.11 25.64 10.04
N SER D 183 31.64 24.45 10.34
CA SER D 183 31.92 24.04 11.70
C SER D 183 33.38 24.39 12.06
N SER D 184 33.88 23.82 13.15
CA SER D 184 35.19 24.16 13.66
C SER D 184 36.30 23.54 12.81
N THR D 185 37.53 23.95 13.12
CA THR D 185 38.72 23.42 12.47
C THR D 185 39.93 23.60 13.36
N VAL D 186 41.01 22.91 13.02
CA VAL D 186 42.29 23.01 13.70
C VAL D 186 43.38 23.00 12.65
N LEU D 187 44.24 24.00 12.66
CA LEU D 187 45.42 24.01 11.80
C LEU D 187 46.65 23.88 12.69
N THR D 188 47.59 23.05 12.28
CA THR D 188 48.82 22.85 13.04
C THR D 188 50.02 23.03 12.13
N LEU D 189 50.88 23.96 12.47
CA LEU D 189 52.07 24.25 11.68
C LEU D 189 53.28 23.99 12.56
N GLN D 190 54.07 22.99 12.21
CA GLN D 190 55.02 22.42 13.16
C GLN D 190 56.41 22.39 12.55
N ALA D 191 56.88 23.55 12.10
CA ALA D 191 58.22 23.66 11.55
C ALA D 191 59.29 23.48 12.62
N SER D 192 60.54 23.58 12.19
CA SER D 192 61.65 23.46 13.13
C SER D 192 62.74 24.48 12.89
N GLU D 193 62.51 25.50 12.08
CA GLU D 193 63.46 26.58 11.90
C GLU D 193 62.84 27.97 11.92
N GLY D 194 61.54 28.09 11.82
CA GLY D 194 60.90 29.39 11.89
C GLY D 194 59.67 29.43 11.03
N ILE D 195 58.64 30.08 11.54
CA ILE D 195 57.40 30.31 10.80
C ILE D 195 57.33 31.80 10.55
N THR D 196 57.89 32.25 9.45
CA THR D 196 57.82 33.67 9.17
C THR D 196 56.63 33.92 8.26
N SER D 197 56.57 35.14 7.74
CA SER D 197 55.46 35.54 6.88
C SER D 197 55.89 36.75 6.08
N SER D 198 55.12 37.07 5.05
CA SER D 198 55.41 38.27 4.29
C SER D 198 54.52 39.41 4.77
N LYS D 199 54.63 40.55 4.08
CA LYS D 199 53.95 41.76 4.54
C LYS D 199 52.46 41.72 4.24
N ASN D 200 52.08 41.15 3.10
CA ASN D 200 50.68 41.12 2.68
C ASN D 200 50.03 39.75 2.89
N ALA D 201 50.36 39.07 3.98
CA ALA D 201 49.80 37.76 4.26
C ALA D 201 48.80 37.89 5.39
N GLU D 202 47.53 38.04 5.03
CA GLU D 202 46.45 38.24 5.98
C GLU D 202 46.03 36.89 6.54
N ILE D 203 46.53 36.54 7.71
CA ILE D 203 46.01 35.39 8.42
C ILE D 203 44.72 35.79 9.11
N SER D 204 43.61 35.17 8.73
CA SER D 204 42.32 35.57 9.28
C SER D 204 41.56 34.32 9.68
N LEU D 205 41.66 33.94 10.94
CA LEU D 205 40.97 32.80 11.47
C LEU D 205 39.67 33.23 12.13
N TYR D 206 38.64 32.40 12.01
CA TYR D 206 37.29 32.83 12.30
C TYR D 206 36.70 32.06 13.48
N ASP D 207 35.37 32.13 13.60
CA ASP D 207 34.56 31.64 14.72
C ASP D 207 34.98 30.31 15.34
N GLY D 208 35.35 29.34 14.52
CA GLY D 208 35.65 28.05 15.11
C GLY D 208 37.11 27.67 15.05
N ALA D 209 37.93 28.54 14.48
CA ALA D 209 39.27 28.17 14.09
C ALA D 209 40.24 28.26 15.24
N THR D 210 41.23 27.38 15.22
CA THR D 210 42.39 27.46 16.11
C THR D 210 43.64 27.46 15.24
N LEU D 211 44.79 27.45 15.90
CA LEU D 211 46.08 27.44 15.22
C LEU D 211 47.12 27.00 16.24
N ASN D 212 47.83 25.93 15.96
CA ASN D 212 48.91 25.50 16.84
C ASN D 212 50.23 25.67 16.12
N LEU D 213 51.21 26.26 16.78
CA LEU D 213 52.53 26.48 16.19
C LEU D 213 53.54 25.80 17.09
N ALA D 214 54.63 25.29 16.52
CA ALA D 214 55.59 24.58 17.37
C ALA D 214 57.03 24.78 16.94
N SER D 215 57.33 25.79 16.14
CA SER D 215 58.69 26.00 15.70
C SER D 215 59.43 26.86 16.73
N ASN D 216 60.55 27.45 16.38
CA ASN D 216 61.07 28.56 17.14
C ASN D 216 61.04 29.83 16.30
N SER D 217 60.79 30.95 16.98
CA SER D 217 60.78 32.31 16.43
C SER D 217 59.74 32.47 15.31
N VAL D 218 58.49 32.35 15.72
CA VAL D 218 57.38 32.80 14.89
C VAL D 218 57.49 34.31 14.71
N LYS D 219 57.47 34.78 13.47
CA LYS D 219 57.46 36.22 13.26
C LYS D 219 56.52 36.59 12.10
N LEU D 220 55.25 36.75 12.45
CA LEU D 220 54.20 37.01 11.47
C LEU D 220 54.15 38.50 11.18
N ASN D 221 54.74 38.90 10.06
CA ASN D 221 54.81 40.31 9.73
C ASN D 221 53.59 40.83 9.01
N GLY D 222 52.44 40.16 9.12
CA GLY D 222 51.24 40.56 8.43
C GLY D 222 50.04 40.68 9.35
N ASN D 223 48.90 41.00 8.73
CA ASN D 223 47.65 41.22 9.43
C ASN D 223 47.13 39.91 9.98
N VAL D 224 47.35 39.66 11.27
CA VAL D 224 46.67 38.56 11.92
C VAL D 224 45.29 39.03 12.36
N TRP D 225 44.25 38.31 11.97
CA TRP D 225 42.88 38.79 12.11
C TRP D 225 42.07 37.75 12.86
N MET D 226 42.09 37.78 14.19
CA MET D 226 41.33 36.83 14.98
C MET D 226 39.88 37.30 15.07
N GLY D 227 38.97 36.53 14.52
CA GLY D 227 37.57 36.89 14.61
C GLY D 227 37.16 37.80 13.48
N ARG D 228 36.22 37.37 12.67
CA ARG D 228 35.78 38.16 11.53
C ARG D 228 34.30 37.87 11.33
N LEU D 229 33.63 38.75 10.60
CA LEU D 229 32.24 38.51 10.21
C LEU D 229 32.22 37.31 9.29
N GLN D 230 31.80 36.16 9.84
CA GLN D 230 31.77 34.94 9.06
C GLN D 230 30.66 34.98 8.02
N TYR D 231 29.53 35.59 8.36
CA TYR D 231 28.42 35.75 7.45
C TYR D 231 28.16 37.23 7.25
N VAL D 232 27.15 37.54 6.43
CA VAL D 232 27.06 38.88 5.85
C VAL D 232 26.45 39.87 6.85
N GLY D 233 25.53 39.44 7.71
CA GLY D 233 24.85 40.38 8.58
C GLY D 233 24.84 39.99 10.04
N ALA D 234 25.34 38.81 10.35
CA ALA D 234 25.29 38.28 11.72
C ALA D 234 26.32 39.02 12.58
N TYR D 235 25.88 40.18 13.09
CA TYR D 235 26.70 40.95 14.00
C TYR D 235 26.69 40.40 15.41
N LEU D 236 25.84 39.41 15.70
CA LEU D 236 25.67 38.88 17.04
C LEU D 236 26.25 37.48 17.19
N ALA D 237 27.24 37.12 16.37
CA ALA D 237 27.89 35.85 16.52
C ALA D 237 28.84 35.88 17.72
N PRO D 238 29.09 34.72 18.34
CA PRO D 238 30.12 34.67 19.41
C PRO D 238 31.53 34.92 18.90
N SER D 239 31.95 34.18 17.87
CA SER D 239 33.20 34.38 17.13
C SER D 239 34.42 34.28 18.05
N TYR D 240 34.66 33.05 18.52
CA TYR D 240 35.87 32.75 19.26
C TYR D 240 37.03 32.43 18.32
N SER D 241 38.23 32.32 18.88
CA SER D 241 39.40 31.88 18.14
C SER D 241 40.48 31.49 19.15
N THR D 242 41.62 31.05 18.63
CA THR D 242 42.76 30.61 19.43
C THR D 242 43.99 30.57 18.53
N ILE D 243 45.08 31.16 18.98
CA ILE D 243 46.38 30.94 18.34
C ILE D 243 47.31 30.41 19.42
N ASN D 244 47.35 29.09 19.55
CA ASN D 244 48.01 28.43 20.66
C ASN D 244 49.47 28.24 20.29
N THR D 245 50.27 29.27 20.49
CA THR D 245 51.70 29.17 20.22
C THR D 245 52.45 28.60 21.41
N SER D 246 52.03 27.46 21.92
CA SER D 246 52.52 26.95 23.18
C SER D 246 53.93 26.41 23.13
N LYS D 247 54.32 25.79 22.02
CA LYS D 247 55.57 25.06 21.97
C LYS D 247 56.73 25.93 21.54
N VAL D 248 56.50 27.21 21.28
CA VAL D 248 57.46 28.04 20.55
C VAL D 248 58.63 28.36 21.48
N THR D 249 59.78 27.72 21.23
CA THR D 249 60.93 27.87 22.09
C THR D 249 61.76 29.10 21.78
N GLY D 250 61.35 29.93 20.84
CA GLY D 250 62.16 31.05 20.43
C GLY D 250 61.58 32.40 20.77
N GLU D 251 61.31 33.20 19.76
CA GLU D 251 60.93 34.60 19.91
C GLU D 251 59.64 34.85 19.16
N VAL D 252 58.51 34.85 19.88
CA VAL D 252 57.24 35.18 19.25
C VAL D 252 57.25 36.65 18.87
N ASN D 253 56.77 36.96 17.67
CA ASN D 253 56.83 38.35 17.21
C ASN D 253 55.66 38.57 16.26
N PHE D 254 54.55 39.04 16.79
CA PHE D 254 53.52 39.50 15.88
C PHE D 254 53.88 40.89 15.36
N ASN D 255 53.11 41.38 14.42
CA ASN D 255 53.37 42.74 13.98
C ASN D 255 52.10 43.56 13.93
N HIS D 256 50.99 42.93 13.58
CA HIS D 256 49.74 43.68 13.42
C HIS D 256 48.60 42.73 13.78
N LEU D 257 48.18 42.80 15.04
CA LEU D 257 47.11 41.94 15.49
C LEU D 257 45.80 42.71 15.54
N THR D 258 44.75 42.06 15.04
CA THR D 258 43.46 42.73 14.94
C THR D 258 42.37 41.77 15.37
N VAL D 259 41.71 42.09 16.49
CA VAL D 259 40.72 41.22 17.09
C VAL D 259 39.34 41.78 16.81
N GLY D 260 38.47 40.97 16.25
CA GLY D 260 37.07 41.35 16.21
C GLY D 260 36.74 42.23 15.03
N ASP D 261 35.51 42.08 14.54
CA ASP D 261 34.99 42.92 13.48
C ASP D 261 33.46 42.88 13.58
N HIS D 262 32.88 43.97 14.08
CA HIS D 262 31.43 44.19 14.13
C HIS D 262 30.70 43.14 14.96
N ASN D 263 31.38 42.62 15.99
CA ASN D 263 30.78 41.63 16.88
C ASN D 263 31.54 41.65 18.20
N ALA D 264 31.13 40.77 19.11
CA ALA D 264 31.77 40.64 20.42
C ALA D 264 32.70 39.43 20.38
N ALA D 265 33.85 39.61 19.74
CA ALA D 265 34.80 38.52 19.60
C ALA D 265 35.62 38.38 20.87
N GLN D 266 35.89 37.13 21.25
CA GLN D 266 36.66 36.81 22.44
C GLN D 266 37.79 35.89 22.01
N ALA D 267 38.92 36.48 21.65
CA ALA D 267 40.07 35.73 21.19
C ALA D 267 40.98 35.39 22.37
N GLY D 268 41.89 34.46 22.15
CA GLY D 268 42.80 34.05 23.19
C GLY D 268 44.08 33.49 22.59
N ILE D 269 45.21 33.91 23.16
CA ILE D 269 46.51 33.48 22.69
C ILE D 269 47.23 32.83 23.86
N ILE D 270 47.43 31.52 23.79
CA ILE D 270 48.17 30.82 24.81
C ILE D 270 49.63 30.85 24.40
N ALA D 271 50.35 31.83 24.89
CA ALA D 271 51.67 32.12 24.36
C ALA D 271 52.73 31.32 25.10
N SER D 272 54.00 31.68 24.89
CA SER D 272 55.15 31.00 25.46
C SER D 272 56.03 32.00 26.18
N ASN D 273 55.42 32.77 27.07
CA ASN D 273 56.00 33.67 28.09
C ASN D 273 57.03 34.67 27.55
N LYS D 274 56.95 35.02 26.27
CA LYS D 274 57.65 36.18 25.72
C LYS D 274 56.94 36.56 24.43
N THR D 275 56.17 37.63 24.43
CA THR D 275 55.30 37.92 23.29
C THR D 275 55.41 39.40 22.94
N HIS D 276 56.40 39.75 22.14
CA HIS D 276 56.41 41.08 21.56
C HIS D 276 55.39 41.08 20.44
N ILE D 277 54.42 41.98 20.51
CA ILE D 277 53.58 42.21 19.34
C ILE D 277 53.75 43.67 18.93
N GLY D 278 53.11 44.02 17.84
CA GLY D 278 53.13 45.39 17.38
C GLY D 278 51.81 46.07 17.61
N THR D 279 51.22 46.61 16.55
CA THR D 279 49.98 47.34 16.66
C THR D 279 48.82 46.39 16.92
N LEU D 280 48.13 46.59 18.04
CA LEU D 280 46.93 45.85 18.39
C LEU D 280 45.72 46.73 18.12
N ASP D 281 44.74 46.20 17.40
CA ASP D 281 43.56 46.97 17.00
C ASP D 281 42.31 46.22 17.45
N LEU D 282 41.86 46.50 18.68
CA LEU D 282 40.63 45.88 19.15
C LEU D 282 39.42 46.50 18.49
N TRP D 283 38.27 45.87 18.72
CA TRP D 283 37.00 46.41 18.32
C TRP D 283 36.36 47.06 19.55
N GLN D 284 35.11 47.52 19.43
CA GLN D 284 34.39 48.11 20.55
C GLN D 284 34.18 47.10 21.68
N SER D 285 33.82 45.88 21.33
CA SER D 285 33.45 44.85 22.29
C SER D 285 34.31 43.60 22.12
N ALA D 286 35.60 43.78 21.86
CA ALA D 286 36.49 42.67 21.58
C ALA D 286 37.33 42.33 22.79
N GLY D 287 37.32 41.07 23.20
CA GLY D 287 38.13 40.60 24.28
C GLY D 287 39.42 39.96 23.78
N LEU D 288 40.34 39.74 24.71
CA LEU D 288 41.62 39.14 24.38
C LEU D 288 42.17 38.46 25.61
N ASN D 289 42.44 37.17 25.53
CA ASN D 289 42.93 36.42 26.68
C ASN D 289 44.32 35.90 26.36
N ILE D 290 45.33 36.74 26.55
CA ILE D 290 46.71 36.30 26.43
C ILE D 290 47.04 35.54 27.71
N ILE D 291 47.42 34.29 27.58
CA ILE D 291 47.66 33.44 28.74
C ILE D 291 49.10 32.98 28.72
N ALA D 292 49.87 33.44 29.68
CA ALA D 292 51.22 32.95 29.87
C ALA D 292 51.18 31.53 30.45
N PRO D 293 52.24 30.76 30.29
CA PRO D 293 52.25 29.41 30.87
C PRO D 293 52.40 29.47 32.38
N PRO D 294 52.16 28.35 33.09
CA PRO D 294 52.43 28.32 34.54
C PRO D 294 53.90 28.32 34.89
N GLU D 295 54.18 28.11 36.18
CA GLU D 295 55.53 28.27 36.71
C GLU D 295 56.50 27.25 36.12
N GLY D 296 56.17 25.97 36.20
CA GLY D 296 57.06 24.96 35.69
C GLY D 296 56.82 24.65 34.23
N GLY D 297 55.99 25.44 33.58
CA GLY D 297 55.58 25.16 32.22
C GLY D 297 54.54 24.05 32.17
N TYR D 298 54.06 23.80 30.96
CA TYR D 298 53.06 22.77 30.77
C TYR D 298 53.69 21.38 30.87
N LYS D 299 53.03 20.49 31.61
CA LYS D 299 53.37 19.07 31.74
C LYS D 299 54.80 18.80 32.22
N GLN D 335 20.14 1.85 27.77
CA GLN D 335 20.59 0.63 27.08
C GLN D 335 21.91 0.15 27.64
N LYS D 336 22.91 1.03 27.63
CA LYS D 336 24.24 0.71 28.14
C LYS D 336 24.95 2.01 28.48
N THR D 337 25.61 2.03 29.64
CA THR D 337 26.41 3.17 30.02
C THR D 337 27.66 3.25 29.14
N GLU D 338 28.21 4.45 29.05
CA GLU D 338 29.48 4.63 28.35
C GLU D 338 30.25 5.76 29.03
N VAL D 339 31.54 5.54 29.22
CA VAL D 339 32.38 6.44 30.00
C VAL D 339 33.03 7.43 29.05
N GLN D 340 32.62 8.68 29.14
CA GLN D 340 33.30 9.73 28.42
C GLN D 340 34.65 9.98 29.07
N PRO D 341 35.66 10.42 28.31
CA PRO D 341 36.99 10.61 28.90
C PRO D 341 37.04 11.84 29.80
N THR D 342 38.10 11.90 30.61
CA THR D 342 38.26 12.97 31.57
C THR D 342 38.56 14.30 30.87
N GLN D 343 37.60 15.19 30.93
CA GLN D 343 37.68 16.50 30.29
C GLN D 343 38.27 17.46 31.32
N VAL D 344 39.60 17.51 31.38
CA VAL D 344 40.28 18.39 32.33
C VAL D 344 40.09 19.82 31.86
N ILE D 345 39.66 20.69 32.76
CA ILE D 345 39.33 22.06 32.42
C ILE D 345 40.32 22.96 33.12
N ASP D 346 40.41 24.22 32.68
CA ASP D 346 41.36 25.17 33.21
C ASP D 346 40.63 26.30 33.91
N GLY D 347 41.23 26.81 34.96
CA GLY D 347 40.78 28.03 35.57
C GLY D 347 41.77 29.14 35.29
N PRO D 348 41.45 30.35 35.70
CA PRO D 348 42.42 31.44 35.55
C PRO D 348 43.56 31.32 36.56
N PHE D 349 44.72 30.89 36.10
CA PHE D 349 45.86 30.65 36.98
C PHE D 349 46.83 31.81 36.89
N ALA D 350 47.96 31.67 37.57
CA ALA D 350 49.00 32.69 37.58
C ALA D 350 50.13 32.26 36.66
N GLY D 351 50.65 33.21 35.89
CA GLY D 351 51.79 32.91 35.04
C GLY D 351 53.05 32.69 35.83
N GLY D 352 54.09 32.28 35.12
CA GLY D 352 55.40 32.08 35.73
C GLY D 352 56.06 33.40 36.10
N LYS D 353 57.34 33.29 36.46
CA LYS D 353 58.06 34.46 36.97
C LYS D 353 58.41 35.44 35.85
N ASP D 354 59.08 34.95 34.81
CA ASP D 354 59.53 35.81 33.71
C ASP D 354 58.60 35.69 32.51
N THR D 355 57.36 36.13 32.69
CA THR D 355 56.35 36.12 31.65
C THR D 355 56.10 37.57 31.24
N VAL D 356 56.48 37.92 30.02
CA VAL D 356 56.49 39.29 29.55
C VAL D 356 55.63 39.39 28.30
N VAL D 357 54.74 40.38 28.25
CA VAL D 357 53.89 40.62 27.10
C VAL D 357 54.10 42.06 26.66
N ASN D 358 54.94 42.27 25.67
CA ASN D 358 55.38 43.62 25.28
C ASN D 358 54.50 44.18 24.17
N ILE D 359 53.22 44.32 24.43
CA ILE D 359 52.32 44.96 23.48
C ILE D 359 52.69 46.43 23.36
N ASP D 360 52.89 46.93 22.15
CA ASP D 360 53.45 48.27 22.03
C ASP D 360 52.50 49.31 21.46
N ARG D 361 51.30 48.96 21.04
CA ARG D 361 50.29 49.93 20.66
C ARG D 361 48.90 49.33 20.71
N ILE D 362 47.97 49.98 21.39
CA ILE D 362 46.60 49.50 21.49
C ILE D 362 45.70 50.56 20.88
N ASN D 363 45.14 50.28 19.71
CA ASN D 363 44.14 51.16 19.16
C ASN D 363 42.77 50.54 19.36
N THR D 364 41.73 51.20 18.84
CA THR D 364 40.37 50.67 18.90
C THR D 364 39.59 51.28 17.74
N LYS D 365 38.96 50.43 16.93
CA LYS D 365 38.08 50.91 15.88
C LYS D 365 36.66 50.99 16.41
N ALA D 366 36.14 52.21 16.54
CA ALA D 366 34.87 52.41 17.22
C ALA D 366 33.91 53.15 16.31
N ASP D 367 33.06 52.40 15.62
CA ASP D 367 31.91 52.97 14.93
C ASP D 367 30.77 51.96 14.99
N GLY D 368 29.58 52.42 14.63
CA GLY D 368 28.43 51.54 14.62
C GLY D 368 27.25 52.06 15.41
N THR D 369 26.57 51.18 16.14
CA THR D 369 25.37 51.56 16.86
C THR D 369 25.73 52.28 18.15
N ILE D 370 24.70 52.64 18.91
CA ILE D 370 24.85 53.31 20.20
C ILE D 370 24.07 52.52 21.22
N LYS D 371 24.74 52.07 22.26
CA LYS D 371 24.13 51.26 23.31
C LYS D 371 24.00 52.15 24.55
N VAL D 372 23.30 51.63 25.57
CA VAL D 372 23.02 52.39 26.79
C VAL D 372 24.27 52.71 27.60
N GLY D 373 25.36 51.97 27.39
CA GLY D 373 26.64 52.28 27.98
C GLY D 373 27.69 52.44 26.89
N GLY D 374 28.91 52.00 27.21
CA GLY D 374 29.93 51.94 26.19
C GLY D 374 29.85 50.63 25.44
N PHE D 375 30.99 50.01 25.18
CA PHE D 375 31.02 48.61 24.78
C PHE D 375 32.11 47.80 25.46
N LYS D 376 33.05 48.45 26.14
CA LYS D 376 34.04 47.82 27.02
C LYS D 376 34.94 46.83 26.24
N ALA D 377 35.76 47.42 25.38
CA ALA D 377 36.89 46.69 24.84
C ALA D 377 37.83 46.29 25.98
N SER D 378 38.40 45.10 25.88
CA SER D 378 39.15 44.56 27.00
C SER D 378 40.22 43.60 26.51
N LEU D 379 41.29 43.50 27.28
CA LEU D 379 42.24 42.42 27.11
C LEU D 379 42.59 41.92 28.50
N THR D 380 42.86 40.62 28.59
CA THR D 380 43.06 39.97 29.87
C THR D 380 44.33 39.15 29.83
N THR D 381 45.25 39.45 30.72
CA THR D 381 46.58 38.86 30.70
C THR D 381 46.90 38.34 32.08
N ASN D 382 47.31 37.09 32.19
CA ASN D 382 47.82 36.62 33.47
C ASN D 382 49.32 36.43 33.47
N ALA D 383 50.04 37.32 32.80
CA ALA D 383 51.49 37.29 32.87
C ALA D 383 51.99 38.15 34.03
N ALA D 384 53.24 37.92 34.41
CA ALA D 384 53.81 38.66 35.53
C ALA D 384 54.23 40.07 35.15
N HIS D 385 54.21 40.42 33.88
CA HIS D 385 54.45 41.79 33.44
C HIS D 385 53.56 42.05 32.24
N LEU D 386 53.04 43.26 32.12
CA LEU D 386 52.37 43.67 30.91
C LEU D 386 52.95 45.03 30.53
N ASN D 387 54.09 45.03 29.88
CA ASN D 387 54.73 46.27 29.48
C ASN D 387 54.02 46.80 28.26
N ILE D 388 53.66 48.07 28.28
CA ILE D 388 53.11 48.72 27.11
C ILE D 388 54.01 49.88 26.74
N GLY D 389 54.60 49.79 25.56
CA GLY D 389 55.67 50.67 25.17
C GLY D 389 55.22 52.03 24.69
N LYS D 390 56.04 52.59 23.81
CA LYS D 390 56.00 54.02 23.54
C LYS D 390 54.87 54.41 22.60
N GLY D 391 54.16 53.44 22.02
CA GLY D 391 52.99 53.78 21.22
C GLY D 391 51.83 54.27 22.03
N GLY D 392 51.74 53.86 23.30
CA GLY D 392 50.69 54.33 24.16
C GLY D 392 49.34 53.72 23.87
N VAL D 393 48.28 54.41 24.23
CA VAL D 393 46.92 53.89 24.15
C VAL D 393 46.07 54.88 23.36
N ASN D 394 45.41 54.40 22.32
CA ASN D 394 44.44 55.17 21.57
C ASN D 394 43.05 54.62 21.85
N LEU D 395 42.03 55.44 21.61
CA LEU D 395 40.67 55.02 21.86
C LEU D 395 39.76 55.90 20.98
N SER D 396 39.18 55.30 19.95
CA SER D 396 38.19 56.01 19.16
C SER D 396 36.89 56.09 19.95
N ASN D 397 36.12 57.15 19.72
CA ASN D 397 34.97 57.47 20.55
C ASN D 397 33.79 57.84 19.67
N GLN D 398 32.69 57.10 19.81
CA GLN D 398 31.43 57.44 19.18
C GLN D 398 30.63 58.28 20.19
N ALA D 399 29.30 58.42 20.01
CA ALA D 399 28.51 59.31 20.86
C ALA D 399 28.47 58.84 22.30
N SER D 400 28.37 57.54 22.53
CA SER D 400 28.54 57.03 23.88
C SER D 400 30.02 56.85 24.18
N GLY D 401 30.37 56.91 25.46
CA GLY D 401 31.76 56.83 25.85
C GLY D 401 32.30 55.42 25.81
N ARG D 402 33.27 55.16 24.94
CA ARG D 402 33.85 53.83 24.85
C ARG D 402 34.72 53.56 26.07
N THR D 403 34.99 52.28 26.30
CA THR D 403 35.62 51.84 27.53
C THR D 403 36.72 50.84 27.19
N LEU D 404 37.91 51.05 27.74
CA LEU D 404 39.02 50.14 27.55
C LEU D 404 39.39 49.53 28.89
N LEU D 405 39.52 48.21 28.92
CA LEU D 405 39.79 47.45 30.14
C LEU D 405 41.12 46.71 29.96
N VAL D 406 42.20 47.32 30.41
CA VAL D 406 43.52 46.73 30.31
C VAL D 406 43.72 45.95 31.60
N GLU D 407 43.18 44.75 31.64
CA GLU D 407 43.18 43.97 32.86
C GLU D 407 44.49 43.21 32.97
N ASN D 408 44.87 42.89 34.20
CA ASN D 408 45.95 41.96 34.47
C ASN D 408 45.55 41.16 35.68
N LEU D 409 45.61 39.83 35.58
CA LEU D 409 45.15 39.02 36.70
C LEU D 409 46.20 38.96 37.80
N THR D 410 47.36 38.38 37.51
CA THR D 410 48.37 38.16 38.55
C THR D 410 49.69 38.79 38.17
N GLY D 411 49.65 40.05 37.74
CA GLY D 411 50.89 40.71 37.38
C GLY D 411 50.98 42.18 37.66
N ASN D 412 51.82 42.88 36.89
CA ASN D 412 52.00 44.31 36.95
C ASN D 412 51.53 44.92 35.65
N ILE D 413 51.45 46.25 35.62
CA ILE D 413 51.21 46.97 34.38
C ILE D 413 52.20 48.12 34.33
N THR D 414 52.95 48.22 33.24
CA THR D 414 53.94 49.28 33.08
C THR D 414 53.64 49.99 31.77
N VAL D 415 52.73 50.94 31.79
CA VAL D 415 52.41 51.72 30.62
C VAL D 415 53.42 52.86 30.52
N ASP D 416 54.06 52.99 29.36
CA ASP D 416 55.05 54.04 29.18
C ASP D 416 54.69 54.96 28.02
N GLY D 417 53.41 55.16 27.76
CA GLY D 417 52.98 55.93 26.62
C GLY D 417 51.86 56.89 26.94
N PRO D 418 51.57 57.81 26.01
CA PRO D 418 50.55 58.82 26.25
C PRO D 418 49.15 58.25 26.01
N LEU D 419 48.27 58.47 26.98
CA LEU D 419 46.90 57.96 26.86
C LEU D 419 46.10 58.87 25.95
N ARG D 420 46.08 58.57 24.67
CA ARG D 420 45.32 59.36 23.71
C ARG D 420 43.87 58.91 23.70
N VAL D 421 43.05 59.71 23.04
CA VAL D 421 41.67 59.35 22.72
C VAL D 421 41.29 60.13 21.46
N ASN D 422 40.76 59.40 20.48
CA ASN D 422 40.54 59.86 19.10
C ASN D 422 41.85 60.32 18.44
N ASN D 423 42.96 59.73 18.91
CA ASN D 423 44.33 59.97 18.43
C ASN D 423 44.73 61.44 18.58
N GLN D 424 44.58 61.97 19.79
CA GLN D 424 45.31 63.15 20.23
C GLN D 424 45.45 63.09 21.74
N VAL D 425 46.43 63.84 22.25
CA VAL D 425 46.83 63.71 23.65
C VAL D 425 45.77 64.31 24.57
N GLY D 426 45.23 65.47 24.22
CA GLY D 426 44.19 66.09 25.01
C GLY D 426 42.90 65.30 24.95
N GLY D 427 42.26 65.31 23.78
CA GLY D 427 41.10 64.47 23.56
C GLY D 427 39.85 64.87 24.31
N TYR D 428 39.25 65.99 23.91
CA TYR D 428 37.98 66.38 24.48
C TYR D 428 36.87 65.41 24.07
N ALA D 429 35.95 65.19 25.00
CA ALA D 429 34.81 64.32 24.76
C ALA D 429 33.59 64.97 25.38
N LEU D 430 32.43 64.70 24.78
CA LEU D 430 31.19 65.36 25.18
C LEU D 430 30.61 64.66 26.41
N ALA D 431 29.44 65.13 26.86
CA ALA D 431 28.90 64.70 28.15
C ALA D 431 28.37 63.27 28.08
N GLY D 432 27.68 62.92 27.00
CA GLY D 432 27.27 61.54 26.78
C GLY D 432 28.41 60.62 26.43
N SER D 433 29.55 61.17 26.01
CA SER D 433 30.73 60.37 25.68
C SER D 433 31.70 60.43 26.85
N SER D 434 31.48 59.57 27.83
CA SER D 434 32.38 59.45 28.97
C SER D 434 33.36 58.32 28.68
N ALA D 435 34.53 58.66 28.16
CA ALA D 435 35.55 57.68 27.84
C ALA D 435 36.11 57.09 29.13
N ASN D 436 36.22 55.78 29.18
CA ASN D 436 36.54 55.08 30.42
C ASN D 436 37.79 54.25 30.25
N PHE D 437 38.95 54.84 30.56
CA PHE D 437 40.15 54.06 30.70
C PHE D 437 40.06 53.28 32.02
N GLU D 438 40.62 52.08 32.01
CA GLU D 438 40.44 51.21 33.16
C GLU D 438 41.59 50.24 33.24
N PHE D 439 42.18 50.12 34.42
CA PHE D 439 43.36 49.31 34.62
C PHE D 439 43.15 48.45 35.85
N LYS D 440 43.62 47.22 35.81
CA LYS D 440 43.44 46.26 36.89
C LYS D 440 44.77 45.55 37.05
N ALA D 441 45.62 46.01 37.94
CA ALA D 441 46.96 45.46 38.07
C ALA D 441 47.02 44.55 39.29
N GLY D 442 47.17 43.26 39.05
CA GLY D 442 47.31 42.31 40.13
C GLY D 442 46.02 42.07 40.87
N VAL D 443 45.02 41.52 40.17
CA VAL D 443 43.70 41.38 40.77
C VAL D 443 43.67 40.25 41.78
N ASP D 444 43.96 39.03 41.35
CA ASP D 444 43.74 37.87 42.20
C ASP D 444 44.85 37.66 43.23
N THR D 445 45.93 38.44 43.17
CA THR D 445 46.98 38.35 44.17
C THR D 445 47.12 39.61 45.01
N LYS D 446 46.55 40.74 44.54
CA LYS D 446 46.40 41.98 45.30
C LYS D 446 47.73 42.57 45.75
N ASN D 447 48.78 42.34 44.96
CA ASN D 447 50.09 42.94 45.23
C ASN D 447 50.76 43.38 43.94
N GLY D 448 49.99 43.98 43.04
CA GLY D 448 50.49 44.40 41.74
C GLY D 448 50.44 45.90 41.58
N THR D 449 51.55 46.47 41.14
CA THR D 449 51.65 47.91 40.90
C THR D 449 51.16 48.22 39.50
N ALA D 450 50.68 49.44 39.30
CA ALA D 450 50.30 49.93 37.98
C ALA D 450 51.12 51.18 37.69
N THR D 451 52.35 50.99 37.26
CA THR D 451 53.29 52.09 37.09
C THR D 451 53.09 52.74 35.74
N PHE D 452 52.81 54.04 35.73
CA PHE D 452 52.65 54.78 34.48
C PHE D 452 53.82 55.75 34.40
N ASN D 453 54.92 55.33 33.78
CA ASN D 453 56.10 56.18 33.73
C ASN D 453 56.02 57.29 32.70
N ASN D 454 54.87 57.54 32.08
CA ASN D 454 54.73 58.66 31.18
C ASN D 454 53.71 59.63 31.76
N ASP D 455 53.97 60.91 31.53
CA ASP D 455 53.10 61.99 32.01
C ASP D 455 51.79 61.94 31.24
N ILE D 456 50.74 61.44 31.88
CA ILE D 456 49.47 61.28 31.19
C ILE D 456 48.76 62.63 31.10
N SER D 457 47.78 62.69 30.21
CA SER D 457 47.04 63.93 30.00
C SER D 457 45.62 63.56 29.58
N LEU D 458 44.67 63.90 30.44
CA LEU D 458 43.26 63.59 30.21
C LEU D 458 42.48 64.87 30.00
N GLY D 459 41.67 64.89 28.94
CA GLY D 459 40.86 66.05 28.63
C GLY D 459 39.54 66.06 29.37
N ARG D 460 38.45 66.23 28.63
CA ARG D 460 37.13 66.43 29.20
C ARG D 460 36.28 65.18 29.04
N PHE D 461 35.57 64.81 30.12
CA PHE D 461 34.71 63.62 30.19
C PHE D 461 35.47 62.34 29.86
N VAL D 462 36.63 62.18 30.48
CA VAL D 462 37.43 60.97 30.39
C VAL D 462 37.67 60.46 31.81
N ASN D 463 37.52 59.16 32.00
CA ASN D 463 37.38 58.59 33.34
C ASN D 463 38.42 57.49 33.57
N LEU D 464 39.58 57.89 34.05
CA LEU D 464 40.59 56.92 34.47
C LEU D 464 40.15 56.23 35.74
N LYS D 465 40.38 54.92 35.82
CA LYS D 465 40.26 54.22 37.09
C LYS D 465 41.31 53.12 37.18
N VAL D 466 41.98 53.07 38.32
CA VAL D 466 43.09 52.16 38.55
C VAL D 466 42.82 51.38 39.82
N ASP D 467 42.77 50.07 39.72
CA ASP D 467 42.44 49.22 40.86
C ASP D 467 43.62 48.28 41.09
N ALA D 468 44.63 48.77 41.80
CA ALA D 468 45.87 48.03 41.95
C ALA D 468 46.34 48.02 43.38
N HIS D 469 47.58 47.60 43.61
CA HIS D 469 48.17 47.70 44.93
C HIS D 469 48.84 49.04 45.18
N THR D 470 49.77 49.44 44.33
CA THR D 470 50.51 50.69 44.51
C THR D 470 50.64 51.37 43.16
N ALA D 471 49.70 52.26 42.84
CA ALA D 471 49.65 52.88 41.52
C ALA D 471 50.61 54.06 41.48
N ASN D 472 51.85 53.78 41.11
CA ASN D 472 52.82 54.85 40.90
C ASN D 472 52.47 55.64 39.65
N PHE D 473 53.01 56.85 39.56
CA PHE D 473 52.74 57.73 38.45
C PHE D 473 53.95 58.62 38.20
N LYS D 474 53.82 59.49 37.20
CA LYS D 474 54.73 60.60 37.02
C LYS D 474 54.02 61.93 36.83
N GLY D 475 52.74 61.94 36.47
CA GLY D 475 52.00 63.18 36.37
C GLY D 475 50.65 63.00 35.74
N ILE D 476 49.62 63.62 36.32
CA ILE D 476 48.25 63.55 35.83
C ILE D 476 47.78 64.97 35.57
N ASP D 477 47.30 65.24 34.36
CA ASP D 477 46.97 66.59 33.94
C ASP D 477 45.55 66.61 33.41
N THR D 478 44.60 66.95 34.29
CA THR D 478 43.19 66.95 33.92
C THR D 478 42.54 68.32 34.09
N GLY D 479 43.34 69.35 34.38
CA GLY D 479 42.76 70.67 34.57
C GLY D 479 42.30 71.34 33.29
N ASN D 480 42.72 70.80 32.15
CA ASN D 480 42.33 71.38 30.87
C ASN D 480 40.88 71.07 30.53
N GLY D 481 40.45 69.84 30.78
CA GLY D 481 39.12 69.43 30.37
C GLY D 481 38.05 69.49 31.44
N GLY D 482 38.34 68.95 32.62
CA GLY D 482 37.37 68.88 33.68
C GLY D 482 36.38 67.74 33.47
N PHE D 483 35.48 67.60 34.46
CA PHE D 483 34.44 66.56 34.52
C PHE D 483 35.03 65.16 34.42
N ASN D 484 36.12 64.95 35.14
CA ASN D 484 36.91 63.73 35.01
C ASN D 484 36.76 62.91 36.27
N THR D 485 36.26 61.68 36.14
CA THR D 485 36.17 60.76 37.25
C THR D 485 37.51 60.05 37.37
N LEU D 486 38.39 60.58 38.22
CA LEU D 486 39.72 60.03 38.44
C LEU D 486 39.62 59.05 39.60
N ASP D 487 39.08 57.88 39.34
CA ASP D 487 38.80 56.92 40.39
C ASP D 487 40.05 56.16 40.76
N PHE D 488 40.21 55.90 42.06
CA PHE D 488 41.29 55.09 42.59
C PHE D 488 40.76 54.20 43.70
N SER D 489 39.49 53.77 43.58
CA SER D 489 38.82 53.14 44.70
C SER D 489 39.39 51.76 45.01
N GLY D 490 39.96 51.09 44.01
CA GLY D 490 40.48 49.76 44.28
C GLY D 490 41.87 49.76 44.89
N VAL D 491 42.49 50.92 45.06
CA VAL D 491 43.89 50.98 45.48
C VAL D 491 44.04 50.46 46.89
N THR D 492 44.97 49.51 47.07
CA THR D 492 45.20 48.91 48.38
C THR D 492 45.79 49.92 49.35
N ASN D 493 47.01 50.41 49.09
CA ASN D 493 47.55 51.43 49.97
C ASN D 493 47.88 52.76 49.29
N LYS D 494 48.80 52.81 48.34
CA LYS D 494 49.38 54.11 47.97
C LYS D 494 49.16 54.45 46.51
N VAL D 495 49.05 55.75 46.24
CA VAL D 495 49.00 56.30 44.88
C VAL D 495 50.04 57.41 44.85
N ASN D 496 51.22 57.13 44.31
CA ASN D 496 52.35 58.02 44.50
C ASN D 496 52.50 58.96 43.30
N ILE D 497 51.49 59.81 43.10
CA ILE D 497 51.48 60.76 42.00
C ILE D 497 52.56 61.81 42.19
N ASN D 498 53.27 62.13 41.12
CA ASN D 498 54.35 63.11 41.19
C ASN D 498 53.90 64.52 40.82
N LYS D 499 52.80 64.67 40.10
CA LYS D 499 52.35 66.00 39.69
C LYS D 499 50.87 65.92 39.34
N LEU D 500 50.09 66.91 39.76
CA LEU D 500 48.64 66.88 39.57
C LEU D 500 48.15 68.23 39.08
N ILE D 501 47.27 68.20 38.08
CA ILE D 501 46.61 69.39 37.54
C ILE D 501 45.13 69.07 37.43
N THR D 502 44.30 69.76 38.21
CA THR D 502 42.86 69.49 38.27
C THR D 502 42.05 70.78 38.21
N ALA D 503 40.90 70.70 37.55
CA ALA D 503 39.92 71.78 37.55
C ALA D 503 38.59 71.37 38.17
N SER D 504 37.94 70.33 37.63
CA SER D 504 36.68 69.83 38.17
C SER D 504 36.75 68.31 38.10
N THR D 505 37.22 67.70 39.17
CA THR D 505 37.63 66.31 39.14
C THR D 505 36.92 65.58 40.27
N ASN D 506 36.89 64.26 40.19
CA ASN D 506 36.19 63.39 41.13
C ASN D 506 37.18 62.40 41.72
N VAL D 507 38.30 62.94 42.22
CA VAL D 507 39.39 62.14 42.77
C VAL D 507 38.89 61.39 43.99
N ALA D 508 39.24 60.11 44.09
CA ALA D 508 38.84 59.29 45.23
C ALA D 508 40.03 58.41 45.61
N VAL D 509 40.88 58.89 46.50
CA VAL D 509 42.07 58.17 46.93
C VAL D 509 41.98 57.96 48.44
N LYS D 510 42.32 56.76 48.90
CA LYS D 510 42.24 56.46 50.33
C LYS D 510 43.54 56.74 51.07
N ASN D 511 44.67 56.71 50.39
CA ASN D 511 45.98 57.02 50.98
C ASN D 511 46.93 57.31 49.84
N PHE D 512 47.74 58.35 49.98
CA PHE D 512 48.58 58.83 48.91
C PHE D 512 49.70 59.70 49.46
N ASN D 513 50.62 60.08 48.58
CA ASN D 513 51.48 61.25 48.82
C ASN D 513 51.78 61.92 47.49
N ILE D 514 50.91 62.86 47.11
CA ILE D 514 51.02 63.60 45.86
C ILE D 514 51.91 64.81 46.14
N ASN D 515 53.18 64.76 45.73
CA ASN D 515 54.12 65.78 46.17
C ASN D 515 54.08 67.06 45.36
N GLU D 516 53.04 67.26 44.54
CA GLU D 516 52.84 68.56 43.88
C GLU D 516 51.37 68.65 43.51
N LEU D 517 50.74 69.79 43.82
CA LEU D 517 49.30 69.96 43.61
C LEU D 517 49.04 71.33 43.00
N ILE D 518 48.12 71.37 42.02
CA ILE D 518 47.70 72.60 41.39
C ILE D 518 46.19 72.75 41.54
N VAL D 519 45.77 73.88 42.09
CA VAL D 519 44.36 74.20 42.29
C VAL D 519 43.98 75.21 41.21
N LYS D 520 43.42 74.73 40.10
CA LYS D 520 43.04 75.63 39.03
C LYS D 520 41.63 76.16 39.22
N THR D 521 41.31 77.23 38.51
CA THR D 521 39.95 77.71 38.35
C THR D 521 39.39 77.12 37.06
N ASN D 522 38.09 77.33 36.85
CA ASN D 522 37.34 76.65 35.81
C ASN D 522 36.33 77.58 35.15
N GLY D 523 36.79 78.76 34.77
CA GLY D 523 35.92 79.74 34.15
C GLY D 523 35.18 80.56 35.18
N VAL D 524 33.88 80.76 34.97
CA VAL D 524 33.06 81.49 35.93
C VAL D 524 31.97 80.62 36.55
N SER D 525 31.73 79.43 36.02
CA SER D 525 30.69 78.57 36.56
C SER D 525 31.11 77.95 37.88
N VAL D 526 30.13 77.64 38.72
CA VAL D 526 30.35 76.99 39.99
C VAL D 526 29.75 75.60 39.93
N GLY D 527 29.91 74.86 41.03
CA GLY D 527 29.59 73.44 41.03
C GLY D 527 30.65 72.59 40.39
N GLU D 528 31.80 73.17 40.06
CA GLU D 528 32.89 72.50 39.39
C GLU D 528 34.14 72.69 40.24
N TYR D 529 34.68 71.59 40.77
CA TYR D 529 35.68 71.70 41.82
C TYR D 529 36.40 70.37 41.98
N THR D 530 37.58 70.44 42.58
CA THR D 530 38.26 69.23 43.04
C THR D 530 37.51 68.68 44.23
N HIS D 531 37.15 67.40 44.16
CA HIS D 531 36.28 66.77 45.14
C HIS D 531 36.90 65.45 45.55
N PHE D 532 37.63 65.45 46.66
CA PHE D 532 38.10 64.18 47.20
C PHE D 532 36.93 63.48 47.86
N SER D 533 36.18 62.72 47.06
CA SER D 533 34.87 62.25 47.44
C SER D 533 34.88 60.96 48.24
N GLU D 534 35.99 60.62 48.89
CA GLU D 534 36.01 59.53 49.86
C GLU D 534 37.05 59.86 50.92
N ASP D 535 37.23 58.93 51.85
CA ASP D 535 38.04 59.19 53.04
C ASP D 535 39.52 59.24 52.69
N ILE D 536 40.24 60.16 53.34
CA ILE D 536 41.64 60.39 53.03
C ILE D 536 42.55 59.64 54.00
N GLY D 537 42.00 59.13 55.09
CA GLY D 537 42.75 58.21 55.91
C GLY D 537 43.71 58.91 56.86
N SER D 538 44.82 58.23 57.11
CA SER D 538 45.76 58.62 58.15
C SER D 538 47.16 58.90 57.66
N GLN D 539 47.64 58.16 56.66
CA GLN D 539 49.02 58.34 56.20
C GLN D 539 49.13 59.24 55.00
N SER D 540 48.10 60.04 54.72
CA SER D 540 48.08 60.91 53.56
C SER D 540 49.10 62.03 53.71
N ARG D 541 49.39 62.67 52.59
CA ARG D 541 50.48 63.63 52.48
C ARG D 541 50.37 64.35 51.15
N ILE D 542 50.74 65.62 51.13
CA ILE D 542 50.99 66.40 49.91
C ILE D 542 52.22 67.23 50.21
N ASN D 543 53.22 67.21 49.33
CA ASN D 543 54.40 67.99 49.65
C ASN D 543 54.42 69.39 49.05
N THR D 544 53.48 69.72 48.17
CA THR D 544 53.33 71.09 47.68
C THR D 544 51.91 71.30 47.19
N VAL D 545 51.22 72.28 47.77
CA VAL D 545 49.96 72.77 47.24
C VAL D 545 50.22 74.13 46.63
N ARG D 546 49.72 74.36 45.42
CA ARG D 546 49.91 75.64 44.75
C ARG D 546 48.60 76.06 44.11
N LEU D 547 47.86 76.91 44.81
CA LEU D 547 46.68 77.53 44.25
C LEU D 547 47.10 78.57 43.20
N GLU D 548 46.31 78.66 42.13
CA GLU D 548 46.51 79.70 41.14
C GLU D 548 45.30 80.61 41.15
N THR D 549 45.46 81.79 40.55
CA THR D 549 44.50 82.88 40.70
C THR D 549 43.22 82.58 39.93
N GLY D 550 42.08 82.72 40.60
CA GLY D 550 40.81 82.48 39.96
C GLY D 550 40.34 83.63 39.10
N THR D 551 39.03 83.91 39.14
CA THR D 551 38.46 85.04 38.41
C THR D 551 37.74 85.95 39.40
N ARG D 552 37.56 87.20 38.99
CA ARG D 552 37.07 88.25 39.88
C ARG D 552 35.61 87.98 40.26
N SER D 553 35.26 88.29 41.51
CA SER D 553 33.92 88.37 42.08
C SER D 553 33.20 87.03 42.24
N ILE D 554 33.87 85.90 42.02
CA ILE D 554 33.24 84.59 42.21
C ILE D 554 34.31 83.54 42.49
N PHE D 555 34.02 82.65 43.45
CA PHE D 555 34.87 81.49 43.73
C PHE D 555 34.45 80.38 42.77
N SER D 556 35.08 80.39 41.59
CA SER D 556 34.69 79.44 40.55
C SER D 556 35.24 78.04 40.84
N GLY D 557 36.57 77.92 40.87
CA GLY D 557 37.20 76.65 41.17
C GLY D 557 37.60 76.56 42.63
N GLY D 558 37.95 75.34 43.03
CA GLY D 558 38.37 75.13 44.40
C GLY D 558 38.51 73.65 44.71
N VAL D 559 38.91 73.40 45.95
CA VAL D 559 39.20 72.06 46.45
C VAL D 559 38.36 71.83 47.69
N LYS D 560 37.53 70.79 47.68
CA LYS D 560 36.81 70.40 48.88
C LYS D 560 37.02 68.92 49.14
N PHE D 561 36.85 68.55 50.40
CA PHE D 561 37.07 67.19 50.87
C PHE D 561 35.74 66.63 51.34
N LYS D 562 35.75 65.41 51.86
CA LYS D 562 34.59 64.90 52.58
C LYS D 562 34.96 64.29 53.92
N SER D 563 36.14 63.69 54.01
CA SER D 563 36.51 62.95 55.22
C SER D 563 38.03 62.87 55.30
N GLY D 564 38.51 62.13 56.29
CA GLY D 564 39.91 62.05 56.62
C GLY D 564 40.21 62.70 57.96
N GLU D 565 41.44 62.48 58.42
CA GLU D 565 41.86 63.05 59.69
C GLU D 565 43.15 63.87 59.64
N LYS D 566 44.02 63.65 58.65
CA LYS D 566 45.22 64.47 58.53
C LYS D 566 45.74 64.42 57.10
N LEU D 567 46.48 65.46 56.72
CA LEU D 567 47.25 65.49 55.48
C LEU D 567 48.42 66.44 55.69
N VAL D 568 49.62 65.88 55.86
CA VAL D 568 50.81 66.65 56.15
C VAL D 568 51.24 67.42 54.91
N ILE D 569 50.90 68.70 54.88
CA ILE D 569 51.29 69.58 53.78
C ILE D 569 52.59 70.29 54.17
N ASP D 570 53.53 70.37 53.25
CA ASP D 570 54.72 71.19 53.49
C ASP D 570 54.52 72.64 53.09
N GLU D 571 54.22 72.92 51.82
CA GLU D 571 54.18 74.29 51.35
C GLU D 571 52.82 74.54 50.73
N PHE D 572 52.36 75.79 50.82
CA PHE D 572 51.02 76.15 50.41
C PHE D 572 51.07 77.52 49.74
N TYR D 573 50.08 77.80 48.90
CA TYR D 573 49.94 79.14 48.35
C TYR D 573 48.49 79.59 48.43
N TYR D 574 48.30 80.86 48.77
CA TYR D 574 47.01 81.50 48.61
C TYR D 574 46.77 81.80 47.14
N SER D 575 45.55 82.25 46.85
CA SER D 575 45.21 82.78 45.53
C SER D 575 43.94 83.60 45.66
N PRO D 576 43.78 84.65 44.88
CA PRO D 576 42.48 85.29 44.78
C PRO D 576 41.47 84.38 44.10
N TRP D 577 40.38 84.11 44.83
CA TRP D 577 39.15 83.49 44.30
C TRP D 577 39.34 82.02 43.90
N ASN D 578 40.05 81.28 44.74
CA ASN D 578 39.99 79.82 44.69
C ASN D 578 40.00 79.33 46.12
N TYR D 579 38.99 78.56 46.50
CA TYR D 579 38.75 78.21 47.90
C TYR D 579 39.42 76.87 48.22
N PHE D 580 40.15 76.85 49.33
CA PHE D 580 40.79 75.64 49.82
C PHE D 580 39.93 75.12 50.97
N ASP D 581 38.80 74.52 50.62
CA ASP D 581 37.93 73.95 51.63
C ASP D 581 38.56 72.67 52.17
N ALA D 582 38.66 72.59 53.50
CA ALA D 582 39.35 71.51 54.19
C ALA D 582 38.42 70.86 55.19
N ARG D 583 37.24 70.45 54.69
CA ARG D 583 36.20 69.86 55.53
C ARG D 583 36.66 68.59 56.23
N ASN D 584 36.28 68.49 57.50
CA ASN D 584 36.19 67.27 58.29
C ASN D 584 37.55 66.69 58.70
N ILE D 585 38.63 67.25 58.21
CA ILE D 585 39.96 66.74 58.50
C ILE D 585 40.56 67.51 59.66
N LYS D 586 40.99 66.79 60.68
CA LYS D 586 41.25 67.36 61.98
C LYS D 586 42.71 67.60 62.31
N ASN D 587 43.64 67.27 61.42
CA ASN D 587 45.05 67.49 61.70
C ASN D 587 45.79 68.01 60.47
N VAL D 588 45.24 69.05 59.83
CA VAL D 588 45.83 69.62 58.63
C VAL D 588 47.14 70.30 59.03
N GLU D 589 48.26 69.64 58.76
CA GLU D 589 49.55 70.08 59.29
C GLU D 589 50.34 70.80 58.21
N ILE D 590 50.97 71.91 58.61
CA ILE D 590 51.89 72.65 57.75
C ILE D 590 53.27 72.54 58.39
N THR D 591 54.30 72.40 57.55
CA THR D 591 55.65 72.16 58.04
C THR D 591 56.67 73.18 57.53
N ARG D 592 56.43 73.80 56.38
CA ARG D 592 57.29 74.87 55.91
C ARG D 592 56.39 75.96 55.34
N LYS D 593 56.99 76.87 54.56
CA LYS D 593 56.47 78.19 54.16
C LYS D 593 55.01 78.17 53.71
N PHE D 594 54.25 79.15 54.20
CA PHE D 594 52.81 79.24 53.99
C PHE D 594 52.57 80.63 53.39
N ALA D 595 52.66 80.74 52.07
CA ALA D 595 52.67 82.03 51.41
C ALA D 595 51.47 82.19 50.48
N SER D 596 51.51 83.21 49.63
CA SER D 596 50.53 83.42 48.57
C SER D 596 51.18 83.25 47.21
N SER D 597 50.36 82.89 46.22
CA SER D 597 50.87 82.75 44.85
C SER D 597 51.21 84.10 44.23
N THR D 598 50.68 85.18 44.79
CA THR D 598 51.16 86.53 44.51
C THR D 598 51.92 86.99 45.74
N PRO D 599 53.19 86.62 45.89
CA PRO D 599 53.85 86.70 47.21
C PRO D 599 54.21 88.10 47.67
N GLU D 600 54.41 89.05 46.75
CA GLU D 600 54.79 90.39 47.16
C GLU D 600 53.67 91.40 46.97
N ASN D 601 52.63 91.02 46.22
CA ASN D 601 51.47 91.88 46.01
C ASN D 601 50.16 91.10 46.16
N PRO D 602 49.77 90.78 47.38
CA PRO D 602 48.50 90.07 47.57
C PRO D 602 47.31 90.98 47.34
N TRP D 603 46.19 90.35 46.99
CA TRP D 603 44.89 91.02 46.85
C TRP D 603 43.82 89.94 46.78
N GLY D 604 42.56 90.37 46.81
CA GLY D 604 41.47 89.43 46.72
C GLY D 604 41.19 88.72 48.02
N THR D 605 40.55 87.56 47.89
CA THR D 605 40.16 86.72 49.00
C THR D 605 40.52 85.26 48.71
N SER D 606 40.66 84.48 49.77
CA SER D 606 41.00 83.05 49.67
C SER D 606 40.29 82.31 50.79
N LYS D 607 39.20 81.61 50.46
CA LYS D 607 38.47 80.89 51.50
C LYS D 607 39.23 79.66 51.96
N LEU D 608 39.95 79.78 53.05
CA LEU D 608 40.64 78.65 53.69
C LEU D 608 39.70 78.03 54.73
N MET D 609 38.58 77.52 54.24
CA MET D 609 37.46 77.08 55.06
C MET D 609 37.85 75.76 55.76
N PHE D 610 38.49 75.90 56.92
CA PHE D 610 39.06 74.75 57.60
C PHE D 610 38.07 74.12 58.57
N ASN D 611 38.56 73.13 59.30
CA ASN D 611 37.94 72.70 60.54
C ASN D 611 38.93 72.44 61.67
N ASN D 612 40.24 72.46 61.38
CA ASN D 612 41.35 72.33 62.31
C ASN D 612 42.63 72.56 61.52
N LEU D 613 43.71 72.92 62.22
CA LEU D 613 45.04 72.77 61.69
C LEU D 613 46.01 72.62 62.86
N THR D 614 47.25 72.27 62.55
CA THR D 614 48.32 72.25 63.54
C THR D 614 49.64 72.49 62.83
N LEU D 615 50.23 73.65 63.07
CA LEU D 615 51.43 74.07 62.35
C LEU D 615 52.65 73.71 63.20
N GLY D 616 53.67 73.16 62.55
CA GLY D 616 54.85 72.68 63.23
C GLY D 616 56.01 73.66 63.18
N GLN D 617 57.20 73.09 63.01
CA GLN D 617 58.43 73.86 63.13
C GLN D 617 58.67 74.74 61.91
N ASN D 618 59.10 75.98 62.16
CA ASN D 618 59.74 76.87 61.18
C ASN D 618 58.83 77.27 60.03
N ALA D 619 57.54 77.03 60.12
CA ALA D 619 56.64 77.26 58.98
C ALA D 619 56.11 78.67 59.07
N VAL D 620 56.66 79.55 58.24
CA VAL D 620 56.32 80.96 58.24
C VAL D 620 54.96 81.15 57.60
N MET D 621 54.11 81.97 58.21
CA MET D 621 52.83 82.32 57.62
C MET D 621 52.79 83.79 57.25
N ASP D 622 51.93 84.12 56.29
CA ASP D 622 51.78 85.47 55.76
C ASP D 622 50.28 85.79 55.79
N TYR D 623 49.80 86.31 56.91
CA TYR D 623 48.38 86.58 57.07
C TYR D 623 48.09 88.08 56.98
N SER D 624 47.25 88.45 56.03
CA SER D 624 46.83 89.83 55.82
C SER D 624 45.32 89.88 55.68
N GLN D 625 44.81 91.07 55.34
CA GLN D 625 43.40 91.25 54.99
C GLN D 625 43.08 90.70 53.62
N PHE D 626 44.10 90.40 52.82
CA PHE D 626 43.96 89.96 51.44
C PHE D 626 43.80 88.45 51.35
N SER D 627 43.65 87.78 52.48
CA SER D 627 43.43 86.34 52.51
C SER D 627 42.58 86.06 53.76
N ASN D 628 41.27 85.94 53.57
CA ASN D 628 40.37 85.72 54.70
C ASN D 628 40.49 84.29 55.23
N LEU D 629 41.54 84.06 56.02
CA LEU D 629 41.87 82.75 56.57
C LEU D 629 40.87 82.41 57.67
N THR D 630 39.90 81.57 57.35
CA THR D 630 38.74 81.35 58.19
C THR D 630 38.80 79.99 58.87
N ILE D 631 39.14 79.99 60.15
CA ILE D 631 39.34 78.76 60.92
C ILE D 631 38.07 78.49 61.74
N GLN D 632 37.49 77.30 61.55
CA GLN D 632 36.41 76.81 62.40
C GLN D 632 36.88 75.78 63.41
N GLY D 633 38.15 75.82 63.80
CA GLY D 633 38.69 74.83 64.69
C GLY D 633 39.88 75.31 65.48
N ASP D 634 40.80 74.39 65.76
CA ASP D 634 41.79 74.58 66.81
C ASP D 634 43.14 74.94 66.25
N PHE D 635 43.40 76.21 66.01
CA PHE D 635 44.69 76.65 65.45
C PHE D 635 45.79 76.42 66.49
N ILE D 636 46.55 75.36 66.30
CA ILE D 636 47.61 75.00 67.23
C ILE D 636 48.94 75.30 66.55
N ASN D 637 49.84 75.96 67.26
CA ASN D 637 51.16 76.28 66.72
C ASN D 637 52.22 75.56 67.55
N ASN D 638 53.14 74.90 66.89
CA ASN D 638 54.36 74.41 67.50
C ASN D 638 55.44 75.48 67.29
N GLN D 639 56.72 75.13 67.36
CA GLN D 639 57.82 76.10 67.31
C GLN D 639 57.93 76.69 65.90
N GLY D 640 56.97 77.54 65.55
CA GLY D 640 56.89 78.10 64.21
C GLY D 640 56.72 79.60 64.19
N THR D 641 57.47 80.28 63.33
CA THR D 641 57.58 81.74 63.35
C THR D 641 56.57 82.33 62.37
N ILE D 642 55.43 82.76 62.90
CA ILE D 642 54.38 83.36 62.07
C ILE D 642 54.69 84.84 61.87
N ASN D 643 54.62 85.29 60.62
CA ASN D 643 54.85 86.69 60.30
C ASN D 643 53.52 87.38 59.99
N TYR D 644 53.49 88.69 60.24
CA TYR D 644 52.31 89.51 59.99
C TYR D 644 52.68 90.67 59.07
N LEU D 645 51.65 91.44 58.68
CA LEU D 645 51.78 92.58 57.77
C LEU D 645 50.49 93.39 57.88
N VAL D 646 50.62 94.70 57.64
CA VAL D 646 49.49 95.60 57.90
C VAL D 646 48.70 95.92 56.64
N ARG D 647 49.39 96.32 55.56
CA ARG D 647 48.81 96.81 54.30
C ARG D 647 47.74 97.88 54.56
N GLY D 648 48.20 98.98 55.14
CA GLY D 648 47.34 100.06 55.53
C GLY D 648 47.37 100.43 57.01
N GLY D 649 48.41 100.02 57.73
CA GLY D 649 48.58 100.42 59.12
C GLY D 649 47.82 99.59 60.13
N LYS D 650 46.86 98.77 59.71
CA LYS D 650 46.06 98.01 60.66
C LYS D 650 46.26 96.52 60.42
N VAL D 651 46.21 95.75 61.51
CA VAL D 651 46.49 94.31 61.48
C VAL D 651 45.17 93.57 61.49
N ALA D 652 45.01 92.65 60.54
CA ALA D 652 43.83 91.78 60.49
C ALA D 652 43.90 90.77 61.63
N THR D 653 42.78 90.58 62.32
CA THR D 653 42.74 89.63 63.43
C THR D 653 42.64 88.20 62.89
N LEU D 654 43.06 87.24 63.70
CA LEU D 654 43.10 85.84 63.31
C LEU D 654 42.25 85.05 64.32
N ASN D 655 41.18 84.43 63.83
CA ASN D 655 40.15 83.86 64.69
C ASN D 655 40.47 82.39 64.98
N VAL D 656 40.86 82.11 66.22
CA VAL D 656 41.01 80.76 66.72
C VAL D 656 39.66 80.29 67.24
N GLY D 657 39.23 79.11 66.81
CA GLY D 657 37.87 78.67 67.09
C GLY D 657 37.66 78.28 68.55
N ASN D 658 38.48 77.35 69.05
CA ASN D 658 38.34 76.87 70.42
C ASN D 658 39.55 77.17 71.28
N ALA D 659 40.75 76.78 70.85
CA ALA D 659 41.92 76.93 71.69
C ALA D 659 43.17 76.96 70.83
N ALA D 660 44.10 77.85 71.19
CA ALA D 660 45.41 77.92 70.57
C ALA D 660 46.45 77.56 71.63
N ALA D 661 46.62 76.27 71.87
CA ALA D 661 47.56 75.81 72.88
C ALA D 661 48.93 75.54 72.27
N MET D 662 49.95 76.10 72.89
CA MET D 662 51.28 76.10 72.30
C MET D 662 52.31 75.58 73.29
N MET D 663 53.45 75.15 72.76
CA MET D 663 54.54 74.58 73.56
C MET D 663 55.82 74.77 72.78
N PHE D 664 56.88 75.20 73.45
CA PHE D 664 58.10 75.59 72.76
C PHE D 664 59.30 75.05 73.53
N ASN D 665 60.47 75.62 73.24
CA ASN D 665 61.70 75.27 73.94
C ASN D 665 62.60 76.49 73.91
N ASN D 666 63.86 76.30 74.30
CA ASN D 666 64.88 77.34 74.19
C ASN D 666 65.33 77.44 72.74
N ASP D 667 64.49 78.09 71.93
CA ASP D 667 64.70 78.19 70.49
C ASP D 667 65.61 79.38 70.18
N ILE D 668 66.83 79.32 70.72
CA ILE D 668 67.82 80.38 70.66
C ILE D 668 68.68 80.20 69.42
N ASP D 669 69.01 81.31 68.77
CA ASP D 669 69.93 81.30 67.64
C ASP D 669 71.13 82.19 67.95
N SER D 670 72.20 81.99 67.19
CA SER D 670 73.37 82.83 67.29
C SER D 670 73.37 83.98 66.29
N ALA D 671 72.35 84.05 65.42
CA ALA D 671 72.24 85.17 64.50
C ALA D 671 71.74 86.42 65.22
N THR D 672 70.86 86.23 66.20
CA THR D 672 70.34 87.33 67.00
C THR D 672 70.84 87.33 68.44
N GLY D 673 71.07 86.16 69.03
CA GLY D 673 71.45 86.04 70.44
C GLY D 673 70.27 85.79 71.34
N PHE D 674 69.10 86.27 70.94
CA PHE D 674 67.85 85.99 71.63
C PHE D 674 67.33 84.63 71.15
N TYR D 675 66.15 84.25 71.61
CA TYR D 675 65.37 83.21 70.97
C TYR D 675 65.01 83.61 69.54
N LYS D 676 64.56 82.61 68.77
CA LYS D 676 64.01 82.91 67.45
C LYS D 676 62.74 83.75 67.60
N PRO D 677 62.57 84.78 66.76
CA PRO D 677 61.39 85.66 66.92
C PRO D 677 60.09 84.95 66.55
N LEU D 678 59.33 84.62 67.59
CA LEU D 678 58.34 83.56 67.49
C LEU D 678 57.07 84.02 66.76
N ILE D 679 56.66 85.27 66.97
CA ILE D 679 55.57 85.87 66.21
C ILE D 679 56.03 87.27 65.81
N LYS D 680 56.12 87.52 64.51
CA LYS D 680 56.66 88.77 64.01
C LYS D 680 55.58 89.59 63.33
N ILE D 681 55.66 90.91 63.47
CA ILE D 681 54.86 91.84 62.71
C ILE D 681 55.83 92.66 61.87
N ASN D 682 56.06 92.22 60.64
CA ASN D 682 56.97 92.91 59.74
C ASN D 682 56.16 93.71 58.72
N SER D 683 56.84 94.67 58.09
CA SER D 683 56.28 95.62 57.10
C SER D 683 55.16 96.46 57.70
N ALA D 684 55.20 96.62 59.02
CA ALA D 684 54.36 97.56 59.76
C ALA D 684 55.10 98.88 59.97
N GLN D 685 55.60 99.45 58.87
CA GLN D 685 56.31 100.73 58.94
C GLN D 685 55.34 101.87 59.23
N ASP D 686 54.15 101.82 58.63
CA ASP D 686 53.09 102.77 58.89
C ASP D 686 52.12 102.29 59.95
N LEU D 687 52.59 101.49 60.91
CA LEU D 687 51.75 101.03 62.01
C LEU D 687 51.34 102.21 62.87
N ILE D 688 50.03 102.35 63.07
CA ILE D 688 49.44 103.56 63.63
C ILE D 688 49.77 103.64 65.12
N LYS D 689 50.46 104.69 65.52
CA LYS D 689 50.83 104.90 66.90
C LYS D 689 49.59 105.26 67.71
N ASN D 690 49.64 104.92 69.02
CA ASN D 690 48.61 105.24 70.01
C ASN D 690 47.26 104.61 69.66
N THR D 691 47.31 103.39 69.14
CA THR D 691 46.10 102.73 68.64
C THR D 691 46.19 101.24 68.90
N GLU D 692 45.13 100.69 69.49
CA GLU D 692 45.03 99.24 69.63
C GLU D 692 44.85 98.57 68.28
N HIS D 693 45.79 97.70 67.94
CA HIS D 693 45.71 96.87 66.74
C HIS D 693 45.56 95.43 67.20
N VAL D 694 44.37 94.87 67.01
CA VAL D 694 44.10 93.49 67.45
C VAL D 694 44.83 92.51 66.54
N LEU D 695 45.79 91.78 67.12
CA LEU D 695 46.58 90.83 66.34
C LEU D 695 45.77 89.58 66.01
N LEU D 696 45.09 89.03 67.02
CA LEU D 696 44.31 87.82 66.85
C LEU D 696 43.25 87.74 67.93
N LYS D 697 42.02 87.41 67.52
CA LYS D 697 40.97 87.08 68.48
C LYS D 697 40.98 85.59 68.76
N ALA D 698 41.19 85.24 70.02
CA ALA D 698 41.32 83.85 70.41
C ALA D 698 40.62 83.63 71.73
N LYS D 699 40.55 82.39 72.16
CA LYS D 699 39.88 82.03 73.40
C LYS D 699 40.85 81.58 74.47
N ILE D 700 41.85 80.77 74.12
CA ILE D 700 42.89 80.34 75.06
C ILE D 700 44.23 80.47 74.34
N ILE D 701 45.11 81.32 74.87
CA ILE D 701 46.51 81.32 74.47
C ILE D 701 47.25 80.50 75.52
N GLY D 702 47.34 79.19 75.30
CA GLY D 702 48.00 78.34 76.25
C GLY D 702 49.47 78.18 75.93
N TYR D 703 50.31 78.97 76.57
CA TYR D 703 51.75 78.88 76.36
C TYR D 703 52.28 77.63 77.05
N GLY D 704 53.34 77.06 76.48
CA GLY D 704 54.08 76.03 77.17
C GLY D 704 55.52 76.01 76.74
N ASN D 705 56.31 75.25 77.50
CA ASN D 705 57.65 74.84 77.11
C ASN D 705 57.80 73.37 77.49
N VAL D 706 59.05 72.90 77.51
CA VAL D 706 59.32 71.50 77.90
C VAL D 706 59.01 71.23 79.37
N SER D 707 58.87 72.27 80.18
CA SER D 707 58.25 72.15 81.49
C SER D 707 57.13 73.19 81.57
N THR D 708 56.43 73.21 82.71
CA THR D 708 55.43 74.24 82.94
C THR D 708 56.11 75.60 83.14
N GLY D 709 57.20 75.61 83.89
CA GLY D 709 58.02 76.80 84.05
C GLY D 709 58.68 77.20 82.76
N THR D 710 58.61 78.49 82.44
CA THR D 710 58.92 78.95 81.10
C THR D 710 60.34 79.48 81.01
N ASN D 711 60.63 80.14 79.87
CA ASN D 711 61.96 80.60 79.45
C ASN D 711 62.96 79.45 79.39
N GLY D 712 62.68 78.52 78.48
CA GLY D 712 63.54 77.38 78.25
C GLY D 712 63.21 76.22 79.16
N ILE D 713 64.09 75.97 80.13
CA ILE D 713 63.84 74.97 81.17
C ILE D 713 64.17 75.60 82.52
N SER D 714 63.14 76.12 83.17
CA SER D 714 63.26 76.86 84.43
C SER D 714 61.90 76.82 85.11
N ASN D 715 61.69 77.73 86.07
CA ASN D 715 60.42 77.83 86.78
C ASN D 715 59.80 79.22 86.67
N VAL D 716 59.82 79.79 85.48
CA VAL D 716 59.28 81.14 85.26
C VAL D 716 57.81 81.00 84.86
N ASN D 717 57.00 82.00 85.22
CA ASN D 717 55.57 82.02 84.91
C ASN D 717 55.30 82.10 83.41
N LEU D 718 54.00 82.08 83.05
CA LEU D 718 53.59 81.63 81.73
C LEU D 718 53.52 82.72 80.67
N GLU D 719 53.09 83.94 81.01
CA GLU D 719 52.67 84.83 79.94
C GLU D 719 53.57 86.05 79.73
N GLU D 720 54.30 86.50 80.75
CA GLU D 720 55.03 87.76 80.64
C GLU D 720 56.25 87.67 79.73
N GLN D 721 56.90 86.51 79.66
CA GLN D 721 58.03 86.27 78.78
C GLN D 721 57.60 86.10 77.33
N PHE D 722 56.29 85.98 77.08
CA PHE D 722 55.85 85.82 75.71
C PHE D 722 55.75 87.17 75.01
N LYS D 723 55.76 88.26 75.79
CA LYS D 723 56.05 89.57 75.24
C LYS D 723 57.48 89.67 74.71
N GLU D 724 58.40 88.90 75.27
CA GLU D 724 59.79 88.96 74.83
C GLU D 724 59.98 88.25 73.49
N ARG D 725 59.39 87.08 73.31
CA ARG D 725 59.58 86.30 72.08
C ARG D 725 58.85 86.86 70.88
N LEU D 726 57.80 87.66 71.08
CA LEU D 726 57.26 88.44 69.98
C LEU D 726 58.23 89.55 69.61
N ALA D 727 58.11 90.03 68.37
CA ALA D 727 59.01 91.04 67.86
C ALA D 727 58.26 91.94 66.89
N LEU D 728 58.70 93.18 66.82
CA LEU D 728 58.14 94.18 65.92
C LEU D 728 59.29 94.65 65.05
N TYR D 729 59.42 94.05 63.87
CA TYR D 729 60.57 94.26 63.00
C TYR D 729 60.24 95.38 62.03
N ASN D 730 60.61 96.61 62.38
CA ASN D 730 60.34 97.73 61.49
C ASN D 730 61.53 98.66 61.44
N ASN D 731 61.60 99.42 60.35
CA ASN D 731 62.81 100.13 59.90
C ASN D 731 63.99 99.17 59.81
N ASN D 732 63.71 97.96 59.29
CA ASN D 732 64.68 96.90 58.99
C ASN D 732 65.47 96.44 60.21
N ASN D 733 64.89 96.59 61.41
CA ASN D 733 65.47 96.07 62.62
C ASN D 733 64.33 95.81 63.60
N ARG D 734 64.61 95.17 64.72
CA ARG D 734 63.60 94.88 65.72
C ARG D 734 63.38 96.11 66.60
N MET D 735 62.14 96.59 66.61
CA MET D 735 61.80 97.78 67.38
C MET D 735 61.07 97.47 68.68
N ASP D 736 60.53 96.26 68.81
CA ASP D 736 59.89 95.85 70.07
C ASP D 736 60.94 95.74 71.17
N THR D 737 61.88 94.82 71.00
CA THR D 737 63.11 94.81 71.76
C THR D 737 64.27 95.06 70.81
N CYS D 738 65.42 95.39 71.36
CA CYS D 738 66.62 95.55 70.54
C CYS D 738 67.70 94.66 71.17
N VAL D 739 67.84 93.47 70.61
CA VAL D 739 68.73 92.45 71.16
C VAL D 739 70.13 92.73 70.65
N VAL D 740 71.05 92.99 71.59
CA VAL D 740 72.35 93.58 71.26
C VAL D 740 73.45 92.69 71.82
N ARG D 741 74.43 92.36 70.97
CA ARG D 741 75.64 91.66 71.43
C ARG D 741 76.93 92.39 71.07
N ASN D 742 76.89 93.45 70.30
CA ASN D 742 78.10 94.19 69.92
C ASN D 742 77.74 95.65 69.71
N THR D 743 78.65 96.42 69.12
CA THR D 743 78.42 97.83 68.86
C THR D 743 77.94 98.11 67.44
N ASP D 744 78.06 97.12 66.55
CA ASP D 744 77.67 97.31 65.16
C ASP D 744 76.15 97.39 64.97
N ASP D 745 75.38 96.62 65.73
CA ASP D 745 73.93 96.65 65.58
C ASP D 745 73.29 97.87 66.25
N ILE D 746 74.07 98.62 67.02
CA ILE D 746 73.59 99.86 67.63
C ILE D 746 73.26 100.89 66.56
N LYS D 747 73.97 100.84 65.43
CA LYS D 747 73.70 101.74 64.31
C LYS D 747 72.31 101.51 63.74
N ALA D 748 72.01 100.26 63.35
CA ALA D 748 70.69 99.92 62.85
C ALA D 748 69.62 100.00 63.92
N CYS D 749 69.99 99.86 65.20
CA CYS D 749 69.00 100.01 66.26
C CYS D 749 68.59 101.47 66.42
N GLY D 750 69.55 102.39 66.35
CA GLY D 750 69.22 103.80 66.34
C GLY D 750 68.52 104.24 65.06
N MET D 751 68.80 103.54 63.95
CA MET D 751 67.99 103.75 62.75
C MET D 751 66.57 103.25 62.94
N ALA D 752 66.39 102.19 63.73
CA ALA D 752 65.07 101.63 63.97
C ALA D 752 64.24 102.53 64.87
N ILE D 753 64.85 103.07 65.93
CA ILE D 753 64.11 103.91 66.86
C ILE D 753 64.24 105.39 66.56
N GLY D 754 64.99 105.76 65.52
CA GLY D 754 65.06 107.14 65.09
C GLY D 754 65.80 108.07 66.02
N ASN D 755 66.97 107.66 66.52
CA ASN D 755 67.73 108.44 67.48
C ASN D 755 69.20 108.42 67.08
N GLN D 756 69.80 109.59 66.94
CA GLN D 756 71.22 109.70 66.62
C GLN D 756 72.13 109.46 67.82
N SER D 757 71.55 109.30 69.03
CA SER D 757 72.32 108.92 70.19
C SER D 757 72.80 107.47 70.13
N MET D 758 72.22 106.67 69.25
CA MET D 758 72.72 105.32 68.99
C MET D 758 73.34 105.21 67.61
N VAL D 759 73.27 106.25 66.79
CA VAL D 759 73.78 106.21 65.42
C VAL D 759 75.18 106.80 65.38
N ASN D 760 75.33 108.02 65.91
CA ASN D 760 76.62 108.70 65.85
C ASN D 760 77.64 108.11 66.81
N ASN D 761 77.19 107.57 67.94
CA ASN D 761 78.08 106.98 68.94
C ASN D 761 77.51 105.69 69.51
N PRO D 762 78.04 104.53 69.10
CA PRO D 762 77.54 103.26 69.67
C PRO D 762 77.99 103.02 71.10
N ASP D 763 79.13 103.58 71.51
CA ASP D 763 79.62 103.43 72.88
C ASP D 763 78.97 104.41 73.85
N ASN D 764 77.99 105.19 73.40
CA ASN D 764 77.23 106.05 74.29
C ASN D 764 76.38 105.21 75.25
N TYR D 765 75.87 104.09 74.78
CA TYR D 765 74.99 103.22 75.56
C TYR D 765 75.71 101.90 75.78
N LYS D 766 76.05 101.60 77.04
CA LYS D 766 76.86 100.45 77.37
C LYS D 766 76.12 99.48 78.29
N TYR D 767 74.78 99.54 78.27
CA TYR D 767 73.93 98.66 79.06
C TYR D 767 73.53 97.40 78.29
N LEU D 768 74.24 97.08 77.22
CA LEU D 768 73.76 96.18 76.19
C LEU D 768 74.83 95.19 75.74
N ILE D 769 75.85 94.98 76.57
CA ILE D 769 76.86 93.96 76.32
C ILE D 769 76.38 92.72 77.05
N GLY D 770 75.84 91.77 76.31
CA GLY D 770 75.20 90.63 76.91
C GLY D 770 73.80 90.89 77.41
N LYS D 771 73.22 92.03 77.03
CA LYS D 771 71.88 92.40 77.46
C LYS D 771 71.04 92.88 76.29
N ALA D 772 69.85 93.41 76.58
CA ALA D 772 68.99 94.02 75.58
C ALA D 772 68.10 95.03 76.29
N TRP D 773 67.08 95.51 75.58
CA TRP D 773 66.13 96.44 76.17
C TRP D 773 64.81 96.37 75.42
N LYS D 774 63.71 96.32 76.15
CA LYS D 774 62.39 96.41 75.56
C LYS D 774 61.99 97.87 75.42
N ASN D 775 61.40 98.21 74.28
CA ASN D 775 61.06 99.60 73.99
C ASN D 775 59.84 100.01 74.80
N ILE D 776 59.99 101.07 75.59
CA ILE D 776 58.84 101.66 76.26
C ILE D 776 58.01 102.42 75.24
N GLY D 777 56.70 102.38 75.42
CA GLY D 777 55.78 102.85 74.41
C GLY D 777 55.26 101.77 73.49
N ILE D 778 55.66 100.52 73.71
CA ILE D 778 55.17 99.38 72.97
C ILE D 778 54.71 98.33 73.98
N SER D 779 53.41 98.10 74.04
CA SER D 779 52.83 97.17 75.00
C SER D 779 52.12 96.05 74.26
N LYS D 780 52.14 94.84 74.83
CA LYS D 780 51.46 93.70 74.24
C LYS D 780 50.77 92.90 75.32
N THR D 781 49.75 92.14 74.92
CA THR D 781 49.09 91.17 75.79
C THR D 781 49.47 89.77 75.35
N ALA D 782 49.69 88.89 76.33
CA ALA D 782 50.02 87.50 76.05
C ALA D 782 49.31 86.59 77.05
N ASN D 783 48.23 87.10 77.64
CA ASN D 783 47.48 86.34 78.62
C ASN D 783 46.60 85.28 77.94
N GLY D 784 45.80 84.60 78.75
CA GLY D 784 45.02 83.48 78.28
C GLY D 784 43.78 83.82 77.45
N SER D 785 43.60 85.07 77.03
CA SER D 785 42.39 85.44 76.31
C SER D 785 42.62 86.29 75.07
N LYS D 786 43.76 86.97 74.97
CA LYS D 786 43.95 87.92 73.88
C LYS D 786 45.43 88.20 73.68
N ILE D 787 45.84 88.27 72.42
CA ILE D 787 47.14 88.82 72.04
C ILE D 787 46.87 90.06 71.19
N SER D 788 47.12 91.24 71.77
CA SER D 788 46.98 92.50 71.05
C SER D 788 48.23 93.33 71.31
N VAL D 789 48.65 94.06 70.28
CA VAL D 789 49.87 94.86 70.33
C VAL D 789 49.48 96.33 70.39
N TYR D 790 50.01 97.05 71.36
CA TYR D 790 49.67 98.44 71.63
C TYR D 790 50.90 99.29 71.30
N TYR D 791 51.06 99.63 70.03
CA TYR D 791 52.15 100.50 69.59
C TYR D 791 51.73 101.93 69.88
N LEU D 792 52.28 102.52 70.95
CA LEU D 792 51.93 103.86 71.35
C LEU D 792 53.13 104.78 71.55
N GLY D 793 54.35 104.28 71.39
CA GLY D 793 55.49 105.16 71.51
C GLY D 793 56.81 104.57 71.04
N ASN D 794 57.51 105.32 70.19
CA ASN D 794 58.90 105.04 69.82
C ASN D 794 59.81 105.93 70.67
N SER D 795 59.84 105.62 71.96
CA SER D 795 60.55 106.44 72.93
C SER D 795 62.03 106.10 72.98
N THR D 796 62.83 107.09 73.31
CA THR D 796 64.27 106.89 73.40
C THR D 796 64.61 106.23 74.73
N PRO D 797 65.26 105.07 74.73
CA PRO D 797 65.63 104.44 76.00
C PRO D 797 66.83 105.14 76.62
N THR D 798 66.75 105.36 77.93
CA THR D 798 67.91 105.84 78.66
C THR D 798 68.88 104.70 78.90
N GLU D 799 70.09 105.05 79.33
CA GLU D 799 71.15 104.06 79.43
C GLU D 799 70.98 103.17 80.66
N ASN D 800 70.98 103.76 81.85
CA ASN D 800 70.96 103.00 83.10
C ASN D 800 69.78 103.42 83.96
N GLY D 801 68.59 103.46 83.37
CA GLY D 801 67.40 103.83 84.10
C GLY D 801 66.36 102.73 84.20
N GLY D 802 66.31 101.85 83.21
CA GLY D 802 65.38 100.74 83.24
C GLY D 802 64.98 100.34 81.83
N ASN D 803 63.92 99.51 81.78
CA ASN D 803 63.37 98.93 80.55
C ASN D 803 64.42 98.12 79.79
N THR D 804 65.25 97.39 80.53
CA THR D 804 66.33 96.60 79.96
C THR D 804 66.08 95.13 80.22
N THR D 805 66.51 94.29 79.29
CA THR D 805 66.39 92.84 79.42
C THR D 805 67.76 92.21 79.20
N ASN D 806 67.85 90.91 79.49
CA ASN D 806 69.10 90.17 79.37
C ASN D 806 69.05 89.30 78.13
N LEU D 807 70.15 88.57 77.87
CA LEU D 807 70.13 87.55 76.83
C LEU D 807 69.68 86.21 77.42
N PRO D 808 69.11 85.32 76.60
CA PRO D 808 68.84 83.95 77.09
C PRO D 808 70.12 83.19 77.43
N THR D 809 71.05 83.09 76.48
CA THR D 809 72.38 82.48 76.63
C THR D 809 72.27 81.04 77.14
N ASN D 810 71.74 80.19 76.26
CA ASN D 810 71.61 78.77 76.59
C ASN D 810 72.39 77.93 75.60
N THR D 811 73.46 78.49 75.06
CA THR D 811 74.32 77.77 74.13
C THR D 811 75.73 77.67 74.70
N LEU E 27 -3.58 8.08 49.96
CA LEU E 27 -4.17 6.74 49.90
C LEU E 27 -3.12 5.67 50.17
N LEU E 28 -1.87 5.95 49.77
CA LEU E 28 -0.78 5.03 50.05
C LEU E 28 -0.21 5.24 51.45
N GLY E 29 0.02 6.48 51.85
CA GLY E 29 0.71 6.77 53.08
C GLY E 29 2.20 6.99 52.86
N TRP E 30 2.76 7.86 53.71
CA TRP E 30 4.16 8.22 53.56
C TRP E 30 5.08 7.08 53.97
N GLY E 31 4.62 6.22 54.90
CA GLY E 31 5.45 5.14 55.39
C GLY E 31 5.74 4.08 54.34
N LEU E 32 4.88 3.98 53.33
CA LEU E 32 5.19 3.15 52.18
C LEU E 32 6.10 3.88 51.20
N LYS E 33 5.83 5.17 51.00
CA LYS E 33 6.47 5.93 49.94
C LYS E 33 7.95 6.13 50.21
N GLN E 34 8.31 6.57 51.41
CA GLN E 34 9.72 6.74 51.73
C GLN E 34 10.43 5.41 51.82
N ALA E 35 9.76 4.37 52.32
CA ALA E 35 10.41 3.08 52.46
C ALA E 35 10.64 2.40 51.12
N GLU E 36 9.86 2.76 50.09
CA GLU E 36 10.15 2.26 48.75
C GLU E 36 11.08 3.15 47.95
N GLU E 37 11.16 4.44 48.26
CA GLU E 37 12.11 5.29 47.54
C GLU E 37 13.50 5.29 48.14
N ALA E 38 13.66 4.85 49.40
CA ALA E 38 14.98 4.89 50.01
C ALA E 38 15.87 3.78 49.48
N ASN E 39 15.29 2.68 49.05
CA ASN E 39 16.05 1.54 48.51
C ASN E 39 15.81 1.42 47.00
N LYS E 40 16.57 2.19 46.23
CA LYS E 40 16.52 2.14 44.78
C LYS E 40 17.91 2.22 44.20
N THR E 41 18.10 1.55 43.08
CA THR E 41 19.21 1.88 42.21
C THR E 41 18.97 3.27 41.63
N PRO E 42 20.04 4.07 41.41
CA PRO E 42 19.84 5.45 40.93
C PRO E 42 19.14 5.57 39.59
N ASP E 43 19.75 5.05 38.52
CA ASP E 43 19.24 5.05 37.16
C ASP E 43 20.14 4.15 36.33
N LYS E 44 19.87 4.10 35.02
CA LYS E 44 20.79 3.55 34.03
C LYS E 44 20.99 4.59 32.94
N PRO E 45 21.90 5.55 33.13
CA PRO E 45 22.11 6.55 32.09
C PRO E 45 23.25 6.19 31.15
N ASP E 46 23.03 6.48 29.88
CA ASP E 46 24.10 6.51 28.91
C ASP E 46 24.77 7.88 28.92
N LYS E 47 25.95 7.95 28.32
CA LYS E 47 26.77 9.17 28.22
C LYS E 47 27.09 9.74 29.61
N VAL E 48 27.89 8.98 30.34
CA VAL E 48 28.38 9.45 31.63
C VAL E 48 29.48 10.46 31.36
N TRP E 49 29.15 11.75 31.39
CA TRP E 49 30.14 12.79 31.19
C TRP E 49 31.02 12.89 32.43
N ARG E 50 32.28 13.22 32.24
CA ARG E 50 33.18 13.43 33.37
C ARG E 50 33.98 14.70 33.14
N ILE E 51 33.90 15.61 34.09
CA ILE E 51 34.60 16.89 34.05
C ILE E 51 35.47 16.97 35.29
N GLN E 52 36.75 17.24 35.10
CA GLN E 52 37.66 17.44 36.23
C GLN E 52 38.16 18.86 36.19
N ALA E 53 38.02 19.57 37.30
CA ALA E 53 38.57 20.92 37.41
C ALA E 53 40.07 20.81 37.63
N GLY E 54 40.84 21.13 36.59
CA GLY E 54 42.27 20.97 36.65
C GLY E 54 42.97 22.11 37.34
N LYS E 55 44.03 22.63 36.73
CA LYS E 55 44.80 23.69 37.34
C LYS E 55 44.15 25.04 37.06
N GLY E 56 44.40 25.99 37.96
CA GLY E 56 43.76 27.28 37.88
C GLY E 56 42.88 27.57 39.07
N PHE E 57 42.14 26.55 39.52
CA PHE E 57 41.20 26.76 40.62
C PHE E 57 41.87 26.62 41.98
N ASN E 58 42.80 25.68 42.13
CA ASN E 58 43.12 25.08 43.42
C ASN E 58 44.15 25.86 44.22
N GLU E 59 44.34 27.15 43.94
CA GLU E 59 45.25 27.93 44.78
C GLU E 59 44.82 29.37 45.04
N PHE E 60 43.61 29.78 44.67
CA PHE E 60 43.08 31.08 45.08
C PHE E 60 42.00 30.85 46.11
N PRO E 61 42.30 30.99 47.40
CA PRO E 61 41.34 30.61 48.44
C PRO E 61 40.17 31.55 48.62
N ASN E 62 40.14 32.71 47.97
CA ASN E 62 39.11 33.69 48.29
C ASN E 62 38.54 34.35 47.04
N LYS E 63 38.48 33.64 45.92
CA LYS E 63 38.25 34.34 44.67
C LYS E 63 36.76 34.66 44.43
N GLU E 64 35.86 33.89 45.02
CA GLU E 64 34.41 33.95 44.75
C GLU E 64 34.14 33.70 43.25
N TYR E 65 34.39 32.45 42.88
CA TYR E 65 34.12 31.95 41.55
C TYR E 65 32.62 31.95 41.28
N ASP E 66 32.25 31.75 40.03
CA ASP E 66 30.95 31.24 39.67
C ASP E 66 31.14 29.78 39.32
N LEU E 67 30.10 28.99 39.50
CA LEU E 67 30.20 27.56 39.23
C LEU E 67 29.45 27.15 37.99
N TYR E 68 28.31 27.80 37.71
CA TYR E 68 27.59 27.50 36.48
C TYR E 68 28.35 28.00 35.26
N LYS E 69 28.64 29.29 35.23
CA LYS E 69 29.20 29.90 34.02
C LYS E 69 30.66 29.51 33.81
N SER E 70 31.45 29.46 34.88
CA SER E 70 32.86 29.19 34.69
C SER E 70 33.14 27.71 34.51
N LEU E 71 32.31 26.83 35.07
CA LEU E 71 32.55 25.39 34.92
C LEU E 71 31.40 24.65 34.29
N LEU E 72 30.20 24.75 34.85
CA LEU E 72 29.15 23.79 34.52
C LEU E 72 28.45 24.06 33.21
N SER E 73 28.54 25.28 32.69
CA SER E 73 27.81 25.58 31.46
C SER E 73 28.45 24.98 30.22
N SER E 74 29.60 24.32 30.36
CA SER E 74 30.17 23.58 29.25
C SER E 74 29.33 22.36 28.91
N LYS E 75 28.79 21.68 29.92
CA LYS E 75 28.03 20.46 29.69
C LYS E 75 26.66 20.53 30.36
N ILE E 76 26.11 21.72 30.52
CA ILE E 76 24.71 21.91 30.90
C ILE E 76 24.14 22.95 29.95
N ASP E 77 23.19 22.55 29.12
CA ASP E 77 22.66 23.41 28.08
C ASP E 77 21.26 23.88 28.41
N GLY E 78 21.03 25.18 28.26
CA GLY E 78 19.71 25.72 28.46
C GLY E 78 18.80 25.42 27.30
N GLY E 79 17.57 25.91 27.41
CA GLY E 79 16.63 25.72 26.32
C GLY E 79 15.24 26.29 26.56
N TRP E 80 14.30 25.90 25.71
CA TRP E 80 12.93 26.36 25.78
C TRP E 80 12.01 25.18 25.50
N ASP E 81 11.04 24.96 26.40
CA ASP E 81 10.07 23.89 26.22
C ASP E 81 8.82 24.48 25.58
N TRP E 82 8.41 23.93 24.45
CA TRP E 82 7.20 24.39 23.79
C TRP E 82 6.01 23.94 24.63
N GLY E 83 5.48 24.88 25.42
CA GLY E 83 4.55 24.56 26.47
C GLY E 83 5.17 24.94 27.81
N ASN E 84 4.58 25.95 28.46
CA ASN E 84 4.88 26.56 29.76
C ASN E 84 6.36 26.57 30.15
N ALA E 85 7.19 27.19 29.34
CA ALA E 85 8.58 27.35 29.71
C ALA E 85 8.82 28.75 30.27
N ALA E 86 9.71 28.81 31.25
CA ALA E 86 10.43 30.04 31.57
C ALA E 86 11.90 29.90 31.21
N THR E 87 12.58 28.91 31.77
CA THR E 87 13.81 28.38 31.22
C THR E 87 13.66 26.88 31.11
N HIS E 88 14.72 26.19 30.70
CA HIS E 88 14.68 24.74 30.55
C HIS E 88 16.11 24.25 30.53
N TYR E 89 16.48 23.46 31.53
CA TYR E 89 17.84 22.96 31.64
C TYR E 89 17.86 21.46 31.72
N TRP E 90 18.81 20.87 31.02
CA TRP E 90 19.10 19.45 31.10
C TRP E 90 20.60 19.29 31.02
N ILE E 91 21.07 18.07 30.77
CA ILE E 91 22.51 17.87 30.83
C ILE E 91 23.13 17.99 29.45
N LYS E 92 22.85 17.02 28.58
CA LYS E 92 23.36 17.04 27.22
C LYS E 92 22.59 16.06 26.36
N GLY E 93 21.81 16.56 25.41
CA GLY E 93 21.03 15.69 24.55
C GLY E 93 19.95 14.91 25.26
N GLY E 94 19.15 15.59 26.08
CA GLY E 94 18.07 14.95 26.80
C GLY E 94 18.32 14.94 28.30
N GLN E 95 17.30 14.46 29.01
CA GLN E 95 17.33 14.43 30.47
C GLN E 95 17.78 13.10 31.04
N TRP E 96 18.52 12.30 30.27
CA TRP E 96 18.90 10.98 30.74
C TRP E 96 20.40 10.77 30.68
N ASN E 97 21.19 11.79 30.99
CA ASN E 97 22.63 11.74 30.86
C ASN E 97 23.29 12.22 32.14
N LYS E 98 24.10 11.35 32.73
CA LYS E 98 24.82 11.69 33.95
C LYS E 98 26.09 12.49 33.61
N LEU E 99 26.37 13.51 34.41
CA LEU E 99 27.71 14.09 34.42
C LEU E 99 28.26 13.93 35.82
N GLU E 100 29.54 14.19 36.00
CA GLU E 100 30.11 14.32 37.33
C GLU E 100 31.25 15.32 37.30
N VAL E 101 31.48 15.98 38.43
CA VAL E 101 32.57 16.93 38.60
C VAL E 101 33.45 16.43 39.72
N ASP E 102 34.74 16.28 39.46
CA ASP E 102 35.66 15.70 40.42
C ASP E 102 36.75 16.71 40.71
N MET E 103 36.50 17.61 41.65
CA MET E 103 37.52 18.62 41.97
C MET E 103 38.52 18.09 43.01
N LYS E 104 38.03 17.85 44.23
CA LYS E 104 38.74 17.27 45.37
C LYS E 104 39.88 18.11 45.94
N ASP E 105 40.24 19.21 45.29
CA ASP E 105 41.22 20.13 45.87
C ASP E 105 40.96 21.58 45.53
N ALA E 106 39.87 21.89 44.82
CA ALA E 106 39.65 23.25 44.37
C ALA E 106 39.20 24.14 45.51
N VAL E 107 40.07 25.04 45.93
CA VAL E 107 39.85 25.86 47.12
C VAL E 107 39.26 27.18 46.68
N GLY E 108 38.23 27.62 47.37
CA GLY E 108 37.64 28.91 47.10
C GLY E 108 36.22 28.95 47.63
N THR E 109 35.37 29.62 46.87
CA THR E 109 33.95 29.74 47.21
C THR E 109 33.13 29.90 45.93
N TYR E 110 32.15 29.03 45.77
CA TYR E 110 31.45 28.83 44.51
C TYR E 110 29.99 29.15 44.69
N LYS E 111 29.30 29.42 43.59
CA LYS E 111 27.88 29.72 43.69
C LYS E 111 27.17 29.30 42.43
N LEU E 112 25.88 28.95 42.59
CA LEU E 112 25.06 28.56 41.45
C LEU E 112 24.34 29.76 40.86
N SER E 113 23.48 30.40 41.65
CA SER E 113 22.93 31.73 41.38
C SER E 113 22.12 31.78 40.08
N GLY E 114 21.05 31.00 40.03
CA GLY E 114 20.10 31.19 38.96
C GLY E 114 19.78 29.98 38.11
N LEU E 115 20.12 28.78 38.57
CA LEU E 115 19.76 27.57 37.84
C LEU E 115 18.32 27.23 38.15
N ARG E 116 17.43 27.65 37.26
CA ARG E 116 16.00 27.51 37.48
C ARG E 116 15.38 26.52 36.51
N ASN E 117 14.46 25.72 37.03
CA ASN E 117 13.77 24.64 36.29
C ASN E 117 14.77 23.67 35.68
N PHE E 118 15.72 23.23 36.49
CA PHE E 118 16.70 22.23 36.07
C PHE E 118 16.06 20.86 36.04
N THR E 119 15.85 20.31 34.85
CA THR E 119 15.39 18.93 34.76
C THR E 119 16.56 17.96 34.92
N GLY E 120 17.48 17.99 33.98
CA GLY E 120 18.79 17.36 34.12
C GLY E 120 18.86 15.89 34.41
N GLY E 121 19.38 15.56 35.58
CA GLY E 121 19.57 14.17 35.95
C GLY E 121 21.01 13.86 36.29
N ASP E 122 21.23 13.46 37.54
CA ASP E 122 22.46 12.84 38.03
C ASP E 122 23.66 13.77 37.94
N LEU E 123 23.57 14.88 38.65
CA LEU E 123 24.75 15.65 39.01
C LEU E 123 25.37 15.06 40.27
N ASP E 124 26.66 15.30 40.44
CA ASP E 124 27.31 15.13 41.75
C ASP E 124 28.57 15.98 41.73
N VAL E 125 28.51 17.14 42.34
CA VAL E 125 29.59 18.10 42.29
C VAL E 125 30.48 17.84 43.50
N ASN E 126 31.47 16.99 43.33
CA ASN E 126 32.34 16.56 44.42
C ASN E 126 33.35 17.66 44.67
N MET E 127 33.14 18.43 45.74
CA MET E 127 33.97 19.59 46.07
C MET E 127 34.47 19.49 47.50
N GLN E 128 35.53 18.75 47.73
CA GLN E 128 36.15 18.83 49.05
C GLN E 128 36.85 20.16 49.20
N LYS E 129 36.95 20.62 50.46
CA LYS E 129 37.51 21.92 50.91
C LYS E 129 37.10 23.10 50.02
N ALA E 130 35.82 23.15 49.65
CA ALA E 130 35.29 24.20 48.81
C ALA E 130 33.95 24.66 49.39
N THR E 131 33.92 25.90 49.87
CA THR E 131 32.68 26.49 50.35
C THR E 131 31.72 26.70 49.18
N LEU E 132 30.49 26.27 49.35
CA LEU E 132 29.48 26.50 48.33
C LEU E 132 28.64 27.71 48.73
N ARG E 133 27.79 28.18 47.82
CA ARG E 133 26.75 29.14 48.15
C ARG E 133 25.63 28.93 47.14
N LEU E 134 24.56 28.25 47.53
CA LEU E 134 23.62 27.76 46.54
C LEU E 134 22.52 28.78 46.24
N GLY E 135 22.83 30.07 46.38
CA GLY E 135 21.88 31.09 46.00
C GLY E 135 22.46 32.48 46.14
N GLN E 136 22.33 33.27 45.08
CA GLN E 136 22.84 34.64 45.09
C GLN E 136 22.06 35.38 44.01
N PHE E 137 21.20 36.32 44.44
CA PHE E 137 20.44 37.23 43.59
C PHE E 137 19.31 36.53 42.83
N ASN E 138 19.26 35.20 42.87
CA ASN E 138 18.29 34.41 42.13
C ASN E 138 18.24 33.04 42.76
N GLY E 139 17.07 32.41 42.69
CA GLY E 139 16.86 31.12 43.31
C GLY E 139 17.37 29.97 42.49
N ASN E 140 17.02 28.76 42.92
CA ASN E 140 17.42 27.54 42.25
C ASN E 140 16.26 26.56 42.26
N SER E 141 16.32 25.58 41.36
CA SER E 141 15.25 24.60 41.25
C SER E 141 15.81 23.30 40.70
N PHE E 142 15.23 22.19 41.13
CA PHE E 142 15.70 20.86 40.75
C PHE E 142 14.47 19.98 40.56
N THR E 143 14.14 19.67 39.30
CA THR E 143 12.89 19.04 38.95
C THR E 143 13.21 17.86 38.04
N SER E 144 12.24 16.98 37.83
CA SER E 144 12.33 15.97 36.78
C SER E 144 11.06 15.99 35.94
N TYR E 145 10.99 15.07 35.00
CA TYR E 145 9.82 14.89 34.15
C TYR E 145 9.27 13.48 34.29
N LYS E 146 7.95 13.38 34.25
CA LYS E 146 7.28 12.08 34.24
C LYS E 146 7.39 11.53 32.83
N ASP E 147 8.43 10.77 32.59
CA ASP E 147 8.64 10.10 31.32
C ASP E 147 7.97 8.73 31.35
N SER E 148 8.25 7.91 30.35
CA SER E 148 7.84 6.51 30.40
C SER E 148 8.80 5.65 31.20
N ALA E 149 9.95 6.19 31.60
CA ALA E 149 10.91 5.47 32.42
C ALA E 149 10.80 5.81 33.89
N ASP E 150 10.16 6.93 34.23
CA ASP E 150 9.85 7.38 35.59
C ASP E 150 11.14 7.55 36.41
N ARG E 151 11.94 8.51 35.98
CA ARG E 151 13.27 8.70 36.52
C ARG E 151 13.29 9.71 37.65
N THR E 152 14.36 9.67 38.42
CA THR E 152 14.65 10.65 39.46
C THR E 152 15.69 11.63 38.94
N THR E 153 16.22 12.45 39.85
CA THR E 153 17.31 13.34 39.49
C THR E 153 18.61 13.00 40.19
N ARG E 154 18.58 12.72 41.50
CA ARG E 154 19.73 12.32 42.30
C ARG E 154 20.84 13.35 42.29
N VAL E 155 20.45 14.62 42.38
CA VAL E 155 21.40 15.73 42.40
C VAL E 155 22.18 15.69 43.71
N ASP E 156 23.50 15.66 43.64
CA ASP E 156 24.33 15.52 44.81
C ASP E 156 25.30 16.67 44.91
N PHE E 157 25.84 16.89 46.11
CA PHE E 157 26.89 17.87 46.36
C PHE E 157 27.75 17.35 47.48
N ASN E 158 28.99 17.81 47.55
CA ASN E 158 29.88 17.30 48.59
C ASN E 158 30.80 18.41 49.11
N ALA E 159 30.23 19.57 49.39
CA ALA E 159 31.01 20.77 49.71
C ALA E 159 31.55 20.72 51.14
N LYS E 160 32.00 21.86 51.66
CA LYS E 160 32.53 21.93 53.01
C LYS E 160 31.62 22.72 53.94
N ASN E 161 31.29 23.97 53.62
CA ASN E 161 30.07 24.60 54.05
C ASN E 161 29.14 24.62 52.86
N ILE E 162 27.89 25.03 53.03
CA ILE E 162 26.96 25.09 51.91
C ILE E 162 26.31 26.47 51.77
N LEU E 163 25.76 27.01 52.85
CA LEU E 163 25.33 28.43 52.94
C LEU E 163 24.31 28.79 51.88
N ILE E 164 23.08 28.26 52.05
CA ILE E 164 22.03 28.26 51.02
C ILE E 164 21.74 29.68 50.52
N ASP E 165 21.35 30.58 51.43
CA ASP E 165 21.38 32.03 51.24
C ASP E 165 20.43 32.62 50.21
N ASN E 166 19.69 31.78 49.48
CA ASN E 166 18.55 32.21 48.68
C ASN E 166 17.73 30.95 48.41
N PHE E 167 16.48 31.14 47.94
CA PHE E 167 15.51 30.07 47.96
C PHE E 167 15.86 28.97 46.96
N LEU E 168 15.35 27.77 47.25
CA LEU E 168 15.62 26.57 46.47
C LEU E 168 14.33 25.76 46.44
N GLU E 169 13.87 25.43 45.24
CA GLU E 169 12.60 24.74 45.08
C GLU E 169 12.83 23.36 44.48
N ILE E 170 12.72 22.34 45.32
CA ILE E 170 13.01 20.97 44.90
C ILE E 170 11.71 20.37 44.38
N ASN E 171 11.77 19.83 43.15
CA ASN E 171 10.63 19.27 42.41
C ASN E 171 9.50 20.28 42.28
N ASN E 172 9.80 21.44 41.70
CA ASN E 172 8.78 22.46 41.58
C ASN E 172 7.86 22.18 40.38
N ARG E 173 6.95 23.09 40.10
CA ARG E 173 6.29 23.13 38.82
C ARG E 173 7.20 23.84 37.83
N VAL E 174 7.26 23.33 36.60
CA VAL E 174 8.16 23.90 35.60
C VAL E 174 7.67 25.27 35.16
N GLY E 175 6.49 25.30 34.53
CA GLY E 175 5.85 26.55 34.23
C GLY E 175 4.52 26.68 34.94
N SER E 176 3.44 26.44 34.19
CA SER E 176 2.08 26.54 34.71
C SER E 176 1.28 25.36 34.15
N GLY E 177 1.27 24.26 34.90
CA GLY E 177 0.33 23.18 34.65
C GLY E 177 0.63 22.28 33.48
N ALA E 178 0.54 22.82 32.26
CA ALA E 178 0.52 22.00 31.05
C ALA E 178 1.93 21.52 30.69
N GLY E 179 2.08 20.97 29.50
CA GLY E 179 3.33 20.38 29.12
C GLY E 179 3.54 19.04 29.82
N ARG E 180 4.80 18.74 30.11
CA ARG E 180 5.13 17.51 30.79
C ARG E 180 5.10 17.72 32.30
N LYS E 181 4.59 16.70 33.00
CA LYS E 181 4.45 16.79 34.45
C LYS E 181 5.75 16.40 35.13
N ALA E 182 5.82 16.65 36.43
CA ALA E 182 7.04 16.50 37.21
C ALA E 182 6.99 15.21 38.02
N SER E 183 8.03 14.39 37.88
CA SER E 183 8.17 13.16 38.66
C SER E 183 9.01 13.44 39.90
N SER E 184 9.49 12.38 40.55
CA SER E 184 10.19 12.51 41.81
C SER E 184 11.61 13.03 41.61
N THR E 185 12.27 13.33 42.73
CA THR E 185 13.65 13.78 42.74
C THR E 185 14.28 13.47 44.09
N VAL E 186 15.61 13.57 44.14
CA VAL E 186 16.38 13.41 45.36
C VAL E 186 17.49 14.45 45.34
N LEU E 187 17.58 15.25 46.39
CA LEU E 187 18.69 16.17 46.56
C LEU E 187 19.52 15.70 47.74
N THR E 188 20.83 15.73 47.60
CA THR E 188 21.72 15.32 48.67
C THR E 188 22.76 16.40 48.91
N LEU E 189 22.82 16.90 50.12
CA LEU E 189 23.75 17.95 50.50
C LEU E 189 24.65 17.40 51.59
N GLN E 190 25.93 17.24 51.30
CA GLN E 190 26.78 16.39 52.12
C GLN E 190 28.02 17.16 52.56
N ALA E 191 27.81 18.31 53.17
CA ALA E 191 28.93 19.11 53.68
C ALA E 191 29.62 18.43 54.85
N SER E 192 30.63 19.10 55.38
CA SER E 192 31.35 18.58 56.53
C SER E 192 31.66 19.64 57.57
N GLU E 193 31.06 20.82 57.49
CA GLU E 193 31.22 21.83 58.52
C GLU E 193 29.94 22.52 58.91
N GLY E 194 28.88 22.38 58.16
CA GLY E 194 27.60 22.97 58.53
C GLY E 194 26.81 23.35 57.29
N ILE E 195 25.51 23.14 57.36
CA ILE E 195 24.59 23.54 56.31
C ILE E 195 23.73 24.62 56.91
N THR E 196 24.16 25.87 56.82
CA THR E 196 23.34 26.93 57.37
C THR E 196 22.48 27.50 56.26
N SER E 197 21.84 28.62 56.56
CA SER E 197 20.94 29.26 55.60
C SER E 197 20.76 30.71 56.01
N SER E 198 20.22 31.51 55.11
CA SER E 198 19.91 32.89 55.46
C SER E 198 18.45 33.01 55.85
N LYS E 199 18.02 34.25 56.10
CA LYS E 199 16.70 34.49 56.63
C LYS E 199 15.62 34.35 55.56
N ASN E 200 15.92 34.77 54.34
CA ASN E 200 14.94 34.75 53.25
C ASN E 200 15.18 33.61 52.26
N ALA E 201 15.59 32.44 52.76
CA ALA E 201 15.85 31.29 51.89
C ALA E 201 14.73 30.29 52.07
N GLU E 202 13.74 30.37 51.19
CA GLU E 202 12.56 29.51 51.25
C GLU E 202 12.89 28.17 50.62
N ILE E 203 13.21 27.19 51.44
CA ILE E 203 13.31 25.83 50.95
C ILE E 203 11.90 25.26 50.84
N SER E 204 11.50 24.91 49.62
CA SER E 204 10.13 24.44 49.42
C SER E 204 10.17 23.19 48.55
N LEU E 205 10.17 22.03 49.18
CA LEU E 205 10.18 20.77 48.47
C LEU E 205 8.76 20.24 48.37
N TYR E 206 8.47 19.58 47.24
CA TYR E 206 7.09 19.32 46.86
C TYR E 206 6.82 17.82 46.81
N ASP E 207 5.71 17.46 46.16
CA ASP E 207 5.10 16.13 46.12
C ASP E 207 6.06 14.94 46.02
N GLY E 208 7.10 15.05 45.21
CA GLY E 208 7.95 13.88 45.06
C GLY E 208 9.32 14.04 45.67
N ALA E 209 9.59 15.19 46.26
CA ALA E 209 10.94 15.57 46.60
C ALA E 209 11.38 14.98 47.92
N THR E 210 12.67 14.68 48.02
CA THR E 210 13.32 14.33 49.28
C THR E 210 14.49 15.26 49.47
N LEU E 211 15.23 15.03 50.54
CA LEU E 211 16.41 15.83 50.87
C LEU E 211 17.24 15.04 51.87
N ASN E 212 18.48 14.76 51.54
CA ASN E 212 19.37 14.07 52.47
C ASN E 212 20.47 15.03 52.89
N LEU E 213 20.73 15.12 54.18
CA LEU E 213 21.77 16.00 54.71
C LEU E 213 22.74 15.13 55.48
N ALA E 214 24.02 15.51 55.49
CA ALA E 214 24.99 14.65 56.18
C ALA E 214 26.10 15.43 56.87
N SER E 215 25.93 16.72 57.10
CA SER E 215 26.97 17.50 57.74
C SER E 215 26.79 17.41 59.25
N ASN E 216 27.41 18.30 60.01
CA ASN E 216 26.99 18.51 61.38
C ASN E 216 26.43 19.92 61.54
N SER E 217 25.42 20.03 62.40
CA SER E 217 24.76 21.28 62.80
C SER E 217 24.11 21.99 61.59
N VAL E 218 23.10 21.32 61.04
CA VAL E 218 22.18 21.96 60.13
C VAL E 218 21.42 23.04 60.90
N LYS E 219 21.42 24.27 60.38
CA LYS E 219 20.63 25.32 61.02
C LYS E 219 19.95 26.19 59.97
N LEU E 220 18.78 25.74 59.52
CA LEU E 220 18.04 26.39 58.46
C LEU E 220 17.21 27.51 59.05
N ASN E 221 17.69 28.74 58.92
CA ASN E 221 17.00 29.86 59.52
C ASN E 221 15.91 30.46 58.64
N GLY E 222 15.38 29.68 57.69
CA GLY E 222 14.37 30.18 56.78
C GLY E 222 13.15 29.29 56.70
N ASN E 223 12.23 29.68 55.84
CA ASN E 223 10.96 29.00 55.66
C ASN E 223 11.19 27.66 54.98
N VAL E 224 11.21 26.59 55.77
CA VAL E 224 11.16 25.26 55.17
C VAL E 224 9.72 24.90 54.90
N TRP E 225 9.42 24.52 53.66
CA TRP E 225 8.03 24.39 53.21
C TRP E 225 7.83 23.00 52.63
N MET E 226 7.53 22.02 53.47
CA MET E 226 7.29 20.66 53.00
C MET E 226 5.87 20.54 52.47
N GLY E 227 5.74 20.28 51.18
CA GLY E 227 4.42 20.10 50.61
C GLY E 227 3.84 21.43 50.18
N ARG E 228 3.54 21.56 48.89
CA ARG E 228 3.00 22.80 48.38
C ARG E 228 2.07 22.44 47.23
N LEU E 229 1.20 23.37 46.88
CA LEU E 229 0.35 23.21 45.70
C LEU E 229 1.25 23.16 44.47
N GLN E 230 1.45 21.95 43.96
CA GLN E 230 2.32 21.79 42.80
C GLN E 230 1.68 22.35 41.55
N TYR E 231 0.36 22.20 41.42
CA TYR E 231 -0.38 22.73 40.30
C TYR E 231 -1.40 23.73 40.83
N VAL E 232 -2.17 24.31 39.90
CA VAL E 232 -2.90 25.53 40.22
C VAL E 232 -4.18 25.25 41.01
N GLY E 233 -4.84 24.12 40.76
CA GLY E 233 -6.12 23.88 41.40
C GLY E 233 -6.25 22.54 42.07
N ALA E 234 -5.23 21.69 41.92
CA ALA E 234 -5.28 20.32 42.44
C ALA E 234 -5.12 20.36 43.96
N TYR E 235 -6.25 20.57 44.64
CA TYR E 235 -6.27 20.55 46.10
C TYR E 235 -6.29 19.14 46.65
N LEU E 236 -6.44 18.12 45.80
CA LEU E 236 -6.57 16.74 46.23
C LEU E 236 -5.35 15.91 45.92
N ALA E 237 -4.18 16.54 45.80
CA ALA E 237 -2.96 15.80 45.58
C ALA E 237 -2.51 15.13 46.88
N PRO E 238 -1.80 14.01 46.79
CA PRO E 238 -1.21 13.40 48.00
C PRO E 238 -0.15 14.27 48.65
N SER E 239 0.86 14.69 47.88
CA SER E 239 1.89 15.66 48.26
C SER E 239 2.69 15.19 49.48
N TYR E 240 3.47 14.13 49.25
CA TYR E 240 4.43 13.66 50.24
C TYR E 240 5.73 14.45 50.17
N SER E 241 6.60 14.24 51.15
CA SER E 241 7.94 14.80 51.15
C SER E 241 8.78 14.04 52.18
N THR E 242 10.04 14.43 52.29
CA THR E 242 10.99 13.83 53.21
C THR E 242 12.18 14.75 53.36
N ILE E 243 12.59 15.03 54.59
CA ILE E 243 13.87 15.67 54.83
C ILE E 243 14.66 14.75 55.74
N ASN E 244 15.43 13.86 55.13
CA ASN E 244 16.07 12.76 55.85
C ASN E 244 17.42 13.26 56.37
N THR E 245 17.39 13.92 57.51
CA THR E 245 18.62 14.40 58.12
C THR E 245 19.26 13.33 58.99
N SER E 246 19.48 12.15 58.43
CA SER E 246 19.87 10.98 59.22
C SER E 246 21.29 11.02 59.71
N LYS E 247 22.21 11.58 58.94
CA LYS E 247 23.62 11.45 59.24
C LYS E 247 24.13 12.58 60.12
N VAL E 248 23.26 13.51 60.52
CA VAL E 248 23.70 14.79 61.08
C VAL E 248 24.21 14.54 62.49
N THR E 249 25.53 14.61 62.66
CA THR E 249 26.13 14.31 63.95
C THR E 249 26.14 15.49 64.90
N GLY E 250 25.56 16.62 64.52
CA GLY E 250 25.63 17.79 65.37
C GLY E 250 24.32 18.23 65.96
N GLU E 251 23.88 19.43 65.61
CA GLU E 251 22.73 20.08 66.24
C GLU E 251 21.75 20.50 65.16
N VAL E 252 20.70 19.70 64.94
CA VAL E 252 19.66 20.08 63.99
C VAL E 252 18.91 21.27 64.56
N ASN E 253 18.62 22.25 63.71
CA ASN E 253 17.98 23.46 64.21
C ASN E 253 17.16 24.04 63.07
N PHE E 254 15.89 23.68 63.00
CA PHE E 254 15.03 24.42 62.08
C PHE E 254 14.63 25.73 62.72
N ASN E 255 13.95 26.58 61.96
CA ASN E 255 13.48 27.80 62.58
C ASN E 255 12.01 28.04 62.25
N HIS E 256 11.59 27.67 61.05
CA HIS E 256 10.23 27.97 60.62
C HIS E 256 9.81 26.84 59.68
N LEU E 257 9.15 25.85 60.23
CA LEU E 257 8.71 24.72 59.43
C LEU E 257 7.24 24.86 59.10
N THR E 258 6.91 24.60 57.83
CA THR E 258 5.53 24.78 57.39
C THR E 258 5.14 23.62 56.51
N VAL E 259 4.18 22.82 56.97
CA VAL E 259 3.77 21.60 56.28
C VAL E 259 2.44 21.83 55.62
N GLY E 260 2.37 21.57 54.33
CA GLY E 260 1.07 21.51 53.70
C GLY E 260 0.56 22.86 53.27
N ASP E 261 -0.18 22.85 52.16
CA ASP E 261 -0.83 24.05 51.65
C ASP E 261 -2.02 23.60 50.81
N HIS E 262 -3.23 23.76 51.36
CA HIS E 262 -4.50 23.52 50.67
C HIS E 262 -4.65 22.08 50.18
N ASN E 263 -4.07 21.14 50.92
CA ASN E 263 -4.16 19.72 50.59
C ASN E 263 -3.88 18.91 51.86
N ALA E 264 -3.90 17.59 51.69
CA ALA E 264 -3.63 16.66 52.79
C ALA E 264 -2.19 16.17 52.67
N ALA E 265 -1.25 17.04 53.04
CA ALA E 265 0.15 16.69 52.93
C ALA E 265 0.58 15.83 54.10
N GLN E 266 1.42 14.84 53.82
CA GLN E 266 1.94 13.92 54.82
C GLN E 266 3.46 13.94 54.72
N ALA E 267 4.08 14.85 55.48
CA ALA E 267 5.52 14.99 55.46
C ALA E 267 6.15 14.10 56.53
N GLY E 268 7.45 13.91 56.42
CA GLY E 268 8.16 13.08 57.37
C GLY E 268 9.61 13.49 57.45
N ILE E 269 10.12 13.57 58.67
CA ILE E 269 11.50 13.97 58.93
C ILE E 269 12.17 12.85 59.70
N ILE E 270 13.09 12.16 59.08
CA ILE E 270 13.85 11.11 59.75
C ILE E 270 15.06 11.79 60.37
N ALA E 271 14.94 12.18 61.61
CA ALA E 271 15.92 13.06 62.21
C ALA E 271 17.04 12.25 62.86
N SER E 272 17.87 12.92 63.66
CA SER E 272 19.03 12.34 64.31
C SER E 272 18.97 12.60 65.80
N ASN E 273 17.83 12.26 66.41
CA ASN E 273 17.53 12.18 67.84
C ASN E 273 17.87 13.44 68.65
N LYS E 274 17.91 14.60 68.01
CA LYS E 274 17.90 15.88 68.71
C LYS E 274 17.43 16.92 67.71
N THR E 275 16.21 17.41 67.85
CA THR E 275 15.62 18.24 66.80
C THR E 275 14.93 19.44 67.44
N HIS E 276 15.68 20.48 67.71
CA HIS E 276 15.06 21.74 68.08
C HIS E 276 14.52 22.36 66.81
N ILE E 277 13.22 22.63 66.76
CA ILE E 277 12.70 23.46 65.69
C ILE E 277 12.08 24.70 66.32
N GLY E 278 11.63 25.60 65.47
CA GLY E 278 10.96 26.79 65.94
C GLY E 278 9.48 26.72 65.68
N THR E 279 8.95 27.72 64.98
CA THR E 279 7.53 27.79 64.71
C THR E 279 7.12 26.75 63.69
N LEU E 280 6.21 25.87 64.08
CA LEU E 280 5.62 24.87 63.19
C LEU E 280 4.23 25.34 62.80
N ASP E 281 3.94 25.34 61.48
CA ASP E 281 2.67 25.82 60.98
C ASP E 281 2.02 24.74 60.13
N LEU E 282 1.23 23.89 60.76
CA LEU E 282 0.53 22.87 59.99
C LEU E 282 -0.63 23.46 59.22
N TRP E 283 -1.21 22.64 58.35
CA TRP E 283 -2.43 22.98 57.65
C TRP E 283 -3.59 22.29 58.39
N GLN E 284 -4.80 22.38 57.83
CA GLN E 284 -5.97 21.72 58.41
C GLN E 284 -5.81 20.21 58.43
N SER E 285 -5.29 19.64 57.36
CA SER E 285 -5.20 18.21 57.18
C SER E 285 -3.77 17.77 56.90
N ALA E 286 -2.81 18.37 57.59
CA ALA E 286 -1.40 18.11 57.34
C ALA E 286 -0.84 17.19 58.39
N GLY E 287 -0.20 16.10 57.95
CA GLY E 287 0.46 15.18 58.84
C GLY E 287 1.95 15.46 58.94
N LEU E 288 2.57 14.83 59.92
CA LEU E 288 4.00 15.01 60.15
C LEU E 288 4.54 13.79 60.86
N ASN E 289 5.52 13.13 60.27
CA ASN E 289 6.07 11.90 60.85
C ASN E 289 7.53 12.16 61.18
N ILE E 290 7.78 12.75 62.34
CA ILE E 290 9.14 12.90 62.84
C ILE E 290 9.54 11.55 63.40
N ILE E 291 10.60 10.96 62.87
CA ILE E 291 11.01 9.62 63.25
C ILE E 291 12.40 9.68 63.84
N ALA E 292 12.52 9.41 65.13
CA ALA E 292 13.81 9.28 65.76
C ALA E 292 14.46 7.97 65.33
N PRO E 293 15.78 7.86 65.42
CA PRO E 293 16.44 6.60 65.07
C PRO E 293 16.17 5.53 66.11
N PRO E 294 16.47 4.25 65.80
CA PRO E 294 16.35 3.20 66.82
C PRO E 294 17.42 3.28 67.90
N GLU E 295 17.46 2.24 68.73
CA GLU E 295 18.30 2.24 69.93
C GLU E 295 19.79 2.29 69.59
N GLY E 296 20.25 1.37 68.76
CA GLY E 296 21.66 1.34 68.43
C GLY E 296 21.99 2.20 67.23
N GLY E 297 21.03 2.99 66.77
CA GLY E 297 21.19 3.74 65.55
C GLY E 297 21.04 2.87 64.33
N TYR E 298 21.09 3.52 63.17
CA TYR E 298 20.96 2.80 61.91
C TYR E 298 22.23 2.03 61.60
N LYS E 299 22.06 0.77 61.19
CA LYS E 299 23.13 -0.11 60.71
C LYS E 299 24.28 -0.32 61.69
N GLN E 335 8.18 -15.27 29.66
CA GLN E 335 9.39 -15.39 28.85
C GLN E 335 10.57 -15.80 29.71
N LYS E 336 10.84 -15.04 30.76
CA LYS E 336 11.94 -15.31 31.67
C LYS E 336 11.66 -14.61 32.99
N THR E 337 11.90 -15.32 34.09
CA THR E 337 11.77 -14.73 35.40
C THR E 337 12.89 -13.74 35.64
N GLU E 338 12.65 -12.79 36.54
CA GLU E 338 13.69 -11.87 36.96
C GLU E 338 13.48 -11.51 38.43
N VAL E 339 14.57 -11.49 39.18
CA VAL E 339 14.52 -11.34 40.62
C VAL E 339 14.68 -9.87 40.95
N GLN E 340 13.61 -9.26 41.44
CA GLN E 340 13.70 -7.92 41.96
C GLN E 340 14.45 -7.95 43.29
N PRO E 341 15.16 -6.88 43.64
CA PRO E 341 15.94 -6.90 44.88
C PRO E 341 15.06 -6.82 46.11
N THR E 342 15.66 -7.15 47.26
CA THR E 342 14.94 -7.18 48.52
C THR E 342 14.56 -5.78 48.97
N GLN E 343 13.27 -5.50 48.93
CA GLN E 343 12.73 -4.20 49.30
C GLN E 343 12.40 -4.25 50.79
N VAL E 344 13.38 -3.97 51.62
CA VAL E 344 13.19 -3.99 53.07
C VAL E 344 12.31 -2.81 53.43
N ILE E 345 11.26 -3.06 54.19
CA ILE E 345 10.28 -2.03 54.53
C ILE E 345 10.37 -1.79 56.03
N ASP E 346 9.82 -0.67 56.48
CA ASP E 346 9.88 -0.26 57.88
C ASP E 346 8.49 -0.28 58.48
N GLY E 347 8.40 -0.63 59.76
CA GLY E 347 7.20 -0.44 60.52
C GLY E 347 7.40 0.68 61.51
N PRO E 348 6.35 1.04 62.23
CA PRO E 348 6.51 2.03 63.30
C PRO E 348 7.23 1.45 64.50
N PHE E 349 8.50 1.81 64.66
CA PHE E 349 9.31 1.26 65.73
C PHE E 349 9.42 2.26 66.87
N ALA E 350 10.22 1.91 67.88
CA ALA E 350 10.44 2.77 69.03
C ALA E 350 11.77 3.47 68.88
N GLY E 351 11.82 4.74 69.24
CA GLY E 351 13.07 5.47 69.22
C GLY E 351 14.01 5.03 70.33
N GLY E 352 15.22 5.56 70.28
CA GLY E 352 16.21 5.27 71.30
C GLY E 352 15.87 5.96 72.63
N LYS E 353 16.85 5.90 73.54
CA LYS E 353 16.61 6.40 74.89
C LYS E 353 16.58 7.93 74.93
N ASP E 354 17.62 8.58 74.43
CA ASP E 354 17.73 10.03 74.48
C ASP E 354 17.36 10.66 73.14
N THR E 355 16.09 10.51 72.77
CA THR E 355 15.55 11.06 71.54
C THR E 355 14.60 12.19 71.91
N VAL E 356 14.98 13.42 71.58
CA VAL E 356 14.29 14.62 72.04
C VAL E 356 13.86 15.42 70.83
N VAL E 357 12.60 15.86 70.82
CA VAL E 357 12.08 16.68 69.74
C VAL E 357 11.49 17.94 70.37
N ASN E 358 12.26 19.02 70.37
CA ASN E 358 11.90 20.23 71.12
C ASN E 358 11.15 21.22 70.23
N ILE E 359 10.01 20.81 69.71
CA ILE E 359 9.17 21.72 68.95
C ILE E 359 8.63 22.79 69.89
N ASP E 360 8.77 24.06 69.54
CA ASP E 360 8.45 25.09 70.50
C ASP E 360 7.24 25.95 70.17
N ARG E 361 6.60 25.76 69.02
CA ARG E 361 5.33 26.42 68.72
C ARG E 361 4.59 25.70 67.62
N ILE E 362 3.33 25.36 67.84
CA ILE E 362 2.52 24.68 66.85
C ILE E 362 1.34 25.58 66.52
N ASN E 363 1.34 26.16 65.33
CA ASN E 363 0.18 26.90 64.88
C ASN E 363 -0.58 26.04 63.86
N THR E 364 -1.64 26.60 63.30
CA THR E 364 -2.42 25.93 62.26
C THR E 364 -3.10 26.99 61.43
N LYS E 365 -2.91 26.94 60.12
CA LYS E 365 -3.63 27.83 59.22
C LYS E 365 -4.92 27.14 58.76
N ALA E 366 -6.06 27.67 59.19
CA ALA E 366 -7.32 26.99 58.97
C ALA E 366 -8.29 27.92 58.25
N ASP E 367 -8.36 27.78 56.93
CA ASP E 367 -9.42 28.38 56.15
C ASP E 367 -9.74 27.46 54.98
N GLY E 368 -10.85 27.74 54.31
CA GLY E 368 -11.23 26.94 53.16
C GLY E 368 -12.64 26.40 53.24
N THR E 369 -12.83 25.16 52.81
CA THR E 369 -14.15 24.56 52.76
C THR E 369 -14.59 24.10 54.14
N ILE E 370 -15.78 23.51 54.19
CA ILE E 370 -16.35 22.98 55.43
C ILE E 370 -16.73 21.54 55.17
N LYS E 371 -16.18 20.62 55.95
CA LYS E 371 -16.45 19.21 55.81
C LYS E 371 -17.34 18.76 56.97
N VAL E 372 -17.82 17.52 56.91
CA VAL E 372 -18.76 17.00 57.88
C VAL E 372 -18.16 16.86 59.28
N GLY E 373 -16.84 16.83 59.40
CA GLY E 373 -16.15 16.86 60.67
C GLY E 373 -15.18 18.02 60.71
N GLY E 374 -14.06 17.80 61.36
CA GLY E 374 -12.98 18.76 61.31
C GLY E 374 -12.11 18.52 60.10
N PHE E 375 -10.80 18.59 60.28
CA PHE E 375 -9.86 18.05 59.30
C PHE E 375 -8.70 17.29 59.91
N LYS E 376 -8.51 17.39 61.23
CA LYS E 376 -7.57 16.57 62.00
C LYS E 376 -6.12 16.76 61.52
N ALA E 377 -5.62 17.97 61.79
CA ALA E 377 -4.18 18.19 61.72
C ALA E 377 -3.49 17.30 62.74
N SER E 378 -2.33 16.78 62.38
CA SER E 378 -1.69 15.77 63.21
C SER E 378 -0.19 15.81 63.01
N LEU E 379 0.53 15.40 64.05
CA LEU E 379 1.94 15.09 63.94
C LEU E 379 2.19 13.81 64.70
N THR E 380 3.12 13.02 64.23
CA THR E 380 3.36 11.69 64.77
C THR E 380 4.84 11.51 65.05
N THR E 381 5.17 11.23 66.29
CA THR E 381 6.56 11.19 66.74
C THR E 381 6.78 9.91 67.49
N ASN E 382 7.82 9.16 67.12
CA ASN E 382 8.19 8.01 67.94
C ASN E 382 9.46 8.25 68.73
N ALA E 383 9.66 9.46 69.22
CA ALA E 383 10.80 9.72 70.08
C ALA E 383 10.42 9.49 71.54
N ALA E 384 11.44 9.35 72.38
CA ALA E 384 11.20 9.08 73.79
C ALA E 384 10.78 10.32 74.56
N HIS E 385 10.86 11.50 73.96
CA HIS E 385 10.36 12.73 74.56
C HIS E 385 9.79 13.58 73.45
N LEU E 386 8.71 14.30 73.74
CA LEU E 386 8.22 15.31 72.83
C LEU E 386 7.97 16.56 73.66
N ASN E 387 9.02 17.31 73.92
CA ASN E 387 8.89 18.52 74.72
C ASN E 387 8.30 19.61 73.85
N ILE E 388 7.28 20.29 74.34
CA ILE E 388 6.74 21.44 73.64
C ILE E 388 6.86 22.64 74.56
N GLY E 389 7.64 23.62 74.15
CA GLY E 389 8.05 24.69 75.02
C GLY E 389 7.03 25.78 75.18
N LYS E 390 7.54 26.98 75.43
CA LYS E 390 6.74 28.05 76.00
C LYS E 390 5.85 28.74 74.97
N GLY E 391 5.99 28.43 73.69
CA GLY E 391 5.08 28.97 72.71
C GLY E 391 3.69 28.38 72.79
N GLY E 392 3.57 27.15 73.29
CA GLY E 392 2.28 26.54 73.45
C GLY E 392 1.66 26.09 72.15
N VAL E 393 0.33 25.99 72.13
CA VAL E 393 -0.40 25.42 71.01
C VAL E 393 -1.45 26.43 70.57
N ASN E 394 -1.45 26.76 69.30
CA ASN E 394 -2.49 27.59 68.68
C ASN E 394 -3.30 26.72 67.74
N LEU E 395 -4.52 27.16 67.45
CA LEU E 395 -5.41 26.41 66.57
C LEU E 395 -6.41 27.39 65.99
N SER E 396 -6.28 27.68 64.69
CA SER E 396 -7.28 28.49 64.02
C SER E 396 -8.52 27.64 63.78
N ASN E 397 -9.69 28.27 63.77
CA ASN E 397 -10.96 27.58 63.77
C ASN E 397 -11.90 28.21 62.74
N GLN E 398 -12.36 27.39 61.80
CA GLN E 398 -13.40 27.79 60.85
C GLN E 398 -14.73 27.35 61.45
N ALA E 399 -15.80 27.27 60.65
CA ALA E 399 -17.14 26.98 61.19
C ALA E 399 -17.24 25.59 61.79
N SER E 400 -16.61 24.60 61.17
CA SER E 400 -16.49 23.31 61.83
C SER E 400 -15.31 23.31 62.78
N GLY E 401 -15.35 22.45 63.79
CA GLY E 401 -14.32 22.43 64.80
C GLY E 401 -13.07 21.72 64.33
N ARG E 402 -11.97 22.45 64.22
CA ARG E 402 -10.72 21.84 63.79
C ARG E 402 -10.16 20.95 64.90
N THR E 403 -9.26 20.05 64.50
CA THR E 403 -8.79 19.00 65.39
C THR E 403 -7.28 18.91 65.29
N LEU E 404 -6.61 18.89 66.43
CA LEU E 404 -5.16 18.73 66.48
C LEU E 404 -4.83 17.43 67.18
N LEU E 405 -3.97 16.62 66.56
CA LEU E 405 -3.60 15.30 67.05
C LEU E 405 -2.10 15.29 67.31
N VAL E 406 -1.71 15.58 68.56
CA VAL E 406 -0.31 15.60 68.95
C VAL E 406 0.00 14.19 69.43
N GLU E 407 0.26 13.31 68.49
CA GLU E 407 0.43 11.90 68.81
C GLU E 407 1.88 11.65 69.23
N ASN E 408 2.07 10.61 70.05
CA ASN E 408 3.39 10.10 70.34
C ASN E 408 3.26 8.58 70.41
N LEU E 409 4.11 7.87 69.67
CA LEU E 409 3.96 6.42 69.65
C LEU E 409 4.56 5.79 70.89
N THR E 410 5.86 5.92 71.09
CA THR E 410 6.54 5.23 72.19
C THR E 410 7.28 6.21 73.08
N GLY E 411 6.63 7.30 73.46
CA GLY E 411 7.30 8.26 74.32
C GLY E 411 6.43 8.97 75.33
N ASN E 412 6.87 10.16 75.72
CA ASN E 412 6.16 11.03 76.63
C ASN E 412 5.73 12.28 75.89
N ILE E 413 4.92 13.10 76.54
CA ILE E 413 4.59 14.43 76.04
C ILE E 413 4.71 15.39 77.20
N THR E 414 5.49 16.46 77.02
CA THR E 414 5.67 17.44 78.08
C THR E 414 5.34 18.81 77.48
N VAL E 415 4.07 19.16 77.47
CA VAL E 415 3.64 20.46 77.00
C VAL E 415 3.78 21.46 78.13
N ASP E 416 4.48 22.56 77.88
CA ASP E 416 4.69 23.57 78.90
C ASP E 416 4.13 24.93 78.48
N GLY E 417 3.07 24.95 77.67
CA GLY E 417 2.56 26.18 77.14
C GLY E 417 1.05 26.28 77.19
N PRO E 418 0.52 27.48 76.96
CA PRO E 418 -0.93 27.67 77.05
C PRO E 418 -1.63 27.19 75.79
N LEU E 419 -2.67 26.38 75.98
CA LEU E 419 -3.42 25.84 74.84
C LEU E 419 -4.36 26.91 74.31
N ARG E 420 -3.90 27.69 73.35
CA ARG E 420 -4.72 28.72 72.75
C ARG E 420 -5.60 28.12 71.66
N VAL E 421 -6.55 28.91 71.20
CA VAL E 421 -7.35 28.63 70.02
C VAL E 421 -7.79 29.97 69.44
N ASN E 422 -7.57 30.15 68.14
CA ASN E 422 -7.67 31.42 67.42
C ASN E 422 -6.77 32.50 68.02
N ASN E 423 -5.66 32.04 68.64
CA ASN E 423 -4.64 32.87 69.27
C ASN E 423 -5.21 33.75 70.39
N GLN E 424 -5.92 33.10 71.32
CA GLN E 424 -6.14 33.67 72.65
C GLN E 424 -6.33 32.52 73.62
N VAL E 425 -6.14 32.82 74.91
CA VAL E 425 -6.08 31.77 75.92
C VAL E 425 -7.46 31.20 76.20
N GLY E 426 -8.47 32.05 76.28
CA GLY E 426 -9.83 31.58 76.49
C GLY E 426 -10.36 30.86 75.28
N GLY E 427 -10.60 31.59 74.20
CA GLY E 427 -10.95 30.98 72.94
C GLY E 427 -12.34 30.37 72.89
N TYR E 428 -13.36 31.22 72.88
CA TYR E 428 -14.72 30.74 72.71
C TYR E 428 -14.92 30.20 71.29
N ALA E 429 -15.73 29.15 71.21
CA ALA E 429 -16.05 28.53 69.93
C ALA E 429 -17.53 28.19 69.94
N LEU E 430 -18.14 28.22 68.76
CA LEU E 430 -19.57 28.02 68.64
C LEU E 430 -19.91 26.53 68.66
N ALA E 431 -21.19 26.20 68.51
CA ALA E 431 -21.66 24.84 68.74
C ALA E 431 -21.23 23.89 67.64
N GLY E 432 -21.32 24.35 66.39
CA GLY E 432 -20.78 23.58 65.28
C GLY E 432 -19.27 23.54 65.23
N SER E 433 -18.60 24.45 65.94
CA SER E 433 -17.14 24.49 65.99
C SER E 433 -16.69 23.86 67.30
N SER E 434 -16.59 22.54 67.31
CA SER E 434 -16.09 21.81 68.47
C SER E 434 -14.60 21.57 68.25
N ALA E 435 -13.77 22.43 68.81
CA ALA E 435 -12.32 22.32 68.67
C ALA E 435 -11.85 21.11 69.47
N ASN E 436 -11.01 20.29 68.87
CA ASN E 436 -10.65 19.00 69.43
C ASN E 436 -9.13 18.92 69.60
N PHE E 437 -8.66 19.30 70.78
CA PHE E 437 -7.29 18.99 71.16
C PHE E 437 -7.22 17.51 71.49
N GLU E 438 -6.09 16.90 71.16
CA GLU E 438 -5.98 15.45 71.30
C GLU E 438 -4.54 15.07 71.49
N PHE E 439 -4.28 14.24 72.48
CA PHE E 439 -2.94 13.87 72.87
C PHE E 439 -2.90 12.35 73.03
N LYS E 440 -1.80 11.75 72.62
CA LYS E 440 -1.63 10.30 72.66
C LYS E 440 -0.22 10.05 73.15
N ALA E 441 -0.04 9.86 74.44
CA ALA E 441 1.31 9.73 75.00
C ALA E 441 1.59 8.27 75.29
N GLY E 442 2.52 7.69 74.53
CA GLY E 442 2.93 6.32 74.77
C GLY E 442 1.90 5.32 74.33
N VAL E 443 1.60 5.28 73.04
CA VAL E 443 0.51 4.45 72.55
C VAL E 443 0.91 2.98 72.55
N ASP E 444 1.95 2.63 71.80
CA ASP E 444 2.25 1.23 71.58
C ASP E 444 3.00 0.58 72.73
N THR E 445 3.41 1.34 73.73
CA THR E 445 4.03 0.77 74.91
C THR E 445 3.22 0.94 76.19
N LYS E 446 2.24 1.85 76.17
CA LYS E 446 1.22 1.99 77.22
C LYS E 446 1.81 2.34 78.58
N ASN E 447 2.94 3.02 78.59
CA ASN E 447 3.55 3.49 79.84
C ASN E 447 4.12 4.89 79.68
N GLY E 448 3.37 5.75 79.00
CA GLY E 448 3.83 7.11 78.73
C GLY E 448 2.95 8.14 79.41
N THR E 449 3.58 9.08 80.09
CA THR E 449 2.88 10.16 80.77
C THR E 449 2.64 11.31 79.79
N ALA E 450 1.60 12.09 80.06
CA ALA E 450 1.33 13.30 79.29
C ALA E 450 1.31 14.47 80.27
N THR E 451 2.48 14.96 80.61
CA THR E 451 2.60 15.97 81.65
C THR E 451 2.39 17.36 81.07
N PHE E 452 1.41 18.10 81.59
CA PHE E 452 1.14 19.46 81.13
C PHE E 452 1.51 20.38 82.28
N ASN E 453 2.76 20.84 82.33
CA ASN E 453 3.20 21.67 83.44
C ASN E 453 2.73 23.12 83.35
N ASN E 454 1.83 23.46 82.44
CA ASN E 454 1.28 24.81 82.42
C ASN E 454 -0.21 24.72 82.70
N ASP E 455 -0.71 25.73 83.39
CA ASP E 455 -2.12 25.84 83.76
C ASP E 455 -2.93 26.09 82.50
N ILE E 456 -3.61 25.05 82.01
CA ILE E 456 -4.34 25.18 80.76
C ILE E 456 -5.66 25.91 81.01
N SER E 457 -6.26 26.39 79.94
CA SER E 457 -7.50 27.14 80.03
C SER E 457 -8.31 26.90 78.76
N LEU E 458 -9.44 26.24 78.90
CA LEU E 458 -10.30 25.91 77.79
C LEU E 458 -11.61 26.67 77.89
N GLY E 459 -12.01 27.29 76.79
CA GLY E 459 -13.24 28.05 76.73
C GLY E 459 -14.45 27.20 76.43
N ARG E 460 -15.22 27.60 75.43
CA ARG E 460 -16.51 27.00 75.13
C ARG E 460 -16.40 26.16 73.86
N PHE E 461 -16.99 24.95 73.90
CA PHE E 461 -16.98 23.97 72.81
C PHE E 461 -15.57 23.61 72.36
N VAL E 462 -14.71 23.32 73.33
CA VAL E 462 -13.36 22.83 73.09
C VAL E 462 -13.21 21.50 73.81
N ASN E 463 -12.61 20.51 73.14
CA ASN E 463 -12.71 19.12 73.58
C ASN E 463 -11.31 18.52 73.74
N LEU E 464 -10.74 18.67 74.92
CA LEU E 464 -9.50 17.99 75.24
C LEU E 464 -9.73 16.50 75.39
N LYS E 465 -8.81 15.70 74.86
CA LYS E 465 -8.79 14.28 75.20
C LYS E 465 -7.35 13.78 75.28
N VAL E 466 -7.06 13.04 76.34
CA VAL E 466 -5.72 12.57 76.62
C VAL E 466 -5.78 11.07 76.83
N ASP E 467 -5.02 10.33 76.03
CA ASP E 467 -5.06 8.87 76.09
C ASP E 467 -3.64 8.41 76.41
N ALA E 468 -3.31 8.39 77.69
CA ALA E 468 -1.94 8.12 78.11
C ALA E 468 -1.90 7.13 79.25
N HIS E 469 -0.74 6.98 79.89
CA HIS E 469 -0.64 6.18 81.09
C HIS E 469 -0.97 6.96 82.35
N THR E 470 -0.27 8.07 82.60
CA THR E 470 -0.47 8.86 83.81
C THR E 470 -0.46 10.33 83.42
N ALA E 471 -1.63 10.90 83.16
CA ALA E 471 -1.72 12.26 82.65
C ALA E 471 -1.65 13.24 83.83
N ASN E 472 -0.43 13.64 84.17
CA ASN E 472 -0.24 14.67 85.18
C ASN E 472 -0.69 16.02 84.64
N PHE E 473 -0.96 16.95 85.54
CA PHE E 473 -1.43 18.28 85.19
C PHE E 473 -0.94 19.28 86.22
N LYS E 474 -1.31 20.53 86.00
CA LYS E 474 -1.21 21.57 87.01
C LYS E 474 -2.49 22.36 87.20
N GLY E 475 -3.41 22.34 86.25
CA GLY E 475 -4.69 22.99 86.41
C GLY E 475 -5.49 23.06 85.13
N ILE E 476 -6.78 22.77 85.24
CA ILE E 476 -7.69 22.77 84.10
C ILE E 476 -8.83 23.73 84.43
N ASP E 477 -9.08 24.69 83.56
CA ASP E 477 -10.02 25.77 83.84
C ASP E 477 -11.02 25.85 82.70
N THR E 478 -12.16 25.19 82.85
CA THR E 478 -13.18 25.13 81.81
C THR E 478 -14.52 25.69 82.27
N GLY E 479 -14.57 26.29 83.47
CA GLY E 479 -15.82 26.81 83.96
C GLY E 479 -16.28 28.08 83.27
N ASN E 480 -15.37 28.72 82.53
CA ASN E 480 -15.71 29.95 81.84
C ASN E 480 -16.59 29.68 80.62
N GLY E 481 -16.27 28.64 79.85
CA GLY E 481 -16.97 28.39 78.61
C GLY E 481 -18.09 27.37 78.67
N GLY E 482 -17.81 26.21 79.26
CA GLY E 482 -18.79 25.15 79.30
C GLY E 482 -18.85 24.39 77.99
N PHE E 483 -19.68 23.34 78.00
CA PHE E 483 -19.92 22.42 76.87
C PHE E 483 -18.60 21.79 76.40
N ASN E 484 -17.80 21.35 77.36
CA ASN E 484 -16.46 20.89 77.09
C ASN E 484 -16.39 19.40 77.33
N THR E 485 -16.03 18.64 76.30
CA THR E 485 -15.82 17.20 76.43
C THR E 485 -14.39 17.00 76.91
N LEU E 486 -14.21 16.88 78.21
CA LEU E 486 -12.91 16.68 78.83
C LEU E 486 -12.69 15.18 78.96
N ASP E 487 -12.36 14.54 77.84
CA ASP E 487 -12.27 13.09 77.81
C ASP E 487 -10.94 12.63 78.37
N PHE E 488 -10.96 11.53 79.11
CA PHE E 488 -9.77 10.88 79.63
C PHE E 488 -9.92 9.37 79.51
N SER E 489 -10.63 8.91 78.48
CA SER E 489 -11.05 7.52 78.43
C SER E 489 -9.87 6.57 78.20
N GLY E 490 -8.81 7.05 77.57
CA GLY E 490 -7.69 6.17 77.33
C GLY E 490 -6.74 6.01 78.49
N VAL E 491 -6.98 6.74 79.60
CA VAL E 491 -6.03 6.78 80.69
C VAL E 491 -5.93 5.43 81.37
N THR E 492 -4.70 4.93 81.50
CA THR E 492 -4.48 3.63 82.11
C THR E 492 -4.83 3.64 83.59
N ASN E 493 -4.10 4.41 84.41
CA ASN E 493 -4.48 4.49 85.81
C ASN E 493 -4.83 5.90 86.29
N LYS E 494 -3.93 6.87 86.28
CA LYS E 494 -4.15 8.06 87.10
C LYS E 494 -4.17 9.33 86.26
N VAL E 495 -4.95 10.32 86.72
CA VAL E 495 -4.99 11.66 86.16
C VAL E 495 -4.82 12.60 87.35
N ASN E 496 -3.61 13.11 87.56
CA ASN E 496 -3.30 13.78 88.81
C ASN E 496 -3.45 15.30 88.66
N ILE E 497 -4.69 15.72 88.41
CA ILE E 497 -4.98 17.14 88.24
C ILE E 497 -4.80 17.87 89.56
N ASN E 498 -4.19 19.06 89.50
CA ASN E 498 -3.93 19.85 90.68
C ASN E 498 -5.01 20.89 90.96
N LYS E 499 -5.80 21.28 89.96
CA LYS E 499 -6.83 22.29 90.16
C LYS E 499 -7.85 22.16 89.04
N LEU E 500 -9.13 22.27 89.36
CA LEU E 500 -10.20 22.06 88.40
C LEU E 500 -11.26 23.15 88.53
N ILE E 501 -11.69 23.69 87.40
CA ILE E 501 -12.77 24.66 87.32
C ILE E 501 -13.72 24.22 86.22
N THR E 502 -14.95 23.85 86.59
CA THR E 502 -15.92 23.31 85.64
C THR E 502 -17.29 23.96 85.82
N ALA E 503 -17.99 24.15 84.70
CA ALA E 503 -19.38 24.58 84.71
C ALA E 503 -20.32 23.55 84.10
N SER E 504 -20.09 23.18 82.83
CA SER E 504 -20.91 22.16 82.17
C SER E 504 -19.95 21.31 81.33
N THR E 505 -19.48 20.24 81.94
CA THR E 505 -18.35 19.50 81.42
C THR E 505 -18.74 18.04 81.30
N ASN E 506 -17.98 17.29 80.52
CA ASN E 506 -18.23 15.88 80.22
C ASN E 506 -17.03 15.05 80.63
N VAL E 507 -16.59 15.27 81.88
CA VAL E 507 -15.40 14.61 82.41
C VAL E 507 -15.64 13.11 82.46
N ALA E 508 -14.64 12.34 82.05
CA ALA E 508 -14.74 10.88 82.07
C ALA E 508 -13.39 10.33 82.51
N VAL E 509 -13.21 10.15 83.81
CA VAL E 509 -11.97 9.65 84.37
C VAL E 509 -12.26 8.36 85.13
N LYS E 510 -11.40 7.36 84.97
CA LYS E 510 -11.62 6.08 85.63
C LYS E 510 -10.94 5.98 86.99
N ASN E 511 -9.88 6.74 87.22
CA ASN E 511 -9.18 6.78 88.50
C ASN E 511 -8.34 8.04 88.52
N PHE E 512 -8.36 8.75 89.64
CA PHE E 512 -7.73 10.06 89.73
C PHE E 512 -7.49 10.43 91.19
N ASN E 513 -6.80 11.55 91.39
CA ASN E 513 -6.86 12.26 92.67
C ASN E 513 -6.70 13.77 92.40
N ILE E 514 -7.84 14.42 92.16
CA ILE E 514 -7.90 15.84 91.86
C ILE E 514 -7.97 16.57 93.19
N ASN E 515 -6.86 17.14 93.65
CA ASN E 515 -6.82 17.64 95.03
C ASN E 515 -7.41 19.04 95.19
N GLU E 516 -8.15 19.55 94.20
CA GLU E 516 -8.90 20.79 94.37
C GLU E 516 -10.02 20.80 93.34
N LEU E 517 -11.24 21.10 93.77
CA LEU E 517 -12.41 21.04 92.90
C LEU E 517 -13.27 22.27 93.10
N ILE E 518 -13.79 22.82 92.01
CA ILE E 518 -14.69 23.97 92.03
C ILE E 518 -15.98 23.59 91.33
N VAL E 519 -17.10 23.78 92.02
CA VAL E 519 -18.42 23.49 91.49
C VAL E 519 -19.06 24.84 91.16
N LYS E 520 -18.96 25.26 89.90
CA LYS E 520 -19.54 26.52 89.50
C LYS E 520 -20.99 26.38 89.07
N THR E 521 -21.69 27.50 89.04
CA THR E 521 -22.98 27.60 88.40
C THR E 521 -22.80 28.08 86.97
N ASN E 522 -23.88 28.08 86.21
CA ASN E 522 -23.82 28.27 84.76
C ASN E 522 -24.99 29.11 84.27
N GLY E 523 -25.24 30.23 84.95
CA GLY E 523 -26.34 31.09 84.58
C GLY E 523 -27.64 30.65 85.21
N VAL E 524 -28.71 30.62 84.44
CA VAL E 524 -30.00 30.17 84.93
C VAL E 524 -30.49 28.90 84.22
N SER E 525 -29.86 28.51 83.12
CA SER E 525 -30.30 27.35 82.37
C SER E 525 -29.90 26.07 83.10
N VAL E 526 -30.70 25.03 82.87
CA VAL E 526 -30.43 23.71 83.43
C VAL E 526 -30.09 22.76 82.29
N GLY E 527 -29.78 21.51 82.66
CA GLY E 527 -29.21 20.58 81.71
C GLY E 527 -27.73 20.78 81.48
N GLU E 528 -27.11 21.66 82.26
CA GLU E 528 -25.70 22.00 82.13
C GLU E 528 -25.04 21.76 83.48
N TYR E 529 -24.10 20.82 83.54
CA TYR E 529 -23.62 20.32 84.81
C TYR E 529 -22.33 19.55 84.61
N THR E 530 -21.59 19.41 85.70
CA THR E 530 -20.46 18.48 85.73
C THR E 530 -21.00 17.06 85.72
N HIS E 531 -20.52 16.26 84.78
CA HIS E 531 -21.06 14.93 84.53
C HIS E 531 -19.91 13.95 84.44
N PHE E 532 -19.59 13.28 85.53
CA PHE E 532 -18.62 12.21 85.47
C PHE E 532 -19.27 11.00 84.79
N SER E 533 -19.23 10.98 83.47
CA SER E 533 -20.06 10.10 82.68
C SER E 533 -19.48 8.71 82.48
N GLU E 534 -18.57 8.27 83.35
CA GLU E 534 -18.16 6.88 83.36
C GLU E 534 -17.78 6.51 84.79
N ASP E 535 -17.32 5.27 84.97
CA ASP E 535 -17.11 4.72 86.31
C ASP E 535 -15.91 5.36 86.98
N ILE E 536 -16.03 5.59 88.29
CA ILE E 536 -15.00 6.29 89.05
C ILE E 536 -14.08 5.30 89.76
N GLY E 537 -14.47 4.04 89.84
CA GLY E 537 -13.54 3.03 90.28
C GLY E 537 -13.42 2.96 91.79
N SER E 538 -12.21 2.61 92.22
CA SER E 538 -11.94 2.27 93.61
C SER E 538 -10.90 3.15 94.27
N GLN E 539 -9.87 3.56 93.56
CA GLN E 539 -8.80 4.32 94.18
C GLN E 539 -8.96 5.82 93.99
N SER E 540 -10.17 6.28 93.64
CA SER E 540 -10.42 7.68 93.40
C SER E 540 -10.31 8.50 94.68
N ARG E 541 -10.19 9.81 94.51
CA ARG E 541 -9.88 10.72 95.60
C ARG E 541 -10.07 12.14 95.11
N ILE E 542 -10.52 13.02 96.00
CA ILE E 542 -10.49 14.47 95.81
C ILE E 542 -10.09 15.05 97.16
N ASN E 543 -9.10 15.93 97.20
CA ASN E 543 -8.70 16.42 98.50
C ASN E 543 -9.36 17.74 98.89
N THR E 544 -10.08 18.39 97.99
CA THR E 544 -10.88 19.57 98.35
C THR E 544 -11.99 19.74 97.33
N VAL E 545 -13.23 19.74 97.79
CA VAL E 545 -14.39 20.15 97.00
C VAL E 545 -14.83 21.51 97.52
N ARG E 546 -15.07 22.44 96.61
CA ARG E 546 -15.50 23.79 97.00
C ARG E 546 -16.63 24.23 96.07
N LEU E 547 -17.86 24.03 96.52
CA LEU E 547 -19.01 24.57 95.83
C LEU E 547 -19.05 26.09 95.99
N GLU E 548 -19.47 26.77 94.93
CA GLU E 548 -19.69 28.21 94.99
C GLU E 548 -21.16 28.48 94.79
N THR E 549 -21.58 29.69 95.16
CA THR E 549 -23.00 30.02 95.27
C THR E 549 -23.64 30.13 93.89
N GLY E 550 -24.77 29.45 93.71
CA GLY E 550 -25.48 29.49 92.45
C GLY E 550 -26.32 30.73 92.27
N THR E 551 -27.50 30.58 91.68
CA THR E 551 -28.43 31.69 91.51
C THR E 551 -29.76 31.33 92.17
N ARG E 552 -30.53 32.36 92.50
CA ARG E 552 -31.72 32.21 93.31
C ARG E 552 -32.79 31.43 92.55
N SER E 553 -33.54 30.59 93.27
CA SER E 553 -34.77 29.89 92.89
C SER E 553 -34.58 28.79 91.85
N ILE E 554 -33.35 28.42 91.49
CA ILE E 554 -33.12 27.33 90.54
C ILE E 554 -31.74 26.73 90.78
N PHE E 555 -31.67 25.39 90.72
CA PHE E 555 -30.41 24.67 90.75
C PHE E 555 -29.85 24.62 89.33
N SER E 556 -29.10 25.67 88.97
CA SER E 556 -28.61 25.77 87.61
C SER E 556 -27.44 24.84 87.36
N GLY E 557 -26.34 25.03 88.08
CA GLY E 557 -25.17 24.19 87.95
C GLY E 557 -25.14 23.10 89.02
N GLY E 558 -24.26 22.14 88.82
CA GLY E 558 -24.12 21.08 89.79
C GLY E 558 -23.23 19.97 89.27
N VAL E 559 -23.06 18.97 90.12
CA VAL E 559 -22.17 17.83 89.87
C VAL E 559 -22.98 16.56 90.02
N LYS E 560 -23.01 15.75 88.96
CA LYS E 560 -23.63 14.43 89.08
C LYS E 560 -22.66 13.38 88.55
N PHE E 561 -22.87 12.16 89.02
CA PHE E 561 -22.02 11.03 88.71
C PHE E 561 -22.85 10.02 87.91
N LYS E 562 -22.24 8.88 87.59
CA LYS E 562 -23.02 7.76 87.08
C LYS E 562 -22.68 6.46 87.78
N SER E 563 -21.44 6.29 88.21
CA SER E 563 -21.01 5.02 88.76
C SER E 563 -19.79 5.25 89.66
N GLY E 564 -19.22 4.15 90.14
CA GLY E 564 -18.15 4.18 91.12
C GLY E 564 -18.61 3.63 92.45
N GLU E 565 -17.63 3.43 93.34
CA GLU E 565 -17.93 2.91 94.66
C GLU E 565 -17.39 3.76 95.81
N LYS E 566 -16.35 4.57 95.61
CA LYS E 566 -15.87 5.44 96.66
C LYS E 566 -15.10 6.60 96.07
N LEU E 567 -15.04 7.70 96.84
CA LEU E 567 -14.17 8.83 96.55
C LEU E 567 -13.85 9.54 97.87
N VAL E 568 -12.64 9.34 98.35
CA VAL E 568 -12.22 9.86 99.65
C VAL E 568 -12.06 11.37 99.55
N ILE E 569 -13.06 12.10 100.02
CA ILE E 569 -13.00 13.56 100.06
C ILE E 569 -12.50 13.98 101.43
N ASP E 570 -11.59 14.96 101.47
CA ASP E 570 -11.21 15.55 102.73
C ASP E 570 -12.11 16.69 103.16
N GLU E 571 -12.22 17.74 102.36
CA GLU E 571 -12.93 18.94 102.80
C GLU E 571 -13.99 19.25 101.75
N PHE E 572 -15.09 19.83 102.21
CA PHE E 572 -16.26 20.05 101.38
C PHE E 572 -16.86 21.41 101.74
N TYR E 573 -17.60 21.99 100.79
CA TYR E 573 -18.36 23.19 101.09
C TYR E 573 -19.77 23.08 100.54
N TYR E 574 -20.74 23.55 101.32
CA TYR E 574 -22.09 23.76 100.81
C TYR E 574 -22.11 25.01 99.93
N SER E 575 -23.25 25.23 99.28
CA SER E 575 -23.51 26.47 98.56
C SER E 575 -25.00 26.57 98.35
N PRO E 576 -25.57 27.78 98.35
CA PRO E 576 -26.93 27.95 97.87
C PRO E 576 -27.02 27.66 96.37
N TRP E 577 -27.89 26.70 96.04
CA TRP E 577 -28.36 26.43 94.68
C TRP E 577 -27.27 25.88 93.75
N ASN E 578 -26.47 24.97 94.27
CA ASN E 578 -25.66 24.09 93.43
C ASN E 578 -25.70 22.70 94.04
N TYR E 579 -26.14 21.72 93.27
CA TYR E 579 -26.44 20.39 93.79
C TYR E 579 -25.22 19.48 93.67
N PHE E 580 -24.89 18.81 94.76
CA PHE E 580 -23.80 17.84 94.78
C PHE E 580 -24.43 16.45 94.70
N ASP E 581 -24.89 16.09 93.50
CA ASP E 581 -25.46 14.77 93.30
C ASP E 581 -24.35 13.73 93.32
N ALA E 582 -24.54 12.70 94.14
CA ALA E 582 -23.53 11.68 94.39
C ALA E 582 -24.12 10.31 94.10
N ARG E 583 -24.67 10.16 92.89
CA ARG E 583 -25.34 8.93 92.48
C ARG E 583 -24.40 7.73 92.49
N ASN E 584 -24.94 6.61 93.00
CA ASN E 584 -24.47 5.24 92.76
C ASN E 584 -23.18 4.90 93.50
N ILE E 585 -22.55 5.86 94.13
CA ILE E 585 -21.28 5.63 94.80
C ILE E 585 -21.53 5.37 96.28
N LYS E 586 -21.01 4.25 96.76
CA LYS E 586 -21.45 3.67 98.01
C LYS E 586 -20.52 3.90 99.19
N ASN E 587 -19.39 4.60 99.02
CA ASN E 587 -18.49 4.84 100.14
C ASN E 587 -17.94 6.27 100.09
N VAL E 588 -18.82 7.25 99.94
CA VAL E 588 -18.41 8.65 99.86
C VAL E 588 -17.87 9.06 101.23
N GLU E 589 -16.56 9.12 101.36
CA GLU E 589 -15.93 9.29 102.66
C GLU E 589 -15.49 10.72 102.87
N ILE E 590 -15.73 11.25 104.07
CA ILE E 590 -15.25 12.56 104.48
C ILE E 590 -14.25 12.33 105.61
N THR E 591 -13.18 13.11 105.62
CA THR E 591 -12.09 12.91 106.58
C THR E 591 -11.78 14.15 107.41
N ARG E 592 -12.07 15.34 106.90
CA ARG E 592 -11.91 16.56 107.70
C ARG E 592 -13.11 17.45 107.41
N LYS E 593 -12.99 18.73 107.76
CA LYS E 593 -14.07 19.71 107.93
C LYS E 593 -15.08 19.71 106.80
N PHE E 594 -16.36 19.76 107.17
CA PHE E 594 -17.50 19.65 106.25
C PHE E 594 -18.35 20.90 106.50
N ALA E 595 -18.03 21.98 105.81
CA ALA E 595 -18.63 23.27 106.10
C ALA E 595 -19.43 23.81 104.93
N SER E 596 -19.80 25.08 104.98
CA SER E 596 -20.45 25.77 103.87
C SER E 596 -19.52 26.85 103.32
N SER E 597 -19.72 27.19 102.05
CA SER E 597 -18.92 28.26 101.44
C SER E 597 -19.29 29.64 101.99
N THR E 598 -20.47 29.76 102.60
CA THR E 598 -20.82 30.90 103.42
C THR E 598 -20.78 30.42 104.87
N PRO E 599 -19.60 30.38 105.51
CA PRO E 599 -19.45 29.58 106.73
C PRO E 599 -20.09 30.18 107.98
N GLU E 600 -20.27 31.48 108.04
CA GLU E 600 -20.85 32.07 109.24
C GLU E 600 -22.26 32.59 109.00
N ASN E 601 -22.69 32.68 107.75
CA ASN E 601 -24.05 33.10 107.39
C ASN E 601 -24.64 32.22 106.30
N PRO E 602 -25.05 31.00 106.65
CA PRO E 602 -25.66 30.13 105.64
C PRO E 602 -27.07 30.58 105.30
N TRP E 603 -27.51 30.21 104.10
CA TRP E 603 -28.86 30.43 103.62
C TRP E 603 -29.05 29.56 102.37
N GLY E 604 -30.29 29.52 101.89
CA GLY E 604 -30.58 28.78 100.69
C GLY E 604 -30.69 27.28 100.94
N THR E 605 -30.48 26.53 99.85
CA THR E 605 -30.54 25.07 99.86
C THR E 605 -29.34 24.49 99.11
N SER E 606 -29.03 23.24 99.42
CA SER E 606 -27.90 22.53 98.79
C SER E 606 -28.30 21.06 98.66
N LYS E 607 -28.67 20.63 97.44
CA LYS E 607 -29.06 19.24 97.27
C LYS E 607 -27.85 18.32 97.32
N LEU E 608 -27.61 17.72 98.49
CA LEU E 608 -26.57 16.72 98.65
C LEU E 608 -27.18 15.33 98.43
N MET E 609 -27.64 15.13 97.19
CA MET E 609 -28.45 13.97 96.81
C MET E 609 -27.55 12.74 96.75
N PHE E 610 -27.40 12.09 97.90
CA PHE E 610 -26.43 11.01 98.04
C PHE E 610 -27.06 9.66 97.72
N ASN E 611 -26.28 8.60 97.92
CA ASN E 611 -26.79 7.26 98.07
C ASN E 611 -26.13 6.48 99.20
N ASN E 612 -25.06 7.01 99.80
CA ASN E 612 -24.33 6.48 100.94
C ASN E 612 -23.29 7.52 101.33
N LEU E 613 -22.82 7.45 102.58
CA LEU E 613 -21.56 8.08 102.95
C LEU E 613 -21.01 7.32 104.15
N THR E 614 -19.75 7.62 104.49
CA THR E 614 -19.14 7.10 105.71
C THR E 614 -18.09 8.10 106.18
N LEU E 615 -18.36 8.76 107.29
CA LEU E 615 -17.50 9.83 107.79
C LEU E 615 -16.53 9.26 108.81
N GLY E 616 -15.26 9.65 108.71
CA GLY E 616 -14.23 9.11 109.56
C GLY E 616 -13.88 10.01 110.73
N GLN E 617 -12.59 10.07 111.01
CA GLN E 617 -12.11 10.73 112.23
C GLN E 617 -12.14 12.25 112.09
N ASN E 618 -12.59 12.91 113.15
CA ASN E 618 -12.38 14.34 113.41
C ASN E 618 -13.05 15.26 112.40
N ALA E 619 -13.94 14.73 111.56
CA ALA E 619 -14.51 15.53 110.47
C ALA E 619 -15.76 16.21 110.98
N VAL E 620 -15.65 17.50 111.26
CA VAL E 620 -16.74 18.28 111.83
C VAL E 620 -17.77 18.57 110.73
N MET E 621 -19.05 18.41 111.06
CA MET E 621 -20.11 18.77 110.14
C MET E 621 -20.92 19.95 110.68
N ASP E 622 -21.55 20.67 109.76
CA ASP E 622 -22.34 21.87 110.08
C ASP E 622 -23.69 21.70 109.40
N TYR E 623 -24.64 21.05 110.08
CA TYR E 623 -25.93 20.78 109.50
C TYR E 623 -27.00 21.69 110.08
N SER E 624 -27.66 22.45 109.21
CA SER E 624 -28.74 23.35 109.58
C SER E 624 -29.92 23.14 108.64
N GLN E 625 -30.93 24.00 108.78
CA GLN E 625 -32.05 24.05 107.84
C GLN E 625 -31.66 24.68 106.52
N PHE E 626 -30.51 25.34 106.47
CA PHE E 626 -30.04 26.08 105.31
C PHE E 626 -29.25 25.20 104.34
N SER E 627 -29.25 23.89 104.58
CA SER E 627 -28.59 22.94 103.70
C SER E 627 -29.37 21.63 103.82
N ASN E 628 -30.29 21.39 102.88
CA ASN E 628 -31.12 20.20 102.93
C ASN E 628 -30.32 18.95 102.55
N LEU E 629 -29.55 18.45 103.52
CA LEU E 629 -28.66 17.32 103.35
C LEU E 629 -29.50 16.05 103.25
N THR E 630 -29.69 15.55 102.03
CA THR E 630 -30.66 14.51 101.76
C THR E 630 -29.98 13.18 101.48
N ILE E 631 -30.02 12.27 102.45
CA ILE E 631 -29.33 11.00 102.37
C ILE E 631 -30.34 9.92 101.99
N GLN E 632 -30.05 9.20 100.90
CA GLN E 632 -30.81 8.02 100.51
C GLN E 632 -30.09 6.73 100.86
N GLY E 633 -29.22 6.75 101.86
CA GLY E 633 -28.42 5.59 102.20
C GLY E 633 -27.94 5.56 103.62
N ASP E 634 -26.76 5.00 103.84
CA ASP E 634 -26.35 4.55 105.15
C ASP E 634 -25.36 5.51 105.79
N PHE E 635 -25.85 6.53 106.49
CA PHE E 635 -24.98 7.51 107.13
C PHE E 635 -24.23 6.84 108.27
N ILE E 636 -22.97 6.51 108.04
CA ILE E 636 -22.15 5.83 109.03
C ILE E 636 -21.13 6.83 109.54
N ASN E 637 -20.97 6.90 110.86
CA ASN E 637 -20.01 7.81 111.47
C ASN E 637 -18.96 6.98 112.21
N ASN E 638 -17.70 7.30 111.98
CA ASN E 638 -16.60 6.82 112.80
C ASN E 638 -16.34 7.87 113.88
N GLN E 639 -15.15 7.90 114.49
CA GLN E 639 -14.86 8.79 115.60
C GLN E 639 -14.78 10.25 115.13
N GLY E 640 -15.95 10.81 114.82
CA GLY E 640 -16.02 12.14 114.25
C GLY E 640 -17.02 13.04 114.96
N THR E 641 -16.63 14.28 115.23
CA THR E 641 -17.40 15.17 116.09
C THR E 641 -18.31 16.05 115.23
N ILE E 642 -19.57 15.65 115.11
CA ILE E 642 -20.54 16.39 114.31
C ILE E 642 -21.11 17.53 115.17
N ASN E 643 -21.14 18.73 114.61
CA ASN E 643 -21.71 19.89 115.29
C ASN E 643 -23.07 20.23 114.71
N TYR E 644 -23.91 20.85 115.54
CA TYR E 644 -25.25 21.26 115.15
C TYR E 644 -25.43 22.75 115.42
N LEU E 645 -26.58 23.27 114.99
CA LEU E 645 -26.94 24.68 115.13
C LEU E 645 -28.43 24.80 114.89
N VAL E 646 -29.04 25.81 115.51
CA VAL E 646 -30.51 25.90 115.50
C VAL E 646 -31.02 26.88 114.43
N ARG E 647 -30.46 28.10 114.39
CA ARG E 647 -30.91 29.21 113.55
C ARG E 647 -32.42 29.43 113.67
N GLY E 648 -32.84 29.76 114.88
CA GLY E 648 -34.24 29.93 115.19
C GLY E 648 -34.76 29.05 116.31
N GLY E 649 -33.89 28.48 117.14
CA GLY E 649 -34.30 27.72 118.29
C GLY E 649 -34.65 26.27 118.03
N LYS E 650 -34.82 25.86 116.78
CA LYS E 650 -35.22 24.51 116.47
C LYS E 650 -34.14 23.82 115.64
N VAL E 651 -34.00 22.51 115.86
CA VAL E 651 -32.94 21.72 115.25
C VAL E 651 -33.53 20.95 114.07
N ALA E 652 -32.90 21.07 112.90
CA ALA E 652 -33.29 20.31 111.73
C ALA E 652 -32.92 18.85 111.92
N THR E 653 -33.84 17.94 111.59
CA THR E 653 -33.58 16.52 111.73
C THR E 653 -32.70 16.03 110.58
N LEU E 654 -32.00 14.93 110.79
CA LEU E 654 -31.06 14.37 109.83
C LEU E 654 -31.50 12.94 109.53
N ASN E 655 -31.86 12.68 108.27
CA ASN E 655 -32.53 11.44 107.89
C ASN E 655 -31.50 10.40 107.46
N VAL E 656 -31.33 9.39 108.30
CA VAL E 656 -30.53 8.21 107.95
C VAL E 656 -31.44 7.22 107.24
N GLY E 657 -30.97 6.72 106.10
CA GLY E 657 -31.84 5.93 105.25
C GLY E 657 -32.12 4.53 105.80
N ASN E 658 -31.06 3.78 106.08
CA ASN E 658 -31.22 2.42 106.57
C ASN E 658 -30.64 2.24 107.97
N ALA E 659 -29.37 2.59 108.18
CA ALA E 659 -28.74 2.31 109.47
C ALA E 659 -27.59 3.27 109.70
N ALA E 660 -27.46 3.76 110.93
CA ALA E 660 -26.33 4.57 111.35
C ALA E 660 -25.57 3.79 112.41
N ALA E 661 -24.73 2.86 111.96
CA ALA E 661 -23.98 2.02 112.88
C ALA E 661 -22.61 2.65 113.16
N MET E 662 -22.28 2.75 114.45
CA MET E 662 -21.11 3.50 114.85
C MET E 662 -20.23 2.67 115.77
N MET E 663 -18.98 3.07 115.88
CA MET E 663 -17.99 2.37 116.69
C MET E 663 -16.91 3.37 117.07
N PHE E 664 -16.49 3.37 118.34
CA PHE E 664 -15.60 4.42 118.84
C PHE E 664 -14.53 3.78 119.71
N ASN E 665 -13.88 4.61 120.51
CA ASN E 665 -12.88 4.15 121.47
C ASN E 665 -12.89 5.14 122.64
N ASN E 666 -11.89 5.01 123.50
CA ASN E 666 -11.67 5.96 124.60
C ASN E 666 -11.04 7.22 124.03
N ASP E 667 -11.88 8.04 123.39
CA ASP E 667 -11.45 9.25 122.68
C ASP E 667 -11.36 10.42 123.67
N ILE E 668 -10.50 10.24 124.67
CA ILE E 668 -10.34 11.17 125.78
C ILE E 668 -9.26 12.20 125.43
N ASP E 669 -9.49 13.45 125.83
CA ASP E 669 -8.51 14.51 125.66
C ASP E 669 -8.17 15.09 127.03
N SER E 670 -7.05 15.79 127.09
CA SER E 670 -6.65 16.50 128.30
C SER E 670 -7.08 17.95 128.29
N ALA E 671 -7.71 18.42 127.20
CA ALA E 671 -8.24 19.78 127.18
C ALA E 671 -9.53 19.87 128.00
N THR E 672 -10.33 18.81 127.98
CA THR E 672 -11.56 18.76 128.76
C THR E 672 -11.51 17.79 129.92
N GLY E 673 -10.78 16.68 129.80
CA GLY E 673 -10.74 15.63 130.80
C GLY E 673 -11.72 14.52 130.54
N PHE E 674 -12.82 14.85 129.87
CA PHE E 674 -13.80 13.87 129.41
C PHE E 674 -13.30 13.29 128.08
N TYR E 675 -14.10 12.42 127.47
CA TYR E 675 -13.96 12.10 126.06
C TYR E 675 -14.13 13.34 125.19
N LYS E 676 -13.73 13.21 123.93
CA LYS E 676 -14.02 14.27 122.97
C LYS E 676 -15.53 14.37 122.77
N PRO E 677 -16.08 15.59 122.70
CA PRO E 677 -17.54 15.74 122.59
C PRO E 677 -18.05 15.30 121.24
N LEU E 678 -18.70 14.13 121.24
CA LEU E 678 -18.84 13.33 120.03
C LEU E 678 -19.92 13.87 119.10
N ILE E 679 -21.02 14.38 119.65
CA ILE E 679 -22.04 15.07 118.88
C ILE E 679 -22.40 16.32 119.66
N LYS E 680 -22.17 17.49 119.06
CA LYS E 680 -22.36 18.76 119.74
C LYS E 680 -23.53 19.52 119.12
N ILE E 681 -24.26 20.25 119.97
CA ILE E 681 -25.26 21.21 119.53
C ILE E 681 -24.78 22.57 120.02
N ASN E 682 -24.06 23.28 119.18
CA ASN E 682 -23.54 24.59 119.53
C ASN E 682 -24.40 25.67 118.88
N SER E 683 -24.28 26.90 119.40
CA SER E 683 -25.04 28.09 118.98
C SER E 683 -26.54 27.89 119.14
N ALA E 684 -26.91 27.00 120.06
CA ALA E 684 -28.28 26.82 120.53
C ALA E 684 -28.53 27.64 121.79
N GLN E 685 -28.21 28.94 121.72
CA GLN E 685 -28.42 29.82 122.85
C GLN E 685 -29.90 30.06 123.08
N ASP E 686 -30.66 30.23 122.00
CA ASP E 686 -32.11 30.37 122.05
C ASP E 686 -32.83 29.04 121.88
N LEU E 687 -32.22 27.94 122.31
CA LEU E 687 -32.86 26.63 122.24
C LEU E 687 -34.08 26.61 123.16
N ILE E 688 -35.21 26.23 122.59
CA ILE E 688 -36.51 26.42 123.24
C ILE E 688 -36.64 25.41 124.38
N LYS E 689 -36.80 25.92 125.59
CA LYS E 689 -36.96 25.08 126.76
C LYS E 689 -38.33 24.39 126.73
N ASN E 690 -38.39 23.21 127.37
CA ASN E 690 -39.61 22.42 127.54
C ASN E 690 -40.21 21.99 126.21
N THR E 691 -39.36 21.65 125.25
CA THR E 691 -39.79 21.36 123.90
C THR E 691 -38.91 20.25 123.31
N GLU E 692 -39.55 19.23 122.75
CA GLU E 692 -38.83 18.21 122.01
C GLU E 692 -38.26 18.80 120.72
N HIS E 693 -36.94 18.73 120.59
CA HIS E 693 -36.25 19.12 119.36
C HIS E 693 -35.63 17.85 118.79
N VAL E 694 -36.19 17.37 117.68
CA VAL E 694 -35.70 16.15 117.05
C VAL E 694 -34.35 16.40 116.39
N LEU E 695 -33.31 15.73 116.91
CA LEU E 695 -31.97 15.94 116.39
C LEU E 695 -31.79 15.23 115.05
N LEU E 696 -32.24 13.98 114.97
CA LEU E 696 -32.09 13.18 113.75
C LEU E 696 -33.14 12.08 113.75
N LYS E 697 -33.80 11.89 112.61
CA LYS E 697 -34.65 10.73 112.41
C LYS E 697 -33.84 9.61 111.78
N ALA E 698 -33.77 8.49 112.48
CA ALA E 698 -32.94 7.38 112.05
C ALA E 698 -33.67 6.07 112.33
N LYS E 699 -33.09 4.98 111.89
CA LYS E 699 -33.69 3.67 112.06
C LYS E 699 -32.93 2.80 113.04
N ILE E 700 -31.60 2.81 112.98
CA ILE E 700 -30.75 2.07 113.92
C ILE E 700 -29.62 3.00 114.34
N ILE E 701 -29.56 3.32 115.62
CA ILE E 701 -28.36 3.95 116.19
C ILE E 701 -27.55 2.83 116.83
N GLY E 702 -26.68 2.21 116.04
CA GLY E 702 -25.89 1.12 116.56
C GLY E 702 -24.58 1.60 117.13
N TYR E 703 -24.52 1.80 118.44
CA TYR E 703 -23.30 2.23 119.09
C TYR E 703 -22.32 1.07 119.15
N GLY E 704 -21.03 1.40 119.10
CA GLY E 704 -20.02 0.41 119.42
C GLY E 704 -18.78 1.06 119.99
N ASN E 705 -17.90 0.20 120.49
CA ASN E 705 -16.53 0.56 120.82
C ASN E 705 -15.64 -0.59 120.35
N VAL E 706 -14.39 -0.61 120.83
CA VAL E 706 -13.47 -1.70 120.48
C VAL E 706 -13.89 -3.04 121.05
N SER E 707 -14.80 -3.06 122.02
CA SER E 707 -15.52 -4.27 122.40
C SER E 707 -17.00 -3.95 122.34
N THR E 708 -17.83 -4.96 122.64
CA THR E 708 -19.26 -4.73 122.75
C THR E 708 -19.57 -3.91 124.00
N GLY E 709 -18.90 -4.21 125.11
CA GLY E 709 -18.99 -3.43 126.32
C GLY E 709 -18.41 -2.04 126.14
N THR E 710 -19.14 -1.03 126.59
CA THR E 710 -18.86 0.34 126.20
C THR E 710 -18.03 1.06 127.26
N ASN E 711 -17.93 2.38 127.08
CA ASN E 711 -17.07 3.29 127.85
C ASN E 711 -15.60 2.86 127.78
N GLY E 712 -15.07 2.93 126.55
CA GLY E 712 -13.68 2.60 126.31
C GLY E 712 -13.47 1.13 126.05
N ILE E 713 -12.86 0.44 127.02
CA ILE E 713 -12.72 -1.01 126.97
C ILE E 713 -13.14 -1.58 128.33
N SER E 714 -14.40 -2.00 128.40
CA SER E 714 -15.02 -2.47 129.63
C SER E 714 -16.23 -3.31 129.23
N ASN E 715 -17.14 -3.54 130.19
CA ASN E 715 -18.35 -4.31 129.93
C ASN E 715 -19.62 -3.52 130.25
N VAL E 716 -19.67 -2.25 129.85
CA VAL E 716 -20.81 -1.39 130.12
C VAL E 716 -21.79 -1.51 128.95
N ASN E 717 -23.08 -1.37 129.24
CA ASN E 717 -24.13 -1.45 128.22
C ASN E 717 -24.04 -0.33 127.18
N LEU E 718 -24.96 -0.37 126.21
CA LEU E 718 -24.71 0.27 124.91
C LEU E 718 -25.15 1.71 124.81
N GLU E 719 -26.28 2.11 125.42
CA GLU E 719 -26.88 3.37 125.01
C GLU E 719 -26.84 4.47 126.05
N GLU E 720 -26.77 4.14 127.35
CA GLU E 720 -26.91 5.18 128.38
C GLU E 720 -25.69 6.09 128.50
N GLN E 721 -24.50 5.57 128.21
CA GLN E 721 -23.28 6.35 128.20
C GLN E 721 -23.17 7.25 126.98
N PHE E 722 -24.06 7.08 126.00
CA PHE E 722 -24.00 7.91 124.80
C PHE E 722 -24.69 9.24 125.06
N LYS E 723 -25.50 9.31 126.13
CA LYS E 723 -25.91 10.60 126.66
C LYS E 723 -24.74 11.39 127.22
N GLU E 724 -23.70 10.70 127.69
CA GLU E 724 -22.54 11.39 128.25
C GLU E 724 -21.68 12.03 127.17
N ARG E 725 -21.41 11.31 126.08
CA ARG E 725 -20.52 11.81 125.04
C ARG E 725 -21.14 12.89 124.17
N LEU E 726 -22.48 12.98 124.12
CA LEU E 726 -23.09 14.17 123.54
C LEU E 726 -22.89 15.36 124.48
N ALA E 727 -22.99 16.56 123.91
CA ALA E 727 -22.76 17.77 124.67
C ALA E 727 -23.63 18.88 124.12
N LEU E 728 -24.01 19.80 125.01
CA LEU E 728 -24.81 20.96 124.66
C LEU E 728 -23.98 22.17 125.06
N TYR E 729 -23.25 22.73 124.10
CA TYR E 729 -22.27 23.78 124.34
C TYR E 729 -22.96 25.12 124.16
N ASN E 730 -23.47 25.70 125.25
CA ASN E 730 -24.12 26.98 125.15
C ASN E 730 -23.74 27.87 126.32
N ASN E 731 -23.87 29.18 126.10
CA ASN E 731 -23.23 30.23 126.92
C ASN E 731 -21.72 29.99 127.02
N ASN E 732 -21.12 29.57 125.90
CA ASN E 732 -19.68 29.38 125.71
C ASN E 732 -19.08 28.34 126.66
N ASN E 733 -19.90 27.41 127.13
CA ASN E 733 -19.42 26.29 127.94
C ASN E 733 -20.40 25.14 127.73
N ARG E 734 -20.06 23.97 128.24
CA ARG E 734 -20.90 22.79 128.10
C ARG E 734 -22.00 22.83 129.17
N MET E 735 -23.25 22.84 128.71
CA MET E 735 -24.38 22.89 129.63
C MET E 735 -25.08 21.55 129.81
N ASP E 736 -24.82 20.59 128.93
CA ASP E 736 -25.37 19.25 129.12
C ASP E 736 -24.75 18.58 130.34
N THR E 737 -23.44 18.36 130.29
CA THR E 737 -22.65 18.06 131.47
C THR E 737 -21.67 19.20 131.68
N CYS E 738 -21.09 19.25 132.88
CA CYS E 738 -20.06 20.25 133.15
C CYS E 738 -18.86 19.48 133.69
N VAL E 739 -17.91 19.20 132.80
CA VAL E 739 -16.76 18.37 133.10
C VAL E 739 -15.70 19.25 133.76
N VAL E 740 -15.37 18.92 135.01
CA VAL E 740 -14.62 19.81 135.88
C VAL E 740 -13.37 19.10 136.39
N ARG E 741 -12.21 19.76 136.26
CA ARG E 741 -10.99 19.28 136.87
C ARG E 741 -10.30 20.28 137.79
N ASN E 742 -10.78 21.52 137.87
CA ASN E 742 -10.18 22.52 138.74
C ASN E 742 -11.27 23.50 139.19
N THR E 743 -10.86 24.62 139.77
CA THR E 743 -11.80 25.63 140.23
C THR E 743 -12.00 26.77 139.24
N ASP E 744 -11.13 26.86 138.23
CA ASP E 744 -11.23 27.94 137.26
C ASP E 744 -12.41 27.79 136.31
N ASP E 745 -12.75 26.56 135.90
CA ASP E 745 -13.85 26.36 134.98
C ASP E 745 -15.21 26.44 135.67
N ILE E 746 -15.22 26.50 137.01
CA ILE E 746 -16.46 26.68 137.76
C ILE E 746 -17.08 28.06 137.47
N LYS E 747 -16.22 29.05 137.17
CA LYS E 747 -16.70 30.38 136.81
C LYS E 747 -17.52 30.34 135.52
N ALA E 748 -16.93 29.81 134.46
CA ALA E 748 -17.64 29.69 133.19
C ALA E 748 -18.78 28.67 133.27
N CYS E 749 -18.70 27.70 134.17
CA CYS E 749 -19.81 26.76 134.34
C CYS E 749 -21.02 27.43 134.97
N GLY E 750 -20.79 28.27 135.99
CA GLY E 750 -21.87 29.07 136.55
C GLY E 750 -22.36 30.13 135.59
N MET E 751 -21.49 30.63 134.70
CA MET E 751 -21.95 31.47 133.61
C MET E 751 -22.82 30.68 132.63
N ALA E 752 -22.52 29.41 132.45
CA ALA E 752 -23.29 28.59 131.51
C ALA E 752 -24.67 28.27 132.06
N ILE E 753 -24.75 27.92 133.35
CA ILE E 753 -26.03 27.55 133.95
C ILE E 753 -26.72 28.73 134.63
N GLY E 754 -26.11 29.90 134.63
CA GLY E 754 -26.76 31.10 135.15
C GLY E 754 -26.94 31.14 136.65
N ASN E 755 -25.92 30.77 137.41
CA ASN E 755 -25.99 30.69 138.86
C ASN E 755 -24.73 31.31 139.46
N GLN E 756 -24.92 32.29 140.36
CA GLN E 756 -23.80 32.92 141.04
C GLN E 756 -23.24 32.07 142.17
N SER E 757 -23.87 30.93 142.49
CA SER E 757 -23.32 29.99 143.45
C SER E 757 -22.09 29.26 142.91
N MET E 758 -21.87 29.29 141.61
CA MET E 758 -20.63 28.79 141.02
C MET E 758 -19.75 29.91 140.47
N VAL E 759 -20.24 31.16 140.49
CA VAL E 759 -19.50 32.28 139.94
C VAL E 759 -18.74 32.99 141.05
N ASN E 760 -19.45 33.38 142.11
CA ASN E 760 -18.83 34.14 143.18
C ASN E 760 -17.92 33.28 144.05
N ASN E 761 -18.22 31.99 144.18
CA ASN E 761 -17.42 31.08 145.00
C ASN E 761 -17.24 29.73 144.32
N PRO E 762 -16.06 29.44 143.76
CA PRO E 762 -15.83 28.13 143.14
C PRO E 762 -15.68 27.00 144.14
N ASP E 763 -15.21 27.29 145.35
CA ASP E 763 -15.06 26.29 146.39
C ASP E 763 -16.36 25.99 147.13
N ASN E 764 -17.47 26.60 146.71
CA ASN E 764 -18.78 26.25 147.27
C ASN E 764 -19.17 24.83 146.91
N TYR E 765 -18.81 24.37 145.71
CA TYR E 765 -19.17 23.06 145.22
C TYR E 765 -17.90 22.24 145.06
N LYS E 766 -17.74 21.19 145.87
CA LYS E 766 -16.52 20.41 145.93
C LYS E 766 -16.75 18.96 145.53
N TYR E 767 -17.82 18.70 144.77
CA TYR E 767 -18.15 17.37 144.28
C TYR E 767 -17.56 17.09 142.91
N LEU E 768 -16.56 17.88 142.50
CA LEU E 768 -16.18 18.00 141.10
C LEU E 768 -14.66 17.98 140.92
N ILE E 769 -13.94 17.45 141.91
CA ILE E 769 -12.50 17.26 141.79
C ILE E 769 -12.33 15.83 141.30
N GLY E 770 -12.02 15.69 140.01
CA GLY E 770 -11.99 14.38 139.41
C GLY E 770 -13.36 13.85 139.03
N LYS E 771 -14.38 14.70 139.07
CA LYS E 771 -15.75 14.30 138.76
C LYS E 771 -16.40 15.29 137.80
N ALA E 772 -17.69 15.11 137.57
CA ALA E 772 -18.49 16.04 136.79
C ALA E 772 -19.94 15.92 137.26
N TRP E 773 -20.85 16.50 136.47
CA TRP E 773 -22.27 16.41 136.78
C TRP E 773 -23.09 16.65 135.52
N LYS E 774 -24.08 15.79 135.30
CA LYS E 774 -25.03 15.99 134.23
C LYS E 774 -26.15 16.91 134.69
N ASN E 775 -26.55 17.84 133.83
CA ASN E 775 -27.55 18.82 134.20
C ASN E 775 -28.93 18.18 134.19
N ILE E 776 -29.61 18.26 135.34
CA ILE E 776 -31.00 17.85 135.40
C ILE E 776 -31.87 18.90 134.70
N GLY E 777 -32.91 18.43 134.02
CA GLY E 777 -33.66 19.27 133.13
C GLY E 777 -33.23 19.19 131.68
N ILE E 778 -32.24 18.36 131.38
CA ILE E 778 -31.78 18.11 130.01
C ILE E 778 -31.76 16.60 129.81
N SER E 779 -32.66 16.11 128.95
CA SER E 779 -32.79 14.68 128.71
C SER E 779 -32.53 14.40 127.24
N LYS E 780 -31.93 13.23 126.96
CA LYS E 780 -31.67 12.82 125.59
C LYS E 780 -31.98 11.35 125.41
N THR E 781 -32.24 10.96 124.17
CA THR E 781 -32.40 9.57 123.79
C THR E 781 -31.18 9.12 123.00
N ALA E 782 -30.72 7.89 123.26
CA ALA E 782 -29.59 7.33 122.53
C ALA E 782 -29.85 5.86 122.22
N ASN E 783 -31.13 5.48 122.23
CA ASN E 783 -31.49 4.09 121.98
C ASN E 783 -31.41 3.77 120.49
N GLY E 784 -31.82 2.55 120.15
CA GLY E 784 -31.68 2.04 118.81
C GLY E 784 -32.64 2.59 117.78
N SER E 785 -33.41 3.63 118.08
CA SER E 785 -34.41 4.12 117.13
C SER E 785 -34.43 5.63 116.97
N LYS E 786 -33.91 6.40 117.93
CA LYS E 786 -34.08 7.84 117.89
C LYS E 786 -33.03 8.50 118.78
N ILE E 787 -32.45 9.59 118.29
CA ILE E 787 -31.68 10.52 119.12
C ILE E 787 -32.41 11.85 119.11
N SER E 788 -33.04 12.19 120.23
CA SER E 788 -33.71 13.47 120.39
C SER E 788 -33.29 14.08 121.72
N VAL E 789 -33.14 15.40 121.73
CA VAL E 789 -32.67 16.13 122.90
C VAL E 789 -33.85 16.89 123.49
N TYR E 790 -34.07 16.71 124.79
CA TYR E 790 -35.21 17.29 125.50
C TYR E 790 -34.67 18.33 126.47
N TYR E 791 -34.45 19.54 125.97
CA TYR E 791 -34.01 20.66 126.81
C TYR E 791 -35.24 21.21 127.51
N LEU E 792 -35.38 20.89 128.79
CA LEU E 792 -36.54 21.33 129.56
C LEU E 792 -36.19 22.01 130.88
N GLY E 793 -34.90 22.11 131.22
CA GLY E 793 -34.55 22.82 132.43
C GLY E 793 -33.07 23.12 132.59
N ASN E 794 -32.78 24.39 132.88
CA ASN E 794 -31.44 24.79 133.32
C ASN E 794 -31.44 24.91 134.84
N SER E 795 -31.53 23.75 135.49
CA SER E 795 -31.70 23.69 136.93
C SER E 795 -30.35 23.78 137.63
N THR E 796 -30.38 24.32 138.84
CA THR E 796 -29.16 24.47 139.63
C THR E 796 -28.82 23.13 140.28
N PRO E 797 -27.64 22.57 140.04
CA PRO E 797 -27.28 21.32 140.70
C PRO E 797 -26.89 21.55 142.15
N THR E 798 -27.39 20.68 143.01
CA THR E 798 -26.94 20.67 144.40
C THR E 798 -25.56 20.02 144.49
N GLU E 799 -24.93 20.19 145.65
CA GLU E 799 -23.55 19.75 145.79
C GLU E 799 -23.45 18.23 145.96
N ASN E 800 -24.07 17.69 147.01
CA ASN E 800 -23.94 16.28 147.34
C ASN E 800 -25.30 15.61 147.41
N GLY E 801 -26.11 15.80 146.38
CA GLY E 801 -27.42 15.20 146.33
C GLY E 801 -27.62 14.22 145.19
N GLY E 802 -26.91 14.42 144.09
CA GLY E 802 -27.00 13.51 142.97
C GLY E 802 -26.74 14.24 141.66
N ASN E 803 -27.09 13.54 140.57
CA ASN E 803 -26.89 13.98 139.18
C ASN E 803 -25.42 14.29 138.90
N THR E 804 -24.52 13.48 139.45
CA THR E 804 -23.08 13.68 139.30
C THR E 804 -22.48 12.52 138.52
N THR E 805 -21.45 12.82 137.75
CA THR E 805 -20.73 11.81 136.98
C THR E 805 -19.24 11.91 137.32
N ASN E 806 -18.49 10.92 136.84
CA ASN E 806 -17.06 10.84 137.11
C ASN E 806 -16.29 11.24 135.85
N LEU E 807 -14.96 11.24 135.93
CA LEU E 807 -14.13 11.40 134.74
C LEU E 807 -13.84 10.03 134.13
N PRO E 808 -13.57 9.98 132.82
CA PRO E 808 -13.10 8.72 132.23
C PRO E 808 -11.75 8.28 132.77
N THR E 809 -10.74 9.16 132.66
CA THR E 809 -9.39 8.98 133.21
C THR E 809 -8.75 7.70 132.68
N ASN E 810 -8.46 7.70 131.39
CA ASN E 810 -7.82 6.56 130.74
C ASN E 810 -6.49 6.98 130.15
N THR E 811 -5.85 7.98 130.74
CA THR E 811 -4.55 8.44 130.30
C THR E 811 -3.52 8.27 131.40
N LEU F 27 -19.09 -33.74 32.72
CA LEU F 27 -18.77 -34.66 31.63
C LEU F 27 -17.38 -35.27 31.83
N LEU F 28 -16.47 -34.50 32.46
CA LEU F 28 -15.16 -35.03 32.78
C LEU F 28 -15.16 -35.83 34.07
N GLY F 29 -15.79 -35.32 35.12
CA GLY F 29 -15.71 -35.92 36.43
C GLY F 29 -14.63 -35.27 37.28
N TRP F 30 -14.89 -35.26 38.59
CA TRP F 30 -13.98 -34.60 39.51
C TRP F 30 -12.69 -35.40 39.68
N GLY F 31 -12.76 -36.73 39.51
CA GLY F 31 -11.60 -37.57 39.72
C GLY F 31 -10.52 -37.35 38.69
N LEU F 32 -10.90 -36.86 37.51
CA LEU F 32 -9.90 -36.42 36.54
C LEU F 32 -9.40 -35.03 36.87
N LYS F 33 -10.31 -34.14 37.28
CA LYS F 33 -10.01 -32.72 37.41
C LYS F 33 -9.03 -32.46 38.55
N GLN F 34 -9.28 -33.04 39.72
CA GLN F 34 -8.36 -32.84 40.83
C GLN F 34 -7.05 -33.55 40.59
N ALA F 35 -7.09 -34.73 39.95
CA ALA F 35 -5.86 -35.47 39.72
C ALA F 35 -4.98 -34.80 38.66
N GLU F 36 -5.55 -33.99 37.78
CA GLU F 36 -4.72 -33.23 36.86
C GLU F 36 -4.33 -31.86 37.40
N GLU F 37 -5.08 -31.28 38.33
CA GLU F 37 -4.68 -30.00 38.90
C GLU F 37 -3.74 -30.14 40.07
N ALA F 38 -3.64 -31.31 40.69
CA ALA F 38 -2.78 -31.45 41.86
C ALA F 38 -1.32 -31.53 41.46
N ASN F 39 -1.03 -32.01 40.26
CA ASN F 39 0.34 -32.12 39.77
C ASN F 39 0.58 -31.11 38.65
N LYS F 40 0.91 -29.87 39.04
CA LYS F 40 1.23 -28.82 38.09
C LYS F 40 2.40 -28.01 38.59
N THR F 41 3.20 -27.52 37.65
CA THR F 41 4.08 -26.40 37.95
C THR F 41 3.21 -25.17 38.21
N PRO F 42 3.63 -24.27 39.12
CA PRO F 42 2.79 -23.11 39.45
C PRO F 42 2.47 -22.18 38.29
N ASP F 43 3.51 -21.55 37.72
CA ASP F 43 3.43 -20.64 36.58
C ASP F 43 4.85 -20.35 36.13
N LYS F 44 4.97 -19.45 35.15
CA LYS F 44 6.23 -18.83 34.78
C LYS F 44 6.04 -17.32 34.79
N PRO F 45 6.14 -16.67 35.94
CA PRO F 45 5.97 -15.22 35.97
C PRO F 45 7.28 -14.47 35.87
N ASP F 46 7.24 -13.38 35.13
CA ASP F 46 8.29 -12.37 35.17
C ASP F 46 8.00 -11.40 36.30
N LYS F 47 9.02 -10.62 36.67
CA LYS F 47 8.97 -9.62 37.74
C LYS F 47 8.57 -10.25 39.08
N VAL F 48 9.46 -11.08 39.58
CA VAL F 48 9.27 -11.66 40.91
C VAL F 48 9.61 -10.58 41.93
N TRP F 49 8.59 -9.90 42.44
CA TRP F 49 8.80 -8.88 43.47
C TRP F 49 9.15 -9.56 44.77
N ARG F 50 9.98 -8.93 45.57
CA ARG F 50 10.30 -9.44 46.90
C ARG F 50 10.23 -8.31 47.91
N ILE F 51 9.41 -8.49 48.94
CA ILE F 51 9.23 -7.53 50.00
C ILE F 51 9.58 -8.21 51.31
N GLN F 52 10.46 -7.61 52.08
CA GLN F 52 10.80 -8.13 53.40
C GLN F 52 10.36 -7.12 54.44
N ALA F 53 9.58 -7.55 55.42
CA ALA F 53 9.20 -6.69 56.52
C ALA F 53 10.38 -6.57 57.47
N GLY F 54 11.03 -5.41 57.47
CA GLY F 54 12.24 -5.23 58.24
C GLY F 54 11.95 -4.89 59.70
N LYS F 55 12.62 -3.87 60.21
CA LYS F 55 12.45 -3.51 61.61
C LYS F 55 11.23 -2.62 61.78
N GLY F 56 10.66 -2.68 62.98
CA GLY F 56 9.43 -1.97 63.26
C GLY F 56 8.31 -2.90 63.62
N PHE F 57 8.22 -4.02 62.92
CA PHE F 57 7.11 -4.95 63.16
C PHE F 57 7.39 -5.91 64.30
N ASN F 58 8.63 -6.38 64.42
CA ASN F 58 8.92 -7.65 65.08
C ASN F 58 9.10 -7.53 66.59
N GLU F 59 8.55 -6.50 67.22
CA GLU F 59 8.62 -6.45 68.67
C GLU F 59 7.39 -5.86 69.36
N PHE F 60 6.29 -5.62 68.66
CA PHE F 60 5.02 -5.25 69.29
C PHE F 60 4.07 -6.43 69.17
N PRO F 61 3.93 -7.24 70.21
CA PRO F 61 3.16 -8.49 70.08
C PRO F 61 1.65 -8.32 70.01
N ASN F 62 1.11 -7.13 70.22
CA ASN F 62 -0.34 -7.01 70.34
C ASN F 62 -0.88 -5.79 69.61
N LYS F 63 -0.25 -5.39 68.51
CA LYS F 63 -0.55 -4.07 67.98
C LYS F 63 -1.83 -4.03 67.13
N GLU F 64 -2.24 -5.16 66.55
CA GLU F 64 -3.33 -5.25 65.57
C GLU F 64 -3.05 -4.33 64.38
N TYR F 65 -2.04 -4.76 63.63
CA TYR F 65 -1.66 -4.12 62.38
C TYR F 65 -2.76 -4.25 61.33
N ASP F 66 -2.63 -3.51 60.26
CA ASP F 66 -3.27 -3.84 59.00
C ASP F 66 -2.19 -4.44 58.12
N LEU F 67 -2.58 -5.30 57.19
CA LEU F 67 -1.61 -5.94 56.33
C LEU F 67 -1.67 -5.41 54.91
N TYR F 68 -2.86 -5.07 54.43
CA TYR F 68 -2.98 -4.49 53.11
C TYR F 68 -2.38 -3.09 53.07
N LYS F 69 -2.91 -2.20 53.91
CA LYS F 69 -2.54 -0.79 53.82
C LYS F 69 -1.13 -0.53 54.33
N SER F 70 -0.74 -1.19 55.43
CA SER F 70 0.57 -0.89 55.99
C SER F 70 1.69 -1.60 55.24
N LEU F 71 1.43 -2.75 54.64
CA LEU F 71 2.48 -3.45 53.91
C LEU F 71 2.16 -3.70 52.45
N LEU F 72 1.04 -4.34 52.14
CA LEU F 72 0.86 -4.92 50.82
C LEU F 72 0.46 -3.91 49.76
N SER F 73 -0.05 -2.76 50.14
CA SER F 73 -0.52 -1.81 49.14
C SER F 73 0.62 -1.09 48.42
N SER F 74 1.87 -1.34 48.83
CA SER F 74 3.00 -0.81 48.08
C SER F 74 3.14 -1.49 46.73
N LYS F 75 2.88 -2.79 46.67
CA LYS F 75 3.05 -3.55 45.43
C LYS F 75 1.79 -4.33 45.08
N ILE F 76 0.62 -3.85 45.50
CA ILE F 76 -0.66 -4.33 45.01
C ILE F 76 -1.50 -3.11 44.67
N ASP F 77 -1.82 -2.95 43.39
CA ASP F 77 -2.47 -1.75 42.90
C ASP F 77 -3.92 -2.05 42.54
N GLY F 78 -4.82 -1.20 43.01
CA GLY F 78 -6.21 -1.32 42.66
C GLY F 78 -6.49 -0.83 41.25
N GLY F 79 -7.75 -0.89 40.87
CA GLY F 79 -8.12 -0.40 39.56
C GLY F 79 -9.59 -0.55 39.21
N TRP F 80 -9.90 -0.37 37.92
CA TRP F 80 -11.25 -0.46 37.41
C TRP F 80 -11.22 -1.19 36.08
N ASP F 81 -12.04 -2.21 35.94
CA ASP F 81 -12.14 -2.96 34.68
C ASP F 81 -13.31 -2.40 33.89
N TRP F 82 -13.05 -1.97 32.66
CA TRP F 82 -14.11 -1.48 31.80
C TRP F 82 -14.97 -2.66 31.38
N GLY F 83 -16.11 -2.81 32.05
CA GLY F 83 -16.90 -4.02 31.99
C GLY F 83 -16.94 -4.65 33.37
N ASN F 84 -18.14 -4.66 33.95
CA ASN F 84 -18.56 -5.21 35.26
C ASN F 84 -17.51 -5.16 36.37
N ALA F 85 -17.03 -3.97 36.69
CA ALA F 85 -16.12 -3.82 37.82
C ALA F 85 -16.89 -3.34 39.04
N ALA F 86 -16.45 -3.84 40.19
CA ALA F 86 -16.68 -3.18 41.46
C ALA F 86 -15.38 -2.65 42.03
N THR F 87 -14.39 -3.52 42.23
CA THR F 87 -13.00 -3.14 42.33
C THR F 87 -12.22 -4.01 41.36
N HIS F 88 -10.91 -3.88 41.36
CA HIS F 88 -10.05 -4.65 40.48
C HIS F 88 -8.65 -4.62 41.03
N TYR F 89 -8.13 -5.77 41.44
CA TYR F 89 -6.81 -5.84 42.04
C TYR F 89 -5.93 -6.82 41.28
N TRP F 90 -4.68 -6.42 41.09
CA TRP F 90 -3.66 -7.28 40.54
C TRP F 90 -2.37 -6.98 41.28
N ILE F 91 -1.24 -7.42 40.75
CA ILE F 91 -0.02 -7.26 41.52
C ILE F 91 0.72 -6.00 41.10
N LYS F 92 1.27 -6.00 39.89
CA LYS F 92 1.97 -4.84 39.36
C LYS F 92 2.14 -4.96 37.86
N GLY F 93 1.47 -4.11 37.10
CA GLY F 93 1.56 -4.18 35.65
C GLY F 93 1.00 -5.44 35.05
N GLY F 94 -0.20 -5.83 35.44
CA GLY F 94 -0.84 -7.01 34.91
C GLY F 94 -0.99 -8.10 35.96
N GLN F 95 -1.66 -9.17 35.54
CA GLN F 95 -1.97 -10.28 36.44
C GLN F 95 -0.97 -11.42 36.33
N TRP F 96 0.24 -11.16 35.86
CA TRP F 96 1.20 -12.23 35.67
C TRP F 96 2.51 -11.97 36.38
N ASN F 97 2.46 -11.40 37.58
CA ASN F 97 3.64 -11.00 38.31
C ASN F 97 3.58 -11.53 39.74
N LYS F 98 4.57 -12.31 40.11
CA LYS F 98 4.66 -12.86 41.46
C LYS F 98 5.27 -11.84 42.40
N LEU F 99 4.70 -11.75 43.61
CA LEU F 99 5.40 -11.09 44.70
C LEU F 99 5.60 -12.12 45.80
N GLU F 100 6.41 -11.81 46.79
CA GLU F 100 6.46 -12.60 48.01
C GLU F 100 6.78 -11.70 49.20
N VAL F 101 6.32 -12.11 50.37
CA VAL F 101 6.57 -11.40 51.62
C VAL F 101 7.29 -12.36 52.54
N ASP F 102 8.44 -11.96 53.05
CA ASP F 102 9.27 -12.82 53.86
C ASP F 102 9.46 -12.18 55.22
N MET F 103 8.53 -12.39 56.13
CA MET F 103 8.66 -11.80 57.47
C MET F 103 9.50 -12.67 58.39
N LYS F 104 8.99 -13.85 58.72
CA LYS F 104 9.61 -14.91 59.52
C LYS F 104 9.88 -14.56 60.98
N ASP F 105 9.67 -13.31 61.39
CA ASP F 105 9.76 -12.97 62.80
C ASP F 105 8.78 -11.88 63.22
N ALA F 106 7.92 -11.41 62.33
CA ALA F 106 7.07 -10.28 62.66
C ALA F 106 5.93 -10.71 63.56
N VAL F 107 5.99 -10.28 64.81
CA VAL F 107 5.08 -10.73 65.85
C VAL F 107 3.94 -9.72 65.95
N GLY F 108 2.72 -10.22 66.01
CA GLY F 108 1.58 -9.36 66.19
C GLY F 108 0.32 -10.07 65.71
N THR F 109 -0.56 -9.28 65.10
CA THR F 109 -1.81 -9.78 64.55
C THR F 109 -2.24 -8.92 63.38
N TYR F 110 -2.46 -9.54 62.24
CA TYR F 110 -2.60 -8.88 60.96
C TYR F 110 -3.98 -9.15 60.39
N LYS F 111 -4.40 -8.31 59.46
CA LYS F 111 -5.71 -8.54 58.86
C LYS F 111 -5.73 -8.00 57.44
N LEU F 112 -6.56 -8.63 56.61
CA LEU F 112 -6.72 -8.20 55.22
C LEU F 112 -7.83 -7.18 55.08
N SER F 113 -9.07 -7.58 55.42
CA SER F 113 -10.20 -6.70 55.64
C SER F 113 -10.56 -5.87 54.41
N GLY F 114 -10.93 -6.55 53.34
CA GLY F 114 -11.53 -5.84 52.23
C GLY F 114 -10.88 -6.01 50.87
N LEU F 115 -10.03 -7.02 50.71
CA LEU F 115 -9.42 -7.28 49.41
C LEU F 115 -10.43 -8.06 48.56
N ARG F 116 -11.16 -7.33 47.73
CA ARG F 116 -12.25 -7.91 46.96
C ARG F 116 -11.92 -7.92 45.48
N ASN F 117 -12.30 -9.03 44.82
CA ASN F 117 -12.04 -9.28 43.39
C ASN F 117 -10.55 -9.18 43.08
N PHE F 118 -9.74 -9.84 43.90
CA PHE F 118 -8.30 -9.90 43.68
C PHE F 118 -8.00 -10.87 42.55
N THR F 119 -7.56 -10.35 41.41
CA THR F 119 -7.10 -11.23 40.34
C THR F 119 -5.66 -11.68 40.59
N GLY F 120 -4.73 -10.73 40.57
CA GLY F 120 -3.38 -10.91 41.08
C GLY F 120 -2.53 -12.02 40.51
N GLY F 121 -2.21 -12.99 41.34
CA GLY F 121 -1.34 -14.08 40.95
C GLY F 121 -0.12 -14.19 41.82
N ASP F 122 -0.01 -15.34 42.49
CA ASP F 122 1.21 -15.80 43.17
C ASP F 122 1.62 -14.89 44.32
N LEU F 123 0.73 -14.77 45.30
CA LEU F 123 1.13 -14.30 46.62
C LEU F 123 1.64 -15.47 47.43
N ASP F 124 2.49 -15.17 48.42
CA ASP F 124 2.78 -16.10 49.51
C ASP F 124 3.28 -15.28 50.69
N VAL F 125 2.41 -15.05 51.64
CA VAL F 125 2.71 -14.19 52.76
C VAL F 125 3.28 -15.04 53.88
N ASN F 126 4.58 -15.21 53.89
CA ASN F 126 5.25 -16.10 54.83
C ASN F 126 5.34 -15.38 56.17
N MET F 127 4.48 -15.77 57.11
CA MET F 127 4.38 -15.11 58.42
C MET F 127 4.48 -16.15 59.52
N GLN F 128 5.69 -16.54 59.89
CA GLN F 128 5.82 -17.34 61.09
C GLN F 128 5.56 -16.47 62.31
N LYS F 129 5.08 -17.13 63.38
CA LYS F 129 4.66 -16.55 64.68
C LYS F 129 3.86 -15.25 64.53
N ALA F 130 2.92 -15.23 63.59
CA ALA F 130 2.08 -14.08 63.33
C ALA F 130 0.64 -14.54 63.16
N THR F 131 -0.22 -14.15 64.08
CA THR F 131 -1.64 -14.44 63.98
C THR F 131 -2.24 -13.65 62.82
N LEU F 132 -3.00 -14.32 61.97
CA LEU F 132 -3.68 -13.65 60.88
C LEU F 132 -5.13 -13.41 61.30
N ARG F 133 -5.85 -12.63 60.49
CA ARG F 133 -7.29 -12.53 60.60
C ARG F 133 -7.81 -12.15 59.23
N LEU F 134 -8.33 -13.11 58.48
CA LEU F 134 -8.56 -12.88 57.06
C LEU F 134 -9.93 -12.27 56.79
N GLY F 135 -10.48 -11.52 57.73
CA GLY F 135 -11.72 -10.83 57.51
C GLY F 135 -12.10 -9.95 58.68
N GLN F 136 -12.43 -8.70 58.38
CA GLN F 136 -12.83 -7.75 59.42
C GLN F 136 -13.62 -6.66 58.70
N PHE F 137 -14.93 -6.60 58.97
CA PHE F 137 -15.87 -5.58 58.50
C PHE F 137 -16.16 -5.69 56.99
N ASN F 138 -15.43 -6.55 56.28
CA ASN F 138 -15.55 -6.68 54.84
C ASN F 138 -14.94 -8.02 54.46
N GLY F 139 -15.47 -8.62 53.39
CA GLY F 139 -15.03 -9.93 52.96
C GLY F 139 -13.77 -9.88 52.13
N ASN F 140 -13.44 -11.03 51.54
CA ASN F 140 -12.26 -11.18 50.71
C ASN F 140 -12.59 -12.06 49.52
N SER F 141 -11.77 -11.96 48.47
CA SER F 141 -12.01 -12.72 47.26
C SER F 141 -10.69 -12.97 46.55
N PHE F 142 -10.60 -14.11 45.88
CA PHE F 142 -9.37 -14.52 45.20
C PHE F 142 -9.76 -15.19 43.90
N THR F 143 -9.55 -14.51 42.78
CA THR F 143 -10.08 -14.91 41.50
C THR F 143 -8.94 -14.88 40.50
N SER F 144 -9.13 -15.47 39.32
CA SER F 144 -8.22 -15.27 38.20
C SER F 144 -9.03 -14.92 36.96
N TYR F 145 -8.32 -14.78 35.85
CA TYR F 145 -8.94 -14.52 34.55
C TYR F 145 -8.58 -15.62 33.56
N LYS F 146 -9.54 -15.95 32.70
CA LYS F 146 -9.31 -16.90 31.62
C LYS F 146 -8.58 -16.13 30.52
N ASP F 147 -7.26 -16.18 30.56
CA ASP F 147 -6.42 -15.56 29.56
C ASP F 147 -6.15 -16.58 28.45
N SER F 148 -5.22 -16.27 27.56
CA SER F 148 -4.74 -17.25 26.61
C SER F 148 -3.67 -18.16 27.19
N ALA F 149 -3.18 -17.86 28.40
CA ALA F 149 -2.21 -18.70 29.07
C ALA F 149 -2.83 -19.64 30.09
N ASP F 150 -4.07 -19.36 30.52
CA ASP F 150 -4.88 -20.19 31.41
C ASP F 150 -4.17 -20.41 32.76
N ARG F 151 -4.00 -19.31 33.47
CA ARG F 151 -3.19 -19.30 34.67
C ARG F 151 -4.04 -19.54 35.92
N THR F 152 -3.36 -19.90 37.00
CA THR F 152 -3.94 -20.03 38.33
C THR F 152 -3.58 -18.80 39.14
N THR F 153 -3.86 -18.85 40.44
CA THR F 153 -3.44 -17.78 41.34
C THR F 153 -2.40 -18.23 42.34
N ARG F 154 -2.56 -19.40 42.96
CA ARG F 154 -1.62 -20.00 43.91
C ARG F 154 -1.35 -19.09 45.11
N VAL F 155 -2.41 -18.47 45.61
CA VAL F 155 -2.32 -17.59 46.78
C VAL F 155 -2.00 -18.43 48.01
N ASP F 156 -0.94 -18.08 48.72
CA ASP F 156 -0.47 -18.88 49.84
C ASP F 156 -0.41 -18.02 51.10
N PHE F 157 -0.41 -18.67 52.25
CA PHE F 157 -0.21 -18.02 53.54
C PHE F 157 0.51 -18.99 54.45
N ASN F 158 1.19 -18.47 55.46
CA ASN F 158 1.94 -19.36 56.34
C ASN F 158 1.88 -18.87 57.78
N ALA F 159 0.70 -18.51 58.26
CA ALA F 159 0.54 -17.84 59.54
C ALA F 159 0.66 -18.83 60.71
N LYS F 160 0.22 -18.42 61.90
CA LYS F 160 0.28 -19.28 63.08
C LYS F 160 -1.10 -19.71 63.53
N ASN F 161 -2.00 -18.78 63.80
CA ASN F 161 -3.43 -19.00 63.70
C ASN F 161 -3.89 -18.30 62.44
N ILE F 162 -5.14 -18.47 62.04
CA ILE F 162 -5.65 -17.80 60.85
C ILE F 162 -6.92 -17.00 61.12
N LEU F 163 -7.92 -17.62 61.76
CA LEU F 163 -9.09 -16.92 62.32
C LEU F 163 -9.85 -16.12 61.26
N ILE F 164 -10.54 -16.87 60.38
CA ILE F 164 -11.12 -16.32 59.14
C ILE F 164 -12.06 -15.15 59.42
N ASP F 165 -13.09 -15.38 60.23
CA ASP F 165 -13.88 -14.35 60.92
C ASP F 165 -14.72 -13.42 60.04
N ASN F 166 -14.63 -13.54 58.72
CA ASN F 166 -15.59 -12.94 57.79
C ASN F 166 -15.44 -13.69 56.48
N PHE F 167 -16.40 -13.50 55.57
CA PHE F 167 -16.54 -14.40 54.43
C PHE F 167 -15.40 -14.24 53.44
N LEU F 168 -15.17 -15.30 52.69
CA LEU F 168 -14.09 -15.38 51.72
C LEU F 168 -14.60 -16.15 50.51
N GLU F 169 -14.49 -15.56 49.33
CA GLU F 169 -15.04 -16.15 48.12
C GLU F 169 -13.92 -16.48 47.15
N ILE F 170 -13.60 -17.76 47.04
CA ILE F 170 -12.50 -18.22 46.22
C ILE F 170 -13.03 -18.48 44.83
N ASN F 171 -12.39 -17.86 43.83
CA ASN F 171 -12.78 -17.92 42.42
C ASN F 171 -14.21 -17.46 42.22
N ASN F 172 -14.52 -16.24 42.65
CA ASN F 172 -15.89 -15.75 42.53
C ASN F 172 -16.15 -15.24 41.12
N ARG F 173 -17.33 -14.68 40.92
CA ARG F 173 -17.57 -13.84 39.76
C ARG F 173 -17.05 -12.45 40.08
N VAL F 174 -16.42 -11.82 39.08
CA VAL F 174 -15.82 -10.51 39.30
C VAL F 174 -16.89 -9.44 39.48
N GLY F 175 -17.68 -9.21 38.44
CA GLY F 175 -18.84 -8.37 38.55
C GLY F 175 -20.12 -9.13 38.27
N SER F 176 -20.64 -8.97 37.07
CA SER F 176 -21.88 -9.62 36.64
C SER F 176 -21.69 -10.09 35.20
N GLY F 177 -21.24 -11.33 35.05
CA GLY F 177 -21.28 -12.02 33.78
C GLY F 177 -20.25 -11.61 32.75
N ALA F 178 -20.35 -10.38 32.25
CA ALA F 178 -19.60 -9.97 31.06
C ALA F 178 -18.14 -9.66 31.41
N GLY F 179 -17.43 -9.07 30.46
CA GLY F 179 -16.02 -8.85 30.64
C GLY F 179 -15.25 -10.15 30.48
N ARG F 180 -14.15 -10.26 31.22
CA ARG F 180 -13.34 -11.46 31.17
C ARG F 180 -13.84 -12.48 32.19
N LYS F 181 -13.81 -13.75 31.78
CA LYS F 181 -14.30 -14.82 32.63
C LYS F 181 -13.22 -15.28 33.59
N ALA F 182 -13.62 -16.10 34.56
CA ALA F 182 -12.76 -16.50 35.66
C ALA F 182 -12.23 -17.91 35.43
N SER F 183 -10.91 -18.07 35.51
CA SER F 183 -10.27 -19.37 35.41
C SER F 183 -10.07 -19.95 36.81
N SER F 184 -9.23 -20.98 36.92
CA SER F 184 -9.04 -21.69 38.16
C SER F 184 -8.20 -20.89 39.15
N THR F 185 -8.11 -21.41 40.37
CA THR F 185 -7.31 -20.82 41.42
C THR F 185 -6.95 -21.89 42.45
N VAL F 186 -5.98 -21.56 43.30
CA VAL F 186 -5.57 -22.41 44.42
C VAL F 186 -5.30 -21.50 45.61
N LEU F 187 -5.95 -21.79 46.73
CA LEU F 187 -5.66 -21.10 47.97
C LEU F 187 -5.02 -22.08 48.93
N THR F 188 -3.97 -21.66 49.62
CA THR F 188 -3.29 -22.51 50.57
C THR F 188 -3.16 -21.80 51.90
N LEU F 189 -3.69 -22.40 52.94
CA LEU F 189 -3.65 -21.83 54.27
C LEU F 189 -2.90 -22.79 55.17
N GLN F 190 -1.74 -22.37 55.65
CA GLN F 190 -0.78 -23.31 56.20
C GLN F 190 -0.35 -22.89 57.60
N ALA F 191 -1.32 -22.70 58.47
CA ALA F 191 -1.04 -22.34 59.86
C ALA F 191 -0.38 -23.49 60.61
N SER F 192 -0.10 -23.24 61.89
CA SER F 192 0.50 -24.26 62.72
C SER F 192 -0.12 -24.34 64.12
N GLU F 193 -1.25 -23.69 64.34
CA GLU F 193 -1.96 -23.82 65.61
C GLU F 193 -3.45 -23.99 65.48
N GLY F 194 -4.03 -23.74 64.32
CA GLY F 194 -5.44 -23.96 64.12
C GLY F 194 -5.99 -22.97 63.11
N ILE F 195 -6.90 -23.45 62.28
CA ILE F 195 -7.60 -22.62 61.31
C ILE F 195 -9.05 -22.62 61.77
N THR F 196 -9.42 -21.68 62.62
CA THR F 196 -10.80 -21.64 63.06
C THR F 196 -11.55 -20.66 62.19
N SER F 197 -12.77 -20.34 62.58
CA SER F 197 -13.62 -19.44 61.83
C SER F 197 -14.70 -18.90 62.75
N SER F 198 -15.37 -17.85 62.32
CA SER F 198 -16.49 -17.35 63.09
C SER F 198 -17.80 -17.90 62.54
N LYS F 199 -18.90 -17.44 63.11
CA LYS F 199 -20.21 -18.00 62.80
C LYS F 199 -20.71 -17.52 61.44
N ASN F 200 -20.45 -16.27 61.10
CA ASN F 200 -20.94 -15.68 59.85
C ASN F 200 -19.87 -15.58 58.78
N ALA F 201 -18.98 -16.57 58.69
CA ALA F 201 -17.91 -16.56 57.70
C ALA F 201 -18.24 -17.57 56.61
N GLU F 202 -18.85 -17.08 55.54
CA GLU F 202 -19.29 -17.92 54.43
C GLU F 202 -18.11 -18.18 53.51
N ILE F 203 -17.48 -19.33 53.67
CA ILE F 203 -16.49 -19.77 52.70
C ILE F 203 -17.23 -20.35 51.51
N SER F 204 -17.05 -19.75 50.34
CA SER F 204 -17.80 -20.19 49.17
C SER F 204 -16.84 -20.28 48.00
N LEU F 205 -16.31 -21.46 47.76
CA LEU F 205 -15.41 -21.70 46.66
C LEU F 205 -16.18 -22.27 45.48
N TYR F 206 -15.76 -21.88 44.27
CA TYR F 206 -16.60 -22.06 43.09
C TYR F 206 -15.93 -23.02 42.11
N ASP F 207 -16.42 -22.99 40.86
CA ASP F 207 -16.12 -23.92 39.76
C ASP F 207 -14.66 -24.34 39.63
N GLY F 208 -13.72 -23.43 39.80
CA GLY F 208 -12.34 -23.82 39.57
C GLY F 208 -11.51 -23.88 40.83
N ALA F 209 -12.11 -23.56 41.97
CA ALA F 209 -11.36 -23.28 43.16
C ALA F 209 -10.98 -24.55 43.91
N THR F 210 -9.82 -24.50 44.56
CA THR F 210 -9.40 -25.51 45.50
C THR F 210 -9.08 -24.83 46.82
N LEU F 211 -8.61 -25.61 47.78
CA LEU F 211 -8.24 -25.09 49.09
C LEU F 211 -7.36 -26.14 49.76
N ASN F 212 -6.15 -25.78 50.13
CA ASN F 212 -5.28 -26.70 50.84
C ASN F 212 -5.07 -26.18 52.26
N LEU F 213 -5.22 -27.05 53.25
CA LEU F 213 -5.04 -26.67 54.64
C LEU F 213 -3.96 -27.55 55.22
N ALA F 214 -3.19 -27.04 56.17
CA ALA F 214 -2.10 -27.86 56.71
C ALA F 214 -1.84 -27.66 58.18
N SER F 215 -2.78 -27.08 58.91
CA SER F 215 -2.58 -26.84 60.33
C SER F 215 -3.01 -28.09 61.11
N ASN F 216 -3.22 -27.98 62.40
CA ASN F 216 -3.99 -28.99 63.11
C ASN F 216 -5.28 -28.37 63.64
N SER F 217 -6.34 -29.19 63.64
CA SER F 217 -7.68 -28.87 64.15
C SER F 217 -8.30 -27.69 63.42
N VAL F 218 -8.57 -27.90 62.14
CA VAL F 218 -9.47 -27.04 61.39
C VAL F 218 -10.85 -27.14 62.00
N LYS F 219 -11.45 -26.00 62.34
CA LYS F 219 -12.83 -26.02 62.84
C LYS F 219 -13.62 -24.85 62.27
N LEU F 220 -14.16 -25.06 61.07
CA LEU F 220 -14.87 -24.02 60.34
C LEU F 220 -16.31 -23.98 60.82
N ASN F 221 -16.62 -23.02 61.68
CA ASN F 221 -17.95 -22.95 62.26
C ASN F 221 -18.94 -22.17 61.39
N GLY F 222 -18.69 -22.04 60.09
CA GLY F 222 -19.55 -21.28 59.22
C GLY F 222 -19.96 -22.05 57.98
N ASN F 223 -20.70 -21.36 57.12
CA ASN F 223 -21.26 -21.93 55.90
C ASN F 223 -20.14 -22.18 54.91
N VAL F 224 -19.68 -23.43 54.82
CA VAL F 224 -18.81 -23.80 53.72
C VAL F 224 -19.66 -24.15 52.52
N TRP F 225 -19.39 -23.51 51.39
CA TRP F 225 -20.29 -23.57 50.23
C TRP F 225 -19.50 -24.03 49.01
N MET F 226 -19.36 -25.33 48.83
CA MET F 226 -18.65 -25.86 47.67
C MET F 226 -19.56 -25.85 46.46
N GLY F 227 -19.21 -25.07 45.45
CA GLY F 227 -20.01 -25.06 44.25
C GLY F 227 -21.13 -24.05 44.35
N ARG F 228 -21.14 -23.07 43.46
CA ARG F 228 -22.17 -22.04 43.50
C ARG F 228 -22.41 -21.61 42.07
N LEU F 229 -23.55 -20.97 41.84
CA LEU F 229 -23.84 -20.37 40.53
C LEU F 229 -22.84 -19.27 40.29
N GLN F 230 -21.86 -19.56 39.44
CA GLN F 230 -20.81 -18.59 39.16
C GLN F 230 -21.35 -17.45 38.32
N TYR F 231 -22.25 -17.74 37.40
CA TYR F 231 -22.88 -16.74 36.57
C TYR F 231 -24.39 -16.76 36.82
N VAL F 232 -25.11 -15.89 36.13
CA VAL F 232 -26.46 -15.55 36.55
C VAL F 232 -27.48 -16.61 36.13
N GLY F 233 -27.27 -17.27 35.00
CA GLY F 233 -28.29 -18.19 34.51
C GLY F 233 -27.76 -19.55 34.12
N ALA F 234 -26.43 -19.72 34.17
CA ALA F 234 -25.80 -20.96 33.72
C ALA F 234 -26.05 -22.06 34.77
N TYR F 235 -27.21 -22.70 34.63
CA TYR F 235 -27.54 -23.82 35.49
C TYR F 235 -26.87 -25.11 35.06
N LEU F 236 -26.20 -25.11 33.91
CA LEU F 236 -25.60 -26.32 33.36
C LEU F 236 -24.08 -26.30 33.44
N ALA F 237 -23.51 -25.56 34.38
CA ALA F 237 -22.08 -25.57 34.56
C ALA F 237 -21.64 -26.86 35.25
N PRO F 238 -20.41 -27.31 35.02
CA PRO F 238 -19.88 -28.46 35.77
C PRO F 238 -19.72 -28.18 37.25
N SER F 239 -18.99 -27.10 37.59
CA SER F 239 -18.84 -26.57 38.95
C SER F 239 -18.23 -27.60 39.90
N TYR F 240 -16.95 -27.88 39.65
CA TYR F 240 -16.17 -28.71 40.56
C TYR F 240 -15.59 -27.86 41.69
N SER F 241 -15.02 -28.54 42.69
CA SER F 241 -14.30 -27.89 43.78
C SER F 241 -13.45 -28.94 44.48
N THR F 242 -12.72 -28.49 45.49
CA THR F 242 -11.83 -29.33 46.28
C THR F 242 -11.48 -28.61 47.57
N ILE F 243 -11.61 -29.28 48.70
CA ILE F 243 -11.04 -28.78 49.95
C ILE F 243 -10.10 -29.84 50.47
N ASN F 244 -8.84 -29.76 50.06
CA ASN F 244 -7.86 -30.82 50.28
C ASN F 244 -7.23 -30.60 51.65
N THR F 245 -7.90 -31.07 52.69
CA THR F 245 -7.36 -30.96 54.04
C THR F 245 -6.44 -32.11 54.36
N SER F 246 -5.46 -32.37 53.51
CA SER F 246 -4.66 -33.59 53.59
C SER F 246 -3.69 -33.60 54.75
N LYS F 247 -3.12 -32.47 55.10
CA LYS F 247 -2.01 -32.46 56.05
C LYS F 247 -2.48 -32.31 57.49
N VAL F 248 -3.78 -32.24 57.73
CA VAL F 248 -4.31 -31.80 59.00
C VAL F 248 -4.11 -32.90 60.03
N THR F 249 -3.16 -32.68 60.94
CA THR F 249 -2.81 -33.70 61.92
C THR F 249 -3.71 -33.70 63.14
N GLY F 250 -4.74 -32.86 63.17
CA GLY F 250 -5.55 -32.75 64.37
C GLY F 250 -6.97 -33.24 64.19
N GLU F 251 -7.93 -32.35 64.36
CA GLU F 251 -9.35 -32.69 64.42
C GLU F 251 -10.11 -31.83 63.42
N VAL F 252 -10.41 -32.40 62.26
CA VAL F 252 -11.22 -31.69 61.27
C VAL F 252 -12.63 -31.57 61.82
N ASN F 253 -13.23 -30.39 61.67
CA ASN F 253 -14.55 -30.18 62.25
C ASN F 253 -15.27 -29.14 61.38
N PHE F 254 -16.02 -29.60 60.39
CA PHE F 254 -16.91 -28.66 59.74
C PHE F 254 -18.14 -28.44 60.61
N ASN F 255 -18.97 -27.50 60.19
CA ASN F 255 -20.20 -27.33 60.95
C ASN F 255 -21.41 -27.27 60.03
N HIS F 256 -21.25 -26.68 58.85
CA HIS F 256 -22.38 -26.50 57.96
C HIS F 256 -21.83 -26.56 56.53
N LEU F 257 -21.89 -27.74 55.94
CA LEU F 257 -21.40 -27.93 54.60
C LEU F 257 -22.54 -27.93 53.61
N THR F 258 -22.37 -27.21 52.52
CA THR F 258 -23.43 -27.08 51.54
C THR F 258 -22.86 -27.21 50.14
N VAL F 259 -23.25 -28.26 49.44
CA VAL F 259 -22.70 -28.58 48.13
C VAL F 259 -23.72 -28.24 47.08
N GLY F 260 -23.32 -27.45 46.10
CA GLY F 260 -24.15 -27.31 44.92
C GLY F 260 -25.23 -26.26 45.09
N ASP F 261 -25.55 -25.61 43.98
CA ASP F 261 -26.64 -24.64 43.94
C ASP F 261 -27.11 -24.55 42.48
N HIS F 262 -28.27 -25.15 42.21
CA HIS F 262 -28.96 -25.07 40.91
C HIS F 262 -28.13 -25.61 39.76
N ASN F 263 -27.30 -26.61 40.04
CA ASN F 263 -26.47 -27.24 39.03
C ASN F 263 -26.06 -28.63 39.52
N ALA F 264 -25.28 -29.32 38.70
CA ALA F 264 -24.79 -30.66 39.04
C ALA F 264 -23.34 -30.53 39.53
N ALA F 265 -23.20 -30.07 40.77
CA ALA F 265 -21.88 -29.87 41.33
C ALA F 265 -21.31 -31.19 41.84
N GLN F 266 -20.02 -31.39 41.63
CA GLN F 266 -19.32 -32.59 42.05
C GLN F 266 -18.13 -32.16 42.89
N ALA F 267 -18.34 -32.03 44.19
CA ALA F 267 -17.30 -31.60 45.09
C ALA F 267 -16.54 -32.80 45.64
N GLY F 268 -15.39 -32.53 46.23
CA GLY F 268 -14.57 -33.59 46.77
C GLY F 268 -13.69 -33.07 47.89
N ILE F 269 -13.63 -33.83 48.97
CA ILE F 269 -12.84 -33.47 50.14
C ILE F 269 -11.86 -34.59 50.41
N ILE F 270 -10.59 -34.32 50.20
CA ILE F 270 -9.55 -35.30 50.48
C ILE F 270 -9.14 -35.08 51.92
N ALA F 271 -9.75 -35.80 52.83
CA ALA F 271 -9.64 -35.49 54.24
C ALA F 271 -8.44 -36.22 54.85
N SER F 272 -8.37 -36.23 56.18
CA SER F 272 -7.28 -36.81 56.94
C SER F 272 -7.83 -37.79 57.97
N ASN F 273 -8.66 -38.72 57.48
CA ASN F 273 -9.18 -39.93 58.14
C ASN F 273 -9.83 -39.70 59.50
N LYS F 274 -10.33 -38.49 59.76
CA LYS F 274 -11.25 -38.25 60.87
C LYS F 274 -11.98 -36.95 60.55
N THR F 275 -13.25 -37.05 60.17
CA THR F 275 -13.95 -35.88 59.64
C THR F 275 -15.33 -35.79 60.27
N HIS F 276 -15.42 -35.19 61.44
CA HIS F 276 -16.72 -34.84 61.97
C HIS F 276 -17.21 -33.62 61.22
N ILE F 277 -18.37 -33.71 60.58
CA ILE F 277 -19.01 -32.52 60.07
C ILE F 277 -20.36 -32.39 60.76
N GLY F 278 -21.03 -31.29 60.46
CA GLY F 278 -22.36 -31.07 60.99
C GLY F 278 -23.41 -31.26 59.93
N THR F 279 -24.24 -30.24 59.74
CA THR F 279 -25.33 -30.32 58.78
C THR F 279 -24.81 -30.27 57.35
N LEU F 280 -25.09 -31.32 56.59
CA LEU F 280 -24.77 -31.39 55.18
C LEU F 280 -26.03 -31.12 54.37
N ASP F 281 -25.95 -30.21 53.41
CA ASP F 281 -27.11 -29.81 52.63
C ASP F 281 -26.78 -29.98 51.15
N LEU F 282 -27.05 -31.16 50.60
CA LEU F 282 -26.83 -31.38 49.18
C LEU F 282 -27.90 -30.67 48.35
N TRP F 283 -27.67 -30.67 47.05
CA TRP F 283 -28.66 -30.20 46.09
C TRP F 283 -29.34 -31.44 45.50
N GLN F 284 -30.20 -31.26 44.50
CA GLN F 284 -30.85 -32.37 43.81
C GLN F 284 -29.85 -33.26 43.11
N SER F 285 -28.88 -32.68 42.45
CA SER F 285 -27.92 -33.40 41.62
C SER F 285 -26.49 -33.12 42.05
N ALA F 286 -26.26 -33.06 43.36
CA ALA F 286 -24.95 -32.70 43.88
C ALA F 286 -24.21 -33.94 44.36
N GLY F 287 -22.99 -34.11 43.87
CA GLY F 287 -22.14 -35.20 44.30
C GLY F 287 -21.17 -34.76 45.39
N LEU F 288 -20.54 -35.75 46.01
CA LEU F 288 -19.58 -35.47 47.08
C LEU F 288 -18.62 -36.65 47.17
N ASN F 289 -17.33 -36.37 47.03
CA ASN F 289 -16.33 -37.44 47.05
C ASN F 289 -15.41 -37.20 48.23
N ILE F 290 -15.83 -37.65 49.41
CA ILE F 290 -14.97 -37.63 50.58
C ILE F 290 -14.00 -38.78 50.43
N ILE F 291 -12.71 -38.50 50.41
CA ILE F 291 -11.71 -39.52 50.16
C ILE F 291 -10.80 -39.60 51.37
N ALA F 292 -10.85 -40.71 52.07
CA ALA F 292 -9.91 -40.97 53.15
C ALA F 292 -8.54 -41.30 52.56
N PRO F 293 -7.47 -41.13 53.33
CA PRO F 293 -6.13 -41.48 52.82
C PRO F 293 -5.96 -42.99 52.72
N PRO F 294 -4.91 -43.46 52.02
CA PRO F 294 -4.63 -44.91 52.00
C PRO F 294 -4.09 -45.43 53.32
N GLU F 295 -3.65 -46.69 53.30
CA GLU F 295 -3.28 -47.40 54.52
C GLU F 295 -2.07 -46.77 55.21
N GLY F 296 -0.98 -46.60 54.48
CA GLY F 296 0.21 -46.04 55.08
C GLY F 296 0.25 -44.53 55.01
N GLY F 297 -0.86 -43.92 54.58
CA GLY F 297 -0.88 -42.50 54.34
C GLY F 297 -0.21 -42.14 53.04
N TYR F 298 -0.28 -40.86 52.71
CA TYR F 298 0.33 -40.37 51.48
C TYR F 298 1.84 -40.31 51.62
N LYS F 299 2.54 -40.80 50.60
CA LYS F 299 4.00 -40.74 50.44
C LYS F 299 4.79 -41.34 51.60
N GLN F 335 8.38 -29.92 14.66
CA GLN F 335 9.57 -29.10 14.81
C GLN F 335 10.54 -29.73 15.80
N LYS F 336 10.06 -29.99 17.01
CA LYS F 336 10.86 -30.60 18.06
C LYS F 336 9.92 -31.24 19.07
N THR F 337 10.28 -32.45 19.49
CA THR F 337 9.52 -33.11 20.54
C THR F 337 9.77 -32.42 21.88
N GLU F 338 8.82 -32.58 22.79
CA GLU F 338 8.99 -32.10 24.15
C GLU F 338 8.28 -33.04 25.12
N VAL F 339 8.95 -33.34 26.22
CA VAL F 339 8.49 -34.36 27.15
C VAL F 339 7.67 -33.68 28.23
N GLN F 340 6.36 -33.92 28.23
CA GLN F 340 5.54 -33.47 29.33
C GLN F 340 5.83 -34.33 30.56
N PRO F 341 5.68 -33.78 31.76
CA PRO F 341 6.02 -34.55 32.96
C PRO F 341 5.00 -35.63 33.24
N THR F 342 5.39 -36.56 34.11
CA THR F 342 4.56 -37.70 34.44
C THR F 342 3.35 -37.27 35.25
N GLN F 343 2.18 -37.38 34.62
CA GLN F 343 0.92 -36.98 35.23
C GLN F 343 0.35 -38.22 35.91
N VAL F 344 0.76 -38.46 37.15
CA VAL F 344 0.28 -39.61 37.91
C VAL F 344 -1.18 -39.36 38.26
N ILE F 345 -2.03 -40.33 37.98
CA ILE F 345 -3.47 -40.19 38.16
C ILE F 345 -3.89 -41.16 39.26
N ASP F 346 -5.08 -40.94 39.82
CA ASP F 346 -5.58 -41.74 40.91
C ASP F 346 -6.80 -42.52 40.47
N GLY F 347 -6.95 -43.72 41.01
CA GLY F 347 -8.18 -44.46 40.87
C GLY F 347 -8.91 -44.49 42.20
N PRO F 348 -10.11 -45.06 42.22
CA PRO F 348 -10.81 -45.22 43.49
C PRO F 348 -10.18 -46.32 44.34
N PHE F 349 -9.44 -45.93 45.36
CA PHE F 349 -8.74 -46.88 46.20
C PHE F 349 -9.49 -47.11 47.49
N ALA F 350 -8.91 -47.90 48.39
CA ALA F 350 -9.50 -48.21 49.67
C ALA F 350 -8.84 -47.36 50.74
N GLY F 351 -9.63 -46.84 51.67
CA GLY F 351 -9.08 -46.09 52.78
C GLY F 351 -8.34 -46.98 53.75
N GLY F 352 -7.69 -46.35 54.72
CA GLY F 352 -6.99 -47.07 55.77
C GLY F 352 -7.96 -47.73 56.75
N LYS F 353 -7.39 -48.22 57.84
CA LYS F 353 -8.18 -49.00 58.79
C LYS F 353 -9.09 -48.12 59.62
N ASP F 354 -8.54 -47.10 60.28
CA ASP F 354 -9.31 -46.22 61.15
C ASP F 354 -9.65 -44.90 60.45
N THR F 355 -10.47 -45.02 59.41
CA THR F 355 -10.93 -43.87 58.64
C THR F 355 -12.41 -43.68 58.92
N VAL F 356 -12.75 -42.59 59.59
CA VAL F 356 -14.09 -42.37 60.12
C VAL F 356 -14.62 -41.06 59.56
N VAL F 357 -15.85 -41.07 59.05
CA VAL F 357 -16.49 -39.87 58.54
C VAL F 357 -17.82 -39.71 59.26
N ASN F 358 -17.86 -38.88 60.28
CA ASN F 358 -19.01 -38.79 61.18
C ASN F 358 -19.96 -37.69 60.73
N ILE F 359 -20.50 -37.81 59.53
CA ILE F 359 -21.52 -36.87 59.06
C ILE F 359 -22.76 -37.05 59.89
N ASP F 360 -23.31 -35.97 60.44
CA ASP F 360 -24.38 -36.14 61.40
C ASP F 360 -25.75 -35.66 60.95
N ARG F 361 -25.87 -35.04 59.78
CA ARG F 361 -27.18 -34.70 59.21
C ARG F 361 -27.07 -34.48 57.72
N ILE F 362 -27.92 -35.14 56.94
CA ILE F 362 -27.91 -35.00 55.49
C ILE F 362 -29.28 -34.46 55.09
N ASN F 363 -29.35 -33.21 54.68
CA ASN F 363 -30.58 -32.69 54.12
C ASN F 363 -30.43 -32.61 52.60
N THR F 364 -31.46 -32.10 51.94
CA THR F 364 -31.43 -31.89 50.49
C THR F 364 -32.39 -30.78 50.16
N LYS F 365 -31.91 -29.77 49.43
CA LYS F 365 -32.78 -28.71 48.95
C LYS F 365 -33.28 -29.07 47.55
N ALA F 366 -34.57 -29.35 47.44
CA ALA F 366 -35.11 -29.88 46.19
C ALA F 366 -36.24 -28.99 45.69
N ASP F 367 -35.89 -28.09 44.77
CA ASP F 367 -36.90 -27.37 44.00
C ASP F 367 -36.34 -27.14 42.60
N GLY F 368 -37.21 -26.72 41.70
CA GLY F 368 -36.78 -26.42 40.35
C GLY F 368 -37.57 -27.13 39.28
N THR F 369 -36.89 -27.60 38.24
CA THR F 369 -37.58 -28.23 37.12
C THR F 369 -37.97 -29.66 37.47
N ILE F 370 -38.57 -30.34 36.49
CA ILE F 370 -38.98 -31.72 36.62
C ILE F 370 -38.38 -32.50 35.46
N LYS F 371 -37.61 -33.53 35.77
CA LYS F 371 -36.95 -34.34 34.77
C LYS F 371 -37.67 -35.69 34.72
N VAL F 372 -37.30 -36.52 33.74
CA VAL F 372 -37.96 -37.80 33.51
C VAL F 372 -37.73 -38.80 34.63
N GLY F 373 -36.71 -38.60 35.46
CA GLY F 373 -36.49 -39.39 36.64
C GLY F 373 -36.42 -38.49 37.86
N GLY F 374 -35.57 -38.85 38.80
CA GLY F 374 -35.27 -37.98 39.91
C GLY F 374 -34.16 -37.02 39.54
N PHE F 375 -33.23 -36.80 40.47
CA PHE F 375 -31.96 -36.17 40.11
C PHE F 375 -30.76 -36.83 40.75
N LYS F 376 -30.96 -37.73 41.72
CA LYS F 376 -29.94 -38.60 42.31
C LYS F 376 -28.81 -37.78 42.95
N ALA F 377 -29.18 -37.13 44.06
CA ALA F 377 -28.18 -36.62 44.98
C ALA F 377 -27.36 -37.78 45.52
N SER F 378 -26.06 -37.55 45.71
CA SER F 378 -25.17 -38.64 46.03
C SER F 378 -23.98 -38.14 46.81
N LEU F 379 -23.42 -39.01 47.65
CA LEU F 379 -22.12 -38.78 48.23
C LEU F 379 -21.36 -40.09 48.16
N THR F 380 -20.05 -40.00 47.98
CA THR F 380 -19.22 -41.17 47.74
C THR F 380 -18.03 -41.14 48.68
N THR F 381 -17.90 -42.18 49.49
CA THR F 381 -16.91 -42.22 50.54
C THR F 381 -16.15 -43.52 50.44
N ASN F 382 -14.83 -43.47 50.42
CA ASN F 382 -14.06 -44.70 50.51
C ASN F 382 -13.38 -44.86 51.86
N ALA F 383 -14.04 -44.44 52.93
CA ALA F 383 -13.52 -44.68 54.26
C ALA F 383 -14.01 -46.01 54.80
N ALA F 384 -13.33 -46.50 55.83
CA ALA F 384 -13.69 -47.79 56.42
C ALA F 384 -14.91 -47.71 57.30
N HIS F 385 -15.40 -46.50 57.61
CA HIS F 385 -16.65 -46.34 58.35
C HIS F 385 -17.33 -45.11 57.80
N LEU F 386 -18.65 -45.13 57.73
CA LEU F 386 -19.42 -43.93 57.43
C LEU F 386 -20.53 -43.86 58.47
N ASN F 387 -20.21 -43.35 59.65
CA ASN F 387 -21.20 -43.26 60.70
C ASN F 387 -22.09 -42.07 60.41
N ILE F 388 -23.39 -42.27 60.48
CA ILE F 388 -24.33 -41.15 60.36
C ILE F 388 -25.14 -41.10 61.63
N GLY F 389 -25.00 -40.00 62.35
CA GLY F 389 -25.51 -39.90 63.71
C GLY F 389 -26.99 -39.60 63.79
N LYS F 390 -27.34 -38.92 64.89
CA LYS F 390 -28.72 -38.90 65.35
C LYS F 390 -29.58 -37.91 64.57
N GLY F 391 -28.98 -37.09 63.71
CA GLY F 391 -29.79 -36.23 62.87
C GLY F 391 -30.54 -36.97 61.79
N GLY F 392 -30.04 -38.12 61.36
CA GLY F 392 -30.73 -38.92 60.39
C GLY F 392 -30.65 -38.36 58.98
N VAL F 393 -31.62 -38.70 58.15
CA VAL F 393 -31.60 -38.37 56.73
C VAL F 393 -32.90 -37.66 56.39
N ASN F 394 -32.80 -36.48 55.79
CA ASN F 394 -33.94 -35.77 55.27
C ASN F 394 -33.85 -35.78 53.74
N LEU F 395 -35.00 -35.56 53.10
CA LEU F 395 -35.04 -35.56 51.64
C LEU F 395 -36.26 -34.74 51.22
N SER F 396 -36.02 -33.56 50.66
CA SER F 396 -37.12 -32.78 50.10
C SER F 396 -37.53 -33.41 48.78
N ASN F 397 -38.81 -33.28 48.43
CA ASN F 397 -39.41 -34.00 47.32
C ASN F 397 -40.25 -33.05 46.48
N GLN F 398 -39.92 -32.94 45.21
CA GLN F 398 -40.74 -32.22 44.24
C GLN F 398 -41.67 -33.25 43.59
N ALA F 399 -42.27 -32.94 42.43
CA ALA F 399 -43.27 -33.82 41.82
C ALA F 399 -42.67 -35.15 41.39
N SER F 400 -41.46 -35.15 40.85
CA SER F 400 -40.78 -36.41 40.61
C SER F 400 -40.07 -36.85 41.89
N GLY F 401 -39.84 -38.15 42.02
CA GLY F 401 -39.26 -38.69 43.23
C GLY F 401 -37.76 -38.49 43.29
N ARG F 402 -37.30 -37.70 44.25
CA ARG F 402 -35.87 -37.46 44.40
C ARG F 402 -35.17 -38.71 44.91
N THR F 403 -33.87 -38.76 44.72
CA THR F 403 -33.09 -39.96 44.96
C THR F 403 -31.84 -39.59 45.73
N LEU F 404 -31.57 -40.31 46.81
CA LEU F 404 -30.37 -40.12 47.59
C LEU F 404 -29.51 -41.37 47.52
N LEU F 405 -28.23 -41.19 47.21
CA LEU F 405 -27.28 -42.28 47.02
C LEU F 405 -26.17 -42.15 48.05
N VAL F 406 -26.32 -42.82 49.18
CA VAL F 406 -25.33 -42.78 50.25
C VAL F 406 -24.38 -43.94 49.97
N GLU F 407 -23.44 -43.71 49.07
CA GLU F 407 -22.57 -44.77 48.61
C GLU F 407 -21.39 -44.91 49.58
N ASN F 408 -20.82 -46.11 49.63
CA ASN F 408 -19.56 -46.34 50.30
C ASN F 408 -18.81 -47.35 49.46
N LEU F 409 -17.55 -47.04 49.12
CA LEU F 409 -16.83 -47.94 48.24
C LEU F 409 -16.27 -49.13 49.00
N THR F 410 -15.39 -48.89 49.96
CA THR F 410 -14.71 -49.99 50.64
C THR F 410 -14.91 -49.90 52.15
N GLY F 411 -16.14 -49.68 52.59
CA GLY F 411 -16.37 -49.58 54.02
C GLY F 411 -17.70 -50.11 54.52
N ASN F 412 -18.15 -49.58 55.65
CA ASN F 412 -19.41 -49.91 56.26
C ASN F 412 -20.31 -48.68 56.23
N ILE F 413 -21.56 -48.86 56.58
CA ILE F 413 -22.47 -47.74 56.81
C ILE F 413 -23.21 -48.00 58.10
N THR F 414 -23.19 -47.04 59.01
CA THR F 414 -23.85 -47.19 60.30
C THR F 414 -24.77 -46.00 60.48
N VAL F 415 -25.97 -46.07 59.92
CA VAL F 415 -26.95 -45.00 60.07
C VAL F 415 -27.69 -45.22 61.38
N ASP F 416 -27.72 -44.20 62.22
CA ASP F 416 -28.39 -44.31 63.52
C ASP F 416 -29.50 -43.28 63.66
N GLY F 417 -30.16 -42.91 62.56
CA GLY F 417 -31.15 -41.87 62.61
C GLY F 417 -32.40 -42.20 61.80
N PRO F 418 -33.46 -41.42 62.01
CA PRO F 418 -34.73 -41.70 61.31
C PRO F 418 -34.70 -41.19 59.88
N LEU F 419 -35.07 -42.07 58.95
CA LEU F 419 -35.08 -41.71 57.54
C LEU F 419 -36.31 -40.88 57.24
N ARG F 420 -36.19 -39.56 57.33
CA ARG F 420 -37.29 -38.67 57.04
C ARG F 420 -37.36 -38.41 55.55
N VAL F 421 -38.47 -37.80 55.14
CA VAL F 421 -38.64 -37.25 53.81
C VAL F 421 -39.64 -36.11 53.91
N ASN F 422 -39.26 -34.95 53.34
CA ASN F 422 -39.92 -33.65 53.53
C ASN F 422 -39.98 -33.25 55.00
N ASN F 423 -39.01 -33.75 55.78
CA ASN F 423 -38.83 -33.48 57.20
C ASN F 423 -40.05 -33.92 58.02
N GLN F 424 -40.43 -35.19 57.83
CA GLN F 424 -41.25 -35.90 58.82
C GLN F 424 -40.96 -37.38 58.69
N VAL F 425 -41.28 -38.13 59.75
CA VAL F 425 -40.86 -39.52 59.83
C VAL F 425 -41.66 -40.40 58.88
N GLY F 426 -42.97 -40.18 58.81
CA GLY F 426 -43.79 -40.93 57.89
C GLY F 426 -43.51 -40.58 56.45
N GLY F 427 -43.87 -39.36 56.06
CA GLY F 427 -43.50 -38.87 54.75
C GLY F 427 -44.22 -39.51 53.58
N TYR F 428 -45.51 -39.24 53.44
CA TYR F 428 -46.24 -39.71 52.28
C TYR F 428 -45.76 -39.01 51.01
N ALA F 429 -45.75 -39.77 49.92
CA ALA F 429 -45.35 -39.26 48.62
C ALA F 429 -46.30 -39.81 47.57
N LEU F 430 -46.52 -39.04 46.51
CA LEU F 430 -47.50 -39.40 45.51
C LEU F 430 -46.90 -40.40 44.52
N ALA F 431 -47.67 -40.79 43.52
CA ALA F 431 -47.30 -41.91 42.65
C ALA F 431 -46.15 -41.54 41.72
N GLY F 432 -46.20 -40.34 41.15
CA GLY F 432 -45.07 -39.85 40.37
C GLY F 432 -43.86 -39.48 41.20
N SER F 433 -44.04 -39.31 42.51
CA SER F 433 -42.93 -38.99 43.41
C SER F 433 -42.52 -40.26 44.14
N SER F 434 -41.67 -41.05 43.49
CA SER F 434 -41.13 -42.26 44.10
C SER F 434 -39.78 -41.90 44.70
N ALA F 435 -39.76 -41.60 46.00
CA ALA F 435 -38.54 -41.24 46.69
C ALA F 435 -37.65 -42.47 46.81
N ASN F 436 -36.37 -42.32 46.49
CA ASN F 436 -35.47 -43.45 46.34
C ASN F 436 -34.30 -43.29 47.29
N PHE F 437 -34.41 -43.83 48.50
CA PHE F 437 -33.26 -44.00 49.35
C PHE F 437 -32.42 -45.14 48.80
N GLU F 438 -31.10 -45.00 48.94
CA GLU F 438 -30.22 -45.95 48.30
C GLU F 438 -28.90 -46.00 49.06
N PHE F 439 -28.45 -47.21 49.36
CA PHE F 439 -27.28 -47.42 50.18
C PHE F 439 -26.40 -48.45 49.49
N LYS F 440 -25.10 -48.26 49.56
CA LYS F 440 -24.14 -49.13 48.90
C LYS F 440 -23.00 -49.33 49.89
N ALA F 441 -23.05 -50.38 50.68
CA ALA F 441 -22.06 -50.58 51.74
C ALA F 441 -21.05 -51.63 51.29
N GLY F 442 -19.82 -51.20 51.07
CA GLY F 442 -18.75 -52.11 50.71
C GLY F 442 -18.88 -52.63 49.30
N VAL F 443 -18.80 -51.74 48.32
CA VAL F 443 -19.04 -52.14 46.94
C VAL F 443 -17.87 -52.94 46.39
N ASP F 444 -16.68 -52.35 46.34
CA ASP F 444 -15.58 -52.96 45.63
C ASP F 444 -14.89 -54.06 46.42
N THR F 445 -15.25 -54.26 47.69
CA THR F 445 -14.70 -55.36 48.46
C THR F 445 -15.73 -56.40 48.84
N LYS F 446 -17.02 -56.07 48.76
CA LYS F 446 -18.15 -57.00 48.87
C LYS F 446 -18.20 -57.70 50.24
N ASN F 447 -17.72 -57.03 51.28
CA ASN F 447 -17.81 -57.55 52.64
C ASN F 447 -18.15 -56.44 53.62
N GLY F 448 -19.06 -55.56 53.24
CA GLY F 448 -19.44 -54.42 54.07
C GLY F 448 -20.88 -54.52 54.52
N THR F 449 -21.09 -54.31 55.82
CA THR F 449 -22.42 -54.33 56.40
C THR F 449 -23.05 -52.95 56.28
N ALA F 450 -24.38 -52.91 56.25
CA ALA F 450 -25.11 -51.65 56.28
C ALA F 450 -26.04 -51.68 57.49
N THR F 451 -25.49 -51.38 58.65
CA THR F 451 -26.23 -51.50 59.90
C THR F 451 -27.06 -50.27 60.15
N PHE F 452 -28.38 -50.44 60.31
CA PHE F 452 -29.27 -49.32 60.60
C PHE F 452 -29.79 -49.54 62.01
N ASN F 453 -29.10 -49.01 63.01
CA ASN F 453 -29.49 -49.25 64.39
C ASN F 453 -30.68 -48.40 64.85
N ASN F 454 -31.37 -47.72 63.96
CA ASN F 454 -32.57 -47.00 64.33
C ASN F 454 -33.75 -47.61 63.59
N ASP F 455 -34.89 -47.63 64.28
CA ASP F 455 -36.13 -48.17 63.73
C ASP F 455 -36.63 -47.26 62.62
N ILE F 456 -36.43 -47.66 61.37
CA ILE F 456 -36.80 -46.81 60.25
C ILE F 456 -38.30 -46.86 60.04
N SER F 457 -38.80 -45.90 59.29
CA SER F 457 -40.23 -45.79 59.02
C SER F 457 -40.42 -45.16 57.66
N LEU F 458 -40.96 -45.93 56.72
CA LEU F 458 -41.17 -45.48 55.35
C LEU F 458 -42.65 -45.40 55.07
N GLY F 459 -43.07 -44.28 54.50
CA GLY F 459 -44.46 -44.06 54.16
C GLY F 459 -44.84 -44.63 52.80
N ARG F 460 -45.44 -43.80 51.96
CA ARG F 460 -46.03 -44.24 50.70
C ARG F 460 -45.15 -43.77 49.54
N PHE F 461 -44.92 -44.67 48.58
CA PHE F 461 -44.09 -44.44 47.39
C PHE F 461 -42.67 -44.00 47.74
N VAL F 462 -42.06 -44.71 48.68
CA VAL F 462 -40.68 -44.51 49.05
C VAL F 462 -39.95 -45.84 48.87
N ASN F 463 -38.75 -45.79 48.29
CA ASN F 463 -38.12 -47.00 47.75
C ASN F 463 -36.72 -47.16 48.33
N LEU F 464 -36.63 -47.83 49.47
CA LEU F 464 -35.34 -48.21 50.03
C LEU F 464 -34.69 -49.29 49.17
N LYS F 465 -33.38 -49.16 48.97
CA LYS F 465 -32.62 -50.28 48.41
C LYS F 465 -31.23 -50.31 49.03
N VAL F 466 -30.82 -51.50 49.44
CA VAL F 466 -29.57 -51.70 50.15
C VAL F 466 -28.78 -52.78 49.44
N ASP F 467 -27.58 -52.46 48.99
CA ASP F 467 -26.77 -53.40 48.24
C ASP F 467 -25.47 -53.60 49.00
N ALA F 468 -25.50 -54.50 49.96
CA ALA F 468 -24.37 -54.67 50.87
C ALA F 468 -24.03 -56.13 51.06
N HIS F 469 -23.19 -56.44 52.04
CA HIS F 469 -22.93 -57.81 52.40
C HIS F 469 -23.92 -58.36 53.41
N THR F 470 -24.09 -57.71 54.55
CA THR F 470 -24.98 -58.19 55.61
C THR F 470 -25.74 -57.00 56.16
N ALA F 471 -26.93 -56.73 55.63
CA ALA F 471 -27.67 -55.54 56.00
C ALA F 471 -28.45 -55.80 57.29
N ASN F 472 -27.81 -55.54 58.41
CA ASN F 472 -28.50 -55.64 59.69
C ASN F 472 -29.51 -54.51 59.83
N PHE F 473 -30.48 -54.69 60.72
CA PHE F 473 -31.53 -53.71 60.94
C PHE F 473 -31.97 -53.77 62.40
N LYS F 474 -32.94 -52.92 62.72
CA LYS F 474 -33.70 -53.04 63.95
C LYS F 474 -35.20 -52.99 63.74
N GLY F 475 -35.68 -52.48 62.61
CA GLY F 475 -37.10 -52.50 62.33
C GLY F 475 -37.46 -51.68 61.11
N ILE F 476 -38.33 -52.24 60.27
CA ILE F 476 -38.78 -51.58 59.04
C ILE F 476 -40.29 -51.51 59.10
N ASP F 477 -40.84 -50.31 58.94
CA ASP F 477 -42.27 -50.09 59.14
C ASP F 477 -42.83 -49.41 57.90
N THR F 478 -43.37 -50.19 56.97
CA THR F 478 -43.90 -49.67 55.71
C THR F 478 -45.37 -49.99 55.52
N GLY F 479 -46.04 -50.55 56.53
CA GLY F 479 -47.44 -50.88 56.38
C GLY F 479 -48.36 -49.69 56.38
N ASN F 480 -47.85 -48.53 56.80
CA ASN F 480 -48.68 -47.32 56.84
C ASN F 480 -48.92 -46.78 55.44
N GLY F 481 -47.89 -46.76 54.60
CA GLY F 481 -48.01 -46.12 53.31
C GLY F 481 -48.29 -47.05 52.15
N GLY F 482 -47.55 -48.15 52.05
CA GLY F 482 -47.69 -49.05 50.93
C GLY F 482 -46.99 -48.54 49.68
N PHE F 483 -47.04 -49.38 48.64
CA PHE F 483 -46.42 -49.13 47.33
C PHE F 483 -44.92 -48.86 47.46
N ASN F 484 -44.27 -49.67 48.28
CA ASN F 484 -42.88 -49.44 48.65
C ASN F 484 -42.01 -50.52 48.03
N THR F 485 -41.06 -50.12 47.21
CA THR F 485 -40.09 -51.04 46.64
C THR F 485 -38.96 -51.20 47.66
N LEU F 486 -39.06 -52.22 48.49
CA LEU F 486 -38.07 -52.51 49.52
C LEU F 486 -37.06 -53.47 48.92
N ASP F 487 -36.17 -52.95 48.08
CA ASP F 487 -35.26 -53.79 47.34
C ASP F 487 -34.07 -54.18 48.22
N PHE F 488 -33.62 -55.42 48.06
CA PHE F 488 -32.43 -55.94 48.72
C PHE F 488 -31.64 -56.80 47.75
N SER F 489 -31.69 -56.47 46.45
CA SER F 489 -31.19 -57.37 45.43
C SER F 489 -29.68 -57.51 45.48
N GLY F 490 -28.98 -56.50 45.96
CA GLY F 490 -27.54 -56.59 46.00
C GLY F 490 -26.99 -57.35 47.18
N VAL F 491 -27.84 -57.80 48.10
CA VAL F 491 -27.38 -58.38 49.35
C VAL F 491 -26.67 -59.70 49.09
N THR F 492 -25.46 -59.82 49.62
CA THR F 492 -24.66 -61.02 49.42
C THR F 492 -25.29 -62.22 50.14
N ASN F 493 -25.36 -62.19 51.47
CA ASN F 493 -26.02 -63.30 52.14
C ASN F 493 -27.23 -62.89 52.99
N LYS F 494 -27.09 -62.08 54.03
CA LYS F 494 -28.14 -62.02 55.04
C LYS F 494 -28.71 -60.62 55.19
N VAL F 495 -30.00 -60.55 55.55
CA VAL F 495 -30.69 -59.31 55.91
C VAL F 495 -31.37 -59.60 57.23
N ASN F 496 -30.77 -59.17 58.34
CA ASN F 496 -31.21 -59.64 59.65
C ASN F 496 -32.18 -58.64 60.28
N ILE F 497 -33.33 -58.47 59.63
CA ILE F 497 -34.36 -57.54 60.12
C ILE F 497 -34.94 -58.05 61.43
N ASN F 498 -35.13 -57.14 62.38
CA ASN F 498 -35.66 -57.49 63.68
C ASN F 498 -37.18 -57.31 63.78
N LYS F 499 -37.78 -56.50 62.91
CA LYS F 499 -39.22 -56.27 62.99
C LYS F 499 -39.69 -55.74 61.64
N LEU F 500 -40.83 -56.21 61.15
CA LEU F 500 -41.31 -55.86 59.82
C LEU F 500 -42.80 -55.54 59.87
N ILE F 501 -43.19 -54.44 59.22
CA ILE F 501 -44.58 -54.05 59.06
C ILE F 501 -44.80 -53.69 57.60
N THR F 502 -45.64 -54.47 56.91
CA THR F 502 -45.86 -54.32 55.48
C THR F 502 -47.34 -54.38 55.14
N ALA F 503 -47.74 -53.57 54.15
CA ALA F 503 -49.08 -53.63 53.57
C ALA F 503 -49.06 -54.01 52.10
N SER F 504 -48.38 -53.23 51.26
CA SER F 504 -48.28 -53.52 49.83
C SER F 504 -46.84 -53.21 49.42
N THR F 505 -45.98 -54.21 49.49
CA THR F 505 -44.56 -54.01 49.44
C THR F 505 -43.99 -54.89 48.35
N ASN F 506 -42.77 -54.59 47.92
CA ASN F 506 -42.08 -55.29 46.84
C ASN F 506 -40.75 -55.81 47.35
N VAL F 507 -40.83 -56.53 48.48
CA VAL F 507 -39.64 -57.07 49.14
C VAL F 507 -38.97 -58.07 48.23
N ALA F 508 -37.64 -58.00 48.14
CA ALA F 508 -36.87 -58.92 47.31
C ALA F 508 -35.61 -59.29 48.07
N VAL F 509 -35.67 -60.34 48.88
CA VAL F 509 -34.53 -60.79 49.67
C VAL F 509 -34.19 -62.22 49.27
N LYS F 510 -32.90 -62.51 49.13
CA LYS F 510 -32.48 -63.84 48.73
C LYS F 510 -32.20 -64.78 49.89
N ASN F 511 -31.88 -64.24 51.07
CA ASN F 511 -31.65 -65.04 52.27
C ASN F 511 -31.74 -64.08 53.46
N PHE F 512 -32.42 -64.50 54.51
CA PHE F 512 -32.71 -63.62 55.63
C PHE F 512 -33.07 -64.44 56.86
N ASN F 513 -33.24 -63.76 57.99
CA ASN F 513 -34.00 -64.29 59.11
C ASN F 513 -34.68 -63.14 59.84
N ILE F 514 -35.90 -62.83 59.39
CA ILE F 514 -36.71 -61.74 59.93
C ILE F 514 -37.49 -62.33 61.10
N ASN F 515 -37.07 -62.07 62.33
CA ASN F 515 -37.64 -62.79 63.46
C ASN F 515 -38.96 -62.21 63.96
N GLU F 516 -39.60 -61.31 63.21
CA GLU F 516 -40.95 -60.86 63.54
C GLU F 516 -41.58 -60.34 62.26
N LEU F 517 -42.81 -60.75 61.98
CA LEU F 517 -43.48 -60.40 60.73
C LEU F 517 -44.92 -60.00 61.01
N ILE F 518 -45.39 -58.95 60.33
CA ILE F 518 -46.76 -58.47 60.44
C ILE F 518 -47.39 -58.47 59.06
N VAL F 519 -48.53 -59.14 58.93
CA VAL F 519 -49.27 -59.22 57.69
C VAL F 519 -50.48 -58.29 57.83
N LYS F 520 -50.35 -57.07 57.35
CA LYS F 520 -51.44 -56.11 57.46
C LYS F 520 -52.39 -56.21 56.27
N THR F 521 -53.58 -55.66 56.44
CA THR F 521 -54.50 -55.41 55.34
C THR F 521 -54.31 -53.99 54.85
N ASN F 522 -54.96 -53.67 53.75
CA ASN F 522 -54.70 -52.44 53.00
C ASN F 522 -55.98 -51.83 52.47
N GLY F 523 -56.98 -51.71 53.34
CA GLY F 523 -58.26 -51.16 52.94
C GLY F 523 -59.17 -52.21 52.34
N VAL F 524 -59.80 -51.89 51.22
CA VAL F 524 -60.66 -52.84 50.52
C VAL F 524 -60.14 -53.18 49.12
N SER F 525 -59.17 -52.43 48.60
CA SER F 525 -58.66 -52.69 47.28
C SER F 525 -57.77 -53.93 47.26
N VAL F 526 -57.73 -54.57 46.10
CA VAL F 526 -56.89 -55.74 45.88
C VAL F 526 -55.80 -55.38 44.89
N GLY F 527 -54.93 -56.34 44.61
CA GLY F 527 -53.71 -56.07 43.87
C GLY F 527 -52.63 -55.42 44.71
N GLU F 528 -52.83 -55.34 46.01
CA GLU F 528 -51.90 -54.70 46.93
C GLU F 528 -51.57 -55.73 48.01
N TYR F 529 -50.30 -56.12 48.08
CA TYR F 529 -49.93 -57.29 48.87
C TYR F 529 -48.42 -57.31 49.10
N THR F 530 -48.02 -58.05 50.12
CA THR F 530 -46.61 -58.38 50.29
C THR F 530 -46.20 -59.37 49.21
N HIS F 531 -45.14 -59.04 48.49
CA HIS F 531 -44.73 -59.77 47.31
C HIS F 531 -43.24 -60.04 47.39
N PHE F 532 -42.86 -61.21 47.89
CA PHE F 532 -41.45 -61.59 47.83
C PHE F 532 -41.12 -61.96 46.41
N SER F 533 -40.76 -60.96 45.60
CA SER F 533 -40.71 -61.10 44.16
C SER F 533 -39.40 -61.67 43.63
N GLU F 534 -38.64 -62.38 44.46
CA GLU F 534 -37.51 -63.15 43.95
C GLU F 534 -37.33 -64.36 44.86
N ASP F 535 -36.30 -65.14 44.57
CA ASP F 535 -36.12 -66.45 45.20
C ASP F 535 -35.72 -66.29 46.67
N ILE F 536 -36.24 -67.17 47.52
CA ILE F 536 -36.03 -67.08 48.95
C ILE F 536 -34.91 -68.01 49.39
N GLY F 537 -34.49 -68.92 48.53
CA GLY F 537 -33.28 -69.66 48.80
C GLY F 537 -33.49 -70.82 49.76
N SER F 538 -32.45 -71.09 50.54
CA SER F 538 -32.37 -72.29 51.36
C SER F 538 -32.22 -72.02 52.84
N GLN F 539 -31.49 -70.98 53.23
CA GLN F 539 -31.25 -70.74 54.64
C GLN F 539 -32.20 -69.72 55.23
N SER F 540 -33.32 -69.46 54.57
CA SER F 540 -34.28 -68.47 55.02
C SER F 540 -34.97 -68.92 56.31
N ARG F 541 -35.60 -67.96 56.98
CA ARG F 541 -36.14 -68.16 58.31
C ARG F 541 -36.99 -66.96 58.66
N ILE F 542 -38.07 -67.21 59.42
CA ILE F 542 -38.84 -66.18 60.10
C ILE F 542 -39.18 -66.75 61.46
N ASN F 543 -38.93 -66.01 62.53
CA ASN F 543 -39.21 -66.60 63.84
C ASN F 543 -40.58 -66.25 64.39
N THR F 544 -41.31 -65.33 63.77
CA THR F 544 -42.70 -65.06 64.16
C THR F 544 -43.43 -64.45 62.98
N VAL F 545 -44.51 -65.09 62.53
CA VAL F 545 -45.46 -64.50 61.60
C VAL F 545 -46.71 -64.17 62.40
N ARG F 546 -47.24 -62.96 62.20
CA ARG F 546 -48.45 -62.54 62.91
C ARG F 546 -49.36 -61.82 61.91
N LEU F 547 -50.32 -62.58 61.37
CA LEU F 547 -51.37 -61.99 60.57
C LEU F 547 -52.32 -61.18 61.47
N GLU F 548 -52.79 -60.06 60.94
CA GLU F 548 -53.81 -59.28 61.62
C GLU F 548 -55.09 -59.30 60.77
N THR F 549 -56.19 -58.93 61.41
CA THR F 549 -57.51 -59.14 60.83
C THR F 549 -57.77 -58.18 59.67
N GLY F 550 -58.21 -58.73 58.54
CA GLY F 550 -58.48 -57.90 57.37
C GLY F 550 -59.82 -57.20 57.44
N THR F 551 -60.52 -57.11 56.31
CA THR F 551 -61.84 -56.53 56.26
C THR F 551 -62.82 -57.56 55.71
N ARG F 552 -64.10 -57.36 56.01
CA ARG F 552 -65.14 -58.34 55.73
C ARG F 552 -65.33 -58.48 54.22
N SER F 553 -65.59 -59.71 53.78
CA SER F 553 -66.06 -60.13 52.46
C SER F 553 -65.03 -59.97 51.33
N ILE F 554 -63.78 -59.64 51.63
CA ILE F 554 -62.74 -59.54 50.60
C ILE F 554 -61.36 -59.77 51.23
N PHE F 555 -60.52 -60.52 50.51
CA PHE F 555 -59.12 -60.69 50.88
C PHE F 555 -58.33 -59.52 50.31
N SER F 556 -58.28 -58.44 51.09
CA SER F 556 -57.64 -57.23 50.61
C SER F 556 -56.13 -57.35 50.63
N GLY F 557 -55.54 -57.51 51.82
CA GLY F 557 -54.12 -57.67 51.97
C GLY F 557 -53.72 -59.12 52.05
N GLY F 558 -52.42 -59.36 51.93
CA GLY F 558 -51.91 -60.71 52.03
C GLY F 558 -50.46 -60.78 51.63
N VAL F 559 -49.93 -62.01 51.72
CA VAL F 559 -48.53 -62.31 51.47
C VAL F 559 -48.46 -63.38 50.41
N LYS F 560 -47.75 -63.09 49.31
CA LYS F 560 -47.49 -64.12 48.31
C LYS F 560 -46.01 -64.15 47.99
N PHE F 561 -45.57 -65.29 47.50
CA PHE F 561 -44.17 -65.55 47.20
C PHE F 561 -44.05 -65.75 45.69
N LYS F 562 -42.84 -66.06 45.24
CA LYS F 562 -42.67 -66.54 43.88
C LYS F 562 -41.82 -67.78 43.80
N SER F 563 -40.85 -67.92 44.69
CA SER F 563 -39.90 -69.02 44.60
C SER F 563 -39.30 -69.28 45.97
N GLY F 564 -38.32 -70.18 46.02
CA GLY F 564 -37.74 -70.66 47.24
C GLY F 564 -38.08 -72.12 47.50
N GLU F 565 -37.41 -72.67 48.50
CA GLU F 565 -37.66 -74.07 48.86
C GLU F 565 -37.99 -74.30 50.32
N LYS F 566 -37.61 -73.42 51.24
CA LYS F 566 -37.98 -73.57 52.64
C LYS F 566 -37.92 -72.24 53.36
N LEU F 567 -38.69 -72.13 54.43
CA LEU F 567 -38.60 -71.03 55.38
C LEU F 567 -39.08 -71.51 56.74
N VAL F 568 -38.12 -71.73 57.64
CA VAL F 568 -38.41 -72.30 58.95
C VAL F 568 -39.13 -71.26 59.81
N ILE F 569 -40.44 -71.40 59.90
CA ILE F 569 -41.26 -70.52 60.74
C ILE F 569 -41.43 -71.19 62.09
N ASP F 570 -41.31 -70.41 63.17
CA ASP F 570 -41.64 -70.93 64.48
C ASP F 570 -43.11 -70.76 64.84
N GLU F 571 -43.62 -69.53 64.85
CA GLU F 571 -44.97 -69.30 65.33
C GLU F 571 -45.73 -68.56 64.25
N PHE F 572 -47.04 -68.81 64.21
CA PHE F 572 -47.88 -68.30 63.13
C PHE F 572 -49.22 -67.89 63.72
N TYR F 573 -49.92 -66.99 63.03
CA TYR F 573 -51.28 -66.66 63.41
C TYR F 573 -52.18 -66.63 62.20
N TYR F 574 -53.39 -67.16 62.36
CA TYR F 574 -54.45 -66.95 61.38
C TYR F 574 -54.98 -65.53 61.50
N SER F 575 -55.85 -65.17 60.56
CA SER F 575 -56.61 -63.93 60.63
C SER F 575 -57.79 -64.04 59.69
N PRO F 576 -58.93 -63.44 60.01
CA PRO F 576 -59.98 -63.28 59.00
C PRO F 576 -59.53 -62.35 57.89
N TRP F 577 -59.57 -62.88 56.67
CA TRP F 577 -59.47 -62.12 55.41
C TRP F 577 -58.10 -61.51 55.19
N ASN F 578 -57.05 -62.28 55.47
CA ASN F 578 -55.71 -61.98 54.97
C ASN F 578 -55.07 -63.30 54.58
N TYR F 579 -54.66 -63.42 53.32
CA TYR F 579 -54.25 -64.70 52.76
C TYR F 579 -52.75 -64.87 52.90
N PHE F 580 -52.34 -66.03 53.40
CA PHE F 580 -50.94 -66.40 53.52
C PHE F 580 -50.60 -67.33 52.36
N ASP F 581 -50.47 -66.75 51.17
CA ASP F 581 -50.10 -67.53 50.01
C ASP F 581 -48.63 -67.93 50.10
N ALA F 582 -48.38 -69.21 49.94
CA ALA F 582 -47.05 -69.80 50.13
C ALA F 582 -46.64 -70.55 48.88
N ARG F 583 -46.71 -69.86 47.74
CA ARG F 583 -46.41 -70.45 46.44
C ARG F 583 -45.00 -70.98 46.35
N ASN F 584 -44.88 -72.17 45.75
CA ASN F 584 -43.66 -72.71 45.14
C ASN F 584 -42.63 -73.19 46.15
N ILE F 585 -42.84 -72.93 47.43
CA ILE F 585 -41.88 -73.29 48.45
C ILE F 585 -42.26 -74.62 49.06
N LYS F 586 -41.31 -75.55 49.06
CA LYS F 586 -41.61 -76.95 49.26
C LYS F 586 -41.29 -77.49 50.65
N ASN F 587 -40.78 -76.68 51.56
CA ASN F 587 -40.48 -77.17 52.90
C ASN F 587 -40.87 -76.14 53.96
N VAL F 588 -42.09 -75.63 53.89
CA VAL F 588 -42.56 -74.62 54.83
C VAL F 588 -42.71 -75.28 56.20
N GLU F 589 -41.75 -75.03 57.08
CA GLU F 589 -41.66 -75.79 58.32
C GLU F 589 -42.20 -74.96 59.49
N ILE F 590 -42.97 -75.61 60.35
CA ILE F 590 -43.45 -75.00 61.59
C ILE F 590 -42.81 -75.77 62.73
N THR F 591 -42.43 -75.05 63.79
CA THR F 591 -41.68 -75.65 64.90
C THR F 591 -42.35 -75.45 66.24
N ARG F 592 -43.15 -74.40 66.41
CA ARG F 592 -43.92 -74.23 67.64
C ARG F 592 -45.31 -73.75 67.25
N LYS F 593 -46.05 -73.20 68.22
CA LYS F 593 -47.49 -72.97 68.22
C LYS F 593 -48.03 -72.34 66.93
N PHE F 594 -49.14 -72.91 66.45
CA PHE F 594 -49.75 -72.54 65.17
C PHE F 594 -51.19 -72.16 65.48
N ALA F 595 -51.41 -70.90 65.84
CA ALA F 595 -52.70 -70.47 66.37
C ALA F 595 -53.36 -69.43 65.46
N SER F 596 -54.40 -68.79 65.96
CA SER F 596 -55.05 -67.67 65.29
C SER F 596 -54.83 -66.38 66.07
N SER F 597 -54.89 -65.25 65.36
CA SER F 597 -54.75 -63.96 66.03
C SER F 597 -55.96 -63.62 66.88
N THR F 598 -57.09 -64.28 66.63
CA THR F 598 -58.22 -64.29 67.55
C THR F 598 -58.25 -65.66 68.20
N PRO F 599 -57.46 -65.91 69.25
CA PRO F 599 -57.15 -67.29 69.66
C PRO F 599 -58.28 -68.01 70.35
N GLU F 600 -59.22 -67.30 70.99
CA GLU F 600 -60.28 -67.97 71.70
C GLU F 600 -61.62 -67.81 71.01
N ASN F 601 -61.71 -66.90 70.05
CA ASN F 601 -62.94 -66.69 69.27
C ASN F 601 -62.63 -66.54 67.78
N PRO F 602 -62.33 -67.64 67.10
CA PRO F 602 -62.06 -67.55 65.67
C PRO F 602 -63.34 -67.34 64.88
N TRP F 603 -63.19 -66.75 63.70
CA TRP F 603 -64.26 -66.57 62.73
C TRP F 603 -63.62 -66.19 61.39
N GLY F 604 -64.45 -66.14 60.35
CA GLY F 604 -63.95 -65.75 59.05
C GLY F 604 -63.22 -66.88 58.33
N THR F 605 -62.38 -66.48 57.39
CA THR F 605 -61.58 -67.38 56.57
C THR F 605 -60.14 -66.90 56.51
N SER F 606 -59.23 -67.82 56.20
CA SER F 606 -57.81 -67.51 56.10
C SER F 606 -57.22 -68.39 55.00
N LYS F 607 -56.98 -67.83 53.82
CA LYS F 607 -56.42 -68.64 52.73
C LYS F 607 -54.96 -68.97 52.97
N LEU F 608 -54.70 -70.16 53.50
CA LEU F 608 -53.34 -70.66 53.67
C LEU F 608 -52.95 -71.47 52.43
N MET F 609 -52.91 -70.76 51.31
CA MET F 609 -52.78 -71.37 49.98
C MET F 609 -51.35 -71.86 49.80
N PHE F 610 -51.12 -73.10 50.24
CA PHE F 610 -49.77 -73.65 50.31
C PHE F 610 -49.40 -74.37 49.02
N ASN F 611 -48.22 -74.98 49.03
CA ASN F 611 -47.87 -76.05 48.10
C ASN F 611 -47.17 -77.21 48.77
N ASN F 612 -46.78 -77.10 50.03
CA ASN F 612 -46.17 -78.13 50.87
C ASN F 612 -46.06 -77.54 52.28
N LEU F 613 -45.93 -78.43 53.27
CA LEU F 613 -45.41 -78.04 54.58
C LEU F 613 -44.82 -79.27 55.22
N THR F 614 -44.10 -79.07 56.31
CA THR F 614 -43.60 -80.16 57.14
C THR F 614 -43.46 -79.67 58.57
N LEU F 615 -44.32 -80.17 59.45
CA LEU F 615 -44.39 -79.68 60.83
C LEU F 615 -43.55 -80.60 61.71
N GLY F 616 -42.76 -79.99 62.59
CA GLY F 616 -41.83 -80.72 63.42
C GLY F 616 -42.35 -80.98 64.83
N GLN F 617 -41.44 -80.86 65.79
CA GLN F 617 -41.74 -81.26 67.15
C GLN F 617 -42.62 -80.24 67.87
N ASN F 618 -43.61 -80.75 68.62
CA ASN F 618 -44.33 -80.02 69.66
C ASN F 618 -45.16 -78.84 69.14
N ALA F 619 -45.35 -78.73 67.83
CA ALA F 619 -46.00 -77.56 67.27
C ALA F 619 -47.50 -77.81 67.21
N VAL F 620 -48.21 -77.21 68.15
CA VAL F 620 -49.65 -77.41 68.27
C VAL F 620 -50.37 -76.65 67.16
N MET F 621 -51.35 -77.29 66.53
CA MET F 621 -52.17 -76.61 65.54
C MET F 621 -53.61 -76.49 66.04
N ASP F 622 -54.31 -75.49 65.50
CA ASP F 622 -55.70 -75.19 65.87
C ASP F 622 -56.51 -75.09 64.58
N TYR F 623 -57.01 -76.22 64.10
CA TYR F 623 -57.72 -76.25 62.83
C TYR F 623 -59.23 -76.38 63.05
N SER F 624 -59.98 -75.40 62.55
CA SER F 624 -61.43 -75.38 62.63
C SER F 624 -62.01 -75.07 61.25
N GLN F 625 -63.33 -74.89 61.21
CA GLN F 625 -64.01 -74.40 60.02
C GLN F 625 -63.77 -72.92 59.78
N PHE F 626 -63.24 -72.21 60.78
CA PHE F 626 -63.04 -70.78 60.74
C PHE F 626 -61.70 -70.41 60.13
N SER F 627 -60.98 -71.39 59.58
CA SER F 627 -59.71 -71.15 58.91
C SER F 627 -59.59 -72.22 57.83
N ASN F 628 -59.94 -71.86 56.59
CA ASN F 628 -59.91 -72.82 55.50
C ASN F 628 -58.47 -73.11 55.06
N LEU F 629 -57.81 -73.97 55.82
CA LEU F 629 -56.41 -74.32 55.63
C LEU F 629 -56.31 -75.22 54.40
N THR F 630 -55.87 -74.64 53.29
CA THR F 630 -55.98 -75.29 51.99
C THR F 630 -54.59 -75.74 51.51
N ILE F 631 -54.32 -77.04 51.59
CA ILE F 631 -53.03 -77.60 51.26
C ILE F 631 -53.10 -78.20 49.86
N GLN F 632 -52.21 -77.75 48.98
CA GLN F 632 -52.02 -78.36 47.66
C GLN F 632 -50.79 -79.24 47.60
N GLY F 633 -50.35 -79.78 48.73
CA GLY F 633 -49.13 -80.55 48.77
C GLY F 633 -49.07 -81.55 49.91
N ASP F 634 -47.88 -81.78 50.42
CA ASP F 634 -47.60 -82.96 51.22
C ASP F 634 -47.53 -82.63 52.71
N PHE F 635 -48.67 -82.65 53.39
CA PHE F 635 -48.71 -82.34 54.82
C PHE F 635 -48.01 -83.43 55.60
N ILE F 636 -46.77 -83.17 56.01
CA ILE F 636 -45.97 -84.15 56.73
C ILE F 636 -45.88 -83.69 58.17
N ASN F 637 -46.11 -84.60 59.10
CA ASN F 637 -46.02 -84.29 60.52
C ASN F 637 -44.91 -85.12 61.14
N ASN F 638 -44.05 -84.46 61.91
CA ASN F 638 -43.10 -85.13 62.79
C ASN F 638 -43.76 -85.24 64.16
N GLN F 639 -42.99 -85.40 65.24
CA GLN F 639 -43.54 -85.64 66.58
C GLN F 639 -44.22 -84.38 67.11
N GLY F 640 -45.38 -84.07 66.54
CA GLY F 640 -46.08 -82.84 66.87
C GLY F 640 -47.54 -83.05 67.20
N THR F 641 -48.02 -82.42 68.26
CA THR F 641 -49.35 -82.70 68.82
C THR F 641 -50.36 -81.72 68.23
N ILE F 642 -51.09 -82.16 67.21
CA ILE F 642 -52.09 -81.33 66.57
C ILE F 642 -53.40 -81.42 67.36
N ASN F 643 -54.00 -80.26 67.65
CA ASN F 643 -55.26 -80.21 68.35
C ASN F 643 -56.39 -79.86 67.39
N TYR F 644 -57.59 -80.32 67.73
CA TYR F 644 -58.79 -80.06 66.94
C TYR F 644 -59.86 -79.41 67.80
N LEU F 645 -60.96 -79.04 67.15
CA LEU F 645 -62.08 -78.35 67.78
C LEU F 645 -63.27 -78.45 66.82
N VAL F 646 -64.48 -78.44 67.39
CA VAL F 646 -65.66 -78.71 66.59
C VAL F 646 -66.39 -77.43 66.16
N ARG F 647 -66.66 -76.53 67.12
CA ARG F 647 -67.46 -75.32 66.94
C ARG F 647 -68.79 -75.61 66.25
N GLY F 648 -69.60 -76.42 66.92
CA GLY F 648 -70.85 -76.88 66.38
C GLY F 648 -71.00 -78.39 66.28
N GLY F 649 -70.18 -79.16 67.00
CA GLY F 649 -70.33 -80.60 67.04
C GLY F 649 -69.70 -81.36 65.91
N LYS F 650 -69.32 -80.70 64.82
CA LYS F 650 -68.76 -81.39 63.66
C LYS F 650 -67.32 -80.93 63.43
N VAL F 651 -66.50 -81.87 62.95
CA VAL F 651 -65.07 -81.64 62.76
C VAL F 651 -64.81 -81.35 61.29
N ALA F 652 -64.11 -80.24 61.02
CA ALA F 652 -63.71 -79.92 59.66
C ALA F 652 -62.60 -80.86 59.20
N THR F 653 -62.73 -81.38 57.98
CA THR F 653 -61.72 -82.29 57.45
C THR F 653 -60.48 -81.52 57.00
N LEU F 654 -59.35 -82.20 56.94
CA LEU F 654 -58.07 -81.60 56.60
C LEU F 654 -57.52 -82.33 55.40
N ASN F 655 -57.36 -81.63 54.28
CA ASN F 655 -57.06 -82.24 52.99
C ASN F 655 -55.56 -82.32 52.78
N VAL F 656 -55.02 -83.54 52.83
CA VAL F 656 -53.64 -83.81 52.47
C VAL F 656 -53.60 -84.08 50.97
N GLY F 657 -52.69 -83.41 50.27
CA GLY F 657 -52.71 -83.46 48.82
C GLY F 657 -52.24 -84.78 48.26
N ASN F 658 -51.04 -85.22 48.63
CA ASN F 658 -50.48 -86.45 48.11
C ASN F 658 -50.25 -87.49 49.20
N ALA F 659 -49.52 -87.15 50.27
CA ALA F 659 -49.16 -88.14 51.27
C ALA F 659 -48.87 -87.47 52.59
N ALA F 660 -49.35 -88.07 53.68
CA ALA F 660 -49.04 -87.64 55.03
C ALA F 660 -48.23 -88.74 55.70
N ALA F 661 -46.93 -88.78 55.41
CA ALA F 661 -46.07 -89.81 55.97
C ALA F 661 -45.45 -89.33 57.27
N MET F 662 -45.54 -90.17 58.30
CA MET F 662 -45.16 -89.73 59.64
C MET F 662 -44.21 -90.75 60.26
N MET F 663 -43.48 -90.29 61.27
CA MET F 663 -42.49 -91.11 61.97
C MET F 663 -42.32 -90.53 63.37
N PHE F 664 -42.28 -91.39 64.38
CA PHE F 664 -42.32 -90.93 65.76
C PHE F 664 -41.33 -91.74 66.58
N ASN F 665 -41.48 -91.69 67.90
CA ASN F 665 -40.67 -92.46 68.82
C ASN F 665 -41.51 -92.75 70.05
N ASN F 666 -40.86 -93.25 71.10
CA ASN F 666 -41.49 -93.45 72.39
C ASN F 666 -41.61 -92.10 73.10
N ASP F 667 -42.58 -91.31 72.65
CA ASP F 667 -42.79 -89.95 73.12
C ASP F 667 -43.63 -89.96 74.40
N ILE F 668 -43.09 -90.63 75.43
CA ILE F 668 -43.76 -90.85 76.70
C ILE F 668 -43.44 -89.72 77.66
N ASP F 669 -44.44 -89.31 78.44
CA ASP F 669 -44.25 -88.32 79.48
C ASP F 669 -44.65 -88.90 80.82
N SER F 670 -44.19 -88.27 81.89
CA SER F 670 -44.57 -88.66 83.24
C SER F 670 -45.75 -87.86 83.77
N ALA F 671 -46.27 -86.90 82.99
CA ALA F 671 -47.47 -86.18 83.40
C ALA F 671 -48.71 -87.03 83.20
N THR F 672 -48.72 -87.85 82.14
CA THR F 672 -49.82 -88.76 81.87
C THR F 672 -49.49 -90.22 82.10
N GLY F 673 -48.25 -90.63 81.84
CA GLY F 673 -47.84 -92.02 81.92
C GLY F 673 -47.89 -92.73 80.59
N PHE F 674 -48.79 -92.28 79.71
CA PHE F 674 -48.87 -92.76 78.34
C PHE F 674 -47.84 -92.00 77.51
N TYR F 675 -47.81 -92.24 76.20
CA TYR F 675 -47.19 -91.34 75.26
C TYR F 675 -47.85 -89.96 75.28
N LYS F 676 -47.17 -88.98 74.69
CA LYS F 676 -47.79 -87.69 74.50
C LYS F 676 -48.98 -87.81 73.54
N PRO F 677 -50.10 -87.15 73.85
CA PRO F 677 -51.29 -87.31 73.01
C PRO F 677 -51.12 -86.67 71.64
N LEU F 678 -50.95 -87.54 70.64
CA LEU F 678 -50.31 -87.13 69.39
C LEU F 678 -51.25 -86.35 68.48
N ILE F 679 -52.53 -86.71 68.46
CA ILE F 679 -53.55 -85.94 67.75
C ILE F 679 -54.74 -85.84 68.70
N LYS F 680 -55.10 -84.63 69.09
CA LYS F 680 -56.14 -84.41 70.08
C LYS F 680 -57.36 -83.75 69.44
N ILE F 681 -58.54 -84.12 69.91
CA ILE F 681 -59.78 -83.43 69.58
C ILE F 681 -60.32 -82.87 70.88
N ASN F 682 -59.97 -81.62 71.18
CA ASN F 682 -60.41 -80.97 72.40
C ASN F 682 -61.55 -80.01 72.07
N SER F 683 -62.30 -79.63 73.13
CA SER F 683 -63.48 -78.75 73.07
C SER F 683 -64.59 -79.35 72.18
N ALA F 684 -64.56 -80.68 72.05
CA ALA F 684 -65.63 -81.45 71.44
C ALA F 684 -66.60 -81.96 72.50
N GLN F 685 -67.08 -81.04 73.34
CA GLN F 685 -68.03 -81.42 74.39
C GLN F 685 -69.39 -81.77 73.80
N ASP F 686 -69.82 -81.03 72.77
CA ASP F 686 -71.03 -81.31 72.04
C ASP F 686 -70.79 -82.16 70.80
N LEU F 687 -69.77 -83.02 70.83
CA LEU F 687 -69.49 -83.91 69.71
C LEU F 687 -70.64 -84.90 69.56
N ILE F 688 -71.18 -84.96 68.34
CA ILE F 688 -72.45 -85.65 68.09
C ILE F 688 -72.22 -87.15 68.17
N LYS F 689 -72.93 -87.81 69.08
CA LYS F 689 -72.84 -89.23 69.25
C LYS F 689 -73.49 -89.95 68.06
N ASN F 690 -73.01 -91.17 67.78
CA ASN F 690 -73.55 -92.06 66.75
C ASN F 690 -73.44 -91.46 65.35
N THR F 691 -72.36 -90.74 65.10
CA THR F 691 -72.21 -90.00 63.85
C THR F 691 -70.75 -90.01 63.41
N GLU F 692 -70.52 -90.38 62.15
CA GLU F 692 -69.19 -90.25 61.57
C GLU F 692 -68.79 -88.80 61.43
N HIS F 693 -67.69 -88.43 62.08
CA HIS F 693 -67.09 -87.11 61.95
C HIS F 693 -65.74 -87.30 61.28
N VAL F 694 -65.63 -86.88 60.02
CA VAL F 694 -64.40 -87.04 59.26
C VAL F 694 -63.34 -86.08 59.79
N LEU F 695 -62.27 -86.63 60.34
CA LEU F 695 -61.22 -85.81 60.92
C LEU F 695 -60.35 -85.18 59.83
N LEU F 696 -59.95 -85.99 58.84
CA LEU F 696 -59.10 -85.53 57.76
C LEU F 696 -59.26 -86.44 56.56
N LYS F 697 -59.41 -85.85 55.38
CA LYS F 697 -59.35 -86.59 54.14
C LYS F 697 -57.92 -86.62 53.62
N ALA F 698 -57.38 -87.82 53.49
CA ALA F 698 -55.98 -87.97 53.12
C ALA F 698 -55.87 -89.15 52.16
N LYS F 699 -54.67 -89.35 51.64
CA LYS F 699 -54.41 -90.42 50.69
C LYS F 699 -53.54 -91.52 51.27
N ILE F 700 -52.49 -91.16 52.01
CA ILE F 700 -51.63 -92.13 52.68
C ILE F 700 -51.39 -91.62 54.09
N ILE F 701 -51.82 -92.38 55.09
CA ILE F 701 -51.39 -92.16 56.46
C ILE F 701 -50.25 -93.14 56.72
N GLY F 702 -49.02 -92.71 56.42
CA GLY F 702 -47.89 -93.59 56.61
C GLY F 702 -47.29 -93.42 57.98
N TYR F 703 -47.66 -94.28 58.92
CA TYR F 703 -47.11 -94.23 60.26
C TYR F 703 -45.68 -94.76 60.25
N GLY F 704 -44.86 -94.23 61.15
CA GLY F 704 -43.56 -94.83 61.39
C GLY F 704 -43.11 -94.59 62.81
N ASN F 705 -42.04 -95.29 63.18
CA ASN F 705 -41.26 -94.99 64.36
C ASN F 705 -39.80 -95.15 63.98
N VAL F 706 -38.92 -95.24 64.99
CA VAL F 706 -37.49 -95.43 64.74
C VAL F 706 -37.17 -96.77 64.11
N SER F 707 -38.08 -97.73 64.16
CA SER F 707 -38.03 -98.92 63.33
C SER F 707 -39.36 -99.03 62.59
N THR F 708 -39.48 -100.05 61.75
CA THR F 708 -40.77 -100.33 61.11
C THR F 708 -41.77 -100.84 62.13
N GLY F 709 -41.33 -101.72 63.03
CA GLY F 709 -42.14 -102.17 64.14
C GLY F 709 -42.44 -101.06 65.11
N THR F 710 -43.70 -100.94 65.50
CA THR F 710 -44.20 -99.75 66.16
C THR F 710 -44.21 -99.92 67.68
N ASN F 711 -44.87 -98.96 68.35
CA ASN F 711 -44.91 -98.79 69.80
C ASN F 711 -43.49 -98.66 70.39
N GLY F 712 -42.83 -97.56 69.98
CA GLY F 712 -41.50 -97.25 70.47
C GLY F 712 -40.42 -97.92 69.65
N ILE F 713 -39.78 -98.93 70.21
CA ILE F 713 -38.81 -99.74 69.50
C ILE F 713 -39.11 -101.22 69.77
N SER F 714 -39.87 -101.82 68.85
CA SER F 714 -40.37 -103.19 68.99
C SER F 714 -40.73 -103.68 67.60
N ASN F 715 -41.53 -104.74 67.52
CA ASN F 715 -41.96 -105.31 66.25
C ASN F 715 -43.49 -105.35 66.13
N VAL F 716 -44.17 -104.29 66.53
CA VAL F 716 -45.63 -104.23 66.49
C VAL F 716 -46.05 -103.64 65.15
N ASN F 717 -47.21 -104.07 64.65
CA ASN F 717 -47.73 -103.59 63.37
C ASN F 717 -48.08 -102.10 63.39
N LEU F 718 -48.54 -101.59 62.25
CA LEU F 718 -48.41 -100.17 61.93
C LEU F 718 -49.59 -99.31 62.39
N GLU F 719 -50.82 -99.79 62.31
CA GLU F 719 -51.93 -98.84 62.39
C GLU F 719 -52.79 -98.96 63.64
N GLU F 720 -52.84 -100.12 64.31
CA GLU F 720 -53.79 -100.31 65.40
C GLU F 720 -53.41 -99.56 66.67
N GLN F 721 -52.11 -99.37 66.92
CA GLN F 721 -51.60 -98.61 68.05
C GLN F 721 -51.76 -97.11 67.84
N PHE F 722 -52.12 -96.68 66.63
CA PHE F 722 -52.29 -95.26 66.38
C PHE F 722 -53.67 -94.79 66.85
N LYS F 723 -54.57 -95.74 67.07
CA LYS F 723 -55.78 -95.45 67.85
C LYS F 723 -55.44 -95.13 69.30
N GLU F 724 -54.34 -95.67 69.82
CA GLU F 724 -53.98 -95.41 71.21
C GLU F 724 -53.43 -94.00 71.40
N ARG F 725 -52.54 -93.56 70.50
CA ARG F 725 -51.90 -92.26 70.65
C ARG F 725 -52.82 -91.08 70.34
N LEU F 726 -53.89 -91.28 69.58
CA LEU F 726 -54.92 -90.26 69.52
C LEU F 726 -55.67 -90.20 70.84
N ALA F 727 -56.32 -89.06 71.08
CA ALA F 727 -57.02 -88.85 72.33
C ALA F 727 -58.22 -87.95 72.08
N LEU F 728 -59.26 -88.15 72.90
CA LEU F 728 -60.48 -87.36 72.84
C LEU F 728 -60.62 -86.73 74.22
N TYR F 729 -60.17 -85.49 74.35
CA TYR F 729 -60.07 -84.82 75.63
C TYR F 729 -61.34 -84.02 75.85
N ASN F 730 -62.33 -84.61 76.52
CA ASN F 730 -63.57 -83.89 76.77
C ASN F 730 -64.05 -84.16 78.18
N ASN F 731 -64.86 -83.21 78.68
CA ASN F 731 -65.16 -83.05 80.11
C ASN F 731 -63.88 -82.94 80.93
N ASN F 732 -62.91 -82.19 80.36
CA ASN F 732 -61.62 -81.84 80.99
C ASN F 732 -60.78 -83.06 81.37
N ASN F 733 -60.97 -84.17 80.67
CA ASN F 733 -60.14 -85.35 80.84
C ASN F 733 -60.18 -86.12 79.52
N ARG F 734 -59.35 -87.14 79.40
CA ARG F 734 -59.31 -87.96 78.20
C ARG F 734 -60.43 -88.98 78.23
N MET F 735 -61.30 -88.93 77.22
CA MET F 735 -62.43 -89.84 77.15
C MET F 735 -62.23 -90.97 76.15
N ASP F 736 -61.26 -90.83 75.23
CA ASP F 736 -60.95 -91.91 74.31
C ASP F 736 -60.36 -93.10 75.06
N THR F 737 -59.20 -92.90 75.67
CA THR F 737 -58.69 -93.80 76.69
C THR F 737 -58.63 -93.03 78.00
N CYS F 738 -58.49 -93.78 79.10
CA CYS F 738 -58.33 -93.14 80.40
C CYS F 738 -57.08 -93.74 81.02
N VAL F 739 -55.98 -93.01 80.87
CA VAL F 739 -54.66 -93.48 81.29
C VAL F 739 -54.50 -93.20 82.77
N VAL F 740 -54.33 -94.27 83.55
CA VAL F 740 -54.48 -94.22 85.01
C VAL F 740 -53.21 -94.75 85.65
N ARG F 741 -52.66 -93.99 86.61
CA ARG F 741 -51.56 -94.46 87.43
C ARG F 741 -51.83 -94.39 88.94
N ASN F 742 -52.94 -93.80 89.37
CA ASN F 742 -53.26 -93.71 90.79
C ASN F 742 -54.78 -93.71 90.95
N THR F 743 -55.25 -93.37 92.15
CA THR F 743 -56.68 -93.32 92.43
C THR F 743 -57.26 -91.92 92.31
N ASP F 744 -56.41 -90.89 92.25
CA ASP F 744 -56.89 -89.52 92.18
C ASP F 744 -57.50 -89.17 90.84
N ASP F 745 -56.96 -89.68 89.74
CA ASP F 745 -57.49 -89.35 88.42
C ASP F 745 -58.75 -90.15 88.09
N ILE F 746 -59.10 -91.13 88.93
CA ILE F 746 -60.35 -91.87 88.77
C ILE F 746 -61.55 -90.95 88.97
N LYS F 747 -61.40 -89.92 89.80
CA LYS F 747 -62.46 -88.95 90.04
C LYS F 747 -62.78 -88.18 88.76
N ALA F 748 -61.76 -87.57 88.15
CA ALA F 748 -61.95 -86.85 86.90
C ALA F 748 -62.26 -87.78 85.73
N CYS F 749 -61.85 -89.05 85.81
CA CYS F 749 -62.21 -90.00 84.76
C CYS F 749 -63.69 -90.35 84.81
N GLY F 750 -64.24 -90.55 86.01
CA GLY F 750 -65.66 -90.74 86.15
C GLY F 750 -66.45 -89.48 85.86
N MET F 751 -65.85 -88.31 86.08
CA MET F 751 -66.45 -87.07 85.60
C MET F 751 -66.44 -87.00 84.07
N ALA F 752 -65.42 -87.58 83.44
CA ALA F 752 -65.32 -87.55 82.00
C ALA F 752 -66.34 -88.48 81.35
N ILE F 753 -66.50 -89.69 81.92
CA ILE F 753 -67.43 -90.65 81.33
C ILE F 753 -68.80 -90.61 81.97
N GLY F 754 -69.01 -89.76 82.97
CA GLY F 754 -70.34 -89.56 83.55
C GLY F 754 -70.85 -90.73 84.38
N ASN F 755 -70.00 -91.29 85.24
CA ASN F 755 -70.36 -92.45 86.04
C ASN F 755 -69.88 -92.24 87.47
N GLN F 756 -70.80 -92.36 88.43
CA GLN F 756 -70.46 -92.25 89.84
C GLN F 756 -69.78 -93.49 90.39
N SER F 757 -69.70 -94.57 89.62
CA SER F 757 -68.93 -95.74 90.01
C SER F 757 -67.44 -95.50 90.01
N MET F 758 -66.96 -94.43 89.37
CA MET F 758 -65.59 -94.01 89.45
C MET F 758 -65.43 -92.72 90.23
N VAL F 759 -66.53 -92.08 90.63
CA VAL F 759 -66.47 -90.80 91.33
C VAL F 759 -66.56 -91.03 92.83
N ASN F 760 -67.57 -91.77 93.27
CA ASN F 760 -67.79 -91.98 94.70
C ASN F 760 -66.78 -92.94 95.29
N ASN F 761 -66.30 -93.90 94.51
CA ASN F 761 -65.33 -94.89 94.99
C ASN F 761 -64.25 -95.16 93.95
N PRO F 762 -63.04 -94.64 94.14
CA PRO F 762 -61.95 -94.91 93.18
C PRO F 762 -61.40 -96.33 93.29
N ASP F 763 -61.50 -96.96 94.45
CA ASP F 763 -61.03 -98.33 94.63
C ASP F 763 -62.03 -99.37 94.17
N ASN F 764 -63.16 -98.94 93.58
CA ASN F 764 -64.10 -99.87 92.98
C ASN F 764 -63.50 -100.56 91.77
N TYR F 765 -62.68 -99.85 91.01
CA TYR F 765 -62.07 -100.36 89.79
C TYR F 765 -60.57 -100.44 90.00
N LYS F 766 -60.04 -101.66 90.02
CA LYS F 766 -58.63 -101.90 90.34
C LYS F 766 -57.88 -102.55 89.19
N TYR F 767 -58.38 -102.37 87.97
CA TYR F 767 -57.76 -102.89 86.75
C TYR F 767 -56.81 -101.88 86.12
N LEU F 768 -56.41 -100.85 86.87
CA LEU F 768 -55.85 -99.63 86.31
C LEU F 768 -54.62 -99.17 87.07
N ILE F 769 -53.97 -100.07 87.81
CA ILE F 769 -52.71 -99.77 88.48
C ILE F 769 -51.63 -100.23 87.51
N GLY F 770 -51.01 -99.27 86.83
CA GLY F 770 -50.08 -99.60 85.77
C GLY F 770 -50.75 -99.96 84.46
N LYS F 771 -52.06 -99.69 84.34
CA LYS F 771 -52.81 -100.03 83.14
C LYS F 771 -53.67 -98.85 82.70
N ALA F 772 -54.52 -99.08 81.71
CA ALA F 772 -55.51 -98.10 81.27
C ALA F 772 -56.67 -98.86 80.65
N TRP F 773 -57.55 -98.12 79.96
CA TRP F 773 -58.67 -98.74 79.27
C TRP F 773 -59.15 -97.83 78.15
N LYS F 774 -59.37 -98.41 76.97
CA LYS F 774 -59.97 -97.69 75.87
C LYS F 774 -61.49 -97.75 75.99
N ASN F 775 -62.15 -96.62 75.74
CA ASN F 775 -63.58 -96.52 75.91
C ASN F 775 -64.29 -97.23 74.76
N ILE F 776 -65.13 -98.21 75.10
CA ILE F 776 -66.00 -98.83 74.11
C ILE F 776 -67.11 -97.85 73.74
N GLY F 777 -67.48 -97.86 72.47
CA GLY F 777 -68.37 -96.85 71.93
C GLY F 777 -67.64 -95.70 71.26
N ILE F 778 -66.31 -95.75 71.20
CA ILE F 778 -65.50 -94.77 70.51
C ILE F 778 -64.55 -95.53 69.58
N SER F 779 -64.77 -95.38 68.28
CA SER F 779 -63.98 -96.10 67.28
C SER F 779 -63.27 -95.10 66.39
N LYS F 780 -62.07 -95.47 65.93
CA LYS F 780 -61.30 -94.61 65.04
C LYS F 780 -60.65 -95.45 63.95
N THR F 781 -60.34 -94.81 62.83
CA THR F 781 -59.56 -95.42 61.76
C THR F 781 -58.17 -94.80 61.75
N ALA F 782 -57.16 -95.63 61.51
CA ALA F 782 -55.78 -95.17 61.43
C ALA F 782 -55.06 -95.90 60.31
N ASN F 783 -55.83 -96.43 59.36
CA ASN F 783 -55.24 -97.17 58.26
C ASN F 783 -54.65 -96.22 57.22
N GLY F 784 -54.18 -96.81 56.12
CA GLY F 784 -53.46 -96.06 55.10
C GLY F 784 -54.29 -95.17 54.20
N SER F 785 -55.58 -94.94 54.50
CA SER F 785 -56.41 -94.15 53.61
C SER F 785 -57.27 -93.11 54.30
N LYS F 786 -57.54 -93.26 55.61
CA LYS F 786 -58.49 -92.37 56.26
C LYS F 786 -58.26 -92.40 57.77
N ILE F 787 -58.34 -91.23 58.39
CA ILE F 787 -58.46 -91.12 59.84
C ILE F 787 -59.81 -90.46 60.13
N SER F 788 -60.76 -91.25 60.63
CA SER F 788 -62.07 -90.75 61.02
C SER F 788 -62.40 -91.29 62.41
N VAL F 789 -63.05 -90.45 63.21
CA VAL F 789 -63.38 -90.78 64.59
C VAL F 789 -64.88 -91.04 64.67
N TYR F 790 -65.25 -92.19 65.24
CA TYR F 790 -66.64 -92.64 65.32
C TYR F 790 -67.05 -92.62 66.79
N TYR F 791 -67.48 -91.44 67.25
CA TYR F 791 -67.97 -91.30 68.62
C TYR F 791 -69.42 -91.77 68.63
N LEU F 792 -69.64 -92.97 69.15
CA LEU F 792 -70.97 -93.55 69.19
C LEU F 792 -71.39 -94.05 70.55
N GLY F 793 -70.53 -93.95 71.57
CA GLY F 793 -70.95 -94.35 72.90
C GLY F 793 -70.03 -93.95 74.02
N ASN F 794 -70.59 -93.33 75.05
CA ASN F 794 -69.89 -93.11 76.32
C ASN F 794 -70.32 -94.19 77.30
N SER F 795 -69.85 -95.41 77.03
CA SER F 795 -70.28 -96.57 77.77
C SER F 795 -69.44 -96.74 79.03
N THR F 796 -70.07 -97.33 80.05
CA THR F 796 -69.38 -97.56 81.32
C THR F 796 -68.50 -98.80 81.19
N PRO F 797 -67.19 -98.67 81.43
CA PRO F 797 -66.34 -99.86 81.37
C PRO F 797 -66.50 -100.73 82.61
N THR F 798 -66.58 -102.04 82.37
CA THR F 798 -66.55 -102.97 83.47
C THR F 798 -65.13 -103.14 83.99
N GLU F 799 -65.00 -103.77 85.16
CA GLU F 799 -63.69 -103.82 85.81
C GLU F 799 -62.77 -104.85 85.16
N ASN F 800 -63.19 -106.11 85.14
CA ASN F 800 -62.34 -107.20 84.67
C ASN F 800 -63.03 -107.99 83.55
N GLY F 801 -63.54 -107.26 82.56
CA GLY F 801 -64.20 -107.90 81.44
C GLY F 801 -63.51 -107.68 80.10
N GLY F 802 -62.82 -106.57 79.95
CA GLY F 802 -62.10 -106.29 78.72
C GLY F 802 -62.02 -104.79 78.46
N ASN F 803 -61.62 -104.47 77.22
CA ASN F 803 -61.41 -103.11 76.74
C ASN F 803 -60.38 -102.37 77.59
N THR F 804 -59.33 -103.07 78.01
CA THR F 804 -58.30 -102.50 78.86
C THR F 804 -56.98 -102.48 78.11
N THR F 805 -56.16 -101.48 78.41
CA THR F 805 -54.84 -101.34 77.82
C THR F 805 -53.81 -101.19 78.93
N ASN F 806 -52.54 -101.26 78.56
CA ASN F 806 -51.44 -101.19 79.51
C ASN F 806 -50.78 -99.81 79.41
N LEU F 807 -49.76 -99.57 80.23
CA LEU F 807 -48.93 -98.39 80.07
C LEU F 807 -47.77 -98.69 79.13
N PRO F 808 -47.23 -97.65 78.46
CA PRO F 808 -45.99 -97.88 77.70
C PRO F 808 -44.80 -98.24 78.59
N THR F 809 -44.51 -97.39 79.58
CA THR F 809 -43.48 -97.60 80.60
C THR F 809 -42.11 -97.85 79.97
N ASN F 810 -41.58 -96.79 79.35
CA ASN F 810 -40.27 -96.85 78.71
C ASN F 810 -39.33 -95.84 79.35
N THR F 811 -39.57 -95.53 80.62
CA THR F 811 -38.71 -94.61 81.36
C THR F 811 -38.06 -95.32 82.54
N LEU G 27 1.80 -10.53 -49.59
CA LEU G 27 0.76 -11.47 -49.21
C LEU G 27 -0.63 -10.85 -49.40
N LEU G 28 -0.71 -9.52 -49.24
CA LEU G 28 -1.96 -8.83 -49.49
C LEU G 28 -2.14 -8.51 -50.97
N GLY G 29 -1.12 -8.00 -51.62
CA GLY G 29 -1.24 -7.50 -52.98
C GLY G 29 -1.48 -6.00 -53.01
N TRP G 30 -0.97 -5.38 -54.07
CA TRP G 30 -1.07 -3.94 -54.19
C TRP G 30 -2.49 -3.49 -54.50
N GLY G 31 -3.27 -4.35 -55.17
CA GLY G 31 -4.62 -3.99 -55.56
C GLY G 31 -5.56 -3.83 -54.38
N LEU G 32 -5.24 -4.48 -53.26
CA LEU G 32 -5.96 -4.21 -52.03
C LEU G 32 -5.42 -2.96 -51.34
N LYS G 33 -4.11 -2.79 -51.35
CA LYS G 33 -3.45 -1.76 -50.55
C LYS G 33 -3.78 -0.36 -51.06
N GLN G 34 -3.66 -0.14 -52.37
CA GLN G 34 -4.00 1.18 -52.90
C GLN G 34 -5.49 1.43 -52.83
N ALA G 35 -6.31 0.40 -53.03
CA ALA G 35 -7.75 0.60 -53.00
C ALA G 35 -8.26 0.87 -51.59
N GLU G 36 -7.54 0.46 -50.56
CA GLU G 36 -7.93 0.82 -49.21
C GLU G 36 -7.28 2.11 -48.73
N GLU G 37 -6.14 2.52 -49.29
CA GLU G 37 -5.55 3.79 -48.89
C GLU G 37 -6.09 4.97 -49.66
N ALA G 38 -6.72 4.76 -50.82
CA ALA G 38 -7.20 5.89 -51.60
C ALA G 38 -8.45 6.50 -51.01
N ASN G 39 -9.24 5.70 -50.28
CA ASN G 39 -10.47 6.18 -49.66
C ASN G 39 -10.30 6.21 -48.13
N LYS G 40 -9.72 7.30 -47.64
CA LYS G 40 -9.55 7.51 -46.21
C LYS G 40 -9.85 8.95 -45.85
N THR G 41 -10.38 9.14 -44.65
CA THR G 41 -10.31 10.45 -44.03
C THR G 41 -8.85 10.75 -43.70
N PRO G 42 -8.42 12.02 -43.78
CA PRO G 42 -6.99 12.34 -43.56
C PRO G 42 -6.46 11.98 -42.19
N ASP G 43 -7.00 12.60 -41.13
CA ASP G 43 -6.66 12.38 -39.73
C ASP G 43 -7.67 13.12 -38.88
N LYS G 44 -7.45 13.11 -37.57
CA LYS G 44 -8.13 13.98 -36.62
C LYS G 44 -7.07 14.69 -35.79
N PRO G 45 -6.49 15.79 -36.28
CA PRO G 45 -5.48 16.48 -35.49
C PRO G 45 -6.05 17.62 -34.67
N ASP G 46 -5.54 17.75 -33.46
CA ASP G 46 -5.72 18.94 -32.67
C ASP G 46 -4.66 19.96 -33.04
N LYS G 47 -4.89 21.22 -32.63
CA LYS G 47 -4.00 22.35 -32.88
C LYS G 47 -3.76 22.56 -34.39
N VAL G 48 -4.84 22.94 -35.06
CA VAL G 48 -4.73 23.29 -36.46
C VAL G 48 -4.10 24.68 -36.55
N TRP G 49 -2.80 24.73 -36.79
CA TRP G 49 -2.12 26.02 -36.93
C TRP G 49 -2.48 26.62 -38.27
N ARG G 50 -2.56 27.94 -38.33
CA ARG G 50 -2.81 28.63 -39.58
C ARG G 50 -1.85 29.80 -39.72
N ILE G 51 -1.09 29.81 -40.81
CA ILE G 51 -0.12 30.85 -41.11
C ILE G 51 -0.50 31.46 -42.45
N GLN G 52 -0.64 32.77 -42.50
CA GLN G 52 -0.90 33.46 -43.75
C GLN G 52 0.29 34.36 -44.06
N ALA G 53 0.83 34.22 -45.26
CA ALA G 53 1.89 35.11 -45.69
C ALA G 53 1.28 36.44 -46.08
N GLY G 54 1.48 37.46 -45.25
CA GLY G 54 0.85 38.75 -45.47
C GLY G 54 1.59 39.61 -46.46
N LYS G 55 1.82 40.87 -46.11
CA LYS G 55 2.49 41.78 -47.02
C LYS G 55 3.99 41.63 -46.92
N GLY G 56 4.67 41.96 -48.01
CA GLY G 56 6.10 41.77 -48.09
C GLY G 56 6.49 40.80 -49.17
N PHE G 57 5.72 39.72 -49.32
CA PHE G 57 6.06 38.70 -50.29
C PHE G 57 5.53 39.02 -51.68
N ASN G 58 4.33 39.57 -51.77
CA ASN G 58 3.49 39.45 -52.95
C ASN G 58 3.77 40.51 -54.02
N GLU G 59 4.96 41.11 -54.03
CA GLU G 59 5.27 42.03 -55.12
C GLU G 59 6.72 42.01 -55.59
N PHE G 60 7.55 41.06 -55.15
CA PHE G 60 8.88 40.88 -55.71
C PHE G 60 8.88 39.59 -56.53
N PRO G 61 8.73 39.68 -57.85
CA PRO G 61 8.54 38.47 -58.65
C PRO G 61 9.78 37.61 -58.85
N ASN G 62 10.96 38.05 -58.44
CA ASN G 62 12.16 37.31 -58.79
C ASN G 62 13.14 37.22 -57.62
N LYS G 63 12.66 37.17 -56.40
CA LYS G 63 13.57 37.38 -55.28
C LYS G 63 14.37 36.16 -54.89
N GLU G 64 13.86 34.95 -55.19
CA GLU G 64 14.42 33.67 -54.74
C GLU G 64 14.49 33.64 -53.22
N TYR G 65 13.29 33.57 -52.65
CA TYR G 65 13.09 33.41 -51.21
C TYR G 65 13.61 32.07 -50.75
N ASP G 66 13.72 31.90 -49.44
CA ASP G 66 13.72 30.60 -48.81
C ASP G 66 12.34 30.42 -48.22
N LEU G 67 11.90 29.17 -48.09
CA LEU G 67 10.58 28.90 -47.58
C LEU G 67 10.61 28.32 -46.18
N TYR G 68 11.62 27.50 -45.89
CA TYR G 68 11.75 26.97 -44.54
C TYR G 68 12.13 28.06 -43.55
N LYS G 69 13.26 28.72 -43.79
CA LYS G 69 13.81 29.65 -42.82
C LYS G 69 13.00 30.94 -42.74
N SER G 70 12.55 31.47 -43.88
CA SER G 70 11.86 32.74 -43.85
C SER G 70 10.41 32.60 -43.43
N LEU G 71 9.78 31.45 -43.70
CA LEU G 71 8.39 31.29 -43.30
C LEU G 71 8.14 30.10 -42.38
N LEU G 72 8.55 28.90 -42.78
CA LEU G 72 8.03 27.70 -42.14
C LEU G 72 8.70 27.38 -40.82
N SER G 73 9.88 27.93 -40.55
CA SER G 73 10.57 27.58 -39.32
C SER G 73 9.98 28.22 -38.08
N SER G 74 8.96 29.08 -38.26
CA SER G 74 8.25 29.60 -37.10
C SER G 74 7.42 28.53 -36.43
N LYS G 75 6.82 27.63 -37.21
CA LYS G 75 5.96 26.59 -36.64
C LYS G 75 6.36 25.21 -37.12
N ILE G 76 7.64 25.02 -37.43
CA ILE G 76 8.22 23.69 -37.63
C ILE G 76 9.51 23.65 -36.84
N ASP G 77 9.56 22.79 -35.83
CA ASP G 77 10.68 22.76 -34.90
C ASP G 77 11.52 21.52 -35.12
N GLY G 78 12.83 21.71 -35.20
CA GLY G 78 13.74 20.61 -35.31
C GLY G 78 13.93 19.88 -33.99
N GLY G 79 14.77 18.85 -34.02
CA GLY G 79 15.04 18.13 -32.80
C GLY G 79 15.99 16.96 -32.95
N TRP G 80 16.05 16.12 -31.92
CA TRP G 80 16.91 14.96 -31.88
C TRP G 80 16.14 13.80 -31.26
N ASP G 81 16.12 12.66 -31.95
CA ASP G 81 15.46 11.46 -31.45
C ASP G 81 16.51 10.60 -30.76
N TRP G 82 16.28 10.26 -29.50
CA TRP G 82 17.20 9.39 -28.78
C TRP G 82 17.06 7.99 -29.35
N GLY G 83 17.99 7.62 -30.22
CA GLY G 83 17.85 6.45 -31.06
C GLY G 83 17.81 6.88 -32.51
N ASN G 84 18.87 6.50 -33.25
CA ASN G 84 19.15 6.72 -34.68
C ASN G 84 18.63 8.03 -35.27
N ALA G 85 19.06 9.15 -34.71
CA ALA G 85 18.71 10.44 -35.30
C ALA G 85 19.86 10.96 -36.15
N ALA G 86 19.49 11.63 -37.23
CA ALA G 86 20.36 12.60 -37.87
C ALA G 86 19.81 14.00 -37.70
N THR G 87 18.57 14.23 -38.15
CA THR G 87 17.77 15.35 -37.68
C THR G 87 16.42 14.77 -37.27
N HIS G 88 15.48 15.64 -36.88
CA HIS G 88 14.17 15.21 -36.45
C HIS G 88 13.24 16.40 -36.54
N TYR G 89 12.25 16.32 -37.41
CA TYR G 89 11.33 17.43 -37.61
C TYR G 89 9.90 16.98 -37.41
N TRP G 90 9.14 17.84 -36.74
CA TRP G 90 7.70 17.67 -36.58
C TRP G 90 7.08 19.04 -36.69
N ILE G 91 5.82 19.17 -36.28
CA ILE G 91 5.17 20.44 -36.50
C ILE G 91 5.26 21.33 -35.26
N LYS G 92 4.56 20.94 -34.20
CA LYS G 92 4.61 21.69 -32.94
C LYS G 92 4.05 20.83 -31.81
N GLY G 93 4.91 20.44 -30.88
CA GLY G 93 4.47 19.62 -29.77
C GLY G 93 4.00 18.24 -30.17
N GLY G 94 4.77 17.53 -30.98
CA GLY G 94 4.43 16.19 -31.40
C GLY G 94 4.13 16.14 -32.89
N GLN G 95 3.91 14.91 -33.36
CA GLN G 95 3.68 14.65 -34.78
C GLN G 95 2.20 14.57 -35.13
N TRP G 96 1.33 15.16 -34.33
CA TRP G 96 -0.11 15.05 -34.59
C TRP G 96 -0.78 16.41 -34.69
N ASN G 97 -0.12 17.38 -35.30
CA ASN G 97 -0.62 18.74 -35.36
C ASN G 97 -0.56 19.25 -36.79
N LYS G 98 -1.71 19.64 -37.32
CA LYS G 98 -1.80 20.19 -38.65
C LYS G 98 -1.43 21.67 -38.66
N LEU G 99 -0.66 22.08 -39.68
CA LEU G 99 -0.56 23.50 -39.98
C LEU G 99 -1.08 23.70 -41.39
N GLU G 100 -1.28 24.95 -41.79
CA GLU G 100 -1.52 25.26 -43.18
C GLU G 100 -0.95 26.63 -43.50
N VAL G 101 -0.57 26.82 -44.75
CA VAL G 101 -0.05 28.10 -45.25
C VAL G 101 -0.97 28.55 -46.37
N ASP G 102 -1.49 29.76 -46.26
CA ASP G 102 -2.46 30.27 -47.21
C ASP G 102 -1.90 31.54 -47.85
N MET G 103 -1.11 31.39 -48.90
CA MET G 103 -0.54 32.58 -49.55
C MET G 103 -1.51 33.15 -50.58
N LYS G 104 -1.74 32.40 -51.66
CA LYS G 104 -2.68 32.67 -52.75
C LYS G 104 -2.34 33.87 -53.62
N ASP G 105 -1.33 34.67 -53.25
CA ASP G 105 -0.86 35.74 -54.12
C ASP G 105 0.63 35.99 -54.03
N ALA G 106 1.36 35.21 -53.26
CA ALA G 106 2.77 35.49 -53.04
C ALA G 106 3.59 35.10 -54.27
N VAL G 107 4.10 36.10 -54.97
CA VAL G 107 4.76 35.92 -56.25
C VAL G 107 6.26 35.83 -55.99
N GLY G 108 6.90 34.88 -56.62
CA GLY G 108 8.33 34.75 -56.51
C GLY G 108 8.77 33.34 -56.85
N THR G 109 9.77 32.87 -56.12
CA THR G 109 10.30 31.53 -56.27
C THR G 109 10.88 31.05 -54.95
N TYR G 110 10.41 29.91 -54.48
CA TYR G 110 10.63 29.44 -53.13
C TYR G 110 11.38 28.12 -53.16
N LYS G 111 12.00 27.77 -52.05
CA LYS G 111 12.73 26.52 -52.00
C LYS G 111 12.74 25.96 -50.60
N LEU G 112 12.81 24.63 -50.51
CA LEU G 112 12.87 23.96 -49.21
C LEU G 112 14.30 23.75 -48.77
N SER G 113 15.08 22.99 -49.55
CA SER G 113 16.54 22.91 -49.47
C SER G 113 17.02 22.43 -48.09
N GLY G 114 16.65 21.20 -47.75
CA GLY G 114 17.28 20.58 -46.60
C GLY G 114 16.37 20.07 -45.51
N LEU G 115 15.08 19.95 -45.78
CA LEU G 115 14.15 19.40 -44.78
C LEU G 115 14.26 17.89 -44.81
N ARG G 116 15.07 17.36 -43.91
CA ARG G 116 15.38 15.94 -43.90
C ARG G 116 14.78 15.25 -42.69
N ASN G 117 14.26 14.04 -42.91
CA ASN G 117 13.58 13.22 -41.89
C ASN G 117 12.43 13.98 -41.24
N PHE G 118 11.60 14.60 -42.08
CA PHE G 118 10.42 15.30 -41.62
C PHE G 118 9.34 14.29 -41.24
N THR G 119 9.04 14.17 -39.95
CA THR G 119 7.91 13.34 -39.54
C THR G 119 6.61 14.11 -39.66
N GLY G 120 6.46 15.17 -38.88
CA GLY G 120 5.44 16.19 -39.07
C GLY G 120 3.99 15.76 -39.08
N GLY G 121 3.35 15.93 -40.23
CA GLY G 121 1.95 15.63 -40.36
C GLY G 121 1.14 16.81 -40.83
N ASP G 122 0.51 16.65 -41.99
CA ASP G 122 -0.53 17.52 -42.52
C ASP G 122 -0.03 18.95 -42.77
N LEU G 123 0.94 19.05 -43.67
CA LEU G 123 1.22 20.31 -44.33
C LEU G 123 0.31 20.47 -45.52
N ASP G 124 0.07 21.73 -45.92
CA ASP G 124 -0.47 22.04 -47.24
C ASP G 124 -0.08 23.47 -47.57
N VAL G 125 0.94 23.63 -48.37
CA VAL G 125 1.49 24.94 -48.66
C VAL G 125 0.80 25.48 -49.90
N ASN G 126 -0.29 26.18 -49.71
CA ASN G 126 -1.13 26.65 -50.81
C ASN G 126 -0.46 27.88 -51.41
N MET G 127 0.18 27.71 -52.56
CA MET G 127 0.95 28.76 -53.21
C MET G 127 0.50 28.92 -54.65
N GLN G 128 -0.57 29.65 -54.90
CA GLN G 128 -0.88 30.00 -56.27
C GLN G 128 0.12 31.03 -56.76
N LYS G 129 0.34 31.01 -58.10
CA LYS G 129 1.30 31.83 -58.85
C LYS G 129 2.67 31.97 -58.16
N ALA G 130 3.18 30.86 -57.64
CA ALA G 130 4.46 30.83 -56.95
C ALA G 130 5.24 29.61 -57.42
N THR G 131 6.36 29.85 -58.10
CA THR G 131 7.24 28.77 -58.52
C THR G 131 7.90 28.16 -57.29
N LEU G 132 7.88 26.85 -57.20
CA LEU G 132 8.56 26.16 -56.11
C LEU G 132 9.91 25.66 -56.63
N ARG G 133 10.75 25.18 -55.71
CA ARG G 133 11.94 24.43 -56.06
C ARG G 133 12.24 23.51 -54.90
N LEU G 134 11.90 22.24 -55.00
CA LEU G 134 11.88 21.40 -53.81
C LEU G 134 13.24 20.74 -53.57
N GLY G 135 14.32 21.37 -53.98
CA GLY G 135 15.64 20.86 -53.68
C GLY G 135 16.72 21.79 -54.16
N GLN G 136 17.66 22.11 -53.27
CA GLN G 136 18.78 22.99 -53.62
C GLN G 136 19.87 22.67 -52.60
N PHE G 137 20.97 22.08 -53.07
CA PHE G 137 22.20 21.79 -52.32
C PHE G 137 22.00 20.68 -51.28
N ASN G 138 20.77 20.23 -51.07
CA ASN G 138 20.45 19.24 -50.06
C ASN G 138 19.09 18.65 -50.41
N GLY G 139 18.89 17.38 -50.05
CA GLY G 139 17.67 16.68 -50.39
C GLY G 139 16.55 16.99 -49.42
N ASN G 140 15.47 16.22 -49.56
CA ASN G 140 14.28 16.36 -48.74
C ASN G 140 13.73 14.98 -48.40
N SER G 141 12.92 14.91 -47.35
CA SER G 141 12.37 13.64 -46.91
C SER G 141 11.05 13.89 -46.20
N PHE G 142 10.14 12.93 -46.33
CA PHE G 142 8.80 13.06 -45.76
C PHE G 142 8.39 11.69 -45.24
N THR G 143 8.39 11.53 -43.92
CA THR G 143 8.26 10.24 -43.28
C THR G 143 7.17 10.36 -42.21
N SER G 144 6.69 9.23 -41.71
CA SER G 144 5.87 9.22 -40.51
C SER G 144 6.41 8.20 -39.53
N TYR G 145 5.69 8.04 -38.41
CA TYR G 145 6.02 7.05 -37.40
C TYR G 145 4.87 6.10 -37.19
N LYS G 146 5.20 4.83 -36.94
CA LYS G 146 4.21 3.83 -36.60
C LYS G 146 3.86 4.04 -35.13
N ASP G 147 2.83 4.83 -34.89
CA ASP G 147 2.32 5.07 -33.56
C ASP G 147 1.25 4.04 -33.24
N SER G 148 0.52 4.24 -32.15
CA SER G 148 -0.65 3.43 -31.87
C SER G 148 -1.88 3.93 -32.61
N ALA G 149 -1.80 5.09 -33.26
CA ALA G 149 -2.90 5.62 -34.06
C ALA G 149 -2.74 5.34 -35.54
N ASP G 150 -1.54 5.00 -35.99
CA ASP G 150 -1.21 4.58 -37.36
C ASP G 150 -1.59 5.68 -38.36
N ARG G 151 -0.88 6.79 -38.25
CA ARG G 151 -1.21 8.00 -38.98
C ARG G 151 -0.43 8.09 -40.28
N THR G 152 -0.92 8.94 -41.17
CA THR G 152 -0.25 9.31 -42.42
C THR G 152 0.40 10.66 -42.24
N THR G 153 0.88 11.23 -43.35
CA THR G 153 1.41 12.59 -43.32
C THR G 153 0.58 13.56 -44.12
N ARG G 154 0.14 13.20 -45.32
CA ARG G 154 -0.73 13.99 -46.20
C ARG G 154 -0.11 15.35 -46.54
N VAL G 155 1.19 15.34 -46.81
CA VAL G 155 1.92 16.56 -47.17
C VAL G 155 1.45 17.02 -48.55
N ASP G 156 1.01 18.26 -48.65
CA ASP G 156 0.43 18.77 -49.88
C ASP G 156 1.18 20.01 -50.33
N PHE G 157 1.06 20.34 -51.61
CA PHE G 157 1.60 21.57 -52.20
C PHE G 157 0.67 22.01 -53.30
N ASN G 158 0.69 23.29 -53.63
CA ASN G 158 -0.21 23.78 -54.66
C ASN G 158 0.45 24.86 -55.50
N ALA G 159 1.69 24.62 -55.93
CA ALA G 159 2.50 25.64 -56.57
C ALA G 159 2.09 25.85 -58.03
N LYS G 160 2.94 26.52 -58.81
CA LYS G 160 2.64 26.78 -60.22
C LYS G 160 3.55 25.98 -61.14
N ASN G 161 4.86 26.11 -61.01
CA ASN G 161 5.79 25.06 -61.40
C ASN G 161 6.28 24.43 -60.11
N ILE G 162 7.04 23.35 -60.18
CA ILE G 162 7.56 22.71 -58.98
C ILE G 162 9.08 22.53 -59.01
N LEU G 163 9.61 21.96 -60.10
CA LEU G 163 11.07 21.98 -60.40
C LEU G 163 11.88 21.32 -59.28
N ILE G 164 11.76 19.99 -59.19
CA ILE G 164 12.25 19.21 -58.04
C ILE G 164 13.73 19.45 -57.78
N ASP G 165 14.58 19.18 -58.78
CA ASP G 165 15.96 19.67 -58.89
C ASP G 165 16.96 19.14 -57.86
N ASN G 166 16.51 18.35 -56.89
CA ASN G 166 17.39 17.56 -56.04
C ASN G 166 16.53 16.47 -55.42
N PHE G 167 17.17 15.46 -54.83
CA PHE G 167 16.47 14.22 -54.51
C PHE G 167 15.46 14.42 -53.37
N LEU G 168 14.48 13.53 -53.35
CA LEU G 168 13.38 13.57 -52.41
C LEU G 168 13.03 12.14 -52.04
N GLU G 169 13.04 11.83 -50.75
CA GLU G 169 12.82 10.47 -50.28
C GLU G 169 11.55 10.40 -49.47
N ILE G 170 10.51 9.83 -50.07
CA ILE G 170 9.20 9.77 -49.45
C ILE G 170 9.13 8.48 -48.64
N ASN G 171 8.78 8.62 -47.35
CA ASN G 171 8.72 7.52 -46.38
C ASN G 171 10.05 6.80 -46.29
N ASN G 172 11.11 7.51 -45.98
CA ASN G 172 12.43 6.90 -45.92
C ASN G 172 12.62 6.18 -44.57
N ARG G 173 13.81 5.66 -44.35
CA ARG G 173 14.24 5.30 -43.02
C ARG G 173 14.74 6.54 -42.33
N VAL G 174 14.42 6.68 -41.05
CA VAL G 174 14.80 7.88 -40.31
C VAL G 174 16.30 7.91 -40.07
N GLY G 175 16.80 6.95 -39.29
CA GLY G 175 18.22 6.77 -39.16
C GLY G 175 18.67 5.43 -39.68
N SER G 176 18.90 4.49 -38.77
CA SER G 176 19.35 3.15 -39.10
C SER G 176 18.59 2.16 -38.22
N GLY G 177 17.47 1.68 -38.74
CA GLY G 177 16.80 0.54 -38.16
C GLY G 177 16.02 0.77 -36.88
N ALA G 178 16.71 1.08 -35.79
CA ALA G 178 16.13 1.05 -34.46
C ALA G 178 15.27 2.30 -34.22
N GLY G 179 14.87 2.50 -32.97
CA GLY G 179 13.96 3.57 -32.66
C GLY G 179 12.55 3.24 -33.12
N ARG G 180 11.82 4.27 -33.51
CA ARG G 180 10.46 4.08 -33.99
C ARG G 180 10.46 3.82 -35.48
N LYS G 181 9.58 2.92 -35.90
CA LYS G 181 9.51 2.53 -37.31
C LYS G 181 8.62 3.50 -38.08
N ALA G 182 8.66 3.39 -39.40
CA ALA G 182 8.01 4.34 -40.29
C ALA G 182 6.71 3.76 -40.83
N SER G 183 5.61 4.51 -40.67
CA SER G 183 4.32 4.14 -41.21
C SER G 183 4.14 4.76 -42.60
N SER G 184 2.90 4.78 -43.09
CA SER G 184 2.62 5.23 -44.43
C SER G 184 2.68 6.75 -44.53
N THR G 185 2.58 7.24 -45.77
CA THR G 185 2.55 8.66 -46.06
C THR G 185 1.89 8.91 -47.40
N VAL G 186 1.53 10.16 -47.65
CA VAL G 186 0.96 10.61 -48.91
C VAL G 186 1.59 11.95 -49.24
N LEU G 187 2.15 12.07 -50.43
CA LEU G 187 2.64 13.35 -50.93
C LEU G 187 1.77 13.76 -52.10
N THR G 188 1.38 15.03 -52.15
CA THR G 188 0.56 15.53 -53.23
C THR G 188 1.20 16.78 -53.81
N LEU G 189 1.49 16.75 -55.10
CA LEU G 189 2.11 17.87 -55.79
C LEU G 189 1.15 18.33 -56.87
N GLN G 190 0.63 19.54 -56.74
CA GLN G 190 -0.54 19.92 -57.50
C GLN G 190 -0.30 21.23 -58.23
N ALA G 191 0.77 21.26 -59.03
CA ALA G 191 1.08 22.44 -59.82
C ALA G 191 0.06 22.66 -60.93
N SER G 192 0.28 23.71 -61.71
CA SER G 192 -0.60 24.00 -62.82
C SER G 192 0.14 24.41 -64.09
N GLU G 193 1.46 24.22 -64.14
CA GLU G 193 2.21 24.47 -65.36
C GLU G 193 3.22 23.39 -65.70
N GLY G 194 3.54 22.50 -64.80
CA GLY G 194 4.45 21.41 -65.09
C GLY G 194 5.24 21.03 -63.85
N ILE G 195 5.45 19.74 -63.70
CA ILE G 195 6.27 19.19 -62.63
C ILE G 195 7.48 18.59 -63.30
N THR G 196 8.52 19.36 -63.50
CA THR G 196 9.70 18.82 -64.14
C THR G 196 10.66 18.40 -63.05
N SER G 197 11.89 18.07 -63.45
CA SER G 197 12.91 17.60 -62.53
C SER G 197 14.26 17.78 -63.18
N SER G 198 15.30 17.68 -62.38
CA SER G 198 16.64 17.74 -62.94
C SER G 198 17.19 16.33 -63.13
N LYS G 199 18.44 16.25 -63.57
CA LYS G 199 19.03 14.98 -63.94
C LYS G 199 19.40 14.14 -62.73
N ASN G 200 19.86 14.78 -61.66
CA ASN G 200 20.31 14.06 -60.47
C ASN G 200 19.30 14.14 -59.32
N ALA G 201 18.01 14.08 -59.63
CA ALA G 201 16.97 14.16 -58.61
C ALA G 201 16.37 12.77 -58.44
N GLU G 202 16.88 12.03 -57.46
CA GLU G 202 16.45 10.67 -57.19
C GLU G 202 15.19 10.69 -56.36
N ILE G 203 14.05 10.55 -57.02
CA ILE G 203 12.81 10.33 -56.30
C ILE G 203 12.75 8.88 -55.88
N SER G 204 12.71 8.62 -54.58
CA SER G 204 12.75 7.24 -54.11
C SER G 204 11.69 7.09 -53.02
N LEU G 205 10.52 6.62 -53.42
CA LEU G 205 9.43 6.38 -52.49
C LEU G 205 9.41 4.92 -52.09
N TYR G 206 9.05 4.67 -50.83
CA TYR G 206 9.30 3.38 -50.21
C TYR G 206 7.99 2.69 -49.85
N ASP G 207 8.10 1.67 -48.99
CA ASP G 207 7.06 0.71 -48.60
C ASP G 207 5.65 1.28 -48.42
N GLY G 208 5.53 2.44 -47.80
CA GLY G 208 4.18 2.92 -47.54
C GLY G 208 3.80 4.13 -48.36
N ALA G 209 4.71 4.61 -49.19
CA ALA G 209 4.58 5.91 -49.78
C ALA G 209 3.70 5.90 -51.01
N THR G 210 2.99 7.00 -51.22
CA THR G 210 2.28 7.26 -52.46
C THR G 210 2.74 8.60 -53.00
N LEU G 211 2.13 9.02 -54.10
CA LEU G 211 2.46 10.29 -54.73
C LEU G 211 1.31 10.65 -55.66
N ASN G 212 0.69 11.79 -55.46
CA ASN G 212 -0.37 12.23 -56.36
C ASN G 212 0.11 13.48 -57.09
N LEU G 213 -0.07 13.49 -58.41
CA LEU G 213 0.34 14.62 -59.23
C LEU G 213 -0.89 15.14 -59.95
N ALA G 214 -0.95 16.44 -60.21
CA ALA G 214 -2.15 16.95 -60.85
C ALA G 214 -1.89 18.09 -61.83
N SER G 215 -0.66 18.27 -62.27
CA SER G 215 -0.34 19.35 -63.19
C SER G 215 -0.59 18.87 -64.62
N ASN G 216 -0.06 19.57 -65.61
CA ASN G 216 0.08 18.98 -66.93
C ASN G 216 1.56 18.84 -67.27
N SER G 217 1.88 17.77 -67.99
CA SER G 217 3.21 17.43 -68.52
C SER G 217 4.24 17.27 -67.39
N VAL G 218 4.02 16.23 -66.59
CA VAL G 218 5.05 15.72 -65.70
C VAL G 218 6.19 15.20 -66.55
N LYS G 219 7.41 15.66 -66.28
CA LYS G 219 8.57 15.10 -67.00
C LYS G 219 9.75 14.93 -66.05
N LEU G 220 9.76 13.78 -65.37
CA LEU G 220 10.76 13.49 -64.35
C LEU G 220 12.00 12.93 -65.03
N ASN G 221 13.01 13.77 -65.20
CA ASN G 221 14.20 13.34 -65.92
C ASN G 221 15.23 12.66 -65.01
N GLY G 222 14.81 12.12 -63.87
CA GLY G 222 15.73 11.50 -62.95
C GLY G 222 15.30 10.11 -62.53
N ASN G 223 16.09 9.53 -61.63
CA ASN G 223 15.89 8.17 -61.15
C ASN G 223 14.65 8.12 -60.27
N VAL G 224 13.53 7.67 -60.83
CA VAL G 224 12.39 7.35 -59.99
C VAL G 224 12.55 5.94 -59.45
N TRP G 225 12.47 5.78 -58.13
CA TRP G 225 12.86 4.54 -57.48
C TRP G 225 11.70 4.05 -56.63
N MET G 226 10.76 3.31 -57.21
CA MET G 226 9.64 2.79 -56.46
C MET G 226 10.06 1.52 -55.73
N GLY G 227 10.03 1.56 -54.41
CA GLY G 227 10.38 0.38 -53.65
C GLY G 227 11.86 0.32 -53.39
N ARG G 228 12.27 0.32 -52.13
CA ARG G 228 13.67 0.29 -51.79
C ARG G 228 13.79 -0.48 -50.49
N LEU G 229 15.01 -0.94 -50.18
CA LEU G 229 15.28 -1.56 -48.90
C LEU G 229 15.12 -0.50 -47.83
N GLN G 230 13.99 -0.57 -47.11
CA GLN G 230 13.72 0.41 -46.08
C GLN G 230 14.62 0.22 -44.88
N TYR G 231 14.93 -1.03 -44.55
CA TYR G 231 15.82 -1.35 -43.47
C TYR G 231 17.02 -2.11 -44.02
N VAL G 232 17.93 -2.49 -43.13
CA VAL G 232 19.27 -2.86 -43.57
C VAL G 232 19.31 -4.30 -44.10
N GLY G 233 18.50 -5.20 -43.56
CA GLY G 233 18.61 -6.59 -43.96
C GLY G 233 17.30 -7.24 -44.33
N ALA G 234 16.19 -6.52 -44.17
CA ALA G 234 14.86 -7.07 -44.41
C ALA G 234 14.63 -7.19 -45.91
N TYR G 235 15.10 -8.32 -46.45
CA TYR G 235 14.89 -8.62 -47.86
C TYR G 235 13.49 -9.16 -48.12
N LEU G 236 12.71 -9.44 -47.08
CA LEU G 236 11.40 -10.06 -47.22
C LEU G 236 10.27 -9.09 -46.92
N ALA G 237 10.50 -7.79 -47.09
CA ALA G 237 9.43 -6.83 -46.90
C ALA G 237 8.48 -6.86 -48.10
N PRO G 238 7.21 -6.50 -47.89
CA PRO G 238 6.29 -6.36 -49.04
C PRO G 238 6.67 -5.24 -49.99
N SER G 239 6.85 -4.02 -49.45
CA SER G 239 7.36 -2.85 -50.16
C SER G 239 6.49 -2.47 -51.36
N TYR G 240 5.29 -1.99 -51.04
CA TYR G 240 4.40 -1.44 -52.05
C TYR G 240 4.72 0.03 -52.30
N SER G 241 4.11 0.59 -53.35
CA SER G 241 4.20 2.01 -53.64
C SER G 241 3.08 2.37 -54.60
N THR G 242 3.01 3.66 -54.96
CA THR G 242 2.01 4.18 -55.87
C THR G 242 2.48 5.55 -56.35
N ILE G 243 2.43 5.77 -57.66
CA ILE G 243 2.58 7.12 -58.20
C ILE G 243 1.34 7.41 -59.02
N ASN G 244 0.34 7.98 -58.37
CA ASN G 244 -0.99 8.12 -58.94
C ASN G 244 -1.03 9.42 -59.72
N THR G 245 -0.57 9.38 -60.96
CA THR G 245 -0.60 10.55 -61.82
C THR G 245 -1.93 10.67 -62.54
N SER G 246 -3.03 10.62 -61.79
CA SER G 246 -4.35 10.49 -62.39
C SER G 246 -4.85 11.75 -63.08
N LYS G 247 -4.52 12.92 -62.55
CA LYS G 247 -5.14 14.15 -63.03
C LYS G 247 -4.37 14.78 -64.16
N VAL G 248 -3.27 14.17 -64.60
CA VAL G 248 -2.30 14.85 -65.46
C VAL G 248 -2.89 14.98 -66.86
N THR G 249 -3.27 16.21 -67.22
CA THR G 249 -3.93 16.44 -68.49
C THR G 249 -2.96 16.62 -69.65
N GLY G 250 -1.66 16.47 -69.42
CA GLY G 250 -0.70 16.73 -70.46
C GLY G 250 0.05 15.51 -70.95
N GLU G 251 1.37 15.52 -70.78
CA GLU G 251 2.26 14.53 -71.35
C GLU G 251 3.12 13.93 -70.24
N VAL G 252 2.74 12.76 -69.74
CA VAL G 252 3.56 12.08 -68.74
C VAL G 252 4.84 11.62 -69.42
N ASN G 253 5.97 11.81 -68.75
CA ASN G 253 7.25 11.47 -69.37
C ASN G 253 8.22 11.09 -68.26
N PHE G 254 8.30 9.81 -67.94
CA PHE G 254 9.39 9.40 -67.08
C PHE G 254 10.66 9.29 -67.90
N ASN G 255 11.78 9.05 -67.22
CA ASN G 255 12.98 8.84 -67.99
C ASN G 255 13.73 7.62 -67.52
N HIS G 256 13.70 7.34 -66.22
CA HIS G 256 14.47 6.24 -65.68
C HIS G 256 13.69 5.70 -64.49
N LEU G 257 12.89 4.66 -64.74
CA LEU G 257 12.09 4.08 -63.69
C LEU G 257 12.74 2.80 -63.19
N THR G 258 12.78 2.66 -61.87
CA THR G 258 13.46 1.51 -61.28
C THR G 258 12.62 0.98 -60.14
N VAL G 259 12.12 -0.25 -60.30
CA VAL G 259 11.21 -0.86 -59.35
C VAL G 259 11.95 -1.92 -58.57
N GLY G 260 11.90 -1.81 -57.25
CA GLY G 260 12.35 -2.93 -56.45
C GLY G 260 13.84 -2.91 -56.21
N ASP G 261 14.23 -3.40 -55.04
CA ASP G 261 15.64 -3.55 -54.68
C ASP G 261 15.71 -4.64 -53.61
N HIS G 262 16.18 -5.84 -54.01
CA HIS G 262 16.46 -6.97 -53.12
C HIS G 262 15.23 -7.43 -52.35
N ASN G 263 14.06 -7.31 -52.97
CA ASN G 263 12.80 -7.75 -52.36
C ASN G 263 11.77 -7.97 -53.46
N ALA G 264 10.57 -8.35 -53.05
CA ALA G 264 9.47 -8.58 -53.99
C ALA G 264 8.55 -7.36 -53.97
N ALA G 265 9.00 -6.30 -54.62
CA ALA G 265 8.25 -5.06 -54.65
C ALA G 265 7.13 -5.14 -55.68
N GLN G 266 5.98 -4.58 -55.33
CA GLN G 266 4.82 -4.56 -56.20
C GLN G 266 4.35 -3.12 -56.32
N ALA G 267 4.89 -2.42 -57.31
CA ALA G 267 4.56 -1.03 -57.53
C ALA G 267 3.38 -0.90 -58.48
N GLY G 268 2.80 0.28 -58.52
CA GLY G 268 1.66 0.52 -59.38
C GLY G 268 1.55 1.97 -59.74
N ILE G 269 1.30 2.25 -61.00
CA ILE G 269 1.18 3.60 -61.53
C ILE G 269 -0.18 3.75 -62.16
N ILE G 270 -1.04 4.53 -61.54
CA ILE G 270 -2.36 4.80 -62.10
C ILE G 270 -2.21 6.01 -63.00
N ALA G 271 -1.97 5.78 -64.28
CA ALA G 271 -1.54 6.85 -65.16
C ALA G 271 -2.76 7.53 -65.78
N SER G 272 -2.51 8.35 -66.80
CA SER G 272 -3.52 9.14 -67.49
C SER G 272 -3.46 8.88 -68.98
N ASN G 273 -3.49 7.59 -69.34
CA ASN G 273 -3.68 7.00 -70.68
C ASN G 273 -2.72 7.54 -71.75
N LYS G 274 -1.56 8.04 -71.36
CA LYS G 274 -0.45 8.29 -72.28
C LYS G 274 0.82 8.34 -71.45
N THR G 275 1.65 7.32 -71.50
CA THR G 275 2.76 7.22 -70.56
C THR G 275 4.02 6.80 -71.32
N HIS G 276 4.72 7.76 -71.89
CA HIS G 276 6.05 7.48 -72.40
C HIS G 276 6.97 7.40 -71.21
N ILE G 277 7.66 6.27 -71.04
CA ILE G 277 8.75 6.24 -70.08
C ILE G 277 10.02 5.91 -70.85
N GLY G 278 11.14 5.91 -70.12
CA GLY G 278 12.39 5.55 -70.72
C GLY G 278 12.85 4.20 -70.25
N THR G 279 14.05 4.13 -69.68
CA THR G 279 14.62 2.87 -69.25
C THR G 279 13.92 2.38 -67.98
N LEU G 280 13.33 1.19 -68.07
CA LEU G 280 12.71 0.51 -66.94
C LEU G 280 13.66 -0.58 -66.45
N ASP G 281 13.93 -0.60 -65.15
CA ASP G 281 14.87 -1.54 -64.57
C ASP G 281 14.18 -2.30 -63.44
N LEU G 282 13.55 -3.42 -63.78
CA LEU G 282 12.92 -4.24 -62.75
C LEU G 282 13.97 -5.00 -61.95
N TRP G 283 13.50 -5.62 -60.87
CA TRP G 283 14.32 -6.52 -60.08
C TRP G 283 13.95 -7.95 -60.51
N GLN G 284 14.50 -8.95 -59.82
CA GLN G 284 14.18 -10.34 -60.09
C GLN G 284 12.71 -10.65 -59.84
N SER G 285 12.16 -10.13 -58.76
CA SER G 285 10.81 -10.44 -58.32
C SER G 285 9.98 -9.18 -58.17
N ALA G 286 10.14 -8.23 -59.09
CA ALA G 286 9.48 -6.94 -58.99
C ALA G 286 8.27 -6.88 -59.92
N GLY G 287 7.11 -6.53 -59.37
CA GLY G 287 5.92 -6.35 -60.15
C GLY G 287 5.69 -4.90 -60.50
N LEU G 288 4.75 -4.68 -61.42
CA LEU G 288 4.43 -3.33 -61.87
C LEU G 288 3.02 -3.33 -62.40
N ASN G 289 2.16 -2.50 -61.84
CA ASN G 289 0.76 -2.45 -62.25
C ASN G 289 0.47 -1.08 -62.82
N ILE G 290 0.79 -0.89 -64.10
CA ILE G 290 0.42 0.33 -64.79
C ILE G 290 -1.06 0.20 -65.14
N ILE G 291 -1.88 1.12 -64.66
CA ILE G 291 -3.31 1.03 -64.83
C ILE G 291 -3.79 2.24 -65.60
N ALA G 292 -4.25 2.02 -66.81
CA ALA G 292 -4.89 3.07 -67.59
C ALA G 292 -6.26 3.37 -67.01
N PRO G 293 -6.81 4.56 -67.27
CA PRO G 293 -8.16 4.88 -66.77
C PRO G 293 -9.22 4.11 -67.53
N PRO G 294 -10.47 4.07 -67.03
CA PRO G 294 -11.55 3.45 -67.80
C PRO G 294 -11.98 4.27 -69.01
N GLU G 295 -13.08 3.84 -69.64
CA GLU G 295 -13.51 4.39 -70.91
C GLU G 295 -13.90 5.86 -70.80
N GLY G 296 -14.80 6.18 -69.88
CA GLY G 296 -15.24 7.56 -69.74
C GLY G 296 -14.37 8.36 -68.79
N GLY G 297 -13.25 7.77 -68.36
CA GLY G 297 -12.44 8.38 -67.35
C GLY G 297 -13.03 8.22 -65.96
N TYR G 298 -12.28 8.68 -64.97
CA TYR G 298 -12.73 8.59 -63.60
C TYR G 298 -13.83 9.61 -63.32
N LYS G 299 -14.89 9.15 -62.65
CA LYS G 299 -16.01 9.98 -62.16
C LYS G 299 -16.71 10.82 -63.24
N GLN G 335 -21.05 -2.55 -27.03
CA GLN G 335 -21.44 -1.30 -26.39
C GLN G 335 -22.33 -0.47 -27.30
N LYS G 336 -21.84 -0.20 -28.51
CA LYS G 336 -22.58 0.58 -29.49
C LYS G 336 -22.01 0.27 -30.87
N THR G 337 -22.91 0.07 -31.84
CA THR G 337 -22.50 -0.13 -33.21
C THR G 337 -21.96 1.18 -33.78
N GLU G 338 -21.14 1.05 -34.81
CA GLU G 338 -20.66 2.22 -35.53
C GLU G 338 -20.46 1.85 -37.00
N VAL G 339 -20.90 2.73 -37.88
CA VAL G 339 -20.94 2.46 -39.30
C VAL G 339 -19.66 2.97 -39.94
N GLN G 340 -18.81 2.06 -40.38
CA GLN G 340 -17.65 2.44 -41.16
C GLN G 340 -18.11 2.88 -42.54
N PRO G 341 -17.38 3.79 -43.18
CA PRO G 341 -17.84 4.28 -44.49
C PRO G 341 -17.64 3.24 -45.59
N THR G 342 -18.31 3.48 -46.72
CA THR G 342 -18.28 2.56 -47.83
C THR G 342 -16.91 2.54 -48.49
N GLN G 343 -16.22 1.42 -48.33
CA GLN G 343 -14.88 1.23 -48.86
C GLN G 343 -15.03 0.61 -50.24
N VAL G 344 -15.20 1.46 -51.25
CA VAL G 344 -15.35 0.99 -52.62
C VAL G 344 -14.01 0.46 -53.08
N ILE G 345 -14.01 -0.75 -53.64
CA ILE G 345 -12.78 -1.43 -54.02
C ILE G 345 -12.79 -1.56 -55.54
N ASP G 346 -11.63 -1.84 -56.12
CA ASP G 346 -11.45 -1.92 -57.56
C ASP G 346 -11.10 -3.34 -57.95
N GLY G 347 -11.58 -3.76 -59.10
CA GLY G 347 -11.12 -4.98 -59.72
C GLY G 347 -10.28 -4.66 -60.93
N PRO G 348 -9.69 -5.67 -61.55
CA PRO G 348 -8.96 -5.43 -62.79
C PRO G 348 -9.90 -5.16 -63.96
N PHE G 349 -10.00 -3.90 -64.36
CA PHE G 349 -10.93 -3.51 -65.40
C PHE G 349 -10.20 -3.33 -66.71
N ALA G 350 -10.91 -2.87 -67.73
CA ALA G 350 -10.34 -2.64 -69.05
C ALA G 350 -10.10 -1.15 -69.23
N GLY G 351 -8.97 -0.80 -69.82
CA GLY G 351 -8.69 0.58 -70.12
C GLY G 351 -9.56 1.12 -71.24
N GLY G 352 -9.46 2.42 -71.46
CA GLY G 352 -10.18 3.07 -72.54
C GLY G 352 -9.62 2.70 -73.90
N LYS G 353 -10.11 3.43 -74.91
CA LYS G 353 -9.75 3.09 -76.29
C LYS G 353 -8.32 3.50 -76.62
N ASP G 354 -7.98 4.77 -76.41
CA ASP G 354 -6.66 5.29 -76.75
C ASP G 354 -5.78 5.39 -75.51
N THR G 355 -5.45 4.22 -74.95
CA THR G 355 -4.58 4.13 -73.79
C THR G 355 -3.27 3.49 -74.24
N VAL G 356 -2.20 4.27 -74.20
CA VAL G 356 -0.92 3.90 -74.78
C VAL G 356 0.14 3.96 -73.69
N VAL G 357 0.95 2.92 -73.59
CA VAL G 357 2.05 2.87 -72.63
C VAL G 357 3.33 2.58 -73.41
N ASN G 358 4.10 3.62 -73.72
CA ASN G 358 5.23 3.50 -74.63
C ASN G 358 6.52 3.26 -73.85
N ILE G 359 6.59 2.17 -73.11
CA ILE G 359 7.82 1.79 -72.43
C ILE G 359 8.86 1.42 -73.47
N ASP G 360 10.06 2.00 -73.39
CA ASP G 360 10.99 1.82 -74.48
C ASP G 360 12.22 1.01 -74.15
N ARG G 361 12.42 0.58 -72.92
CA ARG G 361 13.49 -0.36 -72.57
C ARG G 361 13.20 -1.05 -71.26
N ILE G 362 13.27 -2.37 -71.24
CA ILE G 362 13.03 -3.14 -70.03
C ILE G 362 14.30 -3.92 -69.72
N ASN G 363 15.01 -3.51 -68.67
CA ASN G 363 16.13 -4.31 -68.21
C ASN G 363 15.73 -5.07 -66.97
N THR G 364 16.67 -5.80 -66.39
CA THR G 364 16.43 -6.52 -65.13
C THR G 364 17.77 -6.69 -64.43
N LYS G 365 17.84 -6.28 -63.17
CA LYS G 365 19.02 -6.52 -62.37
C LYS G 365 18.86 -7.82 -61.61
N ALA G 366 19.67 -8.82 -61.98
CA ALA G 366 19.47 -10.17 -61.46
C ALA G 366 20.75 -10.66 -60.80
N ASP G 367 20.83 -10.51 -59.49
CA ASP G 367 21.85 -11.18 -58.69
C ASP G 367 21.25 -11.52 -57.33
N GLY G 368 21.96 -12.36 -56.59
CA GLY G 368 21.50 -12.72 -55.27
C GLY G 368 21.43 -14.22 -55.04
N THR G 369 20.39 -14.68 -54.36
CA THR G 369 20.27 -16.08 -54.01
C THR G 369 19.80 -16.89 -55.20
N ILE G 370 19.62 -18.19 -54.98
CA ILE G 370 19.13 -19.12 -56.00
C ILE G 370 17.95 -19.86 -55.42
N LYS G 371 16.81 -19.76 -56.09
CA LYS G 371 15.58 -20.40 -55.63
C LYS G 371 15.30 -21.59 -56.55
N VAL G 372 14.30 -22.40 -56.18
CA VAL G 372 13.98 -23.62 -56.91
C VAL G 372 13.47 -23.37 -58.32
N GLY G 373 12.99 -22.16 -58.61
CA GLY G 373 12.62 -21.76 -59.95
C GLY G 373 13.39 -20.50 -60.34
N GLY G 374 12.72 -19.64 -61.10
CA GLY G 374 13.29 -18.33 -61.37
C GLY G 374 12.94 -17.37 -60.27
N PHE G 375 12.56 -16.15 -60.64
CA PHE G 375 11.88 -15.25 -59.71
C PHE G 375 10.72 -14.51 -60.32
N LYS G 376 10.56 -14.54 -61.64
CA LYS G 376 9.39 -14.06 -62.38
C LYS G 376 9.17 -12.55 -62.14
N ALA G 377 10.08 -11.79 -62.70
CA ALA G 377 9.84 -10.37 -62.89
C ALA G 377 8.64 -10.17 -63.80
N SER G 378 7.82 -9.17 -63.51
CA SER G 378 6.56 -9.02 -64.21
C SER G 378 6.14 -7.57 -64.24
N LEU G 379 5.38 -7.22 -65.27
CA LEU G 379 4.65 -5.97 -65.28
C LEU G 379 3.26 -6.27 -65.83
N THR G 380 2.28 -5.53 -65.33
CA THR G 380 0.88 -5.81 -65.64
C THR G 380 0.20 -4.52 -66.09
N THR G 381 -0.34 -4.53 -67.28
CA THR G 381 -0.88 -3.34 -67.90
C THR G 381 -2.27 -3.65 -68.41
N ASN G 382 -3.25 -2.84 -68.05
CA ASN G 382 -4.55 -2.98 -68.68
C ASN G 382 -4.85 -1.86 -69.67
N ALA G 383 -3.86 -1.42 -70.40
CA ALA G 383 -4.10 -0.44 -71.45
C ALA G 383 -4.40 -1.15 -72.77
N ALA G 384 -4.97 -0.40 -73.70
CA ALA G 384 -5.34 -0.98 -74.99
C ALA G 384 -4.15 -1.14 -75.92
N HIS G 385 -2.99 -0.60 -75.57
CA HIS G 385 -1.77 -0.83 -76.32
C HIS G 385 -0.62 -0.90 -75.33
N LEU G 386 0.35 -1.75 -75.59
CA LEU G 386 1.59 -1.73 -74.83
C LEU G 386 2.72 -1.75 -75.85
N ASN G 387 3.05 -0.60 -76.40
CA ASN G 387 4.11 -0.52 -77.39
C ASN G 387 5.44 -0.58 -76.66
N ILE G 388 6.34 -1.43 -77.13
CA ILE G 388 7.70 -1.46 -76.60
C ILE G 388 8.65 -1.17 -77.74
N GLY G 389 9.36 -0.07 -77.62
CA GLY G 389 10.12 0.47 -78.73
C GLY G 389 11.45 -0.20 -78.96
N LYS G 390 12.37 0.59 -79.50
CA LYS G 390 13.55 0.05 -80.15
C LYS G 390 14.63 -0.38 -79.17
N GLY G 391 14.46 -0.10 -77.88
CA GLY G 391 15.41 -0.61 -76.91
C GLY G 391 15.29 -2.09 -76.67
N GLY G 392 14.12 -2.66 -76.90
CA GLY G 392 13.93 -4.09 -76.77
C GLY G 392 13.90 -4.56 -75.34
N VAL G 393 14.24 -5.82 -75.11
CA VAL G 393 14.09 -6.46 -73.81
C VAL G 393 15.44 -7.06 -73.43
N ASN G 394 15.94 -6.71 -72.25
CA ASN G 394 17.12 -7.33 -71.68
C ASN G 394 16.70 -8.17 -70.49
N LEU G 395 17.55 -9.12 -70.12
CA LEU G 395 17.26 -10.01 -69.00
C LEU G 395 18.59 -10.54 -68.48
N SER G 396 18.99 -10.08 -67.29
CA SER G 396 20.16 -10.65 -66.66
C SER G 396 19.80 -12.02 -66.10
N ASN G 397 20.78 -12.91 -66.04
CA ASN G 397 20.54 -14.32 -65.74
C ASN G 397 21.57 -14.81 -64.72
N GLN G 398 21.08 -15.30 -63.59
CA GLN G 398 21.93 -15.97 -62.60
C GLN G 398 21.87 -17.47 -62.92
N ALA G 399 22.25 -18.35 -61.97
CA ALA G 399 22.34 -19.78 -62.25
C ALA G 399 20.99 -20.40 -62.56
N SER G 400 19.94 -19.98 -61.86
CA SER G 400 18.60 -20.39 -62.26
C SER G 400 18.09 -19.45 -63.35
N GLY G 401 17.17 -19.95 -64.16
CA GLY G 401 16.67 -19.18 -65.28
C GLY G 401 15.66 -18.13 -64.87
N ARG G 402 16.00 -16.86 -65.05
CA ARG G 402 15.08 -15.79 -64.69
C ARG G 402 13.92 -15.74 -65.67
N THR G 403 12.85 -15.09 -65.24
CA THR G 403 11.58 -15.13 -65.95
C THR G 403 11.02 -13.73 -66.05
N LEU G 404 10.62 -13.32 -67.25
CA LEU G 404 10.00 -12.02 -67.46
C LEU G 404 8.58 -12.23 -67.94
N LEU G 405 7.64 -11.55 -67.31
CA LEU G 405 6.21 -11.68 -67.58
C LEU G 405 5.68 -10.33 -68.05
N VAL G 406 5.65 -10.13 -69.35
CA VAL G 406 5.16 -8.88 -69.94
C VAL G 406 3.67 -9.11 -70.18
N GLU G 407 2.89 -8.94 -69.13
CA GLU G 407 1.48 -9.26 -69.20
C GLU G 407 0.71 -8.06 -69.77
N ASN G 408 -0.43 -8.34 -70.38
CA ASN G 408 -1.38 -7.31 -70.75
C ASN G 408 -2.77 -7.89 -70.51
N LEU G 409 -3.61 -7.18 -69.77
CA LEU G 409 -4.91 -7.74 -69.46
C LEU G 409 -5.87 -7.60 -70.63
N THR G 410 -6.19 -6.38 -71.02
CA THR G 410 -7.22 -6.16 -72.05
C THR G 410 -6.66 -5.35 -73.21
N GLY G 411 -5.49 -5.72 -73.70
CA GLY G 411 -4.92 -4.97 -74.80
C GLY G 411 -4.10 -5.75 -75.81
N ASN G 412 -3.19 -5.07 -76.48
CA ASN G 412 -2.28 -5.66 -77.43
C ASN G 412 -0.86 -5.54 -76.88
N ILE G 413 0.08 -6.19 -77.56
CA ILE G 413 1.50 -6.00 -77.28
C ILE G 413 2.20 -5.83 -78.62
N THR G 414 2.96 -4.76 -78.75
CA THR G 414 3.68 -4.48 -79.99
C THR G 414 5.15 -4.28 -79.63
N VAL G 415 5.89 -5.36 -79.51
CA VAL G 415 7.32 -5.29 -79.24
C VAL G 415 8.05 -5.08 -80.54
N ASP G 416 8.89 -4.05 -80.61
CA ASP G 416 9.62 -3.76 -81.83
C ASP G 416 11.13 -3.79 -81.60
N GLY G 417 11.60 -4.62 -80.69
CA GLY G 417 13.00 -4.64 -80.33
C GLY G 417 13.57 -6.04 -80.19
N PRO G 418 14.89 -6.13 -80.11
CA PRO G 418 15.54 -7.44 -80.04
C PRO G 418 15.48 -8.00 -78.62
N LEU G 419 15.04 -9.25 -78.51
CA LEU G 419 14.94 -9.89 -77.20
C LEU G 419 16.31 -10.35 -76.76
N ARG G 420 17.02 -9.51 -76.05
CA ARG G 420 18.34 -9.86 -75.54
C ARG G 420 18.21 -10.65 -74.24
N VAL G 421 19.33 -11.22 -73.82
CA VAL G 421 19.49 -11.81 -72.50
C VAL G 421 20.96 -11.73 -72.14
N ASN G 422 21.24 -11.22 -70.94
CA ASN G 422 22.56 -10.80 -70.47
C ASN G 422 23.20 -9.75 -71.39
N ASN G 423 22.33 -8.97 -72.06
CA ASN G 423 22.68 -7.89 -72.97
C ASN G 423 23.53 -8.38 -74.15
N GLN G 424 23.03 -9.40 -74.83
CA GLN G 424 23.45 -9.70 -76.20
C GLN G 424 22.30 -10.41 -76.89
N VAL G 425 22.34 -10.38 -78.23
CA VAL G 425 21.20 -10.83 -79.02
C VAL G 425 21.07 -12.35 -78.98
N GLY G 426 22.18 -13.07 -79.09
CA GLY G 426 22.16 -14.51 -79.02
C GLY G 426 21.82 -14.99 -77.63
N GLY G 427 22.74 -14.78 -76.69
CA GLY G 427 22.46 -15.06 -75.30
C GLY G 427 22.34 -16.52 -74.93
N TYR G 428 23.46 -17.24 -74.96
CA TYR G 428 23.48 -18.61 -74.50
C TYR G 428 23.24 -18.69 -73.00
N ALA G 429 22.53 -19.74 -72.60
CA ALA G 429 22.23 -19.98 -71.20
C ALA G 429 22.38 -21.47 -70.93
N LEU G 430 22.77 -21.80 -69.70
CA LEU G 430 23.07 -23.18 -69.35
C LEU G 430 21.79 -23.94 -69.05
N ALA G 431 21.91 -25.21 -68.67
CA ALA G 431 20.75 -26.10 -68.57
C ALA G 431 19.88 -25.75 -67.36
N GLY G 432 20.51 -25.46 -66.22
CA GLY G 432 19.76 -24.98 -65.07
C GLY G 432 19.25 -23.56 -65.22
N SER G 433 19.79 -22.81 -66.18
CA SER G 433 19.34 -21.45 -66.44
C SER G 433 18.43 -21.45 -67.66
N SER G 434 17.16 -21.75 -67.42
CA SER G 434 16.15 -21.72 -68.48
C SER G 434 15.48 -20.36 -68.43
N ALA G 435 15.94 -19.42 -69.25
CA ALA G 435 15.38 -18.09 -69.29
C ALA G 435 13.99 -18.15 -69.92
N ASN G 436 13.03 -17.49 -69.28
CA ASN G 436 11.63 -17.64 -69.63
C ASN G 436 11.03 -16.29 -70.00
N PHE G 437 11.08 -15.95 -71.28
CA PHE G 437 10.29 -14.84 -71.77
C PHE G 437 8.83 -15.27 -71.82
N GLU G 438 7.94 -14.32 -71.54
CA GLU G 438 6.55 -14.69 -71.40
C GLU G 438 5.68 -13.48 -71.72
N PHE G 439 4.68 -13.69 -72.57
CA PHE G 439 3.85 -12.61 -73.05
C PHE G 439 2.40 -13.04 -72.93
N LYS G 440 1.53 -12.12 -72.56
CA LYS G 440 0.11 -12.40 -72.35
C LYS G 440 -0.64 -11.24 -72.97
N ALA G 441 -1.06 -11.38 -74.21
CA ALA G 441 -1.70 -10.26 -74.92
C ALA G 441 -3.19 -10.48 -74.97
N GLY G 442 -3.93 -9.65 -74.25
CA GLY G 442 -5.38 -9.71 -74.27
C GLY G 442 -5.92 -10.89 -73.51
N VAL G 443 -5.68 -10.93 -72.20
CA VAL G 443 -6.04 -12.11 -71.42
C VAL G 443 -7.54 -12.16 -71.19
N ASP G 444 -8.11 -11.16 -70.54
CA ASP G 444 -9.48 -11.23 -70.09
C ASP G 444 -10.49 -10.95 -71.20
N THR G 445 -10.04 -10.54 -72.38
CA THR G 445 -10.95 -10.35 -73.49
C THR G 445 -10.70 -11.31 -74.65
N LYS G 446 -9.53 -11.96 -74.68
CA LYS G 446 -9.21 -13.07 -75.58
C LYS G 446 -9.27 -12.67 -77.06
N ASN G 447 -8.99 -11.41 -77.36
CA ASN G 447 -8.94 -10.95 -78.73
C ASN G 447 -7.79 -9.97 -78.92
N GLY G 448 -6.64 -10.27 -78.33
CA GLY G 448 -5.48 -9.40 -78.39
C GLY G 448 -4.32 -10.04 -79.12
N THR G 449 -3.74 -9.31 -80.06
CA THR G 449 -2.60 -9.77 -80.83
C THR G 449 -1.32 -9.47 -80.07
N ALA G 450 -0.28 -10.26 -80.33
CA ALA G 450 1.05 -10.01 -79.78
C ALA G 450 2.01 -9.87 -80.94
N THR G 451 2.04 -8.70 -81.54
CA THR G 451 2.81 -8.48 -82.75
C THR G 451 4.26 -8.16 -82.42
N PHE G 452 5.19 -8.96 -82.94
CA PHE G 452 6.61 -8.72 -82.71
C PHE G 452 7.21 -8.32 -84.07
N ASN G 453 7.22 -7.02 -84.36
CA ASN G 453 7.70 -6.58 -85.67
C ASN G 453 9.22 -6.58 -85.80
N ASN G 454 9.96 -7.14 -84.86
CA ASN G 454 11.39 -7.25 -85.00
C ASN G 454 11.76 -8.73 -85.06
N ASP G 455 12.78 -9.02 -85.87
CA ASP G 455 13.27 -10.38 -86.04
C ASP G 455 13.95 -10.84 -84.76
N ILE G 456 13.27 -11.68 -83.98
CA ILE G 456 13.80 -12.09 -82.69
C ILE G 456 14.87 -13.15 -82.90
N SER G 457 15.67 -13.36 -81.87
CA SER G 457 16.76 -14.33 -81.93
C SER G 457 16.97 -14.91 -80.54
N LEU G 458 16.71 -16.19 -80.39
CA LEU G 458 16.82 -16.88 -79.12
C LEU G 458 17.94 -17.89 -79.19
N GLY G 459 18.81 -17.87 -78.18
CA GLY G 459 19.93 -18.80 -78.11
C GLY G 459 19.56 -20.12 -77.47
N ARG G 460 20.33 -20.53 -76.48
CA ARG G 460 20.22 -21.86 -75.88
C ARG G 460 19.58 -21.76 -74.51
N PHE G 461 18.63 -22.67 -74.24
CA PHE G 461 17.86 -22.75 -72.99
C PHE G 461 17.13 -21.45 -72.68
N VAL G 462 16.44 -20.92 -73.69
CA VAL G 462 15.59 -19.76 -73.54
C VAL G 462 14.19 -20.15 -74.02
N ASN G 463 13.17 -19.75 -73.26
CA ASN G 463 11.84 -20.33 -73.40
C ASN G 463 10.80 -19.24 -73.63
N LEU G 464 10.59 -18.89 -74.89
CA LEU G 464 9.51 -17.97 -75.25
C LEU G 464 8.16 -18.67 -75.07
N LYS G 465 7.19 -17.94 -74.54
CA LYS G 465 5.81 -18.41 -74.59
C LYS G 465 4.86 -17.23 -74.77
N VAL G 466 3.93 -17.38 -75.69
CA VAL G 466 3.02 -16.32 -76.07
C VAL G 466 1.60 -16.85 -75.97
N ASP G 467 0.77 -16.21 -75.16
CA ASP G 467 -0.59 -16.69 -74.94
C ASP G 467 -1.53 -15.56 -75.35
N ALA G 468 -1.83 -15.50 -76.64
CA ALA G 468 -2.58 -14.38 -77.19
C ALA G 468 -3.68 -14.85 -78.11
N HIS G 469 -4.28 -13.93 -78.86
CA HIS G 469 -5.23 -14.31 -79.89
C HIS G 469 -4.57 -14.62 -81.22
N THR G 470 -3.78 -13.68 -81.76
CA THR G 470 -3.15 -13.87 -83.07
C THR G 470 -1.72 -13.35 -82.97
N ALA G 471 -0.78 -14.23 -82.67
CA ALA G 471 0.60 -13.82 -82.43
C ALA G 471 1.32 -13.68 -83.76
N ASN G 472 1.26 -12.50 -84.34
CA ASN G 472 2.02 -12.21 -85.55
C ASN G 472 3.50 -12.12 -85.22
N PHE G 473 4.33 -12.27 -86.24
CA PHE G 473 5.78 -12.25 -86.07
C PHE G 473 6.41 -11.70 -87.34
N LYS G 474 7.74 -11.63 -87.32
CA LYS G 474 8.54 -11.42 -88.51
C LYS G 474 9.66 -12.43 -88.67
N GLY G 475 10.07 -13.10 -87.61
CA GLY G 475 11.08 -14.14 -87.72
C GLY G 475 11.58 -14.63 -86.38
N ILE G 476 11.71 -15.94 -86.25
CA ILE G 476 12.17 -16.58 -85.02
C ILE G 476 13.39 -17.42 -85.36
N ASP G 477 14.49 -17.20 -84.67
CA ASP G 477 15.76 -17.82 -85.01
C ASP G 477 16.32 -18.51 -83.78
N THR G 478 16.04 -19.81 -83.65
CA THR G 478 16.47 -20.57 -82.48
C THR G 478 17.37 -21.75 -82.86
N GLY G 479 17.77 -21.85 -84.12
CA GLY G 479 18.60 -22.96 -84.53
C GLY G 479 20.03 -22.88 -84.04
N ASN G 480 20.44 -21.70 -83.56
CA ASN G 480 21.80 -21.53 -83.08
C ASN G 480 22.00 -22.18 -81.72
N GLY G 481 21.03 -22.05 -80.83
CA GLY G 481 21.20 -22.54 -79.47
C GLY G 481 20.60 -23.90 -79.18
N GLY G 482 19.34 -24.10 -79.58
CA GLY G 482 18.66 -25.34 -79.28
C GLY G 482 18.13 -25.36 -77.85
N PHE G 483 17.43 -26.46 -77.54
CA PHE G 483 16.80 -26.72 -76.24
C PHE G 483 15.84 -25.60 -75.83
N ASN G 484 15.05 -25.17 -76.79
CA ASN G 484 14.22 -23.99 -76.63
C ASN G 484 12.76 -24.41 -76.59
N THR G 485 12.09 -24.10 -75.49
CA THR G 485 10.65 -24.36 -75.37
C THR G 485 9.93 -23.17 -75.99
N LEU G 486 9.58 -23.29 -77.26
CA LEU G 486 8.89 -22.25 -78.00
C LEU G 486 7.39 -22.51 -77.88
N ASP G 487 6.84 -22.18 -76.72
CA ASP G 487 5.46 -22.52 -76.42
C ASP G 487 4.53 -21.51 -77.05
N PHE G 488 3.40 -22.00 -77.56
CA PHE G 488 2.33 -21.17 -78.10
C PHE G 488 0.99 -21.74 -77.68
N SER G 489 0.93 -22.35 -76.49
CA SER G 489 -0.23 -23.14 -76.11
C SER G 489 -1.47 -22.28 -75.88
N GLY G 490 -1.28 -21.02 -75.50
CA GLY G 490 -2.44 -20.20 -75.25
C GLY G 490 -3.05 -19.57 -76.50
N VAL G 491 -2.45 -19.78 -77.66
CA VAL G 491 -2.86 -19.09 -78.87
C VAL G 491 -4.26 -19.53 -79.28
N THR G 492 -5.14 -18.55 -79.48
CA THR G 492 -6.51 -18.85 -79.86
C THR G 492 -6.59 -19.45 -81.26
N ASN G 493 -6.22 -18.70 -82.29
CA ASN G 493 -6.21 -19.30 -83.62
C ASN G 493 -4.85 -19.31 -84.31
N LYS G 494 -4.23 -18.17 -84.61
CA LYS G 494 -3.16 -18.17 -85.60
C LYS G 494 -1.85 -17.67 -85.03
N VAL G 495 -0.74 -18.20 -85.56
CA VAL G 495 0.61 -17.73 -85.27
C VAL G 495 1.27 -17.52 -86.62
N ASN G 496 1.32 -16.28 -87.09
CA ASN G 496 1.68 -16.02 -88.48
C ASN G 496 3.17 -15.69 -88.60
N ILE G 497 4.00 -16.68 -88.28
CA ILE G 497 5.44 -16.51 -88.33
C ILE G 497 5.89 -16.36 -89.78
N ASN G 498 6.81 -15.43 -90.03
CA ASN G 498 7.30 -15.18 -91.37
C ASN G 498 8.59 -15.94 -91.69
N LYS G 499 9.34 -16.37 -90.68
CA LYS G 499 10.60 -17.06 -90.93
C LYS G 499 10.96 -17.85 -89.68
N LEU G 500 11.44 -19.08 -89.84
CA LEU G 500 11.72 -19.95 -88.71
C LEU G 500 13.06 -20.65 -88.90
N ILE G 501 13.86 -20.68 -87.84
CA ILE G 501 15.14 -21.39 -87.81
C ILE G 501 15.18 -22.19 -86.52
N THR G 502 15.18 -23.52 -86.63
CA THR G 502 15.13 -24.41 -85.48
C THR G 502 16.15 -25.53 -85.59
N ALA G 503 16.71 -25.92 -84.44
CA ALA G 503 17.56 -27.10 -84.34
C ALA G 503 16.99 -28.15 -83.42
N SER G 504 16.74 -27.81 -82.14
CA SER G 504 16.15 -28.75 -81.19
C SER G 504 15.16 -27.95 -80.36
N THR G 505 13.92 -27.94 -80.80
CA THR G 505 12.93 -27.00 -80.31
C THR G 505 11.71 -27.78 -79.86
N ASN G 506 10.86 -27.14 -79.07
CA ASN G 506 9.67 -27.73 -78.47
C ASN G 506 8.46 -26.92 -78.88
N VAL G 507 8.34 -26.69 -80.18
CA VAL G 507 7.26 -25.87 -80.74
C VAL G 507 5.93 -26.55 -80.47
N ALA G 508 4.94 -25.76 -80.06
CA ALA G 508 3.61 -26.29 -79.79
C ALA G 508 2.59 -25.28 -80.30
N VAL G 509 2.19 -25.42 -81.55
CA VAL G 509 1.24 -24.51 -82.18
C VAL G 509 0.02 -25.31 -82.63
N LYS G 510 -1.17 -24.77 -82.40
CA LYS G 510 -2.39 -25.48 -82.76
C LYS G 510 -2.89 -25.14 -84.16
N ASN G 511 -2.55 -23.96 -84.68
CA ASN G 511 -2.93 -23.55 -86.03
C ASN G 511 -2.01 -22.39 -86.40
N PHE G 512 -1.50 -22.41 -87.62
CA PHE G 512 -0.50 -21.45 -88.05
C PHE G 512 -0.43 -21.39 -89.57
N ASN G 513 0.37 -20.45 -90.07
CA ASN G 513 0.88 -20.54 -91.45
C ASN G 513 2.27 -19.90 -91.48
N ILE G 514 3.29 -20.73 -91.23
CA ILE G 514 4.68 -20.31 -91.20
C ILE G 514 5.19 -20.41 -92.63
N ASN G 515 5.31 -19.29 -93.34
CA ASN G 515 5.58 -19.37 -94.77
C ASN G 515 7.05 -19.54 -95.12
N GLU G 516 7.90 -19.89 -94.15
CA GLU G 516 9.28 -20.26 -94.45
C GLU G 516 9.79 -21.10 -93.30
N LEU G 517 10.42 -22.24 -93.60
CA LEU G 517 10.85 -23.20 -92.59
C LEU G 517 12.26 -23.67 -92.90
N ILE G 518 13.10 -23.77 -91.86
CA ILE G 518 14.46 -24.28 -91.98
C ILE G 518 14.63 -25.47 -91.05
N VAL G 519 15.06 -26.60 -91.59
CA VAL G 519 15.30 -27.82 -90.85
C VAL G 519 16.81 -27.95 -90.70
N LYS G 520 17.34 -27.50 -89.56
CA LYS G 520 18.77 -27.58 -89.34
C LYS G 520 19.16 -28.91 -88.70
N THR G 521 20.45 -29.22 -88.78
CA THR G 521 21.05 -30.29 -88.00
C THR G 521 21.64 -29.68 -86.73
N ASN G 522 22.08 -30.55 -85.83
CA ASN G 522 22.45 -30.16 -84.48
C ASN G 522 23.68 -30.92 -84.01
N GLY G 523 24.71 -30.95 -84.84
CA GLY G 523 25.93 -31.65 -84.50
C GLY G 523 25.85 -33.13 -84.85
N VAL G 524 26.28 -33.99 -83.95
CA VAL G 524 26.20 -35.43 -84.16
C VAL G 524 25.28 -36.11 -83.16
N SER G 525 24.87 -35.43 -82.10
CA SER G 525 24.01 -36.04 -81.09
C SER G 525 22.59 -36.20 -81.60
N VAL G 526 21.90 -37.20 -81.07
CA VAL G 526 20.51 -37.45 -81.40
C VAL G 526 19.66 -37.18 -80.16
N GLY G 527 18.36 -37.34 -80.31
CA GLY G 527 17.42 -36.90 -79.29
C GLY G 527 17.17 -35.42 -79.32
N GLU G 528 17.67 -34.72 -80.33
CA GLU G 528 17.56 -33.28 -80.46
C GLU G 528 16.93 -32.99 -81.82
N TYR G 529 15.75 -32.39 -81.82
CA TYR G 529 14.94 -32.34 -83.03
C TYR G 529 13.82 -31.32 -82.87
N THR G 530 13.30 -30.88 -84.00
CA THR G 530 12.07 -30.11 -84.01
C THR G 530 10.92 -31.03 -83.66
N HIS G 531 10.13 -30.64 -82.66
CA HIS G 531 9.11 -31.49 -82.08
C HIS G 531 7.83 -30.68 -81.96
N PHE G 532 6.94 -30.79 -82.95
CA PHE G 532 5.63 -30.18 -82.81
C PHE G 532 4.82 -31.02 -81.84
N SER G 533 4.95 -30.73 -80.55
CA SER G 533 4.52 -31.63 -79.50
C SER G 533 3.05 -31.46 -79.12
N GLU G 534 2.22 -30.91 -80.00
CA GLU G 534 0.79 -30.93 -79.80
C GLU G 534 0.13 -30.96 -81.18
N ASP G 535 -1.21 -30.92 -81.18
CA ASP G 535 -1.98 -31.15 -82.39
C ASP G 535 -1.86 -29.97 -83.34
N ILE G 536 -1.79 -30.26 -84.64
CA ILE G 536 -1.57 -29.24 -85.65
C ILE G 536 -2.89 -28.80 -86.29
N GLY G 537 -3.96 -29.55 -86.06
CA GLY G 537 -5.27 -29.07 -86.43
C GLY G 537 -5.58 -29.26 -87.90
N SER G 538 -6.36 -28.32 -88.42
CA SER G 538 -6.95 -28.44 -89.75
C SER G 538 -6.56 -27.33 -90.70
N GLN G 539 -6.41 -26.11 -90.23
CA GLN G 539 -6.13 -24.99 -91.12
C GLN G 539 -4.65 -24.67 -91.20
N SER G 540 -3.78 -25.59 -90.79
CA SER G 540 -2.36 -25.36 -90.78
C SER G 540 -1.80 -25.27 -92.20
N ARG G 541 -0.59 -24.74 -92.31
CA ARG G 541 0.01 -24.39 -93.58
C ARG G 541 1.46 -24.06 -93.35
N ILE G 542 2.31 -24.38 -94.32
CA ILE G 542 3.69 -23.90 -94.42
C ILE G 542 3.91 -23.60 -95.90
N ASN G 543 4.41 -22.42 -96.23
CA ASN G 543 4.56 -22.15 -97.65
C ASN G 543 5.96 -22.46 -98.20
N THR G 544 6.92 -22.77 -97.34
CA THR G 544 8.24 -23.23 -97.81
C THR G 544 8.89 -24.03 -96.70
N VAL G 545 9.23 -25.28 -96.98
CA VAL G 545 10.10 -26.09 -96.12
C VAL G 545 11.44 -26.20 -96.83
N ARG G 546 12.52 -25.97 -96.09
CA ARG G 546 13.86 -26.05 -96.67
C ARG G 546 14.77 -26.81 -95.69
N LEU G 547 14.92 -28.09 -95.93
CA LEU G 547 15.90 -28.88 -95.20
C LEU G 547 17.31 -28.50 -95.64
N GLU G 548 18.23 -28.48 -94.68
CA GLU G 548 19.64 -28.27 -94.99
C GLU G 548 20.40 -29.54 -94.63
N THR G 549 21.62 -29.64 -95.16
CA THR G 549 22.37 -30.89 -95.14
C THR G 549 22.87 -31.20 -93.73
N GLY G 550 22.62 -32.43 -93.27
CA GLY G 550 23.07 -32.83 -91.95
C GLY G 550 24.53 -33.21 -91.90
N THR G 551 24.85 -34.25 -91.14
CA THR G 551 26.21 -34.77 -91.05
C THR G 551 26.21 -36.24 -91.45
N ARG G 552 27.38 -36.72 -91.85
CA ARG G 552 27.52 -38.04 -92.46
C ARG G 552 27.24 -39.13 -91.41
N SER G 553 26.59 -40.21 -91.85
CA SER G 553 26.39 -41.48 -91.17
C SER G 553 25.44 -41.44 -89.98
N ILE G 554 24.75 -40.33 -89.74
CA ILE G 554 23.79 -40.26 -88.63
C ILE G 554 22.74 -39.19 -88.94
N PHE G 555 21.47 -39.51 -88.63
CA PHE G 555 20.38 -38.55 -88.70
C PHE G 555 20.36 -37.77 -87.38
N SER G 556 21.14 -36.69 -87.35
CA SER G 556 21.27 -35.93 -86.11
C SER G 556 20.05 -35.07 -85.85
N GLY G 557 19.78 -34.11 -86.74
CA GLY G 557 18.63 -33.25 -86.61
C GLY G 557 17.46 -33.75 -87.45
N GLY G 558 16.30 -33.17 -87.19
CA GLY G 558 15.12 -33.53 -87.94
C GLY G 558 13.87 -32.93 -87.35
N VAL G 559 12.76 -33.23 -88.01
CA VAL G 559 11.45 -32.69 -87.68
C VAL G 559 10.50 -33.85 -87.46
N LYS G 560 9.89 -33.92 -86.28
CA LYS G 560 8.84 -34.91 -86.05
C LYS G 560 7.61 -34.22 -85.47
N PHE G 561 6.48 -34.86 -85.67
CA PHE G 561 5.18 -34.34 -85.26
C PHE G 561 4.62 -35.26 -84.18
N LYS G 562 3.41 -34.96 -83.73
CA LYS G 562 2.68 -35.93 -82.92
C LYS G 562 1.25 -36.14 -83.40
N SER G 563 0.64 -35.10 -83.95
CA SER G 563 -0.77 -35.18 -84.30
C SER G 563 -1.08 -34.14 -85.38
N GLY G 564 -2.35 -34.02 -85.72
CA GLY G 564 -2.81 -33.20 -86.82
C GLY G 564 -3.36 -34.05 -87.96
N GLU G 565 -3.99 -33.36 -88.91
CA GLU G 565 -4.55 -34.05 -90.06
C GLU G 565 -4.10 -33.52 -91.41
N LYS G 566 -3.65 -32.27 -91.51
CA LYS G 566 -3.14 -31.75 -92.78
C LYS G 566 -2.21 -30.58 -92.54
N LEU G 567 -1.31 -30.35 -93.49
CA LEU G 567 -0.50 -29.14 -93.54
C LEU G 567 -0.13 -28.90 -95.00
N VAL G 568 -0.77 -27.91 -95.61
CA VAL G 568 -0.60 -27.61 -97.03
C VAL G 568 0.77 -26.98 -97.25
N ILE G 569 1.73 -27.80 -97.71
CA ILE G 569 3.06 -27.33 -98.02
C ILE G 569 3.11 -26.99 -99.51
N ASP G 570 3.72 -25.86 -99.86
CA ASP G 570 3.97 -25.57 -101.26
C ASP G 570 5.27 -26.16 -101.76
N GLU G 571 6.41 -25.79 -101.17
CA GLU G 571 7.69 -26.19 -101.72
C GLU G 571 8.47 -26.90 -100.62
N PHE G 572 9.31 -27.84 -101.03
CA PHE G 572 10.01 -28.70 -100.10
C PHE G 572 11.43 -28.93 -100.62
N TYR G 573 12.34 -29.28 -99.71
CA TYR G 573 13.67 -29.69 -100.13
C TYR G 573 14.09 -30.94 -99.37
N TYR G 574 14.74 -31.85 -100.09
CA TYR G 574 15.46 -32.95 -99.45
C TYR G 574 16.75 -32.43 -98.83
N SER G 575 17.41 -33.31 -98.08
CA SER G 575 18.75 -33.06 -97.60
C SER G 575 19.36 -34.38 -97.20
N PRO G 576 20.67 -34.55 -97.35
CA PRO G 576 21.34 -35.69 -96.72
C PRO G 576 21.31 -35.57 -95.20
N TRP G 577 20.74 -36.59 -94.57
CA TRP G 577 20.83 -36.86 -93.14
C TRP G 577 20.09 -35.82 -92.28
N ASN G 578 18.90 -35.45 -92.73
CA ASN G 578 17.93 -34.78 -91.85
C ASN G 578 16.57 -35.35 -92.18
N TYR G 579 15.89 -35.90 -91.17
CA TYR G 579 14.68 -36.67 -91.39
C TYR G 579 13.46 -35.78 -91.25
N PHE G 580 12.55 -35.88 -92.24
CA PHE G 580 11.30 -35.15 -92.21
C PHE G 580 10.21 -36.13 -91.79
N ASP G 581 10.19 -36.43 -90.49
CA ASP G 581 9.17 -37.33 -89.96
C ASP G 581 7.83 -36.61 -89.93
N ALA G 582 6.81 -37.24 -90.51
CA ALA G 582 5.49 -36.65 -90.69
C ALA G 582 4.44 -37.54 -90.07
N ARG G 583 4.65 -37.88 -88.80
CA ARG G 583 3.78 -38.78 -88.07
C ARG G 583 2.35 -38.27 -87.97
N ASN G 584 1.40 -39.20 -88.18
CA ASN G 584 0.01 -39.13 -87.76
C ASN G 584 -0.84 -38.16 -88.58
N ILE G 585 -0.23 -37.40 -89.47
CA ILE G 585 -0.95 -36.41 -90.25
C ILE G 585 -1.31 -37.00 -91.60
N LYS G 586 -2.60 -36.94 -91.93
CA LYS G 586 -3.16 -37.76 -92.97
C LYS G 586 -3.42 -37.05 -94.29
N ASN G 587 -3.12 -35.75 -94.41
CA ASN G 587 -3.33 -35.05 -95.67
C ASN G 587 -2.17 -34.11 -95.97
N VAL G 588 -0.94 -34.61 -95.89
CA VAL G 588 0.24 -33.80 -96.14
C VAL G 588 0.26 -33.44 -97.63
N GLU G 589 -0.11 -32.22 -97.95
CA GLU G 589 -0.34 -31.83 -99.33
C GLU G 589 0.82 -31.03 -99.87
N ILE G 590 1.22 -31.34 -101.10
CA ILE G 590 2.24 -30.57 -101.82
C ILE G 590 1.55 -29.92 -103.01
N THR G 591 1.93 -28.69 -103.32
CA THR G 591 1.25 -27.92 -104.36
C THR G 591 2.21 -27.42 -105.45
N ARG G 592 3.48 -27.23 -105.14
CA ARG G 592 4.45 -26.88 -106.17
C ARG G 592 5.71 -27.69 -105.89
N LYS G 593 6.82 -27.26 -106.51
CA LYS G 593 8.08 -28.01 -106.70
C LYS G 593 8.56 -28.75 -105.46
N PHE G 594 8.97 -30.01 -105.66
CA PHE G 594 9.36 -30.92 -104.59
C PHE G 594 10.77 -31.40 -104.94
N ALA G 595 11.77 -30.64 -104.53
CA ALA G 595 13.14 -30.87 -104.98
C ALA G 595 14.05 -31.25 -103.82
N SER G 596 15.36 -31.23 -104.07
CA SER G 596 16.38 -31.41 -103.04
C SER G 596 17.16 -30.12 -102.84
N SER G 597 17.73 -29.96 -101.64
CA SER G 597 18.55 -28.78 -101.36
C SER G 597 19.88 -28.83 -102.11
N THR G 598 20.29 -30.01 -102.56
CA THR G 598 21.36 -30.16 -103.54
C THR G 598 20.70 -30.54 -104.85
N PRO G 599 20.19 -29.57 -105.63
CA PRO G 599 19.22 -29.89 -106.69
C PRO G 599 19.81 -30.56 -107.92
N GLU G 600 21.09 -30.35 -108.21
CA GLU G 600 21.66 -30.95 -109.40
C GLU G 600 22.63 -32.08 -109.08
N ASN G 601 23.03 -32.20 -107.81
CA ASN G 601 23.92 -33.28 -107.37
C ASN G 601 23.43 -33.90 -106.06
N PRO G 602 22.38 -34.70 -106.10
CA PRO G 602 21.90 -35.34 -104.88
C PRO G 602 22.83 -36.46 -104.44
N TRP G 603 22.79 -36.74 -103.13
CA TRP G 603 23.49 -37.86 -102.51
C TRP G 603 22.92 -38.05 -101.12
N GLY G 604 23.35 -39.13 -100.46
CA GLY G 604 22.91 -39.39 -99.11
C GLY G 604 21.51 -39.98 -99.06
N THR G 605 20.89 -39.81 -97.89
CA THR G 605 19.55 -40.30 -97.61
C THR G 605 18.72 -39.21 -96.94
N SER G 606 17.40 -39.34 -97.04
CA SER G 606 16.46 -38.38 -96.45
C SER G 606 15.24 -39.15 -95.98
N LYS G 607 15.12 -39.39 -94.67
CA LYS G 607 13.97 -40.13 -94.17
C LYS G 607 12.70 -39.30 -94.22
N LEU G 608 11.91 -39.46 -95.27
CA LEU G 608 10.60 -38.82 -95.39
C LEU G 608 9.54 -39.75 -94.81
N MET G 609 9.67 -40.01 -93.52
CA MET G 609 8.91 -41.03 -92.81
C MET G 609 7.47 -40.55 -92.63
N PHE G 610 6.65 -40.82 -93.66
CA PHE G 610 5.30 -40.26 -93.72
C PHE G 610 4.29 -41.19 -93.05
N ASN G 611 3.02 -40.80 -93.16
CA ASN G 611 1.91 -41.72 -92.98
C ASN G 611 0.81 -41.54 -94.02
N ASN G 612 0.87 -40.50 -94.85
CA ASN G 612 -0.01 -40.19 -95.96
C ASN G 612 0.57 -38.98 -96.68
N LEU G 613 0.18 -38.80 -97.94
CA LEU G 613 0.30 -37.52 -98.60
C LEU G 613 -0.75 -37.44 -99.69
N THR G 614 -0.92 -36.25 -100.27
CA THR G 614 -1.77 -36.07 -101.43
C THR G 614 -1.25 -34.87 -102.22
N LEU G 615 -0.70 -35.15 -103.39
CA LEU G 615 -0.04 -34.11 -104.19
C LEU G 615 -1.03 -33.58 -105.22
N GLY G 616 -1.07 -32.26 -105.37
CA GLY G 616 -2.03 -31.61 -106.23
C GLY G 616 -1.46 -31.25 -107.59
N GLN G 617 -1.86 -30.06 -108.06
CA GLN G 617 -1.56 -29.65 -109.42
C GLN G 617 -0.11 -29.22 -109.57
N ASN G 618 0.50 -29.64 -110.68
CA ASN G 618 1.75 -29.07 -111.24
C ASN G 618 2.96 -29.24 -110.33
N ALA G 619 2.88 -30.06 -109.30
CA ALA G 619 3.96 -30.15 -108.31
C ALA G 619 4.93 -31.23 -108.75
N VAL G 620 6.07 -30.78 -109.30
CA VAL G 620 7.07 -31.68 -109.84
C VAL G 620 7.82 -32.35 -108.70
N MET G 621 8.04 -33.66 -108.81
CA MET G 621 8.86 -34.36 -107.83
C MET G 621 10.14 -34.87 -108.48
N ASP G 622 11.15 -35.07 -107.64
CA ASP G 622 12.47 -35.52 -108.07
C ASP G 622 12.85 -36.71 -107.18
N TYR G 623 12.45 -37.91 -107.59
CA TYR G 623 12.70 -39.10 -106.79
C TYR G 623 13.82 -39.94 -107.38
N SER G 624 14.87 -40.17 -106.58
CA SER G 624 16.00 -40.98 -106.97
C SER G 624 16.32 -41.97 -105.85
N GLN G 625 17.44 -42.68 -106.01
CA GLN G 625 17.98 -43.53 -104.96
C GLN G 625 18.62 -42.73 -103.85
N PHE G 626 18.88 -41.44 -104.08
CA PHE G 626 19.57 -40.57 -103.16
C PHE G 626 18.63 -39.91 -102.17
N SER G 627 17.37 -40.34 -102.15
CA SER G 627 16.39 -39.84 -101.20
C SER G 627 15.41 -40.98 -100.96
N ASN G 628 15.61 -41.72 -99.88
CA ASN G 628 14.75 -42.87 -99.58
C ASN G 628 13.37 -42.42 -99.08
N LEU G 629 12.53 -42.03 -100.03
CA LEU G 629 11.20 -41.50 -99.77
C LEU G 629 10.30 -42.64 -99.31
N THR G 630 10.06 -42.73 -98.02
CA THR G 630 9.44 -43.90 -97.41
C THR G 630 8.01 -43.60 -96.98
N ILE G 631 7.05 -44.08 -97.75
CA ILE G 631 5.63 -43.81 -97.52
C ILE G 631 5.01 -45.00 -96.80
N GLN G 632 4.40 -44.73 -95.65
CA GLN G 632 3.58 -45.73 -94.94
C GLN G 632 2.10 -45.49 -95.13
N GLY G 633 1.70 -44.85 -96.22
CA GLY G 633 0.31 -44.51 -96.43
C GLY G 633 -0.08 -44.36 -97.89
N ASP G 634 -1.02 -43.46 -98.15
CA ASP G 634 -1.75 -43.45 -99.40
C ASP G 634 -1.26 -42.37 -100.35
N PHE G 635 -0.24 -42.66 -101.15
CA PHE G 635 0.30 -41.68 -102.07
C PHE G 635 -0.72 -41.40 -103.16
N ILE G 636 -1.41 -40.27 -103.04
CA ILE G 636 -2.45 -39.89 -104.00
C ILE G 636 -1.91 -38.74 -104.83
N ASN G 637 -2.08 -38.83 -106.14
CA ASN G 637 -1.63 -37.77 -107.04
C ASN G 637 -2.84 -37.18 -107.75
N ASN G 638 -2.91 -35.86 -107.76
CA ASN G 638 -3.85 -35.13 -108.62
C ASN G 638 -3.09 -34.79 -109.91
N GLN G 639 -3.53 -33.78 -110.66
CA GLN G 639 -2.94 -33.45 -111.97
C GLN G 639 -1.55 -32.86 -111.79
N GLY G 640 -0.60 -33.73 -111.43
CA GLY G 640 0.75 -33.29 -111.13
C GLY G 640 1.81 -34.10 -111.84
N THR G 641 2.81 -33.42 -112.40
CA THR G 641 3.78 -34.04 -113.30
C THR G 641 5.01 -34.46 -112.50
N ILE G 642 5.06 -35.74 -112.15
CA ILE G 642 6.19 -36.27 -111.38
C ILE G 642 7.31 -36.64 -112.34
N ASN G 643 8.53 -36.20 -112.03
CA ASN G 643 9.69 -36.51 -112.84
C ASN G 643 10.54 -37.58 -112.15
N TYR G 644 11.27 -38.35 -112.95
CA TYR G 644 12.15 -39.40 -112.46
C TYR G 644 13.57 -39.18 -112.99
N LEU G 645 14.48 -40.02 -112.52
CA LEU G 645 15.90 -39.96 -112.87
C LEU G 645 16.53 -41.28 -112.44
N VAL G 646 17.59 -41.67 -113.16
CA VAL G 646 18.16 -43.00 -112.97
C VAL G 646 19.38 -43.00 -112.05
N ARG G 647 20.35 -42.11 -112.33
CA ARG G 647 21.65 -42.04 -111.66
C ARG G 647 22.33 -43.41 -111.60
N GLY G 648 22.60 -43.94 -112.78
CA GLY G 648 23.18 -45.25 -112.93
C GLY G 648 22.36 -46.22 -113.77
N GLY G 649 21.43 -45.73 -114.59
CA GLY G 649 20.69 -46.56 -115.50
C GLY G 649 19.48 -47.27 -114.92
N LYS G 650 19.34 -47.31 -113.61
CA LYS G 650 18.23 -48.03 -112.99
C LYS G 650 17.36 -47.06 -112.20
N VAL G 651 16.05 -47.34 -112.19
CA VAL G 651 15.05 -46.47 -111.58
C VAL G 651 14.70 -47.03 -110.22
N ALA G 652 14.77 -46.18 -109.20
CA ALA G 652 14.34 -46.55 -107.85
C ALA G 652 12.82 -46.67 -107.80
N THR G 653 12.33 -47.74 -107.19
CA THR G 653 10.89 -47.94 -107.08
C THR G 653 10.30 -47.04 -105.99
N LEU G 654 9.01 -46.76 -106.09
CA LEU G 654 8.32 -45.86 -105.17
C LEU G 654 7.16 -46.64 -104.54
N ASN G 655 7.21 -46.81 -103.22
CA ASN G 655 6.33 -47.73 -102.52
C ASN G 655 5.08 -46.99 -102.06
N VAL G 656 3.95 -47.28 -102.69
CA VAL G 656 2.64 -46.83 -102.25
C VAL G 656 2.11 -47.82 -101.24
N GLY G 657 1.65 -47.32 -100.09
CA GLY G 657 1.31 -48.21 -98.99
C GLY G 657 0.02 -48.98 -99.22
N ASN G 658 -1.07 -48.27 -99.50
CA ASN G 658 -2.36 -48.91 -99.70
C ASN G 658 -2.91 -48.69 -101.10
N ALA G 659 -3.02 -47.45 -101.56
CA ALA G 659 -3.66 -47.19 -102.83
C ALA G 659 -3.18 -45.86 -103.39
N ALA G 660 -2.92 -45.84 -104.71
CA ALA G 660 -2.59 -44.63 -105.43
C ALA G 660 -3.72 -44.34 -106.42
N ALA G 661 -4.80 -43.75 -105.92
CA ALA G 661 -5.95 -43.46 -106.75
C ALA G 661 -5.85 -42.06 -107.33
N MET G 662 -6.04 -41.96 -108.64
CA MET G 662 -5.76 -40.72 -109.35
C MET G 662 -6.96 -40.32 -110.21
N MET G 663 -7.01 -39.05 -110.56
CA MET G 663 -8.09 -38.48 -111.35
C MET G 663 -7.55 -37.25 -112.07
N PHE G 664 -7.87 -37.10 -113.35
CA PHE G 664 -7.25 -36.05 -114.16
C PHE G 664 -8.31 -35.41 -115.04
N ASN G 665 -7.86 -34.71 -116.07
CA ASN G 665 -8.74 -34.10 -117.05
C ASN G 665 -7.98 -34.03 -118.36
N ASN G 666 -8.55 -33.30 -119.32
CA ASN G 666 -7.88 -33.03 -120.59
C ASN G 666 -6.82 -31.96 -120.37
N ASP G 667 -5.70 -32.38 -119.79
CA ASP G 667 -4.60 -31.49 -119.40
C ASP G 667 -3.69 -31.24 -120.59
N ILE G 668 -4.26 -30.68 -121.65
CA ILE G 668 -3.60 -30.47 -122.93
C ILE G 668 -2.94 -29.08 -122.94
N ASP G 669 -1.75 -29.02 -123.53
CA ASP G 669 -1.05 -27.75 -123.71
C ASP G 669 -0.81 -27.52 -125.19
N SER G 670 -0.52 -26.27 -125.53
CA SER G 670 -0.16 -25.91 -126.89
C SER G 670 1.35 -25.89 -127.11
N ALA G 671 2.14 -26.13 -126.07
CA ALA G 671 3.59 -26.22 -126.23
C ALA G 671 3.98 -27.56 -126.86
N THR G 672 3.25 -28.62 -126.53
CA THR G 672 3.49 -29.94 -127.10
C THR G 672 2.40 -30.39 -128.06
N GLY G 673 1.15 -30.02 -127.82
CA GLY G 673 0.02 -30.48 -128.62
C GLY G 673 -0.67 -31.68 -128.00
N PHE G 674 0.08 -32.48 -127.25
CA PHE G 674 -0.45 -33.60 -126.49
C PHE G 674 -0.98 -33.06 -125.16
N TYR G 675 -1.44 -33.94 -124.29
CA TYR G 675 -1.59 -33.63 -122.88
C TYR G 675 -0.26 -33.26 -122.24
N LYS G 676 -0.32 -32.68 -121.05
CA LYS G 676 0.89 -32.46 -120.28
C LYS G 676 1.50 -33.81 -119.90
N PRO G 677 2.83 -33.94 -119.99
CA PRO G 677 3.46 -35.25 -119.71
C PRO G 677 3.39 -35.59 -118.23
N LEU G 678 2.51 -36.55 -117.92
CA LEU G 678 1.98 -36.68 -116.57
C LEU G 678 2.95 -37.35 -115.63
N ILE G 679 3.72 -38.34 -116.11
CA ILE G 679 4.80 -38.94 -115.35
C ILE G 679 5.99 -39.05 -116.30
N LYS G 680 7.08 -38.38 -115.96
CA LYS G 680 8.24 -38.31 -116.84
C LYS G 680 9.42 -39.06 -116.24
N ILE G 681 10.22 -39.69 -117.10
CA ILE G 681 11.50 -40.27 -116.72
C ILE G 681 12.55 -39.51 -117.52
N ASN G 682 13.10 -38.46 -116.93
CA ASN G 682 14.10 -37.65 -117.61
C ASN G 682 15.48 -38.01 -117.05
N SER G 683 16.52 -37.63 -117.81
CA SER G 683 17.94 -37.91 -117.52
C SER G 683 18.22 -39.41 -117.44
N ALA G 684 17.38 -40.20 -118.10
CA ALA G 684 17.60 -41.62 -118.34
C ALA G 684 18.27 -41.86 -119.69
N GLN G 685 19.38 -41.16 -119.91
CA GLN G 685 20.12 -41.31 -121.16
C GLN G 685 20.81 -42.67 -121.22
N ASP G 686 21.35 -43.12 -120.09
CA ASP G 686 21.95 -44.44 -119.97
C ASP G 686 20.96 -45.48 -119.45
N LEU G 687 19.66 -45.31 -119.74
CA LEU G 687 18.66 -46.29 -119.33
C LEU G 687 18.91 -47.61 -120.05
N ILE G 688 19.00 -48.68 -119.27
CA ILE G 688 19.51 -49.96 -119.76
C ILE G 688 18.45 -50.60 -120.65
N LYS G 689 18.81 -50.83 -121.91
CA LYS G 689 17.91 -51.45 -122.87
C LYS G 689 17.72 -52.93 -122.51
N ASN G 690 16.55 -53.46 -122.90
CA ASN G 690 16.18 -54.87 -122.75
C ASN G 690 16.15 -55.31 -121.28
N THR G 691 15.68 -54.42 -120.41
CA THR G 691 15.74 -54.66 -118.98
C THR G 691 14.51 -54.04 -118.32
N GLU G 692 13.83 -54.85 -117.49
CA GLU G 692 12.75 -54.32 -116.67
C GLU G 692 13.29 -53.37 -115.61
N HIS G 693 12.82 -52.13 -115.65
CA HIS G 693 13.13 -51.14 -114.63
C HIS G 693 11.82 -50.82 -113.91
N VAL G 694 11.71 -51.27 -112.67
CA VAL G 694 10.50 -51.06 -111.89
C VAL G 694 10.38 -49.58 -111.49
N LEU G 695 9.35 -48.91 -112.00
CA LEU G 695 9.18 -47.50 -111.71
C LEU G 695 8.64 -47.29 -110.30
N LEU G 696 7.63 -48.05 -109.93
CA LEU G 696 7.00 -47.93 -108.62
C LEU G 696 6.30 -49.22 -108.26
N LYS G 697 6.50 -49.68 -107.02
CA LYS G 697 5.72 -50.79 -106.49
C LYS G 697 4.50 -50.24 -105.77
N ALA G 698 3.32 -50.64 -106.26
CA ALA G 698 2.07 -50.11 -105.74
C ALA G 698 1.06 -51.23 -105.66
N LYS G 699 -0.09 -50.93 -105.10
CA LYS G 699 -1.15 -51.92 -104.93
C LYS G 699 -2.35 -51.64 -105.82
N ILE G 700 -2.76 -50.38 -105.94
CA ILE G 700 -3.85 -49.99 -106.84
C ILE G 700 -3.41 -48.74 -107.57
N ILE G 701 -3.30 -48.83 -108.90
CA ILE G 701 -3.19 -47.64 -109.74
C ILE G 701 -4.59 -47.33 -110.24
N GLY G 702 -5.33 -46.55 -109.49
CA GLY G 702 -6.69 -46.22 -109.88
C GLY G 702 -6.74 -44.96 -110.71
N TYR G 703 -6.75 -45.11 -112.04
CA TYR G 703 -6.84 -43.96 -112.92
C TYR G 703 -8.25 -43.39 -112.89
N GLY G 704 -8.35 -42.09 -113.10
CA GLY G 704 -9.65 -41.49 -113.34
C GLY G 704 -9.52 -40.25 -114.19
N ASN G 705 -10.68 -39.77 -114.64
CA ASN G 705 -10.84 -38.45 -115.21
C ASN G 705 -12.13 -37.87 -114.67
N VAL G 706 -12.63 -36.80 -115.30
CA VAL G 706 -13.89 -36.19 -114.89
C VAL G 706 -15.09 -37.09 -115.12
N SER G 707 -14.95 -38.13 -115.93
CA SER G 707 -15.90 -39.23 -115.97
C SER G 707 -15.11 -40.52 -115.77
N THR G 708 -15.83 -41.64 -115.76
CA THR G 708 -15.17 -42.94 -115.71
C THR G 708 -14.47 -43.23 -117.04
N GLY G 709 -15.13 -42.91 -118.14
CA GLY G 709 -14.53 -42.99 -119.46
C GLY G 709 -13.40 -42.00 -119.62
N THR G 710 -12.28 -42.47 -120.15
CA THR G 710 -11.04 -41.72 -120.08
C THR G 710 -10.77 -40.94 -121.37
N ASN G 711 -9.54 -40.42 -121.46
CA ASN G 711 -9.08 -39.49 -122.50
C ASN G 711 -9.94 -38.23 -122.55
N GLY G 712 -9.89 -37.49 -121.45
CA GLY G 712 -10.60 -36.23 -121.34
C GLY G 712 -12.01 -36.42 -120.84
N ILE G 713 -12.99 -36.24 -121.73
CA ILE G 713 -14.39 -36.53 -121.42
C ILE G 713 -14.97 -37.35 -122.57
N SER G 714 -14.97 -38.66 -122.39
CA SER G 714 -15.38 -39.62 -123.40
C SER G 714 -15.72 -40.93 -122.69
N ASN G 715 -15.77 -42.03 -123.45
CA ASN G 715 -16.06 -43.35 -122.89
C ASN G 715 -14.95 -44.36 -123.17
N VAL G 716 -13.70 -43.95 -123.01
CA VAL G 716 -12.56 -44.81 -123.29
C VAL G 716 -12.19 -45.54 -122.00
N ASN G 717 -11.68 -46.77 -122.12
CA ASN G 717 -11.27 -47.58 -120.97
C ASN G 717 -10.11 -46.97 -120.19
N LEU G 718 -9.71 -47.64 -119.11
CA LEU G 718 -9.02 -46.98 -118.01
C LEU G 718 -7.51 -46.95 -118.13
N GLU G 719 -6.86 -48.00 -118.64
CA GLU G 719 -5.43 -48.11 -118.39
C GLU G 719 -4.55 -47.95 -119.63
N GLU G 720 -5.06 -48.22 -120.83
CA GLU G 720 -4.19 -48.25 -122.01
C GLU G 720 -3.76 -46.86 -122.46
N GLN G 721 -4.58 -45.83 -122.26
CA GLN G 721 -4.24 -44.46 -122.57
C GLN G 721 -3.27 -43.87 -121.56
N PHE G 722 -3.01 -44.56 -120.45
CA PHE G 722 -2.08 -44.03 -119.46
C PHE G 722 -0.65 -44.33 -119.87
N LYS G 723 -0.47 -45.27 -120.80
CA LYS G 723 0.80 -45.37 -121.52
C LYS G 723 1.07 -44.15 -122.37
N GLU G 724 0.03 -43.47 -122.84
CA GLU G 724 0.23 -42.30 -123.68
C GLU G 724 0.69 -41.09 -122.87
N ARG G 725 0.08 -40.85 -121.72
CA ARG G 725 0.40 -39.67 -120.92
C ARG G 725 1.74 -39.76 -120.20
N LEU G 726 2.26 -40.97 -119.99
CA LEU G 726 3.65 -41.08 -119.57
C LEU G 726 4.57 -40.72 -120.74
N ALA G 727 5.80 -40.35 -120.40
CA ALA G 727 6.76 -39.92 -121.40
C ALA G 727 8.16 -40.31 -120.95
N LEU G 728 9.01 -40.55 -121.93
CA LEU G 728 10.41 -40.89 -121.72
C LEU G 728 11.22 -39.83 -122.45
N TYR G 729 11.63 -38.81 -121.71
CA TYR G 729 12.27 -37.64 -122.29
C TYR G 729 13.77 -37.84 -122.28
N ASN G 730 14.32 -38.35 -123.38
CA ASN G 730 15.76 -38.57 -123.44
C ASN G 730 16.30 -38.17 -124.80
N ASN G 731 17.61 -37.86 -124.82
CA ASN G 731 18.26 -37.11 -125.90
C ASN G 731 17.53 -35.79 -126.17
N ASN G 732 17.10 -35.14 -125.08
CA ASN G 732 16.48 -33.81 -125.05
C ASN G 732 15.19 -33.73 -125.87
N ASN G 733 14.51 -34.87 -126.04
CA ASN G 733 13.20 -34.90 -126.67
C ASN G 733 12.47 -36.12 -126.11
N ARG G 734 11.18 -36.25 -126.42
CA ARG G 734 10.38 -37.36 -125.95
C ARG G 734 10.62 -38.58 -126.84
N MET G 735 11.10 -39.66 -126.22
CA MET G 735 11.39 -40.88 -126.96
C MET G 735 10.34 -41.96 -126.80
N ASP G 736 9.48 -41.84 -125.79
CA ASP G 736 8.37 -42.79 -125.63
C ASP G 736 7.38 -42.63 -126.78
N THR G 737 6.75 -41.46 -126.87
CA THR G 737 6.05 -41.04 -128.07
C THR G 737 6.77 -39.83 -128.64
N CYS G 738 6.46 -39.50 -129.88
CA CYS G 738 7.03 -38.29 -130.49
C CYS G 738 5.85 -37.50 -131.02
N VAL G 739 5.40 -36.53 -130.24
CA VAL G 739 4.21 -35.75 -130.53
C VAL G 739 4.60 -34.63 -131.49
N VAL G 740 4.00 -34.64 -132.69
CA VAL G 740 4.48 -33.85 -133.80
C VAL G 740 3.33 -32.99 -134.34
N ARG G 741 3.60 -31.69 -134.50
CA ARG G 741 2.66 -30.80 -135.16
C ARG G 741 3.26 -30.04 -136.35
N ASN G 742 4.56 -30.13 -136.60
CA ASN G 742 5.19 -29.44 -137.72
C ASN G 742 6.38 -30.26 -138.19
N THR G 743 7.22 -29.66 -139.02
CA THR G 743 8.41 -30.33 -139.54
C THR G 743 9.68 -29.99 -138.77
N ASP G 744 9.62 -28.96 -137.92
CA ASP G 744 10.80 -28.53 -137.17
C ASP G 744 11.17 -29.50 -136.06
N ASP G 745 10.19 -30.10 -135.38
CA ASP G 745 10.49 -31.03 -134.29
C ASP G 745 10.91 -32.41 -134.80
N ILE G 746 10.78 -32.66 -136.10
CA ILE G 746 11.25 -33.90 -136.69
C ILE G 746 12.77 -34.02 -136.58
N LYS G 747 13.47 -32.87 -136.60
CA LYS G 747 14.92 -32.85 -136.45
C LYS G 747 15.33 -33.38 -135.08
N ALA G 748 14.78 -32.78 -134.01
CA ALA G 748 15.07 -33.25 -132.66
C ALA G 748 14.47 -34.62 -132.38
N CYS G 749 13.42 -35.02 -133.09
CA CYS G 749 12.87 -36.36 -132.92
C CYS G 749 13.81 -37.41 -133.50
N GLY G 750 14.38 -37.14 -134.68
CA GLY G 750 15.40 -38.02 -135.22
C GLY G 750 16.69 -37.99 -134.43
N MET G 751 16.98 -36.85 -133.78
CA MET G 751 18.08 -36.83 -132.82
C MET G 751 17.77 -37.69 -131.60
N ALA G 752 16.50 -37.75 -131.20
CA ALA G 752 16.11 -38.53 -130.04
C ALA G 752 16.16 -40.03 -130.33
N ILE G 753 15.70 -40.45 -131.51
CA ILE G 753 15.69 -41.87 -131.83
C ILE G 753 16.92 -42.30 -132.62
N GLY G 754 17.82 -41.38 -132.94
CA GLY G 754 19.09 -41.74 -133.58
C GLY G 754 18.96 -42.18 -135.02
N ASN G 755 18.18 -41.47 -135.83
CA ASN G 755 17.94 -41.84 -137.22
C ASN G 755 18.03 -40.60 -138.09
N GLN G 756 18.88 -40.66 -139.12
CA GLN G 756 19.01 -39.56 -140.07
C GLN G 756 17.87 -39.50 -141.08
N SER G 757 16.98 -40.49 -141.08
CA SER G 757 15.77 -40.43 -141.90
C SER G 757 14.77 -39.40 -141.41
N MET G 758 14.91 -38.92 -140.19
CA MET G 758 14.12 -37.81 -139.69
C MET G 758 14.96 -36.56 -139.49
N VAL G 759 16.28 -36.65 -139.68
CA VAL G 759 17.17 -35.51 -139.46
C VAL G 759 17.44 -34.80 -140.78
N ASN G 760 17.87 -35.55 -141.79
CA ASN G 760 18.24 -34.95 -143.07
C ASN G 760 17.02 -34.52 -143.86
N ASN G 761 15.90 -35.21 -143.71
CA ASN G 761 14.67 -34.89 -144.43
C ASN G 761 13.44 -34.99 -143.54
N PRO G 762 12.87 -33.86 -143.11
CA PRO G 762 11.65 -33.92 -142.28
C PRO G 762 10.41 -34.30 -143.06
N ASP G 763 10.36 -34.01 -144.36
CA ASP G 763 9.23 -34.37 -145.20
C ASP G 763 9.27 -35.81 -145.68
N ASN G 764 10.25 -36.60 -145.22
CA ASN G 764 10.28 -38.02 -145.53
C ASN G 764 9.12 -38.74 -144.85
N TYR G 765 8.75 -38.31 -143.66
CA TYR G 765 7.69 -38.93 -142.87
C TYR G 765 6.55 -37.96 -142.73
N LYS G 766 5.40 -38.28 -143.34
CA LYS G 766 4.27 -37.37 -143.42
C LYS G 766 3.04 -37.95 -142.72
N TYR G 767 3.25 -38.87 -141.79
CA TYR G 767 2.18 -39.49 -141.02
C TYR G 767 1.92 -38.75 -139.71
N LEU G 768 2.39 -37.51 -139.60
CA LEU G 768 2.56 -36.85 -138.32
C LEU G 768 2.09 -35.40 -138.35
N ILE G 769 1.22 -35.07 -139.30
CA ILE G 769 0.59 -33.75 -139.36
C ILE G 769 -0.74 -33.92 -138.62
N GLY G 770 -0.79 -33.43 -137.39
CA GLY G 770 -1.94 -33.67 -136.55
C GLY G 770 -1.94 -35.03 -135.90
N LYS G 771 -0.82 -35.75 -135.96
CA LYS G 771 -0.72 -37.08 -135.38
C LYS G 771 0.54 -37.23 -134.56
N ALA G 772 0.84 -38.44 -134.12
CA ALA G 772 2.07 -38.77 -133.43
C ALA G 772 2.37 -40.24 -133.66
N TRP G 773 3.32 -40.77 -132.89
CA TRP G 773 3.65 -42.20 -132.97
C TRP G 773 4.31 -42.64 -131.68
N LYS G 774 3.86 -43.78 -131.16
CA LYS G 774 4.51 -44.41 -130.02
C LYS G 774 5.66 -45.27 -130.50
N ASN G 775 6.78 -45.21 -129.78
CA ASN G 775 7.98 -45.93 -130.20
C ASN G 775 7.83 -47.41 -129.88
N ILE G 776 7.96 -48.24 -130.91
CA ILE G 776 8.03 -49.67 -130.70
C ILE G 776 9.37 -50.03 -130.10
N GLY G 777 9.37 -51.02 -129.20
CA GLY G 777 10.53 -51.30 -128.39
C GLY G 777 10.51 -50.65 -127.03
N ILE G 778 9.46 -49.90 -126.71
CA ILE G 778 9.26 -49.30 -125.41
C ILE G 778 7.87 -49.68 -124.92
N SER G 779 7.81 -50.50 -123.88
CA SER G 779 6.56 -51.00 -123.34
C SER G 779 6.41 -50.55 -121.90
N LYS G 780 5.17 -50.30 -121.48
CA LYS G 780 4.89 -49.90 -120.11
C LYS G 780 3.64 -50.60 -119.61
N THR G 781 3.53 -50.72 -118.29
CA THR G 781 2.32 -51.21 -117.64
C THR G 781 1.63 -50.04 -116.95
N ALA G 782 0.30 -50.03 -117.03
CA ALA G 782 -0.50 -49.00 -116.36
C ALA G 782 -1.75 -49.63 -115.76
N ASN G 783 -1.69 -50.92 -115.52
CA ASN G 783 -2.84 -51.63 -114.96
C ASN G 783 -2.96 -51.37 -113.45
N GLY G 784 -3.92 -52.05 -112.84
CA GLY G 784 -4.26 -51.80 -111.45
C GLY G 784 -3.29 -52.34 -110.42
N SER G 785 -2.11 -52.81 -110.81
CA SER G 785 -1.20 -53.41 -109.84
C SER G 785 0.25 -52.96 -109.97
N LYS G 786 0.65 -52.44 -111.13
CA LYS G 786 2.07 -52.15 -111.33
C LYS G 786 2.23 -51.15 -112.47
N ILE G 787 3.13 -50.19 -112.28
CA ILE G 787 3.63 -49.35 -113.37
C ILE G 787 5.12 -49.64 -113.51
N SER G 788 5.49 -50.34 -114.58
CA SER G 788 6.88 -50.63 -114.90
C SER G 788 7.12 -50.30 -116.37
N VAL G 789 8.31 -49.77 -116.65
CA VAL G 789 8.68 -49.35 -117.99
C VAL G 789 9.69 -50.34 -118.55
N TYR G 790 9.42 -50.85 -119.74
CA TYR G 790 10.23 -51.88 -120.39
C TYR G 790 10.89 -51.25 -121.60
N TYR G 791 12.02 -50.59 -121.38
CA TYR G 791 12.81 -50.00 -122.47
C TYR G 791 13.63 -51.13 -123.08
N LEU G 792 13.20 -51.60 -124.25
CA LEU G 792 13.88 -52.70 -124.92
C LEU G 792 14.22 -52.42 -126.37
N GLY G 793 13.85 -51.27 -126.91
CA GLY G 793 14.23 -50.95 -128.27
C GLY G 793 14.02 -49.51 -128.70
N ASN G 794 15.06 -48.91 -129.25
CA ASN G 794 14.96 -47.62 -129.94
C ASN G 794 14.85 -47.88 -131.45
N SER G 795 13.70 -48.44 -131.84
CA SER G 795 13.50 -48.89 -133.20
C SER G 795 13.05 -47.73 -134.09
N THR G 796 13.40 -47.83 -135.36
CA THR G 796 13.03 -46.80 -136.32
C THR G 796 11.58 -47.00 -136.75
N PRO G 797 10.71 -46.01 -136.57
CA PRO G 797 9.32 -46.17 -137.02
C PRO G 797 9.21 -46.02 -138.53
N THR G 798 8.44 -46.92 -139.13
CA THR G 798 8.10 -46.75 -140.53
C THR G 798 7.04 -45.68 -140.70
N GLU G 799 6.82 -45.26 -141.94
CA GLU G 799 5.94 -44.12 -142.19
C GLU G 799 4.47 -44.52 -142.08
N ASN G 800 4.02 -45.45 -142.90
CA ASN G 800 2.61 -45.81 -142.98
C ASN G 800 2.42 -47.30 -142.73
N GLY G 801 3.00 -47.80 -141.65
CA GLY G 801 2.87 -49.20 -141.30
C GLY G 801 2.17 -49.46 -139.98
N GLY G 802 2.28 -48.52 -139.05
CA GLY G 802 1.62 -48.66 -137.76
C GLY G 802 2.39 -47.96 -136.68
N ASN G 803 2.00 -48.28 -135.43
CA ASN G 803 2.54 -47.69 -134.20
C ASN G 803 2.40 -46.17 -134.19
N THR G 804 1.27 -45.67 -134.68
CA THR G 804 1.01 -44.24 -134.78
C THR G 804 -0.16 -43.88 -133.89
N THR G 805 -0.10 -42.67 -133.34
CA THR G 805 -1.17 -42.14 -132.50
C THR G 805 -1.62 -40.79 -133.04
N ASN G 806 -2.72 -40.29 -132.50
CA ASN G 806 -3.29 -39.02 -132.94
C ASN G 806 -3.00 -37.94 -131.90
N LEU G 807 -3.43 -36.71 -132.17
CA LEU G 807 -3.39 -35.67 -131.16
C LEU G 807 -4.68 -35.68 -130.33
N PRO G 808 -4.64 -35.20 -129.09
CA PRO G 808 -5.89 -35.01 -128.34
C PRO G 808 -6.81 -33.99 -128.97
N THR G 809 -6.30 -32.75 -129.17
CA THR G 809 -6.98 -31.65 -129.86
C THR G 809 -8.32 -31.33 -129.19
N ASN G 810 -8.22 -30.81 -127.97
CA ASN G 810 -9.41 -30.43 -127.21
C ASN G 810 -9.38 -28.94 -126.90
N THR G 811 -8.72 -28.16 -127.76
CA THR G 811 -8.65 -26.72 -127.59
C THR G 811 -9.30 -26.02 -128.78
N LEU H 27 -29.92 -34.12 -22.69
CA LEU H 27 -30.72 -33.87 -21.50
C LEU H 27 -31.77 -32.79 -21.77
N LEU H 28 -31.44 -31.85 -22.65
CA LEU H 28 -32.40 -30.83 -23.04
C LEU H 28 -33.33 -31.31 -24.15
N GLY H 29 -32.79 -31.96 -25.17
CA GLY H 29 -33.56 -32.31 -26.34
C GLY H 29 -33.42 -31.27 -27.44
N TRP H 30 -33.51 -31.77 -28.68
CA TRP H 30 -33.33 -30.88 -29.83
C TRP H 30 -34.51 -29.95 -30.02
N GLY H 31 -35.70 -30.38 -29.60
CA GLY H 31 -36.89 -29.57 -29.80
C GLY H 31 -36.90 -28.31 -28.97
N LEU H 32 -36.14 -28.29 -27.87
CA LEU H 32 -35.93 -27.04 -27.16
C LEU H 32 -34.83 -26.22 -27.81
N LYS H 33 -33.76 -26.89 -28.26
CA LYS H 33 -32.56 -26.21 -28.70
C LYS H 33 -32.78 -25.44 -29.99
N GLN H 34 -33.40 -26.07 -30.99
CA GLN H 34 -33.67 -25.36 -32.23
C GLN H 34 -34.73 -24.31 -32.03
N ALA H 35 -35.72 -24.56 -31.18
CA ALA H 35 -36.79 -23.59 -30.98
C ALA H 35 -36.31 -22.36 -30.21
N GLU H 36 -35.24 -22.49 -29.43
CA GLU H 36 -34.67 -21.31 -28.81
C GLU H 36 -33.59 -20.64 -29.64
N GLU H 37 -32.93 -21.36 -30.55
CA GLU H 37 -31.94 -20.71 -31.40
C GLU H 37 -32.54 -20.08 -32.64
N ALA H 38 -33.75 -20.47 -33.04
CA ALA H 38 -34.32 -19.92 -34.27
C ALA H 38 -34.82 -18.50 -34.07
N ASN H 39 -35.19 -18.15 -32.85
CA ASN H 39 -35.67 -16.79 -32.54
C ASN H 39 -34.64 -16.06 -31.67
N LYS H 40 -33.66 -15.47 -32.34
CA LYS H 40 -32.64 -14.67 -31.66
C LYS H 40 -32.33 -13.43 -32.46
N THR H 41 -32.01 -12.36 -31.76
CA THR H 41 -31.29 -11.27 -32.38
C THR H 41 -29.89 -11.76 -32.75
N PRO H 42 -29.30 -11.27 -33.87
CA PRO H 42 -27.99 -11.78 -34.30
C PRO H 42 -26.86 -11.57 -33.30
N ASP H 43 -26.53 -10.32 -33.01
CA ASP H 43 -25.49 -9.90 -32.07
C ASP H 43 -25.62 -8.41 -31.87
N LYS H 44 -24.68 -7.84 -31.11
CA LYS H 44 -24.46 -6.40 -31.05
C LYS H 44 -22.98 -6.14 -31.32
N PRO H 45 -22.56 -6.07 -32.59
CA PRO H 45 -21.15 -5.81 -32.86
C PRO H 45 -20.86 -4.34 -33.09
N ASP H 46 -19.73 -3.91 -32.57
CA ASP H 46 -19.14 -2.65 -32.95
C ASP H 46 -18.29 -2.84 -34.20
N LYS H 47 -17.94 -1.73 -34.84
CA LYS H 47 -17.14 -1.68 -36.06
C LYS H 47 -17.78 -2.50 -37.19
N VAL H 48 -18.92 -2.01 -37.64
CA VAL H 48 -19.58 -2.60 -38.80
C VAL H 48 -18.82 -2.17 -40.04
N TRP H 49 -17.92 -3.02 -40.53
CA TRP H 49 -17.18 -2.71 -41.75
C TRP H 49 -18.11 -2.85 -42.94
N ARG H 50 -17.89 -2.03 -43.95
CA ARG H 50 -18.66 -2.14 -45.19
C ARG H 50 -17.73 -2.06 -46.38
N ILE H 51 -17.77 -3.08 -47.22
CA ILE H 51 -16.95 -3.16 -48.42
C ILE H 51 -17.88 -3.30 -49.61
N GLN H 52 -17.71 -2.44 -50.60
CA GLN H 52 -18.50 -2.53 -51.83
C GLN H 52 -17.55 -2.84 -52.97
N ALA H 53 -17.84 -3.89 -53.72
CA ALA H 53 -17.06 -4.20 -54.92
C ALA H 53 -17.47 -3.24 -56.02
N GLY H 54 -16.59 -2.29 -56.33
CA GLY H 54 -16.92 -1.26 -57.29
C GLY H 54 -16.71 -1.70 -58.72
N LYS H 55 -16.04 -0.87 -59.51
CA LYS H 55 -15.84 -1.18 -60.91
C LYS H 55 -14.64 -2.10 -61.08
N GLY H 56 -14.67 -2.88 -62.16
CA GLY H 56 -13.65 -3.87 -62.39
C GLY H 56 -14.21 -5.27 -62.42
N PHE H 57 -15.14 -5.56 -61.50
CA PHE H 57 -15.67 -6.91 -61.40
C PHE H 57 -16.82 -7.15 -62.37
N ASN H 58 -17.68 -6.15 -62.57
CA ASN H 58 -19.05 -6.37 -63.01
C ASN H 58 -19.21 -6.47 -64.52
N GLU H 59 -18.16 -6.79 -65.26
CA GLU H 59 -18.33 -7.00 -66.68
C GLU H 59 -17.48 -8.11 -67.30
N PHE H 60 -16.80 -8.93 -66.50
CA PHE H 60 -16.13 -10.13 -67.02
C PHE H 60 -16.90 -11.35 -66.54
N PRO H 61 -17.77 -11.92 -67.37
CA PRO H 61 -18.67 -12.98 -66.90
C PRO H 61 -18.02 -14.32 -66.66
N ASN H 62 -16.74 -14.52 -67.02
CA ASN H 62 -16.18 -15.86 -66.95
C ASN H 62 -14.77 -15.87 -66.40
N LYS H 63 -14.44 -14.95 -65.49
CA LYS H 63 -13.03 -14.74 -65.19
C LYS H 63 -12.46 -15.76 -64.21
N GLU H 64 -13.31 -16.37 -63.36
CA GLU H 64 -12.90 -17.23 -62.25
C GLU H 64 -11.97 -16.46 -61.30
N TYR H 65 -12.59 -15.50 -60.63
CA TYR H 65 -11.95 -14.70 -59.59
C TYR H 65 -11.58 -15.59 -58.41
N ASP H 66 -10.77 -15.05 -57.51
CA ASP H 66 -10.70 -15.51 -56.14
C ASP H 66 -11.48 -14.50 -55.32
N LEU H 67 -12.03 -14.95 -54.21
CA LEU H 67 -12.82 -14.06 -53.37
C LEU H 67 -12.13 -13.69 -52.09
N TYR H 68 -11.35 -14.61 -51.52
CA TYR H 68 -10.59 -14.29 -50.32
C TYR H 68 -9.47 -13.31 -50.64
N LYS H 69 -8.57 -13.69 -51.55
CA LYS H 69 -7.36 -12.92 -51.79
C LYS H 69 -7.65 -11.62 -52.53
N SER H 70 -8.55 -11.66 -53.52
CA SER H 70 -8.77 -10.46 -54.31
C SER H 70 -9.68 -9.47 -53.61
N LEU H 71 -10.60 -9.95 -52.76
CA LEU H 71 -11.50 -9.03 -52.07
C LEU H 71 -11.42 -9.12 -50.55
N LEU H 72 -11.61 -10.30 -49.98
CA LEU H 72 -11.91 -10.38 -48.56
C LEU H 72 -10.70 -10.26 -47.66
N SER H 73 -9.50 -10.47 -48.19
CA SER H 73 -8.33 -10.43 -47.33
C SER H 73 -7.92 -9.03 -46.93
N SER H 74 -8.60 -8.00 -47.45
CA SER H 74 -8.38 -6.65 -46.98
C SER H 74 -8.88 -6.46 -45.56
N LYS H 75 -10.01 -7.08 -45.21
CA LYS H 75 -10.59 -6.90 -43.89
C LYS H 75 -10.87 -8.25 -43.22
N ILE H 76 -10.09 -9.27 -43.56
CA ILE H 76 -10.07 -10.53 -42.82
C ILE H 76 -8.61 -10.88 -42.59
N ASP H 77 -8.18 -10.88 -41.34
CA ASP H 77 -6.78 -11.06 -41.01
C ASP H 77 -6.53 -12.43 -40.40
N GLY H 78 -5.51 -13.10 -40.90
CA GLY H 78 -5.12 -14.38 -40.33
C GLY H 78 -4.38 -14.21 -39.04
N GLY H 79 -3.98 -15.35 -38.47
CA GLY H 79 -3.22 -15.29 -37.24
C GLY H 79 -2.83 -16.64 -36.66
N TRP H 80 -2.39 -16.63 -35.41
CA TRP H 80 -1.96 -17.83 -34.71
C TRP H 80 -2.46 -17.76 -33.28
N ASP H 81 -3.14 -18.81 -32.83
CA ASP H 81 -3.63 -18.88 -31.46
C ASP H 81 -2.62 -19.66 -30.63
N TRP H 82 -2.14 -19.05 -29.55
CA TRP H 82 -1.21 -19.74 -28.67
C TRP H 82 -1.98 -20.80 -27.92
N GLY H 83 -1.84 -22.05 -28.38
CA GLY H 83 -2.70 -23.12 -27.98
C GLY H 83 -3.48 -23.62 -29.18
N ASN H 84 -3.18 -24.86 -29.60
CA ASN H 84 -3.74 -25.67 -30.69
C ASN H 84 -4.18 -24.88 -31.93
N ALA H 85 -3.27 -24.15 -32.53
CA ALA H 85 -3.59 -23.47 -33.78
C ALA H 85 -3.06 -24.27 -34.96
N ALA H 86 -3.82 -24.23 -36.05
CA ALA H 86 -3.30 -24.49 -37.38
C ALA H 86 -3.30 -23.22 -38.20
N THR H 87 -4.47 -22.61 -38.37
CA THR H 87 -4.58 -21.21 -38.74
C THR H 87 -5.51 -20.55 -37.74
N HIS H 88 -5.82 -19.27 -37.94
CA HIS H 88 -6.70 -18.54 -37.05
C HIS H 88 -7.20 -17.31 -37.79
N TYR H 89 -8.50 -17.25 -38.03
CA TYR H 89 -9.07 -16.14 -38.78
C TYR H 89 -10.17 -15.48 -37.98
N TRP H 90 -10.17 -14.15 -38.05
CA TRP H 90 -11.25 -13.34 -37.49
C TRP H 90 -11.47 -12.19 -38.45
N ILE H 91 -12.19 -11.16 -38.00
CA ILE H 91 -12.53 -10.12 -38.95
C ILE H 91 -11.54 -8.97 -38.89
N LYS H 92 -11.55 -8.23 -37.79
CA LYS H 92 -10.61 -7.12 -37.59
C LYS H 92 -10.58 -6.72 -36.13
N GLY H 93 -9.46 -6.95 -35.46
CA GLY H 93 -9.34 -6.60 -34.06
C GLY H 93 -10.26 -7.39 -33.15
N GLY H 94 -10.29 -8.70 -33.29
CA GLY H 94 -11.12 -9.55 -32.46
C GLY H 94 -12.23 -10.21 -33.25
N GLN H 95 -12.96 -11.08 -32.55
CA GLN H 95 -14.02 -11.86 -33.16
C GLN H 95 -15.40 -11.25 -32.97
N TRP H 96 -15.49 -9.94 -32.74
CA TRP H 96 -16.78 -9.33 -32.47
C TRP H 96 -17.05 -8.16 -33.41
N ASN H 97 -16.66 -8.27 -34.67
CA ASN H 97 -16.77 -7.19 -35.62
C ASN H 97 -17.44 -7.68 -36.90
N LYS H 98 -18.56 -7.05 -37.24
CA LYS H 98 -19.28 -7.38 -38.46
C LYS H 98 -18.65 -6.70 -39.67
N LEU H 99 -18.55 -7.43 -40.77
CA LEU H 99 -18.32 -6.79 -42.06
C LEU H 99 -19.50 -7.12 -42.95
N GLU H 100 -19.61 -6.46 -44.09
CA GLU H 100 -20.52 -6.87 -45.13
C GLU H 100 -19.95 -6.54 -46.50
N VAL H 101 -20.35 -7.32 -47.49
CA VAL H 101 -19.94 -7.11 -48.88
C VAL H 101 -21.20 -6.91 -49.69
N ASP H 102 -21.26 -5.80 -50.43
CA ASP H 102 -22.46 -5.44 -51.16
C ASP H 102 -22.11 -5.32 -52.64
N MET H 103 -22.13 -6.44 -53.35
CA MET H 103 -21.79 -6.39 -54.78
C MET H 103 -23.01 -6.04 -55.62
N LYS H 104 -24.00 -6.94 -55.65
CA LYS H 104 -25.31 -6.83 -56.31
C LYS H 104 -25.27 -6.75 -57.83
N ASP H 105 -24.09 -6.65 -58.44
CA ASP H 105 -23.98 -6.74 -59.89
C ASP H 105 -22.72 -7.40 -60.37
N ALA H 106 -21.87 -7.90 -59.47
CA ALA H 106 -20.58 -8.43 -59.89
C ALA H 106 -20.74 -9.80 -60.53
N VAL H 107 -20.53 -9.85 -61.84
CA VAL H 107 -20.80 -11.04 -62.63
C VAL H 107 -19.50 -11.82 -62.76
N GLY H 108 -19.58 -13.12 -62.56
CA GLY H 108 -18.43 -13.98 -62.73
C GLY H 108 -18.61 -15.26 -61.97
N THR H 109 -17.51 -15.74 -61.40
CA THR H 109 -17.50 -16.95 -60.60
C THR H 109 -16.38 -16.88 -59.57
N TYR H 110 -16.75 -17.05 -58.31
CA TYR H 110 -15.90 -16.74 -57.17
C TYR H 110 -15.63 -18.00 -56.37
N LYS H 111 -14.57 -17.97 -55.57
CA LYS H 111 -14.28 -19.14 -54.76
C LYS H 111 -13.58 -18.73 -53.49
N LEU H 112 -13.78 -19.54 -52.44
CA LEU H 112 -13.13 -19.29 -51.16
C LEU H 112 -11.80 -20.01 -51.07
N SER H 113 -11.82 -21.34 -51.14
CA SER H 113 -10.66 -22.19 -51.38
C SER H 113 -9.60 -22.04 -50.28
N GLY H 114 -9.96 -22.38 -49.06
CA GLY H 114 -8.95 -22.52 -48.03
C GLY H 114 -9.14 -21.71 -46.77
N LEU H 115 -10.33 -21.17 -46.54
CA LEU H 115 -10.59 -20.44 -45.31
C LEU H 115 -10.88 -21.44 -44.20
N ARG H 116 -9.84 -21.75 -43.43
CA ARG H 116 -9.93 -22.79 -42.42
C ARG H 116 -9.84 -22.22 -41.02
N ASN H 117 -10.66 -22.76 -40.12
CA ASN H 117 -10.78 -22.32 -38.72
C ASN H 117 -11.13 -20.84 -38.64
N PHE H 118 -12.12 -20.43 -39.42
CA PHE H 118 -12.62 -19.08 -39.40
C PHE H 118 -13.47 -18.85 -38.15
N THR H 119 -12.97 -18.07 -37.20
CA THR H 119 -13.80 -17.69 -36.06
C THR H 119 -14.71 -16.52 -36.42
N GLY H 120 -14.12 -15.38 -36.72
CA GLY H 120 -14.80 -14.26 -37.36
C GLY H 120 -16.03 -13.69 -36.71
N GLY H 121 -17.16 -13.84 -37.38
CA GLY H 121 -18.40 -13.26 -36.90
C GLY H 121 -19.03 -12.32 -37.90
N ASP H 122 -20.23 -12.68 -38.35
CA ASP H 122 -21.15 -11.82 -39.09
C ASP H 122 -20.59 -11.38 -40.44
N LEU H 123 -20.33 -12.36 -41.29
CA LEU H 123 -20.20 -12.11 -42.72
C LEU H 123 -21.58 -12.12 -43.36
N ASP H 124 -21.70 -11.43 -44.49
CA ASP H 124 -22.81 -11.64 -45.41
C ASP H 124 -22.37 -11.16 -46.78
N VAL H 125 -22.01 -12.09 -47.63
CA VAL H 125 -21.45 -11.76 -48.92
C VAL H 125 -22.59 -11.70 -49.93
N ASN H 126 -23.17 -10.54 -50.09
CA ASN H 126 -24.35 -10.35 -50.92
C ASN H 126 -23.90 -10.31 -52.37
N MET H 127 -24.11 -11.41 -53.09
CA MET H 127 -23.64 -11.56 -54.48
C MET H 127 -24.80 -11.98 -55.36
N GLN H 128 -25.61 -11.04 -55.81
CA GLN H 128 -26.57 -11.38 -56.84
C GLN H 128 -25.84 -11.60 -58.16
N LYS H 129 -26.45 -12.45 -59.01
CA LYS H 129 -25.94 -12.93 -60.33
C LYS H 129 -24.45 -13.27 -60.32
N ALA H 130 -24.00 -13.96 -59.27
CA ALA H 130 -22.61 -14.35 -59.13
C ALA H 130 -22.55 -15.80 -58.68
N THR H 131 -22.04 -16.67 -59.53
CA THR H 131 -21.84 -18.07 -59.17
C THR H 131 -20.74 -18.16 -58.12
N LEU H 132 -21.00 -18.91 -57.06
CA LEU H 132 -20.01 -19.14 -56.04
C LEU H 132 -19.36 -20.51 -56.28
N ARG H 133 -18.29 -20.79 -55.55
CA ARG H 133 -17.74 -22.14 -55.48
C ARG H 133 -17.03 -22.25 -54.14
N LEU H 134 -17.66 -22.88 -53.15
CA LEU H 134 -17.17 -22.74 -51.80
C LEU H 134 -16.12 -23.81 -51.45
N GLY H 135 -15.38 -24.27 -52.45
CA GLY H 135 -14.29 -25.18 -52.18
C GLY H 135 -13.50 -25.51 -53.44
N GLN H 136 -12.19 -25.38 -53.34
CA GLN H 136 -11.31 -25.68 -54.47
C GLN H 136 -9.94 -25.96 -53.87
N PHE H 137 -9.50 -27.23 -53.97
CA PHE H 137 -8.17 -27.71 -53.57
C PHE H 137 -7.98 -27.72 -52.05
N ASN H 138 -8.91 -27.16 -51.30
CA ASN H 138 -8.81 -27.04 -49.86
C ASN H 138 -10.20 -26.79 -49.30
N GLY H 139 -10.44 -27.26 -48.09
CA GLY H 139 -11.75 -27.15 -47.48
C GLY H 139 -12.01 -25.80 -46.85
N ASN H 140 -13.10 -25.71 -46.11
CA ASN H 140 -13.51 -24.50 -45.44
C ASN H 140 -14.06 -24.84 -44.06
N SER H 141 -14.09 -23.84 -43.18
CA SER H 141 -14.55 -24.05 -41.82
C SER H 141 -15.11 -22.75 -41.27
N PHE H 142 -16.12 -22.88 -40.41
CA PHE H 142 -16.80 -21.72 -39.85
C PHE H 142 -17.13 -22.04 -38.40
N THR H 143 -16.40 -21.42 -37.47
CA THR H 143 -16.43 -21.79 -36.07
C THR H 143 -16.62 -20.51 -35.26
N SER H 144 -16.96 -20.65 -33.99
CA SER H 144 -16.91 -19.54 -33.05
C SER H 144 -16.14 -19.95 -31.81
N TYR H 145 -16.09 -19.03 -30.85
CA TYR H 145 -15.47 -19.28 -29.56
C TYR H 145 -16.47 -19.09 -28.44
N LYS H 146 -16.36 -19.91 -27.40
CA LYS H 146 -17.17 -19.76 -26.20
C LYS H 146 -16.54 -18.65 -25.38
N ASP H 147 -17.01 -17.44 -25.60
CA ASP H 147 -16.58 -16.27 -24.85
C ASP H 147 -17.47 -16.11 -23.62
N SER H 148 -17.35 -14.97 -22.94
CA SER H 148 -18.29 -14.64 -21.89
C SER H 148 -19.57 -14.02 -22.43
N ALA H 149 -19.61 -13.70 -23.73
CA ALA H 149 -20.81 -13.17 -24.35
C ALA H 149 -21.62 -14.23 -25.08
N ASP H 150 -21.02 -15.38 -25.38
CA ASP H 150 -21.67 -16.56 -25.98
C ASP H 150 -22.28 -16.21 -27.34
N ARG H 151 -21.41 -15.87 -28.27
CA ARG H 151 -21.82 -15.34 -29.56
C ARG H 151 -21.95 -16.44 -30.60
N THR H 152 -22.66 -16.12 -31.68
CA THR H 152 -22.77 -16.95 -32.86
C THR H 152 -21.84 -16.42 -33.94
N THR H 153 -21.98 -16.94 -35.15
CA THR H 153 -21.25 -16.40 -36.29
C THR H 153 -22.13 -15.74 -37.32
N ARG H 154 -23.27 -16.36 -37.68
CA ARG H 154 -24.26 -15.84 -38.62
C ARG H 154 -23.67 -15.55 -39.99
N VAL H 155 -22.82 -16.46 -40.45
CA VAL H 155 -22.18 -16.34 -41.76
C VAL H 155 -23.24 -16.53 -42.85
N ASP H 156 -23.36 -15.56 -43.74
CA ASP H 156 -24.41 -15.58 -44.75
C ASP H 156 -23.79 -15.50 -46.14
N PHE H 157 -24.57 -15.91 -47.15
CA PHE H 157 -24.20 -15.79 -48.55
C PHE H 157 -25.47 -15.58 -49.34
N ASN H 158 -25.34 -14.97 -50.52
CA ASN H 158 -26.54 -14.70 -51.31
C ASN H 158 -26.27 -14.89 -52.80
N ALA H 159 -25.61 -15.98 -53.15
CA ALA H 159 -25.11 -16.17 -54.51
C ALA H 159 -26.24 -16.59 -55.47
N LYS H 160 -25.87 -17.09 -56.65
CA LYS H 160 -26.86 -17.52 -57.63
C LYS H 160 -26.88 -19.04 -57.80
N ASN H 161 -25.75 -19.65 -58.13
CA ASN H 161 -25.49 -21.04 -57.78
C ASN H 161 -24.51 -21.01 -56.63
N ILE H 162 -24.21 -22.17 -56.03
CA ILE H 162 -23.25 -22.21 -54.93
C ILE H 162 -22.12 -23.21 -55.18
N LEU H 163 -22.46 -24.45 -55.54
CA LEU H 163 -21.52 -25.45 -56.06
C LEU H 163 -20.37 -25.73 -55.08
N ILE H 164 -20.72 -26.42 -53.98
CA ILE H 164 -19.86 -26.57 -52.80
C ILE H 164 -18.49 -27.15 -53.17
N ASP H 165 -18.47 -28.34 -53.77
CA ASP H 165 -17.35 -28.90 -54.52
C ASP H 165 -16.10 -29.25 -53.74
N ASN H 166 -16.05 -28.95 -52.44
CA ASN H 166 -15.06 -29.49 -51.52
C ASN H 166 -15.63 -29.32 -50.12
N PHE H 167 -15.01 -30.00 -49.14
CA PHE H 167 -15.65 -30.16 -47.84
C PHE H 167 -15.73 -28.86 -47.07
N LEU H 168 -16.70 -28.81 -46.16
CA LEU H 168 -16.98 -27.64 -45.35
C LEU H 168 -17.37 -28.12 -43.96
N GLU H 169 -16.69 -27.61 -42.95
CA GLU H 169 -16.89 -28.07 -41.59
C GLU H 169 -17.44 -26.94 -40.73
N ILE H 170 -18.72 -27.00 -40.43
CA ILE H 170 -19.39 -25.94 -39.70
C ILE H 170 -19.27 -26.25 -38.22
N ASN H 171 -18.78 -25.27 -37.45
CA ASN H 171 -18.50 -25.38 -36.01
C ASN H 171 -17.58 -26.56 -35.71
N ASN H 172 -16.40 -26.57 -36.32
CA ASN H 172 -15.49 -27.68 -36.12
C ASN H 172 -14.72 -27.51 -34.80
N ARG H 173 -13.78 -28.40 -34.55
CA ARG H 173 -12.75 -28.16 -33.55
C ARG H 173 -11.67 -27.31 -34.20
N VAL H 174 -11.14 -26.35 -33.44
CA VAL H 174 -10.14 -25.44 -33.99
C VAL H 174 -8.82 -26.17 -34.22
N GLY H 175 -8.20 -26.63 -33.14
CA GLY H 175 -7.06 -27.49 -33.24
C GLY H 175 -7.32 -28.86 -32.66
N SER H 176 -6.83 -29.07 -31.44
CA SER H 176 -6.97 -30.34 -30.73
C SER H 176 -7.28 -30.03 -29.27
N GLY H 177 -8.57 -29.94 -28.95
CA GLY H 177 -9.02 -29.94 -27.57
C GLY H 177 -8.83 -28.66 -26.79
N ALA H 178 -7.58 -28.29 -26.53
CA ALA H 178 -7.27 -27.25 -25.56
C ALA H 178 -7.51 -25.86 -26.15
N GLY H 179 -7.05 -24.83 -25.45
CA GLY H 179 -7.33 -23.48 -25.87
C GLY H 179 -8.77 -23.11 -25.56
N ARG H 180 -9.33 -22.27 -26.42
CA ARG H 180 -10.71 -21.85 -26.25
C ARG H 180 -11.64 -22.81 -26.97
N LYS H 181 -12.79 -23.08 -26.33
CA LYS H 181 -13.75 -24.02 -26.88
C LYS H 181 -14.66 -23.32 -27.88
N ALA H 182 -15.44 -24.12 -28.61
CA ALA H 182 -16.23 -23.65 -29.73
C ALA H 182 -17.70 -23.53 -29.30
N SER H 183 -18.29 -22.36 -29.53
CA SER H 183 -19.70 -22.13 -29.27
C SER H 183 -20.50 -22.38 -30.55
N SER H 184 -21.75 -21.92 -30.57
CA SER H 184 -22.65 -22.20 -31.67
C SER H 184 -22.31 -21.35 -32.90
N THR H 185 -22.99 -21.66 -34.00
CA THR H 185 -22.86 -20.93 -35.25
C THR H 185 -24.11 -21.11 -36.09
N VAL H 186 -24.23 -20.27 -37.12
CA VAL H 186 -25.31 -20.35 -38.10
C VAL H 186 -24.71 -20.06 -39.47
N LEU H 187 -24.93 -20.96 -40.41
CA LEU H 187 -24.54 -20.73 -41.79
C LEU H 187 -25.82 -20.60 -42.62
N THR H 188 -25.85 -19.64 -43.52
CA THR H 188 -27.00 -19.43 -44.37
C THR H 188 -26.56 -19.35 -45.82
N LEU H 189 -27.09 -20.22 -46.64
CA LEU H 189 -26.75 -20.28 -48.05
C LEU H 189 -28.02 -20.02 -48.84
N GLN H 190 -28.07 -18.90 -49.56
CA GLN H 190 -29.35 -18.38 -50.04
C GLN H 190 -29.28 -18.14 -51.53
N ALA H 191 -28.90 -19.16 -52.28
CA ALA H 191 -28.85 -19.05 -53.74
C ALA H 191 -30.24 -18.91 -54.34
N SER H 192 -30.28 -18.83 -55.66
CA SER H 192 -31.55 -18.73 -56.37
C SER H 192 -31.61 -19.59 -57.62
N GLU H 193 -30.66 -20.51 -57.81
CA GLU H 193 -30.73 -21.44 -58.92
C GLU H 193 -30.39 -22.87 -58.55
N GLY H 194 -29.82 -23.11 -57.39
CA GLY H 194 -29.53 -24.47 -56.96
C GLY H 194 -28.29 -24.49 -56.09
N ILE H 195 -28.33 -25.33 -55.07
CA ILE H 195 -27.18 -25.56 -54.19
C ILE H 195 -26.78 -27.00 -54.43
N THR H 196 -25.91 -27.23 -55.39
CA THR H 196 -25.48 -28.60 -55.63
C THR H 196 -24.19 -28.83 -54.87
N SER H 197 -23.55 -29.96 -55.16
CA SER H 197 -22.33 -30.34 -54.48
C SER H 197 -21.61 -31.37 -55.32
N SER H 198 -20.35 -31.61 -55.00
CA SER H 198 -19.62 -32.65 -55.69
C SER H 198 -19.64 -33.93 -54.88
N LYS H 199 -18.92 -34.94 -55.37
CA LYS H 199 -18.98 -36.27 -54.77
C LYS H 199 -18.18 -36.35 -53.48
N ASN H 200 -17.05 -35.65 -53.42
CA ASN H 200 -16.17 -35.70 -52.25
C ASN H 200 -16.28 -34.45 -51.38
N ALA H 201 -17.48 -33.91 -51.22
CA ALA H 201 -17.66 -32.70 -50.42
C ALA H 201 -18.36 -33.11 -49.12
N GLU H 202 -17.55 -33.33 -48.09
CA GLU H 202 -18.05 -33.78 -46.79
C GLU H 202 -18.56 -32.58 -46.01
N ILE H 203 -19.85 -32.36 -46.04
CA ILE H 203 -20.44 -31.37 -45.14
C ILE H 203 -20.58 -32.01 -43.77
N SER H 204 -19.91 -31.44 -42.78
CA SER H 204 -19.92 -32.05 -41.45
C SER H 204 -20.15 -30.95 -40.43
N LEU H 205 -21.40 -30.76 -40.04
CA LEU H 205 -21.77 -29.77 -39.04
C LEU H 205 -21.89 -30.44 -37.68
N TYR H 206 -21.49 -29.71 -36.64
CA TYR H 206 -21.24 -30.32 -35.35
C TYR H 206 -22.20 -29.78 -34.30
N ASP H 207 -21.85 -30.00 -33.02
CA ASP H 207 -22.66 -29.78 -31.82
C ASP H 207 -23.51 -28.51 -31.81
N GLY H 208 -22.99 -27.40 -32.28
CA GLY H 208 -23.77 -26.18 -32.18
C GLY H 208 -24.27 -25.66 -33.51
N ALA H 209 -23.93 -26.35 -34.58
CA ALA H 209 -24.08 -25.78 -35.91
C ALA H 209 -25.48 -25.95 -36.44
N THR H 210 -25.91 -24.98 -37.24
CA THR H 210 -27.12 -25.07 -38.03
C THR H 210 -26.77 -24.81 -39.49
N LEU H 211 -27.79 -24.79 -40.33
CA LEU H 211 -27.61 -24.54 -41.75
C LEU H 211 -28.96 -24.16 -42.32
N ASN H 212 -29.07 -22.99 -42.92
CA ASN H 212 -30.30 -22.57 -43.56
C ASN H 212 -30.08 -22.50 -45.06
N LEU H 213 -30.98 -23.09 -45.83
CA LEU H 213 -30.88 -23.08 -47.29
C LEU H 213 -32.15 -22.44 -47.82
N ALA H 214 -32.04 -21.74 -48.97
CA ALA H 214 -33.24 -21.07 -49.46
C ALA H 214 -33.33 -21.05 -50.99
N SER H 215 -32.59 -21.90 -51.67
CA SER H 215 -32.64 -21.91 -53.12
C SER H 215 -33.77 -22.83 -53.57
N ASN H 216 -33.77 -23.25 -54.83
CA ASN H 216 -34.56 -24.40 -55.22
C ASN H 216 -33.64 -25.53 -55.67
N SER H 217 -34.07 -26.76 -55.36
CA SER H 217 -33.42 -28.02 -55.75
C SER H 217 -31.99 -28.12 -55.18
N VAL H 218 -31.93 -28.19 -53.85
CA VAL H 218 -30.72 -28.62 -53.16
C VAL H 218 -30.46 -30.06 -53.54
N LYS H 219 -29.24 -30.35 -54.01
CA LYS H 219 -28.89 -31.74 -54.29
C LYS H 219 -27.45 -32.03 -53.86
N LEU H 220 -27.31 -32.37 -52.58
CA LEU H 220 -26.01 -32.58 -51.97
C LEU H 220 -25.56 -34.01 -52.25
N ASN H 221 -24.69 -34.18 -53.22
CA ASN H 221 -24.27 -35.51 -53.61
C ASN H 221 -23.10 -36.04 -52.79
N GLY H 222 -22.88 -35.52 -51.58
CA GLY H 222 -21.77 -35.93 -50.76
C GLY H 222 -22.18 -36.31 -49.35
N ASN H 223 -21.18 -36.64 -48.54
CA ASN H 223 -21.37 -37.10 -47.18
C ASN H 223 -21.83 -35.93 -46.32
N VAL H 224 -23.14 -35.86 -46.06
CA VAL H 224 -23.61 -34.93 -45.03
C VAL H 224 -23.49 -35.61 -43.68
N TRP H 225 -22.83 -34.94 -42.75
CA TRP H 225 -22.44 -35.58 -41.49
C TRP H 225 -22.94 -34.75 -40.32
N MET H 226 -24.18 -34.97 -39.91
CA MET H 226 -24.75 -34.23 -38.79
C MET H 226 -24.28 -34.86 -37.48
N GLY H 227 -23.52 -34.11 -36.70
CA GLY H 227 -23.08 -34.61 -35.42
C GLY H 227 -21.80 -35.39 -35.56
N ARG H 228 -20.74 -34.93 -34.89
CA ARG H 228 -19.46 -35.60 -34.98
C ARG H 228 -18.78 -35.43 -33.63
N LEU H 229 -17.77 -36.26 -33.38
CA LEU H 229 -16.94 -36.11 -32.19
C LEU H 229 -16.20 -34.79 -32.30
N GLN H 230 -16.68 -33.79 -31.56
CA GLN H 230 -16.07 -32.47 -31.61
C GLN H 230 -14.71 -32.48 -30.94
N TYR H 231 -14.56 -33.24 -29.86
CA TYR H 231 -13.30 -33.37 -29.16
C TYR H 231 -12.88 -34.83 -29.20
N VAL H 232 -11.72 -35.12 -28.59
CA VAL H 232 -11.03 -36.37 -28.88
C VAL H 232 -11.64 -37.55 -28.13
N GLY H 233 -12.16 -37.34 -26.92
CA GLY H 233 -12.63 -38.46 -26.13
C GLY H 233 -14.02 -38.29 -25.57
N ALA H 234 -14.61 -37.12 -25.76
CA ALA H 234 -15.92 -36.81 -25.18
C ALA H 234 -17.01 -37.57 -25.96
N TYR H 235 -17.21 -38.81 -25.54
CA TYR H 235 -18.27 -39.63 -26.11
C TYR H 235 -19.64 -39.29 -25.54
N LEU H 236 -19.70 -38.45 -24.52
CA LEU H 236 -20.95 -38.14 -23.83
C LEU H 236 -21.43 -36.73 -24.12
N ALA H 237 -21.05 -36.15 -25.26
CA ALA H 237 -21.55 -34.85 -25.63
C ALA H 237 -22.99 -34.96 -26.12
N PRO H 238 -23.78 -33.89 -25.97
CA PRO H 238 -25.13 -33.88 -26.56
C PRO H 238 -25.14 -33.92 -28.08
N SER H 239 -24.41 -33.00 -28.70
CA SER H 239 -24.14 -32.96 -30.15
C SER H 239 -25.43 -32.86 -30.96
N TYR H 240 -26.08 -31.71 -30.84
CA TYR H 240 -27.23 -31.39 -31.68
C TYR H 240 -26.79 -30.83 -33.02
N SER H 241 -27.75 -30.68 -33.94
CA SER H 241 -27.52 -30.02 -35.21
C SER H 241 -28.87 -29.67 -35.82
N THR H 242 -28.84 -29.04 -36.99
CA THR H 242 -30.03 -28.62 -37.72
C THR H 242 -29.64 -28.32 -39.15
N ILE H 243 -30.38 -28.86 -40.11
CA ILE H 243 -30.26 -28.41 -41.49
C ILE H 243 -31.64 -27.94 -41.92
N ASN H 244 -31.91 -26.66 -41.72
CA ASN H 244 -33.24 -26.11 -41.87
C ASN H 244 -33.43 -25.72 -43.32
N THR H 245 -33.81 -26.68 -44.15
CA THR H 245 -34.06 -26.40 -45.56
C THR H 245 -35.49 -25.94 -45.78
N SER H 246 -35.93 -24.93 -45.04
CA SER H 246 -37.33 -24.56 -45.00
C SER H 246 -37.83 -23.88 -46.25
N LYS H 247 -37.00 -23.08 -46.89
CA LYS H 247 -37.47 -22.22 -47.97
C LYS H 247 -37.39 -22.89 -49.33
N VAL H 248 -36.93 -24.14 -49.39
CA VAL H 248 -36.52 -24.75 -50.65
C VAL H 248 -37.76 -25.08 -51.46
N THR H 249 -37.99 -24.30 -52.52
CA THR H 249 -39.19 -24.46 -53.32
C THR H 249 -39.07 -25.53 -54.38
N GLY H 250 -37.96 -26.25 -54.44
CA GLY H 250 -37.75 -27.22 -55.50
C GLY H 250 -37.73 -28.66 -55.04
N GLU H 251 -36.60 -29.33 -55.25
CA GLU H 251 -36.47 -30.76 -55.05
C GLU H 251 -35.29 -31.02 -54.13
N VAL H 252 -35.56 -31.25 -52.85
CA VAL H 252 -34.50 -31.61 -51.91
C VAL H 252 -34.00 -33.00 -52.27
N ASN H 253 -32.68 -33.18 -52.27
CA ASN H 253 -32.14 -34.47 -52.68
C ASN H 253 -30.82 -34.67 -51.95
N PHE H 254 -30.87 -35.32 -50.81
CA PHE H 254 -29.61 -35.75 -50.22
C PHE H 254 -29.11 -36.99 -50.93
N ASN H 255 -27.92 -37.42 -50.60
CA ASN H 255 -27.46 -38.67 -51.19
C ASN H 255 -26.89 -39.61 -50.14
N HIS H 256 -26.23 -39.05 -49.15
CA HIS H 256 -25.57 -39.88 -48.15
C HIS H 256 -25.60 -39.12 -46.82
N LEU H 257 -26.61 -39.41 -46.02
CA LEU H 257 -26.75 -38.74 -44.74
C LEU H 257 -26.25 -39.63 -43.62
N THR H 258 -25.48 -39.04 -42.72
CA THR H 258 -24.87 -39.81 -41.65
C THR H 258 -24.99 -39.05 -40.35
N VAL H 259 -25.75 -39.58 -39.42
CA VAL H 259 -26.05 -38.91 -38.16
C VAL H 259 -25.25 -39.57 -37.05
N GLY H 260 -24.50 -38.78 -36.31
CA GLY H 260 -23.94 -39.29 -35.08
C GLY H 260 -22.64 -40.03 -35.29
N ASP H 261 -21.76 -39.91 -34.29
CA ASP H 261 -20.50 -40.63 -34.28
C ASP H 261 -20.07 -40.77 -32.83
N HIS H 262 -20.21 -41.98 -32.27
CA HIS H 262 -19.73 -42.35 -30.94
C HIS H 262 -20.35 -41.51 -29.83
N ASN H 263 -21.60 -41.08 -30.03
CA ASN H 263 -22.32 -40.31 -29.04
C ASN H 263 -23.81 -40.44 -29.31
N ALA H 264 -24.60 -39.75 -28.49
CA ALA H 264 -26.06 -39.74 -28.62
C ALA H 264 -26.47 -38.46 -29.33
N ALA H 265 -26.26 -38.42 -30.64
CA ALA H 265 -26.58 -37.24 -31.41
C ALA H 265 -28.07 -37.19 -31.73
N GLN H 266 -28.64 -36.00 -31.66
CA GLN H 266 -30.05 -35.77 -31.94
C GLN H 266 -30.15 -34.69 -33.00
N ALA H 267 -30.14 -35.11 -34.26
CA ALA H 267 -30.20 -34.18 -35.37
C ALA H 267 -31.65 -33.93 -35.77
N GLY H 268 -31.86 -32.88 -36.56
CA GLY H 268 -33.19 -32.54 -37.00
C GLY H 268 -33.14 -31.77 -38.30
N ILE H 269 -34.02 -32.14 -39.22
CA ILE H 269 -34.10 -31.53 -40.53
C ILE H 269 -35.50 -30.98 -40.71
N ILE H 270 -35.63 -29.67 -40.74
CA ILE H 270 -36.92 -29.05 -40.97
C ILE H 270 -37.04 -28.88 -42.47
N ALA H 271 -37.65 -29.84 -43.12
CA ALA H 271 -37.59 -29.91 -44.57
C ALA H 271 -38.75 -29.12 -45.20
N SER H 272 -38.96 -29.31 -46.48
CA SER H 272 -39.97 -28.61 -47.27
C SER H 272 -40.85 -29.62 -48.00
N ASN H 273 -41.38 -30.57 -47.23
CA ASN H 273 -42.44 -31.54 -47.57
C ASN H 273 -42.20 -32.34 -48.86
N LYS H 274 -40.94 -32.51 -49.26
CA LYS H 274 -40.56 -33.50 -50.26
C LYS H 274 -39.07 -33.74 -50.09
N THR H 275 -38.69 -34.89 -49.54
CA THR H 275 -37.30 -35.10 -49.15
C THR H 275 -36.86 -36.48 -49.59
N HIS H 276 -36.43 -36.62 -50.83
CA HIS H 276 -35.75 -37.83 -51.23
C HIS H 276 -34.35 -37.78 -50.66
N ILE H 277 -33.98 -38.77 -49.86
CA ILE H 277 -32.58 -38.92 -49.50
C ILE H 277 -32.11 -40.27 -50.01
N GLY H 278 -30.83 -40.53 -49.84
CA GLY H 278 -30.27 -41.81 -50.22
C GLY H 278 -29.96 -42.65 -49.01
N THR H 279 -28.71 -43.08 -48.90
CA THR H 279 -28.30 -43.93 -47.80
C THR H 279 -28.23 -43.16 -46.50
N LEU H 280 -29.01 -43.59 -45.52
CA LEU H 280 -28.98 -43.03 -44.17
C LEU H 280 -28.22 -43.99 -43.27
N ASP H 281 -27.25 -43.44 -42.52
CA ASP H 281 -26.39 -44.27 -41.66
C ASP H 281 -26.45 -43.72 -40.25
N LEU H 282 -27.39 -44.23 -39.45
CA LEU H 282 -27.47 -43.81 -38.07
C LEU H 282 -26.36 -44.45 -37.24
N TRP H 283 -26.24 -43.97 -36.01
CA TRP H 283 -25.36 -44.58 -35.03
C TRP H 283 -26.22 -45.47 -34.12
N GLN H 284 -25.62 -46.03 -33.07
CA GLN H 284 -26.35 -46.85 -32.11
C GLN H 284 -27.42 -46.03 -31.39
N SER H 285 -27.09 -44.82 -30.99
CA SER H 285 -27.97 -43.99 -30.18
C SER H 285 -28.23 -42.65 -30.85
N ALA H 286 -28.43 -42.66 -32.16
CA ALA H 286 -28.59 -41.43 -32.92
C ALA H 286 -30.05 -41.19 -33.25
N GLY H 287 -30.55 -40.01 -32.92
CA GLY H 287 -31.90 -39.62 -33.24
C GLY H 287 -31.95 -38.79 -34.51
N LEU H 288 -33.17 -38.61 -35.02
CA LEU H 288 -33.36 -37.83 -36.24
C LEU H 288 -34.78 -37.31 -36.24
N ASN H 289 -34.93 -36.00 -36.33
CA ASN H 289 -36.25 -35.37 -36.29
C ASN H 289 -36.50 -34.66 -37.61
N ILE H 290 -36.94 -35.42 -38.60
CA ILE H 290 -37.36 -34.83 -39.87
C ILE H 290 -38.74 -34.24 -39.63
N ILE H 291 -38.88 -32.94 -39.85
CA ILE H 291 -40.13 -32.26 -39.56
C ILE H 291 -40.66 -31.65 -40.84
N ALA H 292 -41.79 -32.17 -41.30
CA ALA H 292 -42.49 -31.58 -42.41
C ALA H 292 -43.16 -30.28 -41.98
N PRO H 293 -43.45 -29.37 -42.90
CA PRO H 293 -44.14 -28.13 -42.52
C PRO H 293 -45.59 -28.40 -42.17
N PRO H 294 -46.28 -27.41 -41.55
CA PRO H 294 -47.72 -27.58 -41.29
C PRO H 294 -48.57 -27.48 -42.55
N GLU H 295 -49.89 -27.44 -42.34
CA GLU H 295 -50.84 -27.54 -43.44
C GLU H 295 -50.74 -26.35 -44.39
N GLY H 296 -50.83 -25.14 -43.87
CA GLY H 296 -50.78 -23.98 -44.73
C GLY H 296 -49.36 -23.48 -44.95
N GLY H 297 -48.38 -24.25 -44.51
CA GLY H 297 -47.00 -23.81 -44.54
C GLY H 297 -46.70 -22.82 -43.43
N TYR H 298 -45.44 -22.44 -43.35
CA TYR H 298 -45.00 -21.50 -42.33
C TYR H 298 -45.46 -20.09 -42.69
N LYS H 299 -46.01 -19.39 -41.69
CA LYS H 299 -46.40 -17.98 -41.76
C LYS H 299 -47.38 -17.63 -42.89
N GLN H 335 -32.74 -3.82 -9.67
CA GLN H 335 -32.38 -2.48 -10.13
C GLN H 335 -33.42 -1.96 -11.11
N LYS H 336 -33.68 -2.72 -12.17
CA LYS H 336 -34.65 -2.35 -13.18
C LYS H 336 -35.09 -3.60 -13.92
N THR H 337 -36.39 -3.72 -14.15
CA THR H 337 -36.92 -4.81 -14.94
C THR H 337 -36.53 -4.64 -16.40
N GLU H 338 -36.51 -5.75 -17.12
CA GLU H 338 -36.29 -5.70 -18.56
C GLU H 338 -37.07 -6.84 -19.22
N VAL H 339 -37.73 -6.51 -20.33
CA VAL H 339 -38.67 -7.42 -20.97
C VAL H 339 -37.91 -8.19 -22.04
N GLN H 340 -37.71 -9.48 -21.81
CA GLN H 340 -37.18 -10.34 -22.85
C GLN H 340 -38.24 -10.55 -23.92
N PRO H 341 -37.84 -10.76 -25.17
CA PRO H 341 -38.84 -10.90 -26.24
C PRO H 341 -39.57 -12.23 -26.16
N THR H 342 -40.69 -12.31 -26.88
CA THR H 342 -41.53 -13.49 -26.87
C THR H 342 -40.85 -14.65 -27.57
N GLN H 343 -40.48 -15.65 -26.79
CA GLN H 343 -39.78 -16.83 -27.28
C GLN H 343 -40.85 -17.87 -27.62
N VAL H 344 -41.37 -17.78 -28.83
CA VAL H 344 -42.40 -18.72 -29.29
C VAL H 344 -41.74 -20.07 -29.48
N ILE H 345 -42.34 -21.11 -28.89
CA ILE H 345 -41.76 -22.45 -28.90
C ILE H 345 -42.69 -23.33 -29.72
N ASP H 346 -42.18 -24.49 -30.14
CA ASP H 346 -42.91 -25.41 -30.98
C ASP H 346 -43.19 -26.70 -30.24
N GLY H 347 -44.34 -27.30 -30.52
CA GLY H 347 -44.61 -28.64 -30.07
C GLY H 347 -44.58 -29.58 -31.25
N PRO H 348 -44.73 -30.87 -30.99
CA PRO H 348 -44.83 -31.82 -32.10
C PRO H 348 -46.18 -31.73 -32.80
N PHE H 349 -46.20 -31.11 -33.98
CA PHE H 349 -47.44 -30.89 -34.70
C PHE H 349 -47.59 -31.93 -35.81
N ALA H 350 -48.64 -31.78 -36.60
CA ALA H 350 -48.91 -32.67 -37.71
C ALA H 350 -48.48 -32.00 -39.01
N GLY H 351 -47.87 -32.76 -39.91
CA GLY H 351 -47.49 -32.24 -41.19
C GLY H 351 -48.70 -32.01 -42.08
N GLY H 352 -48.45 -31.39 -43.22
CA GLY H 352 -49.50 -31.16 -44.21
C GLY H 352 -49.94 -32.44 -44.90
N LYS H 353 -50.74 -32.25 -45.95
CA LYS H 353 -51.35 -33.41 -46.61
C LYS H 353 -50.33 -34.17 -47.46
N ASP H 354 -49.65 -33.47 -48.37
CA ASP H 354 -48.70 -34.10 -49.27
C ASP H 354 -47.26 -33.90 -48.80
N THR H 355 -46.95 -34.50 -47.65
CA THR H 355 -45.62 -34.44 -47.06
C THR H 355 -45.01 -35.82 -47.17
N VAL H 356 -43.96 -35.95 -47.98
CA VAL H 356 -43.40 -37.24 -48.35
C VAL H 356 -41.93 -37.24 -47.98
N VAL H 357 -41.47 -38.30 -47.32
CA VAL H 357 -40.06 -38.44 -46.95
C VAL H 357 -39.59 -39.78 -47.50
N ASN H 358 -38.93 -39.76 -48.65
CA ASN H 358 -38.60 -40.98 -49.38
C ASN H 358 -37.20 -41.47 -49.03
N ILE H 359 -36.98 -41.77 -47.77
CA ILE H 359 -35.71 -42.35 -47.35
C ILE H 359 -35.58 -43.75 -47.95
N ASP H 360 -34.47 -44.04 -48.61
CA ASP H 360 -34.41 -45.28 -49.37
C ASP H 360 -33.45 -46.33 -48.84
N ARG H 361 -32.68 -46.03 -47.79
CA ARG H 361 -31.86 -47.05 -47.13
C ARG H 361 -31.48 -46.60 -45.73
N ILE H 362 -31.71 -47.42 -44.74
CA ILE H 362 -31.37 -47.11 -43.36
C ILE H 362 -30.38 -48.16 -42.88
N ASN H 363 -29.13 -47.76 -42.70
CA ASN H 363 -28.17 -48.65 -42.10
C ASN H 363 -27.94 -48.21 -40.65
N THR H 364 -27.02 -48.89 -39.97
CA THR H 364 -26.65 -48.52 -38.60
C THR H 364 -25.24 -49.03 -38.36
N LYS H 365 -24.36 -48.14 -37.92
CA LYS H 365 -23.01 -48.55 -37.53
C LYS H 365 -23.00 -48.85 -36.04
N ALA H 366 -22.82 -50.12 -35.69
CA ALA H 366 -22.98 -50.55 -34.30
C ALA H 366 -21.71 -51.24 -33.84
N ASP H 367 -20.85 -50.49 -33.16
CA ASP H 367 -19.74 -51.06 -32.40
C ASP H 367 -19.50 -50.20 -31.17
N GLY H 368 -18.70 -50.71 -30.26
CA GLY H 368 -18.38 -49.96 -29.06
C GLY H 368 -18.64 -50.72 -27.78
N THR H 369 -19.16 -50.03 -26.77
CA THR H 369 -19.38 -50.62 -25.47
C THR H 369 -20.63 -51.49 -25.46
N ILE H 370 -20.94 -52.05 -24.31
CA ILE H 370 -22.12 -52.89 -24.12
C ILE H 370 -22.88 -52.33 -22.93
N LYS H 371 -24.13 -51.97 -23.14
CA LYS H 371 -24.98 -51.40 -22.10
C LYS H 371 -26.00 -52.46 -21.68
N VAL H 372 -26.75 -52.18 -20.62
CA VAL H 372 -27.70 -53.12 -20.06
C VAL H 372 -28.87 -53.42 -20.99
N GLY H 373 -29.13 -52.57 -21.97
CA GLY H 373 -30.10 -52.82 -23.01
C GLY H 373 -29.45 -52.72 -24.38
N GLY H 374 -30.21 -52.20 -25.33
CA GLY H 374 -29.63 -51.89 -26.62
C GLY H 374 -29.04 -50.50 -26.62
N PHE H 375 -29.27 -49.74 -27.66
CA PHE H 375 -29.04 -48.30 -27.62
C PHE H 375 -30.14 -47.49 -28.29
N LYS H 376 -31.05 -48.13 -29.04
CA LYS H 376 -32.27 -47.54 -29.57
C LYS H 376 -31.96 -46.37 -30.52
N ALA H 377 -31.39 -46.74 -31.66
CA ALA H 377 -31.36 -45.82 -32.79
C ALA H 377 -32.79 -45.50 -33.22
N SER H 378 -33.02 -44.26 -33.61
CA SER H 378 -34.38 -43.81 -33.85
C SER H 378 -34.40 -42.69 -34.87
N LEU H 379 -35.50 -42.59 -35.58
CA LEU H 379 -35.80 -41.42 -36.38
C LEU H 379 -37.25 -41.07 -36.16
N THR H 380 -37.57 -39.79 -36.19
CA THR H 380 -38.90 -39.31 -35.84
C THR H 380 -39.39 -38.37 -36.93
N THR H 381 -40.52 -38.71 -37.52
CA THR H 381 -41.02 -37.99 -38.68
C THR H 381 -42.48 -37.65 -38.44
N ASN H 382 -42.85 -36.39 -38.61
CA ASN H 382 -44.26 -36.06 -38.58
C ASN H 382 -44.81 -35.73 -39.95
N ALA H 383 -44.37 -36.43 -40.98
CA ALA H 383 -44.93 -36.26 -42.29
C ALA H 383 -46.10 -37.22 -42.49
N ALA H 384 -46.91 -36.93 -43.50
CA ALA H 384 -48.08 -37.76 -43.76
C ALA H 384 -47.74 -39.05 -44.48
N HIS H 385 -46.50 -39.21 -44.95
CA HIS H 385 -46.04 -40.47 -45.52
C HIS H 385 -44.59 -40.64 -45.12
N LEU H 386 -44.17 -41.87 -44.87
CA LEU H 386 -42.77 -42.17 -44.70
C LEU H 386 -42.48 -43.39 -45.57
N ASN H 387 -42.27 -43.17 -46.85
CA ASN H 387 -42.00 -44.27 -47.76
C ASN H 387 -40.57 -44.69 -47.58
N ILE H 388 -40.33 -45.98 -47.44
CA ILE H 388 -38.98 -46.50 -47.40
C ILE H 388 -38.83 -47.49 -48.54
N GLY H 389 -37.95 -47.18 -49.47
CA GLY H 389 -37.89 -47.89 -50.73
C GLY H 389 -37.14 -49.19 -50.67
N LYS H 390 -36.55 -49.54 -51.81
CA LYS H 390 -36.13 -50.89 -52.07
C LYS H 390 -34.82 -51.26 -51.39
N GLY H 391 -34.13 -50.30 -50.78
CA GLY H 391 -32.94 -50.63 -50.02
C GLY H 391 -33.25 -51.36 -48.73
N GLY H 392 -34.43 -51.14 -48.17
CA GLY H 392 -34.82 -51.84 -46.96
C GLY H 392 -34.12 -51.32 -45.73
N VAL H 393 -34.02 -52.18 -44.71
CA VAL H 393 -33.51 -51.79 -43.40
C VAL H 393 -32.38 -52.73 -43.02
N ASN H 394 -31.23 -52.17 -42.69
CA ASN H 394 -30.11 -52.93 -42.15
C ASN H 394 -29.94 -52.56 -40.69
N LEU H 395 -29.28 -53.44 -39.93
CA LEU H 395 -29.07 -53.20 -38.52
C LEU H 395 -27.84 -54.03 -38.10
N SER H 396 -26.74 -53.35 -37.81
CA SER H 396 -25.58 -54.03 -37.26
C SER H 396 -25.85 -54.35 -35.81
N ASN H 397 -25.26 -55.44 -35.32
CA ASN H 397 -25.60 -55.99 -34.02
C ASN H 397 -24.32 -56.35 -33.27
N GLN H 398 -24.15 -55.76 -32.09
CA GLN H 398 -23.07 -56.13 -31.18
C GLN H 398 -23.64 -57.18 -30.22
N ALA H 399 -23.00 -57.43 -29.07
CA ALA H 399 -23.42 -58.51 -28.17
C ALA H 399 -24.80 -58.26 -27.58
N SER H 400 -25.10 -57.02 -27.22
CA SER H 400 -26.48 -56.71 -26.85
C SER H 400 -27.29 -56.43 -28.10
N GLY H 401 -28.60 -56.63 -28.01
CA GLY H 401 -29.46 -56.47 -29.16
C GLY H 401 -29.77 -55.02 -29.46
N ARG H 402 -29.32 -54.54 -30.61
CA ARG H 402 -29.57 -53.16 -31.00
C ARG H 402 -31.04 -52.98 -31.35
N THR H 403 -31.48 -51.72 -31.33
CA THR H 403 -32.89 -51.41 -31.46
C THR H 403 -33.06 -50.27 -32.45
N LEU H 404 -33.98 -50.43 -33.40
CA LEU H 404 -34.29 -49.40 -34.36
C LEU H 404 -35.72 -48.96 -34.16
N LEU H 405 -35.93 -47.64 -34.07
CA LEU H 405 -37.23 -47.04 -33.81
C LEU H 405 -37.61 -46.16 -35.00
N VAL H 406 -38.35 -46.72 -35.95
CA VAL H 406 -38.78 -45.99 -37.12
C VAL H 406 -40.13 -45.39 -36.77
N GLU H 407 -40.10 -44.27 -36.07
CA GLU H 407 -41.31 -43.67 -35.54
C GLU H 407 -41.95 -42.80 -36.61
N ASN H 408 -43.26 -42.64 -36.51
CA ASN H 408 -43.99 -41.65 -37.29
C ASN H 408 -45.06 -41.08 -36.39
N LEU H 409 -45.12 -39.75 -36.28
CA LEU H 409 -46.08 -39.17 -35.36
C LEU H 409 -47.48 -39.15 -35.95
N THR H 410 -47.69 -38.43 -37.05
CA THR H 410 -49.02 -38.26 -37.61
C THR H 410 -49.07 -38.70 -39.05
N GLY H 411 -48.53 -39.88 -39.35
CA GLY H 411 -48.57 -40.34 -40.72
C GLY H 411 -48.71 -41.83 -40.92
N ASN H 412 -48.21 -42.30 -42.06
CA ASN H 412 -48.20 -43.71 -42.41
C ASN H 412 -46.75 -44.17 -42.49
N ILE H 413 -46.56 -45.48 -42.64
CA ILE H 413 -45.25 -46.04 -42.94
C ILE H 413 -45.44 -47.06 -44.04
N THR H 414 -44.67 -46.92 -45.13
CA THR H 414 -44.78 -47.84 -46.24
C THR H 414 -43.37 -48.37 -46.52
N VAL H 415 -42.98 -49.41 -45.80
CA VAL H 415 -41.69 -50.04 -46.02
C VAL H 415 -41.84 -51.04 -47.15
N ASP H 416 -40.98 -50.94 -48.16
CA ASP H 416 -41.04 -51.84 -49.30
C ASP H 416 -39.75 -52.62 -49.49
N GLY H 417 -39.04 -52.90 -48.41
CA GLY H 417 -37.75 -53.53 -48.50
C GLY H 417 -37.54 -54.64 -47.49
N PRO H 418 -36.49 -55.44 -47.68
CA PRO H 418 -36.25 -56.57 -46.78
C PRO H 418 -35.59 -56.12 -45.49
N LEU H 419 -36.16 -56.57 -44.37
CA LEU H 419 -35.63 -56.19 -43.06
C LEU H 419 -34.40 -57.04 -42.76
N ARG H 420 -33.23 -56.55 -43.13
CA ARG H 420 -31.99 -57.26 -42.86
C ARG H 420 -31.52 -56.97 -41.45
N VAL H 421 -30.53 -57.74 -41.01
CA VAL H 421 -29.77 -57.49 -39.80
C VAL H 421 -28.40 -58.11 -39.98
N ASN H 422 -27.36 -57.31 -39.70
CA ASN H 422 -25.96 -57.57 -40.04
C ASN H 422 -25.76 -57.79 -41.54
N ASN H 423 -26.65 -57.17 -42.33
CA ASN H 423 -26.66 -57.20 -43.80
C ASN H 423 -26.79 -58.63 -44.34
N GLN H 424 -27.82 -59.33 -43.86
CA GLN H 424 -28.36 -60.49 -44.57
C GLN H 424 -29.82 -60.63 -44.19
N VAL H 425 -30.56 -61.35 -45.03
CA VAL H 425 -32.02 -61.39 -44.91
C VAL H 425 -32.45 -62.21 -43.72
N GLY H 426 -31.81 -63.36 -43.50
CA GLY H 426 -32.12 -64.19 -42.35
C GLY H 426 -31.68 -63.54 -41.06
N GLY H 427 -30.38 -63.44 -40.86
CA GLY H 427 -29.84 -62.70 -39.73
C GLY H 427 -30.06 -63.33 -38.38
N TYR H 428 -29.36 -64.43 -38.11
CA TYR H 428 -29.41 -65.04 -36.80
C TYR H 428 -28.74 -64.13 -35.76
N ALA H 429 -29.29 -64.15 -34.56
CA ALA H 429 -28.76 -63.37 -33.45
C ALA H 429 -28.84 -64.22 -32.20
N LEU H 430 -27.90 -63.99 -31.29
CA LEU H 430 -27.77 -64.83 -30.10
C LEU H 430 -28.78 -64.38 -29.04
N ALA H 431 -28.74 -65.02 -27.87
CA ALA H 431 -29.78 -64.84 -26.87
C ALA H 431 -29.69 -63.48 -26.19
N GLY H 432 -28.47 -63.05 -25.87
CA GLY H 432 -28.26 -61.70 -25.36
C GLY H 432 -28.43 -60.62 -26.40
N SER H 433 -28.39 -60.99 -27.68
CA SER H 433 -28.58 -60.03 -28.77
C SER H 433 -30.00 -60.16 -29.29
N SER H 434 -30.93 -59.47 -28.63
CA SER H 434 -32.32 -59.44 -29.06
C SER H 434 -32.51 -58.18 -29.91
N ALA H 435 -32.41 -58.33 -31.22
CA ALA H 435 -32.55 -57.21 -32.14
C ALA H 435 -34.02 -56.77 -32.13
N ASN H 436 -34.24 -55.46 -32.03
CA ASN H 436 -35.58 -54.94 -31.80
C ASN H 436 -35.93 -53.96 -32.92
N PHE H 437 -36.57 -54.46 -33.96
CA PHE H 437 -37.22 -53.59 -34.93
C PHE H 437 -38.48 -53.03 -34.29
N GLU H 438 -38.80 -51.79 -34.62
CA GLU H 438 -39.90 -51.12 -33.95
C GLU H 438 -40.47 -50.06 -34.86
N PHE H 439 -41.78 -50.05 -34.98
CA PHE H 439 -42.48 -49.17 -35.90
C PHE H 439 -43.63 -48.53 -35.15
N LYS H 440 -43.88 -47.27 -35.44
CA LYS H 440 -44.92 -46.49 -34.77
C LYS H 440 -45.61 -45.68 -35.84
N ALA H 441 -46.69 -46.18 -36.41
CA ALA H 441 -47.34 -45.51 -37.53
C ALA H 441 -48.58 -44.80 -37.04
N GLY H 442 -48.55 -43.48 -37.07
CA GLY H 442 -49.70 -42.68 -36.70
C GLY H 442 -49.95 -42.69 -35.21
N VAL H 443 -49.01 -42.14 -34.44
CA VAL H 443 -49.11 -42.23 -32.99
C VAL H 443 -50.17 -41.28 -32.46
N ASP H 444 -49.99 -39.98 -32.69
CA ASP H 444 -50.83 -38.98 -32.05
C ASP H 444 -52.19 -38.82 -32.69
N THR H 445 -52.43 -39.46 -33.82
CA THR H 445 -53.74 -39.42 -34.45
C THR H 445 -54.45 -40.77 -34.48
N LYS H 446 -53.70 -41.86 -34.28
CA LYS H 446 -54.23 -43.21 -34.06
C LYS H 446 -55.04 -43.73 -35.24
N ASN H 447 -54.72 -43.28 -36.44
CA ASN H 447 -55.36 -43.77 -37.66
C ASN H 447 -54.35 -43.94 -38.78
N GLY H 448 -53.18 -44.48 -38.45
CA GLY H 448 -52.11 -44.65 -39.42
C GLY H 448 -51.79 -46.11 -39.65
N THR H 449 -51.71 -46.50 -40.91
CA THR H 449 -51.38 -47.86 -41.29
C THR H 449 -49.87 -48.01 -41.36
N ALA H 450 -49.39 -49.24 -41.15
CA ALA H 450 -47.98 -49.56 -41.32
C ALA H 450 -47.87 -50.67 -42.36
N THR H 451 -47.92 -50.29 -43.62
CA THR H 451 -47.99 -51.26 -44.70
C THR H 451 -46.59 -51.73 -45.08
N PHE H 452 -46.36 -53.03 -45.01
CA PHE H 452 -45.05 -53.59 -45.39
C PHE H 452 -45.29 -54.41 -46.64
N ASN H 453 -45.15 -53.80 -47.81
CA ASN H 453 -45.44 -54.51 -49.05
C ASN H 453 -44.32 -55.45 -49.49
N ASN H 454 -43.33 -55.72 -48.66
CA ASN H 454 -42.32 -56.72 -49.00
C ASN H 454 -42.40 -57.85 -48.00
N ASP H 455 -42.16 -59.06 -48.50
CA ASP H 455 -42.18 -60.27 -47.70
C ASP H 455 -41.01 -60.25 -46.73
N ILE H 456 -41.29 -59.96 -45.46
CA ILE H 456 -40.22 -59.82 -44.48
C ILE H 456 -39.74 -61.20 -44.05
N SER H 457 -38.57 -61.24 -43.44
CA SER H 457 -37.98 -62.50 -43.01
C SER H 457 -37.14 -62.23 -41.77
N LEU H 458 -37.56 -62.78 -40.65
CA LEU H 458 -36.88 -62.59 -39.38
C LEU H 458 -36.28 -63.90 -38.91
N GLY H 459 -35.01 -63.85 -38.51
CA GLY H 459 -34.31 -65.02 -38.02
C GLY H 459 -34.54 -65.28 -36.56
N ARG H 460 -33.45 -65.44 -35.81
CA ARG H 460 -33.49 -65.87 -34.43
C ARG H 460 -33.17 -64.69 -33.50
N PHE H 461 -33.96 -64.56 -32.43
CA PHE H 461 -33.85 -63.49 -31.43
C PHE H 461 -33.94 -62.09 -32.06
N VAL H 462 -34.94 -61.92 -32.91
CA VAL H 462 -35.26 -60.62 -33.51
C VAL H 462 -36.71 -60.31 -33.18
N ASN H 463 -36.97 -59.06 -32.78
CA ASN H 463 -38.23 -58.72 -32.11
C ASN H 463 -38.92 -57.57 -32.84
N LEU H 464 -39.73 -57.91 -33.83
CA LEU H 464 -40.57 -56.92 -34.48
C LEU H 464 -41.68 -56.46 -33.54
N LYS H 465 -41.96 -55.16 -33.54
CA LYS H 465 -43.18 -54.67 -32.90
C LYS H 465 -43.74 -53.51 -33.68
N VAL H 466 -45.04 -53.55 -33.91
CA VAL H 466 -45.74 -52.57 -34.74
C VAL H 466 -46.91 -52.02 -33.95
N ASP H 467 -46.93 -50.71 -33.74
CA ASP H 467 -47.98 -50.09 -32.93
C ASP H 467 -48.68 -49.08 -33.82
N ALA H 468 -49.66 -49.56 -34.59
CA ALA H 468 -50.30 -48.73 -35.58
C ALA H 468 -51.80 -48.88 -35.54
N HIS H 469 -52.49 -48.37 -36.55
CA HIS H 469 -53.92 -48.59 -36.67
C HIS H 469 -54.25 -49.89 -37.41
N THR H 470 -53.74 -50.07 -38.62
CA THR H 470 -54.05 -51.25 -39.43
C THR H 470 -52.77 -51.71 -40.09
N ALA H 471 -52.05 -52.63 -39.46
CA ALA H 471 -50.74 -53.05 -39.94
C ALA H 471 -50.93 -54.11 -41.03
N ASN H 472 -51.05 -53.65 -42.27
CA ASN H 472 -51.08 -54.57 -43.40
C ASN H 472 -49.71 -55.20 -43.61
N PHE H 473 -49.70 -56.33 -44.31
CA PHE H 473 -48.48 -57.07 -44.57
C PHE H 473 -48.58 -57.78 -45.91
N LYS H 474 -47.52 -58.49 -46.25
CA LYS H 474 -47.55 -59.48 -47.32
C LYS H 474 -47.00 -60.83 -46.91
N GLY H 475 -46.22 -60.91 -45.84
CA GLY H 475 -45.74 -62.19 -45.37
C GLY H 475 -44.69 -62.05 -44.30
N ILE H 476 -44.80 -62.87 -43.25
CA ILE H 476 -43.87 -62.86 -42.12
C ILE H 476 -43.32 -64.27 -41.98
N ASP H 477 -42.00 -64.40 -41.98
CA ASP H 477 -41.36 -65.71 -42.01
C ASP H 477 -40.36 -65.79 -40.87
N THR H 478 -40.79 -66.35 -39.73
CA THR H 478 -39.97 -66.45 -38.55
C THR H 478 -39.75 -67.89 -38.09
N GLY H 479 -40.20 -68.85 -38.88
CA GLY H 479 -40.04 -70.24 -38.48
C GLY H 479 -38.62 -70.76 -38.58
N ASN H 480 -37.76 -70.02 -39.28
CA ASN H 480 -36.38 -70.45 -39.43
C ASN H 480 -35.59 -70.24 -38.14
N GLY H 481 -35.79 -69.11 -37.47
CA GLY H 481 -34.98 -68.78 -36.32
C GLY H 481 -35.60 -69.10 -34.98
N GLY H 482 -36.85 -68.71 -34.77
CA GLY H 482 -37.50 -68.90 -33.49
C GLY H 482 -37.07 -67.85 -32.48
N PHE H 483 -37.69 -67.94 -31.30
CA PHE H 483 -37.49 -67.04 -30.15
C PHE H 483 -37.73 -65.58 -30.54
N ASN H 484 -38.81 -65.37 -31.27
CA ASN H 484 -39.09 -64.08 -31.87
C ASN H 484 -40.30 -63.47 -31.18
N THR H 485 -40.12 -62.29 -30.59
CA THR H 485 -41.22 -61.55 -30.00
C THR H 485 -41.88 -60.74 -31.10
N LEU H 486 -42.92 -61.29 -31.71
CA LEU H 486 -43.64 -60.64 -32.79
C LEU H 486 -44.79 -59.87 -32.17
N ASP H 487 -44.48 -58.72 -31.58
CA ASP H 487 -45.46 -57.97 -30.82
C ASP H 487 -46.33 -57.15 -31.75
N PHE H 488 -47.61 -57.06 -31.43
CA PHE H 488 -48.57 -56.23 -32.14
C PHE H 488 -49.50 -55.57 -31.14
N SER H 489 -48.99 -55.27 -29.94
CA SER H 489 -49.87 -54.87 -28.84
C SER H 489 -50.49 -53.50 -29.07
N GLY H 490 -49.84 -52.64 -29.83
CA GLY H 490 -50.40 -51.32 -30.04
C GLY H 490 -51.45 -51.25 -31.12
N VAL H 491 -51.72 -52.37 -31.82
CA VAL H 491 -52.59 -52.35 -32.99
C VAL H 491 -54.02 -52.03 -32.57
N THR H 492 -54.60 -51.02 -33.23
CA THR H 492 -55.96 -50.60 -32.92
C THR H 492 -56.97 -51.68 -33.29
N ASN H 493 -57.10 -51.99 -34.59
CA ASN H 493 -58.02 -53.08 -34.94
C ASN H 493 -57.35 -54.24 -35.67
N LYS H 494 -56.79 -54.07 -36.86
CA LYS H 494 -56.53 -55.23 -37.71
C LYS H 494 -55.06 -55.38 -38.04
N VAL H 495 -54.63 -56.63 -38.23
CA VAL H 495 -53.30 -56.97 -38.72
C VAL H 495 -53.52 -57.95 -39.85
N ASN H 496 -53.46 -57.48 -41.09
CA ASN H 496 -53.94 -58.28 -42.22
C ASN H 496 -52.78 -59.01 -42.90
N ILE H 497 -52.16 -59.92 -42.13
CA ILE H 497 -51.03 -60.68 -42.64
C ILE H 497 -51.49 -61.64 -43.73
N ASN H 498 -50.71 -61.74 -44.80
CA ASN H 498 -51.05 -62.59 -45.93
C ASN H 498 -50.41 -63.97 -45.84
N LYS H 499 -49.33 -64.13 -45.08
CA LYS H 499 -48.66 -65.43 -45.00
C LYS H 499 -47.81 -65.44 -43.73
N LEU H 500 -47.83 -66.55 -43.00
CA LEU H 500 -47.15 -66.65 -41.71
C LEU H 500 -46.38 -67.95 -41.62
N ILE H 501 -45.14 -67.87 -41.13
CA ILE H 501 -44.29 -69.02 -40.87
C ILE H 501 -43.70 -68.85 -39.49
N THR H 502 -44.06 -69.73 -38.55
CA THR H 502 -43.64 -69.62 -37.15
C THR H 502 -43.16 -70.95 -36.61
N ALA H 503 -42.15 -70.90 -35.75
CA ALA H 503 -41.70 -72.05 -34.99
C ALA H 503 -41.85 -71.88 -33.49
N SER H 504 -41.22 -70.84 -32.92
CA SER H 504 -41.34 -70.56 -31.49
C SER H 504 -41.44 -69.04 -31.35
N THR H 505 -42.67 -68.56 -31.34
CA THR H 505 -42.94 -67.15 -31.54
C THR H 505 -43.81 -66.66 -30.38
N ASN H 506 -43.86 -65.36 -30.19
CA ASN H 506 -44.57 -64.71 -29.10
C ASN H 506 -45.58 -63.72 -29.67
N VAL H 507 -46.37 -64.21 -30.63
CA VAL H 507 -47.35 -63.39 -31.33
C VAL H 507 -48.39 -62.88 -30.34
N ALA H 508 -48.74 -61.60 -30.46
CA ALA H 508 -49.74 -61.00 -29.58
C ALA H 508 -50.60 -60.07 -30.43
N VAL H 509 -51.67 -60.60 -30.99
CA VAL H 509 -52.57 -59.82 -31.85
C VAL H 509 -53.96 -59.84 -31.22
N LYS H 510 -54.63 -58.69 -31.22
CA LYS H 510 -55.95 -58.61 -30.62
C LYS H 510 -57.08 -58.86 -31.61
N ASN H 511 -56.84 -58.62 -32.90
CA ASN H 511 -57.83 -58.87 -33.95
C ASN H 511 -57.07 -58.90 -35.27
N PHE H 512 -57.40 -59.86 -36.12
CA PHE H 512 -56.63 -60.10 -37.35
C PHE H 512 -57.45 -60.92 -38.32
N ASN H 513 -56.92 -61.07 -39.53
CA ASN H 513 -57.33 -62.16 -40.42
C ASN H 513 -56.12 -62.60 -41.24
N ILE H 514 -55.38 -63.56 -40.71
CA ILE H 514 -54.17 -64.10 -41.33
C ILE H 514 -54.62 -65.23 -42.24
N ASN H 515 -54.70 -64.99 -43.55
CA ASN H 515 -55.33 -65.97 -44.43
C ASN H 515 -54.43 -67.12 -44.85
N GLU H 516 -53.29 -67.31 -44.19
CA GLU H 516 -52.47 -68.50 -44.42
C GLU H 516 -51.59 -68.69 -43.19
N LEU H 517 -51.55 -69.91 -42.65
CA LEU H 517 -50.84 -70.20 -41.43
C LEU H 517 -50.02 -71.48 -41.58
N ILE H 518 -48.81 -71.47 -41.06
CA ILE H 518 -47.93 -72.65 -41.06
C ILE H 518 -47.52 -72.96 -39.63
N VAL H 519 -47.77 -74.20 -39.22
CA VAL H 519 -47.42 -74.68 -37.89
C VAL H 519 -46.19 -75.56 -38.05
N LYS H 520 -45.01 -74.99 -37.83
CA LYS H 520 -43.78 -75.74 -37.96
C LYS H 520 -43.41 -76.44 -36.66
N THR H 521 -42.54 -77.42 -36.76
CA THR H 521 -41.85 -78.00 -35.62
C THR H 521 -40.52 -77.30 -35.44
N ASN H 522 -39.84 -77.61 -34.34
CA ASN H 522 -38.68 -76.85 -33.88
C ASN H 522 -37.61 -77.78 -33.31
N GLY H 523 -37.30 -78.84 -34.04
CA GLY H 523 -36.32 -79.80 -33.58
C GLY H 523 -36.93 -80.83 -32.67
N VAL H 524 -36.26 -81.13 -31.56
CA VAL H 524 -36.77 -82.08 -30.58
C VAL H 524 -37.07 -81.42 -29.23
N SER H 525 -36.62 -80.20 -29.00
CA SER H 525 -36.83 -79.53 -27.73
C SER H 525 -38.28 -79.08 -27.60
N VAL H 526 -38.74 -79.00 -26.35
CA VAL H 526 -40.07 -78.52 -26.03
C VAL H 526 -39.95 -77.20 -25.29
N GLY H 527 -41.10 -76.62 -24.96
CA GLY H 527 -41.12 -75.26 -24.46
C GLY H 527 -40.99 -74.21 -25.53
N GLU H 528 -41.03 -74.62 -26.80
CA GLU H 528 -40.87 -73.75 -27.95
C GLU H 528 -42.08 -73.94 -28.84
N TYR H 529 -42.87 -72.88 -29.01
CA TYR H 529 -44.19 -73.04 -29.60
C TYR H 529 -44.73 -71.68 -30.03
N THR H 530 -45.70 -71.71 -30.94
CA THR H 530 -46.48 -70.53 -31.23
C THR H 530 -47.38 -70.23 -30.05
N HIS H 531 -47.32 -69.00 -29.56
CA HIS H 531 -47.98 -68.61 -28.32
C HIS H 531 -48.72 -67.31 -28.56
N PHE H 532 -50.01 -67.39 -28.87
CA PHE H 532 -50.82 -66.18 -28.95
C PHE H 532 -51.08 -65.69 -27.53
N SER H 533 -50.15 -64.91 -27.00
CA SER H 533 -50.08 -64.63 -25.57
C SER H 533 -50.97 -63.48 -25.13
N GLU H 534 -52.00 -63.13 -25.90
CA GLU H 534 -53.01 -62.21 -25.42
C GLU H 534 -54.34 -62.57 -26.09
N ASP H 535 -55.37 -61.78 -25.80
CA ASP H 535 -56.73 -62.12 -26.19
C ASP H 535 -56.92 -61.97 -27.70
N ILE H 536 -57.68 -62.90 -28.29
CA ILE H 536 -57.87 -62.94 -29.72
C ILE H 536 -59.16 -62.24 -30.13
N GLY H 537 -60.03 -61.96 -29.19
CA GLY H 537 -61.16 -61.11 -29.47
C GLY H 537 -62.30 -61.83 -30.15
N SER H 538 -63.01 -61.08 -31.00
CA SER H 538 -64.26 -61.52 -31.58
C SER H 538 -64.26 -61.58 -33.09
N GLN H 539 -63.59 -60.67 -33.76
CA GLN H 539 -63.62 -60.63 -35.22
C GLN H 539 -62.45 -61.34 -35.86
N SER H 540 -61.76 -62.18 -35.11
CA SER H 540 -60.58 -62.87 -35.61
C SER H 540 -60.96 -63.90 -36.67
N ARG H 541 -59.95 -64.33 -37.42
CA ARG H 541 -60.14 -65.15 -38.61
C ARG H 541 -58.79 -65.67 -39.05
N ILE H 542 -58.77 -66.89 -39.60
CA ILE H 542 -57.65 -67.44 -40.34
C ILE H 542 -58.27 -68.18 -41.52
N ASN H 543 -57.81 -67.94 -42.73
CA ASN H 543 -58.45 -68.63 -43.84
C ASN H 543 -57.75 -69.91 -44.26
N THR H 544 -56.57 -70.21 -43.73
CA THR H 544 -55.92 -71.50 -43.97
C THR H 544 -54.94 -71.78 -42.84
N VAL H 545 -55.13 -72.89 -42.14
CA VAL H 545 -54.15 -73.42 -41.22
C VAL H 545 -53.53 -74.65 -41.87
N ARG H 546 -52.21 -74.75 -41.84
CA ARG H 546 -51.52 -75.89 -42.44
C ARG H 546 -50.43 -76.35 -41.49
N LEU H 547 -50.74 -77.35 -40.69
CA LEU H 547 -49.73 -78.01 -39.87
C LEU H 547 -48.80 -78.84 -40.76
N GLU H 548 -47.52 -78.85 -40.40
CA GLU H 548 -46.56 -79.71 -41.07
C GLU H 548 -46.05 -80.73 -40.07
N THR H 549 -45.43 -81.79 -40.60
CA THR H 549 -45.12 -82.97 -39.81
C THR H 549 -43.98 -82.70 -38.84
N GLY H 550 -44.19 -83.05 -37.58
CA GLY H 550 -43.17 -82.85 -36.57
C GLY H 550 -42.09 -83.91 -36.58
N THR H 551 -41.63 -84.32 -35.41
CA THR H 551 -40.64 -85.39 -35.28
C THR H 551 -41.21 -86.49 -34.41
N ARG H 552 -40.65 -87.69 -34.57
CA ARG H 552 -41.19 -88.89 -33.96
C ARG H 552 -41.05 -88.84 -32.44
N SER H 553 -42.06 -89.35 -31.74
CA SER H 553 -42.12 -89.66 -30.31
C SER H 553 -42.14 -88.44 -29.40
N ILE H 554 -42.29 -87.22 -29.93
CA ILE H 554 -42.38 -86.03 -29.08
C ILE H 554 -43.12 -84.93 -29.84
N PHE H 555 -44.00 -84.22 -29.11
CA PHE H 555 -44.68 -83.03 -29.64
C PHE H 555 -43.75 -81.84 -29.41
N SER H 556 -42.87 -81.61 -30.39
CA SER H 556 -41.88 -80.56 -30.24
C SER H 556 -42.48 -79.18 -30.45
N GLY H 557 -42.99 -78.93 -31.65
CA GLY H 557 -43.61 -77.66 -31.96
C GLY H 557 -45.12 -77.73 -31.82
N GLY H 558 -45.74 -76.56 -31.83
CA GLY H 558 -47.18 -76.51 -31.75
C GLY H 558 -47.67 -75.09 -31.55
N VAL H 559 -48.99 -74.98 -31.47
CA VAL H 559 -49.70 -73.71 -31.36
C VAL H 559 -50.58 -73.75 -30.13
N LYS H 560 -50.38 -72.80 -29.22
CA LYS H 560 -51.29 -72.67 -28.09
C LYS H 560 -51.75 -71.23 -27.98
N PHE H 561 -52.90 -71.07 -27.35
CA PHE H 561 -53.56 -69.77 -27.20
C PHE H 561 -53.58 -69.43 -25.71
N LYS H 562 -54.20 -68.30 -25.38
CA LYS H 562 -54.50 -68.03 -23.98
C LYS H 562 -55.95 -67.57 -23.78
N SER H 563 -56.51 -66.89 -24.76
CA SER H 563 -57.84 -66.30 -24.59
C SER H 563 -58.46 -66.08 -25.96
N GLY H 564 -59.62 -65.44 -25.96
CA GLY H 564 -60.43 -65.27 -27.16
C GLY H 564 -61.72 -66.07 -27.07
N GLU H 565 -62.60 -65.80 -28.03
CA GLU H 565 -63.87 -66.51 -28.07
C GLU H 565 -64.19 -67.17 -29.41
N LYS H 566 -63.60 -66.73 -30.53
CA LYS H 566 -63.83 -67.38 -31.80
C LYS H 566 -62.69 -67.08 -32.76
N LEU H 567 -62.49 -67.98 -33.72
CA LEU H 567 -61.61 -67.75 -34.86
C LEU H 567 -62.10 -68.59 -36.03
N VAL H 568 -62.75 -67.94 -36.99
CA VAL H 568 -63.36 -68.61 -38.12
C VAL H 568 -62.28 -69.16 -39.05
N ILE H 569 -62.00 -70.44 -38.93
CA ILE H 569 -61.02 -71.11 -39.80
C ILE H 569 -61.77 -71.72 -40.96
N ASP H 570 -61.24 -71.58 -42.18
CA ASP H 570 -61.80 -72.30 -43.31
C ASP H 570 -61.21 -73.70 -43.48
N GLU H 571 -59.90 -73.81 -43.65
CA GLU H 571 -59.31 -75.10 -43.99
C GLU H 571 -58.22 -75.39 -42.97
N PHE H 572 -58.03 -76.67 -42.69
CA PHE H 572 -57.14 -77.12 -41.63
C PHE H 572 -56.39 -78.36 -42.10
N TYR H 573 -55.24 -78.61 -41.51
CA TYR H 573 -54.53 -79.86 -41.76
C TYR H 573 -54.04 -80.46 -40.45
N TYR H 574 -54.17 -81.79 -40.34
CA TYR H 574 -53.50 -82.52 -39.28
C TYR H 574 -52.02 -82.63 -39.60
N SER H 575 -51.26 -83.15 -38.63
CA SER H 575 -49.87 -83.51 -38.84
C SER H 575 -49.46 -84.46 -37.73
N PRO H 576 -48.57 -85.40 -38.00
CA PRO H 576 -47.95 -86.15 -36.92
C PRO H 576 -47.06 -85.26 -36.07
N TRP H 577 -47.38 -85.21 -34.77
CA TRP H 577 -46.52 -84.65 -33.71
C TRP H 577 -46.37 -83.13 -33.81
N ASN H 578 -47.47 -82.44 -34.09
CA ASN H 578 -47.56 -81.01 -33.83
C ASN H 578 -48.94 -80.73 -33.28
N TYR H 579 -49.01 -80.13 -32.10
CA TYR H 579 -50.25 -80.01 -31.37
C TYR H 579 -50.94 -78.68 -31.68
N PHE H 580 -52.23 -78.75 -31.99
CA PHE H 580 -53.03 -77.57 -32.24
C PHE H 580 -53.85 -77.30 -30.98
N ASP H 581 -53.18 -76.78 -29.95
CA ASP H 581 -53.87 -76.44 -28.72
C ASP H 581 -54.74 -75.21 -28.94
N ALA H 582 -56.01 -75.32 -28.57
CA ALA H 582 -57.01 -74.29 -28.83
C ALA H 582 -57.67 -73.88 -27.53
N ARG H 583 -56.84 -73.53 -26.55
CA ARG H 583 -57.31 -73.18 -25.20
C ARG H 583 -58.25 -71.98 -25.21
N ASN H 584 -59.32 -72.11 -24.41
CA ASN H 584 -60.14 -71.02 -23.88
C ASN H 584 -61.06 -70.38 -24.93
N ILE H 585 -60.92 -70.75 -26.18
CA ILE H 585 -61.71 -70.15 -27.24
C ILE H 585 -62.92 -71.02 -27.53
N LYS H 586 -64.10 -70.41 -27.48
CA LYS H 586 -65.35 -71.14 -27.36
C LYS H 586 -66.14 -71.27 -28.65
N ASN H 587 -65.68 -70.73 -29.77
CA ASN H 587 -66.42 -70.85 -31.02
C ASN H 587 -65.48 -71.10 -32.20
N VAL H 588 -64.59 -72.09 -32.05
CA VAL H 588 -63.62 -72.42 -33.09
C VAL H 588 -64.38 -73.01 -34.28
N GLU H 589 -64.58 -72.21 -35.30
CA GLU H 589 -65.49 -72.57 -36.39
C GLU H 589 -64.70 -73.06 -37.59
N ILE H 590 -65.17 -74.15 -38.21
CA ILE H 590 -64.62 -74.65 -39.46
C ILE H 590 -65.71 -74.50 -40.52
N THR H 591 -65.32 -74.13 -41.73
CA THR H 591 -66.27 -73.83 -42.80
C THR H 591 -66.05 -74.65 -44.06
N ARG H 592 -64.83 -75.11 -44.31
CA ARG H 592 -64.59 -76.02 -45.43
C ARG H 592 -63.63 -77.10 -44.94
N LYS H 593 -63.02 -77.82 -45.90
CA LYS H 593 -62.34 -79.10 -45.73
C LYS H 593 -61.40 -79.17 -44.53
N PHE H 594 -61.49 -80.28 -43.80
CA PHE H 594 -60.77 -80.49 -42.55
C PHE H 594 -60.00 -81.80 -42.73
N ALA H 595 -58.79 -81.70 -43.28
CA ALA H 595 -58.04 -82.88 -43.69
C ALA H 595 -56.74 -83.02 -42.92
N SER H 596 -55.86 -83.90 -43.39
CA SER H 596 -54.52 -84.04 -42.86
C SER H 596 -53.49 -83.61 -43.90
N SER H 597 -52.31 -83.19 -43.41
CA SER H 597 -51.24 -82.81 -44.33
C SER H 597 -50.64 -84.01 -45.05
N THR H 598 -50.86 -85.21 -44.53
CA THR H 598 -50.63 -86.45 -45.26
C THR H 598 -52.00 -87.00 -45.62
N PRO H 599 -52.63 -86.54 -46.71
CA PRO H 599 -54.08 -86.73 -46.88
C PRO H 599 -54.49 -88.14 -47.28
N GLU H 600 -53.61 -88.92 -47.90
CA GLU H 600 -53.99 -90.26 -48.31
C GLU H 600 -53.30 -91.33 -47.48
N ASN H 601 -52.29 -90.97 -46.71
CA ASN H 601 -51.59 -91.90 -45.83
C ASN H 601 -51.35 -91.29 -44.46
N PRO H 602 -52.38 -91.19 -43.62
CA PRO H 602 -52.18 -90.64 -42.28
C PRO H 602 -51.46 -91.63 -41.38
N TRP H 603 -50.80 -91.08 -40.36
CA TRP H 603 -50.15 -91.85 -39.30
C TRP H 603 -49.82 -90.88 -38.17
N GLY H 604 -49.36 -91.44 -37.06
CA GLY H 604 -48.98 -90.62 -35.93
C GLY H 604 -50.17 -90.13 -35.12
N THR H 605 -49.93 -89.03 -34.41
CA THR H 605 -50.92 -88.40 -33.54
C THR H 605 -50.92 -86.90 -33.77
N SER H 606 -52.04 -86.26 -33.43
CA SER H 606 -52.21 -84.81 -33.58
C SER H 606 -53.08 -84.32 -32.42
N LYS H 607 -52.46 -83.69 -31.41
CA LYS H 607 -53.23 -83.22 -30.28
C LYS H 607 -54.06 -81.98 -30.65
N LEU H 608 -55.32 -82.19 -30.98
CA LEU H 608 -56.26 -81.10 -31.24
C LEU H 608 -56.97 -80.75 -29.93
N MET H 609 -56.17 -80.28 -28.97
CA MET H 609 -56.59 -80.08 -27.58
C MET H 609 -57.51 -78.86 -27.52
N PHE H 610 -58.79 -79.09 -27.75
CA PHE H 610 -59.74 -78.00 -27.89
C PHE H 610 -60.37 -77.63 -26.55
N ASN H 611 -61.33 -76.70 -26.60
CA ASN H 611 -62.30 -76.52 -25.55
C ASN H 611 -63.72 -76.33 -26.06
N ASN H 612 -63.91 -76.18 -27.37
CA ASN H 612 -65.18 -76.07 -28.07
C ASN H 612 -64.88 -76.05 -29.56
N LEU H 613 -65.87 -76.40 -30.38
CA LEU H 613 -65.85 -76.04 -31.79
C LEU H 613 -67.30 -75.97 -32.27
N THR H 614 -67.49 -75.44 -33.47
CA THR H 614 -68.79 -75.47 -34.13
C THR H 614 -68.57 -75.47 -35.63
N LEU H 615 -68.88 -76.58 -36.27
CA LEU H 615 -68.60 -76.77 -37.69
C LEU H 615 -69.85 -76.41 -38.49
N GLY H 616 -69.66 -75.66 -39.58
CA GLY H 616 -70.76 -75.17 -40.38
C GLY H 616 -71.02 -76.01 -41.62
N GLN H 617 -71.34 -75.31 -42.70
CA GLN H 617 -71.81 -75.96 -43.92
C GLN H 617 -70.67 -76.62 -44.68
N ASN H 618 -70.92 -77.83 -45.17
CA ASN H 618 -70.16 -78.51 -46.22
C ASN H 618 -68.72 -78.83 -45.83
N ALA H 619 -68.37 -78.73 -44.55
CA ALA H 619 -66.97 -78.88 -44.14
C ALA H 619 -66.72 -80.34 -43.83
N VAL H 620 -66.05 -81.02 -44.75
CA VAL H 620 -65.80 -82.45 -44.64
C VAL H 620 -64.69 -82.68 -43.61
N MET H 621 -64.89 -83.67 -42.73
CA MET H 621 -63.85 -84.05 -41.79
C MET H 621 -63.35 -85.45 -42.10
N ASP H 622 -62.11 -85.71 -41.66
CA ASP H 622 -61.43 -86.99 -41.90
C ASP H 622 -60.89 -87.46 -40.54
N TYR H 623 -61.72 -88.18 -39.79
CA TYR H 623 -61.34 -88.62 -38.46
C TYR H 623 -61.00 -90.10 -38.44
N SER H 624 -59.78 -90.42 -38.04
CA SER H 624 -59.30 -91.79 -37.91
C SER H 624 -58.63 -91.97 -36.56
N GLN H 625 -58.02 -93.15 -36.37
CA GLN H 625 -57.18 -93.42 -35.21
C GLN H 625 -55.84 -92.70 -35.30
N PHE H 626 -55.49 -92.20 -36.46
CA PHE H 626 -54.20 -91.57 -36.74
C PHE H 626 -54.21 -90.08 -36.41
N SER H 627 -55.27 -89.60 -35.78
CA SER H 627 -55.38 -88.21 -35.35
C SER H 627 -56.26 -88.21 -34.11
N ASN H 628 -55.64 -88.20 -32.93
CA ASN H 628 -56.40 -88.24 -31.68
C ASN H 628 -57.08 -86.90 -31.40
N LEU H 629 -58.21 -86.68 -32.08
CA LEU H 629 -58.97 -85.44 -32.02
C LEU H 629 -59.67 -85.36 -30.66
N THR H 630 -59.11 -84.59 -29.75
CA THR H 630 -59.51 -84.62 -28.35
C THR H 630 -60.31 -83.37 -27.98
N ILE H 631 -61.62 -83.52 -27.85
CA ILE H 631 -62.53 -82.40 -27.61
C ILE H 631 -62.87 -82.38 -26.11
N GLN H 632 -62.61 -81.24 -25.47
CA GLN H 632 -63.06 -80.99 -24.10
C GLN H 632 -64.28 -80.08 -24.05
N GLY H 633 -65.09 -80.05 -25.10
CA GLY H 633 -66.20 -79.15 -25.17
C GLY H 633 -67.31 -79.61 -26.08
N ASP H 634 -67.99 -78.66 -26.71
CA ASP H 634 -69.30 -78.90 -27.30
C ASP H 634 -69.21 -79.03 -28.81
N PHE H 635 -68.95 -80.23 -29.31
CA PHE H 635 -68.85 -80.44 -30.76
C PHE H 635 -70.22 -80.26 -31.40
N ILE H 636 -70.42 -79.11 -32.01
CA ILE H 636 -71.69 -78.78 -32.64
C ILE H 636 -71.49 -78.84 -34.14
N ASN H 637 -72.41 -79.50 -34.84
CA ASN H 637 -72.34 -79.60 -36.30
C ASN H 637 -73.56 -78.91 -36.89
N ASN H 638 -73.33 -78.07 -37.88
CA ASN H 638 -74.38 -77.55 -38.74
C ASN H 638 -74.47 -78.46 -39.97
N GLN H 639 -75.01 -77.99 -41.08
CA GLN H 639 -75.24 -78.83 -42.28
C GLN H 639 -73.91 -79.20 -42.93
N GLY H 640 -73.17 -80.09 -42.28
CA GLY H 640 -71.84 -80.44 -42.73
C GLY H 640 -71.61 -81.94 -42.80
N THR H 641 -71.00 -82.40 -43.89
CA THR H 641 -70.92 -83.83 -44.20
C THR H 641 -69.59 -84.37 -43.67
N ILE H 642 -69.63 -85.00 -42.50
CA ILE H 642 -68.43 -85.56 -41.89
C ILE H 642 -68.20 -86.96 -42.46
N ASN H 643 -66.97 -87.23 -42.88
CA ASN H 643 -66.61 -88.54 -43.41
C ASN H 643 -65.78 -89.31 -42.38
N TYR H 644 -65.86 -90.63 -42.46
CA TYR H 644 -65.14 -91.53 -41.57
C TYR H 644 -64.29 -92.49 -42.39
N LEU H 645 -63.49 -93.30 -41.68
CA LEU H 645 -62.58 -94.27 -42.25
C LEU H 645 -62.14 -95.22 -41.15
N VAL H 646 -61.83 -96.46 -41.53
CA VAL H 646 -61.59 -97.49 -40.54
C VAL H 646 -60.10 -97.71 -40.27
N ARG H 647 -59.30 -97.87 -41.33
CA ARG H 647 -57.87 -98.23 -41.28
C ARG H 647 -57.62 -99.43 -40.37
N GLY H 648 -58.22 -100.55 -40.75
CA GLY H 648 -58.17 -101.77 -39.97
C GLY H 648 -59.51 -102.33 -39.56
N GLY H 649 -60.60 -101.94 -40.23
CA GLY H 649 -61.90 -102.50 -39.98
C GLY H 649 -62.66 -101.92 -38.81
N LYS H 650 -62.02 -101.16 -37.94
CA LYS H 650 -62.69 -100.62 -36.77
C LYS H 650 -62.70 -99.09 -36.82
N VAL H 651 -63.77 -98.51 -36.28
CA VAL H 651 -63.99 -97.06 -36.35
C VAL H 651 -63.60 -96.46 -35.01
N ALA H 652 -62.76 -95.43 -35.04
CA ALA H 652 -62.38 -94.69 -33.84
C ALA H 652 -63.57 -93.86 -33.37
N THR H 653 -63.84 -93.88 -32.07
CA THR H 653 -64.95 -93.11 -31.52
C THR H 653 -64.56 -91.64 -31.40
N LEU H 654 -65.57 -90.77 -31.38
CA LEU H 654 -65.36 -89.33 -31.34
C LEU H 654 -66.08 -88.80 -30.10
N ASN H 655 -65.30 -88.22 -29.17
CA ASN H 655 -65.81 -87.88 -27.84
C ASN H 655 -66.33 -86.45 -27.83
N VAL H 656 -67.65 -86.33 -27.73
CA VAL H 656 -68.31 -85.04 -27.51
C VAL H 656 -68.36 -84.80 -26.00
N GLY H 657 -67.94 -83.61 -25.58
CA GLY H 657 -67.76 -83.37 -24.16
C GLY H 657 -69.08 -83.21 -23.42
N ASN H 658 -69.93 -82.29 -23.87
CA ASN H 658 -71.20 -82.03 -23.20
C ASN H 658 -72.40 -82.34 -24.10
N ALA H 659 -72.46 -81.75 -25.29
CA ALA H 659 -73.64 -81.91 -26.12
C ALA H 659 -73.28 -81.69 -27.58
N ALA H 660 -73.85 -82.52 -28.46
CA ALA H 660 -73.74 -82.36 -29.90
C ALA H 660 -75.12 -82.06 -30.45
N ALA H 661 -75.54 -80.80 -30.35
CA ALA H 661 -76.85 -80.41 -30.80
C ALA H 661 -76.79 -79.92 -32.25
N MET H 662 -77.68 -80.45 -33.08
CA MET H 662 -77.59 -80.23 -34.50
C MET H 662 -78.93 -79.76 -35.05
N MET H 663 -78.89 -79.14 -36.23
CA MET H 663 -80.06 -78.59 -36.89
C MET H 663 -79.77 -78.53 -38.38
N PHE H 664 -80.73 -78.94 -39.21
CA PHE H 664 -80.48 -79.11 -40.63
C PHE H 664 -81.67 -78.57 -41.41
N ASN H 665 -81.75 -78.95 -42.67
CA ASN H 665 -82.87 -78.59 -43.52
C ASN H 665 -83.03 -79.70 -44.56
N ASN H 666 -83.86 -79.44 -45.57
CA ASN H 666 -84.02 -80.35 -46.70
C ASN H 666 -82.82 -80.18 -47.63
N ASP H 667 -81.71 -80.79 -47.22
CA ASP H 667 -80.41 -80.66 -47.90
C ASP H 667 -80.34 -81.70 -49.03
N ILE H 668 -81.28 -81.58 -49.96
CA ILE H 668 -81.45 -82.51 -51.07
C ILE H 668 -80.62 -82.07 -52.27
N ASP H 669 -80.02 -83.04 -52.96
CA ASP H 669 -79.29 -82.77 -54.18
C ASP H 669 -79.91 -83.57 -55.33
N SER H 670 -79.60 -83.15 -56.55
CA SER H 670 -80.03 -83.89 -57.73
C SER H 670 -78.98 -84.86 -58.23
N ALA H 671 -77.82 -84.90 -57.59
CA ALA H 671 -76.80 -85.89 -57.96
C ALA H 671 -77.16 -87.27 -57.43
N THR H 672 -77.79 -87.32 -56.25
CA THR H 672 -78.24 -88.57 -55.66
C THR H 672 -79.75 -88.73 -55.64
N GLY H 673 -80.50 -87.65 -55.49
CA GLY H 673 -81.95 -87.69 -55.35
C GLY H 673 -82.40 -87.70 -53.92
N PHE H 674 -81.57 -88.23 -53.03
CA PHE H 674 -81.80 -88.18 -51.60
C PHE H 674 -81.31 -86.83 -51.08
N TYR H 675 -81.36 -86.63 -49.76
CA TYR H 675 -80.60 -85.60 -49.10
C TYR H 675 -79.09 -85.81 -49.31
N LYS H 676 -78.32 -84.77 -49.00
CA LYS H 676 -76.87 -84.93 -48.97
C LYS H 676 -76.48 -85.90 -47.87
N PRO H 677 -75.54 -86.81 -48.13
CA PRO H 677 -75.18 -87.82 -47.12
C PRO H 677 -74.45 -87.21 -45.93
N LEU H 678 -75.17 -87.11 -44.82
CA LEU H 678 -74.83 -86.16 -43.77
C LEU H 678 -73.68 -86.63 -42.91
N ILE H 679 -73.59 -87.92 -42.64
CA ILE H 679 -72.43 -88.52 -41.97
C ILE H 679 -72.10 -89.79 -42.73
N LYS H 680 -70.89 -89.84 -43.30
CA LYS H 680 -70.49 -90.94 -44.16
C LYS H 680 -69.39 -91.76 -43.49
N ILE H 681 -69.42 -93.06 -43.72
CA ILE H 681 -68.33 -93.96 -43.36
C ILE H 681 -67.81 -94.54 -44.66
N ASN H 682 -66.79 -93.90 -45.23
CA ASN H 682 -66.20 -94.36 -46.48
C ASN H 682 -64.89 -95.09 -46.19
N SER H 683 -64.44 -95.87 -47.18
CA SER H 683 -63.23 -96.71 -47.12
C SER H 683 -63.31 -97.74 -46.00
N ALA H 684 -64.53 -98.09 -45.62
CA ALA H 684 -64.84 -99.21 -44.74
C ALA H 684 -65.15 -100.46 -45.54
N GLN H 685 -64.24 -100.81 -46.46
CA GLN H 685 -64.43 -102.00 -47.27
C GLN H 685 -64.24 -103.25 -46.44
N ASP H 686 -63.27 -103.25 -45.54
CA ASP H 686 -63.04 -104.34 -44.60
C ASP H 686 -63.74 -104.12 -43.26
N LEU H 687 -64.88 -103.42 -43.27
CA LEU H 687 -65.65 -103.22 -42.05
C LEU H 687 -66.19 -104.55 -41.54
N ILE H 688 -65.90 -104.84 -40.28
CA ILE H 688 -66.09 -106.18 -39.72
C ILE H 688 -67.58 -106.43 -39.54
N LYS H 689 -68.08 -107.46 -40.21
CA LYS H 689 -69.48 -107.83 -40.12
C LYS H 689 -69.77 -108.42 -38.73
N ASN H 690 -71.02 -108.28 -38.30
CA ASN H 690 -71.55 -108.85 -37.05
C ASN H 690 -70.82 -108.31 -35.82
N THR H 691 -70.47 -107.03 -35.86
CA THR H 691 -69.65 -106.43 -34.82
C THR H 691 -70.09 -104.99 -34.58
N GLU H 692 -70.31 -104.64 -33.32
CA GLU H 692 -70.55 -103.25 -32.97
C GLU H 692 -69.30 -102.41 -33.17
N HIS H 693 -69.40 -101.40 -34.02
CA HIS H 693 -68.35 -100.42 -34.22
C HIS H 693 -68.87 -99.09 -33.72
N VAL H 694 -68.33 -98.63 -32.60
CA VAL H 694 -68.78 -97.37 -32.00
C VAL H 694 -68.29 -96.20 -32.84
N LEU H 695 -69.24 -95.46 -33.43
CA LEU H 695 -68.89 -94.34 -34.29
C LEU H 695 -68.43 -93.14 -33.46
N LEU H 696 -69.18 -92.82 -32.41
CA LEU H 696 -68.87 -91.68 -31.56
C LEU H 696 -69.51 -91.87 -30.20
N LYS H 697 -68.74 -91.59 -29.15
CA LYS H 697 -69.29 -91.53 -27.80
C LYS H 697 -69.71 -90.10 -27.50
N ALA H 698 -70.99 -89.92 -27.21
CA ALA H 698 -71.54 -88.59 -27.01
C ALA H 698 -72.54 -88.65 -25.87
N LYS H 699 -73.04 -87.49 -25.49
CA LYS H 699 -73.99 -87.39 -24.40
C LYS H 699 -75.38 -87.00 -24.87
N ILE H 700 -75.50 -86.06 -25.81
CA ILE H 700 -76.77 -85.66 -26.39
C ILE H 700 -76.56 -85.55 -27.90
N ILE H 701 -77.28 -86.38 -28.67
CA ILE H 701 -77.40 -86.17 -30.10
C ILE H 701 -78.71 -85.44 -30.32
N GLY H 702 -78.68 -84.11 -30.28
CA GLY H 702 -79.89 -83.35 -30.45
C GLY H 702 -80.11 -82.99 -31.90
N TYR H 703 -80.93 -83.78 -32.59
CA TYR H 703 -81.25 -83.51 -33.98
C TYR H 703 -82.21 -82.33 -34.06
N GLY H 704 -82.10 -81.57 -35.16
CA GLY H 704 -83.11 -80.59 -35.46
C GLY H 704 -83.23 -80.37 -36.94
N ASN H 705 -84.29 -79.64 -37.31
CA ASN H 705 -84.43 -79.05 -38.63
C ASN H 705 -84.99 -77.64 -38.43
N VAL H 706 -85.50 -77.05 -39.52
CA VAL H 706 -86.10 -75.71 -39.43
C VAL H 706 -87.39 -75.69 -38.61
N SER H 707 -87.99 -76.84 -38.35
CA SER H 707 -89.00 -76.98 -37.32
C SER H 707 -88.58 -78.12 -36.40
N THR H 708 -89.38 -78.39 -35.37
CA THR H 708 -89.14 -79.53 -34.52
C THR H 708 -89.42 -80.83 -35.28
N GLY H 709 -90.52 -80.84 -36.04
CA GLY H 709 -90.83 -81.95 -36.92
C GLY H 709 -89.82 -82.09 -38.04
N THR H 710 -89.37 -83.31 -38.26
CA THR H 710 -88.18 -83.55 -39.07
C THR H 710 -88.54 -83.91 -40.51
N ASN H 711 -87.51 -84.36 -41.24
CA ASN H 711 -87.55 -84.62 -42.69
C ASN H 711 -87.96 -83.37 -43.47
N GLY H 712 -87.11 -82.36 -43.38
CA GLY H 712 -87.31 -81.12 -44.09
C GLY H 712 -88.16 -80.14 -43.32
N ILE H 713 -89.40 -79.94 -43.77
CA ILE H 713 -90.38 -79.14 -43.05
C ILE H 713 -91.69 -79.92 -42.99
N SER H 714 -91.88 -80.63 -41.88
CA SER H 714 -93.03 -81.52 -41.69
C SER H 714 -93.18 -81.73 -40.18
N ASN H 715 -93.90 -82.78 -39.80
CA ASN H 715 -94.11 -83.11 -38.39
C ASN H 715 -93.65 -84.53 -38.05
N VAL H 716 -92.48 -84.93 -38.57
CA VAL H 716 -91.95 -86.27 -38.33
C VAL H 716 -91.08 -86.23 -37.08
N ASN H 717 -91.03 -87.35 -36.34
CA ASN H 717 -90.23 -87.46 -35.12
C ASN H 717 -88.73 -87.35 -35.38
N LEU H 718 -87.96 -87.41 -34.30
CA LEU H 718 -86.62 -86.81 -34.29
C LEU H 718 -85.49 -87.73 -34.74
N GLU H 719 -85.54 -89.02 -34.41
CA GLU H 719 -84.30 -89.79 -34.51
C GLU H 719 -84.30 -90.87 -35.58
N GLU H 720 -85.46 -91.39 -35.99
CA GLU H 720 -85.48 -92.55 -36.90
C GLU H 720 -85.08 -92.20 -38.33
N GLN H 721 -85.37 -90.98 -38.77
CA GLN H 721 -84.97 -90.51 -40.08
C GLN H 721 -83.48 -90.17 -40.16
N PHE H 722 -82.79 -90.15 -39.01
CA PHE H 722 -81.38 -89.83 -39.02
C PHE H 722 -80.56 -91.07 -39.37
N LYS H 723 -81.18 -92.25 -39.28
CA LYS H 723 -80.64 -93.43 -39.93
C LYS H 723 -80.64 -93.31 -41.44
N GLU H 724 -81.57 -92.53 -42.01
CA GLU H 724 -81.63 -92.38 -43.44
C GLU H 724 -80.53 -91.48 -43.98
N ARG H 725 -80.27 -90.36 -43.31
CA ARG H 725 -79.28 -89.40 -43.79
C ARG H 725 -77.84 -89.84 -43.59
N LEU H 726 -77.59 -90.77 -42.66
CA LEU H 726 -76.29 -91.42 -42.66
C LEU H 726 -76.17 -92.36 -43.85
N ALA H 727 -74.93 -92.67 -44.21
CA ALA H 727 -74.67 -93.50 -45.37
C ALA H 727 -73.41 -94.32 -45.13
N LEU H 728 -73.37 -95.49 -45.75
CA LEU H 728 -72.23 -96.39 -45.67
C LEU H 728 -71.79 -96.61 -47.11
N TYR H 729 -70.79 -95.84 -47.54
CA TYR H 729 -70.36 -95.79 -48.93
C TYR H 729 -69.23 -96.79 -49.11
N ASN H 730 -69.56 -98.01 -49.53
CA ASN H 730 -68.53 -99.01 -49.73
C ASN H 730 -68.81 -99.81 -50.99
N ASN H 731 -67.74 -100.39 -51.54
CA ASN H 731 -67.68 -100.90 -52.91
C ASN H 731 -68.10 -99.82 -53.91
N ASN H 732 -67.65 -98.58 -53.64
CA ASN H 732 -67.82 -97.40 -54.49
C ASN H 732 -69.28 -97.03 -54.73
N ASN H 733 -70.17 -97.42 -53.83
CA ASN H 733 -71.56 -97.02 -53.88
C ASN H 733 -72.09 -97.03 -52.45
N ARG H 734 -73.30 -96.54 -52.25
CA ARG H 734 -73.90 -96.50 -50.93
C ARG H 734 -74.52 -97.86 -50.60
N MET H 735 -74.04 -98.46 -49.52
CA MET H 735 -74.52 -99.78 -49.12
C MET H 735 -75.50 -99.73 -47.95
N ASP H 736 -75.55 -98.62 -47.23
CA ASP H 736 -76.54 -98.47 -46.16
C ASP H 736 -77.94 -98.41 -46.74
N THR H 737 -78.22 -97.39 -47.54
CA THR H 737 -79.36 -97.37 -48.43
C THR H 737 -78.85 -97.34 -49.86
N CYS H 738 -79.74 -97.64 -50.80
CA CYS H 738 -79.38 -97.55 -52.21
C CYS H 738 -80.43 -96.66 -52.87
N VAL H 739 -80.09 -95.39 -53.02
CA VAL H 739 -81.02 -94.38 -53.51
C VAL H 739 -81.01 -94.43 -55.03
N VAL H 740 -82.17 -94.74 -55.61
CA VAL H 740 -82.28 -95.14 -57.00
C VAL H 740 -83.28 -94.23 -57.71
N ARG H 741 -82.87 -93.68 -58.86
CA ARG H 741 -83.78 -92.94 -59.73
C ARG H 741 -83.83 -93.46 -61.16
N ASN H 742 -82.98 -94.42 -61.54
CA ASN H 742 -82.99 -94.95 -62.90
C ASN H 742 -82.53 -96.41 -62.84
N THR H 743 -82.20 -96.97 -64.01
CA THR H 743 -81.75 -98.36 -64.10
C THR H 743 -80.22 -98.46 -64.16
N ASP H 744 -79.54 -97.35 -64.42
CA ASP H 744 -78.09 -97.37 -64.55
C ASP H 744 -77.37 -97.59 -63.23
N ASP H 745 -77.89 -97.02 -62.13
CA ASP H 745 -77.23 -97.17 -60.84
C ASP H 745 -77.50 -98.52 -60.19
N ILE H 746 -78.42 -99.31 -60.78
CA ILE H 746 -78.69 -100.66 -60.30
C ILE H 746 -77.47 -101.54 -60.51
N LYS H 747 -76.68 -101.27 -61.54
CA LYS H 747 -75.45 -102.02 -61.80
C LYS H 747 -74.45 -101.84 -60.66
N ALA H 748 -74.12 -100.59 -60.34
CA ALA H 748 -73.22 -100.31 -59.23
C ALA H 748 -73.83 -100.66 -57.88
N CYS H 749 -75.16 -100.66 -57.77
CA CYS H 749 -75.79 -101.08 -56.52
C CYS H 749 -75.64 -102.58 -56.29
N GLY H 750 -75.82 -103.38 -57.34
CA GLY H 750 -75.55 -104.80 -57.24
C GLY H 750 -74.07 -105.11 -57.09
N MET H 751 -73.21 -104.24 -57.62
CA MET H 751 -71.79 -104.34 -57.30
C MET H 751 -71.51 -104.02 -55.84
N ALA H 752 -72.30 -103.12 -55.26
CA ALA H 752 -72.10 -102.74 -53.87
C ALA H 752 -72.56 -103.84 -52.93
N ILE H 753 -73.71 -104.46 -53.21
CA ILE H 753 -74.23 -105.50 -52.33
C ILE H 753 -73.84 -106.90 -52.78
N GLY H 754 -73.10 -107.03 -53.87
CA GLY H 754 -72.58 -108.32 -54.29
C GLY H 754 -73.61 -109.30 -54.80
N ASN H 755 -74.53 -108.85 -55.65
CA ASN H 755 -75.61 -109.68 -56.15
C ASN H 755 -75.77 -109.44 -57.65
N GLN H 756 -75.72 -110.52 -58.44
CA GLN H 756 -75.92 -110.43 -59.87
C GLN H 756 -77.38 -110.28 -60.28
N SER H 757 -78.31 -110.36 -59.32
CA SER H 757 -79.71 -110.08 -59.58
C SER H 757 -79.96 -108.60 -59.84
N MET H 758 -79.03 -107.73 -59.48
CA MET H 758 -79.10 -106.32 -59.83
C MET H 758 -78.03 -105.94 -60.86
N VAL H 759 -77.14 -106.86 -61.22
CA VAL H 759 -76.06 -106.57 -62.15
C VAL H 759 -76.45 -107.00 -63.55
N ASN H 760 -76.88 -108.26 -63.70
CA ASN H 760 -77.20 -108.79 -65.02
C ASN H 760 -78.51 -108.24 -65.55
N ASN H 761 -79.47 -107.93 -64.67
CA ASN H 761 -80.77 -107.41 -65.08
C ASN H 761 -81.23 -106.28 -64.17
N PRO H 762 -81.16 -105.02 -64.62
CA PRO H 762 -81.64 -103.91 -63.79
C PRO H 762 -83.15 -103.83 -63.69
N ASP H 763 -83.88 -104.33 -64.69
CA ASP H 763 -85.34 -104.33 -64.67
C ASP H 763 -85.91 -105.50 -63.88
N ASN H 764 -85.06 -106.30 -63.24
CA ASN H 764 -85.54 -107.35 -62.35
C ASN H 764 -86.22 -106.76 -61.12
N TYR H 765 -85.72 -105.63 -60.63
CA TYR H 765 -86.22 -104.98 -59.43
C TYR H 765 -86.81 -103.64 -59.83
N LYS H 766 -88.13 -103.51 -59.68
CA LYS H 766 -88.85 -102.32 -60.15
C LYS H 766 -89.54 -101.59 -59.01
N TYR H 767 -89.04 -101.78 -57.78
CA TYR H 767 -89.56 -101.11 -56.60
C TYR H 767 -88.83 -99.81 -56.30
N LEU H 768 -88.12 -99.27 -57.28
CA LEU H 768 -87.09 -98.28 -57.04
C LEU H 768 -87.15 -97.12 -58.05
N ILE H 769 -88.30 -96.93 -58.69
CA ILE H 769 -88.53 -95.79 -59.56
C ILE H 769 -89.17 -94.73 -58.68
N GLY H 770 -88.38 -93.74 -58.29
CA GLY H 770 -88.83 -92.77 -57.33
C GLY H 770 -88.78 -93.25 -55.89
N LYS H 771 -88.09 -94.37 -55.66
CA LYS H 771 -87.99 -94.94 -54.32
C LYS H 771 -86.55 -95.31 -54.00
N ALA H 772 -86.35 -96.00 -52.88
CA ALA H 772 -85.06 -96.54 -52.50
C ALA H 772 -85.30 -97.74 -51.58
N TRP H 773 -84.24 -98.20 -50.93
CA TRP H 773 -84.36 -99.30 -49.99
C TRP H 773 -83.20 -99.26 -49.01
N LYS H 774 -83.50 -99.42 -47.72
CA LYS H 774 -82.47 -99.57 -46.71
C LYS H 774 -82.06 -101.02 -46.61
N ASN H 775 -80.76 -101.25 -46.49
CA ASN H 775 -80.22 -102.60 -46.47
C ASN H 775 -80.50 -103.25 -45.12
N ILE H 776 -81.18 -104.40 -45.15
CA ILE H 776 -81.35 -105.19 -43.95
C ILE H 776 -80.02 -105.88 -43.62
N GLY H 777 -79.73 -105.99 -42.33
CA GLY H 777 -78.42 -106.41 -41.89
C GLY H 777 -77.49 -105.26 -41.55
N ILE H 778 -77.96 -104.03 -41.67
CA ILE H 778 -77.21 -102.83 -41.29
C ILE H 778 -78.10 -102.00 -40.39
N SER H 779 -77.72 -101.91 -39.11
CA SER H 779 -78.51 -101.21 -38.11
C SER H 779 -77.68 -100.06 -37.54
N LYS H 780 -78.34 -98.96 -37.19
CA LYS H 780 -77.67 -97.82 -36.58
C LYS H 780 -78.51 -97.25 -35.46
N THR H 781 -77.86 -96.56 -34.54
CA THR H 781 -78.53 -95.80 -33.50
C THR H 781 -78.41 -94.31 -33.80
N ALA H 782 -79.48 -93.57 -33.55
CA ALA H 782 -79.48 -92.12 -33.74
C ALA H 782 -80.24 -91.44 -32.61
N ASN H 783 -80.36 -92.15 -31.48
CA ASN H 783 -81.09 -91.61 -30.34
C ASN H 783 -80.25 -90.57 -29.60
N GLY H 784 -80.79 -90.10 -28.49
CA GLY H 784 -80.20 -89.01 -27.74
C GLY H 784 -78.96 -89.35 -26.92
N SER H 785 -78.38 -90.54 -27.08
CA SER H 785 -77.25 -90.91 -26.25
C SER H 785 -76.09 -91.54 -27.01
N LYS H 786 -76.32 -92.09 -28.21
CA LYS H 786 -75.28 -92.85 -28.88
C LYS H 786 -75.58 -92.94 -30.37
N ILE H 787 -74.55 -92.77 -31.19
CA ILE H 787 -74.60 -93.14 -32.60
C ILE H 787 -73.58 -94.25 -32.82
N SER H 788 -74.08 -95.47 -33.03
CA SER H 788 -73.25 -96.62 -33.32
C SER H 788 -73.84 -97.35 -34.52
N VAL H 789 -72.96 -97.87 -35.37
CA VAL H 789 -73.35 -98.55 -36.60
C VAL H 789 -73.12 -100.04 -36.42
N TYR H 790 -74.15 -100.84 -36.70
CA TYR H 790 -74.12 -102.28 -36.50
C TYR H 790 -74.17 -102.93 -37.88
N TYR H 791 -73.01 -103.08 -38.49
CA TYR H 791 -72.90 -103.76 -39.79
C TYR H 791 -72.88 -105.25 -39.50
N LEU H 792 -73.99 -105.92 -39.76
CA LEU H 792 -74.11 -107.35 -39.48
C LEU H 792 -74.63 -108.16 -40.66
N GLY H 793 -74.96 -107.52 -41.78
CA GLY H 793 -75.38 -108.28 -42.94
C GLY H 793 -75.47 -107.50 -44.24
N ASN H 794 -74.85 -108.05 -45.28
CA ASN H 794 -75.03 -107.57 -46.64
C ASN H 794 -76.05 -108.48 -47.34
N SER H 795 -77.30 -108.36 -46.90
CA SER H 795 -78.36 -109.24 -47.35
C SER H 795 -78.96 -108.76 -48.65
N THR H 796 -79.45 -109.70 -49.44
CA THR H 796 -80.06 -109.37 -50.72
C THR H 796 -81.49 -108.88 -50.49
N PRO H 797 -81.83 -107.68 -50.93
CA PRO H 797 -83.20 -107.20 -50.76
C PRO H 797 -84.14 -107.86 -51.77
N THR H 798 -85.30 -108.27 -51.28
CA THR H 798 -86.34 -108.74 -52.18
C THR H 798 -87.02 -107.55 -52.84
N GLU H 799 -87.82 -107.84 -53.87
CA GLU H 799 -88.38 -106.76 -54.68
C GLU H 799 -89.55 -106.08 -53.97
N ASN H 800 -90.60 -106.84 -53.66
CA ASN H 800 -91.83 -106.27 -53.11
C ASN H 800 -92.18 -106.94 -51.77
N GLY H 801 -91.21 -107.01 -50.87
CA GLY H 801 -91.43 -107.60 -49.57
C GLY H 801 -91.26 -106.63 -48.42
N GLY H 802 -90.43 -105.63 -48.58
CA GLY H 802 -90.23 -104.64 -47.54
C GLY H 802 -88.82 -104.08 -47.59
N ASN H 803 -88.48 -103.37 -46.50
CA ASN H 803 -87.21 -102.67 -46.31
C ASN H 803 -86.96 -101.66 -47.42
N THR H 804 -88.02 -100.96 -47.84
CA THR H 804 -87.94 -99.99 -48.93
C THR H 804 -88.24 -98.60 -48.38
N THR H 805 -87.61 -97.60 -48.98
CA THR H 805 -87.83 -96.20 -48.62
C THR H 805 -88.18 -95.42 -49.87
N ASN H 806 -88.62 -94.18 -49.66
CA ASN H 806 -89.03 -93.31 -50.76
C ASN H 806 -87.93 -92.26 -51.01
N LEU H 807 -88.15 -91.40 -52.00
CA LEU H 807 -87.28 -90.24 -52.18
C LEU H 807 -87.81 -89.06 -51.38
N PRO H 808 -86.94 -88.12 -51.00
CA PRO H 808 -87.44 -86.88 -50.38
C PRO H 808 -88.28 -86.05 -51.33
N THR H 809 -87.73 -85.71 -52.51
CA THR H 809 -88.41 -85.00 -53.61
C THR H 809 -88.98 -83.67 -53.14
N ASN H 810 -88.07 -82.75 -52.80
CA ASN H 810 -88.47 -81.42 -52.36
C ASN H 810 -87.92 -80.37 -53.30
N THR H 811 -87.73 -80.73 -54.56
CA THR H 811 -87.24 -79.80 -55.58
C THR H 811 -88.29 -79.63 -56.68
N LEU I 27 -44.39 -15.61 18.96
CA LEU I 27 -44.27 -14.36 19.68
C LEU I 27 -45.00 -13.22 18.95
N LEU I 28 -45.03 -13.31 17.61
CA LEU I 28 -45.78 -12.35 16.83
C LEU I 28 -47.26 -12.69 16.74
N GLY I 29 -47.58 -13.95 16.47
CA GLY I 29 -48.95 -14.35 16.20
C GLY I 29 -49.24 -14.39 14.72
N TRP I 30 -50.14 -15.30 14.35
CA TRP I 30 -50.47 -15.49 12.94
C TRP I 30 -51.28 -14.33 12.39
N GLY I 31 -52.06 -13.67 13.26
CA GLY I 31 -52.93 -12.59 12.80
C GLY I 31 -52.17 -11.37 12.34
N LEU I 32 -50.92 -11.21 12.82
CA LEU I 32 -50.05 -10.19 12.26
C LEU I 32 -49.39 -10.68 10.99
N LYS I 33 -48.97 -11.95 10.98
CA LYS I 33 -48.13 -12.47 9.92
C LYS I 33 -48.88 -12.56 8.60
N GLN I 34 -50.09 -13.12 8.61
CA GLN I 34 -50.86 -13.20 7.37
C GLN I 34 -51.33 -11.83 6.94
N ALA I 35 -51.68 -10.96 7.88
CA ALA I 35 -52.15 -9.64 7.51
C ALA I 35 -51.05 -8.75 6.94
N GLU I 36 -49.79 -9.03 7.27
CA GLU I 36 -48.71 -8.30 6.62
C GLU I 36 -48.20 -8.97 5.35
N GLU I 37 -48.38 -10.28 5.20
CA GLU I 37 -47.96 -10.92 3.95
C GLU I 37 -49.01 -10.87 2.86
N ALA I 38 -50.27 -10.60 3.20
CA ALA I 38 -51.31 -10.60 2.17
C ALA I 38 -51.25 -9.33 1.32
N ASN I 39 -50.75 -8.24 1.89
CA ASN I 39 -50.63 -6.98 1.16
C ASN I 39 -49.16 -6.66 0.90
N LYS I 40 -48.64 -7.22 -0.19
CA LYS I 40 -47.27 -6.97 -0.61
C LYS I 40 -47.21 -6.82 -2.12
N THR I 41 -46.29 -5.98 -2.57
CA THR I 41 -45.84 -6.06 -3.95
C THR I 41 -45.08 -7.37 -4.13
N PRO I 42 -45.17 -8.02 -5.31
CA PRO I 42 -44.51 -9.32 -5.49
C PRO I 42 -43.00 -9.32 -5.31
N ASP I 43 -42.28 -8.60 -6.16
CA ASP I 43 -40.83 -8.43 -6.14
C ASP I 43 -40.47 -7.35 -7.13
N LYS I 44 -39.17 -7.14 -7.31
CA LYS I 44 -38.63 -6.35 -8.41
C LYS I 44 -37.58 -7.20 -9.12
N PRO I 45 -37.97 -8.07 -10.03
CA PRO I 45 -36.97 -8.89 -10.74
C PRO I 45 -36.54 -8.28 -12.06
N ASP I 46 -35.26 -8.40 -12.32
CA ASP I 46 -34.72 -8.18 -13.65
C ASP I 46 -34.83 -9.45 -14.46
N LYS I 47 -34.69 -9.33 -15.78
CA LYS I 47 -34.76 -10.42 -16.75
C LYS I 47 -36.10 -11.16 -16.66
N VAL I 48 -37.14 -10.44 -17.05
CA VAL I 48 -38.46 -11.03 -17.15
C VAL I 48 -38.50 -11.88 -18.41
N TRP I 49 -38.28 -13.18 -18.27
CA TRP I 49 -38.34 -14.08 -19.41
C TRP I 49 -39.79 -14.26 -19.83
N ARG I 50 -40.03 -14.44 -21.12
CA ARG I 50 -41.37 -14.72 -21.61
C ARG I 50 -41.31 -15.85 -22.62
N ILE I 51 -42.08 -16.90 -22.35
CA ILE I 51 -42.16 -18.07 -23.20
C ILE I 51 -43.61 -18.25 -23.61
N GLN I 52 -43.85 -18.35 -24.90
CA GLN I 52 -45.20 -18.61 -25.40
C GLN I 52 -45.20 -19.97 -26.08
N ALA I 53 -46.11 -20.85 -25.68
CA ALA I 53 -46.26 -22.12 -26.35
C ALA I 53 -47.01 -21.89 -27.66
N GLY I 54 -46.28 -21.99 -28.77
CA GLY I 54 -46.85 -21.69 -30.07
C GLY I 54 -47.63 -22.85 -30.65
N LYS I 55 -47.38 -23.16 -31.91
CA LYS I 55 -48.11 -24.21 -32.58
C LYS I 55 -47.49 -25.56 -32.27
N GLY I 56 -48.31 -26.59 -32.33
CA GLY I 56 -47.88 -27.93 -31.96
C GLY I 56 -48.65 -28.46 -30.78
N PHE I 57 -48.91 -27.62 -29.79
CA PHE I 57 -49.60 -28.07 -28.58
C PHE I 57 -51.10 -28.07 -28.72
N ASN I 58 -51.66 -27.06 -29.40
CA ASN I 58 -53.03 -26.64 -29.18
C ASN I 58 -54.06 -27.42 -29.99
N GLU I 59 -53.75 -28.63 -30.44
CA GLU I 59 -54.76 -29.42 -31.11
C GLU I 59 -54.71 -30.92 -30.85
N PHE I 60 -53.90 -31.40 -29.90
CA PHE I 60 -53.95 -32.79 -29.46
C PHE I 60 -54.56 -32.83 -28.07
N PRO I 61 -55.85 -33.12 -27.94
CA PRO I 61 -56.52 -32.99 -26.64
C PRO I 61 -56.18 -34.06 -25.63
N ASN I 62 -55.45 -35.11 -26.00
CA ASN I 62 -55.28 -36.22 -25.06
C ASN I 62 -53.85 -36.76 -25.05
N LYS I 63 -52.86 -35.90 -25.26
CA LYS I 63 -51.55 -36.43 -25.57
C LYS I 63 -50.76 -36.85 -24.32
N GLU I 64 -51.06 -36.28 -23.16
CA GLU I 64 -50.30 -36.44 -21.92
C GLU I 64 -48.84 -36.00 -22.13
N TYR I 65 -48.72 -34.70 -22.31
CA TYR I 65 -47.43 -34.04 -22.43
C TYR I 65 -46.65 -34.15 -21.13
N ASP I 66 -45.38 -33.80 -21.18
CA ASP I 66 -44.63 -33.39 -20.02
C ASP I 66 -44.52 -31.88 -20.09
N LEU I 67 -44.40 -31.23 -18.95
CA LEU I 67 -44.33 -29.78 -18.92
C LEU I 67 -42.95 -29.27 -18.58
N TYR I 68 -42.23 -29.99 -17.72
CA TYR I 68 -40.87 -29.60 -17.41
C TYR I 68 -39.95 -29.82 -18.61
N LYS I 69 -39.89 -31.06 -19.08
CA LYS I 69 -38.89 -31.42 -20.09
C LYS I 69 -39.26 -30.86 -21.46
N SER I 70 -40.53 -30.89 -21.83
CA SER I 70 -40.89 -30.45 -23.17
C SER I 70 -40.97 -28.94 -23.27
N LEU I 71 -41.29 -28.24 -22.19
CA LEU I 71 -41.38 -26.78 -22.25
C LEU I 71 -40.46 -26.07 -21.27
N LEU I 72 -40.54 -26.37 -19.98
CA LEU I 72 -39.98 -25.48 -18.99
C LEU I 72 -38.48 -25.64 -18.82
N SER I 73 -37.89 -26.74 -19.26
CA SER I 73 -36.47 -26.94 -19.03
C SER I 73 -35.59 -26.10 -19.95
N SER I 74 -36.20 -25.35 -20.88
CA SER I 74 -35.44 -24.41 -21.68
C SER I 74 -34.95 -23.24 -20.83
N LYS I 75 -35.77 -22.78 -19.89
CA LYS I 75 -35.42 -21.62 -19.08
C LYS I 75 -35.55 -21.92 -17.59
N ILE I 76 -35.38 -23.18 -17.20
CA ILE I 76 -35.22 -23.56 -15.80
C ILE I 76 -34.03 -24.51 -15.74
N ASP I 77 -32.97 -24.09 -15.07
CA ASP I 77 -31.72 -24.83 -15.07
C ASP I 77 -31.49 -25.49 -13.71
N GLY I 78 -31.15 -26.77 -13.74
CA GLY I 78 -30.81 -27.46 -12.52
C GLY I 78 -29.43 -27.09 -12.02
N GLY I 79 -29.05 -27.71 -10.91
CA GLY I 79 -27.73 -27.47 -10.37
C GLY I 79 -27.41 -28.21 -9.09
N TRP I 80 -26.32 -27.79 -8.44
CA TRP I 80 -25.86 -28.39 -7.20
C TRP I 80 -25.40 -27.28 -6.28
N ASP I 81 -25.91 -27.29 -5.04
CA ASP I 81 -25.50 -26.31 -4.04
C ASP I 81 -24.41 -26.93 -3.18
N TRP I 82 -23.28 -26.26 -3.10
CA TRP I 82 -22.19 -26.74 -2.25
C TRP I 82 -22.60 -26.54 -0.80
N GLY I 83 -23.05 -27.63 -0.18
CA GLY I 83 -23.74 -27.57 1.08
C GLY I 83 -25.15 -28.08 0.90
N ASN I 84 -25.45 -29.22 1.52
CA ASN I 84 -26.71 -29.98 1.59
C ASN I 84 -27.59 -29.91 0.36
N ALA I 85 -27.07 -30.32 -0.79
CA ALA I 85 -27.88 -30.39 -1.99
C ALA I 85 -28.34 -31.82 -2.23
N ALA I 86 -29.56 -31.93 -2.74
CA ALA I 86 -29.99 -33.11 -3.47
C ALA I 86 -30.19 -32.77 -4.94
N THR I 87 -31.05 -31.81 -5.24
CA THR I 87 -31.02 -31.08 -6.50
C THR I 87 -31.02 -29.60 -6.17
N HIS I 88 -31.09 -28.76 -7.19
CA HIS I 88 -31.08 -27.32 -7.00
C HIS I 88 -31.62 -26.68 -8.26
N TYR I 89 -32.76 -26.01 -8.15
CA TYR I 89 -33.39 -25.41 -9.32
C TYR I 89 -33.62 -23.93 -9.08
N TRP I 90 -33.36 -23.16 -10.12
CA TRP I 90 -33.68 -21.74 -10.15
C TRP I 90 -34.16 -21.42 -11.55
N ILE I 91 -34.22 -20.13 -11.89
CA ILE I 91 -34.79 -19.80 -13.18
C ILE I 91 -33.72 -19.65 -14.24
N LYS I 92 -32.91 -18.60 -14.13
CA LYS I 92 -31.82 -18.36 -15.06
C LYS I 92 -30.85 -17.35 -14.50
N GLY I 93 -29.64 -17.78 -14.16
CA GLY I 93 -28.66 -16.89 -13.60
C GLY I 93 -29.01 -16.34 -12.24
N GLY I 94 -29.42 -17.20 -11.32
CA GLY I 94 -29.78 -16.79 -9.98
C GLY I 94 -31.25 -16.97 -9.71
N GLN I 95 -31.62 -16.70 -8.45
CA GLN I 95 -32.99 -16.90 -7.98
C GLN I 95 -33.80 -15.62 -8.02
N TRP I 96 -33.44 -14.64 -8.84
CA TRP I 96 -34.14 -13.37 -8.85
C TRP I 96 -34.63 -13.00 -10.24
N ASN I 97 -35.09 -13.98 -11.01
CA ASN I 97 -35.48 -13.76 -12.39
C ASN I 97 -36.86 -14.35 -12.64
N LYS I 98 -37.79 -13.51 -13.07
CA LYS I 98 -39.14 -13.95 -13.39
C LYS I 98 -39.19 -14.54 -14.79
N LEU I 99 -39.93 -15.64 -14.93
CA LEU I 99 -40.35 -16.08 -16.25
C LEU I 99 -41.87 -16.07 -16.28
N GLU I 100 -42.46 -16.22 -17.45
CA GLU I 100 -43.88 -16.49 -17.55
C GLU I 100 -44.15 -17.36 -18.77
N VAL I 101 -45.22 -18.14 -18.70
CA VAL I 101 -45.66 -18.99 -19.79
C VAL I 101 -47.07 -18.57 -20.16
N ASP I 102 -47.29 -18.25 -21.42
CA ASP I 102 -48.57 -17.72 -21.88
C ASP I 102 -49.13 -18.65 -22.94
N MET I 103 -49.82 -19.70 -22.52
CA MET I 103 -50.38 -20.64 -23.50
C MET I 103 -51.75 -20.17 -24.01
N LYS I 104 -52.73 -20.15 -23.11
CA LYS I 104 -54.11 -19.68 -23.30
C LYS I 104 -54.95 -20.47 -24.29
N ASP I 105 -54.36 -21.43 -25.01
CA ASP I 105 -55.15 -22.31 -25.85
C ASP I 105 -54.59 -23.72 -25.94
N ALA I 106 -53.52 -24.04 -25.22
CA ALA I 106 -52.88 -25.33 -25.35
C ALA I 106 -53.70 -26.41 -24.67
N VAL I 107 -54.30 -27.27 -25.48
CA VAL I 107 -55.25 -28.27 -25.00
C VAL I 107 -54.50 -29.58 -24.80
N GLY I 108 -54.74 -30.21 -23.67
CA GLY I 108 -54.14 -31.50 -23.39
C GLY I 108 -54.13 -31.76 -21.90
N THR I 109 -53.05 -32.40 -21.46
CA THR I 109 -52.85 -32.71 -20.05
C THR I 109 -51.37 -32.76 -19.74
N TYR I 110 -50.95 -31.98 -18.76
CA TYR I 110 -49.56 -31.67 -18.50
C TYR I 110 -49.18 -32.17 -17.12
N LYS I 111 -47.88 -32.34 -16.90
CA LYS I 111 -47.45 -32.79 -15.58
C LYS I 111 -46.06 -32.26 -15.28
N LEU I 112 -45.80 -32.08 -13.98
CA LEU I 112 -44.50 -31.61 -13.54
C LEU I 112 -43.56 -32.78 -13.25
N SER I 113 -43.93 -33.62 -12.28
CA SER I 113 -43.35 -34.93 -12.04
C SER I 113 -41.85 -34.88 -11.74
N GLY I 114 -41.51 -34.22 -10.65
CA GLY I 114 -40.15 -34.34 -10.16
C GLY I 114 -39.37 -33.05 -9.96
N LEU I 115 -40.05 -31.91 -9.94
CA LEU I 115 -39.37 -30.65 -9.69
C LEU I 115 -39.17 -30.50 -8.18
N ARG I 116 -37.99 -30.88 -7.73
CA ARG I 116 -37.70 -30.92 -6.30
C ARG I 116 -36.68 -29.87 -5.91
N ASN I 117 -36.93 -29.24 -4.74
CA ASN I 117 -36.11 -28.15 -4.20
C ASN I 117 -35.98 -27.00 -5.20
N PHE I 118 -37.12 -26.60 -5.75
CA PHE I 118 -37.18 -25.46 -6.66
C PHE I 118 -37.07 -24.17 -5.86
N THR I 119 -35.95 -23.47 -5.99
CA THR I 119 -35.84 -22.14 -5.39
C THR I 119 -36.49 -21.09 -6.28
N GLY I 120 -35.95 -20.88 -7.47
CA GLY I 120 -36.59 -20.16 -8.55
C GLY I 120 -37.04 -18.74 -8.30
N GLY I 121 -38.35 -18.53 -8.34
CA GLY I 121 -38.90 -17.21 -8.19
C GLY I 121 -39.76 -16.81 -9.36
N ASP I 122 -41.04 -16.57 -9.08
CA ASP I 122 -41.98 -15.90 -9.98
C ASP I 122 -42.23 -16.68 -11.26
N LEU I 123 -42.75 -17.89 -11.10
CA LEU I 123 -43.42 -18.58 -12.19
C LEU I 123 -44.87 -18.12 -12.26
N ASP I 124 -45.46 -18.24 -13.43
CA ASP I 124 -46.92 -18.22 -13.57
C ASP I 124 -47.27 -18.91 -14.89
N VAL I 125 -47.69 -20.15 -14.78
CA VAL I 125 -47.94 -20.97 -15.95
C VAL I 125 -49.39 -20.82 -16.34
N ASN I 126 -49.67 -19.85 -17.19
CA ASN I 126 -51.04 -19.50 -17.56
C ASN I 126 -51.52 -20.52 -18.58
N MET I 127 -52.36 -21.45 -18.14
CA MET I 127 -52.83 -22.55 -18.98
C MET I 127 -54.36 -22.61 -18.93
N GLN I 128 -55.02 -21.81 -19.74
CA GLN I 128 -56.45 -22.02 -19.88
C GLN I 128 -56.71 -23.28 -20.69
N LYS I 129 -57.87 -23.91 -20.41
CA LYS I 129 -58.35 -25.19 -20.97
C LYS I 129 -57.26 -26.26 -21.06
N ALA I 130 -56.46 -26.39 -20.00
CA ALA I 130 -55.39 -27.36 -19.94
C ALA I 130 -55.41 -28.04 -18.58
N THR I 131 -55.71 -29.32 -18.56
CA THR I 131 -55.66 -30.11 -17.33
C THR I 131 -54.22 -30.24 -16.87
N LEU I 132 -53.98 -29.96 -15.61
CA LEU I 132 -52.65 -30.14 -15.04
C LEU I 132 -52.61 -31.48 -14.29
N ARG I 133 -51.42 -31.89 -13.88
CA ARG I 133 -51.25 -32.98 -12.94
C ARG I 133 -49.94 -32.76 -12.21
N LEU I 134 -50.00 -32.24 -10.99
CA LEU I 134 -48.79 -31.71 -10.37
C LEU I 134 -48.03 -32.79 -9.61
N GLY I 135 -48.13 -34.04 -10.03
CA GLY I 135 -47.34 -35.09 -9.43
C GLY I 135 -47.54 -36.41 -10.12
N GLN I 136 -46.43 -37.06 -10.47
CA GLN I 136 -46.48 -38.36 -11.14
C GLN I 136 -45.12 -39.00 -10.88
N PHE I 137 -45.12 -40.08 -10.09
CA PHE I 137 -43.97 -40.94 -9.79
C PHE I 137 -42.93 -40.24 -8.89
N ASN I 138 -43.09 -38.95 -8.64
CA ASN I 138 -42.14 -38.16 -7.88
C ASN I 138 -42.85 -36.90 -7.40
N GLY I 139 -42.43 -36.39 -6.26
CA GLY I 139 -43.07 -35.24 -5.66
C GLY I 139 -42.60 -33.93 -6.25
N ASN I 140 -43.00 -32.84 -5.60
CA ASN I 140 -42.64 -31.49 -6.02
C ASN I 140 -42.35 -30.65 -4.79
N SER I 141 -41.63 -29.55 -5.00
CA SER I 141 -41.25 -28.68 -3.91
C SER I 141 -41.06 -27.26 -4.42
N PHE I 142 -41.37 -26.30 -3.58
CA PHE I 142 -41.32 -24.89 -3.95
C PHE I 142 -40.80 -24.11 -2.75
N THR I 143 -39.55 -23.65 -2.82
CA THR I 143 -38.84 -23.12 -1.67
C THR I 143 -38.23 -21.79 -2.10
N SER I 144 -37.78 -20.99 -1.14
CA SER I 144 -36.94 -19.84 -1.43
C SER I 144 -35.71 -19.86 -0.54
N TYR I 145 -34.90 -18.83 -0.66
CA TYR I 145 -33.72 -18.65 0.18
C TYR I 145 -33.80 -17.33 0.94
N LYS I 146 -33.30 -17.35 2.17
CA LYS I 146 -33.20 -16.15 2.98
C LYS I 146 -31.97 -15.40 2.49
N ASP I 147 -32.19 -14.50 1.54
CA ASP I 147 -31.15 -13.64 1.02
C ASP I 147 -31.08 -12.36 1.86
N SER I 148 -30.34 -11.37 1.39
CA SER I 148 -30.38 -10.05 1.99
C SER I 148 -31.55 -9.22 1.48
N ALA I 149 -32.27 -9.70 0.47
CA ALA I 149 -33.44 -9.01 -0.05
C ALA I 149 -34.74 -9.58 0.50
N ASP I 150 -34.72 -10.79 1.06
CA ASP I 150 -35.84 -11.46 1.73
C ASP I 150 -37.04 -11.62 0.78
N ARG I 151 -36.81 -12.42 -0.25
CA ARG I 151 -37.76 -12.54 -1.34
C ARG I 151 -38.72 -13.70 -1.12
N THR I 152 -39.83 -13.67 -1.85
CA THR I 152 -40.80 -14.75 -1.91
C THR I 152 -40.58 -15.54 -3.19
N THR I 153 -41.52 -16.43 -3.50
CA THR I 153 -41.48 -17.14 -4.77
C THR I 153 -42.62 -16.77 -5.69
N ARG I 154 -43.85 -16.68 -5.18
CA ARG I 154 -45.05 -16.29 -5.92
C ARG I 154 -45.33 -17.20 -7.11
N VAL I 155 -45.14 -18.50 -6.90
CA VAL I 155 -45.39 -19.49 -7.96
C VAL I 155 -46.88 -19.57 -8.22
N ASP I 156 -47.28 -19.40 -9.47
CA ASP I 156 -48.69 -19.34 -9.83
C ASP I 156 -49.00 -20.40 -10.87
N PHE I 157 -50.29 -20.73 -10.99
CA PHE I 157 -50.79 -21.63 -12.03
C PHE I 157 -52.19 -21.19 -12.39
N ASN I 158 -52.64 -21.52 -13.58
CA ASN I 158 -53.97 -21.09 -13.99
C ASN I 158 -54.66 -22.16 -14.83
N ALA I 159 -54.62 -23.40 -14.37
CA ALA I 159 -55.06 -24.54 -15.16
C ALA I 159 -56.59 -24.65 -15.17
N LYS I 160 -57.11 -25.80 -15.60
CA LYS I 160 -58.55 -26.02 -15.64
C LYS I 160 -59.01 -27.02 -14.59
N ASN I 161 -58.46 -28.23 -14.58
CA ASN I 161 -58.38 -29.05 -13.39
C ASN I 161 -56.94 -28.98 -12.93
N ILE I 162 -56.61 -29.54 -11.77
CA ILE I 162 -55.24 -29.53 -11.28
C ILE I 162 -54.75 -30.93 -10.93
N LEU I 163 -55.50 -31.68 -10.12
CA LEU I 163 -55.29 -33.12 -9.92
C LEU I 163 -53.89 -33.43 -9.37
N ILE I 164 -53.69 -33.06 -8.09
CA ILE I 164 -52.36 -33.03 -7.47
C ILE I 164 -51.64 -34.37 -7.57
N ASP I 165 -52.26 -35.43 -7.03
CA ASP I 165 -51.95 -36.82 -7.34
C ASP I 165 -50.59 -37.35 -6.88
N ASN I 166 -49.74 -36.50 -6.32
CA ASN I 166 -48.54 -36.91 -5.59
C ASN I 166 -48.14 -35.72 -4.72
N PHE I 167 -47.24 -35.97 -3.77
CA PHE I 167 -47.02 -35.01 -2.69
C PHE I 167 -46.33 -33.75 -3.19
N LEU I 168 -46.55 -32.67 -2.45
CA LEU I 168 -46.03 -31.35 -2.78
C LEU I 168 -45.63 -30.68 -1.47
N GLU I 169 -44.39 -30.22 -1.39
CA GLU I 169 -43.86 -29.64 -0.17
C GLU I 169 -43.53 -28.18 -0.39
N ILE I 170 -44.36 -27.30 0.14
CA ILE I 170 -44.22 -25.88 -0.06
C ILE I 170 -43.33 -25.33 1.06
N ASN I 171 -42.28 -24.62 0.66
CA ASN I 171 -41.25 -24.08 1.56
C ASN I 171 -40.62 -25.17 2.42
N ASN I 172 -40.06 -26.19 1.78
CA ASN I 172 -39.48 -27.29 2.53
C ASN I 172 -38.08 -26.92 3.03
N ARG I 173 -37.41 -27.88 3.64
CA ARG I 173 -35.97 -27.79 3.83
C ARG I 173 -35.32 -28.26 2.54
N VAL I 174 -34.24 -27.57 2.16
CA VAL I 174 -33.57 -27.89 0.90
C VAL I 174 -32.84 -29.22 1.00
N GLY I 175 -31.84 -29.29 1.87
CA GLY I 175 -31.21 -30.54 2.20
C GLY I 175 -31.38 -30.90 3.65
N SER I 176 -30.34 -30.67 4.43
CA SER I 176 -30.33 -30.98 5.87
C SER I 176 -29.65 -29.82 6.59
N GLY I 177 -30.44 -28.84 7.01
CA GLY I 177 -30.00 -27.84 7.96
C GLY I 177 -29.10 -26.75 7.42
N ALA I 178 -27.89 -27.12 7.01
CA ALA I 178 -26.83 -26.13 6.74
C ALA I 178 -27.04 -25.47 5.38
N GLY I 179 -26.04 -24.73 4.93
CA GLY I 179 -26.19 -23.96 3.72
C GLY I 179 -27.06 -22.74 3.96
N ARG I 180 -27.79 -22.35 2.92
CA ARG I 180 -28.68 -21.20 3.03
C ARG I 180 -30.05 -21.64 3.54
N LYS I 181 -30.62 -20.80 4.39
CA LYS I 181 -31.91 -21.11 4.99
C LYS I 181 -33.05 -20.68 4.07
N ALA I 182 -34.26 -21.11 4.41
CA ALA I 182 -35.43 -20.95 3.56
C ALA I 182 -36.28 -19.81 4.06
N SER I 183 -36.61 -18.87 3.17
CA SER I 183 -37.51 -17.77 3.49
C SER I 183 -38.93 -18.15 3.08
N SER I 184 -39.81 -17.15 3.01
CA SER I 184 -41.22 -17.38 2.75
C SER I 184 -41.48 -17.73 1.29
N THR I 185 -42.72 -18.11 1.01
CA THR I 185 -43.18 -18.41 -0.34
C THR I 185 -44.68 -18.25 -0.42
N VAL I 186 -45.18 -18.21 -1.65
CA VAL I 186 -46.61 -18.16 -1.94
C VAL I 186 -46.87 -19.06 -3.13
N LEU I 187 -47.80 -19.99 -2.98
CA LEU I 187 -48.25 -20.82 -4.08
C LEU I 187 -49.70 -20.45 -4.39
N THR I 188 -50.02 -20.32 -5.67
CA THR I 188 -51.38 -19.98 -6.08
C THR I 188 -51.85 -20.96 -7.12
N LEU I 189 -52.95 -21.64 -6.84
CA LEU I 189 -53.52 -22.62 -7.73
C LEU I 189 -54.91 -22.15 -8.12
N GLN I 190 -55.11 -21.82 -9.39
CA GLN I 190 -56.27 -21.02 -9.77
C GLN I 190 -57.02 -21.71 -10.89
N ALA I 191 -57.40 -22.96 -10.67
CA ALA I 191 -58.19 -23.71 -11.64
C ALA I 191 -59.59 -23.14 -11.79
N SER I 192 -60.37 -23.77 -12.66
CA SER I 192 -61.74 -23.35 -12.86
C SER I 192 -62.72 -24.51 -12.96
N GLU I 193 -62.31 -25.72 -12.60
CA GLU I 193 -63.22 -26.85 -12.56
C GLU I 193 -63.07 -27.72 -11.32
N GLY I 194 -62.01 -27.58 -10.57
CA GLY I 194 -61.84 -28.35 -9.35
C GLY I 194 -60.38 -28.62 -9.09
N ILE I 195 -60.00 -28.55 -7.83
CA ILE I 195 -58.65 -28.89 -7.38
C ILE I 195 -58.81 -30.14 -6.52
N THR I 196 -58.74 -31.30 -7.14
CA THR I 196 -58.86 -32.51 -6.35
C THR I 196 -57.46 -32.99 -6.01
N SER I 197 -57.40 -34.20 -5.47
CA SER I 197 -56.13 -34.79 -5.05
C SER I 197 -56.30 -36.29 -4.96
N SER I 198 -55.19 -37.00 -4.88
CA SER I 198 -55.26 -38.44 -4.68
C SER I 198 -55.09 -38.76 -3.21
N LYS I 199 -55.06 -40.06 -2.91
CA LYS I 199 -55.06 -40.51 -1.53
C LYS I 199 -53.70 -40.33 -0.86
N ASN I 200 -52.62 -40.54 -1.61
CA ASN I 200 -51.27 -40.45 -1.07
C ASN I 200 -50.56 -39.17 -1.45
N ALA I 201 -51.28 -38.05 -1.50
CA ALA I 201 -50.68 -36.76 -1.87
C ALA I 201 -50.56 -35.91 -0.61
N GLU I 202 -49.38 -35.97 0.00
CA GLU I 202 -49.11 -35.25 1.24
C GLU I 202 -48.77 -33.80 0.92
N ILE I 203 -49.74 -32.93 1.04
CA ILE I 203 -49.46 -31.50 0.99
C ILE I 203 -48.93 -31.07 2.34
N SER I 204 -47.69 -30.58 2.36
CA SER I 204 -47.06 -30.24 3.63
C SER I 204 -46.40 -28.89 3.48
N LEU I 205 -47.10 -27.84 3.86
CA LEU I 205 -46.57 -26.49 3.80
C LEU I 205 -46.03 -26.09 5.16
N TYR I 206 -44.94 -25.31 5.15
CA TYR I 206 -44.13 -25.13 6.34
C TYR I 206 -44.14 -23.68 6.80
N ASP I 207 -43.18 -23.34 7.66
CA ASP I 207 -43.06 -22.08 8.42
C ASP I 207 -43.43 -20.82 7.66
N GLY I 208 -43.03 -20.69 6.40
CA GLY I 208 -43.30 -19.44 5.72
C GLY I 208 -44.35 -19.54 4.64
N ALA I 209 -44.87 -20.73 4.43
CA ALA I 209 -45.63 -21.02 3.22
C ALA I 209 -47.07 -20.59 3.35
N THR I 210 -47.64 -20.18 2.22
CA THR I 210 -49.07 -19.94 2.09
C THR I 210 -49.58 -20.77 0.93
N LEU I 211 -50.86 -20.62 0.63
CA LEU I 211 -51.50 -21.34 -0.47
C LEU I 211 -52.80 -20.62 -0.78
N ASN I 212 -52.96 -20.17 -2.01
CA ASN I 212 -54.20 -19.54 -2.42
C ASN I 212 -54.88 -20.43 -3.45
N LEU I 213 -56.17 -20.68 -3.27
CA LEU I 213 -56.94 -21.51 -4.18
C LEU I 213 -58.09 -20.68 -4.71
N ALA I 214 -58.50 -20.93 -5.96
CA ALA I 214 -59.58 -20.09 -6.49
C ALA I 214 -60.54 -20.83 -7.40
N SER I 215 -60.55 -22.15 -7.35
CA SER I 215 -61.44 -22.92 -8.23
C SER I 215 -62.79 -23.06 -7.54
N ASN I 216 -63.63 -23.98 -7.99
CA ASN I 216 -64.74 -24.44 -7.17
C ASN I 216 -64.53 -25.91 -6.80
N SER I 217 -64.97 -26.25 -5.59
CA SER I 217 -64.98 -27.60 -5.02
C SER I 217 -63.56 -28.18 -4.92
N VAL I 218 -62.76 -27.54 -4.07
CA VAL I 218 -61.52 -28.14 -3.61
C VAL I 218 -61.86 -29.39 -2.81
N LYS I 219 -61.25 -30.52 -3.16
CA LYS I 219 -61.46 -31.73 -2.37
C LYS I 219 -60.16 -32.50 -2.21
N LEU I 220 -59.37 -32.11 -1.21
CA LEU I 220 -58.05 -32.67 -0.97
C LEU I 220 -58.20 -33.95 -0.17
N ASN I 221 -58.12 -35.09 -0.83
CA ASN I 221 -58.33 -36.36 -0.16
C ASN I 221 -57.06 -36.91 0.47
N GLY I 222 -56.06 -36.07 0.76
CA GLY I 222 -54.82 -36.53 1.32
C GLY I 222 -54.42 -35.76 2.56
N ASN I 223 -53.24 -36.12 3.06
CA ASN I 223 -52.69 -35.55 4.29
C ASN I 223 -52.28 -34.12 4.04
N VAL I 224 -53.12 -33.17 4.45
CA VAL I 224 -52.69 -31.79 4.48
C VAL I 224 -51.96 -31.53 5.79
N TRP I 225 -50.75 -31.01 5.70
CA TRP I 225 -49.86 -30.95 6.86
C TRP I 225 -49.38 -29.52 7.06
N MET I 226 -50.16 -28.71 7.77
CA MET I 226 -49.77 -27.33 8.01
C MET I 226 -48.79 -27.29 9.18
N GLY I 227 -47.58 -26.85 8.91
CA GLY I 227 -46.60 -26.73 9.98
C GLY I 227 -45.86 -28.03 10.18
N ARG I 228 -44.54 -28.01 10.00
CA ARG I 228 -43.75 -29.20 10.15
C ARG I 228 -42.39 -28.77 10.69
N LEU I 229 -41.65 -29.73 11.24
CA LEU I 229 -40.27 -29.47 11.66
C LEU I 229 -39.46 -29.16 10.42
N GLN I 230 -39.17 -27.87 10.23
CA GLN I 230 -38.42 -27.45 9.06
C GLN I 230 -36.97 -27.89 9.15
N TYR I 231 -36.40 -27.86 10.35
CA TYR I 231 -35.05 -28.29 10.59
C TYR I 231 -35.07 -29.46 11.57
N VAL I 232 -33.88 -29.98 11.89
CA VAL I 232 -33.80 -31.29 12.50
C VAL I 232 -34.11 -31.26 13.99
N GLY I 233 -33.76 -30.18 14.69
CA GLY I 233 -33.93 -30.18 16.14
C GLY I 233 -34.65 -28.96 16.67
N ALA I 234 -34.95 -27.99 15.81
CA ALA I 234 -35.56 -26.73 16.22
C ALA I 234 -37.03 -26.98 16.58
N TYR I 235 -37.24 -27.40 17.83
CA TYR I 235 -38.58 -27.59 18.33
C TYR I 235 -39.25 -26.28 18.75
N LEU I 236 -38.49 -25.18 18.74
CA LEU I 236 -38.99 -23.90 19.22
C LEU I 236 -39.21 -22.91 18.09
N ALA I 237 -39.45 -23.39 16.88
CA ALA I 237 -39.75 -22.50 15.78
C ALA I 237 -41.19 -21.99 15.89
N PRO I 238 -41.47 -20.81 15.36
CA PRO I 238 -42.86 -20.32 15.31
C PRO I 238 -43.76 -21.16 14.41
N SER I 239 -43.34 -21.36 13.16
CA SER I 239 -43.97 -22.27 12.19
C SER I 239 -45.44 -21.89 11.92
N TYR I 240 -45.60 -20.75 11.26
CA TYR I 240 -46.91 -20.33 10.78
C TYR I 240 -47.22 -20.96 9.43
N SER I 241 -48.46 -20.81 8.99
CA SER I 241 -48.88 -21.23 7.66
C SER I 241 -50.20 -20.55 7.34
N THR I 242 -50.72 -20.82 6.14
CA THR I 242 -51.97 -20.26 5.65
C THR I 242 -52.43 -21.07 4.45
N ILE I 243 -53.69 -21.48 4.45
CA ILE I 243 -54.30 -22.02 3.24
C ILE I 243 -55.52 -21.17 2.95
N ASN I 244 -55.32 -20.13 2.16
CA ASN I 244 -56.32 -19.08 1.97
C ASN I 244 -57.22 -19.51 0.82
N THR I 245 -58.21 -20.33 1.13
CA THR I 245 -59.17 -20.77 0.12
C THR I 245 -60.31 -19.78 -0.03
N SER I 246 -59.99 -18.50 -0.24
CA SER I 246 -60.97 -17.44 -0.16
C SER I 246 -61.93 -17.41 -1.34
N LYS I 247 -61.47 -17.74 -2.53
CA LYS I 247 -62.28 -17.53 -3.72
C LYS I 247 -63.16 -18.71 -4.06
N VAL I 248 -63.12 -19.77 -3.27
CA VAL I 248 -63.67 -21.06 -3.66
C VAL I 248 -65.19 -20.98 -3.62
N THR I 249 -65.81 -20.94 -4.80
CA THR I 249 -67.25 -20.76 -4.90
C THR I 249 -68.02 -22.07 -4.75
N GLY I 250 -67.35 -23.17 -4.50
CA GLY I 250 -68.03 -24.46 -4.46
C GLY I 250 -68.08 -25.10 -3.10
N GLU I 251 -67.47 -26.28 -2.98
CA GLU I 251 -67.59 -27.12 -1.80
C GLU I 251 -66.19 -27.47 -1.32
N VAL I 252 -65.71 -26.77 -0.30
CA VAL I 252 -64.42 -27.11 0.30
C VAL I 252 -64.56 -28.44 1.02
N ASN I 253 -63.57 -29.31 0.85
CA ASN I 253 -63.68 -30.64 1.44
C ASN I 253 -62.27 -31.13 1.74
N PHE I 254 -61.79 -30.88 2.95
CA PHE I 254 -60.58 -31.57 3.32
C PHE I 254 -60.89 -33.00 3.72
N ASN I 255 -59.86 -33.78 3.97
CA ASN I 255 -60.14 -35.12 4.45
C ASN I 255 -59.29 -35.46 5.66
N HIS I 256 -58.07 -34.97 5.71
CA HIS I 256 -57.17 -35.33 6.79
C HIS I 256 -56.25 -34.13 7.02
N LEU I 257 -56.63 -33.29 7.97
CA LEU I 257 -55.84 -32.12 8.27
C LEU I 257 -55.00 -32.35 9.52
N THR I 258 -53.74 -31.95 9.44
CA THR I 258 -52.82 -32.21 10.54
C THR I 258 -51.98 -30.97 10.78
N VAL I 259 -52.15 -30.35 11.93
CA VAL I 259 -51.50 -29.09 12.26
C VAL I 259 -50.38 -29.37 13.25
N GLY I 260 -49.18 -28.92 12.92
CA GLY I 260 -48.15 -28.90 13.93
C GLY I 260 -47.42 -30.22 14.06
N ASP I 261 -46.14 -30.13 14.38
CA ASP I 261 -45.31 -31.30 14.64
C ASP I 261 -44.16 -30.85 15.53
N HIS I 262 -44.23 -31.21 16.82
CA HIS I 262 -43.16 -31.00 17.80
C HIS I 262 -42.80 -29.53 17.98
N ASN I 263 -43.80 -28.65 17.83
CA ASN I 263 -43.60 -27.23 18.01
C ASN I 263 -44.95 -26.57 18.29
N ALA I 264 -44.93 -25.26 18.45
CA ALA I 264 -46.13 -24.48 18.70
C ALA I 264 -46.58 -23.83 17.39
N ALA I 265 -47.17 -24.64 16.52
CA ALA I 265 -47.59 -24.13 15.22
C ALA I 265 -48.93 -23.42 15.34
N GLN I 266 -49.06 -22.32 14.61
CA GLN I 266 -50.27 -21.51 14.60
C GLN I 266 -50.72 -21.37 13.16
N ALA I 267 -51.54 -22.30 12.70
CA ALA I 267 -52.01 -22.29 11.33
C ALA I 267 -53.33 -21.51 11.24
N GLY I 268 -53.70 -21.17 10.01
CA GLY I 268 -54.92 -20.42 9.79
C GLY I 268 -55.47 -20.68 8.41
N ILE I 269 -56.77 -20.90 8.33
CA ILE I 269 -57.45 -21.18 7.08
C ILE I 269 -58.53 -20.13 6.89
N ILE I 270 -58.35 -19.26 5.91
CA ILE I 270 -59.34 -18.26 5.60
C ILE I 270 -60.27 -18.88 4.57
N ALA I 271 -61.35 -19.47 5.05
CA ALA I 271 -62.17 -20.32 4.20
C ALA I 271 -63.24 -19.50 3.49
N SER I 272 -64.21 -20.20 2.90
CA SER I 272 -65.28 -19.60 2.13
C SER I 272 -66.62 -20.09 2.64
N ASN I 273 -66.82 -19.95 3.96
CA ASN I 273 -68.05 -20.11 4.73
C ASN I 273 -68.81 -21.43 4.51
N LYS I 274 -68.10 -22.48 4.08
CA LYS I 274 -68.61 -23.84 4.14
C LYS I 274 -67.41 -24.77 4.08
N THR I 275 -67.06 -25.39 5.21
CA THR I 275 -65.79 -26.11 5.27
C THR I 275 -66.02 -27.46 5.96
N HIS I 276 -66.44 -28.45 5.20
CA HIS I 276 -66.43 -29.81 5.72
C HIS I 276 -65.00 -30.28 5.71
N ILE I 277 -64.46 -30.67 6.86
CA ILE I 277 -63.20 -31.39 6.85
C ILE I 277 -63.44 -32.76 7.46
N GLY I 278 -62.40 -33.57 7.46
CA GLY I 278 -62.48 -34.88 8.07
C GLY I 278 -61.72 -34.92 9.37
N THR I 279 -60.78 -35.86 9.48
CA THR I 279 -60.03 -36.04 10.70
C THR I 279 -59.03 -34.90 10.89
N LEU I 280 -59.17 -34.18 11.99
CA LEU I 280 -58.24 -33.14 12.39
C LEU I 280 -57.33 -33.67 13.48
N ASP I 281 -56.03 -33.51 13.31
CA ASP I 281 -55.04 -34.05 14.25
C ASP I 281 -54.14 -32.93 14.73
N LEU I 282 -54.52 -32.25 15.80
CA LEU I 282 -53.68 -31.21 16.36
C LEU I 282 -52.48 -31.81 17.07
N TRP I 283 -51.56 -30.93 17.45
CA TRP I 283 -50.45 -31.29 18.29
C TRP I 283 -50.79 -30.84 19.71
N GLN I 284 -49.83 -30.97 20.65
CA GLN I 284 -50.03 -30.52 22.02
C GLN I 284 -50.26 -29.01 22.10
N SER I 285 -49.49 -28.24 21.34
CA SER I 285 -49.51 -26.79 21.41
C SER I 285 -49.80 -26.18 20.05
N ALA I 286 -50.71 -26.77 19.30
CA ALA I 286 -51.01 -26.34 17.95
C ALA I 286 -52.28 -25.52 17.90
N GLY I 287 -52.20 -24.33 17.32
CA GLY I 287 -53.35 -23.48 17.15
C GLY I 287 -53.95 -23.63 15.75
N LEU I 288 -55.14 -23.08 15.59
CA LEU I 288 -55.83 -23.15 14.31
C LEU I 288 -56.81 -22.00 14.24
N ASN I 289 -56.68 -21.17 13.22
CA ASN I 289 -57.54 -19.99 13.08
C ASN I 289 -58.34 -20.13 11.80
N ILE I 290 -59.44 -20.87 11.87
CA ILE I 290 -60.36 -20.94 10.74
C ILE I 290 -61.17 -19.66 10.76
N ILE I 291 -61.11 -18.89 9.69
CA ILE I 291 -61.75 -17.58 9.63
C ILE I 291 -62.79 -17.60 8.52
N ALA I 292 -64.05 -17.50 8.89
CA ALA I 292 -65.10 -17.34 7.92
C ALA I 292 -65.07 -15.92 7.36
N PRO I 293 -65.62 -15.69 6.17
CA PRO I 293 -65.66 -14.33 5.63
C PRO I 293 -66.64 -13.45 6.39
N PRO I 294 -66.60 -12.12 6.18
CA PRO I 294 -67.61 -11.25 6.79
C PRO I 294 -68.97 -11.36 6.15
N GLU I 295 -69.88 -10.46 6.55
CA GLU I 295 -71.28 -10.56 6.17
C GLU I 295 -71.48 -10.40 4.67
N GLY I 296 -70.97 -9.33 4.09
CA GLY I 296 -71.16 -9.12 2.67
C GLY I 296 -70.07 -9.75 1.83
N GLY I 297 -69.22 -10.55 2.46
CA GLY I 297 -68.07 -11.10 1.79
C GLY I 297 -66.96 -10.09 1.64
N TYR I 298 -65.84 -10.54 1.12
CA TYR I 298 -64.70 -9.67 0.92
C TYR I 298 -64.94 -8.74 -0.26
N LYS I 299 -64.62 -7.46 -0.06
CA LYS I 299 -64.64 -6.40 -1.08
C LYS I 299 -65.97 -6.23 -1.80
N GLN I 335 -32.03 11.53 4.60
CA GLN I 335 -31.72 11.88 3.22
C GLN I 335 -32.97 12.29 2.46
N LYS I 336 -33.96 11.40 2.46
CA LYS I 336 -35.23 11.65 1.78
C LYS I 336 -36.29 10.74 2.38
N THR I 337 -37.47 11.31 2.64
CA THR I 337 -38.59 10.52 3.11
C THR I 337 -39.09 9.62 2.00
N GLU I 338 -39.76 8.54 2.39
CA GLU I 338 -40.42 7.67 1.43
C GLU I 338 -41.67 7.08 2.06
N VAL I 339 -42.75 7.06 1.30
CA VAL I 339 -44.07 6.71 1.80
C VAL I 339 -44.28 5.21 1.56
N GLN I 340 -44.29 4.45 2.63
CA GLN I 340 -44.67 3.05 2.53
C GLN I 340 -46.17 2.96 2.28
N PRO I 341 -46.64 1.94 1.58
CA PRO I 341 -48.07 1.86 1.28
C PRO I 341 -48.90 1.50 2.50
N THR I 342 -50.21 1.72 2.37
CA THR I 342 -51.13 1.50 3.47
C THR I 342 -51.27 0.02 3.77
N GLN I 343 -50.76 -0.39 4.91
CA GLN I 343 -50.77 -1.77 5.35
C GLN I 343 -52.04 -1.97 6.17
N VAL I 344 -53.14 -2.27 5.49
CA VAL I 344 -54.42 -2.49 6.16
C VAL I 344 -54.33 -3.79 6.93
N ILE I 345 -54.70 -3.77 8.20
CA ILE I 345 -54.56 -4.92 9.08
C ILE I 345 -55.97 -5.37 9.46
N ASP I 346 -56.08 -6.60 9.97
CA ASP I 346 -57.35 -7.19 10.32
C ASP I 346 -57.42 -7.41 11.81
N GLY I 347 -58.62 -7.25 12.36
CA GLY I 347 -58.88 -7.68 13.72
C GLY I 347 -59.77 -8.90 13.71
N PRO I 348 -60.03 -9.47 14.88
CA PRO I 348 -60.97 -10.59 14.94
C PRO I 348 -62.41 -10.12 14.75
N PHE I 349 -62.97 -10.36 13.58
CA PHE I 349 -64.31 -9.90 13.26
C PHE I 349 -65.30 -11.03 13.40
N ALA I 350 -66.55 -10.76 13.04
CA ALA I 350 -67.62 -11.75 13.11
C ALA I 350 -67.89 -12.28 11.71
N GLY I 351 -68.11 -13.58 11.60
CA GLY I 351 -68.44 -14.17 10.33
C GLY I 351 -69.85 -13.80 9.89
N GLY I 352 -70.18 -14.18 8.67
CA GLY I 352 -71.51 -13.96 8.14
C GLY I 352 -72.55 -14.86 8.79
N LYS I 353 -73.74 -14.84 8.19
CA LYS I 353 -74.87 -15.55 8.80
C LYS I 353 -74.75 -17.06 8.63
N ASP I 354 -74.59 -17.52 7.39
CA ASP I 354 -74.52 -18.95 7.09
C ASP I 354 -73.07 -19.41 6.89
N THR I 355 -72.31 -19.34 7.98
CA THR I 355 -70.91 -19.75 7.98
C THR I 355 -70.81 -21.01 8.82
N VAL I 356 -70.51 -22.13 8.18
CA VAL I 356 -70.58 -23.45 8.80
C VAL I 356 -69.21 -24.11 8.68
N VAL I 357 -68.71 -24.67 9.78
CA VAL I 357 -67.44 -25.38 9.79
C VAL I 357 -67.69 -26.77 10.36
N ASN I 358 -67.85 -27.76 9.49
CA ASN I 358 -68.30 -29.09 9.89
C ASN I 358 -67.12 -30.00 10.15
N ILE I 359 -66.27 -29.64 11.10
CA ILE I 359 -65.18 -30.51 11.50
C ILE I 359 -65.74 -31.76 12.16
N ASP I 360 -65.33 -32.94 11.72
CA ASP I 360 -66.02 -34.13 12.18
C ASP I 360 -65.20 -35.05 13.08
N ARG I 361 -63.91 -34.76 13.31
CA ARG I 361 -63.13 -35.49 14.29
C ARG I 361 -61.91 -34.70 14.72
N ILE I 362 -61.71 -34.53 16.01
CA ILE I 362 -60.56 -33.80 16.53
C ILE I 362 -59.75 -34.76 17.39
N ASN I 363 -58.59 -35.15 16.91
CA ASN I 363 -57.69 -35.92 17.73
C ASN I 363 -56.56 -35.01 18.21
N THR I 364 -55.61 -35.59 18.94
CA THR I 364 -54.44 -34.85 19.40
C THR I 364 -53.31 -35.85 19.61
N LYS I 365 -52.16 -35.58 19.00
CA LYS I 365 -50.98 -36.41 19.24
C LYS I 365 -50.17 -35.80 20.37
N ALA I 366 -50.12 -36.50 21.51
CA ALA I 366 -49.53 -35.92 22.71
C ALA I 366 -48.44 -36.82 23.23
N ASP I 367 -47.19 -36.50 22.86
CA ASP I 367 -46.03 -37.09 23.51
C ASP I 367 -44.93 -36.04 23.55
N GLY I 368 -43.88 -36.33 24.32
CA GLY I 368 -42.76 -35.42 24.40
C GLY I 368 -42.39 -35.04 25.81
N THR I 369 -42.05 -33.77 26.01
CA THR I 369 -41.60 -33.32 27.32
C THR I 369 -42.78 -33.11 28.26
N ILE I 370 -42.47 -32.66 29.48
CA ILE I 370 -43.47 -32.37 30.49
C ILE I 370 -43.24 -30.95 30.98
N LYS I 371 -44.26 -30.11 30.87
CA LYS I 371 -44.18 -28.72 31.26
C LYS I 371 -44.98 -28.56 32.55
N VAL I 372 -44.88 -27.37 33.17
CA VAL I 372 -45.51 -27.10 34.44
C VAL I 372 -47.03 -27.10 34.37
N GLY I 373 -47.61 -26.95 33.19
CA GLY I 373 -49.03 -27.10 32.97
C GLY I 373 -49.30 -28.15 31.91
N GLY I 374 -50.33 -27.91 31.11
CA GLY I 374 -50.55 -28.74 29.96
C GLY I 374 -49.77 -28.22 28.77
N PHE I 375 -50.39 -28.20 27.60
CA PHE I 375 -49.85 -27.43 26.48
C PHE I 375 -50.91 -26.65 25.72
N LYS I 376 -52.20 -26.91 25.97
CA LYS I 376 -53.32 -26.13 25.47
C LYS I 376 -53.37 -26.10 23.94
N ALA I 377 -53.67 -27.27 23.39
CA ALA I 377 -54.10 -27.34 22.00
C ALA I 377 -55.39 -26.54 21.83
N SER I 378 -55.51 -25.86 20.70
CA SER I 378 -56.60 -24.92 20.53
C SER I 378 -56.96 -24.78 19.07
N LEU I 379 -58.22 -24.46 18.81
CA LEU I 379 -58.63 -23.99 17.50
C LEU I 379 -59.56 -22.82 17.71
N THR I 380 -59.54 -21.86 16.80
CA THR I 380 -60.25 -20.62 16.95
C THR I 380 -61.06 -20.34 15.70
N THR I 381 -62.36 -20.21 15.85
CA THR I 381 -63.26 -20.10 14.72
C THR I 381 -64.17 -18.92 14.94
N ASN I 382 -64.27 -18.02 13.96
CA ASN I 382 -65.28 -16.98 14.07
C ASN I 382 -66.43 -17.19 13.11
N ALA I 383 -66.84 -18.44 12.90
CA ALA I 383 -68.01 -18.70 12.11
C ALA I 383 -69.26 -18.73 12.99
N ALA I 384 -70.41 -18.61 12.34
CA ALA I 384 -71.67 -18.58 13.07
C ALA I 384 -72.12 -19.95 13.54
N HIS I 385 -71.46 -21.02 13.09
CA HIS I 385 -71.72 -22.36 13.58
C HIS I 385 -70.40 -23.10 13.62
N LEU I 386 -70.22 -23.95 14.61
CA LEU I 386 -69.08 -24.87 14.61
C LEU I 386 -69.65 -26.25 14.94
N ASN I 387 -70.20 -26.92 13.94
CA ASN I 387 -70.76 -28.23 14.16
C ASN I 387 -69.63 -29.24 14.25
N ILE I 388 -69.66 -30.08 15.27
CA ILE I 388 -68.71 -31.17 15.37
C ILE I 388 -69.48 -32.47 15.40
N GLY I 389 -69.27 -33.29 14.39
CA GLY I 389 -70.11 -34.43 14.13
C GLY I 389 -69.80 -35.64 14.99
N LYS I 390 -70.08 -36.81 14.41
CA LYS I 390 -70.23 -38.03 15.19
C LYS I 390 -68.89 -38.64 15.58
N GLY I 391 -67.78 -38.13 15.05
CA GLY I 391 -66.49 -38.61 15.49
C GLY I 391 -66.13 -38.19 16.91
N GLY I 392 -66.67 -37.06 17.36
CA GLY I 392 -66.44 -36.62 18.71
C GLY I 392 -65.06 -36.05 18.92
N VAL I 393 -64.58 -36.08 20.16
CA VAL I 393 -63.34 -35.43 20.55
C VAL I 393 -62.46 -36.46 21.22
N ASN I 394 -61.23 -36.61 20.74
CA ASN I 394 -60.23 -37.43 21.38
C ASN I 394 -59.14 -36.52 21.96
N LEU I 395 -58.40 -37.04 22.93
CA LEU I 395 -57.35 -36.26 23.56
C LEU I 395 -56.34 -37.25 24.16
N SER I 396 -55.15 -37.32 23.56
CA SER I 396 -54.10 -38.13 24.15
C SER I 396 -53.52 -37.38 25.34
N ASN I 397 -53.03 -38.12 26.33
CA ASN I 397 -52.67 -37.57 27.62
C ASN I 397 -51.32 -38.12 28.05
N GLN I 398 -50.36 -37.24 28.28
CA GLN I 398 -49.07 -37.59 28.87
C GLN I 398 -49.20 -37.39 30.38
N ALA I 399 -48.08 -37.30 31.12
CA ALA I 399 -48.14 -37.23 32.58
C ALA I 399 -48.81 -35.96 33.08
N SER I 400 -48.56 -34.83 32.43
CA SER I 400 -49.34 -33.64 32.74
C SER I 400 -50.64 -33.67 31.95
N GLY I 401 -51.65 -32.98 32.46
CA GLY I 401 -52.95 -33.00 31.83
C GLY I 401 -53.04 -32.10 30.63
N ARG I 402 -53.24 -32.68 29.45
CA ARG I 402 -53.35 -31.90 28.24
C ARG I 402 -54.66 -31.12 28.22
N THR I 403 -54.71 -30.10 27.39
CA THR I 403 -55.80 -29.14 27.40
C THR I 403 -56.25 -28.88 25.97
N LEU I 404 -57.55 -28.96 25.74
CA LEU I 404 -58.12 -28.67 24.43
C LEU I 404 -59.02 -27.46 24.54
N LEU I 405 -58.82 -26.48 23.65
CA LEU I 405 -59.54 -25.22 23.66
C LEU I 405 -60.34 -25.10 22.36
N VAL I 406 -61.59 -25.51 22.38
CA VAL I 406 -62.45 -25.45 21.20
C VAL I 406 -63.14 -24.11 21.28
N GLU I 407 -62.46 -23.07 20.85
CA GLU I 407 -62.97 -21.72 21.01
C GLU I 407 -63.89 -21.39 19.84
N ASN I 408 -64.81 -20.46 20.08
CA ASN I 408 -65.60 -19.86 19.02
C ASN I 408 -65.78 -18.40 19.39
N LEU I 409 -65.46 -17.50 18.47
CA LEU I 409 -65.54 -16.09 18.81
C LEU I 409 -66.97 -15.59 18.76
N THR I 410 -67.60 -15.62 17.59
CA THR I 410 -68.93 -15.02 17.43
C THR I 410 -69.92 -16.04 16.90
N GLY I 411 -69.94 -17.24 17.48
CA GLY I 411 -70.88 -18.23 17.00
C GLY I 411 -71.44 -19.18 18.04
N ASN I 412 -71.83 -20.37 17.59
CA ASN I 412 -72.34 -21.43 18.44
C ASN I 412 -71.38 -22.59 18.40
N ILE I 413 -71.60 -23.57 19.26
CA ILE I 413 -70.89 -24.85 19.20
C ILE I 413 -71.91 -25.94 19.34
N THR I 414 -71.91 -26.89 18.40
CA THR I 414 -72.86 -27.99 18.43
C THR I 414 -72.05 -29.28 18.35
N VAL I 415 -71.57 -29.76 19.48
CA VAL I 415 -70.83 -31.01 19.53
C VAL I 415 -71.84 -32.14 19.63
N ASP I 416 -71.74 -33.11 18.73
CA ASP I 416 -72.66 -34.25 18.74
C ASP I 416 -71.92 -35.57 18.91
N GLY I 417 -70.81 -35.58 19.62
CA GLY I 417 -70.01 -36.77 19.75
C GLY I 417 -69.52 -37.02 21.15
N PRO I 418 -68.99 -38.23 21.39
CA PRO I 418 -68.54 -38.58 22.75
C PRO I 418 -67.17 -37.99 23.04
N LEU I 419 -67.06 -37.33 24.19
CA LEU I 419 -65.80 -36.71 24.57
C LEU I 419 -64.86 -37.78 25.13
N ARG I 420 -64.05 -38.36 24.26
CA ARG I 420 -63.09 -39.37 24.67
C ARG I 420 -61.83 -38.71 25.21
N VAL I 421 -61.00 -39.52 25.83
CA VAL I 421 -59.64 -39.15 26.20
C VAL I 421 -58.81 -40.43 26.23
N ASN I 422 -57.66 -40.38 25.55
CA ASN I 422 -56.82 -41.56 25.22
C ASN I 422 -57.60 -42.60 24.43
N ASN I 423 -58.60 -42.13 23.68
CA ASN I 423 -59.47 -42.93 22.81
C ASN I 423 -60.22 -44.02 23.59
N GLN I 424 -60.90 -43.60 24.66
CA GLN I 424 -62.00 -44.37 25.23
C GLN I 424 -62.96 -43.41 25.90
N VAL I 425 -64.19 -43.87 26.11
CA VAL I 425 -65.27 -42.98 26.55
C VAL I 425 -65.09 -42.58 28.00
N GLY I 426 -64.74 -43.54 28.86
CA GLY I 426 -64.49 -43.24 30.26
C GLY I 426 -63.25 -42.41 30.46
N GLY I 427 -62.09 -43.01 30.19
CA GLY I 427 -60.85 -42.26 30.20
C GLY I 427 -60.38 -41.80 31.55
N TYR I 428 -59.93 -42.73 32.38
CA TYR I 428 -59.34 -42.36 33.66
C TYR I 428 -58.00 -41.65 33.45
N ALA I 429 -57.74 -40.69 34.32
CA ALA I 429 -56.50 -39.92 34.29
C ALA I 429 -56.02 -39.73 35.71
N LEU I 430 -54.71 -39.64 35.88
CA LEU I 430 -54.10 -39.59 37.20
C LEU I 430 -54.17 -38.16 37.74
N ALA I 431 -53.61 -37.95 38.94
CA ALA I 431 -53.80 -36.69 39.65
C ALA I 431 -53.02 -35.55 39.00
N GLY I 432 -51.78 -35.83 38.60
CA GLY I 432 -51.01 -34.85 37.84
C GLY I 432 -51.50 -34.66 36.42
N SER I 433 -52.31 -35.58 35.91
CA SER I 433 -52.86 -35.48 34.57
C SER I 433 -54.30 -35.01 34.68
N SER I 434 -54.48 -33.70 34.78
CA SER I 434 -55.81 -33.10 34.81
C SER I 434 -56.16 -32.67 33.39
N ALA I 435 -56.88 -33.53 32.68
CA ALA I 435 -57.27 -33.25 31.30
C ALA I 435 -58.31 -32.13 31.31
N ASN I 436 -58.12 -31.15 30.44
CA ASN I 436 -58.91 -29.91 30.48
C ASN I 436 -59.62 -29.72 29.16
N PHE I 437 -60.84 -30.22 29.04
CA PHE I 437 -61.71 -29.82 27.94
C PHE I 437 -62.18 -28.40 28.20
N GLU I 438 -62.34 -27.65 27.13
CA GLU I 438 -62.65 -26.24 27.29
C GLU I 438 -63.38 -25.73 26.06
N PHE I 439 -64.48 -25.03 26.29
CA PHE I 439 -65.34 -24.59 25.22
C PHE I 439 -65.66 -23.12 25.45
N LYS I 440 -65.73 -22.35 24.39
CA LYS I 440 -65.98 -20.92 24.45
C LYS I 440 -66.95 -20.60 23.34
N ALA I 441 -68.24 -20.58 23.63
CA ALA I 441 -69.25 -20.40 22.59
C ALA I 441 -69.77 -18.98 22.63
N GLY I 442 -69.45 -18.20 21.60
CA GLY I 442 -69.95 -16.85 21.50
C GLY I 442 -69.28 -15.90 22.46
N VAL I 443 -67.97 -15.70 22.31
CA VAL I 443 -67.22 -14.92 23.28
C VAL I 443 -67.51 -13.44 23.13
N ASP I 444 -67.22 -12.87 21.96
CA ASP I 444 -67.26 -11.43 21.80
C ASP I 444 -68.67 -10.89 21.59
N THR I 445 -69.66 -11.75 21.44
CA THR I 445 -71.04 -11.29 21.33
C THR I 445 -71.92 -11.73 22.50
N LYS I 446 -71.46 -12.72 23.27
CA LYS I 446 -72.06 -13.13 24.55
C LYS I 446 -73.51 -13.59 24.42
N ASN I 447 -73.85 -14.15 23.26
CA ASN I 447 -75.17 -14.73 23.05
C ASN I 447 -75.07 -16.03 22.26
N GLY I 448 -74.10 -16.86 22.59
CA GLY I 448 -73.86 -18.11 21.88
C GLY I 448 -74.08 -19.31 22.78
N THR I 449 -74.85 -20.28 22.29
CA THR I 449 -75.12 -21.50 23.00
C THR I 449 -74.02 -22.51 22.73
N ALA I 450 -73.81 -23.43 23.68
CA ALA I 450 -72.88 -24.53 23.49
C ALA I 450 -73.66 -25.82 23.67
N THR I 451 -74.36 -26.25 22.63
CA THR I 451 -75.26 -27.39 22.71
C THR I 451 -74.49 -28.68 22.51
N PHE I 452 -74.56 -29.58 23.48
CA PHE I 452 -73.90 -30.88 23.38
C PHE I 452 -75.01 -31.92 23.29
N ASN I 453 -75.44 -32.26 22.09
CA ASN I 453 -76.55 -33.19 21.93
C ASN I 453 -76.16 -34.65 22.12
N ASN I 454 -74.96 -34.95 22.60
CA ASN I 454 -74.59 -36.32 22.91
C ASN I 454 -74.35 -36.43 24.40
N ASP I 455 -74.72 -37.58 24.95
CA ASP I 455 -74.55 -37.87 26.37
C ASP I 455 -73.07 -38.02 26.68
N ILE I 456 -72.48 -37.00 27.28
CA ILE I 456 -71.04 -37.02 27.53
C ILE I 456 -70.75 -37.91 28.72
N SER I 457 -69.48 -38.29 28.86
CA SER I 457 -69.05 -39.16 29.94
C SER I 457 -67.61 -38.83 30.29
N LEU I 458 -67.41 -38.31 31.50
CA LEU I 458 -66.10 -37.90 31.96
C LEU I 458 -65.66 -38.80 33.10
N GLY I 459 -64.43 -39.30 33.02
CA GLY I 459 -63.88 -40.16 34.03
C GLY I 459 -63.25 -39.39 35.18
N ARG I 460 -62.01 -39.73 35.50
CA ARG I 460 -61.33 -39.22 36.69
C ARG I 460 -60.27 -38.20 36.28
N PHE I 461 -60.23 -37.07 37.02
CA PHE I 461 -59.32 -35.95 36.79
C PHE I 461 -59.43 -35.38 35.38
N VAL I 462 -60.67 -35.16 34.95
CA VAL I 462 -60.97 -34.50 33.68
C VAL I 462 -61.83 -33.28 33.98
N ASN I 463 -61.52 -32.16 33.34
CA ASN I 463 -62.04 -30.86 33.78
C ASN I 463 -62.73 -30.15 32.62
N LEU I 464 -64.02 -30.41 32.46
CA LEU I 464 -64.83 -29.66 31.51
C LEU I 464 -65.03 -28.23 32.00
N LYS I 465 -64.95 -27.28 31.09
CA LYS I 465 -65.41 -25.93 31.39
C LYS I 465 -66.04 -25.31 30.15
N VAL I 466 -67.20 -24.70 30.35
CA VAL I 466 -68.00 -24.14 29.26
C VAL I 466 -68.32 -22.70 29.60
N ASP I 467 -67.91 -21.78 28.74
CA ASP I 467 -68.12 -20.36 29.00
C ASP I 467 -68.95 -19.80 27.86
N ALA I 468 -70.26 -19.94 27.99
CA ALA I 468 -71.16 -19.60 26.90
C ALA I 468 -72.34 -18.79 27.39
N HIS I 469 -73.35 -18.62 26.55
CA HIS I 469 -74.59 -17.99 26.97
C HIS I 469 -75.57 -18.99 27.58
N THR I 470 -75.92 -20.04 26.86
CA THR I 470 -76.90 -21.01 27.33
C THR I 470 -76.39 -22.40 26.97
N ALA I 471 -75.68 -23.04 27.90
CA ALA I 471 -75.04 -24.33 27.61
C ALA I 471 -76.06 -25.45 27.79
N ASN I 472 -76.77 -25.76 26.72
CA ASN I 472 -77.67 -26.91 26.74
C ASN I 472 -76.87 -28.20 26.77
N PHE I 473 -77.52 -29.27 27.19
CA PHE I 473 -76.90 -30.57 27.31
C PHE I 473 -77.91 -31.66 27.06
N LYS I 474 -77.46 -32.91 27.14
CA LYS I 474 -78.34 -34.05 27.24
C LYS I 474 -77.98 -34.99 28.38
N GLY I 475 -76.76 -34.93 28.91
CA GLY I 475 -76.41 -35.73 30.06
C GLY I 475 -74.93 -35.68 30.37
N ILE I 476 -74.59 -35.55 31.66
CA ILE I 476 -73.21 -35.48 32.12
C ILE I 476 -73.02 -36.58 33.15
N ASP I 477 -72.02 -37.43 32.94
CA ASP I 477 -71.84 -38.62 33.76
C ASP I 477 -70.42 -38.64 34.29
N THR I 478 -70.23 -38.12 35.50
CA THR I 478 -68.91 -38.02 36.11
C THR I 478 -68.81 -38.78 37.43
N GLY I 479 -69.85 -39.54 37.79
CA GLY I 479 -69.81 -40.26 39.05
C GLY I 479 -68.88 -41.45 39.05
N ASN I 480 -68.44 -41.88 37.87
CA ASN I 480 -67.55 -43.02 37.77
C ASN I 480 -66.13 -42.66 38.21
N GLY I 481 -65.64 -41.50 37.82
CA GLY I 481 -64.27 -41.15 38.08
C GLY I 481 -64.04 -40.27 39.29
N GLY I 482 -64.81 -39.19 39.40
CA GLY I 482 -64.61 -38.25 40.48
C GLY I 482 -63.44 -37.30 40.20
N PHE I 483 -63.25 -36.36 41.14
CA PHE I 483 -62.22 -35.32 41.10
C PHE I 483 -62.30 -34.49 39.82
N ASN I 484 -63.53 -34.12 39.47
CA ASN I 484 -63.79 -33.49 38.18
C ASN I 484 -64.20 -32.05 38.43
N THR I 485 -63.44 -31.12 37.85
CA THR I 485 -63.79 -29.71 37.91
C THR I 485 -64.75 -29.43 36.77
N LEU I 486 -66.04 -29.48 37.06
CA LEU I 486 -67.09 -29.25 36.08
C LEU I 486 -67.44 -27.77 36.15
N ASP I 487 -66.59 -26.93 35.56
CA ASP I 487 -66.74 -25.50 35.68
C ASP I 487 -67.77 -25.00 34.69
N PHE I 488 -68.56 -24.02 35.12
CA PHE I 488 -69.53 -23.33 34.28
C PHE I 488 -69.52 -21.85 34.60
N SER I 489 -68.35 -21.31 34.99
CA SER I 489 -68.31 -19.97 35.56
C SER I 489 -68.61 -18.90 34.53
N GLY I 490 -68.34 -19.16 33.25
CA GLY I 490 -68.60 -18.15 32.27
C GLY I 490 -70.04 -18.07 31.80
N VAL I 491 -70.91 -18.97 32.29
CA VAL I 491 -72.26 -19.08 31.75
C VAL I 491 -73.06 -17.83 32.09
N THR I 492 -73.67 -17.24 31.06
CA THR I 492 -74.45 -16.02 31.25
C THR I 492 -75.70 -16.29 32.08
N ASN I 493 -76.63 -17.09 31.56
CA ASN I 493 -77.80 -17.41 32.37
C ASN I 493 -77.97 -18.90 32.66
N LYS I 494 -78.19 -19.76 31.67
CA LYS I 494 -78.75 -21.08 31.97
C LYS I 494 -77.83 -22.21 31.54
N VAL I 495 -77.89 -23.32 32.27
CA VAL I 495 -77.21 -24.56 31.92
C VAL I 495 -78.28 -25.65 32.03
N ASN I 496 -78.85 -26.06 30.90
CA ASN I 496 -80.06 -26.87 30.93
C ASN I 496 -79.72 -28.35 30.80
N ILE I 497 -79.00 -28.87 31.80
CA ILE I 497 -78.59 -30.26 31.82
C ILE I 497 -79.81 -31.16 31.98
N ASN I 498 -79.84 -32.25 31.22
CA ASN I 498 -80.96 -33.18 31.26
C ASN I 498 -80.74 -34.35 32.21
N LYS I 499 -79.48 -34.67 32.54
CA LYS I 499 -79.21 -35.80 33.42
C LYS I 499 -77.81 -35.61 34.02
N LEU I 500 -77.66 -35.90 35.30
CA LEU I 500 -76.41 -35.65 36.00
C LEU I 500 -76.05 -36.85 36.87
N ILE I 501 -74.79 -37.26 36.81
CA ILE I 501 -74.23 -38.32 37.66
C ILE I 501 -72.92 -37.82 38.22
N THR I 502 -72.86 -37.64 39.55
CA THR I 502 -71.69 -37.07 40.22
C THR I 502 -71.31 -37.87 41.45
N ALA I 503 -70.01 -37.96 41.70
CA ALA I 503 -69.48 -38.53 42.93
C ALA I 503 -68.68 -37.52 43.75
N SER I 504 -67.62 -36.95 43.17
CA SER I 504 -66.81 -35.94 43.85
C SER I 504 -66.47 -34.88 42.81
N THR I 505 -67.31 -33.86 42.73
CA THR I 505 -67.31 -32.95 41.61
C THR I 505 -67.20 -31.53 42.15
N ASN I 506 -66.82 -30.60 41.29
CA ASN I 506 -66.59 -29.20 41.62
C ASN I 506 -67.49 -28.32 40.75
N VAL I 507 -68.78 -28.67 40.74
CA VAL I 507 -69.76 -27.98 39.92
C VAL I 507 -69.88 -26.54 40.37
N ALA I 508 -69.92 -25.62 39.41
CA ALA I 508 -70.05 -24.20 39.72
C ALA I 508 -71.00 -23.58 38.69
N VAL I 509 -72.29 -23.58 39.00
CA VAL I 509 -73.30 -23.04 38.10
C VAL I 509 -74.03 -21.91 38.82
N LYS I 510 -74.28 -20.81 38.12
CA LYS I 510 -74.95 -19.67 38.72
C LYS I 510 -76.46 -19.71 38.57
N ASN I 511 -76.98 -20.39 37.55
CA ASN I 511 -78.41 -20.53 37.33
C ASN I 511 -78.59 -21.70 36.36
N PHE I 512 -79.57 -22.56 36.65
CA PHE I 512 -79.73 -23.80 35.90
C PHE I 512 -81.13 -24.34 36.11
N ASN I 513 -81.46 -25.41 35.38
CA ASN I 513 -82.55 -26.31 35.76
C ASN I 513 -82.19 -27.73 35.30
N ILE I 514 -81.51 -28.45 36.19
CA ILE I 514 -81.07 -29.81 35.93
C ILE I 514 -82.22 -30.73 36.34
N ASN I 515 -82.97 -31.24 35.38
CA ASN I 515 -84.20 -31.94 35.73
C ASN I 515 -84.01 -33.39 36.14
N GLU I 516 -82.78 -33.83 36.41
CA GLU I 516 -82.55 -35.15 36.99
C GLU I 516 -81.19 -35.11 37.69
N LEU I 517 -81.13 -35.61 38.92
CA LEU I 517 -79.92 -35.53 39.72
C LEU I 517 -79.67 -36.87 40.41
N ILE I 518 -78.42 -37.30 40.43
CA ILE I 518 -78.01 -38.52 41.12
C ILE I 518 -76.93 -38.18 42.14
N VAL I 519 -77.16 -38.57 43.38
CA VAL I 519 -76.24 -38.36 44.49
C VAL I 519 -75.57 -39.69 44.77
N LYS I 520 -74.40 -39.91 44.20
CA LYS I 520 -73.69 -41.17 44.40
C LYS I 520 -72.80 -41.10 45.63
N THR I 521 -72.40 -42.27 46.11
CA THR I 521 -71.33 -42.41 47.09
C THR I 521 -70.03 -42.66 46.35
N ASN I 522 -68.93 -42.65 47.11
CA ASN I 522 -67.59 -42.62 46.54
C ASN I 522 -66.63 -43.49 47.35
N GLY I 523 -67.06 -44.72 47.64
CA GLY I 523 -66.25 -45.63 48.41
C GLY I 523 -66.43 -45.42 49.89
N VAL I 524 -65.33 -45.39 50.64
CA VAL I 524 -65.38 -45.13 52.07
C VAL I 524 -64.67 -43.85 52.47
N SER I 525 -63.90 -43.24 51.58
CA SER I 525 -63.18 -42.03 51.90
C SER I 525 -64.12 -40.84 51.97
N VAL I 526 -63.74 -39.85 52.77
CA VAL I 526 -64.48 -38.61 52.92
C VAL I 526 -63.65 -37.48 52.34
N GLY I 527 -64.22 -36.27 52.37
CA GLY I 527 -63.64 -35.15 51.65
C GLY I 527 -63.92 -35.18 50.16
N GLU I 528 -64.78 -36.08 49.72
CA GLU I 528 -65.12 -36.26 48.31
C GLU I 528 -66.62 -36.15 48.20
N TYR I 529 -67.10 -35.14 47.48
CA TYR I 529 -68.51 -34.78 47.53
C TYR I 529 -68.86 -33.87 46.37
N THR I 530 -70.16 -33.81 46.07
CA THR I 530 -70.67 -32.79 45.18
C THR I 530 -70.61 -31.45 45.88
N HIS I 531 -69.99 -30.48 45.24
CA HIS I 531 -69.70 -29.19 45.85
C HIS I 531 -70.12 -28.08 44.89
N PHE I 532 -71.32 -27.56 45.06
CA PHE I 532 -71.71 -26.38 44.28
C PHE I 532 -70.98 -25.18 44.84
N SER I 533 -69.77 -24.95 44.36
CA SER I 533 -68.82 -24.06 45.00
C SER I 533 -68.99 -22.60 44.61
N GLU I 534 -70.16 -22.21 44.11
CA GLU I 534 -70.46 -20.78 43.93
C GLU I 534 -71.96 -20.61 44.11
N ASP I 535 -72.41 -19.37 43.92
CA ASP I 535 -73.78 -18.99 44.26
C ASP I 535 -74.78 -19.60 43.27
N ILE I 536 -75.92 -20.03 43.79
CA ILE I 536 -76.91 -20.73 42.99
C ILE I 536 -78.00 -19.77 42.51
N GLY I 537 -78.06 -18.58 43.08
CA GLY I 537 -78.91 -17.55 42.52
C GLY I 537 -80.36 -17.69 42.92
N SER I 538 -81.24 -17.28 42.00
CA SER I 538 -82.65 -17.12 42.28
C SER I 538 -83.55 -17.98 41.39
N GLN I 539 -83.20 -18.18 40.13
CA GLN I 539 -84.07 -18.91 39.23
C GLN I 539 -83.69 -20.37 39.10
N SER I 540 -82.91 -20.89 40.04
CA SER I 540 -82.44 -22.26 39.98
C SER I 540 -83.59 -23.23 40.20
N ARG I 541 -83.34 -24.50 39.83
CA ARG I 541 -84.37 -25.52 39.78
C ARG I 541 -83.70 -26.86 39.59
N ILE I 542 -84.28 -27.90 40.17
CA ILE I 542 -83.97 -29.30 39.88
C ILE I 542 -85.31 -30.02 39.87
N ASN I 543 -85.60 -30.80 38.82
CA ASN I 543 -86.90 -31.44 38.82
C ASN I 543 -86.90 -32.86 39.38
N THR I 544 -85.74 -33.44 39.66
CA THR I 544 -85.67 -34.73 40.34
C THR I 544 -84.31 -34.87 41.01
N VAL I 545 -84.31 -35.05 42.33
CA VAL I 545 -83.13 -35.46 43.07
C VAL I 545 -83.31 -36.92 43.45
N ARG I 546 -82.29 -37.73 43.24
CA ARG I 546 -82.36 -39.15 43.58
C ARG I 546 -81.06 -39.56 44.24
N LEU I 547 -81.07 -39.56 45.58
CA LEU I 547 -79.96 -40.11 46.34
C LEU I 547 -79.94 -41.63 46.21
N GLU I 548 -78.74 -42.20 46.13
CA GLU I 548 -78.57 -43.64 46.14
C GLU I 548 -77.83 -44.03 47.42
N THR I 549 -77.90 -45.31 47.75
CA THR I 549 -77.47 -45.80 49.05
C THR I 549 -75.96 -45.78 49.18
N GLY I 550 -75.47 -45.19 50.27
CA GLY I 550 -74.03 -45.11 50.49
C GLY I 550 -73.44 -46.40 51.03
N THR I 551 -72.49 -46.28 51.95
CA THR I 551 -71.90 -47.44 52.60
C THR I 551 -72.09 -47.32 54.11
N ARG I 552 -72.01 -48.46 54.79
CA ARG I 552 -72.36 -48.55 56.20
C ARG I 552 -71.35 -47.78 57.05
N SER I 553 -71.85 -47.14 58.10
CA SER I 553 -71.13 -46.52 59.22
C SER I 553 -70.34 -45.26 58.86
N ILE I 554 -70.48 -44.72 57.65
CA ILE I 554 -69.78 -43.49 57.28
C ILE I 554 -70.55 -42.79 56.16
N PHE I 555 -70.65 -41.46 56.27
CA PHE I 555 -71.21 -40.62 55.20
C PHE I 555 -70.08 -40.31 54.22
N SER I 556 -69.91 -41.21 53.25
CA SER I 556 -68.81 -41.07 52.32
C SER I 556 -69.09 -39.99 51.29
N GLY I 557 -70.11 -40.18 50.47
CA GLY I 557 -70.49 -39.21 49.47
C GLY I 557 -71.61 -38.30 49.96
N GLY I 558 -71.83 -37.23 49.21
CA GLY I 558 -72.89 -36.31 49.56
C GLY I 558 -72.83 -35.06 48.72
N VAL I 559 -73.79 -34.18 48.99
CA VAL I 559 -73.98 -32.93 48.25
C VAL I 559 -73.96 -31.79 49.24
N LYS I 560 -73.06 -30.83 49.03
CA LYS I 560 -73.08 -29.61 49.83
C LYS I 560 -73.04 -28.41 48.93
N PHE I 561 -73.53 -27.30 49.45
CA PHE I 561 -73.65 -26.05 48.71
C PHE I 561 -72.72 -25.02 49.36
N LYS I 562 -72.76 -23.80 48.85
CA LYS I 562 -72.11 -22.70 49.56
C LYS I 562 -73.02 -21.48 49.68
N SER I 563 -73.87 -21.26 48.69
CA SER I 563 -74.67 -20.04 48.66
C SER I 563 -75.90 -20.27 47.80
N GLY I 564 -76.67 -19.22 47.59
CA GLY I 564 -77.95 -19.27 46.92
C GLY I 564 -79.09 -18.97 47.88
N GLU I 565 -80.27 -18.80 47.29
CA GLU I 565 -81.45 -18.52 48.09
C GLU I 565 -82.63 -19.46 47.86
N LYS I 566 -82.72 -20.12 46.71
CA LYS I 566 -83.80 -21.09 46.48
C LYS I 566 -83.39 -22.08 45.40
N LEU I 567 -84.00 -23.26 45.45
CA LEU I 567 -83.93 -24.23 44.37
C LEU I 567 -85.19 -25.09 44.41
N VAL I 568 -86.11 -24.84 43.48
CA VAL I 568 -87.40 -25.50 43.45
C VAL I 568 -87.22 -26.96 43.04
N ILE I 569 -87.23 -27.85 44.02
CA ILE I 569 -87.12 -29.29 43.77
C ILE I 569 -88.53 -29.85 43.70
N ASP I 570 -88.79 -30.72 42.73
CA ASP I 570 -90.05 -31.45 42.72
C ASP I 570 -90.01 -32.73 43.53
N GLU I 571 -89.13 -33.66 43.20
CA GLU I 571 -89.15 -34.96 43.84
C GLU I 571 -87.77 -35.23 44.44
N PHE I 572 -87.75 -35.98 45.53
CA PHE I 572 -86.54 -36.20 46.30
C PHE I 572 -86.53 -37.64 46.79
N TYR I 573 -85.34 -38.16 47.06
CA TYR I 573 -85.22 -39.46 47.69
C TYR I 573 -84.22 -39.41 48.84
N TYR I 574 -84.55 -40.08 49.94
CA TYR I 574 -83.59 -40.35 50.99
C TYR I 574 -82.64 -41.45 50.52
N SER I 575 -81.61 -41.69 51.33
CA SER I 575 -80.73 -42.83 51.16
C SER I 575 -79.99 -43.06 52.46
N PRO I 576 -79.67 -44.30 52.81
CA PRO I 576 -78.72 -44.53 53.89
C PRO I 576 -77.32 -44.05 53.52
N TRP I 577 -76.81 -43.14 54.35
CA TRP I 577 -75.39 -42.72 54.37
C TRP I 577 -74.98 -41.94 53.13
N ASN I 578 -75.84 -41.02 52.69
CA ASN I 578 -75.43 -39.96 51.77
C ASN I 578 -76.12 -38.70 52.22
N TYR I 579 -75.36 -37.65 52.51
CA TYR I 579 -75.87 -36.46 53.16
C TYR I 579 -76.28 -35.42 52.12
N PHE I 580 -77.48 -34.88 52.27
CA PHE I 580 -77.98 -33.81 51.42
C PHE I 580 -77.82 -32.50 52.17
N ASP I 581 -76.58 -32.02 52.25
CA ASP I 581 -76.33 -30.76 52.91
C ASP I 581 -76.84 -29.62 52.04
N ALA I 582 -77.64 -28.75 52.64
CA ALA I 582 -78.33 -27.67 51.94
C ALA I 582 -78.00 -26.34 52.58
N ARG I 583 -76.69 -26.08 52.72
CA ARG I 583 -76.20 -24.87 53.38
C ARG I 583 -76.67 -23.60 52.69
N ASN I 584 -77.06 -22.63 53.52
CA ASN I 584 -77.14 -21.21 53.20
C ASN I 584 -78.32 -20.83 52.30
N ILE I 585 -79.03 -21.81 51.78
CA ILE I 585 -80.12 -21.55 50.86
C ILE I 585 -81.44 -21.54 51.63
N LYS I 586 -82.18 -20.45 51.47
CA LYS I 586 -83.26 -20.11 52.38
C LYS I 586 -84.65 -20.43 51.88
N ASN I 587 -84.82 -20.95 50.68
CA ASN I 587 -86.16 -21.27 50.17
C ASN I 587 -86.16 -22.60 49.44
N VAL I 588 -85.61 -23.64 50.06
CA VAL I 588 -85.54 -24.97 49.45
C VAL I 588 -86.96 -25.52 49.35
N GLU I 589 -87.53 -25.47 48.17
CA GLU I 589 -88.96 -25.75 48.00
C GLU I 589 -89.16 -27.16 47.45
N ILE I 590 -90.13 -27.87 48.00
CA ILE I 590 -90.55 -29.17 47.50
C ILE I 590 -91.98 -29.01 46.99
N THR I 591 -92.30 -29.67 45.88
CA THR I 591 -93.58 -29.50 45.21
C THR I 591 -94.34 -30.81 45.02
N ARG I 592 -93.64 -31.94 44.93
CA ARG I 592 -94.32 -33.24 44.88
C ARG I 592 -93.53 -34.19 45.78
N LYS I 593 -93.78 -35.49 45.60
CA LYS I 593 -93.45 -36.59 46.50
C LYS I 593 -92.03 -36.53 47.08
N PHE I 594 -91.93 -36.77 48.39
CA PHE I 594 -90.70 -36.64 49.15
C PHE I 594 -90.49 -37.98 49.85
N ALA I 595 -89.85 -38.92 49.16
CA ALA I 595 -89.78 -40.30 49.62
C ALA I 595 -88.35 -40.73 49.89
N SER I 596 -88.13 -42.02 50.07
CA SER I 596 -86.82 -42.61 50.19
C SER I 596 -86.52 -43.50 48.99
N SER I 597 -85.22 -43.68 48.69
CA SER I 597 -84.83 -44.56 47.60
C SER I 597 -85.07 -46.02 47.93
N THR I 598 -85.21 -46.35 49.21
CA THR I 598 -85.74 -47.63 49.65
C THR I 598 -87.15 -47.37 50.16
N PRO I 599 -88.16 -47.30 49.29
CA PRO I 599 -89.44 -46.68 49.68
C PRO I 599 -90.31 -47.50 50.60
N GLU I 600 -90.17 -48.82 50.60
CA GLU I 600 -91.02 -49.64 51.46
C GLU I 600 -90.24 -50.26 52.61
N ASN I 601 -88.92 -50.20 52.58
CA ASN I 601 -88.08 -50.71 53.66
C ASN I 601 -86.94 -49.74 53.97
N PRO I 602 -87.25 -48.63 54.65
CA PRO I 602 -86.18 -47.69 55.01
C PRO I 602 -85.32 -48.23 56.14
N TRP I 603 -84.09 -47.74 56.18
CA TRP I 603 -83.13 -48.02 57.26
C TRP I 603 -81.99 -47.00 57.14
N GLY I 604 -81.11 -47.01 58.14
CA GLY I 604 -79.98 -46.13 58.10
C GLY I 604 -80.32 -44.71 58.51
N THR I 605 -79.47 -43.79 58.07
CA THR I 605 -79.60 -42.36 58.34
C THR I 605 -79.38 -41.56 57.06
N SER I 606 -79.90 -40.34 57.05
CA SER I 606 -79.78 -39.44 55.90
C SER I 606 -79.67 -38.02 56.43
N LYS I 607 -78.47 -37.45 56.43
CA LYS I 607 -78.30 -36.09 56.94
C LYS I 607 -78.87 -35.07 55.97
N LEU I 608 -80.10 -34.63 56.23
CA LEU I 608 -80.73 -33.56 55.46
C LEU I 608 -80.43 -32.23 56.15
N MET I 609 -79.15 -31.90 56.20
CA MET I 609 -78.62 -30.78 56.99
C MET I 609 -79.01 -29.47 56.31
N PHE I 610 -80.20 -28.99 56.65
CA PHE I 610 -80.78 -27.84 55.96
C PHE I 610 -80.39 -26.54 56.63
N ASN I 611 -80.96 -25.44 56.12
CA ASN I 611 -81.06 -24.19 56.86
C ASN I 611 -82.42 -23.53 56.72
N ASN I 612 -83.30 -24.03 55.86
CA ASN I 612 -84.68 -23.60 55.65
C ASN I 612 -85.30 -24.57 54.64
N LEU I 613 -86.63 -24.63 54.65
CA LEU I 613 -87.36 -25.19 53.51
C LEU I 613 -88.75 -24.56 53.50
N THR I 614 -89.47 -24.77 52.41
CA THR I 614 -90.87 -24.38 52.33
C THR I 614 -91.58 -25.32 51.37
N LEU I 615 -92.46 -26.16 51.89
CA LEU I 615 -93.11 -27.20 51.10
C LEU I 615 -94.47 -26.69 50.64
N GLY I 616 -94.78 -26.93 49.37
CA GLY I 616 -95.99 -26.41 48.76
C GLY I 616 -97.11 -27.44 48.70
N GLN I 617 -97.82 -27.40 47.57
CA GLN I 617 -99.04 -28.18 47.44
C GLN I 617 -98.75 -29.65 47.21
N ASN I 618 -99.53 -30.52 47.89
CA ASN I 618 -99.69 -31.94 47.57
C ASN I 618 -98.41 -32.76 47.72
N ALA I 619 -97.37 -32.21 48.34
CA ALA I 619 -96.08 -32.90 48.39
C ALA I 619 -96.04 -33.76 49.63
N VAL I 620 -96.21 -35.07 49.43
CA VAL I 620 -96.28 -36.03 50.52
C VAL I 620 -94.87 -36.26 51.07
N MET I 621 -94.74 -36.28 52.39
CA MET I 621 -93.47 -36.61 53.01
C MET I 621 -93.57 -37.92 53.77
N ASP I 622 -92.42 -38.57 53.94
CA ASP I 622 -92.32 -39.87 54.61
C ASP I 622 -91.22 -39.75 55.67
N TYR I 623 -91.59 -39.30 56.86
CA TYR I 623 -90.62 -39.07 57.93
C TYR I 623 -90.69 -40.17 58.98
N SER I 624 -89.57 -40.86 59.18
CA SER I 624 -89.44 -41.90 60.19
C SER I 624 -88.18 -41.68 61.00
N GLN I 625 -87.86 -42.65 61.86
CA GLN I 625 -86.60 -42.67 62.58
C GLN I 625 -85.43 -43.07 61.67
N PHE I 626 -85.72 -43.60 60.49
CA PHE I 626 -84.74 -44.10 59.55
C PHE I 626 -84.21 -43.02 58.64
N SER I 627 -84.57 -41.76 58.90
CA SER I 627 -84.07 -40.63 58.13
C SER I 627 -84.03 -39.44 59.09
N ASN I 628 -82.86 -39.16 59.66
CA ASN I 628 -82.74 -38.07 60.62
C ASN I 628 -82.80 -36.72 59.93
N LEU I 629 -84.01 -36.28 59.62
CA LEU I 629 -84.29 -35.05 58.89
C LEU I 629 -84.03 -33.87 59.83
N THR I 630 -82.88 -33.23 59.67
CA THR I 630 -82.39 -32.27 60.63
C THR I 630 -82.50 -30.84 60.09
N ILE I 631 -83.49 -30.10 60.59
CA ILE I 631 -83.80 -28.76 60.11
C ILE I 631 -83.18 -27.75 61.08
N GLN I 632 -82.35 -26.86 60.56
CA GLN I 632 -81.85 -25.71 61.31
C GLN I 632 -82.56 -24.41 60.94
N GLY I 633 -83.79 -24.49 60.45
CA GLY I 633 -84.49 -23.32 59.99
C GLY I 633 -85.99 -23.45 60.04
N ASP I 634 -86.66 -22.81 59.09
CA ASP I 634 -88.08 -22.51 59.22
C ASP I 634 -88.92 -23.45 58.38
N PHE I 635 -89.30 -24.61 58.92
CA PHE I 635 -90.10 -25.57 58.18
C PHE I 635 -91.50 -25.01 57.96
N ILE I 636 -91.75 -24.53 56.76
CA ILE I 636 -93.03 -23.91 56.43
C ILE I 636 -93.77 -24.87 55.51
N ASN I 637 -95.04 -25.12 55.80
CA ASN I 637 -95.86 -26.01 54.97
C ASN I 637 -97.00 -25.19 54.37
N ASN I 638 -97.20 -25.34 53.07
CA ASN I 638 -98.40 -24.87 52.39
C ASN I 638 -99.39 -26.04 52.36
N GLN I 639 -100.37 -26.04 51.45
CA GLN I 639 -101.43 -27.05 51.42
C GLN I 639 -100.86 -28.41 50.99
N GLY I 640 -100.10 -29.03 51.88
CA GLY I 640 -99.41 -30.27 51.57
C GLY I 640 -99.63 -31.35 52.59
N THR I 641 -99.90 -32.57 52.14
CA THR I 641 -100.33 -33.66 53.02
C THR I 641 -99.11 -34.48 53.45
N ILE I 642 -98.60 -34.20 54.64
CA ILE I 642 -97.45 -34.93 55.16
C ILE I 642 -97.93 -36.21 55.81
N ASN I 643 -97.27 -37.33 55.48
CA ASN I 643 -97.59 -38.62 56.07
C ASN I 643 -96.53 -39.02 57.09
N TYR I 644 -96.94 -39.82 58.07
CA TYR I 644 -96.07 -40.31 59.12
C TYR I 644 -96.11 -41.83 59.15
N LEU I 645 -95.26 -42.40 60.00
CA LEU I 645 -95.10 -43.84 60.17
C LEU I 645 -94.34 -44.08 61.48
N VAL I 646 -94.60 -45.23 62.10
CA VAL I 646 -94.07 -45.47 63.44
C VAL I 646 -92.80 -46.32 63.42
N ARG I 647 -92.84 -47.45 62.72
CA ARG I 647 -91.78 -48.48 62.69
C ARG I 647 -91.33 -48.87 64.10
N GLY I 648 -92.28 -49.42 64.85
CA GLY I 648 -92.06 -49.76 66.23
C GLY I 648 -93.00 -49.11 67.22
N GLY I 649 -94.14 -48.59 66.77
CA GLY I 649 -95.15 -48.04 67.65
C GLY I 649 -94.92 -46.61 68.10
N LYS I 650 -93.74 -46.06 67.90
CA LYS I 650 -93.45 -44.70 68.37
C LYS I 650 -93.13 -43.80 67.18
N VAL I 651 -93.53 -42.53 67.31
CA VAL I 651 -93.40 -41.55 66.23
C VAL I 651 -92.19 -40.69 66.50
N ALA I 652 -91.31 -40.57 65.49
CA ALA I 652 -90.15 -39.70 65.59
C ALA I 652 -90.60 -38.24 65.51
N THR I 653 -90.07 -37.40 66.40
CA THR I 653 -90.42 -35.99 66.41
C THR I 653 -89.72 -35.26 65.27
N LEU I 654 -90.29 -34.12 64.86
CA LEU I 654 -89.77 -33.35 63.74
C LEU I 654 -89.48 -31.94 64.26
N ASN I 655 -88.21 -31.54 64.21
CA ASN I 655 -87.75 -30.32 64.88
C ASN I 655 -87.83 -29.14 63.94
N VAL I 656 -88.76 -28.23 64.20
CA VAL I 656 -88.85 -26.95 63.52
C VAL I 656 -87.96 -25.97 64.26
N GLY I 657 -87.11 -25.26 63.52
CA GLY I 657 -86.09 -24.44 64.17
C GLY I 657 -86.64 -23.18 64.80
N ASN I 658 -87.36 -22.37 64.03
CA ASN I 658 -87.91 -21.12 64.53
C ASN I 658 -89.43 -21.09 64.50
N ALA I 659 -90.04 -21.34 63.34
CA ALA I 659 -91.48 -21.19 63.22
C ALA I 659 -92.00 -22.05 62.09
N ALA I 660 -93.14 -22.70 62.32
CA ALA I 660 -93.85 -23.44 61.28
C ALA I 660 -95.19 -22.75 61.05
N ALA I 661 -95.16 -21.68 60.25
CA ALA I 661 -96.36 -20.92 59.98
C ALA I 661 -97.05 -21.44 58.72
N MET I 662 -98.35 -21.69 58.82
CA MET I 662 -99.06 -22.38 57.76
C MET I 662 -100.30 -21.60 57.38
N MET I 663 -100.82 -21.88 56.18
CA MET I 663 -101.99 -21.21 55.64
C MET I 663 -102.62 -22.14 54.61
N PHE I 664 -103.94 -22.28 54.64
CA PHE I 664 -104.61 -23.29 53.84
C PHE I 664 -105.87 -22.69 53.24
N ASN I 665 -106.77 -23.55 52.77
CA ASN I 665 -108.05 -23.14 52.24
C ASN I 665 -109.03 -24.28 52.49
N ASN I 666 -110.21 -24.18 51.87
CA ASN I 666 -111.20 -25.25 51.90
C ASN I 666 -110.77 -26.35 50.93
N ASP I 667 -109.79 -27.14 51.38
CA ASP I 667 -109.17 -28.19 50.57
C ASP I 667 -110.00 -29.47 50.65
N ILE I 668 -111.25 -29.36 50.21
CA ILE I 668 -112.24 -30.42 50.29
C ILE I 668 -112.19 -31.27 49.02
N ASP I 669 -112.35 -32.58 49.20
CA ASP I 669 -112.43 -33.50 48.07
C ASP I 669 -113.76 -34.24 48.13
N SER I 670 -114.14 -34.82 46.99
CA SER I 670 -115.33 -35.65 46.93
C SER I 670 -115.03 -37.13 47.12
N ALA I 671 -113.75 -37.49 47.26
CA ALA I 671 -113.40 -38.87 47.56
C ALA I 671 -113.69 -39.22 49.01
N THR I 672 -113.51 -38.26 49.91
CA THR I 672 -113.80 -38.45 51.32
C THR I 672 -115.01 -37.65 51.80
N GLY I 673 -115.26 -36.48 51.25
CA GLY I 673 -116.32 -35.59 51.70
C GLY I 673 -115.83 -34.55 52.69
N PHE I 674 -114.79 -34.88 53.44
CA PHE I 674 -114.12 -33.95 54.34
C PHE I 674 -113.12 -33.13 53.51
N TYR I 675 -112.35 -32.28 54.18
CA TYR I 675 -111.14 -31.74 53.62
C TYR I 675 -110.13 -32.85 53.31
N LYS I 676 -109.12 -32.50 52.53
CA LYS I 676 -108.00 -33.43 52.32
C LYS I 676 -107.28 -33.66 53.65
N PRO I 677 -106.91 -34.91 53.96
CA PRO I 677 -106.27 -35.19 55.25
C PRO I 677 -104.87 -34.60 55.34
N LEU I 678 -104.76 -33.51 56.12
CA LEU I 678 -103.68 -32.57 55.95
C LEU I 678 -102.37 -33.07 56.57
N ILE I 679 -102.45 -33.77 57.70
CA ILE I 679 -101.29 -34.44 58.29
C ILE I 679 -101.77 -35.82 58.70
N LYS I 680 -101.17 -36.85 58.12
CA LYS I 680 -101.61 -38.22 58.34
C LYS I 680 -100.56 -39.00 59.11
N ILE I 681 -101.01 -39.91 59.96
CA ILE I 681 -100.15 -40.90 60.61
C ILE I 681 -100.64 -42.26 60.13
N ASN I 682 -100.04 -42.77 59.07
CA ASN I 682 -100.41 -44.06 58.51
C ASN I 682 -99.38 -45.11 58.94
N SER I 683 -99.79 -46.38 58.82
CA SER I 683 -99.01 -47.57 59.21
C SER I 683 -98.65 -47.55 60.70
N ALA I 684 -99.46 -46.84 61.48
CA ALA I 684 -99.44 -46.88 62.93
C ALA I 684 -100.44 -47.89 63.47
N GLN I 685 -100.35 -49.12 62.96
CA GLN I 685 -101.25 -50.18 63.41
C GLN I 685 -100.91 -50.61 64.82
N ASP I 686 -99.62 -50.68 65.14
CA ASP I 686 -99.14 -50.98 66.48
C ASP I 686 -98.87 -49.72 67.30
N LEU I 687 -99.59 -48.64 67.03
CA LEU I 687 -99.43 -47.41 67.80
C LEU I 687 -99.87 -47.64 69.24
N ILE I 688 -98.97 -47.31 70.16
CA ILE I 688 -99.10 -47.72 71.56
C ILE I 688 -100.22 -46.90 72.22
N LYS I 689 -101.24 -47.60 72.70
CA LYS I 689 -102.36 -46.96 73.36
C LYS I 689 -101.92 -46.41 74.72
N ASN I 690 -102.61 -45.36 75.17
CA ASN I 690 -102.42 -44.73 76.49
C ASN I 690 -101.01 -44.16 76.66
N THR I 691 -100.46 -43.61 75.58
CA THR I 691 -99.08 -43.16 75.58
C THR I 691 -98.95 -41.90 74.72
N GLU I 692 -98.32 -40.87 75.28
CA GLU I 692 -97.97 -39.69 74.50
C GLU I 692 -96.92 -40.02 73.46
N HIS I 693 -97.26 -39.80 72.20
CA HIS I 693 -96.33 -39.93 71.08
C HIS I 693 -96.15 -38.54 70.50
N VAL I 694 -94.96 -37.97 70.71
CA VAL I 694 -94.67 -36.62 70.22
C VAL I 694 -94.51 -36.64 68.71
N LEU I 695 -95.42 -35.95 68.02
CA LEU I 695 -95.40 -35.94 66.56
C LEU I 695 -94.28 -35.03 66.05
N LEU I 696 -94.17 -33.83 66.62
CA LEU I 696 -93.18 -32.86 66.20
C LEU I 696 -92.93 -31.87 67.32
N LYS I 697 -91.65 -31.58 67.58
CA LYS I 697 -91.28 -30.51 68.48
C LYS I 697 -91.10 -29.22 67.68
N ALA I 698 -91.89 -28.21 68.02
CA ALA I 698 -91.89 -26.98 67.25
C ALA I 698 -92.02 -25.81 68.22
N LYS I 699 -91.93 -24.61 67.69
CA LYS I 699 -92.01 -23.41 68.50
C LYS I 699 -93.28 -22.62 68.25
N ILE I 700 -93.70 -22.48 66.98
CA ILE I 700 -94.93 -21.80 66.63
C ILE I 700 -95.63 -22.68 65.59
N ILE I 701 -96.82 -23.17 65.91
CA ILE I 701 -97.71 -23.74 64.90
C ILE I 701 -98.69 -22.65 64.52
N GLY I 702 -98.33 -21.84 63.53
CA GLY I 702 -99.20 -20.76 63.13
C GLY I 702 -100.14 -21.19 62.02
N TYR I 703 -101.36 -21.57 62.39
CA TYR I 703 -102.35 -21.96 61.41
C TYR I 703 -102.87 -20.72 60.69
N GLY I 704 -103.26 -20.91 59.43
CA GLY I 704 -104.00 -19.88 58.73
C GLY I 704 -104.90 -20.48 57.68
N ASN I 705 -105.77 -19.62 57.15
CA ASN I 705 -106.52 -19.88 55.93
C ASN I 705 -106.51 -18.59 55.12
N VAL I 706 -107.40 -18.51 54.12
CA VAL I 706 -107.51 -17.30 53.30
C VAL I 706 -108.03 -16.10 54.08
N SER I 707 -108.62 -16.32 55.26
CA SER I 707 -108.84 -15.26 56.23
C SER I 707 -108.24 -15.71 57.54
N THR I 708 -108.33 -14.84 58.56
CA THR I 708 -107.90 -15.23 59.90
C THR I 708 -108.86 -16.26 60.49
N GLY I 709 -110.16 -16.05 60.28
CA GLY I 709 -111.17 -17.02 60.66
C GLY I 709 -111.07 -18.28 59.85
N THR I 710 -111.13 -19.42 60.53
CA THR I 710 -110.73 -20.68 59.94
C THR I 710 -111.93 -21.47 59.42
N ASN I 711 -111.66 -22.73 59.08
CA ASN I 711 -112.60 -23.65 58.41
C ASN I 711 -113.09 -23.07 57.08
N GLY I 712 -112.13 -22.90 56.16
CA GLY I 712 -112.42 -22.41 54.83
C GLY I 712 -112.41 -20.89 54.76
N ILE I 713 -113.59 -20.30 54.63
CA ILE I 713 -113.75 -18.86 54.69
C ILE I 713 -114.92 -18.53 55.62
N SER I 714 -114.58 -18.26 56.88
CA SER I 714 -115.57 -18.03 57.94
C SER I 714 -114.85 -17.27 59.05
N ASN I 715 -115.44 -17.28 60.24
CA ASN I 715 -114.86 -16.61 61.41
C ASN I 715 -114.63 -17.56 62.58
N VAL I 716 -114.10 -18.74 62.30
CA VAL I 716 -113.86 -19.76 63.33
C VAL I 716 -112.44 -19.56 63.87
N ASN I 717 -112.23 -19.88 65.15
CA ASN I 717 -110.93 -19.76 65.79
C ASN I 717 -109.88 -20.70 65.20
N LEU I 718 -108.66 -20.61 65.72
CA LEU I 718 -107.48 -21.02 64.97
C LEU I 718 -107.08 -22.48 65.14
N GLU I 719 -107.21 -23.06 66.33
CA GLU I 719 -106.49 -24.31 66.56
C GLU I 719 -107.37 -25.54 66.72
N GLU I 720 -108.62 -25.41 67.13
CA GLU I 720 -109.43 -26.58 67.47
C GLU I 720 -109.87 -27.37 66.24
N GLN I 721 -110.07 -26.70 65.10
CA GLN I 721 -110.42 -27.35 63.85
C GLN I 721 -109.22 -28.04 63.21
N PHE I 722 -108.02 -27.82 63.73
CA PHE I 722 -106.85 -28.45 63.15
C PHE I 722 -106.70 -29.87 63.69
N LYS I 723 -107.40 -30.18 64.79
CA LYS I 723 -107.62 -31.57 65.16
C LYS I 723 -108.48 -32.31 64.14
N GLU I 724 -109.36 -31.59 63.43
CA GLU I 724 -110.21 -32.24 62.45
C GLU I 724 -109.45 -32.62 61.18
N ARG I 725 -108.61 -31.73 60.68
CA ARG I 725 -107.90 -31.97 59.43
C ARG I 725 -106.76 -32.98 59.56
N LEU I 726 -106.23 -33.19 60.76
CA LEU I 726 -105.37 -34.34 60.96
C LEU I 726 -106.18 -35.63 60.92
N ALA I 727 -105.50 -36.73 60.65
CA ALA I 727 -106.16 -38.01 60.51
C ALA I 727 -105.23 -39.11 60.98
N LEU I 728 -105.83 -40.19 61.49
CA LEU I 728 -105.10 -41.36 61.94
C LEU I 728 -105.65 -42.52 61.13
N TYR I 729 -104.95 -42.86 60.06
CA TYR I 729 -105.40 -43.82 59.07
C TYR I 729 -104.86 -45.19 59.45
N ASN I 730 -105.65 -45.97 60.21
CA ASN I 730 -105.19 -47.30 60.60
C ASN I 730 -106.33 -48.29 60.50
N ASN I 731 -105.94 -49.56 60.35
CA ASN I 731 -106.81 -50.65 59.89
C ASN I 731 -107.48 -50.27 58.56
N ASN I 732 -106.68 -49.64 57.68
CA ASN I 732 -107.03 -49.28 56.30
C ASN I 732 -108.23 -48.33 56.22
N ASN I 733 -108.48 -47.57 57.27
CA ASN I 733 -109.51 -46.53 57.25
C ASN I 733 -109.09 -45.47 58.26
N ARG I 734 -109.80 -44.35 58.29
CA ARG I 734 -109.49 -43.27 59.21
C ARG I 734 -110.10 -43.57 60.58
N MET I 735 -109.23 -43.64 61.58
CA MET I 735 -109.67 -43.95 62.94
C MET I 735 -109.75 -42.72 63.84
N ASP I 736 -109.11 -41.62 63.45
CA ASP I 736 -109.22 -40.38 64.22
C ASP I 736 -110.64 -39.84 64.15
N THR I 737 -111.09 -39.49 62.95
CA THR I 737 -112.49 -39.28 62.66
C THR I 737 -112.92 -40.34 61.65
N CYS I 738 -114.23 -40.50 61.51
CA CYS I 738 -114.75 -41.41 60.49
C CYS I 738 -115.76 -40.62 59.67
N VAL I 739 -115.28 -40.12 58.53
CA VAL I 739 -116.06 -39.23 57.68
C VAL I 739 -116.95 -40.07 56.79
N VAL I 740 -118.26 -39.90 56.94
CA VAL I 740 -119.25 -40.83 56.41
C VAL I 740 -120.23 -40.08 55.53
N ARG I 741 -120.46 -40.60 54.32
CA ARG I 741 -121.50 -40.07 53.44
C ARG I 741 -122.50 -41.14 52.97
N ASN I 742 -122.27 -42.41 53.26
CA ASN I 742 -123.20 -43.47 52.85
C ASN I 742 -123.14 -44.60 53.87
N THR I 743 -123.69 -45.76 53.52
CA THR I 743 -123.70 -46.90 54.40
C THR I 743 -122.60 -47.90 54.09
N ASP I 744 -121.94 -47.76 52.93
CA ASP I 744 -120.89 -48.69 52.53
C ASP I 744 -119.61 -48.53 53.33
N ASP I 745 -119.24 -47.29 53.69
CA ASP I 745 -118.02 -47.07 54.45
C ASP I 745 -118.17 -47.39 55.93
N ILE I 746 -119.40 -47.64 56.38
CA ILE I 746 -119.64 -48.06 57.75
C ILE I 746 -119.03 -49.42 58.02
N LYS I 747 -118.94 -50.27 56.99
CA LYS I 747 -118.30 -51.58 57.11
C LYS I 747 -116.82 -51.45 57.45
N ALA I 748 -116.09 -50.70 56.63
CA ALA I 748 -114.67 -50.46 56.87
C ALA I 748 -114.45 -49.59 58.11
N CYS I 749 -115.42 -48.75 58.49
CA CYS I 749 -115.28 -47.97 59.71
C CYS I 749 -115.37 -48.85 60.95
N GLY I 750 -116.31 -49.80 60.95
CA GLY I 750 -116.37 -50.78 62.03
C GLY I 750 -115.20 -51.74 62.01
N MET I 751 -114.63 -51.99 60.83
CA MET I 751 -113.37 -52.72 60.77
C MET I 751 -112.22 -51.90 61.35
N ALA I 752 -112.29 -50.57 61.21
CA ALA I 752 -111.23 -49.70 61.72
C ALA I 752 -111.30 -49.60 63.24
N ILE I 753 -112.50 -49.48 63.80
CA ILE I 753 -112.64 -49.33 65.25
C ILE I 753 -112.92 -50.65 65.95
N GLY I 754 -113.01 -51.76 65.20
CA GLY I 754 -113.15 -53.06 65.82
C GLY I 754 -114.47 -53.34 66.48
N ASN I 755 -115.58 -52.98 65.83
CA ASN I 755 -116.91 -53.13 66.40
C ASN I 755 -117.84 -53.70 65.35
N GLN I 756 -118.52 -54.81 65.68
CA GLN I 756 -119.49 -55.42 64.77
C GLN I 756 -120.82 -54.68 64.76
N SER I 757 -121.02 -53.69 65.62
CA SER I 757 -122.19 -52.83 65.56
C SER I 757 -122.20 -51.92 64.36
N MET I 758 -121.06 -51.74 63.69
CA MET I 758 -120.99 -51.03 62.43
C MET I 758 -120.68 -51.97 61.26
N VAL I 759 -120.40 -53.23 61.53
CA VAL I 759 -120.03 -54.20 60.49
C VAL I 759 -121.26 -54.97 60.05
N ASN I 760 -121.96 -55.58 61.02
CA ASN I 760 -123.10 -56.42 60.70
C ASN I 760 -124.32 -55.61 60.26
N ASN I 761 -124.47 -54.39 60.78
CA ASN I 761 -125.61 -53.54 60.44
C ASN I 761 -125.17 -52.09 60.24
N PRO I 762 -125.09 -51.61 58.99
CA PRO I 762 -124.72 -50.20 58.77
C PRO I 762 -125.83 -49.22 59.13
N ASP I 763 -127.09 -49.64 59.06
CA ASP I 763 -128.21 -48.78 59.41
C ASP I 763 -128.47 -48.73 60.92
N ASN I 764 -127.62 -49.37 61.71
CA ASN I 764 -127.72 -49.25 63.17
C ASN I 764 -127.40 -47.84 63.62
N TYR I 765 -126.46 -47.19 62.95
CA TYR I 765 -126.01 -45.85 63.31
C TYR I 765 -126.38 -44.89 62.19
N LYS I 766 -127.30 -43.97 62.48
CA LYS I 766 -127.87 -43.08 61.47
C LYS I 766 -127.57 -41.62 61.77
N TYR I 767 -126.50 -41.37 62.54
CA TYR I 767 -126.07 -40.02 62.88
C TYR I 767 -125.04 -39.48 61.90
N LEU I 768 -124.91 -40.10 60.73
CA LEU I 768 -123.74 -39.97 59.89
C LEU I 768 -124.11 -39.77 58.42
N ILE I 769 -125.33 -39.32 58.15
CA ILE I 769 -125.76 -38.97 56.79
C ILE I 769 -125.51 -37.47 56.68
N GLY I 770 -124.44 -37.12 55.99
CA GLY I 770 -124.00 -35.74 55.94
C GLY I 770 -123.23 -35.30 57.17
N LYS I 771 -122.82 -36.25 58.01
CA LYS I 771 -122.09 -35.93 59.23
C LYS I 771 -120.87 -36.84 59.38
N ALA I 772 -120.22 -36.76 60.53
CA ALA I 772 -119.11 -37.65 60.88
C ALA I 772 -119.05 -37.75 62.40
N TRP I 773 -117.94 -38.30 62.90
CA TRP I 773 -117.74 -38.40 64.33
C TRP I 773 -116.25 -38.52 64.63
N LYS I 774 -115.78 -37.75 65.61
CA LYS I 774 -114.42 -37.89 66.10
C LYS I 774 -114.38 -38.96 67.17
N ASN I 775 -113.34 -39.80 67.11
CA ASN I 775 -113.23 -40.93 68.02
C ASN I 775 -112.80 -40.44 69.40
N ILE I 776 -113.62 -40.76 70.41
CA ILE I 776 -113.23 -40.49 71.78
C ILE I 776 -112.17 -41.51 72.19
N GLY I 777 -111.21 -41.06 73.00
CA GLY I 777 -110.03 -41.84 73.28
C GLY I 777 -108.85 -41.50 72.40
N ILE I 778 -109.00 -40.54 71.50
CA ILE I 778 -107.92 -40.04 70.65
C ILE I 778 -107.89 -38.53 70.79
N SER I 779 -106.83 -38.01 71.40
CA SER I 779 -106.69 -36.58 71.65
C SER I 779 -105.46 -36.06 70.95
N LYS I 780 -105.51 -34.81 70.49
CA LYS I 780 -104.38 -34.19 69.83
C LYS I 780 -104.25 -32.74 70.28
N THR I 781 -103.04 -32.20 70.17
CA THR I 781 -102.78 -30.78 70.38
C THR I 781 -102.52 -30.11 69.05
N ALA I 782 -103.04 -28.90 68.89
CA ALA I 782 -102.83 -28.12 67.67
C ALA I 782 -102.60 -26.66 68.03
N ASN I 783 -102.19 -26.41 69.27
CA ASN I 783 -101.97 -25.06 69.73
C ASN I 783 -100.65 -24.50 69.19
N GLY I 784 -100.31 -23.30 69.65
CA GLY I 784 -99.16 -22.59 69.14
C GLY I 784 -97.80 -23.07 69.61
N SER I 785 -97.71 -24.23 70.27
CA SER I 785 -96.43 -24.66 70.80
C SER I 785 -96.12 -26.13 70.55
N LYS I 786 -97.12 -26.97 70.28
CA LYS I 786 -96.87 -28.40 70.20
C LYS I 786 -98.00 -29.07 69.43
N ILE I 787 -97.63 -30.02 68.58
CA ILE I 787 -98.58 -30.97 68.01
C ILE I 787 -98.18 -32.36 68.48
N SER I 788 -98.97 -32.92 69.40
CA SER I 788 -98.75 -34.27 69.89
C SER I 788 -100.08 -35.02 69.85
N VAL I 789 -100.01 -36.30 69.52
CA VAL I 789 -101.19 -37.15 69.37
C VAL I 789 -101.24 -38.10 70.56
N TYR I 790 -102.39 -38.14 71.24
CA TYR I 790 -102.60 -38.93 72.45
C TYR I 790 -103.58 -40.03 72.11
N TYR I 791 -103.07 -41.14 71.57
CA TYR I 791 -103.89 -42.30 71.28
C TYR I 791 -104.05 -43.08 72.58
N LEU I 792 -105.22 -42.97 73.19
CA LEU I 792 -105.49 -43.62 74.45
C LEU I 792 -106.76 -44.45 74.47
N GLY I 793 -107.53 -44.47 73.38
CA GLY I 793 -108.71 -45.31 73.34
C GLY I 793 -109.35 -45.49 71.99
N ASN I 794 -109.60 -46.74 71.62
CA ASN I 794 -110.44 -47.07 70.47
C ASN I 794 -111.84 -47.41 70.97
N SER I 795 -112.52 -46.38 71.44
CA SER I 795 -113.81 -46.54 72.08
C SER I 795 -114.94 -46.58 71.05
N THR I 796 -115.99 -47.31 71.41
CA THR I 796 -117.14 -47.44 70.52
C THR I 796 -118.00 -46.19 70.62
N PRO I 797 -118.24 -45.48 69.52
CA PRO I 797 -119.11 -44.31 69.59
C PRO I 797 -120.58 -44.70 69.67
N THR I 798 -121.29 -44.01 70.56
CA THR I 798 -122.74 -44.18 70.61
C THR I 798 -123.38 -43.41 69.46
N GLU I 799 -124.68 -43.67 69.24
CA GLU I 799 -125.33 -43.12 68.06
C GLU I 799 -125.67 -41.65 68.25
N ASN I 800 -126.48 -41.34 69.26
CA ASN I 800 -126.99 -39.98 69.45
C ASN I 800 -126.65 -39.46 70.84
N GLY I 801 -125.37 -39.59 71.21
CA GLY I 801 -124.92 -39.12 72.51
C GLY I 801 -123.90 -38.00 72.45
N GLY I 802 -123.10 -37.97 71.39
CA GLY I 802 -122.12 -36.92 71.24
C GLY I 802 -120.92 -37.42 70.46
N ASN I 803 -119.86 -36.60 70.50
CA ASN I 803 -118.60 -36.82 69.79
C ASN I 803 -118.82 -36.95 68.29
N THR I 804 -119.72 -36.12 67.74
CA THR I 804 -120.07 -36.17 66.33
C THR I 804 -119.68 -34.84 65.69
N THR I 805 -119.29 -34.92 64.41
CA THR I 805 -118.94 -33.74 63.63
C THR I 805 -119.75 -33.73 62.35
N ASN I 806 -119.69 -32.62 61.63
CA ASN I 806 -120.44 -32.42 60.40
C ASN I 806 -119.51 -32.56 59.20
N LEU I 807 -120.05 -32.44 58.00
CA LEU I 807 -119.22 -32.34 56.81
C LEU I 807 -118.88 -30.87 56.53
N PRO I 808 -117.76 -30.61 55.85
CA PRO I 808 -117.51 -29.22 55.39
C PRO I 808 -118.54 -28.75 54.38
N THR I 809 -118.71 -29.48 53.28
CA THR I 809 -119.71 -29.25 52.23
C THR I 809 -119.58 -27.84 51.64
N ASN I 810 -118.46 -27.64 50.94
CA ASN I 810 -118.21 -26.35 50.29
C ASN I 810 -118.08 -26.54 48.79
N THR I 811 -118.76 -27.55 48.26
CA THR I 811 -118.76 -27.81 46.83
C THR I 811 -120.17 -27.68 46.26
N LEU J 27 -27.14 26.48 33.69
CA LEU J 27 -26.34 27.57 33.16
C LEU J 27 -27.07 28.28 32.02
N LEU J 28 -27.90 27.53 31.28
CA LEU J 28 -28.72 28.14 30.25
C LEU J 28 -30.00 28.74 30.80
N GLY J 29 -30.70 28.02 31.66
CA GLY J 29 -32.01 28.43 32.11
C GLY J 29 -33.12 27.78 31.31
N TRP J 30 -34.24 27.54 31.99
CA TRP J 30 -35.36 26.86 31.34
C TRP J 30 -36.05 27.74 30.32
N GLY J 31 -36.00 29.06 30.53
CA GLY J 31 -36.69 29.99 29.64
C GLY J 31 -36.08 30.04 28.26
N LEU J 32 -34.80 29.68 28.14
CA LEU J 32 -34.21 29.50 26.82
C LEU J 32 -34.55 28.12 26.26
N LYS J 33 -34.53 27.10 27.12
CA LYS J 33 -34.60 25.72 26.67
C LYS J 33 -35.98 25.39 26.10
N GLN J 34 -37.05 25.75 26.82
CA GLN J 34 -38.38 25.50 26.31
C GLN J 34 -38.68 26.38 25.11
N ALA J 35 -38.20 27.61 25.11
CA ALA J 35 -38.49 28.50 23.99
C ALA J 35 -37.76 28.09 22.72
N GLU J 36 -36.65 27.36 22.84
CA GLU J 36 -36.02 26.84 21.65
C GLU J 36 -36.51 25.45 21.25
N GLU J 37 -37.05 24.67 22.20
CA GLU J 37 -37.59 23.37 21.82
C GLU J 37 -39.03 23.43 21.35
N ALA J 38 -39.76 24.50 21.65
CA ALA J 38 -41.17 24.55 21.26
C ALA J 38 -41.32 24.84 19.78
N ASN J 39 -40.35 25.51 19.17
CA ASN J 39 -40.39 25.84 17.75
C ASN J 39 -39.32 25.02 17.01
N LYS J 40 -39.68 23.80 16.65
CA LYS J 40 -38.80 22.92 15.88
C LYS J 40 -39.59 22.17 14.83
N THR J 41 -38.96 21.91 13.70
CA THR J 41 -39.43 20.86 12.83
C THR J 41 -39.24 19.52 13.53
N PRO J 42 -40.14 18.54 13.32
CA PRO J 42 -40.04 17.26 14.06
C PRO J 42 -38.76 16.48 13.81
N ASP J 43 -38.52 16.06 12.57
CA ASP J 43 -37.34 15.31 12.13
C ASP J 43 -37.39 15.24 10.61
N LYS J 44 -36.43 14.51 10.04
CA LYS J 44 -36.46 14.09 8.65
C LYS J 44 -36.25 12.58 8.61
N PRO J 45 -37.30 11.77 8.81
CA PRO J 45 -37.12 10.33 8.77
C PRO J 45 -37.41 9.74 7.40
N ASP J 46 -36.59 8.77 7.04
CA ASP J 46 -36.90 7.88 5.93
C ASP J 46 -37.76 6.73 6.44
N LYS J 47 -38.37 6.02 5.49
CA LYS J 47 -39.25 4.87 5.75
C LYS J 47 -40.41 5.25 6.67
N VAL J 48 -41.28 6.09 6.13
CA VAL J 48 -42.51 6.44 6.83
C VAL J 48 -43.47 5.26 6.71
N TRP J 49 -43.52 4.42 7.73
CA TRP J 49 -44.44 3.29 7.73
C TRP J 49 -45.84 3.80 7.95
N ARG J 50 -46.82 3.14 7.35
CA ARG J 50 -48.22 3.48 7.57
C ARG J 50 -49.03 2.22 7.81
N ILE J 51 -49.71 2.17 8.95
CA ILE J 51 -50.54 1.04 9.33
C ILE J 51 -51.94 1.55 9.55
N GLN J 52 -52.91 0.94 8.90
CA GLN J 52 -54.32 1.29 9.11
C GLN J 52 -55.02 0.10 9.71
N ALA J 53 -55.70 0.31 10.84
CA ALA J 53 -56.51 -0.74 11.43
C ALA J 53 -57.80 -0.87 10.63
N GLY J 54 -57.90 -1.95 9.86
CA GLY J 54 -59.03 -2.12 8.97
C GLY J 54 -60.24 -2.69 9.67
N LYS J 55 -60.86 -3.71 9.08
CA LYS J 55 -62.06 -4.28 9.64
C LYS J 55 -61.70 -5.31 10.71
N GLY J 56 -62.62 -5.48 11.66
CA GLY J 56 -62.37 -6.35 12.78
C GLY J 56 -62.41 -5.60 14.09
N PHE J 57 -61.84 -4.39 14.12
CA PHE J 57 -61.77 -3.63 15.35
C PHE J 57 -63.03 -2.83 15.61
N ASN J 58 -63.63 -2.25 14.57
CA ASN J 58 -64.47 -1.07 14.70
C ASN J 58 -65.92 -1.38 15.04
N GLU J 59 -66.22 -2.55 15.60
CA GLU J 59 -67.58 -2.81 16.03
C GLU J 59 -67.73 -3.61 17.32
N PHE J 60 -66.66 -3.86 18.07
CA PHE J 60 -66.77 -4.45 19.40
C PHE J 60 -66.43 -3.37 20.42
N PRO J 61 -67.44 -2.73 21.02
CA PRO J 61 -67.17 -1.56 21.87
C PRO J 61 -66.57 -1.87 23.22
N ASN J 62 -66.45 -3.13 23.63
CA ASN J 62 -66.03 -3.41 25.00
C ASN J 62 -65.03 -4.55 25.08
N LYS J 63 -64.19 -4.73 24.07
CA LYS J 63 -63.46 -5.99 23.97
C LYS J 63 -62.22 -6.02 24.87
N GLU J 64 -61.65 -4.87 25.21
CA GLU J 64 -60.36 -4.76 25.92
C GLU J 64 -59.26 -5.45 25.12
N TYR J 65 -58.96 -4.82 24.00
CA TYR J 65 -57.87 -5.22 23.12
C TYR J 65 -56.53 -5.05 23.82
N ASP J 66 -55.49 -5.61 23.23
CA ASP J 66 -54.14 -5.16 23.45
C ASP J 66 -53.74 -4.35 22.24
N LEU J 67 -52.84 -3.41 22.42
CA LEU J 67 -52.44 -2.55 21.32
C LEU J 67 -51.05 -2.87 20.81
N TYR J 68 -50.15 -3.25 21.72
CA TYR J 68 -48.81 -3.64 21.29
C TYR J 68 -48.84 -4.95 20.52
N LYS J 69 -49.35 -6.00 21.15
CA LYS J 69 -49.25 -7.34 20.58
C LYS J 69 -50.21 -7.53 19.40
N SER J 70 -51.42 -7.00 19.50
CA SER J 70 -52.38 -7.24 18.43
C SER J 70 -52.15 -6.33 17.25
N LEU J 71 -51.61 -5.13 17.45
CA LEU J 71 -51.38 -4.22 16.33
C LEU J 71 -49.92 -3.80 16.17
N LEU J 72 -49.32 -3.24 17.20
CA LEU J 72 -48.09 -2.49 17.01
C LEU J 72 -46.85 -3.36 16.88
N SER J 73 -46.91 -4.63 17.32
CA SER J 73 -45.72 -5.45 17.28
C SER J 73 -45.38 -5.94 15.88
N SER J 74 -46.22 -5.63 14.88
CA SER J 74 -45.87 -5.92 13.50
C SER J 74 -44.73 -5.04 13.02
N LYS J 75 -44.71 -3.77 13.43
CA LYS J 75 -43.70 -2.84 12.97
C LYS J 75 -43.01 -2.14 14.13
N ILE J 76 -42.94 -2.81 15.28
CA ILE J 76 -42.08 -2.38 16.39
C ILE J 76 -41.34 -3.61 16.88
N ASP J 77 -40.03 -3.61 16.72
CA ASP J 77 -39.22 -4.79 17.00
C ASP J 77 -38.40 -4.60 18.26
N GLY J 78 -38.44 -5.59 19.13
CA GLY J 78 -37.63 -5.57 20.33
C GLY J 78 -36.18 -5.87 20.03
N GLY J 79 -35.38 -5.88 21.09
CA GLY J 79 -33.98 -6.21 20.92
C GLY J 79 -33.15 -6.16 22.18
N TRP J 80 -31.83 -6.19 22.02
CA TRP J 80 -30.89 -6.16 23.12
C TRP J 80 -29.73 -5.24 22.75
N ASP J 81 -29.41 -4.30 23.62
CA ASP J 81 -28.29 -3.40 23.39
C ASP J 81 -27.08 -3.95 24.13
N TRP J 82 -25.98 -4.15 23.41
CA TRP J 82 -24.76 -4.63 24.03
C TRP J 82 -24.20 -3.49 24.87
N GLY J 83 -24.43 -3.56 26.18
CA GLY J 83 -24.22 -2.44 27.06
C GLY J 83 -25.54 -2.02 27.66
N ASN J 84 -25.68 -2.22 28.98
CA ASN J 84 -26.79 -1.91 29.89
C ASN J 84 -28.19 -2.02 29.28
N ALA J 85 -28.53 -3.19 28.77
CA ALA J 85 -29.89 -3.40 28.29
C ALA J 85 -30.71 -4.13 29.33
N ALA J 86 -31.99 -3.77 29.39
CA ALA J 86 -33.02 -4.63 29.93
C ALA J 86 -33.95 -5.10 28.83
N THR J 87 -34.57 -4.17 28.11
CA THR J 87 -35.13 -4.42 26.80
C THR J 87 -34.58 -3.34 25.87
N HIS J 88 -35.04 -3.32 24.62
CA HIS J 88 -34.59 -2.36 23.64
C HIS J 88 -35.60 -2.33 22.51
N TYR J 89 -36.27 -1.20 22.34
CA TYR J 89 -37.30 -1.08 21.32
C TYR J 89 -37.01 0.07 20.40
N TRP J 90 -37.23 -0.16 19.12
CA TRP J 90 -37.17 0.87 18.10
C TRP J 90 -38.28 0.60 17.11
N ILE J 91 -38.23 1.23 15.95
CA ILE J 91 -39.35 1.08 15.04
C ILE J 91 -39.10 -0.02 14.02
N LYS J 92 -38.17 0.21 13.11
CA LYS J 92 -37.80 -0.79 12.11
C LYS J 92 -36.48 -0.43 11.47
N GLY J 93 -35.45 -1.22 11.72
CA GLY J 93 -34.14 -0.94 11.15
C GLY J 93 -33.51 0.34 11.65
N GLY J 94 -33.49 0.54 12.96
CA GLY J 94 -32.89 1.72 13.55
C GLY J 94 -33.93 2.61 14.20
N GLN J 95 -33.42 3.66 14.85
CA GLN J 95 -34.25 4.60 15.59
C GLN J 95 -34.62 5.83 14.79
N TRP J 96 -34.58 5.77 13.47
CA TRP J 96 -34.85 6.95 12.66
C TRP J 96 -35.95 6.72 11.64
N ASN J 97 -36.99 5.97 12.02
CA ASN J 97 -38.04 5.59 11.10
C ASN J 97 -39.40 5.90 11.73
N LYS J 98 -40.18 6.72 11.04
CA LYS J 98 -41.51 7.07 11.49
C LYS J 98 -42.51 5.99 11.09
N LEU J 99 -43.42 5.67 12.02
CA LEU J 99 -44.62 4.93 11.64
C LEU J 99 -45.82 5.81 11.97
N GLU J 100 -46.99 5.44 11.50
CA GLU J 100 -48.22 6.04 11.98
C GLU J 100 -49.34 5.02 11.95
N VAL J 101 -50.32 5.20 12.83
CA VAL J 101 -51.49 4.35 12.91
C VAL J 101 -52.70 5.23 12.70
N ASP J 102 -53.54 4.87 11.74
CA ASP J 102 -54.69 5.70 11.36
C ASP J 102 -55.95 4.88 11.54
N MET J 103 -56.49 4.86 12.76
CA MET J 103 -57.72 4.09 13.00
C MET J 103 -58.96 4.91 12.64
N LYS J 104 -59.20 5.97 13.42
CA LYS J 104 -60.28 6.95 13.26
C LYS J 104 -61.69 6.43 13.45
N ASP J 105 -61.87 5.12 13.60
CA ASP J 105 -63.19 4.58 13.94
C ASP J 105 -63.12 3.35 14.83
N ALA J 106 -61.94 2.92 15.26
CA ALA J 106 -61.82 1.68 16.00
C ALA J 106 -62.31 1.86 17.42
N VAL J 107 -63.45 1.26 17.73
CA VAL J 107 -64.14 1.46 19.00
C VAL J 107 -63.73 0.34 19.94
N GLY J 108 -63.41 0.69 21.16
CA GLY J 108 -63.08 -0.29 22.17
C GLY J 108 -62.27 0.34 23.28
N THR J 109 -61.31 -0.43 23.78
CA THR J 109 -60.40 0.02 24.82
C THR J 109 -59.08 -0.72 24.71
N TYR J 110 -58.01 0.05 24.62
CA TYR J 110 -56.70 -0.44 24.22
C TYR J 110 -55.71 -0.22 25.35
N LYS J 111 -54.61 -0.95 25.32
CA LYS J 111 -53.61 -0.78 26.35
C LYS J 111 -52.24 -1.10 25.82
N LEU J 112 -51.23 -0.45 26.40
CA LEU J 112 -49.84 -0.68 26.01
C LEU J 112 -49.21 -1.78 26.87
N SER J 113 -49.13 -1.55 28.18
CA SER J 113 -48.86 -2.57 29.19
C SER J 113 -47.49 -3.25 28.98
N GLY J 114 -46.43 -2.46 29.06
CA GLY J 114 -45.12 -3.06 29.14
C GLY J 114 -44.10 -2.62 28.11
N LEU J 115 -44.36 -1.52 27.40
CA LEU J 115 -43.38 -1.01 26.45
C LEU J 115 -42.32 -0.22 27.21
N ARG J 116 -41.22 -0.90 27.50
CA ARG J 116 -40.18 -0.33 28.34
C ARG J 116 -38.91 -0.06 27.55
N ASN J 117 -38.28 1.08 27.84
CA ASN J 117 -37.07 1.57 27.15
C ASN J 117 -37.29 1.67 25.65
N PHE J 118 -38.40 2.27 25.26
CA PHE J 118 -38.72 2.51 23.86
C PHE J 118 -37.87 3.67 23.34
N THR J 119 -36.91 3.37 22.47
CA THR J 119 -36.17 4.44 21.80
C THR J 119 -36.96 4.99 20.62
N GLY J 120 -37.18 4.16 19.61
CA GLY J 120 -38.15 4.40 18.56
C GLY J 120 -38.02 5.65 17.74
N GLY J 121 -39.02 6.52 17.86
CA GLY J 121 -39.05 7.73 17.08
C GLY J 121 -40.30 7.85 16.25
N ASP J 122 -41.09 8.89 16.54
CA ASP J 122 -42.19 9.37 15.71
C ASP J 122 -43.32 8.34 15.57
N LEU J 123 -43.90 7.99 16.72
CA LEU J 123 -45.22 7.38 16.73
C LEU J 123 -46.29 8.46 16.68
N ASP J 124 -47.46 8.10 16.19
CA ASP J 124 -48.67 8.89 16.41
C ASP J 124 -49.87 7.97 16.23
N VAL J 125 -50.42 7.51 17.33
CA VAL J 125 -51.49 6.53 17.29
C VAL J 125 -52.81 7.26 17.27
N ASN J 126 -53.30 7.55 16.09
CA ASN J 126 -54.50 8.36 15.91
C ASN J 126 -55.70 7.47 16.17
N MET J 127 -56.31 7.63 17.34
CA MET J 127 -57.43 6.78 17.78
C MET J 127 -58.60 7.66 18.21
N GLN J 128 -59.40 8.11 17.26
CA GLN J 128 -60.65 8.73 17.67
C GLN J 128 -61.61 7.68 18.19
N LYS J 129 -62.50 8.12 19.10
CA LYS J 129 -63.49 7.31 19.84
C LYS J 129 -62.94 5.97 20.34
N ALA J 130 -61.73 6.01 20.90
CA ALA J 130 -61.09 4.81 21.43
C ALA J 130 -60.46 5.15 22.77
N THR J 131 -60.99 4.54 23.82
CA THR J 131 -60.41 4.70 25.15
C THR J 131 -59.04 4.03 25.20
N LEU J 132 -58.06 4.74 25.72
CA LEU J 132 -56.74 4.17 25.89
C LEU J 132 -56.59 3.72 27.35
N ARG J 133 -55.51 2.99 27.63
CA ARG J 133 -55.08 2.73 29.00
C ARG J 133 -53.58 2.51 28.97
N LEU J 134 -52.79 3.51 29.33
CA LEU J 134 -51.38 3.46 29.03
C LEU J 134 -50.58 2.77 30.13
N GLY J 135 -51.20 1.84 30.85
CA GLY J 135 -50.47 1.06 31.83
C GLY J 135 -51.33 -0.01 32.45
N GLN J 136 -50.82 -1.24 32.47
CA GLN J 136 -51.54 -2.36 33.06
C GLN J 136 -50.49 -3.40 33.39
N PHE J 137 -50.27 -3.64 34.69
CA PHE J 137 -49.40 -4.67 35.26
C PHE J 137 -47.91 -4.37 35.03
N ASN J 138 -47.59 -3.35 34.25
CA ASN J 138 -46.22 -3.01 33.89
C ASN J 138 -46.21 -1.58 33.40
N GLY J 139 -45.10 -0.89 33.61
CA GLY J 139 -44.98 0.51 33.25
C GLY J 139 -44.66 0.71 31.79
N ASN J 140 -44.34 1.96 31.45
CA ASN J 140 -44.00 2.35 30.09
C ASN J 140 -42.85 3.35 30.13
N SER J 141 -42.16 3.49 29.00
CA SER J 141 -41.03 4.39 28.92
C SER J 141 -40.86 4.87 27.50
N PHE J 142 -40.38 6.10 27.36
CA PHE J 142 -40.24 6.73 26.04
C PHE J 142 -38.94 7.55 26.07
N THR J 143 -37.92 7.06 25.39
CA THR J 143 -36.57 7.58 25.52
C THR J 143 -36.04 7.82 24.11
N SER J 144 -34.95 8.54 23.97
CA SER J 144 -34.19 8.61 22.73
C SER J 144 -32.72 8.36 23.01
N TYR J 145 -31.92 8.46 21.96
CA TYR J 145 -30.47 8.33 22.06
C TYR J 145 -29.79 9.59 21.56
N LYS J 146 -28.69 9.95 22.21
CA LYS J 146 -27.86 11.06 21.76
C LYS J 146 -27.01 10.55 20.61
N ASP J 147 -27.53 10.71 19.40
CA ASP J 147 -26.82 10.35 18.19
C ASP J 147 -25.99 11.54 17.71
N SER J 148 -25.46 11.45 16.50
CA SER J 148 -24.84 12.61 15.88
C SER J 148 -25.85 13.53 15.22
N ALA J 149 -27.11 13.10 15.13
CA ALA J 149 -28.17 13.93 14.57
C ALA J 149 -28.99 14.65 15.63
N ASP J 150 -28.93 14.18 16.88
CA ASP J 150 -29.56 14.79 18.05
C ASP J 150 -31.08 14.88 17.87
N ARG J 151 -31.69 13.71 17.80
CA ARG J 151 -33.10 13.60 17.46
C ARG J 151 -33.98 13.57 18.69
N THR J 152 -35.27 13.83 18.47
CA THR J 152 -36.31 13.71 19.48
C THR J 152 -37.06 12.41 19.24
N THR J 153 -38.18 12.25 19.95
CA THR J 153 -39.06 11.11 19.71
C THR J 153 -40.40 11.50 19.13
N ARG J 154 -41.04 12.55 19.66
CA ARG J 154 -42.31 13.10 19.20
C ARG J 154 -43.43 12.06 19.22
N VAL J 155 -43.47 11.27 20.29
CA VAL J 155 -44.50 10.24 20.46
C VAL J 155 -45.84 10.92 20.70
N ASP J 156 -46.83 10.58 19.90
CA ASP J 156 -48.12 11.24 19.96
C ASP J 156 -49.22 10.22 20.20
N PHE J 157 -50.37 10.70 20.68
CA PHE J 157 -51.57 9.89 20.84
C PHE J 157 -52.77 10.79 20.61
N ASN J 158 -53.90 10.20 20.25
CA ASN J 158 -55.07 11.02 19.97
C ASN J 158 -56.34 10.32 20.44
N ALA J 159 -56.32 9.78 21.65
CA ALA J 159 -57.40 8.91 22.13
C ALA J 159 -58.63 9.73 22.56
N LYS J 160 -59.55 9.11 23.30
CA LYS J 160 -60.74 9.78 23.77
C LYS J 160 -60.72 10.00 25.28
N ASN J 161 -60.57 8.95 26.07
CA ASN J 161 -59.99 9.05 27.40
C ASN J 161 -58.59 8.49 27.29
N ILE J 162 -57.78 8.59 28.35
CA ILE J 162 -56.43 8.05 28.32
C ILE J 162 -56.16 7.10 29.48
N LEU J 163 -56.45 7.52 30.72
CA LEU J 163 -56.51 6.62 31.89
C LEU J 163 -55.16 5.92 32.13
N ILE J 164 -54.17 6.71 32.58
CA ILE J 164 -52.76 6.29 32.62
C ILE J 164 -52.57 5.00 33.41
N ASP J 165 -52.98 5.00 34.68
CA ASP J 165 -53.25 3.81 35.49
C ASP J 165 -52.04 2.94 35.86
N ASN J 166 -50.85 3.26 35.35
CA ASN J 166 -49.59 2.71 35.83
C ASN J 166 -48.50 3.66 35.36
N PHE J 167 -47.29 3.50 35.93
CA PHE J 167 -46.28 4.54 35.81
C PHE J 167 -45.74 4.64 34.38
N LEU J 168 -45.23 5.82 34.06
CA LEU J 168 -44.72 6.15 32.75
C LEU J 168 -43.49 7.03 32.94
N GLU J 169 -42.37 6.63 32.35
CA GLU J 169 -41.11 7.33 32.54
C GLU J 169 -40.64 7.92 31.22
N ILE J 170 -40.78 9.23 31.08
CA ILE J 170 -40.46 9.90 29.84
C ILE J 170 -39.00 10.32 29.90
N ASN J 171 -38.23 9.92 28.87
CA ASN J 171 -36.78 10.14 28.77
C ASN J 171 -36.05 9.57 29.98
N ASN J 172 -36.21 8.28 30.23
CA ASN J 172 -35.58 7.68 31.39
C ASN J 172 -34.11 7.35 31.09
N ARG J 173 -33.45 6.71 32.03
CA ARG J 173 -32.21 6.01 31.74
C ARG J 173 -32.55 4.67 31.15
N VAL J 174 -31.78 4.24 30.16
CA VAL J 174 -32.06 2.99 29.48
C VAL J 174 -31.74 1.81 30.38
N GLY J 175 -30.46 1.65 30.72
CA GLY J 175 -30.08 0.69 31.72
C GLY J 175 -29.45 1.35 32.92
N SER J 176 -28.12 1.31 32.98
CA SER J 176 -27.35 1.89 34.08
C SER J 176 -26.13 2.58 33.49
N GLY J 177 -26.29 3.87 33.20
CA GLY J 177 -25.15 4.72 32.91
C GLY J 177 -24.51 4.58 31.55
N ALA J 178 -23.89 3.44 31.29
CA ALA J 178 -23.01 3.28 30.15
C ALA J 178 -23.81 3.08 28.86
N GLY J 179 -23.12 2.70 27.79
CA GLY J 179 -23.77 2.60 26.50
C GLY J 179 -24.02 3.98 25.92
N ARG J 180 -25.11 4.09 25.17
CA ARG J 180 -25.47 5.37 24.57
C ARG J 180 -26.33 6.17 25.52
N LYS J 181 -26.10 7.48 25.54
CA LYS J 181 -26.82 8.36 26.44
C LYS J 181 -28.14 8.78 25.83
N ALA J 182 -29.00 9.42 26.64
CA ALA J 182 -30.36 9.73 26.27
C ALA J 182 -30.48 11.20 25.91
N SER J 183 -31.03 11.48 24.73
CA SER J 183 -31.29 12.84 24.29
C SER J 183 -32.73 13.23 24.66
N SER J 184 -33.22 14.31 24.07
CA SER J 184 -34.52 14.85 24.42
C SER J 184 -35.65 14.01 23.84
N THR J 185 -36.88 14.35 24.26
CA THR J 185 -38.09 13.70 23.77
C THR J 185 -39.28 14.63 23.95
N VAL J 186 -40.37 14.28 23.29
CA VAL J 186 -41.64 14.99 23.39
C VAL J 186 -42.75 13.96 23.42
N LEU J 187 -43.59 14.01 24.44
CA LEU J 187 -44.78 13.17 24.49
C LEU J 187 -46.00 14.08 24.35
N THR J 188 -46.96 13.66 23.55
CA THR J 188 -48.18 14.44 23.36
C THR J 188 -49.39 13.55 23.58
N LEU J 189 -50.23 13.94 24.52
CA LEU J 189 -51.43 13.17 24.85
C LEU J 189 -52.63 14.07 24.58
N GLN J 190 -53.44 13.71 23.60
CA GLN J 190 -54.38 14.66 23.03
C GLN J 190 -55.79 14.08 23.04
N ALA J 191 -56.25 13.66 24.22
CA ALA J 191 -57.59 13.13 24.37
C ALA J 191 -58.65 14.22 24.18
N SER J 192 -59.90 13.82 24.31
CA SER J 192 -60.99 14.77 24.18
C SER J 192 -62.08 14.58 25.23
N GLU J 193 -61.83 13.78 26.26
CA GLU J 193 -62.77 13.65 27.37
C GLU J 193 -62.14 13.69 28.74
N GLY J 194 -60.83 13.57 28.84
CA GLY J 194 -60.17 13.66 30.13
C GLY J 194 -58.95 12.78 30.16
N ILE J 195 -57.90 13.28 30.79
CA ILE J 195 -56.66 12.53 31.01
C ILE J 195 -56.57 12.32 32.51
N THR J 196 -57.14 11.24 33.00
CA THR J 196 -57.06 10.99 34.42
C THR J 196 -55.88 10.07 34.67
N SER J 197 -55.80 9.57 35.90
CA SER J 197 -54.70 8.71 36.31
C SER J 197 -55.13 7.94 37.54
N SER J 198 -54.37 6.91 37.87
CA SER J 198 -54.64 6.18 39.10
C SER J 198 -53.73 6.67 40.21
N LYS J 199 -53.83 6.02 41.37
CA LYS J 199 -53.13 6.49 42.55
C LYS J 199 -51.64 6.16 42.50
N ASN J 200 -51.29 5.00 41.95
CA ASN J 200 -49.90 4.56 41.90
C ASN J 200 -49.27 4.73 40.52
N ALA J 201 -49.59 5.80 39.81
CA ALA J 201 -49.05 6.04 38.49
C ALA J 201 -48.03 7.16 38.58
N GLU J 202 -46.76 6.77 38.71
CA GLU J 202 -45.67 7.72 38.87
C GLU J 202 -45.26 8.24 37.50
N ILE J 203 -45.75 9.39 37.14
CA ILE J 203 -45.23 10.08 35.96
C ILE J 203 -43.93 10.75 36.32
N SER J 204 -42.83 10.34 35.68
CA SER J 204 -41.53 10.87 36.05
C SER J 204 -40.78 11.23 34.78
N LEU J 205 -40.86 12.48 34.37
CA LEU J 205 -40.18 12.97 33.20
C LEU J 205 -38.87 13.62 33.60
N TYR J 206 -37.85 13.46 32.76
CA TYR J 206 -36.48 13.74 33.15
C TYR J 206 -35.90 14.89 32.34
N ASP J 207 -34.57 14.98 32.39
CA ASP J 207 -33.74 16.09 31.87
C ASP J 207 -34.18 16.67 30.52
N GLY J 208 -34.57 15.84 29.57
CA GLY J 208 -34.89 16.40 28.28
C GLY J 208 -36.36 16.36 27.93
N ALA J 209 -37.17 15.82 28.83
CA ALA J 209 -38.53 15.45 28.49
C ALA J 209 -39.47 16.62 28.57
N THR J 210 -40.48 16.60 27.70
CA THR J 210 -41.61 17.50 27.78
C THR J 210 -42.89 16.66 27.82
N LEU J 211 -44.02 17.34 27.82
CA LEU J 211 -45.32 16.68 27.84
C LEU J 211 -46.35 17.71 27.41
N ASN J 212 -47.09 17.42 26.35
CA ASN J 212 -48.16 18.31 25.91
C ASN J 212 -49.49 17.61 26.12
N LEU J 213 -50.45 18.30 26.72
CA LEU J 213 -51.77 17.75 26.97
C LEU J 213 -52.78 18.65 26.29
N ALA J 214 -53.89 18.07 25.81
CA ALA J 214 -54.84 18.93 25.10
C ALA J 214 -56.29 18.53 25.33
N SER J 215 -56.58 17.76 26.36
CA SER J 215 -57.96 17.34 26.62
C SER J 215 -58.64 18.41 27.45
N ASN J 216 -59.77 18.09 28.07
CA ASN J 216 -60.26 18.89 29.18
C ASN J 216 -60.22 18.08 30.46
N SER J 217 -59.94 18.78 31.57
CA SER J 217 -59.92 18.27 32.93
C SER J 217 -58.90 17.13 33.11
N VAL J 218 -57.63 17.51 32.95
CA VAL J 218 -56.53 16.68 33.40
C VAL J 218 -56.62 16.54 34.92
N LYS J 219 -56.61 15.31 35.42
CA LYS J 219 -56.58 15.13 36.87
C LYS J 219 -55.66 13.97 37.25
N LEU J 220 -54.37 14.29 37.38
CA LEU J 220 -53.34 13.31 37.64
C LEU J 220 -53.27 13.05 39.13
N ASN J 221 -53.87 11.95 39.57
CA ASN J 221 -53.93 11.66 41.00
C ASN J 221 -52.69 10.92 41.51
N GLY J 222 -51.56 11.00 40.82
CA GLY J 222 -50.37 10.30 41.22
C GLY J 222 -49.15 11.20 41.29
N ASN J 223 -48.02 10.57 41.60
CA ASN J 223 -46.75 11.26 41.79
C ASN J 223 -46.24 11.76 40.45
N VAL J 224 -46.45 13.05 40.18
CA VAL J 224 -45.77 13.66 39.05
C VAL J 224 -44.38 14.09 39.49
N TRP J 225 -43.37 13.66 38.75
CA TRP J 225 -41.99 13.79 39.21
C TRP J 225 -41.17 14.50 38.14
N MET J 226 -41.17 15.83 38.14
CA MET J 226 -40.42 16.58 37.15
C MET J 226 -38.96 16.66 37.60
N GLY J 227 -38.07 16.08 36.83
CA GLY J 227 -36.66 16.15 37.16
C GLY J 227 -36.26 15.04 38.09
N ARG J 228 -35.33 14.20 37.66
CA ARG J 228 -34.90 13.08 38.47
C ARG J 228 -33.44 12.85 38.17
N LEU J 229 -32.76 12.12 39.04
CA LEU J 229 -31.38 11.70 38.79
C LEU J 229 -31.40 10.75 37.62
N GLN J 230 -30.99 11.27 36.45
CA GLN J 230 -30.99 10.46 35.25
C GLN J 230 -29.90 9.40 35.30
N TYR J 231 -28.76 9.73 35.88
CA TYR J 231 -27.66 8.80 36.04
C TYR J 231 -27.38 8.63 37.52
N VAL J 232 -26.38 7.80 37.83
CA VAL J 232 -26.26 7.27 39.18
C VAL J 232 -25.62 8.27 40.14
N GLY J 233 -24.70 9.11 39.67
CA GLY J 233 -23.99 9.98 40.58
C GLY J 233 -23.95 11.44 40.15
N ALA J 234 -24.48 11.73 38.97
CA ALA J 234 -24.41 13.08 38.41
C ALA J 234 -25.41 13.97 39.15
N TYR J 235 -24.94 14.51 40.28
CA TYR J 235 -25.74 15.45 41.05
C TYR J 235 -25.71 16.85 40.46
N LEU J 236 -24.87 17.10 39.45
CA LEU J 236 -24.69 18.42 38.89
C LEU J 236 -25.29 18.55 37.49
N ALA J 237 -26.30 17.73 37.17
CA ALA J 237 -26.97 17.87 35.90
C ALA J 237 -27.90 19.08 35.92
N PRO J 238 -28.16 19.68 34.75
CA PRO J 238 -29.17 20.76 34.69
C PRO J 238 -30.58 20.29 34.99
N SER J 239 -31.04 19.24 34.28
CA SER J 239 -32.30 18.54 34.52
C SER J 239 -33.50 19.48 34.41
N TYR J 240 -33.76 19.91 33.18
CA TYR J 240 -34.95 20.68 32.87
C TYR J 240 -36.13 19.74 32.60
N SER J 241 -37.33 20.32 32.50
CA SER J 241 -38.52 19.60 32.10
C SER J 241 -39.59 20.61 31.70
N THR J 242 -40.74 20.10 31.29
CA THR J 242 -41.88 20.91 30.86
C THR J 242 -43.12 20.03 30.86
N ILE J 243 -44.20 20.52 31.46
CA ILE J 243 -45.51 19.89 31.27
C ILE J 243 -46.43 20.97 30.73
N ASN J 244 -46.49 21.07 29.41
CA ASN J 244 -47.15 22.17 28.74
C ASN J 244 -48.62 21.82 28.58
N THR J 245 -49.39 22.07 29.61
CA THR J 245 -50.83 21.82 29.55
C THR J 245 -51.57 23.01 28.96
N SER J 246 -51.16 23.48 27.80
CA SER J 246 -51.63 24.74 27.27
C SER J 246 -53.05 24.70 26.76
N LYS J 247 -53.47 23.58 26.17
CA LYS J 247 -54.74 23.54 25.47
C LYS J 247 -55.89 23.15 26.36
N VAL J 248 -55.64 22.91 27.64
CA VAL J 248 -56.60 22.22 28.51
C VAL J 248 -57.75 23.18 28.82
N THR J 249 -58.90 22.93 28.21
CA THR J 249 -60.05 23.83 28.36
C THR J 249 -60.86 23.55 29.61
N GLY J 250 -60.45 22.63 30.45
CA GLY J 250 -61.25 22.26 31.60
C GLY J 250 -60.64 22.62 32.93
N GLU J 251 -60.37 21.62 33.76
CA GLU J 251 -59.96 21.80 35.14
C GLU J 251 -58.68 21.04 35.38
N VAL J 252 -57.54 21.73 35.35
CA VAL J 252 -56.27 21.09 35.67
C VAL J 252 -56.27 20.75 37.15
N ASN J 253 -55.80 19.55 37.49
CA ASN J 253 -55.85 19.13 38.88
C ASN J 253 -54.69 18.16 39.11
N PHE J 254 -53.56 18.68 39.55
CA PHE J 254 -52.54 17.76 40.01
C PHE J 254 -52.88 17.29 41.42
N ASN J 255 -52.12 16.34 41.92
CA ASN J 255 -52.36 15.94 43.29
C ASN J 255 -51.08 15.89 44.09
N HIS J 256 -49.99 15.50 43.46
CA HIS J 256 -48.73 15.34 44.18
C HIS J 256 -47.61 15.65 43.21
N LEU J 257 -47.16 16.91 43.24
CA LEU J 257 -46.10 17.32 42.35
C LEU J 257 -44.77 17.36 43.09
N THR J 258 -43.74 16.83 42.44
CA THR J 258 -42.44 16.73 43.09
C THR J 258 -41.37 17.12 42.11
N VAL J 259 -40.68 18.22 42.38
CA VAL J 259 -39.70 18.79 41.48
C VAL J 259 -38.31 18.50 42.03
N GLY J 260 -37.46 17.90 41.22
CA GLY J 260 -36.06 17.85 41.57
C GLY J 260 -35.73 16.69 42.48
N ASP J 261 -34.52 16.17 42.31
CA ASP J 261 -33.99 15.12 43.17
C ASP J 261 -32.47 15.20 43.10
N HIS J 262 -31.86 15.71 44.17
CA HIS J 262 -30.40 15.74 44.37
C HIS J 262 -29.68 16.53 43.28
N ASN J 263 -30.35 17.56 42.75
CA ASN J 263 -29.75 18.42 41.73
C ASN J 263 -30.49 19.75 41.72
N ALA J 264 -30.08 20.63 40.81
CA ALA J 264 -30.70 21.94 40.67
C ALA J 264 -31.65 21.90 39.48
N ALA J 265 -32.80 21.28 39.69
CA ALA J 265 -33.78 21.14 38.63
C ALA J 265 -34.58 22.42 38.46
N GLN J 266 -34.86 22.76 37.21
CA GLN J 266 -35.62 23.96 36.87
C GLN J 266 -36.78 23.53 35.98
N ALA J 267 -37.90 23.19 36.61
CA ALA J 267 -39.07 22.75 35.88
C ALA J 267 -39.97 23.93 35.53
N GLY J 268 -40.90 23.70 34.62
CA GLY J 268 -41.80 24.75 34.20
C GLY J 268 -43.09 24.16 33.68
N ILE J 269 -44.20 24.76 34.10
CA ILE J 269 -45.53 24.30 33.70
C ILE J 269 -46.24 25.47 33.04
N ILE J 270 -46.46 25.37 31.74
CA ILE J 270 -47.19 26.39 31.02
C ILE J 270 -48.65 26.00 31.10
N ALA J 271 -49.35 26.53 32.07
CA ALA J 271 -50.67 26.03 32.40
C ALA J 271 -51.74 26.77 31.59
N SER J 272 -53.00 26.59 31.98
CA SER J 272 -54.16 27.16 31.31
C SER J 272 -55.01 27.93 32.30
N ASN J 273 -54.36 28.82 33.05
CA ASN J 273 -54.91 29.87 33.93
C ASN J 273 -55.93 29.38 34.96
N LYS J 274 -55.87 28.10 35.33
CA LYS J 274 -56.55 27.59 36.52
C LYS J 274 -55.86 26.30 36.92
N THR J 275 -55.08 26.31 37.98
CA THR J 275 -54.22 25.17 38.28
C THR J 275 -54.31 24.85 39.77
N HIS J 276 -55.31 24.08 40.16
CA HIS J 276 -55.31 23.53 41.50
C HIS J 276 -54.30 22.39 41.51
N ILE J 277 -53.31 22.46 42.39
CA ILE J 277 -52.49 21.29 42.64
C ILE J 277 -52.64 20.92 44.10
N GLY J 278 -52.02 19.82 44.48
CA GLY J 278 -52.02 19.40 45.86
C GLY J 278 -50.69 19.62 46.51
N THR J 279 -50.11 18.56 47.06
CA THR J 279 -48.84 18.68 47.77
C THR J 279 -47.70 18.88 46.79
N LEU J 280 -46.99 20.00 46.95
CA LEU J 280 -45.80 20.31 46.19
C LEU J 280 -44.58 20.04 47.05
N ASP J 281 -43.62 19.29 46.52
CA ASP J 281 -42.44 18.89 47.28
C ASP J 281 -41.19 19.30 46.49
N LEU J 282 -40.71 20.52 46.74
CA LEU J 282 -39.49 20.96 46.08
C LEU J 282 -38.28 20.29 46.70
N TRP J 283 -37.14 20.49 46.05
CA TRP J 283 -35.86 20.08 46.58
C TRP J 283 -35.20 21.32 47.19
N GLN J 284 -33.94 21.19 47.63
CA GLN J 284 -33.18 22.31 48.17
C GLN J 284 -32.98 23.40 47.13
N SER J 285 -32.64 23.02 45.92
CA SER J 285 -32.28 23.95 44.85
C SER J 285 -33.15 23.76 43.63
N ALA J 286 -34.45 23.53 43.84
CA ALA J 286 -35.36 23.24 42.75
C ALA J 286 -36.19 24.46 42.40
N GLY J 287 -36.19 24.83 41.13
CA GLY J 287 -36.99 25.92 40.64
C GLY J 287 -38.31 25.43 40.04
N LEU J 288 -39.21 26.37 39.81
CA LEU J 288 -40.51 26.04 39.24
C LEU J 288 -41.05 27.27 38.54
N ASN J 289 -41.34 27.16 37.26
CA ASN J 289 -41.82 28.30 36.48
C ASN J 289 -43.23 27.99 35.99
N ILE J 290 -44.22 28.22 36.85
CA ILE J 290 -45.60 28.12 36.44
C ILE J 290 -45.92 29.38 35.65
N ILE J 291 -46.34 29.23 34.41
CA ILE J 291 -46.57 30.37 33.53
C ILE J 291 -48.01 30.36 33.11
N ALA J 292 -48.77 31.36 33.56
CA ALA J 292 -50.11 31.55 33.08
C ALA J 292 -50.09 32.09 31.65
N PRO J 293 -51.16 31.93 30.89
CA PRO J 293 -51.20 32.48 29.54
C PRO J 293 -51.31 33.99 29.56
N PRO J 294 -51.08 34.67 28.42
CA PRO J 294 -51.32 36.12 28.36
C PRO J 294 -52.80 36.50 28.38
N GLU J 295 -53.05 37.79 28.14
CA GLU J 295 -54.39 38.35 28.31
C GLU J 295 -55.39 37.75 27.33
N GLY J 296 -55.07 37.80 26.04
CA GLY J 296 -56.00 37.28 25.06
C GLY J 296 -55.79 35.81 24.78
N GLY J 297 -54.95 35.16 25.56
CA GLY J 297 -54.57 33.79 25.31
C GLY J 297 -53.55 33.69 24.19
N TYR J 298 -53.09 32.47 23.96
CA TYR J 298 -52.12 32.23 22.91
C TYR J 298 -52.77 32.31 21.54
N LYS J 299 -52.11 33.02 20.62
CA LYS J 299 -52.48 33.13 19.20
C LYS J 299 -53.90 33.62 18.94
N GLN J 335 -19.63 28.15 1.51
CA GLN J 335 -20.11 27.44 0.33
C GLN J 335 -21.43 28.01 -0.15
N LYS J 336 -22.42 28.05 0.75
CA LYS J 336 -23.74 28.57 0.44
C LYS J 336 -24.42 28.96 1.74
N THR J 337 -25.06 30.13 1.74
CA THR J 337 -25.84 30.55 2.89
C THR J 337 -27.09 29.70 3.01
N GLU J 338 -27.63 29.64 4.22
CA GLU J 338 -28.90 28.97 4.44
C GLU J 338 -29.64 29.69 5.57
N VAL J 339 -30.93 29.89 5.37
CA VAL J 339 -31.74 30.71 6.26
C VAL J 339 -32.40 29.79 7.28
N GLN J 340 -31.96 29.90 8.52
CA GLN J 340 -32.64 29.22 9.61
C GLN J 340 -33.98 29.90 9.86
N PRO J 341 -34.99 29.17 10.33
CA PRO J 341 -36.30 29.79 10.53
C PRO J 341 -36.31 30.72 11.74
N THR J 342 -37.35 31.55 11.80
CA THR J 342 -37.48 32.54 12.85
C THR J 342 -37.77 31.87 14.19
N GLN J 343 -36.79 31.94 15.07
CA GLN J 343 -36.87 31.34 16.40
C GLN J 343 -37.42 32.40 17.34
N VAL J 344 -38.74 32.49 17.41
CA VAL J 344 -39.40 33.46 18.28
C VAL J 344 -39.18 33.02 19.71
N ILE J 345 -38.72 33.94 20.56
CA ILE J 345 -38.37 33.62 21.94
C ILE J 345 -39.34 34.37 22.83
N ASP J 346 -39.41 33.96 24.10
CA ASP J 346 -40.34 34.53 25.05
C ASP J 346 -39.58 35.24 26.15
N GLY J 347 -40.15 36.32 26.65
CA GLY J 347 -39.67 36.95 27.86
C GLY J 347 -40.64 36.71 28.98
N PRO J 348 -40.29 37.14 30.18
CA PRO J 348 -41.25 37.04 31.29
C PRO J 348 -42.38 38.06 31.16
N PHE J 349 -43.54 37.61 30.76
CA PHE J 349 -44.67 38.50 30.52
C PHE J 349 -45.63 38.46 31.69
N ALA J 350 -46.75 39.16 31.56
CA ALA J 350 -47.77 39.21 32.59
C ALA J 350 -48.92 38.30 32.21
N GLY J 351 -49.45 37.57 33.18
CA GLY J 351 -50.59 36.72 32.93
C GLY J 351 -51.85 37.54 32.71
N GLY J 352 -52.91 36.83 32.33
CA GLY J 352 -54.21 37.46 32.14
C GLY J 352 -54.84 37.87 33.46
N LYS J 353 -56.12 38.25 33.37
CA LYS J 353 -56.81 38.80 34.54
C LYS J 353 -57.16 37.71 35.55
N ASP J 354 -57.86 36.68 35.09
CA ASP J 354 -58.31 35.60 35.99
C ASP J 354 -57.40 34.38 35.88
N THR J 355 -56.15 34.55 36.30
CA THR J 355 -55.16 33.49 36.30
C THR J 355 -54.89 33.12 37.75
N VAL J 356 -55.28 31.91 38.14
CA VAL J 356 -55.27 31.47 39.53
C VAL J 356 -54.43 30.22 39.64
N VAL J 357 -53.53 30.18 40.61
CA VAL J 357 -52.70 29.01 40.86
C VAL J 357 -52.89 28.61 42.32
N ASN J 358 -53.74 27.63 42.57
CA ASN J 358 -54.16 27.30 43.93
C ASN J 358 -53.30 26.18 44.50
N ILE J 359 -52.01 26.42 44.61
CA ILE J 359 -51.12 25.47 45.26
C ILE J 359 -51.47 25.40 46.74
N ASP J 360 -51.67 24.20 47.27
CA ASP J 360 -52.21 24.12 48.62
C ASP J 360 -51.26 23.56 49.67
N ARG J 361 -50.06 23.12 49.29
CA ARG J 361 -49.04 22.74 50.27
C ARG J 361 -47.66 22.74 49.64
N ILE J 362 -46.71 23.42 50.26
CA ILE J 362 -45.35 23.49 49.75
C ILE J 362 -44.44 22.89 50.81
N ASN J 363 -43.91 21.71 50.55
CA ASN J 363 -42.90 21.16 51.42
C ASN J 363 -41.54 21.32 50.77
N THR J 364 -40.50 20.80 51.43
CA THR J 364 -39.14 20.81 50.88
C THR J 364 -38.38 19.66 51.50
N LYS J 365 -37.78 18.82 50.66
CA LYS J 365 -36.90 17.77 51.15
C LYS J 365 -35.47 18.28 51.19
N ALA J 366 -34.94 18.43 52.40
CA ALA J 366 -33.65 19.09 52.57
C ALA J 366 -32.69 18.18 53.31
N ASP J 367 -31.86 17.45 52.56
CA ASP J 367 -30.71 16.76 53.13
C ASP J 367 -29.59 16.78 52.10
N GLY J 368 -28.40 16.41 52.54
CA GLY J 368 -27.27 16.35 51.65
C GLY J 368 -26.07 17.13 52.13
N THR J 369 -25.38 17.82 51.22
CA THR J 369 -24.17 18.54 51.56
C THR J 369 -24.49 19.85 52.26
N ILE J 370 -23.44 20.60 52.58
CA ILE J 370 -23.56 21.91 53.22
C ILE J 370 -22.77 22.90 52.39
N LYS J 371 -23.44 23.94 51.92
CA LYS J 371 -22.82 24.96 51.09
C LYS J 371 -22.66 26.22 51.94
N VAL J 372 -21.95 27.21 51.38
CA VAL J 372 -21.64 28.44 52.11
C VAL J 372 -22.87 29.29 52.42
N GLY J 373 -23.97 29.07 51.71
CA GLY J 373 -25.24 29.70 52.03
C GLY J 373 -26.31 28.63 52.24
N GLY J 374 -27.52 28.96 51.81
CA GLY J 374 -28.56 27.96 51.78
C GLY J 374 -28.52 27.17 50.49
N PHE J 375 -29.68 26.92 49.90
CA PHE J 375 -29.73 26.49 48.51
C PHE J 375 -30.82 27.16 47.71
N LYS J 376 -31.74 27.88 48.35
CA LYS J 376 -32.73 28.76 47.72
C LYS J 376 -33.66 27.97 46.77
N ALA J 377 -34.48 27.14 47.39
CA ALA J 377 -35.64 26.60 46.69
C ALA J 377 -36.56 27.74 46.28
N SER J 378 -37.16 27.63 45.11
CA SER J 378 -37.89 28.75 44.55
C SER J 378 -38.99 28.26 43.62
N LEU J 379 -40.05 29.04 43.52
CA LEU J 379 -41.02 28.86 42.46
C LEU J 379 -41.36 30.24 41.93
N THR J 380 -41.64 30.31 40.64
CA THR J 380 -41.83 31.58 39.95
C THR J 380 -43.13 31.54 39.16
N THR J 381 -44.02 32.45 39.46
CA THR J 381 -45.36 32.45 38.90
C THR J 381 -45.66 33.81 38.35
N ASN J 382 -46.10 33.90 37.10
CA ASN J 382 -46.59 35.17 36.60
C ASN J 382 -48.09 35.20 36.45
N ALA J 383 -48.82 34.57 37.36
CA ALA J 383 -50.26 34.66 37.35
C ALA J 383 -50.72 35.84 38.19
N ALA J 384 -51.97 36.24 37.97
CA ALA J 384 -52.51 37.39 38.70
C ALA J 384 -52.91 37.06 40.12
N HIS J 385 -52.91 35.79 40.51
CA HIS J 385 -53.13 35.38 41.88
C HIS J 385 -52.25 34.18 42.16
N LEU J 386 -51.72 34.08 43.36
CA LEU J 386 -51.06 32.86 43.80
C LEU J 386 -51.62 32.53 45.17
N ASN J 387 -52.78 31.90 45.20
CA ASN J 387 -53.40 31.54 46.46
C ASN J 387 -52.70 30.32 47.01
N ILE J 388 -52.32 30.37 48.28
CA ILE J 388 -51.78 29.21 48.95
C ILE J 388 -52.66 28.87 50.13
N GLY J 389 -53.27 27.71 50.08
CA GLY J 389 -54.34 27.36 50.99
C GLY J 389 -53.87 26.90 52.35
N LYS J 390 -54.69 26.05 52.95
CA LYS J 390 -54.63 25.81 54.38
C LYS J 390 -53.51 24.86 54.78
N GLY J 391 -52.83 24.24 53.81
CA GLY J 391 -51.67 23.44 54.15
C GLY J 391 -50.48 24.24 54.60
N GLY J 392 -50.38 25.49 54.16
CA GLY J 392 -49.31 26.36 54.59
C GLY J 392 -47.98 26.01 53.96
N VAL J 393 -46.90 26.38 54.62
CA VAL J 393 -45.55 26.26 54.08
C VAL J 393 -44.70 25.48 55.08
N ASN J 394 -44.06 24.42 54.60
CA ASN J 394 -43.09 23.67 55.38
C ASN J 394 -41.71 23.91 54.80
N LEU J 395 -40.68 23.67 55.61
CA LEU J 395 -39.31 23.89 55.16
C LEU J 395 -38.41 23.01 56.04
N SER J 396 -37.86 21.95 55.46
CA SER J 396 -36.87 21.17 56.17
C SER J 396 -35.56 21.94 56.21
N ASN J 397 -34.77 21.72 57.26
CA ASN J 397 -33.60 22.54 57.54
C ASN J 397 -32.43 21.65 57.91
N GLN J 398 -31.34 21.75 57.15
CA GLN J 398 -30.08 21.10 57.48
C GLN J 398 -29.25 22.12 58.29
N ALA J 399 -27.93 21.92 58.41
CA ALA J 399 -27.11 22.78 59.26
C ALA J 399 -27.05 24.21 58.75
N SER J 400 -26.97 24.41 57.45
CA SER J 400 -27.12 25.75 56.91
C SER J 400 -28.60 26.07 56.75
N GLY J 401 -28.93 27.36 56.78
CA GLY J 401 -30.32 27.77 56.71
C GLY J 401 -30.88 27.71 55.32
N ARG J 402 -31.86 26.84 55.10
CA ARG J 402 -32.47 26.73 53.78
C ARG J 402 -33.33 27.96 53.49
N THR J 403 -33.61 28.16 52.21
CA THR J 403 -34.23 29.39 51.75
C THR J 403 -35.36 29.05 50.78
N LEU J 404 -36.53 29.62 51.00
CA LEU J 404 -37.66 29.43 50.11
C LEU J 404 -38.02 30.76 49.48
N LEU J 405 -38.17 30.76 48.16
CA LEU J 405 -38.43 31.97 47.37
C LEU J 405 -39.78 31.79 46.66
N VAL J 406 -40.84 32.28 47.28
CA VAL J 406 -42.17 32.18 46.72
C VAL J 406 -42.36 33.46 45.91
N GLU J 407 -41.84 33.46 44.70
CA GLU J 407 -41.82 34.66 43.89
C GLU J 407 -43.16 34.78 43.14
N ASN J 408 -43.52 36.01 42.81
CA ASN J 408 -44.61 36.27 41.89
C ASN J 408 -44.21 37.46 41.05
N LEU J 409 -44.29 37.32 39.72
CA LEU J 409 -43.82 38.42 38.88
C LEU J 409 -44.85 39.53 38.80
N THR J 410 -46.03 39.25 38.26
CA THR J 410 -47.02 40.30 38.02
C THR J 410 -48.34 39.96 38.69
N GLY J 411 -48.29 39.56 39.96
CA GLY J 411 -49.53 39.24 40.65
C GLY J 411 -49.57 39.55 42.12
N ASN J 412 -50.42 38.81 42.84
CA ASN J 412 -50.57 38.92 44.28
C ASN J 412 -50.11 37.62 44.92
N ILE J 413 -50.01 37.62 46.24
CA ILE J 413 -49.78 36.39 46.99
C ILE J 413 -50.75 36.39 48.15
N THR J 414 -51.52 35.32 48.29
CA THR J 414 -52.49 35.20 49.37
C THR J 414 -52.21 33.91 50.11
N VAL J 415 -51.28 33.93 51.04
CA VAL J 415 -50.96 32.77 51.85
C VAL J 415 -51.95 32.72 53.01
N ASP J 416 -52.62 31.58 53.18
CA ASP J 416 -53.59 31.43 54.24
C ASP J 416 -53.23 30.29 55.19
N GLY J 417 -51.95 30.02 55.37
CA GLY J 417 -51.53 28.88 56.16
C GLY J 417 -50.38 29.20 57.10
N PRO J 418 -50.10 28.29 58.03
CA PRO J 418 -49.05 28.54 59.02
C PRO J 418 -47.67 28.26 58.43
N LEU J 419 -46.77 29.22 58.61
CA LEU J 419 -45.41 29.07 58.08
C LEU J 419 -44.61 28.17 59.01
N ARG J 420 -44.62 26.88 58.73
CA ARG J 420 -43.86 25.92 59.53
C ARG J 420 -42.42 25.88 59.06
N VAL J 421 -41.59 25.23 59.86
CA VAL J 421 -40.22 24.87 59.49
C VAL J 421 -39.86 23.62 60.28
N ASN J 422 -39.35 22.61 59.58
CA ASN J 422 -39.16 21.24 60.06
C ASN J 422 -40.46 20.62 60.56
N ASN J 423 -41.58 21.09 59.97
CA ASN J 423 -42.95 20.64 60.25
C ASN J 423 -43.32 20.83 61.73
N GLN J 424 -43.14 22.06 62.22
CA GLN J 424 -43.84 22.53 63.40
C GLN J 424 -43.96 24.04 63.30
N VAL J 425 -44.91 24.59 64.06
CA VAL J 425 -45.29 25.99 63.91
C VAL J 425 -44.22 26.92 64.46
N GLY J 426 -43.66 26.58 65.62
CA GLY J 426 -42.59 27.37 66.20
C GLY J 426 -41.31 27.26 65.40
N GLY J 427 -40.70 26.09 65.42
CA GLY J 427 -39.56 25.82 64.57
C GLY J 427 -38.29 26.56 64.93
N TYR J 428 -37.67 26.18 66.04
CA TYR J 428 -36.38 26.73 66.40
C TYR J 428 -35.31 26.28 65.42
N ALA J 429 -34.37 27.19 65.17
CA ALA J 429 -33.25 26.91 64.28
C ALA J 429 -32.00 27.52 64.90
N LEU J 430 -30.86 26.89 64.62
CA LEU J 430 -29.60 27.29 65.25
C LEU J 430 -29.02 28.49 64.51
N ALA J 431 -27.83 28.94 64.95
CA ALA J 431 -27.27 30.20 64.48
C ALA J 431 -26.78 30.09 63.04
N GLY J 432 -26.11 28.99 62.71
CA GLY J 432 -25.73 28.73 61.33
C GLY J 432 -26.89 28.37 60.43
N SER J 433 -28.03 27.99 61.01
CA SER J 433 -29.22 27.66 60.24
C SER J 433 -30.18 28.85 60.29
N SER J 434 -29.96 29.81 59.40
CA SER J 434 -30.84 30.96 59.27
C SER J 434 -31.83 30.65 58.17
N ALA J 435 -33.01 30.17 58.54
CA ALA J 435 -34.05 29.84 57.58
C ALA J 435 -34.60 31.13 56.97
N ASN J 436 -34.74 31.15 55.66
CA ASN J 436 -35.04 32.37 54.94
C ASN J 436 -36.31 32.20 54.14
N PHE J 437 -37.45 32.55 54.73
CA PHE J 437 -38.67 32.70 53.97
C PHE J 437 -38.57 33.99 53.16
N GLU J 438 -39.15 33.96 51.97
CA GLU J 438 -38.97 35.09 51.07
C GLU J 438 -40.14 35.17 50.11
N PHE J 439 -40.70 36.35 49.98
CA PHE J 439 -41.89 36.56 49.19
C PHE J 439 -41.67 37.77 48.29
N LYS J 440 -42.17 37.69 47.07
CA LYS J 440 -41.99 38.75 46.08
C LYS J 440 -43.32 38.92 45.39
N ALA J 441 -44.15 39.83 45.84
CA ALA J 441 -45.50 39.97 45.31
C ALA J 441 -45.55 41.17 44.38
N GLY J 442 -45.73 40.91 43.09
CA GLY J 442 -45.87 41.96 42.12
C GLY J 442 -44.57 42.67 41.84
N VAL J 443 -43.60 41.95 41.29
CA VAL J 443 -42.26 42.51 41.12
C VAL J 443 -42.24 43.50 39.96
N ASP J 444 -42.56 43.05 38.75
CA ASP J 444 -42.35 43.87 37.57
C ASP J 444 -43.44 44.90 37.35
N THR J 445 -44.50 44.88 38.15
CA THR J 445 -45.53 45.90 38.06
C THR J 445 -45.64 46.77 39.30
N LYS J 446 -45.06 46.32 40.43
CA LYS J 446 -44.88 47.11 41.65
C LYS J 446 -46.19 47.59 42.26
N ASN J 447 -47.26 46.82 42.06
CA ASN J 447 -48.55 47.13 42.68
C ASN J 447 -49.23 45.86 43.15
N GLY J 448 -48.47 44.95 43.76
CA GLY J 448 -48.99 43.68 44.22
C GLY J 448 -48.91 43.56 45.73
N THR J 449 -50.02 43.15 46.33
CA THR J 449 -50.10 42.94 47.77
C THR J 449 -49.63 41.54 48.11
N ALA J 450 -49.13 41.36 49.33
CA ALA J 450 -48.76 40.05 49.84
C ALA J 450 -49.57 39.80 51.11
N THR J 451 -50.81 39.39 50.95
CA THR J 451 -51.72 39.26 52.07
C THR J 451 -51.54 37.92 52.75
N PHE J 452 -51.24 37.95 54.05
CA PHE J 452 -51.08 36.71 54.82
C PHE J 452 -52.24 36.67 55.81
N ASN J 453 -53.35 36.06 55.42
CA ASN J 453 -54.52 36.06 56.29
C ASN J 453 -54.44 35.04 57.43
N ASN J 454 -53.30 34.41 57.67
CA ASN J 454 -53.15 33.54 58.81
C ASN J 454 -52.11 34.13 59.75
N ASP J 455 -52.35 33.93 61.04
CA ASP J 455 -51.45 34.42 62.09
C ASP J 455 -50.16 33.63 62.04
N ILE J 456 -49.10 34.23 61.50
CA ILE J 456 -47.85 33.52 61.33
C ILE J 456 -47.12 33.45 62.67
N SER J 457 -46.15 32.55 62.75
CA SER J 457 -45.39 32.35 63.97
C SER J 457 -43.99 31.91 63.59
N LEU J 458 -43.01 32.75 63.89
CA LEU J 458 -41.62 32.49 63.56
C LEU J 458 -40.82 32.29 64.84
N GLY J 459 -40.02 31.23 64.87
CA GLY J 459 -39.20 30.92 66.02
C GLY J 459 -37.87 31.64 65.99
N ARG J 460 -36.79 30.89 66.16
CA ARG J 460 -35.45 31.44 66.33
C ARG J 460 -34.63 31.23 65.07
N PHE J 461 -33.91 32.29 64.65
CA PHE J 461 -33.07 32.32 63.45
C PHE J 461 -33.86 31.97 62.19
N VAL J 462 -35.01 32.60 62.04
CA VAL J 462 -35.84 32.50 60.84
C VAL J 462 -36.06 33.91 60.30
N ASN J 463 -35.92 34.07 58.99
CA ASN J 463 -35.77 35.39 58.39
C ASN J 463 -36.82 35.62 57.31
N LEU J 464 -37.97 36.12 57.71
CA LEU J 464 -38.99 36.53 56.75
C LEU J 464 -38.54 37.79 56.01
N LYS J 465 -38.79 37.83 54.71
CA LYS J 465 -38.66 39.09 53.98
C LYS J 465 -39.73 39.17 52.90
N VAL J 466 -40.38 40.32 52.82
CA VAL J 466 -41.51 40.54 51.93
C VAL J 466 -41.22 41.79 51.12
N ASP J 467 -41.20 41.66 49.80
CA ASP J 467 -40.88 42.79 48.93
C ASP J 467 -42.06 43.00 48.00
N ALA J 468 -43.05 43.74 48.49
CA ALA J 468 -44.30 43.89 47.77
C ALA J 468 -44.75 45.33 47.74
N HIS J 469 -45.99 45.57 47.33
CA HIS J 469 -46.56 46.90 47.40
C HIS J 469 -47.19 47.19 48.75
N THR J 470 -48.13 46.37 49.19
CA THR J 470 -48.84 46.60 50.44
C THR J 470 -48.98 45.26 51.16
N ALA J 471 -48.03 44.95 52.05
CA ALA J 471 -47.99 43.65 52.70
C ALA J 471 -48.94 43.65 53.89
N ASN J 472 -50.19 43.29 53.64
CA ASN J 472 -51.15 43.13 54.73
C ASN J 472 -50.80 41.89 55.54
N PHE J 473 -51.32 41.84 56.76
CA PHE J 473 -51.05 40.74 57.68
C PHE J 473 -52.25 40.55 58.58
N LYS J 474 -52.13 39.56 59.47
CA LYS J 474 -53.02 39.42 60.61
C LYS J 474 -52.29 39.25 61.93
N GLY J 475 -51.02 38.87 61.92
CA GLY J 475 -50.26 38.80 63.15
C GLY J 475 -48.92 38.13 62.96
N ILE J 476 -47.88 38.70 63.56
CA ILE J 476 -46.51 38.19 63.47
C ILE J 476 -46.02 37.96 64.89
N ASP J 477 -45.56 36.75 65.18
CA ASP J 477 -45.21 36.35 66.53
C ASP J 477 -43.80 35.80 66.54
N THR J 478 -42.82 36.66 66.85
CA THR J 478 -41.42 36.28 66.83
C THR J 478 -40.75 36.47 68.19
N GLY J 479 -41.51 36.79 69.23
CA GLY J 479 -40.92 37.01 70.53
C GLY J 479 -40.47 35.74 71.22
N ASN J 480 -40.92 34.59 70.72
CA ASN J 480 -40.54 33.32 71.32
C ASN J 480 -39.10 32.95 71.00
N GLY J 481 -38.68 33.16 69.75
CA GLY J 481 -37.37 32.72 69.32
C GLY J 481 -36.29 33.77 69.34
N GLY J 482 -36.57 34.94 68.78
CA GLY J 482 -35.56 35.98 68.67
C GLY J 482 -34.61 35.73 67.52
N PHE J 483 -33.69 36.70 67.33
CA PHE J 483 -32.68 36.72 66.28
C PHE J 483 -33.29 36.59 64.89
N ASN J 484 -34.37 37.32 64.68
CA ASN J 484 -35.18 37.18 63.48
C ASN J 484 -35.02 38.42 62.62
N THR J 485 -34.56 38.24 61.40
CA THR J 485 -34.46 39.34 60.44
C THR J 485 -35.81 39.45 59.76
N LEU J 486 -36.66 40.34 60.27
CA LEU J 486 -37.99 40.57 59.74
C LEU J 486 -37.89 41.70 58.74
N ASP J 487 -37.38 41.40 57.56
CA ASP J 487 -37.10 42.43 56.58
C ASP J 487 -38.36 42.80 55.83
N PHE J 488 -38.50 44.09 55.54
CA PHE J 488 -39.59 44.62 54.73
C PHE J 488 -39.05 45.70 53.80
N SER J 489 -37.79 45.55 53.36
CA SER J 489 -37.11 46.64 52.69
C SER J 489 -37.70 46.93 51.31
N GLY J 490 -38.29 45.93 50.67
CA GLY J 490 -38.84 46.17 49.36
C GLY J 490 -40.22 46.80 49.36
N VAL J 491 -40.82 47.02 50.52
CA VAL J 491 -42.20 47.45 50.60
C VAL J 491 -42.34 48.86 50.05
N THR J 492 -43.28 49.03 49.11
CA THR J 492 -43.50 50.32 48.48
C THR J 492 -44.06 51.33 49.48
N ASN J 493 -45.27 51.10 49.99
CA ASN J 493 -45.78 52.02 51.00
C ASN J 493 -46.10 51.38 52.35
N LYS J 494 -47.04 50.44 52.45
CA LYS J 494 -47.61 50.12 53.76
C LYS J 494 -47.40 48.66 54.13
N VAL J 495 -47.26 48.42 55.44
CA VAL J 495 -47.24 47.08 56.01
C VAL J 495 -48.26 47.09 57.15
N ASN J 496 -49.45 46.57 56.90
CA ASN J 496 -50.56 46.79 57.81
C ASN J 496 -50.71 45.62 58.77
N ILE J 497 -49.68 45.43 59.61
CA ILE J 497 -49.68 44.35 60.58
C ILE J 497 -50.74 44.59 61.64
N ASN J 498 -51.46 43.54 62.02
CA ASN J 498 -52.52 43.64 63.00
C ASN J 498 -52.06 43.30 64.42
N LYS J 499 -50.96 42.56 64.57
CA LYS J 499 -50.50 42.18 65.90
C LYS J 499 -49.03 41.80 65.80
N LEU J 500 -48.23 42.23 66.76
CA LEU J 500 -46.78 42.02 66.71
C LEU J 500 -46.27 41.55 68.07
N ILE J 501 -45.41 40.54 68.05
CA ILE J 501 -44.74 40.02 69.24
C ILE J 501 -43.27 39.87 68.90
N THR J 502 -42.41 40.65 69.55
CA THR J 502 -40.98 40.68 69.26
C THR J 502 -40.15 40.63 70.54
N ALA J 503 -39.01 39.96 70.45
CA ALA J 503 -38.01 39.97 71.51
C ALA J 503 -36.68 40.55 71.06
N SER J 504 -36.06 39.97 70.03
CA SER J 504 -34.80 40.48 69.49
C SER J 504 -34.89 40.37 67.98
N THR J 505 -35.36 41.44 67.35
CA THR J 505 -35.79 41.38 65.97
C THR J 505 -35.07 42.48 65.20
N ASN J 506 -35.07 42.37 63.88
CA ASN J 506 -34.37 43.28 62.98
C ASN J 506 -35.37 43.86 61.99
N VAL J 507 -36.46 44.39 62.54
CA VAL J 507 -37.55 44.94 61.74
C VAL J 507 -37.05 46.14 60.95
N ALA J 508 -37.42 46.21 59.68
CA ALA J 508 -37.02 47.32 58.82
C ALA J 508 -38.21 47.70 57.95
N VAL J 509 -39.04 48.61 58.43
CA VAL J 509 -40.22 49.05 57.72
C VAL J 509 -40.12 50.55 57.47
N LYS J 510 -40.47 50.99 56.26
CA LYS J 510 -40.38 52.40 55.93
C LYS J 510 -41.66 53.18 56.21
N ASN J 511 -42.81 52.51 56.22
CA ASN J 511 -44.09 53.14 56.53
C ASN J 511 -45.06 52.02 56.87
N PHE J 512 -45.85 52.21 57.93
CA PHE J 512 -46.70 51.15 58.44
C PHE J 512 -47.79 51.75 59.31
N ASN J 513 -48.71 50.88 59.74
CA ASN J 513 -49.56 51.18 60.91
C ASN J 513 -49.87 49.86 61.62
N ILE J 514 -48.99 49.50 62.56
CA ILE J 514 -49.11 48.27 63.33
C ILE J 514 -49.97 48.60 64.54
N ASN J 515 -51.25 48.20 64.52
CA ASN J 515 -52.16 48.69 65.54
C ASN J 515 -52.11 47.90 66.85
N GLU J 516 -51.09 47.07 67.05
CA GLU J 516 -50.87 46.44 68.36
C GLU J 516 -49.41 46.04 68.44
N LEU J 517 -48.75 46.37 69.55
CA LEU J 517 -47.32 46.15 69.71
C LEU J 517 -47.04 45.56 71.08
N ILE J 518 -46.15 44.57 71.13
CA ILE J 518 -45.70 43.96 72.38
C ILE J 518 -44.19 44.09 72.49
N VAL J 519 -43.74 44.65 73.60
CA VAL J 519 -42.32 44.83 73.89
C VAL J 519 -41.95 43.77 74.93
N LYS J 520 -41.41 42.65 74.46
CA LYS J 520 -41.03 41.59 75.38
C LYS J 520 -39.61 41.77 75.88
N THR J 521 -39.28 41.08 76.97
CA THR J 521 -37.92 40.91 77.42
C THR J 521 -37.38 39.59 76.86
N ASN J 522 -36.09 39.37 77.05
CA ASN J 522 -35.37 38.30 76.38
C ASN J 522 -34.36 37.64 77.31
N GLY J 523 -34.80 37.30 78.51
CA GLY J 523 -33.93 36.69 79.48
C GLY J 523 -33.15 37.72 80.27
N VAL J 524 -31.86 37.50 80.45
CA VAL J 524 -31.00 38.45 81.15
C VAL J 524 -29.93 39.04 80.24
N SER J 525 -29.71 38.48 79.06
CA SER J 525 -28.68 38.98 78.16
C SER J 525 -29.09 40.29 77.52
N VAL J 526 -28.09 41.09 77.18
CA VAL J 526 -28.31 42.37 76.50
C VAL J 526 -27.73 42.26 75.10
N GLY J 527 -27.89 43.34 74.33
CA GLY J 527 -27.59 43.30 72.92
C GLY J 527 -28.68 42.66 72.10
N GLU J 528 -29.81 42.36 72.71
CA GLU J 528 -30.94 41.70 72.06
C GLU J 528 -32.17 42.57 72.26
N TYR J 529 -32.72 43.08 71.16
CA TYR J 529 -33.70 44.15 71.26
C TYR J 529 -34.44 44.30 69.93
N THR J 530 -35.61 44.91 70.01
CA THR J 530 -36.30 45.36 68.81
C THR J 530 -35.54 46.53 68.21
N HIS J 531 -35.21 46.42 66.93
CA HIS J 531 -34.33 47.36 66.26
C HIS J 531 -34.96 47.76 64.94
N PHE J 532 -35.68 48.88 64.92
CA PHE J 532 -36.16 49.39 63.65
C PHE J 532 -34.99 50.01 62.91
N SER J 533 -34.27 49.19 62.16
CA SER J 533 -32.95 49.53 61.66
C SER J 533 -32.98 50.30 60.35
N GLU J 534 -34.08 50.96 60.01
CA GLU J 534 -34.10 51.90 58.91
C GLU J 534 -35.12 52.99 59.23
N ASP J 535 -35.30 53.90 58.27
CA ASP J 535 -36.09 55.11 58.52
C ASP J 535 -37.56 54.79 58.61
N ILE J 536 -38.26 55.47 59.51
CA ILE J 536 -39.66 55.19 59.78
C ILE J 536 -40.57 56.16 59.02
N GLY J 537 -40.01 57.23 58.47
CA GLY J 537 -40.76 58.04 57.55
C GLY J 537 -41.69 59.02 58.24
N SER J 538 -42.81 59.27 57.57
CA SER J 538 -43.73 60.34 57.95
C SER J 538 -45.13 59.88 58.27
N GLN J 539 -45.64 58.87 57.56
CA GLN J 539 -47.02 58.44 57.78
C GLN J 539 -47.13 57.27 58.72
N SER J 540 -46.10 56.99 59.50
CA SER J 540 -46.08 55.85 60.39
C SER J 540 -47.06 56.04 61.53
N ARG J 541 -47.38 54.93 62.21
CA ARG J 541 -48.45 54.87 63.19
C ARG J 541 -48.35 53.56 63.93
N ILE J 542 -48.70 53.58 65.22
CA ILE J 542 -48.95 52.39 66.02
C ILE J 542 -50.16 52.72 66.88
N ASN J 543 -51.17 51.85 66.89
CA ASN J 543 -52.34 52.23 67.68
C ASN J 543 -52.35 51.66 69.09
N THR J 544 -51.41 50.77 69.43
CA THR J 544 -51.26 50.31 70.81
C THR J 544 -49.84 49.80 71.01
N VAL J 545 -49.12 50.39 71.96
CA VAL J 545 -47.86 49.85 72.44
C VAL J 545 -48.11 49.28 73.82
N ARG J 546 -47.62 48.07 74.06
CA ARG J 546 -47.82 47.42 75.37
C ARG J 546 -46.50 46.78 75.78
N LEU J 547 -45.74 47.49 76.60
CA LEU J 547 -44.55 46.92 77.22
C LEU J 547 -44.97 45.90 78.28
N GLU J 548 -44.20 44.82 78.38
CA GLU J 548 -44.40 43.85 79.45
C GLU J 548 -43.17 43.87 80.35
N THR J 549 -43.32 43.31 81.54
CA THR J 549 -42.34 43.47 82.61
C THR J 549 -41.08 42.66 82.31
N GLY J 550 -39.93 43.32 82.42
CA GLY J 550 -38.66 42.65 82.17
C GLY J 550 -38.19 41.81 83.33
N THR J 551 -36.88 41.83 83.59
CA THR J 551 -36.30 41.12 84.72
C THR J 551 -35.55 42.11 85.59
N ARG J 552 -35.36 41.74 86.85
CA ARG J 552 -34.83 42.64 87.87
C ARG J 552 -33.37 42.98 87.57
N SER J 553 -32.99 44.24 87.84
CA SER J 553 -31.64 44.79 87.88
C SER J 553 -30.94 44.90 86.53
N ILE J 554 -31.64 44.67 85.41
CA ILE J 554 -31.02 44.81 84.09
C ILE J 554 -32.11 45.09 83.06
N PHE J 555 -31.82 46.02 82.14
CA PHE J 555 -32.68 46.28 80.98
C PHE J 555 -32.30 45.29 79.89
N SER J 556 -32.95 44.12 79.94
CA SER J 556 -32.60 43.06 79.00
C SER J 556 -33.17 43.33 77.62
N GLY J 557 -34.49 43.37 77.51
CA GLY J 557 -35.15 43.65 76.25
C GLY J 557 -35.52 45.12 76.13
N GLY J 558 -35.88 45.49 74.91
CA GLY J 558 -36.29 46.87 74.67
C GLY J 558 -36.44 47.14 73.18
N VAL J 559 -36.83 48.38 72.91
CA VAL J 559 -37.13 48.85 71.57
C VAL J 559 -36.27 50.07 71.29
N LYS J 560 -35.47 50.02 70.23
CA LYS J 560 -34.73 51.21 69.81
C LYS J 560 -34.96 51.43 68.32
N PHE J 561 -34.78 52.67 67.92
CA PHE J 561 -35.01 53.11 66.55
C PHE J 561 -33.67 53.54 65.96
N LYS J 562 -33.71 54.04 64.72
CA LYS J 562 -32.55 54.73 64.18
C LYS J 562 -32.90 56.06 63.54
N SER J 563 -34.09 56.15 62.96
CA SER J 563 -34.45 57.35 62.20
C SER J 563 -35.96 57.47 62.14
N GLY J 564 -36.44 58.44 61.38
CA GLY J 564 -37.84 58.79 61.32
C GLY J 564 -38.11 60.15 61.94
N GLU J 565 -39.34 60.63 61.74
CA GLU J 565 -39.72 61.92 62.28
C GLU J 565 -40.99 61.90 63.12
N LYS J 566 -41.89 60.93 62.94
CA LYS J 566 -43.08 60.85 63.78
C LYS J 566 -43.62 59.43 63.78
N LEU J 567 -44.34 59.09 64.84
CA LEU J 567 -45.14 57.86 64.91
C LEU J 567 -46.29 58.11 65.88
N VAL J 568 -47.49 58.29 65.34
CA VAL J 568 -48.67 58.62 66.11
C VAL J 568 -49.10 57.41 66.92
N ILE J 569 -48.74 57.40 68.20
CA ILE J 569 -49.14 56.33 69.12
C ILE J 569 -50.41 56.76 69.83
N ASP J 570 -51.38 55.86 69.95
CA ASP J 570 -52.54 56.14 70.79
C ASP J 570 -52.32 55.77 72.25
N GLU J 571 -52.04 54.51 72.55
CA GLU J 571 -51.99 54.07 73.93
C GLU J 571 -50.63 53.43 74.17
N PHE J 572 -50.15 53.55 75.41
CA PHE J 572 -48.81 53.12 75.76
C PHE J 572 -48.85 52.49 77.15
N TYR J 573 -47.87 51.64 77.42
CA TYR J 573 -47.71 51.11 78.78
C TYR J 573 -46.25 51.18 79.20
N TYR J 574 -46.03 51.55 80.46
CA TYR J 574 -44.73 51.38 81.09
C TYR J 574 -44.51 49.91 81.41
N SER J 575 -43.29 49.60 81.85
CA SER J 575 -42.97 48.30 82.40
C SER J 575 -41.68 48.43 83.20
N PRO J 576 -41.52 47.67 84.27
CA PRO J 576 -40.20 47.56 84.89
C PRO J 576 -39.22 46.85 83.97
N TRP J 577 -38.12 47.54 83.67
CA TRP J 577 -36.91 46.99 83.04
C TRP J 577 -37.14 46.55 81.59
N ASN J 578 -37.85 47.38 80.84
CA ASN J 578 -37.82 47.30 79.38
C ASN J 578 -37.81 48.72 78.85
N TYR J 579 -36.80 49.06 78.05
CA TYR J 579 -36.55 50.44 77.67
C TYR J 579 -37.23 50.74 76.34
N PHE J 580 -37.95 51.86 76.30
CA PHE J 580 -38.60 52.33 75.09
C PHE J 580 -37.73 53.46 74.52
N ASP J 581 -36.62 53.07 73.91
CA ASP J 581 -35.74 54.05 73.31
C ASP J 581 -36.38 54.58 72.02
N ALA J 582 -36.46 55.90 71.91
CA ALA J 582 -37.16 56.58 70.83
C ALA J 582 -36.22 57.55 70.13
N ARG J 583 -35.06 57.02 69.72
CA ARG J 583 -34.01 57.83 69.10
C ARG J 583 -34.48 58.50 67.81
N ASN J 584 -34.09 59.77 67.68
CA ASN J 584 -34.00 60.52 66.43
C ASN J 584 -35.36 60.94 65.87
N ILE J 585 -36.44 60.48 66.46
CA ILE J 585 -37.77 60.78 65.96
C ILE J 585 -38.35 61.96 66.72
N LYS J 586 -38.77 62.98 65.98
CA LYS J 586 -39.00 64.30 66.52
C LYS J 586 -40.45 64.66 66.78
N ASN J 587 -41.40 63.78 66.49
CA ASN J 587 -42.80 64.09 66.72
C ASN J 587 -43.55 62.89 67.28
N VAL J 588 -43.00 62.26 68.33
CA VAL J 588 -43.60 61.09 68.94
C VAL J 588 -44.89 61.53 69.63
N GLU J 589 -46.02 61.25 69.00
CA GLU J 589 -47.28 61.82 69.45
C GLU J 589 -48.09 60.78 70.21
N ILE J 590 -48.69 61.21 71.32
CA ILE J 590 -49.61 60.39 72.10
C ILE J 590 -50.99 61.04 72.00
N THR J 591 -52.03 60.22 71.89
CA THR J 591 -53.38 60.73 71.66
C THR J 591 -54.37 60.26 72.71
N ARG J 592 -54.15 59.13 73.35
CA ARG J 592 -55.01 58.70 74.45
C ARG J 592 -54.09 58.14 75.54
N LYS J 593 -54.69 57.39 76.48
CA LYS J 593 -54.15 57.01 77.80
C LYS J 593 -52.71 56.54 77.77
N PHE J 594 -51.92 57.04 78.72
CA PHE J 594 -50.48 56.80 78.79
C PHE J 594 -50.23 56.23 80.19
N ALA J 595 -50.34 54.92 80.33
CA ALA J 595 -50.33 54.29 81.64
C ALA J 595 -49.15 53.34 81.80
N SER J 596 -49.19 52.52 82.84
CA SER J 596 -48.22 51.45 83.06
C SER J 596 -48.90 50.09 82.93
N SER J 597 -48.10 49.08 82.59
CA SER J 597 -48.64 47.72 82.48
C SER J 597 -48.97 47.14 83.86
N THR J 598 -48.41 47.71 84.92
CA THR J 598 -48.86 47.47 86.28
C THR J 598 -49.60 48.73 86.72
N PRO J 599 -50.87 48.90 86.37
CA PRO J 599 -51.51 50.22 86.43
C PRO J 599 -51.83 50.72 87.83
N GLU J 600 -52.04 49.83 88.80
CA GLU J 600 -52.38 50.29 90.13
C GLU J 600 -51.25 50.09 91.13
N ASN J 601 -50.23 49.32 90.75
CA ASN J 601 -49.05 49.10 91.60
C ASN J 601 -47.76 49.21 90.79
N PRO J 602 -47.35 50.42 90.43
CA PRO J 602 -46.09 50.57 89.70
C PRO J 602 -44.89 50.35 90.59
N TRP J 603 -43.78 49.96 89.96
CA TRP J 603 -42.48 49.81 90.60
C TRP J 603 -41.43 49.70 89.51
N GLY J 604 -40.17 49.71 89.91
CA GLY J 604 -39.09 49.58 88.96
C GLY J 604 -38.79 50.86 88.22
N THR J 605 -38.18 50.68 87.05
CA THR J 605 -37.79 51.78 86.17
C THR J 605 -38.19 51.45 84.73
N SER J 606 -38.32 52.50 83.92
CA SER J 606 -38.69 52.37 82.50
C SER J 606 -37.97 53.45 81.72
N LYS J 607 -36.89 53.09 81.02
CA LYS J 607 -36.15 54.10 80.26
C LYS J 607 -36.93 54.54 79.02
N LEU J 608 -37.63 55.65 79.13
CA LEU J 608 -38.33 56.27 77.99
C LEU J 608 -37.39 57.28 77.34
N MET J 609 -36.29 56.76 76.83
CA MET J 609 -35.15 57.56 76.34
C MET J 609 -35.55 58.22 75.02
N PHE J 610 -36.17 59.40 75.13
CA PHE J 610 -36.76 60.06 73.98
C PHE J 610 -35.76 61.00 73.31
N ASN J 611 -36.26 61.71 72.31
CA ASN J 611 -35.62 62.93 71.83
C ASN J 611 -36.60 64.07 71.57
N ASN J 612 -37.91 63.80 71.61
CA ASN J 612 -39.01 64.75 71.48
C ASN J 612 -40.30 63.99 71.75
N LEU J 613 -41.35 64.72 72.11
CA LEU J 613 -42.70 64.20 72.01
C LEU J 613 -43.65 65.39 71.85
N THR J 614 -44.89 65.10 71.51
CA THR J 614 -45.95 66.10 71.49
C THR J 614 -47.28 65.42 71.78
N LEU J 615 -47.85 65.70 72.94
CA LEU J 615 -49.05 65.01 73.39
C LEU J 615 -50.26 65.87 73.04
N GLY J 616 -51.30 65.22 72.51
CA GLY J 616 -52.48 65.92 72.04
C GLY J 616 -53.62 65.91 73.04
N GLN J 617 -54.83 65.75 72.50
CA GLN J 617 -56.04 65.91 73.29
C GLN J 617 -56.29 64.72 74.19
N ASN J 618 -56.69 65.00 75.44
CA ASN J 618 -57.33 64.05 76.37
C ASN J 618 -56.44 62.89 76.78
N ALA J 619 -55.14 62.96 76.51
CA ALA J 619 -54.26 61.81 76.75
C ALA J 619 -53.71 61.92 78.15
N VAL J 620 -54.26 61.12 79.06
CA VAL J 620 -53.89 61.15 80.47
C VAL J 620 -52.53 60.50 80.64
N MET J 621 -51.66 61.12 81.44
CA MET J 621 -50.39 60.51 81.78
C MET J 621 -50.33 60.17 83.26
N ASP J 622 -49.48 59.20 83.59
CA ASP J 622 -49.31 58.71 84.96
C ASP J 622 -47.81 58.71 85.25
N TYR J 623 -47.30 59.84 85.73
CA TYR J 623 -45.87 59.98 85.98
C TYR J 623 -45.56 59.92 87.47
N SER J 624 -44.72 58.96 87.85
CA SER J 624 -44.29 58.78 89.22
C SER J 624 -42.78 58.62 89.25
N GLN J 625 -42.25 58.31 90.45
CA GLN J 625 -40.85 57.93 90.61
C GLN J 625 -40.56 56.54 90.09
N PHE J 626 -41.60 55.75 89.83
CA PHE J 626 -41.49 54.36 89.41
C PHE J 626 -41.36 54.22 87.90
N SER J 627 -41.20 55.34 87.21
CA SER J 627 -41.01 55.33 85.76
C SER J 627 -40.14 56.56 85.44
N ASN J 628 -38.84 56.35 85.30
CA ASN J 628 -37.92 57.45 85.04
C ASN J 628 -38.06 57.95 83.60
N LEU J 629 -39.09 58.75 83.37
CA LEU J 629 -39.44 59.27 82.05
C LEU J 629 -38.43 60.34 81.67
N THR J 630 -37.48 59.99 80.81
CA THR J 630 -36.31 60.81 80.56
C THR J 630 -36.38 61.46 79.18
N ILE J 631 -36.69 62.74 79.15
CA ILE J 631 -36.89 63.48 77.91
C ILE J 631 -35.63 64.27 77.60
N GLN J 632 -35.07 64.05 76.40
CA GLN J 632 -33.98 64.86 75.88
C GLN J 632 -34.46 65.86 74.83
N GLY J 633 -35.71 66.26 74.89
CA GLY J 633 -36.26 67.14 73.88
C GLY J 633 -37.43 67.97 74.36
N ASP J 634 -38.36 68.24 73.45
CA ASP J 634 -39.33 69.31 73.63
C ASP J 634 -40.69 68.78 74.02
N PHE J 635 -40.93 68.58 75.31
CA PHE J 635 -42.21 68.05 75.79
C PHE J 635 -43.29 69.10 75.55
N ILE J 636 -44.08 68.90 74.50
CA ILE J 636 -45.13 69.84 74.14
C ILE J 636 -46.46 69.19 74.48
N ASN J 637 -47.35 69.93 75.14
CA ASN J 637 -48.67 69.43 75.49
C ASN J 637 -49.72 70.26 74.77
N ASN J 638 -50.67 69.59 74.14
CA ASN J 638 -51.89 70.21 73.65
C ASN J 638 -52.95 70.05 74.75
N GLN J 639 -54.23 70.14 74.42
CA GLN J 639 -55.31 70.12 75.41
C GLN J 639 -55.44 68.73 76.04
N GLY J 640 -54.47 68.39 76.88
CA GLY J 640 -54.40 67.06 77.47
C GLY J 640 -54.21 67.08 78.97
N THR J 641 -54.97 66.25 79.68
CA THR J 641 -55.04 66.30 81.14
C THR J 641 -54.04 65.32 81.74
N ILE J 642 -52.89 65.84 82.14
CA ILE J 642 -51.84 65.01 82.74
C ILE J 642 -52.13 64.85 84.23
N ASN J 643 -52.07 63.61 84.71
CA ASN J 643 -52.28 63.32 86.12
C ASN J 643 -50.95 63.01 86.79
N TYR J 644 -50.89 63.28 88.10
CA TYR J 644 -49.70 63.03 88.90
C TYR J 644 -50.07 62.15 90.09
N LEU J 645 -49.03 61.77 90.85
CA LEU J 645 -49.15 60.89 92.01
C LEU J 645 -47.85 60.99 92.80
N VAL J 646 -47.96 60.78 94.12
CA VAL J 646 -46.81 61.04 94.99
C VAL J 646 -46.04 59.78 95.32
N ARG J 647 -46.73 58.72 95.77
CA ARG J 647 -46.17 57.47 96.28
C ARG J 647 -45.08 57.73 97.32
N GLY J 648 -45.51 58.35 98.41
CA GLY J 648 -44.61 58.75 99.47
C GLY J 648 -44.62 60.23 99.80
N GLY J 649 -45.65 60.97 99.40
CA GLY J 649 -45.79 62.36 99.76
C GLY J 649 -45.03 63.35 98.90
N LYS J 650 -44.10 62.89 98.07
CA LYS J 650 -43.29 63.80 97.27
C LYS J 650 -43.52 63.53 95.79
N VAL J 651 -43.47 64.60 94.99
CA VAL J 651 -43.77 64.55 93.57
C VAL J 651 -42.46 64.51 92.79
N ALA J 652 -42.34 63.54 91.90
CA ALA J 652 -41.18 63.44 91.01
C ALA J 652 -41.24 64.56 89.97
N THR J 653 -40.12 65.23 89.75
CA THR J 653 -40.07 66.31 88.77
C THR J 653 -40.01 65.74 87.36
N LEU J 654 -40.42 66.53 86.39
CA LEU J 654 -40.50 66.11 84.99
C LEU J 654 -39.65 67.08 84.16
N ASN J 655 -38.59 66.57 83.54
CA ASN J 655 -37.56 67.38 82.93
C ASN J 655 -37.91 67.65 81.46
N VAL J 656 -38.27 68.89 81.16
CA VAL J 656 -38.44 69.35 79.80
C VAL J 656 -37.09 69.84 79.29
N GLY J 657 -36.69 69.38 78.11
CA GLY J 657 -35.34 69.62 77.65
C GLY J 657 -35.11 71.06 77.21
N ASN J 658 -35.93 71.56 76.29
CA ASN J 658 -35.77 72.91 75.78
C ASN J 658 -36.97 73.80 76.08
N ALA J 659 -38.18 73.38 75.71
CA ALA J 659 -39.33 74.25 75.86
C ALA J 659 -40.60 73.41 75.93
N ALA J 660 -41.50 73.81 76.83
CA ALA J 660 -42.83 73.21 76.94
C ALA J 660 -43.85 74.28 76.57
N ALA J 661 -44.05 74.49 75.28
CA ALA J 661 -44.97 75.51 74.81
C ALA J 661 -46.35 74.92 74.59
N MET J 662 -47.36 75.57 75.14
CA MET J 662 -48.70 75.00 75.18
C MET J 662 -49.72 76.00 74.65
N MET J 663 -50.87 75.48 74.25
CA MET J 663 -51.96 76.28 73.69
C MET J 663 -53.24 75.53 73.92
N PHE J 664 -54.29 76.23 74.35
CA PHE J 664 -55.52 75.57 74.77
C PHE J 664 -56.71 76.35 74.24
N ASN J 665 -57.88 76.09 74.83
CA ASN J 665 -59.10 76.80 74.49
C ASN J 665 -59.97 76.81 75.72
N ASN J 666 -61.24 77.22 75.54
CA ASN J 666 -62.23 77.16 76.61
C ASN J 666 -62.71 75.72 76.75
N ASP J 667 -61.87 74.92 77.40
CA ASP J 667 -62.10 73.48 77.55
C ASP J 667 -63.00 73.21 78.75
N ILE J 668 -64.20 73.78 78.69
CA ILE J 668 -65.18 73.76 79.78
C ILE J 668 -66.07 72.52 79.64
N ASP J 669 -66.39 71.91 80.78
CA ASP J 669 -67.33 70.79 80.81
C ASP J 669 -68.50 71.14 81.71
N SER J 670 -69.59 70.40 81.55
CA SER J 670 -70.75 70.54 82.41
C SER J 670 -70.74 69.57 83.58
N ALA J 671 -69.74 68.69 83.65
CA ALA J 671 -69.63 67.79 84.79
C ALA J 671 -69.08 68.53 86.01
N THR J 672 -68.19 69.49 85.79
CA THR J 672 -67.64 70.31 86.86
C THR J 672 -68.12 71.76 86.83
N GLY J 673 -68.36 72.32 85.66
CA GLY J 673 -68.72 73.73 85.51
C GLY J 673 -67.53 74.61 85.22
N PHE J 674 -66.35 74.20 85.68
CA PHE J 674 -65.10 74.86 85.37
C PHE J 674 -64.61 74.34 84.01
N TYR J 675 -63.42 74.77 83.59
CA TYR J 675 -62.68 74.09 82.56
C TYR J 675 -62.34 72.66 82.98
N LYS J 676 -61.92 71.87 82.00
CA LYS J 676 -61.38 70.54 82.32
C LYS J 676 -60.10 70.69 83.13
N PRO J 677 -59.91 69.88 84.19
CA PRO J 677 -58.73 70.03 85.04
C PRO J 677 -57.45 69.63 84.32
N LEU J 678 -56.67 70.64 83.94
CA LEU J 678 -55.69 70.49 82.88
C LEU J 678 -54.44 69.76 83.33
N ILE J 679 -54.00 69.99 84.56
CA ILE J 679 -52.91 69.22 85.17
C ILE J 679 -53.36 68.87 86.58
N LYS J 680 -53.47 67.58 86.86
CA LYS J 680 -54.00 67.11 88.13
C LYS J 680 -52.91 66.43 88.96
N ILE J 681 -52.97 66.61 90.27
CA ILE J 681 -52.16 65.86 91.21
C ILE J 681 -53.13 65.05 92.06
N ASN J 682 -53.39 63.82 91.65
CA ASN J 682 -54.31 62.96 92.39
C ASN J 682 -53.50 61.94 93.20
N SER J 683 -54.18 61.33 94.19
CA SER J 683 -53.61 60.36 95.14
C SER J 683 -52.47 60.97 95.95
N ALA J 684 -52.48 62.29 96.08
CA ALA J 684 -51.62 63.04 97.00
C ALA J 684 -52.32 63.29 98.32
N GLN J 685 -52.84 62.21 98.92
CA GLN J 685 -53.51 62.33 100.20
C GLN J 685 -52.53 62.63 101.32
N ASP J 686 -51.35 62.01 101.27
CA ASP J 686 -50.27 62.27 102.20
C ASP J 686 -49.28 63.31 101.67
N LEU J 687 -49.76 64.25 100.86
CA LEU J 687 -48.91 65.33 100.36
C LEU J 687 -48.46 66.21 101.51
N ILE J 688 -47.14 66.39 101.62
CA ILE J 688 -46.52 66.97 102.82
C ILE J 688 -46.83 68.46 102.85
N LYS J 689 -47.50 68.89 103.91
CA LYS J 689 -47.84 70.29 104.08
C LYS J 689 -46.57 71.09 104.40
N ASN J 690 -46.61 72.39 104.04
CA ASN J 690 -45.55 73.37 104.32
C ASN J 690 -44.23 72.98 103.67
N THR J 691 -44.30 72.43 102.46
CA THR J 691 -43.12 71.90 101.80
C THR J 691 -43.23 72.12 100.30
N GLU J 692 -42.16 72.68 99.72
CA GLU J 692 -42.08 72.78 98.27
C GLU J 692 -41.95 71.41 97.63
N HIS J 693 -42.90 71.07 96.78
CA HIS J 693 -42.85 69.84 95.98
C HIS J 693 -42.72 70.27 94.53
N VAL J 694 -41.55 70.05 93.95
CA VAL J 694 -41.30 70.45 92.56
C VAL J 694 -42.06 69.52 91.61
N LEU J 695 -43.02 70.10 90.88
CA LEU J 695 -43.83 69.31 89.97
C LEU J 695 -43.05 68.95 88.71
N LEU J 696 -42.37 69.93 88.13
CA LEU J 696 -41.61 69.71 86.91
C LEU J 696 -40.53 70.77 86.79
N LYS J 697 -39.32 70.34 86.44
CA LYS J 697 -38.26 71.27 86.08
C LYS J 697 -38.29 71.51 84.57
N ALA J 698 -38.48 72.78 84.20
CA ALA J 698 -38.64 73.12 82.80
C ALA J 698 -37.91 74.43 82.53
N LYS J 699 -37.86 74.82 81.28
CA LYS J 699 -37.18 76.04 80.88
C LYS J 699 -38.14 77.12 80.42
N ILE J 700 -39.17 76.77 79.64
CA ILE J 700 -40.19 77.71 79.21
C ILE J 700 -41.53 77.03 79.39
N ILE J 701 -42.39 77.59 80.24
CA ILE J 701 -43.80 77.21 80.26
C ILE J 701 -44.54 78.25 79.43
N GLY J 702 -44.64 78.00 78.13
CA GLY J 702 -45.31 78.95 77.26
C GLY J 702 -46.78 78.65 77.14
N TYR J 703 -47.60 79.33 77.93
CA TYR J 703 -49.04 79.14 77.86
C TYR J 703 -49.58 79.81 76.60
N GLY J 704 -50.66 79.24 76.07
CA GLY J 704 -51.41 79.92 75.04
C GLY J 704 -52.86 79.51 75.05
N ASN J 705 -53.65 80.26 74.28
CA ASN J 705 -55.00 79.89 73.91
C ASN J 705 -55.17 80.23 72.44
N VAL J 706 -56.43 80.27 71.98
CA VAL J 706 -56.72 80.64 70.59
C VAL J 706 -56.39 82.09 70.27
N SER J 707 -56.21 82.92 71.29
CA SER J 707 -55.57 84.22 71.13
C SER J 707 -54.43 84.30 72.14
N THR J 708 -53.71 85.42 72.12
CA THR J 708 -52.70 85.66 73.13
C THR J 708 -53.34 85.91 74.49
N GLY J 709 -54.42 86.68 74.51
CA GLY J 709 -55.21 86.88 75.70
C GLY J 709 -55.89 85.61 76.15
N THR J 710 -55.81 85.32 77.44
CA THR J 710 -56.13 84.00 77.94
C THR J 710 -57.55 83.94 78.50
N ASN J 711 -57.84 82.83 79.19
CA ASN J 711 -59.17 82.45 79.69
C ASN J 711 -60.19 82.37 78.55
N GLY J 712 -59.94 81.44 77.64
CA GLY J 712 -60.83 81.19 76.52
C GLY J 712 -60.51 82.06 75.34
N ILE J 713 -61.37 83.05 75.08
CA ILE J 713 -61.12 84.06 74.05
C ILE J 713 -61.42 85.43 74.65
N SER J 714 -60.37 86.08 75.13
CA SER J 714 -60.45 87.35 75.84
C SER J 714 -59.08 88.01 75.77
N ASN J 715 -58.83 88.99 76.65
CA ASN J 715 -57.55 89.68 76.71
C ASN J 715 -56.91 89.59 78.09
N VAL J 716 -56.94 88.41 78.70
CA VAL J 716 -56.38 88.21 80.03
C VAL J 716 -54.93 87.79 79.88
N ASN J 717 -54.09 88.16 80.86
CA ASN J 717 -52.67 87.82 80.86
C ASN J 717 -52.41 86.32 80.97
N LEU J 718 -51.13 85.94 80.93
CA LEU J 718 -50.75 84.60 80.51
C LEU J 718 -50.68 83.57 81.63
N GLU J 719 -50.22 83.92 82.83
CA GLU J 719 -49.80 82.88 83.74
C GLU J 719 -50.68 82.71 84.99
N GLU J 720 -51.39 83.75 85.42
CA GLU J 720 -52.09 83.68 86.69
C GLU J 720 -53.34 82.79 86.65
N GLN J 721 -54.00 82.72 85.50
CA GLN J 721 -55.15 81.85 85.30
C GLN J 721 -54.75 80.38 85.16
N PHE J 722 -53.45 80.10 85.03
CA PHE J 722 -53.02 78.72 84.89
C PHE J 722 -52.93 78.06 86.25
N LYS J 723 -52.90 78.86 87.32
CA LYS J 723 -53.18 78.35 88.65
C LYS J 723 -54.61 77.85 88.79
N GLU J 724 -55.54 78.41 88.02
CA GLU J 724 -56.93 77.99 88.11
C GLU J 724 -57.15 76.63 87.45
N ARG J 725 -56.59 76.42 86.27
CA ARG J 725 -56.82 75.18 85.52
C ARG J 725 -56.10 73.98 86.10
N LEU J 726 -55.04 74.18 86.87
CA LEU J 726 -54.50 73.08 87.67
C LEU J 726 -55.46 72.76 88.81
N ALA J 727 -55.34 71.53 89.32
CA ALA J 727 -56.23 71.06 90.36
C ALA J 727 -55.49 70.10 91.26
N LEU J 728 -55.90 70.07 92.52
CA LEU J 728 -55.35 69.17 93.53
C LEU J 728 -56.50 68.34 94.04
N TYR J 729 -56.66 67.16 93.47
CA TYR J 729 -57.82 66.31 93.71
C TYR J 729 -57.49 65.35 94.85
N ASN J 730 -57.84 65.74 96.08
CA ASN J 730 -57.56 64.88 97.22
C ASN J 730 -58.73 64.88 98.18
N ASN J 731 -58.81 63.80 98.96
CA ASN J 731 -60.01 63.39 99.70
C ASN J 731 -61.21 63.29 98.76
N ASN J 732 -60.96 62.74 97.56
CA ASN J 732 -61.96 62.43 96.52
C ASN J 732 -62.73 63.65 96.04
N ASN J 733 -62.13 64.85 96.16
CA ASN J 733 -62.69 66.06 95.61
C ASN J 733 -61.54 67.01 95.32
N ARG J 734 -61.82 68.12 94.66
CA ARG J 734 -60.80 69.09 94.32
C ARG J 734 -60.54 69.99 95.52
N MET J 735 -59.30 69.99 95.99
CA MET J 735 -58.92 70.79 97.15
C MET J 735 -58.17 72.06 96.80
N ASP J 736 -57.64 72.16 95.57
CA ASP J 736 -57.00 73.40 95.13
C ASP J 736 -58.03 74.51 95.00
N THR J 737 -58.99 74.34 94.10
CA THR J 737 -60.20 75.12 94.10
C THR J 737 -61.37 74.19 94.38
N CYS J 738 -62.51 74.78 94.72
CA CYS J 738 -63.72 73.98 94.92
C CYS J 738 -64.80 74.60 94.04
N VAL J 739 -64.98 74.02 92.86
CA VAL J 739 -65.87 74.56 91.85
C VAL J 739 -67.28 74.09 92.16
N VAL J 740 -68.18 75.04 92.42
CA VAL J 740 -69.47 74.75 93.04
C VAL J 740 -70.58 75.32 92.15
N ARG J 741 -71.58 74.47 91.86
CA ARG J 741 -72.79 74.94 91.17
C ARG J 741 -74.08 74.62 91.92
N ASN J 742 -74.02 73.87 93.01
CA ASN J 742 -75.23 73.53 93.78
C ASN J 742 -74.85 73.35 95.24
N THR J 743 -75.76 72.79 96.03
CA THR J 743 -75.51 72.56 97.45
C THR J 743 -75.05 71.14 97.75
N ASP J 744 -75.19 70.23 96.79
CA ASP J 744 -74.83 68.83 97.00
C ASP J 744 -73.31 68.62 97.07
N ASP J 745 -72.54 69.35 96.27
CA ASP J 745 -71.09 69.17 96.27
C ASP J 745 -70.42 69.87 97.46
N ILE J 746 -71.18 70.67 98.21
CA ILE J 746 -70.66 71.30 99.42
C ILE J 746 -70.33 70.25 100.47
N LYS J 747 -71.06 69.13 100.46
CA LYS J 747 -70.79 68.02 101.39
C LYS J 747 -69.42 67.42 101.15
N ALA J 748 -69.15 67.01 99.90
CA ALA J 748 -67.84 66.47 99.55
C ALA J 748 -66.75 67.52 99.58
N CYS J 749 -67.10 68.81 99.42
CA CYS J 749 -66.10 69.85 99.53
C CYS J 749 -65.65 70.04 100.97
N GLY J 750 -66.60 70.01 101.91
CA GLY J 750 -66.24 70.03 103.32
C GLY J 750 -65.56 68.75 103.77
N MET J 751 -65.87 67.62 103.11
CA MET J 751 -65.08 66.42 103.33
C MET J 751 -63.66 66.57 102.80
N ALA J 752 -63.49 67.33 101.72
CA ALA J 752 -62.18 67.53 101.14
C ALA J 752 -61.31 68.44 102.00
N ILE J 753 -61.90 69.53 102.53
CA ILE J 753 -61.13 70.46 103.33
C ILE J 753 -61.23 70.19 104.82
N GLY J 754 -62.00 69.18 105.23
CA GLY J 754 -62.05 68.78 106.63
C GLY J 754 -62.76 69.75 107.54
N ASN J 755 -63.92 70.27 107.13
CA ASN J 755 -64.65 71.25 107.91
C ASN J 755 -66.14 70.88 107.91
N GLN J 756 -66.72 70.77 109.11
CA GLN J 756 -68.13 70.48 109.24
C GLN J 756 -69.03 71.70 108.99
N SER J 757 -68.44 72.88 108.79
CA SER J 757 -69.19 74.05 108.39
C SER J 757 -69.69 73.97 106.96
N MET J 758 -69.14 73.07 106.16
CA MET J 758 -69.68 72.77 104.83
C MET J 758 -70.32 71.40 104.76
N VAL J 759 -70.24 70.61 105.83
CA VAL J 759 -70.78 69.25 105.83
C VAL J 759 -72.17 69.24 106.45
N ASN J 760 -72.29 69.81 107.65
CA ASN J 760 -73.57 69.78 108.35
C ASN J 760 -74.58 70.75 107.76
N ASN J 761 -74.12 71.86 107.18
CA ASN J 761 -75.00 72.86 106.59
C ASN J 761 -74.45 73.39 105.28
N PRO J 762 -75.00 72.96 104.13
CA PRO J 762 -74.52 73.49 102.84
C PRO J 762 -74.95 74.92 102.57
N ASP J 763 -76.07 75.36 103.14
CA ASP J 763 -76.53 76.73 102.97
C ASP J 763 -75.86 77.72 103.91
N ASN J 764 -74.87 77.27 104.69
CA ASN J 764 -74.07 78.17 105.51
C ASN J 764 -73.23 79.09 104.64
N TYR J 765 -72.74 78.59 103.51
CA TYR J 765 -71.87 79.33 102.61
C TYR J 765 -72.60 79.53 101.30
N LYS J 766 -72.93 80.78 100.98
CA LYS J 766 -73.76 81.11 99.83
C LYS J 766 -73.00 81.99 98.83
N TYR J 767 -71.67 81.95 98.86
CA TYR J 767 -70.83 82.70 97.95
C TYR J 767 -70.46 81.89 96.71
N LEU J 768 -71.20 80.82 96.43
CA LEU J 768 -70.75 79.76 95.54
C LEU J 768 -71.85 79.31 94.58
N ILE J 769 -72.85 80.15 94.37
CA ILE J 769 -73.89 79.90 93.37
C ILE J 769 -73.41 80.59 92.10
N GLY J 770 -72.90 79.81 91.17
CA GLY J 770 -72.27 80.38 89.99
C GLY J 770 -70.86 80.86 90.22
N LYS J 771 -70.26 80.49 91.36
CA LYS J 771 -68.91 80.92 91.71
C LYS J 771 -68.09 79.74 92.19
N ALA J 772 -66.89 80.02 92.69
CA ALA J 772 -66.03 79.02 93.31
C ALA J 772 -65.11 79.74 94.29
N TRP J 773 -64.09 79.02 94.77
CA TRP J 773 -63.12 79.62 95.67
C TRP J 773 -61.81 78.84 95.60
N LYS J 774 -60.70 79.56 95.50
CA LYS J 774 -59.39 78.95 95.59
C LYS J 774 -58.97 78.83 97.05
N ASN J 775 -58.39 77.69 97.41
CA ASN J 775 -58.03 77.43 98.80
C ASN J 775 -56.79 78.22 99.16
N ILE J 776 -56.91 79.04 100.20
CA ILE J 776 -55.74 79.71 100.76
C ILE J 776 -54.91 78.69 101.53
N GLY J 777 -53.60 78.85 101.46
CA GLY J 777 -52.69 77.83 101.94
C GLY J 777 -52.20 76.88 100.87
N ILE J 778 -52.63 77.07 99.63
CA ILE J 778 -52.15 76.29 98.50
C ILE J 778 -51.70 77.27 97.42
N SER J 779 -50.41 77.31 97.16
CA SER J 779 -49.83 78.23 96.20
C SER J 779 -49.15 77.45 95.08
N LYS J 780 -49.18 78.00 93.87
CA LYS J 780 -48.53 77.36 92.73
C LYS J 780 -47.83 78.41 91.88
N THR J 781 -46.84 77.98 91.12
CA THR J 781 -46.18 78.82 90.12
C THR J 781 -46.60 78.35 88.74
N ALA J 782 -46.82 79.31 87.84
CA ALA J 782 -47.17 79.01 86.46
C ALA J 782 -46.46 79.97 85.51
N ASN J 783 -45.36 80.55 85.99
CA ASN J 783 -44.61 81.50 85.19
C ASN J 783 -43.76 80.77 84.14
N GLY J 784 -42.96 81.55 83.43
CA GLY J 784 -42.20 81.04 82.30
C GLY J 784 -40.98 80.20 82.65
N SER J 785 -40.78 79.81 83.90
CA SER J 785 -39.57 79.07 84.26
C SER J 785 -39.81 77.87 85.14
N LYS J 786 -40.94 77.80 85.85
CA LYS J 786 -41.13 76.74 86.83
C LYS J 786 -42.61 76.57 87.14
N ILE J 787 -43.05 75.32 87.24
CA ILE J 787 -44.34 74.98 87.83
C ILE J 787 -44.06 74.15 89.08
N SER J 788 -44.28 74.76 90.25
CA SER J 788 -44.13 74.07 91.53
C SER J 788 -45.36 74.37 92.37
N VAL J 789 -45.79 73.37 93.14
CA VAL J 789 -46.99 73.46 93.95
C VAL J 789 -46.56 73.54 95.42
N TYR J 790 -47.08 74.55 96.12
CA TYR J 790 -46.70 74.84 97.50
C TYR J 790 -47.92 74.56 98.37
N TYR J 791 -48.10 73.30 98.75
CA TYR J 791 -49.18 72.90 99.65
C TYR J 791 -48.72 73.21 101.07
N LEU J 792 -49.26 74.30 101.63
CA LEU J 792 -48.87 74.73 102.96
C LEU J 792 -50.05 74.98 103.89
N GLY J 793 -51.28 74.83 103.42
CA GLY J 793 -52.41 74.98 104.31
C GLY J 793 -53.75 74.52 103.76
N ASN J 794 -54.44 73.70 104.55
CA ASN J 794 -55.84 73.37 104.30
C ASN J 794 -56.72 74.24 105.17
N SER J 795 -56.74 75.53 104.83
CA SER J 795 -57.42 76.53 105.65
C SER J 795 -58.90 76.59 105.33
N THR J 796 -59.68 76.96 106.33
CA THR J 796 -61.12 77.07 106.15
C THR J 796 -61.45 78.39 105.46
N PRO J 797 -62.12 78.37 104.32
CA PRO J 797 -62.48 79.63 103.67
C PRO J 797 -63.66 80.29 104.37
N THR J 798 -63.55 81.61 104.55
CA THR J 798 -64.69 82.37 105.04
C THR J 798 -65.68 82.60 103.90
N GLU J 799 -66.87 83.06 104.27
CA GLU J 799 -67.95 83.15 103.29
C GLU J 799 -67.77 84.36 102.37
N ASN J 800 -67.74 85.56 102.93
CA ASN J 800 -67.71 86.79 102.14
C ASN J 800 -66.50 87.64 102.52
N GLY J 801 -65.33 87.03 102.55
CA GLY J 801 -64.12 87.75 102.88
C GLY J 801 -63.10 87.80 101.76
N GLY J 802 -63.08 86.79 100.91
CA GLY J 802 -62.17 86.78 99.78
C GLY J 802 -61.80 85.36 99.41
N ASN J 803 -60.76 85.26 98.57
CA ASN J 803 -60.24 84.01 98.00
C ASN J 803 -61.32 83.25 97.23
N THR J 804 -62.15 83.99 96.50
CA THR J 804 -63.25 83.41 95.74
C THR J 804 -63.02 83.65 94.25
N THR J 805 -63.48 82.69 93.45
CA THR J 805 -63.39 82.78 91.99
C THR J 805 -64.77 82.58 91.39
N ASN J 806 -64.88 82.84 90.10
CA ASN J 806 -66.13 82.72 89.38
C ASN J 806 -66.13 81.45 88.53
N LEU J 807 -67.24 81.20 87.82
CA LEU J 807 -67.26 80.14 86.83
C LEU J 807 -66.82 80.69 85.48
N PRO J 808 -66.29 79.83 84.60
CA PRO J 808 -66.03 80.29 83.21
C PRO J 808 -67.31 80.63 82.47
N THR J 809 -68.26 79.69 82.40
CA THR J 809 -69.60 79.85 81.82
C THR J 809 -69.51 80.32 80.36
N ASN J 810 -69.00 79.42 79.51
CA ASN J 810 -68.89 79.71 78.09
C ASN J 810 -69.71 78.71 77.28
N THR J 811 -70.78 78.20 77.88
CA THR J 811 -71.67 77.28 77.20
C THR J 811 -73.07 77.87 77.10
N LEU K 27 4.58 50.07 6.79
CA LEU K 27 5.14 49.97 5.45
C LEU K 27 4.07 50.23 4.39
N LEU K 28 2.83 49.85 4.70
CA LEU K 28 1.72 50.14 3.80
C LEU K 28 1.18 51.55 3.98
N GLY K 29 0.98 51.98 5.21
CA GLY K 29 0.31 53.24 5.49
C GLY K 29 -1.17 53.04 5.74
N TRP K 30 -1.70 53.92 6.59
CA TRP K 30 -3.10 53.81 6.98
C TRP K 30 -4.04 54.21 5.84
N GLY K 31 -3.57 55.10 4.96
CA GLY K 31 -4.41 55.58 3.88
C GLY K 31 -4.74 54.51 2.85
N LEU K 32 -3.89 53.48 2.76
CA LEU K 32 -4.24 52.33 1.96
C LEU K 32 -5.15 51.38 2.73
N LYS K 33 -4.87 51.20 4.02
CA LYS K 33 -5.51 50.17 4.82
C LYS K 33 -6.98 50.47 5.04
N GLN K 34 -7.31 51.70 5.45
CA GLN K 34 -8.71 52.04 5.64
C GLN K 34 -9.44 52.11 4.32
N ALA K 35 -8.78 52.57 3.26
CA ALA K 35 -9.45 52.69 1.98
C ALA K 35 -9.71 51.33 1.34
N GLU K 36 -8.96 50.30 1.71
CA GLU K 36 -9.28 48.96 1.24
C GLU K 36 -10.20 48.20 2.17
N GLU K 37 -10.26 48.55 3.45
CA GLU K 37 -11.20 47.86 4.33
C GLU K 37 -12.58 48.48 4.34
N ALA K 38 -12.72 49.73 3.88
CA ALA K 38 -14.04 50.37 3.92
C ALA K 38 -14.95 49.83 2.84
N ASN K 39 -14.40 49.36 1.74
CA ASN K 39 -15.19 48.81 0.63
C ASN K 39 -14.98 47.29 0.54
N LYS K 40 -15.74 46.56 1.35
CA LYS K 40 -15.71 45.10 1.33
C LYS K 40 -17.11 44.55 1.45
N THR K 41 -17.33 43.42 0.81
CA THR K 41 -18.45 42.57 1.18
C THR K 41 -18.19 42.02 2.58
N PRO K 42 -19.25 41.84 3.40
CA PRO K 42 -19.04 41.39 4.79
C PRO K 42 -18.36 40.04 4.93
N ASP K 43 -19.00 38.97 4.45
CA ASP K 43 -18.51 37.60 4.47
C ASP K 43 -19.44 36.77 3.61
N LYS K 44 -19.20 35.46 3.58
CA LYS K 44 -20.14 34.47 3.07
C LYS K 44 -20.34 33.41 4.14
N PRO K 45 -21.23 33.63 5.12
CA PRO K 45 -21.44 32.62 6.15
C PRO K 45 -22.60 31.69 5.83
N ASP K 46 -22.40 30.43 6.14
CA ASP K 46 -23.49 29.47 6.21
C ASP K 46 -24.12 29.54 7.59
N LYS K 47 -25.32 28.96 7.70
CA LYS K 47 -26.11 28.90 8.93
C LYS K 47 -26.40 30.31 9.47
N VAL K 48 -27.20 31.04 8.71
CA VAL K 48 -27.67 32.34 9.16
C VAL K 48 -28.75 32.11 10.20
N TRP K 49 -28.39 32.17 11.48
CA TRP K 49 -29.38 32.02 12.54
C TRP K 49 -30.23 33.27 12.62
N ARG K 50 -31.49 33.11 12.97
CA ARG K 50 -32.36 34.26 13.18
C ARG K 50 -33.15 34.08 14.46
N ILE K 51 -33.03 35.05 15.35
CA ILE K 51 -33.72 35.05 16.64
C ILE K 51 -34.56 36.31 16.71
N GLN K 52 -35.84 36.14 17.00
CA GLN K 52 -36.73 37.29 17.19
C GLN K 52 -37.20 37.29 18.62
N ALA K 53 -37.03 38.43 19.31
CA ALA K 53 -37.55 38.57 20.66
C ALA K 53 -39.05 38.82 20.56
N GLY K 54 -39.83 37.80 20.93
CA GLY K 54 -41.27 37.88 20.79
C GLY K 54 -41.94 38.61 21.93
N LYS K 55 -42.99 38.03 22.47
CA LYS K 55 -43.73 38.68 23.54
C LYS K 55 -43.07 38.42 24.88
N GLY K 56 -43.27 39.35 25.80
CA GLY K 56 -42.62 39.29 27.09
C GLY K 56 -41.72 40.47 27.33
N PHE K 57 -40.99 40.88 26.30
CA PHE K 57 -40.04 41.97 26.45
C PHE K 57 -40.67 43.34 26.30
N ASN K 58 -41.61 43.48 25.36
CA ASN K 58 -41.92 44.76 24.75
C ASN K 58 -42.93 45.60 25.53
N GLU K 59 -43.10 45.35 26.82
CA GLU K 59 -43.98 46.22 27.59
C GLU K 59 -43.52 46.51 29.02
N PHE K 60 -42.32 46.13 29.42
CA PHE K 60 -41.75 46.56 30.70
C PHE K 60 -40.65 47.57 30.43
N PRO K 61 -40.94 48.87 30.54
CA PRO K 61 -39.97 49.88 30.12
C PRO K 61 -38.78 50.07 31.03
N ASN K 62 -38.74 49.44 32.21
CA ASN K 62 -37.68 49.76 33.16
C ASN K 62 -37.13 48.53 33.85
N LYS K 63 -37.09 47.39 33.17
CA LYS K 63 -36.87 46.16 33.89
C LYS K 63 -35.39 45.89 34.19
N GLU K 64 -34.47 46.44 33.39
CA GLU K 64 -33.04 46.15 33.43
C GLU K 64 -32.80 44.64 33.21
N TYR K 65 -33.08 44.25 31.97
CA TYR K 65 -32.83 42.91 31.50
C TYR K 65 -31.34 42.60 31.48
N ASP K 66 -31.00 41.34 31.31
CA ASP K 66 -29.71 40.94 30.79
C ASP K 66 -29.93 40.56 29.34
N LEU K 67 -28.90 40.71 28.53
CA LEU K 67 -29.04 40.40 27.11
C LEU K 67 -28.31 39.14 26.72
N TYR K 68 -27.17 38.86 27.35
CA TYR K 68 -26.47 37.61 27.07
C TYR K 68 -27.25 36.42 27.61
N LYS K 69 -27.53 36.41 28.91
CA LYS K 69 -28.08 35.23 29.56
C LYS K 69 -29.55 35.05 29.19
N SER K 70 -30.32 36.13 29.14
CA SER K 70 -31.75 35.96 28.89
C SER K 70 -32.06 35.75 27.42
N LEU K 71 -31.23 36.27 26.51
CA LEU K 71 -31.50 36.10 25.09
C LEU K 71 -30.36 35.42 24.33
N LEU K 72 -29.16 35.96 24.40
CA LEU K 72 -28.14 35.59 23.43
C LEU K 72 -27.45 34.28 23.72
N SER K 73 -27.53 33.78 24.96
CA SER K 73 -26.82 32.55 25.28
C SER K 73 -27.48 31.31 24.72
N SER K 74 -28.64 31.45 24.07
CA SER K 74 -29.25 30.33 23.37
C SER K 74 -28.44 29.95 22.15
N LYS K 75 -27.89 30.93 21.43
CA LYS K 75 -27.15 30.67 20.20
C LYS K 75 -25.77 31.31 20.23
N ILE K 76 -25.20 31.49 21.42
CA ILE K 76 -23.79 31.84 21.57
C ILE K 76 -23.22 30.91 22.63
N ASP K 77 -22.29 30.07 22.23
CA ASP K 77 -21.76 29.02 23.10
C ASP K 77 -20.35 29.35 23.54
N GLY K 78 -20.10 29.23 24.83
CA GLY K 78 -18.77 29.41 25.35
C GLY K 78 -17.88 28.23 25.07
N GLY K 79 -16.64 28.33 25.53
CA GLY K 79 -15.72 27.22 25.35
C GLY K 79 -14.32 27.45 25.89
N TRP K 80 -13.40 26.57 25.50
CA TRP K 80 -12.02 26.64 25.94
C TRP K 80 -11.13 26.31 24.75
N ASP K 81 -10.15 27.18 24.49
CA ASP K 81 -9.20 26.96 23.41
C ASP K 81 -7.95 26.31 24.00
N TRP K 82 -7.57 25.16 23.46
CA TRP K 82 -6.36 24.50 23.92
C TRP K 82 -5.17 25.30 23.43
N GLY K 83 -4.61 26.10 24.34
CA GLY K 83 -3.67 27.13 23.98
C GLY K 83 -4.25 28.49 24.33
N ASN K 84 -3.63 29.15 25.32
CA ASN K 84 -3.90 30.48 25.90
C ASN K 84 -5.37 30.89 25.93
N ALA K 85 -6.21 30.11 26.59
CA ALA K 85 -7.59 30.51 26.76
C ALA K 85 -7.80 31.10 28.15
N ALA K 86 -8.67 32.10 28.20
CA ALA K 86 -9.36 32.46 29.43
C ALA K 86 -10.84 32.12 29.33
N THR K 87 -11.52 32.68 28.33
CA THR K 87 -12.78 32.13 27.84
C THR K 87 -12.65 31.98 26.34
N HIS K 88 -13.73 31.58 25.68
CA HIS K 88 -13.71 31.38 24.24
C HIS K 88 -15.16 31.39 23.76
N TYR K 89 -15.52 32.38 22.95
CA TYR K 89 -16.90 32.49 22.49
C TYR K 89 -16.94 32.54 20.98
N TRP K 90 -17.91 31.84 20.43
CA TRP K 90 -18.22 31.89 19.01
C TRP K 90 -19.73 31.83 18.88
N ILE K 91 -20.22 31.56 17.67
CA ILE K 91 -21.66 31.64 17.50
C ILE K 91 -22.31 30.27 17.65
N LYS K 92 -22.06 29.38 16.70
CA LYS K 92 -22.59 28.03 16.77
C LYS K 92 -21.85 27.13 15.79
N GLY K 93 -21.08 26.18 16.30
CA GLY K 93 -20.33 25.28 15.45
C GLY K 93 -19.25 25.96 14.63
N GLY K 94 -18.43 26.78 15.27
CA GLY K 94 -17.34 27.47 14.60
C GLY K 94 -17.56 28.97 14.56
N GLN K 95 -16.55 29.65 14.04
CA GLN K 95 -16.55 31.11 13.99
C GLN K 95 -17.01 31.65 12.64
N TRP K 96 -17.78 30.88 11.87
CA TRP K 96 -18.18 31.33 10.55
C TRP K 96 -19.68 31.28 10.36
N ASN K 97 -20.45 31.63 11.39
CA ASN K 97 -21.89 31.52 11.37
C ASN K 97 -22.52 32.83 11.83
N LYS K 98 -23.33 33.41 10.96
CA LYS K 98 -24.03 34.64 11.29
C LYS K 98 -25.29 34.36 12.11
N LEU K 99 -25.53 35.18 13.11
CA LEU K 99 -26.86 35.23 13.72
C LEU K 99 -27.39 36.64 13.53
N GLU K 100 -28.67 36.85 13.81
CA GLU K 100 -29.21 38.18 13.92
C GLU K 100 -30.33 38.20 14.94
N VAL K 101 -30.54 39.35 15.57
CA VAL K 101 -31.60 39.56 16.53
C VAL K 101 -32.47 40.69 16.02
N ASP K 102 -33.76 40.44 15.90
CA ASP K 102 -34.68 41.40 15.32
C ASP K 102 -35.76 41.74 16.33
N MET K 103 -35.47 42.70 17.21
CA MET K 103 -36.47 43.06 18.23
C MET K 103 -37.45 44.09 17.69
N LYS K 104 -36.95 45.31 17.41
CA LYS K 104 -37.65 46.45 16.81
C LYS K 104 -38.76 47.05 17.66
N ASP K 105 -39.12 46.44 18.78
CA ASP K 105 -40.07 47.05 19.70
C ASP K 105 -39.79 46.74 21.16
N ALA K 106 -38.71 46.03 21.47
CA ALA K 106 -38.47 45.60 22.84
C ALA K 106 -37.98 46.76 23.69
N VAL K 107 -38.83 47.22 24.60
CA VAL K 107 -38.58 48.42 25.38
C VAL K 107 -37.97 48.00 26.70
N GLY K 108 -36.93 48.69 27.11
CA GLY K 108 -36.32 48.43 28.39
C GLY K 108 -34.89 48.95 28.40
N THR K 109 -34.03 48.19 29.06
CA THR K 109 -32.61 48.50 29.16
C THR K 109 -31.81 47.21 29.33
N TYR K 110 -30.85 47.01 28.45
CA TYR K 110 -30.18 45.74 28.27
C TYR K 110 -28.69 45.90 28.56
N LYS K 111 -28.03 44.79 28.84
CA LYS K 111 -26.61 44.88 29.11
C LYS K 111 -25.91 43.60 28.71
N LEU K 112 -24.64 43.72 28.34
CA LEU K 112 -23.84 42.56 27.96
C LEU K 112 -23.11 41.98 29.17
N SER K 113 -22.23 42.78 29.77
CA SER K 113 -21.66 42.53 31.10
C SER K 113 -20.87 41.22 31.17
N GLY K 114 -19.81 41.13 30.37
CA GLY K 114 -18.89 40.04 30.57
C GLY K 114 -18.59 39.16 29.37
N LEU K 115 -18.95 39.60 28.17
CA LEU K 115 -18.63 38.84 26.97
C LEU K 115 -17.18 39.11 26.60
N ARG K 116 -16.30 38.21 27.03
CA ARG K 116 -14.87 38.41 26.86
C ARG K 116 -14.29 37.41 25.88
N ASN K 117 -13.37 37.88 25.05
CA ASN K 117 -12.71 37.11 23.99
C ASN K 117 -13.74 36.49 23.04
N PHE K 118 -14.68 37.31 22.60
CA PHE K 118 -15.68 36.88 21.63
C PHE K 118 -15.07 36.81 20.25
N THR K 119 -14.90 35.61 19.72
CA THR K 119 -14.46 35.47 18.33
C THR K 119 -15.64 35.62 17.38
N GLY K 120 -16.58 34.70 17.45
CA GLY K 120 -17.89 34.84 16.84
C GLY K 120 -17.99 35.10 15.36
N GLY K 121 -18.49 36.28 15.02
CA GLY K 121 -18.70 36.62 13.62
C GLY K 121 -20.14 36.97 13.33
N ASP K 122 -20.34 38.22 12.90
CA ASP K 122 -21.57 38.72 12.28
C ASP K 122 -22.76 38.67 13.24
N LEU K 123 -22.64 39.40 14.33
CA LEU K 123 -23.80 39.80 15.12
C LEU K 123 -24.40 41.05 14.51
N ASP K 124 -25.70 41.26 14.76
CA ASP K 124 -26.32 42.57 14.57
C ASP K 124 -27.57 42.60 15.44
N VAL K 125 -27.47 43.24 16.59
CA VAL K 125 -28.54 43.23 17.56
C VAL K 125 -29.42 44.44 17.29
N ASN K 126 -30.42 44.27 16.47
CA ASN K 126 -31.28 45.37 16.02
C ASN K 126 -32.26 45.67 17.13
N MET K 127 -32.03 46.74 17.87
CA MET K 127 -32.83 47.12 19.04
C MET K 127 -33.29 48.55 18.91
N GLN K 128 -34.37 48.79 18.18
CA GLN K 128 -34.97 50.12 18.25
C GLN K 128 -35.65 50.31 19.59
N LYS K 129 -35.71 51.58 20.01
CA LYS K 129 -36.24 52.08 21.30
C LYS K 129 -35.83 51.21 22.50
N ALA K 130 -34.56 50.81 22.54
CA ALA K 130 -34.02 49.99 23.60
C ALA K 130 -32.67 50.56 24.03
N THR K 131 -32.60 51.06 25.26
CA THR K 131 -31.34 51.54 25.81
C THR K 131 -30.40 50.36 26.03
N LEU K 132 -29.16 50.49 25.58
CA LEU K 132 -28.18 49.47 25.81
C LEU K 132 -27.31 49.88 27.00
N ARG K 133 -26.47 48.96 27.47
CA ARG K 133 -25.40 49.30 28.41
C ARG K 133 -24.31 48.27 28.20
N LEU K 134 -23.25 48.62 27.49
CA LEU K 134 -22.33 47.60 27.02
C LEU K 134 -21.22 47.31 28.03
N GLY K 135 -21.50 47.49 29.31
CA GLY K 135 -20.54 47.11 30.32
C GLY K 135 -21.10 47.30 31.72
N GLN K 136 -20.97 46.26 32.54
CA GLN K 136 -21.46 46.30 33.92
C GLN K 136 -20.68 45.23 34.66
N PHE K 137 -19.80 45.67 35.58
CA PHE K 137 -19.03 44.82 36.51
C PHE K 137 -17.93 44.03 35.80
N ASN K 138 -17.91 44.04 34.47
CA ASN K 138 -16.96 43.26 33.68
C ASN K 138 -16.92 43.86 32.29
N GLY K 139 -15.77 43.75 31.65
CA GLY K 139 -15.56 44.35 30.34
C GLY K 139 -16.12 43.49 29.21
N ASN K 140 -15.77 43.89 28.00
CA ASN K 140 -16.21 43.20 26.80
C ASN K 140 -15.07 43.17 25.79
N SER K 141 -15.16 42.25 24.83
CA SER K 141 -14.10 42.10 23.84
C SER K 141 -14.70 41.52 22.57
N PHE K 142 -14.13 41.91 21.43
CA PHE K 142 -14.64 41.51 20.13
C PHE K 142 -13.43 41.28 19.23
N THR K 143 -13.12 40.01 18.94
CA THR K 143 -11.88 39.62 18.30
C THR K 143 -12.24 38.68 17.15
N SER K 144 -11.30 38.43 16.26
CA SER K 144 -11.42 37.37 15.28
C SER K 144 -10.17 36.50 15.30
N TYR K 145 -10.13 35.54 14.39
CA TYR K 145 -8.97 34.67 14.22
C TYR K 145 -8.45 34.76 12.80
N LYS K 146 -7.13 34.70 12.67
CA LYS K 146 -6.48 34.65 11.36
C LYS K 146 -6.62 33.22 10.85
N ASP K 147 -7.68 32.98 10.11
CA ASP K 147 -7.92 31.70 9.48
C ASP K 147 -7.28 31.69 8.10
N SER K 148 -7.59 30.68 7.30
CA SER K 148 -7.20 30.68 5.90
C SER K 148 -8.16 31.48 5.03
N ALA K 149 -9.30 31.91 5.59
CA ALA K 149 -10.25 32.73 4.86
C ALA K 149 -10.11 34.20 5.17
N ASP K 150 -9.45 34.56 6.27
CA ASP K 150 -9.11 35.93 6.68
C ASP K 150 -10.38 36.77 6.85
N ARG K 151 -11.17 36.37 7.83
CA ARG K 151 -12.49 36.94 8.03
C ARG K 151 -12.47 38.10 9.01
N THR K 152 -13.53 38.89 8.98
CA THR K 152 -13.79 39.97 9.92
C THR K 152 -14.82 39.48 10.94
N THR K 153 -15.32 40.41 11.75
CA THR K 153 -16.40 40.09 12.67
C THR K 153 -17.69 40.81 12.33
N ARG K 154 -17.64 42.11 12.02
CA ARG K 154 -18.78 42.93 11.61
C ARG K 154 -19.88 42.96 12.67
N VAL K 155 -19.46 43.07 13.93
CA VAL K 155 -20.39 43.14 15.05
C VAL K 155 -21.15 44.46 15.00
N ASP K 156 -22.46 44.40 14.99
CA ASP K 156 -23.28 45.59 14.83
C ASP K 156 -24.23 45.74 16.00
N PHE K 157 -24.75 46.95 16.21
CA PHE K 157 -25.77 47.24 17.19
C PHE K 157 -26.63 48.37 16.66
N ASN K 158 -27.86 48.47 17.14
CA ASN K 158 -28.74 49.50 16.62
C ASN K 158 -29.63 50.07 17.73
N ALA K 159 -29.03 50.37 18.87
CA ALA K 159 -29.79 50.73 20.07
C ALA K 159 -30.30 52.17 20.00
N LYS K 160 -30.72 52.72 21.13
CA LYS K 160 -31.23 54.09 21.19
C LYS K 160 -30.29 55.02 21.94
N ASN K 161 -29.95 54.72 23.18
CA ASN K 161 -28.71 55.15 23.78
C ASN K 161 -27.80 53.94 23.82
N ILE K 162 -26.53 54.10 24.20
CA ILE K 162 -25.62 52.97 24.27
C ILE K 162 -24.95 52.85 25.64
N LEU K 163 -24.37 53.93 26.15
CA LEU K 163 -23.93 54.05 27.55
C LEU K 163 -22.91 52.97 27.93
N ILE K 164 -21.69 53.12 27.37
CA ILE K 164 -20.66 52.07 27.38
C ILE K 164 -20.35 51.60 28.81
N ASP K 165 -19.93 52.52 29.67
CA ASP K 165 -19.93 52.37 31.13
C ASP K 165 -18.99 51.33 31.73
N ASN K 166 -18.29 50.57 30.90
CA ASN K 166 -17.15 49.76 31.32
C ASN K 166 -16.35 49.45 30.06
N PHE K 167 -15.11 48.96 30.24
CA PHE K 167 -14.16 48.93 29.15
C PHE K 167 -14.55 47.92 28.08
N LEU K 168 -14.05 48.16 26.87
CA LEU K 168 -14.34 47.37 25.69
C LEU K 168 -13.08 47.29 24.86
N GLU K 169 -12.64 46.08 24.54
CA GLU K 169 -11.39 45.88 23.84
C GLU K 169 -11.65 45.25 22.48
N ILE K 170 -11.55 46.06 21.44
CA ILE K 170 -11.87 45.62 20.09
C ILE K 170 -10.59 45.05 19.47
N ASN K 171 -10.69 43.82 18.97
CA ASN K 171 -9.57 43.04 18.41
C ASN K 171 -8.42 42.92 19.40
N ASN K 172 -8.70 42.37 20.58
CA ASN K 172 -7.67 42.25 21.59
C ASN K 172 -6.78 41.04 21.32
N ARG K 173 -5.86 40.77 22.22
CA ARG K 173 -5.22 39.47 22.28
C ARG K 173 -6.14 38.52 23.03
N VAL K 174 -6.22 37.27 22.56
CA VAL K 174 -7.13 36.31 23.16
C VAL K 174 -6.62 35.89 24.53
N GLY K 175 -5.46 35.24 24.56
CA GLY K 175 -4.80 34.96 25.81
C GLY K 175 -3.46 35.65 25.89
N SER K 176 -2.39 34.87 25.65
CA SER K 176 -1.03 35.37 25.72
C SER K 176 -0.25 34.77 24.54
N GLY K 177 -0.25 35.49 23.42
CA GLY K 177 0.66 35.20 22.33
C GLY K 177 0.33 34.00 21.47
N ALA K 178 0.41 32.81 22.03
CA ALA K 178 0.39 31.58 21.25
C ALA K 178 -1.03 31.23 20.80
N GLY K 179 -1.21 30.02 20.27
CA GLY K 179 -2.48 29.66 19.71
C GLY K 179 -2.69 30.33 18.37
N ARG K 180 -3.96 30.63 18.08
CA ARG K 180 -4.30 31.29 16.84
C ARG K 180 -4.23 32.81 17.00
N LYS K 181 -3.73 33.47 15.97
CA LYS K 181 -3.56 34.92 16.02
C LYS K 181 -4.86 35.61 15.63
N ALA K 182 -4.90 36.92 15.85
CA ALA K 182 -6.12 37.71 15.70
C ALA K 182 -6.07 38.49 14.39
N SER K 183 -7.13 38.35 13.59
CA SER K 183 -7.27 39.10 12.35
C SER K 183 -8.09 40.37 12.62
N SER K 184 -8.57 41.00 11.55
CA SER K 184 -9.25 42.28 11.66
C SER K 184 -10.67 42.11 12.21
N THR K 185 -11.30 43.25 12.49
CA THR K 185 -12.68 43.30 12.96
C THR K 185 -13.28 44.65 12.63
N VAL K 186 -14.61 44.72 12.75
CA VAL K 186 -15.37 45.95 12.58
C VAL K 186 -16.45 45.97 13.64
N LEU K 187 -16.52 47.05 14.41
CA LEU K 187 -17.60 47.25 15.35
C LEU K 187 -18.41 48.44 14.87
N THR K 188 -19.73 48.33 14.92
CA THR K 188 -20.61 49.40 14.50
C THR K 188 -21.63 49.68 15.58
N LEU K 189 -21.66 50.91 16.06
CA LEU K 189 -22.57 51.32 17.11
C LEU K 189 -23.45 52.42 16.55
N GLN K 190 -24.75 52.15 16.43
CA GLN K 190 -25.59 52.97 15.56
C GLN K 190 -26.81 53.44 16.35
N ALA K 191 -26.58 54.08 17.48
CA ALA K 191 -27.66 54.62 18.29
C ALA K 191 -28.35 55.79 17.59
N SER K 192 -29.34 56.36 18.27
CA SER K 192 -30.05 57.50 17.73
C SER K 192 -30.33 58.58 18.76
N GLU K 193 -29.70 58.51 19.94
CA GLU K 193 -29.83 59.56 20.92
C GLU K 193 -28.52 59.96 21.58
N GLY K 194 -27.48 59.18 21.45
CA GLY K 194 -26.19 59.54 22.00
C GLY K 194 -25.42 58.30 22.40
N ILE K 195 -24.12 58.34 22.16
CA ILE K 195 -23.21 57.28 22.57
C ILE K 195 -22.31 57.91 23.63
N THR K 196 -22.72 57.84 24.88
CA THR K 196 -21.88 58.41 25.92
C THR K 196 -21.03 57.30 26.50
N SER K 197 -20.35 57.60 27.60
CA SER K 197 -19.47 56.65 28.25
C SER K 197 -19.26 57.09 29.68
N SER K 198 -18.72 56.20 30.49
CA SER K 198 -18.38 56.58 31.86
C SER K 198 -16.91 56.94 31.94
N LYS K 199 -16.47 57.21 33.17
CA LYS K 199 -15.12 57.73 33.38
C LYS K 199 -14.06 56.64 33.25
N ASN K 200 -14.38 55.43 33.71
CA ASN K 200 -13.42 54.32 33.69
C ASN K 200 -13.70 53.32 32.58
N ALA K 201 -14.11 53.80 31.41
CA ALA K 201 -14.41 52.90 30.28
C ALA K 201 -13.31 53.04 29.25
N GLU K 202 -12.33 52.14 29.34
CA GLU K 202 -11.16 52.16 28.46
C GLU K 202 -11.51 51.50 27.14
N ILE K 203 -11.85 52.31 26.15
CA ILE K 203 -11.98 51.79 24.80
C ILE K 203 -10.58 51.63 24.21
N SER K 204 -10.21 50.40 23.88
CA SER K 204 -8.86 50.17 23.40
C SER K 204 -8.94 49.26 22.18
N LEU K 205 -8.95 49.86 21.00
CA LEU K 205 -8.99 49.13 19.75
C LEU K 205 -7.58 48.99 19.20
N TYR K 206 -7.32 47.84 18.57
CA TYR K 206 -5.95 47.43 18.29
C TYR K 206 -5.71 47.35 16.79
N ASP K 207 -4.61 46.66 16.42
CA ASP K 207 -4.03 46.57 15.08
C ASP K 207 -5.01 46.47 13.92
N GLY K 208 -6.06 45.68 14.06
CA GLY K 208 -6.94 45.51 12.91
C GLY K 208 -8.29 46.15 13.08
N ALA K 209 -8.53 46.78 14.22
CA ALA K 209 -9.87 47.15 14.61
C ALA K 209 -10.29 48.46 14.00
N THR K 210 -11.58 48.58 13.72
CA THR K 210 -12.21 49.83 13.35
C THR K 210 -13.37 50.08 14.30
N LEU K 211 -14.10 51.15 14.05
CA LEU K 211 -15.26 51.52 14.87
C LEU K 211 -16.08 52.51 14.06
N ASN K 212 -17.34 52.19 13.81
CA ASN K 212 -18.22 53.12 13.11
C ASN K 212 -19.30 53.58 14.08
N LEU K 213 -19.53 54.88 14.14
CA LEU K 213 -20.55 55.45 15.03
C LEU K 213 -21.52 56.22 14.15
N ALA K 214 -22.79 56.26 14.56
CA ALA K 214 -23.76 56.95 13.70
C ALA K 214 -24.85 57.68 14.48
N SER K 215 -24.65 57.93 15.76
CA SER K 215 -25.67 58.61 16.55
C SER K 215 -25.47 60.11 16.42
N ASN K 216 -26.06 60.90 17.29
CA ASN K 216 -25.61 62.27 17.47
C ASN K 216 -25.02 62.45 18.86
N SER K 217 -24.00 63.30 18.94
CA SER K 217 -23.30 63.71 20.17
C SER K 217 -22.66 62.52 20.89
N VAL K 218 -21.68 61.93 20.22
CA VAL K 218 -20.75 61.01 20.87
C VAL K 218 -19.97 61.80 21.91
N LYS K 219 -19.96 61.32 23.15
CA LYS K 219 -19.13 61.97 24.17
C LYS K 219 -18.46 60.92 25.06
N LEU K 220 -17.30 60.45 24.60
CA LEU K 220 -16.57 59.38 25.26
C LEU K 220 -15.71 59.99 26.35
N ASN K 221 -16.17 59.90 27.59
CA ASN K 221 -15.46 60.51 28.69
C ASN K 221 -14.37 59.62 29.28
N GLY K 222 -13.87 58.65 28.53
CA GLY K 222 -12.87 57.74 29.03
C GLY K 222 -11.66 57.61 28.12
N ASN K 223 -10.75 56.74 28.52
CA ASN K 223 -9.50 56.53 27.82
C ASN K 223 -9.76 55.82 26.50
N VAL K 224 -9.78 56.58 25.40
CA VAL K 224 -9.77 55.95 24.09
C VAL K 224 -8.34 55.64 23.72
N TRP K 225 -8.07 54.39 23.36
CA TRP K 225 -6.69 53.91 23.22
C TRP K 225 -6.52 53.30 21.84
N MET K 226 -6.22 54.11 20.83
CA MET K 226 -6.02 53.60 19.49
C MET K 226 -4.61 53.05 19.35
N GLY K 227 -4.51 51.75 19.12
CA GLY K 227 -3.20 51.15 18.93
C GLY K 227 -2.60 50.75 20.26
N ARG K 228 -2.33 49.45 20.42
CA ARG K 228 -1.77 48.96 21.66
C ARG K 228 -0.87 47.79 21.31
N LEU K 229 0.02 47.44 22.24
CA LEU K 229 0.84 46.24 22.09
C LEU K 229 -0.08 45.03 22.09
N GLN K 230 -0.31 44.50 20.89
CA GLN K 230 -1.20 43.34 20.77
C GLN K 230 -0.57 42.10 21.35
N TYR K 231 0.73 41.94 21.19
CA TYR K 231 1.46 40.82 21.73
C TYR K 231 2.52 41.36 22.70
N VAL K 232 3.28 40.43 23.29
CA VAL K 232 4.04 40.77 24.49
C VAL K 232 5.33 41.52 24.17
N GLY K 233 5.96 41.24 23.03
CA GLY K 233 7.25 41.85 22.76
C GLY K 233 7.36 42.48 21.39
N ALA K 234 6.33 42.33 20.57
CA ALA K 234 6.36 42.82 19.19
C ALA K 234 6.23 44.35 19.19
N TYR K 235 7.37 45.00 19.37
CA TYR K 235 7.42 46.46 19.30
C TYR K 235 7.42 46.98 17.88
N LEU K 236 7.54 46.11 16.89
CA LEU K 236 7.66 46.50 15.49
C LEU K 236 6.41 46.19 14.69
N ALA K 237 5.25 46.10 15.34
CA ALA K 237 4.01 45.89 14.63
C ALA K 237 3.57 47.18 13.94
N PRO K 238 2.84 47.08 12.83
CA PRO K 238 2.26 48.28 12.21
C PRO K 238 1.23 48.97 13.08
N SER K 239 0.22 48.22 13.53
CA SER K 239 -0.79 48.65 14.51
C SER K 239 -1.58 49.87 14.02
N TYR K 240 -2.38 49.62 12.98
CA TYR K 240 -3.33 50.63 12.51
C TYR K 240 -4.62 50.60 13.32
N SER K 241 -5.47 51.59 13.10
CA SER K 241 -6.80 51.62 13.68
C SER K 241 -7.63 52.65 12.91
N THR K 242 -8.89 52.79 13.32
CA THR K 242 -9.83 53.71 12.71
C THR K 242 -11.00 53.90 13.65
N ILE K 243 -11.39 55.15 13.91
CA ILE K 243 -12.66 55.43 14.56
C ILE K 243 -13.45 56.32 13.63
N ASN K 244 -14.24 55.71 12.77
CA ASN K 244 -14.89 56.41 11.66
C ASN K 244 -16.21 56.96 12.18
N THR K 245 -16.16 58.13 12.80
CA THR K 245 -17.37 58.77 13.30
C THR K 245 -18.01 59.62 12.21
N SER K 246 -18.27 59.04 11.05
CA SER K 246 -18.65 59.80 9.87
C SER K 246 -20.07 60.33 9.93
N LYS K 247 -20.99 59.58 10.51
CA LYS K 247 -22.40 59.91 10.40
C LYS K 247 -22.88 60.82 11.52
N VAL K 248 -21.99 61.22 12.43
CA VAL K 248 -22.39 61.82 13.69
C VAL K 248 -22.88 63.24 13.42
N THR K 249 -24.19 63.43 13.51
CA THR K 249 -24.78 64.72 13.19
C THR K 249 -24.75 65.70 14.34
N GLY K 250 -24.16 65.35 15.47
CA GLY K 250 -24.19 66.22 16.63
C GLY K 250 -22.86 66.80 17.03
N GLU K 251 -22.41 66.47 18.23
CA GLU K 251 -21.23 67.09 18.84
C GLU K 251 -20.26 66.00 19.27
N VAL K 252 -19.24 65.75 18.46
CA VAL K 252 -18.21 64.79 18.84
C VAL K 252 -17.43 65.37 20.01
N ASN K 253 -17.14 64.55 21.00
CA ASN K 253 -16.46 65.06 22.19
C ASN K 253 -15.65 63.92 22.79
N PHE K 254 -14.39 63.82 22.40
CA PHE K 254 -13.54 62.91 23.15
C PHE K 254 -13.10 63.57 24.44
N ASN K 255 -12.42 62.82 25.29
CA ASN K 255 -11.92 63.45 26.49
C ASN K 255 -10.45 63.11 26.71
N HIS K 256 -10.06 61.88 26.37
CA HIS K 256 -8.70 61.45 26.65
C HIS K 256 -8.32 60.48 25.55
N LEU K 257 -7.66 60.98 24.52
CA LEU K 257 -7.26 60.15 23.41
C LEU K 257 -5.79 59.80 23.53
N THR K 258 -5.48 58.52 23.29
CA THR K 258 -4.12 58.06 23.46
C THR K 258 -3.76 57.14 22.32
N VAL K 259 -2.81 57.56 21.50
CA VAL K 259 -2.44 56.84 20.29
C VAL K 259 -1.11 56.16 20.51
N GLY K 260 -1.06 54.87 20.28
CA GLY K 260 0.23 54.21 20.21
C GLY K 260 0.75 53.80 21.56
N ASP K 261 1.47 52.68 21.57
CA ASP K 261 2.14 52.19 22.76
C ASP K 261 3.31 51.32 22.31
N HIS K 262 4.53 51.85 22.44
CA HIS K 262 5.78 51.13 22.19
C HIS K 262 5.89 50.61 20.76
N ASN K 263 5.31 51.34 19.82
CA ASN K 263 5.37 50.98 18.40
C ASN K 263 5.10 52.22 17.57
N ALA K 264 5.09 52.03 16.25
CA ALA K 264 4.83 53.11 15.31
C ALA K 264 3.38 53.00 14.84
N ALA K 265 2.46 53.41 15.71
CA ALA K 265 1.05 53.31 15.39
C ALA K 265 0.62 54.47 14.51
N GLN K 266 -0.24 54.17 13.54
CA GLN K 266 -0.76 55.16 12.61
C GLN K 266 -2.28 55.10 12.66
N ALA K 267 -2.87 55.88 13.55
CA ALA K 267 -4.31 55.89 13.72
C ALA K 267 -4.93 56.95 12.82
N GLY K 268 -6.24 56.86 12.66
CA GLY K 268 -6.95 57.80 11.82
C GLY K 268 -8.39 57.91 12.24
N ILE K 269 -8.88 59.15 12.31
CA ILE K 269 -10.25 59.44 12.72
C ILE K 269 -10.92 60.20 11.59
N ILE K 270 -11.86 59.57 10.93
CA ILE K 270 -12.62 60.24 9.88
C ILE K 270 -13.82 60.89 10.56
N ALA K 271 -13.67 62.14 10.93
CA ALA K 271 -14.62 62.78 11.81
C ALA K 271 -15.75 63.43 11.01
N SER K 272 -16.55 64.25 11.66
CA SER K 272 -17.71 64.92 11.09
C SER K 272 -17.62 66.41 11.32
N ASN K 273 -16.48 66.98 10.94
CA ASN K 273 -16.15 68.41 10.81
C ASN K 273 -16.46 69.26 12.06
N LYS K 274 -16.48 68.65 13.24
CA LYS K 274 -16.44 69.38 14.51
C LYS K 274 -15.97 68.39 15.56
N THR K 275 -14.74 68.52 16.02
CA THR K 275 -14.16 67.48 16.87
C THR K 275 -13.43 68.14 18.04
N HIS K 276 -14.16 68.45 19.09
CA HIS K 276 -13.51 68.84 20.33
C HIS K 276 -12.97 67.58 20.97
N ILE K 277 -11.68 67.51 21.21
CA ILE K 277 -11.16 66.45 22.06
C ILE K 277 -10.51 67.10 23.27
N GLY K 278 -10.06 66.26 24.19
CA GLY K 278 -9.36 66.75 25.36
C GLY K 278 -7.88 66.46 25.27
N THR K 279 -7.35 65.77 26.28
CA THR K 279 -5.94 65.49 26.33
C THR K 279 -5.55 64.42 25.31
N LEU K 280 -4.66 64.78 24.40
CA LEU K 280 -4.10 63.86 23.41
C LEU K 280 -2.70 63.45 23.87
N ASP K 281 -2.45 62.14 23.89
CA ASP K 281 -1.17 61.62 24.37
C ASP K 281 -0.56 60.74 23.30
N LEU K 282 0.23 61.33 22.41
CA LEU K 282 0.91 60.53 21.39
C LEU K 282 2.05 59.75 22.00
N TRP K 283 2.60 58.85 21.18
CA TRP K 283 3.82 58.14 21.52
C TRP K 283 4.98 58.84 20.80
N GLN K 284 6.18 58.26 20.88
CA GLN K 284 7.35 58.81 20.19
C GLN K 284 7.16 58.79 18.68
N SER K 285 6.61 57.71 18.14
CA SER K 285 6.50 57.50 16.71
C SER K 285 5.05 57.23 16.31
N ALA K 286 4.12 57.96 16.91
CA ALA K 286 2.71 57.72 16.68
C ALA K 286 2.13 58.77 15.74
N GLY K 287 1.48 58.30 14.68
CA GLY K 287 0.82 59.18 13.74
C GLY K 287 -0.66 59.31 14.05
N LEU K 288 -1.28 60.29 13.40
CA LEU K 288 -2.71 60.55 13.61
C LEU K 288 -3.25 61.24 12.38
N ASN K 289 -4.26 60.66 11.75
CA ASN K 289 -4.82 61.21 10.52
C ASN K 289 -6.27 61.58 10.78
N ILE K 290 -6.49 62.75 11.36
CA ILE K 290 -7.84 63.28 11.52
C ILE K 290 -8.25 63.82 10.16
N ILE K 291 -9.33 63.29 9.60
CA ILE K 291 -9.75 63.65 8.26
C ILE K 291 -11.14 64.26 8.33
N ALA K 292 -11.23 65.54 8.03
CA ALA K 292 -12.52 66.20 7.91
C ALA K 292 -13.20 65.74 6.62
N PRO K 293 -14.52 65.86 6.53
CA PRO K 293 -15.20 65.49 5.28
C PRO K 293 -14.94 66.50 4.19
N PRO K 294 -15.27 66.16 2.92
CA PRO K 294 -15.15 67.15 1.85
C PRO K 294 -16.20 68.26 1.91
N GLU K 295 -16.25 69.07 0.85
CA GLU K 295 -17.06 70.28 0.84
C GLU K 295 -18.55 69.96 0.92
N GLY K 296 -19.05 69.12 0.03
CA GLY K 296 -20.46 68.81 0.04
C GLY K 296 -20.79 67.64 0.93
N GLY K 297 -19.83 67.18 1.72
CA GLY K 297 -20.00 65.98 2.50
C GLY K 297 -19.88 64.73 1.66
N TYR K 298 -19.94 63.59 2.33
CA TYR K 298 -19.85 62.31 1.65
C TYR K 298 -21.14 62.01 0.91
N LYS K 299 -21.00 61.57 -0.34
CA LYS K 299 -22.09 61.08 -1.20
C LYS K 299 -23.23 62.08 -1.41
N GLN K 335 -7.94 29.43 -15.85
CA GLN K 335 -9.16 28.63 -15.93
C GLN K 335 -10.34 29.50 -16.34
N LYS K 336 -10.57 30.58 -15.59
CA LYS K 336 -11.66 31.50 -15.87
C LYS K 336 -11.35 32.83 -15.21
N THR K 337 -11.58 33.91 -15.95
CA THR K 337 -11.42 35.24 -15.39
C THR K 337 -12.52 35.51 -14.37
N GLU K 338 -12.25 36.44 -13.46
CA GLU K 338 -13.26 36.90 -12.53
C GLU K 338 -13.02 38.37 -12.21
N VAL K 339 -14.10 39.14 -12.19
CA VAL K 339 -14.02 40.58 -12.08
C VAL K 339 -14.15 40.96 -10.61
N GLN K 340 -13.06 41.43 -10.04
CA GLN K 340 -13.11 41.99 -8.70
C GLN K 340 -13.85 43.34 -8.75
N PRO K 341 -14.53 43.72 -7.68
CA PRO K 341 -15.29 44.97 -7.72
C PRO K 341 -14.39 46.19 -7.69
N THR K 342 -14.97 47.34 -8.03
CA THR K 342 -14.23 48.59 -8.11
C THR K 342 -13.82 49.06 -6.73
N GLN K 343 -12.52 49.01 -6.46
CA GLN K 343 -11.96 49.40 -5.19
C GLN K 343 -11.60 50.88 -5.28
N VAL K 344 -12.57 51.73 -5.00
CA VAL K 344 -12.35 53.18 -5.06
C VAL K 344 -11.44 53.56 -3.90
N ILE K 345 -10.38 54.29 -4.19
CA ILE K 345 -9.38 54.64 -3.18
C ILE K 345 -9.44 56.15 -2.98
N ASP K 346 -8.86 56.61 -1.88
CA ASP K 346 -8.89 58.02 -1.51
C ASP K 346 -7.49 58.60 -1.56
N GLY K 347 -7.40 59.86 -1.94
CA GLY K 347 -6.18 60.60 -1.79
C GLY K 347 -6.34 61.63 -0.70
N PRO K 348 -5.27 62.34 -0.37
CA PRO K 348 -5.39 63.43 0.60
C PRO K 348 -6.10 64.64 0.00
N PHE K 349 -7.36 64.82 0.38
CA PHE K 349 -8.16 65.89 -0.19
C PHE K 349 -8.24 67.06 0.79
N ALA K 350 -9.03 68.07 0.43
CA ALA K 350 -9.21 69.26 1.27
C ALA K 350 -10.53 69.14 1.99
N GLY K 351 -10.54 69.53 3.25
CA GLY K 351 -11.78 69.55 4.00
C GLY K 351 -12.71 70.67 3.55
N GLY K 352 -13.92 70.65 4.10
CA GLY K 352 -14.89 71.68 3.81
C GLY K 352 -14.52 73.02 4.45
N LYS K 353 -15.49 73.94 4.40
CA LYS K 353 -15.21 75.30 4.86
C LYS K 353 -15.15 75.38 6.38
N ASP K 354 -16.19 74.92 7.06
CA ASP K 354 -16.27 75.00 8.51
C ASP K 354 -15.92 73.67 9.16
N THR K 355 -14.66 73.27 9.00
CA THR K 355 -14.13 72.06 9.58
C THR K 355 -13.15 72.43 10.68
N VAL K 356 -13.52 72.13 11.92
CA VAL K 356 -12.80 72.61 13.10
C VAL K 356 -12.37 71.41 13.92
N VAL K 357 -11.11 71.39 14.33
CA VAL K 357 -10.59 70.32 15.18
C VAL K 357 -9.97 70.98 16.41
N ASN K 358 -10.72 71.01 17.51
CA ASN K 358 -10.33 71.78 18.69
C ASN K 358 -9.58 70.91 19.68
N ILE K 359 -8.45 70.36 19.27
CA ILE K 359 -7.60 69.60 20.18
C ILE K 359 -7.03 70.56 21.22
N ASP K 360 -7.15 70.24 22.50
CA ASP K 360 -6.80 71.22 23.51
C ASP K 360 -5.59 70.89 24.35
N ARG K 361 -4.97 69.73 24.18
CA ARG K 361 -3.69 69.42 24.83
C ARG K 361 -2.98 68.29 24.11
N ILE K 362 -1.73 68.48 23.75
CA ILE K 362 -0.94 67.46 23.08
C ILE K 362 0.24 67.13 23.97
N ASN K 363 0.23 65.95 24.58
CA ASN K 363 1.40 65.50 25.30
C ASN K 363 2.13 64.45 24.46
N THR K 364 3.19 63.89 25.02
CA THR K 364 3.94 62.82 24.36
C THR K 364 4.63 62.00 25.43
N LYS K 365 4.41 60.69 25.41
CA LYS K 365 5.13 59.80 26.31
C LYS K 365 6.40 59.30 25.61
N ALA K 366 7.55 59.73 26.11
CA ALA K 366 8.80 59.47 25.41
C ALA K 366 9.77 58.75 26.34
N ASP K 367 9.82 57.43 26.23
CA ASP K 367 10.88 56.64 26.84
C ASP K 367 11.16 55.45 25.94
N GLY K 368 12.26 54.77 26.21
CA GLY K 368 12.61 53.59 25.44
C GLY K 368 14.01 53.63 24.87
N THR K 369 14.17 53.17 23.64
CA THR K 369 15.48 53.08 23.02
C THR K 369 15.93 54.44 22.52
N ILE K 370 17.11 54.46 21.91
CA ILE K 370 17.69 55.67 21.34
C ILE K 370 18.05 55.37 19.90
N LYS K 371 17.49 56.14 18.97
CA LYS K 371 17.73 55.96 17.55
C LYS K 371 18.64 57.09 17.07
N VAL K 372 19.10 56.99 15.81
CA VAL K 372 20.05 57.94 15.26
C VAL K 372 19.47 59.34 15.09
N GLY K 373 18.14 59.48 15.08
CA GLY K 373 17.48 60.76 15.10
C GLY K 373 16.53 60.85 16.27
N GLY K 374 15.42 61.51 16.05
CA GLY K 374 14.35 61.51 17.04
C GLY K 374 13.46 60.31 16.83
N PHE K 375 12.15 60.51 16.93
CA PHE K 375 11.19 59.53 16.43
C PHE K 375 10.03 60.15 15.68
N LYS K 376 9.86 61.47 15.74
CA LYS K 376 8.92 62.24 14.92
C LYS K 376 7.47 61.79 15.15
N ALA K 377 6.99 62.09 16.35
CA ALA K 377 5.56 62.06 16.60
C ALA K 377 4.88 63.08 15.70
N SER K 378 3.69 62.72 15.21
CA SER K 378 3.05 63.54 14.19
C SER K 378 1.55 63.37 14.26
N LEU K 379 0.84 64.41 13.83
CA LEU K 379 -0.58 64.31 13.56
C LEU K 379 -0.84 65.05 12.26
N THR K 380 -1.79 64.57 11.49
CA THR K 380 -2.05 65.08 10.16
C THR K 380 -3.53 65.39 10.00
N THR K 381 -3.84 66.63 9.69
CA THR K 381 -5.22 67.09 9.67
C THR K 381 -5.45 67.82 8.37
N ASN K 382 -6.51 67.45 7.65
CA ASN K 382 -6.88 68.25 6.49
C ASN K 382 -8.14 69.06 6.73
N ALA K 383 -8.31 69.58 7.93
CA ALA K 383 -9.42 70.47 8.19
C ALA K 383 -9.02 71.92 7.91
N ALA K 384 -10.03 72.77 7.77
CA ALA K 384 -9.77 74.17 7.47
C ALA K 384 -9.33 74.97 8.69
N HIS K 385 -9.39 74.40 9.87
CA HIS K 385 -8.85 75.02 11.07
C HIS K 385 -8.29 73.92 11.95
N LEU K 386 -7.19 74.20 12.64
CA LEU K 386 -6.70 73.31 13.67
C LEU K 386 -6.42 74.16 14.89
N ASN K 387 -7.45 74.47 15.66
CA ASN K 387 -7.28 75.30 16.84
C ASN K 387 -6.69 74.43 17.94
N ILE K 388 -5.65 74.93 18.59
CA ILE K 388 -5.10 74.24 19.75
C ILE K 388 -5.18 75.20 20.93
N GLY K 389 -5.96 74.82 21.93
CA GLY K 389 -6.34 75.72 22.99
C GLY K 389 -5.28 75.89 24.06
N LYS K 390 -5.77 76.17 25.26
CA LYS K 390 -4.95 76.76 26.30
C LYS K 390 -4.06 75.74 27.00
N GLY K 391 -4.23 74.44 26.72
CA GLY K 391 -3.32 73.46 27.27
C GLY K 391 -1.95 73.51 26.65
N GLY K 392 -1.84 73.97 25.41
CA GLY K 392 -0.55 74.10 24.77
C GLY K 392 0.03 72.78 24.34
N VAL K 393 1.36 72.73 24.22
CA VAL K 393 2.06 71.59 23.66
C VAL K 393 3.12 71.15 24.67
N ASN K 394 3.10 69.87 25.04
CA ASN K 394 4.14 69.27 25.86
C ASN K 394 4.92 68.30 25.00
N LEU K 395 6.15 68.00 25.42
CA LEU K 395 7.01 67.09 24.68
C LEU K 395 8.02 66.50 25.66
N SER K 396 7.87 65.22 25.98
CA SER K 396 8.87 64.55 26.79
C SER K 396 10.10 64.28 25.92
N ASN K 397 11.27 64.25 26.54
CA ASN K 397 12.53 64.22 25.82
C ASN K 397 13.46 63.19 26.46
N GLN K 398 13.89 62.22 25.65
CA GLN K 398 14.92 61.26 26.06
C GLN K 398 16.26 61.83 25.58
N ALA K 399 17.31 61.01 25.50
CA ALA K 399 18.66 61.50 25.19
C ALA K 399 18.74 62.08 23.78
N SER K 400 18.08 61.44 22.81
CA SER K 400 17.95 62.08 21.50
C SER K 400 16.78 63.04 21.51
N GLY K 401 16.83 64.03 20.62
CA GLY K 401 15.81 65.05 20.60
C GLY K 401 14.55 64.60 19.91
N ARG K 402 13.45 64.53 20.66
CA ARG K 402 12.19 64.10 20.09
C ARG K 402 11.64 65.19 19.18
N THR K 403 10.71 64.79 18.31
CA THR K 403 10.24 65.66 17.25
C THR K 403 8.72 65.59 17.18
N LEU K 404 8.08 66.74 17.15
CA LEU K 404 6.63 66.81 17.01
C LEU K 404 6.28 67.48 15.70
N LEU K 405 5.40 66.86 14.92
CA LEU K 405 5.01 67.32 13.59
C LEU K 405 3.52 67.61 13.61
N VAL K 406 3.16 68.87 13.87
CA VAL K 406 1.76 69.29 13.90
C VAL K 406 1.44 69.74 12.49
N GLU K 407 1.15 68.79 11.63
CA GLU K 407 0.95 69.07 10.22
C GLU K 407 -0.49 69.52 9.98
N ASN K 408 -0.68 70.31 8.93
CA ASN K 408 -2.01 70.61 8.43
C ASN K 408 -1.90 70.64 6.92
N LEU K 409 -2.77 69.90 6.24
CA LEU K 409 -2.66 69.84 4.79
C LEU K 409 -3.25 71.08 4.13
N THR K 410 -4.54 71.30 4.29
CA THR K 410 -5.22 72.39 3.58
C THR K 410 -5.92 73.32 4.54
N GLY K 411 -5.24 73.72 5.61
CA GLY K 411 -5.88 74.61 6.56
C GLY K 411 -4.99 75.62 7.24
N ASN K 412 -5.39 76.05 8.43
CA ASN K 412 -4.65 76.97 9.26
C ASN K 412 -4.22 76.25 10.52
N ILE K 413 -3.38 76.90 11.31
CA ILE K 413 -3.04 76.43 12.65
C ILE K 413 -3.12 77.62 13.58
N THR K 414 -3.88 77.48 14.67
CA THR K 414 -4.03 78.56 15.62
C THR K 414 -3.68 78.00 16.99
N VAL K 415 -2.41 77.97 17.33
CA VAL K 415 -1.96 77.52 18.63
C VAL K 415 -2.06 78.68 19.61
N ASP K 416 -2.75 78.46 20.73
CA ASP K 416 -2.92 79.51 21.72
C ASP K 416 -2.35 79.11 23.08
N GLY K 417 -1.31 78.30 23.09
CA GLY K 417 -0.78 77.78 24.33
C GLY K 417 0.73 77.81 24.40
N PRO K 418 1.28 77.60 25.59
CA PRO K 418 2.73 77.67 25.76
C PRO K 418 3.40 76.38 25.30
N LEU K 419 4.43 76.53 24.47
CA LEU K 419 5.15 75.37 23.95
C LEU K 419 6.10 74.85 25.00
N ARG K 420 5.64 73.92 25.82
CA ARG K 420 6.47 73.32 26.85
C ARG K 420 7.31 72.21 26.26
N VAL K 421 8.27 71.76 27.05
CA VAL K 421 9.04 70.55 26.79
C VAL K 421 9.50 70.00 28.12
N ASN K 422 9.26 68.70 28.34
CA ASN K 422 9.37 68.01 29.63
C ASN K 422 8.50 68.66 30.71
N ASN K 423 7.40 69.29 30.26
CA ASN K 423 6.40 69.95 31.09
C ASN K 423 7.01 71.09 31.92
N GLN K 424 7.71 71.99 31.25
CA GLN K 424 7.97 73.32 31.78
C GLN K 424 8.16 74.27 30.60
N VAL K 425 7.99 75.56 30.87
CA VAL K 425 7.93 76.55 29.80
C VAL K 425 9.30 76.78 29.20
N GLY K 426 10.33 76.87 30.03
CA GLY K 426 11.68 77.05 29.53
C GLY K 426 12.19 75.81 28.83
N GLY K 427 12.41 74.74 29.59
CA GLY K 427 12.74 73.46 29.00
C GLY K 427 14.11 73.37 28.37
N TYR K 428 15.15 73.37 29.20
CA TYR K 428 16.50 73.16 28.70
C TYR K 428 16.66 71.73 28.19
N ALA K 429 17.45 71.60 27.13
CA ALA K 429 17.74 70.31 26.54
C ALA K 429 19.21 70.28 26.17
N LEU K 430 19.80 69.09 26.22
CA LEU K 430 21.23 68.94 26.00
C LEU K 430 21.55 68.93 24.50
N ALA K 431 22.82 68.74 24.15
CA ALA K 431 23.27 68.93 22.78
C ALA K 431 22.79 67.81 21.88
N GLY K 432 22.87 66.57 22.35
CA GLY K 432 22.30 65.46 21.62
C GLY K 432 20.79 65.43 21.61
N SER K 433 20.15 66.17 22.51
CA SER K 433 18.70 66.25 22.57
C SER K 433 18.25 67.55 21.92
N SER K 434 18.13 67.53 20.60
CA SER K 434 17.64 68.68 19.85
C SER K 434 16.14 68.48 19.64
N ALA K 435 15.33 69.07 20.51
CA ALA K 435 13.89 68.96 20.42
C ALA K 435 13.40 69.74 19.20
N ASN K 436 12.54 69.13 18.41
CA ASN K 436 12.17 69.67 17.12
C ASN K 436 10.65 69.87 17.06
N PHE K 437 10.20 71.06 17.42
CA PHE K 437 8.84 71.46 17.12
C PHE K 437 8.74 71.75 15.63
N GLU K 438 7.60 71.43 15.05
CA GLU K 438 7.48 71.53 13.61
C GLU K 438 6.02 71.74 13.24
N PHE K 439 5.77 72.72 12.39
CA PHE K 439 4.43 73.12 12.03
C PHE K 439 4.36 73.25 10.51
N LYS K 440 3.25 72.84 9.94
CA LYS K 440 3.06 72.85 8.50
C LYS K 440 1.64 73.35 8.26
N ALA K 441 1.48 74.64 8.03
CA ALA K 441 0.15 75.22 7.92
C ALA K 441 -0.16 75.49 6.45
N GLY K 442 -1.11 74.73 5.91
CA GLY K 442 -1.54 74.94 4.54
C GLY K 442 -0.53 74.46 3.54
N VAL K 443 -0.26 73.16 3.52
CA VAL K 443 0.81 72.63 2.68
C VAL K 443 0.38 72.61 1.23
N ASP K 444 -0.67 71.87 0.91
CA ASP K 444 -1.00 71.62 -0.48
C ASP K 444 -1.75 72.77 -1.15
N THR K 445 -2.12 73.80 -0.39
CA THR K 445 -2.74 74.96 -0.99
C THR K 445 -1.89 76.23 -0.86
N LYS K 446 -0.90 76.22 0.03
CA LYS K 446 0.14 77.25 0.13
C LYS K 446 -0.42 78.64 0.45
N ASN K 447 -1.54 78.68 1.15
CA ASN K 447 -2.12 79.95 1.60
C ASN K 447 -2.66 79.83 3.02
N GLY K 448 -1.92 79.16 3.88
CA GLY K 448 -2.35 78.93 5.25
C GLY K 448 -1.45 79.62 6.25
N THR K 449 -2.05 80.34 7.18
CA THR K 449 -1.32 81.03 8.23
C THR K 449 -1.08 80.08 9.39
N ALA K 450 -0.02 80.34 10.15
CA ALA K 450 0.26 79.60 11.38
C ALA K 450 0.32 80.60 12.52
N THR K 451 -0.84 80.98 13.03
CA THR K 451 -0.92 82.04 14.02
C THR K 451 -0.70 81.49 15.41
N PHE K 452 0.30 82.01 16.12
CA PHE K 452 0.59 81.58 17.49
C PHE K 452 0.26 82.76 18.39
N ASN K 453 -0.98 82.84 18.87
CA ASN K 453 -1.39 83.98 19.68
C ASN K 453 -0.90 83.92 21.12
N ASN K 454 -0.01 83.00 21.47
CA ASN K 454 0.57 83.00 22.81
C ASN K 454 2.06 83.26 22.69
N ASP K 455 2.58 83.96 23.67
CA ASP K 455 4.00 84.31 23.74
C ASP K 455 4.80 83.04 24.01
N ILE K 456 5.45 82.51 22.98
CA ILE K 456 6.17 81.25 23.13
C ILE K 456 7.50 81.50 23.82
N SER K 457 8.09 80.43 24.32
CA SER K 457 9.35 80.52 25.05
C SER K 457 10.12 79.23 24.83
N LEU K 458 11.25 79.33 24.15
CA LEU K 458 12.09 78.19 23.82
C LEU K 458 13.40 78.29 24.56
N GLY K 459 13.80 77.20 25.20
CA GLY K 459 15.04 77.14 25.93
C GLY K 459 16.23 76.80 25.08
N ARG K 460 16.99 75.80 25.49
CA ARG K 460 18.27 75.45 24.88
C ARG K 460 18.12 74.17 24.06
N PHE K 461 18.69 74.18 22.84
CA PHE K 461 18.64 73.06 21.89
C PHE K 461 17.21 72.62 21.56
N VAL K 462 16.37 73.60 21.26
CA VAL K 462 15.01 73.37 20.81
C VAL K 462 14.85 74.07 19.47
N ASN K 463 14.22 73.38 18.50
CA ASN K 463 14.30 73.79 17.10
C ASN K 463 12.90 73.95 16.52
N LEU K 464 12.35 75.15 16.65
CA LEU K 464 11.10 75.48 15.98
C LEU K 464 11.30 75.58 14.48
N LYS K 465 10.36 75.05 13.71
CA LYS K 465 10.33 75.35 12.29
C LYS K 465 8.88 75.45 11.81
N VAL K 466 8.60 76.49 11.05
CA VAL K 466 7.25 76.79 10.59
C VAL K 466 7.28 76.96 9.09
N ASP K 467 6.50 76.16 8.38
CA ASP K 467 6.51 76.19 6.92
C ASP K 467 5.10 76.52 6.48
N ALA K 468 4.78 77.81 6.43
CA ALA K 468 3.42 78.24 6.17
C ALA K 468 3.38 79.36 5.16
N HIS K 469 2.23 80.00 5.02
CA HIS K 469 2.14 81.19 4.19
C HIS K 469 2.50 82.47 4.93
N THR K 470 1.83 82.75 6.05
CA THR K 470 2.06 83.98 6.80
C THR K 470 2.07 83.62 8.29
N ALA K 471 3.25 83.36 8.83
CA ALA K 471 3.35 82.88 10.21
C ALA K 471 3.31 84.08 11.16
N ASN K 472 2.11 84.45 11.57
CA ASN K 472 1.96 85.49 12.58
C ASN K 472 2.42 84.98 13.93
N PHE K 473 2.72 85.90 14.83
CA PHE K 473 3.21 85.57 16.17
C PHE K 473 2.75 86.63 17.15
N LYS K 474 3.14 86.43 18.40
CA LYS K 474 3.08 87.47 19.41
C LYS K 474 4.38 87.66 20.17
N GLY K 475 5.27 86.69 20.16
CA GLY K 475 6.57 86.85 20.79
C GLY K 475 7.35 85.55 20.87
N ILE K 476 8.63 85.63 20.56
CA ILE K 476 9.53 84.48 20.58
C ILE K 476 10.68 84.81 21.51
N ASP K 477 10.93 83.96 22.49
CA ASP K 477 11.90 84.25 23.54
C ASP K 477 12.88 83.09 23.63
N THR K 478 14.02 83.21 22.94
CA THR K 478 15.02 82.15 22.90
C THR K 478 16.37 82.60 23.42
N GLY K 479 16.45 83.81 23.99
CA GLY K 479 17.72 84.29 24.48
C GLY K 479 18.19 83.62 25.76
N ASN K 480 17.28 82.91 26.43
CA ASN K 480 17.64 82.25 27.68
C ASN K 480 18.48 81.01 27.41
N GLY K 481 18.13 80.22 26.40
CA GLY K 481 18.81 78.96 26.17
C GLY K 481 19.91 78.97 25.13
N GLY K 482 19.62 79.55 23.96
CA GLY K 482 20.58 79.54 22.88
C GLY K 482 20.60 78.21 22.15
N PHE K 483 21.43 78.19 21.09
CA PHE K 483 21.62 77.03 20.20
C PHE K 483 20.28 76.56 19.59
N ASN K 484 19.49 77.52 19.15
CA ASN K 484 18.13 77.27 18.72
C ASN K 484 18.04 77.48 17.22
N THR K 485 17.65 76.43 16.49
CA THR K 485 17.43 76.54 15.06
C THR K 485 16.00 77.03 14.87
N LEU K 486 15.84 78.34 14.72
CA LEU K 486 14.54 78.96 14.53
C LEU K 486 14.30 79.07 13.03
N ASP K 487 13.95 77.94 12.42
CA ASP K 487 13.83 77.87 10.98
C ASP K 487 12.49 78.45 10.53
N PHE K 488 12.51 79.16 9.41
CA PHE K 488 11.32 79.68 8.76
C PHE K 488 11.44 79.53 7.26
N SER K 489 12.13 78.47 6.81
CA SER K 489 12.52 78.38 5.41
C SER K 489 11.32 78.15 4.49
N GLY K 490 10.26 77.55 5.00
CA GLY K 490 9.12 77.31 4.15
C GLY K 490 8.20 78.48 3.98
N VAL K 491 8.46 79.60 4.68
CA VAL K 491 7.53 80.72 4.71
C VAL K 491 7.42 81.36 3.34
N THR K 492 6.18 81.50 2.85
CA THR K 492 5.94 82.08 1.55
C THR K 492 6.32 83.56 1.52
N ASN K 493 5.62 84.40 2.28
CA ASN K 493 6.02 85.80 2.32
C ASN K 493 6.41 86.31 3.70
N LYS K 494 5.52 86.34 4.70
CA LYS K 494 5.78 87.18 5.86
C LYS K 494 5.81 86.37 7.15
N VAL K 495 6.62 86.85 8.11
CA VAL K 495 6.67 86.31 9.47
C VAL K 495 6.53 87.53 10.38
N ASN K 496 5.34 87.77 10.90
CA ASN K 496 5.05 89.05 11.55
C ASN K 496 5.23 88.93 13.07
N ILE K 497 6.47 88.67 13.47
CA ILE K 497 6.80 88.52 14.89
C ILE K 497 6.64 89.87 15.60
N ASN K 498 6.05 89.84 16.79
CA ASN K 498 5.83 91.05 17.56
C ASN K 498 6.93 91.33 18.57
N LYS K 499 7.71 90.33 18.97
CA LYS K 499 8.76 90.54 19.96
C LYS K 499 9.76 89.40 19.84
N LEU K 500 11.05 89.70 19.93
CA LEU K 500 12.10 88.71 19.72
C LEU K 500 13.17 88.85 20.78
N ILE K 501 13.60 87.73 21.34
CA ILE K 501 14.69 87.66 22.30
C ILE K 501 15.61 86.52 21.87
N THR K 502 16.84 86.86 21.47
CA THR K 502 17.79 85.89 20.94
C THR K 502 19.17 86.06 21.56
N ALA K 503 19.85 84.93 21.77
CA ALA K 503 21.26 84.92 22.17
C ALA K 503 22.16 84.27 21.14
N SER K 504 21.91 83.00 20.80
CA SER K 504 22.71 82.29 19.79
C SER K 504 21.71 81.46 18.97
N THR K 505 21.23 82.05 17.89
CA THR K 505 20.08 81.54 17.19
C THR K 505 20.45 81.37 15.73
N ASN K 506 19.65 80.59 15.01
CA ASN K 506 19.87 80.25 13.60
C ASN K 506 18.67 80.66 12.79
N VAL K 507 18.24 81.91 12.99
CA VAL K 507 17.06 82.45 12.33
C VAL K 507 17.27 82.46 10.82
N ALA K 508 16.25 82.05 10.08
CA ALA K 508 16.33 82.03 8.62
C ALA K 508 14.98 82.49 8.09
N VAL K 509 14.82 83.79 7.87
CA VAL K 509 13.57 84.36 7.38
C VAL K 509 13.86 85.08 6.07
N LYS K 510 12.98 84.91 5.09
CA LYS K 510 13.18 85.53 3.79
C LYS K 510 12.53 86.90 3.67
N ASN K 511 11.49 87.17 4.44
CA ASN K 511 10.81 88.47 4.46
C ASN K 511 10.00 88.53 5.74
N PHE K 512 10.04 89.67 6.42
CA PHE K 512 9.43 89.80 7.74
C PHE K 512 9.23 91.27 8.07
N ASN K 513 8.56 91.51 9.20
CA ASN K 513 8.67 92.80 9.88
C ASN K 513 8.52 92.57 11.39
N ILE K 514 9.67 92.33 12.03
CA ILE K 514 9.75 92.06 13.46
C ILE K 514 9.85 93.42 14.15
N ASN K 515 8.76 93.90 14.73
CA ASN K 515 8.75 95.29 15.20
C ASN K 515 9.37 95.48 16.58
N GLU K 516 10.10 94.49 17.10
CA GLU K 516 10.88 94.68 18.32
C GLU K 516 11.97 93.63 18.34
N LEU K 517 13.21 94.05 18.61
CA LEU K 517 14.37 93.15 18.55
C LEU K 517 15.25 93.37 19.76
N ILE K 518 15.76 92.27 20.33
CA ILE K 518 16.68 92.31 21.46
C ILE K 518 17.95 91.57 21.08
N VAL K 519 19.09 92.25 21.23
CA VAL K 519 20.39 91.69 20.93
C VAL K 519 21.05 91.38 22.28
N LYS K 520 20.94 90.14 22.73
CA LYS K 520 21.52 89.76 23.99
C LYS K 520 22.97 89.30 23.83
N THR K 521 23.69 89.28 24.94
CA THR K 521 24.98 88.62 25.04
C THR K 521 24.77 87.21 25.56
N ASN K 522 25.83 86.43 25.55
CA ASN K 522 25.76 84.98 25.78
C ASN K 522 26.94 84.50 26.61
N GLY K 523 27.21 85.20 27.71
CA GLY K 523 28.33 84.83 28.57
C GLY K 523 29.62 85.43 28.08
N VAL K 524 30.68 84.64 28.06
CA VAL K 524 31.97 85.10 27.57
C VAL K 524 32.42 84.35 26.31
N SER K 525 31.77 83.25 25.96
CA SER K 525 32.18 82.47 24.81
C SER K 525 31.77 83.17 23.52
N VAL K 526 32.54 82.90 22.47
CA VAL K 526 32.27 83.43 21.14
C VAL K 526 31.88 82.27 20.23
N GLY K 527 31.57 82.61 18.98
CA GLY K 527 30.96 81.66 18.08
C GLY K 527 29.48 81.46 18.31
N GLU K 528 28.88 82.27 19.18
CA GLU K 528 27.48 82.17 19.55
C GLU K 528 26.85 83.52 19.29
N TYR K 529 25.89 83.58 18.36
CA TYR K 529 25.42 84.84 17.83
C TYR K 529 24.11 84.65 17.09
N THR K 530 23.39 85.75 16.94
CA THR K 530 22.25 85.78 16.03
C THR K 530 22.76 85.72 14.60
N HIS K 531 22.25 84.78 13.83
CA HIS K 531 22.76 84.48 12.50
C HIS K 531 21.59 84.39 11.54
N PHE K 532 21.28 85.47 10.85
CA PHE K 532 20.29 85.40 9.80
C PHE K 532 20.91 84.68 8.60
N SER K 533 20.84 83.36 8.61
CA SER K 533 21.65 82.54 7.74
C SER K 533 21.04 82.32 6.36
N GLU K 534 20.14 83.18 5.91
CA GLU K 534 19.70 83.17 4.53
C GLU K 534 19.34 84.60 4.13
N ASP K 535 18.86 84.76 2.90
CA ASP K 535 18.67 86.08 2.32
C ASP K 535 17.49 86.79 2.96
N ILE K 536 17.63 88.10 3.16
CA ILE K 536 16.63 88.89 3.86
C ILE K 536 15.71 89.60 2.88
N GLY K 537 16.08 89.63 1.61
CA GLY K 537 15.14 90.08 0.60
C GLY K 537 15.04 91.58 0.49
N SER K 538 13.83 92.03 0.15
CA SER K 538 13.58 93.41 -0.22
C SER K 538 12.57 94.12 0.65
N GLN K 539 11.53 93.43 1.11
CA GLN K 539 10.48 94.08 1.87
C GLN K 539 10.66 93.93 3.37
N SER K 540 11.87 93.58 3.81
CA SER K 540 12.15 93.36 5.22
C SER K 540 12.08 94.66 6.01
N ARG K 541 11.98 94.52 7.32
CA ARG K 541 11.70 95.64 8.22
C ARG K 541 11.91 95.18 9.64
N ILE K 542 12.39 96.09 10.49
CA ILE K 542 12.38 95.93 11.94
C ILE K 542 12.01 97.30 12.50
N ASN K 543 11.04 97.38 13.39
CA ASN K 543 10.67 98.70 13.86
C ASN K 543 11.36 99.11 15.16
N THR K 544 12.08 98.22 15.82
CA THR K 544 12.90 98.58 16.98
C THR K 544 14.00 97.55 17.15
N VAL K 545 15.25 98.00 17.12
CA VAL K 545 16.39 97.19 17.53
C VAL K 545 16.87 97.74 18.86
N ARG K 546 17.11 96.85 19.81
CA ARG K 546 17.57 97.26 21.14
C ARG K 546 18.70 96.32 21.58
N LEU K 547 19.92 96.75 21.36
CA LEU K 547 21.07 96.05 21.89
C LEU K 547 21.14 96.25 23.41
N GLU K 548 21.55 95.19 24.11
CA GLU K 548 21.80 95.29 25.54
C GLU K 548 23.28 95.06 25.79
N THR K 549 23.72 95.45 26.98
CA THR K 549 25.15 95.55 27.29
C THR K 549 25.77 94.16 27.42
N GLY K 550 26.88 93.94 26.73
CA GLY K 550 27.57 92.67 26.79
C GLY K 550 28.43 92.51 28.02
N THR K 551 29.59 91.90 27.86
CA THR K 551 30.55 91.74 28.95
C THR K 551 31.87 92.37 28.56
N ARG K 552 32.67 92.71 29.57
CA ARG K 552 33.88 93.49 29.37
C ARG K 552 34.92 92.69 28.60
N SER K 553 35.66 93.38 27.72
CA SER K 553 36.87 92.96 27.01
C SER K 553 36.64 91.90 25.94
N ILE K 554 35.40 91.55 25.61
CA ILE K 554 35.14 90.58 24.54
C ILE K 554 33.75 90.83 23.96
N PHE K 555 33.66 90.73 22.62
CA PHE K 555 32.38 90.77 21.92
C PHE K 555 31.80 89.36 21.92
N SER K 556 31.07 89.04 22.99
CA SER K 556 30.55 87.69 23.13
C SER K 556 29.36 87.44 22.22
N GLY K 557 28.27 88.19 22.42
CA GLY K 557 27.10 88.06 21.59
C GLY K 557 27.06 89.10 20.49
N GLY K 558 26.16 88.89 19.55
CA GLY K 558 26.02 89.84 18.47
C GLY K 558 25.11 89.30 17.39
N VAL K 559 24.92 90.13 16.37
CA VAL K 559 24.02 89.88 15.25
C VAL K 559 24.80 89.97 13.96
N LYS K 560 24.80 88.90 13.17
CA LYS K 560 25.40 88.97 11.85
C LYS K 560 24.41 88.44 10.82
N PHE K 561 24.60 88.88 9.59
CA PHE K 561 23.72 88.55 8.48
C PHE K 561 24.52 87.71 7.48
N LYS K 562 23.89 87.38 6.36
CA LYS K 562 24.63 86.83 5.24
C LYS K 562 24.29 87.50 3.92
N SER K 563 23.05 87.95 3.77
CA SER K 563 22.61 88.48 2.49
C SER K 563 21.41 89.40 2.72
N GLY K 564 20.82 89.86 1.62
CA GLY K 564 19.78 90.86 1.65
C GLY K 564 20.24 92.17 1.05
N GLU K 565 19.28 93.07 0.85
CA GLU K 565 19.60 94.37 0.30
C GLU K 565 19.09 95.55 1.12
N LYS K 566 18.06 95.39 1.96
CA LYS K 566 17.61 96.47 2.81
C LYS K 566 16.85 95.93 4.00
N LEU K 567 16.83 96.72 5.08
CA LEU K 567 15.97 96.47 6.23
C LEU K 567 15.69 97.81 6.91
N VAL K 568 14.48 98.31 6.72
CA VAL K 568 14.09 99.63 7.21
C VAL K 568 13.96 99.57 8.73
N ILE K 569 14.97 100.04 9.43
CA ILE K 569 14.95 100.11 10.89
C ILE K 569 14.48 101.50 11.29
N ASP K 570 13.59 101.57 12.28
CA ASP K 570 13.24 102.87 12.84
C ASP K 570 14.16 103.31 13.96
N GLU K 571 14.28 102.54 15.03
CA GLU K 571 15.01 102.98 16.20
C GLU K 571 16.07 101.93 16.52
N PHE K 572 17.19 102.38 17.06
CA PHE K 572 18.34 101.54 17.29
C PHE K 572 18.97 101.91 18.63
N TYR K 573 19.71 100.96 19.22
CA TYR K 573 20.49 101.28 20.40
C TYR K 573 21.89 100.70 20.28
N TYR K 574 22.88 101.48 20.71
CA TYR K 574 24.22 100.95 20.92
C TYR K 574 24.25 100.10 22.18
N SER K 575 25.38 99.44 22.40
CA SER K 575 25.66 98.75 23.65
C SER K 575 27.14 98.51 23.73
N PRO K 576 27.73 98.52 24.92
CA PRO K 576 29.10 98.03 25.08
C PRO K 576 29.15 96.52 24.83
N TRP K 577 29.99 96.15 23.87
CA TRP K 577 30.44 94.78 23.62
C TRP K 577 29.32 93.85 23.11
N ASN K 578 28.52 94.36 22.20
CA ASN K 578 27.67 93.52 21.36
C ASN K 578 27.70 94.10 19.96
N TYR K 579 28.10 93.29 18.98
CA TYR K 579 28.38 93.77 17.64
C TYR K 579 27.16 93.65 16.76
N PHE K 580 26.83 94.74 16.07
CA PHE K 580 25.73 94.75 15.11
C PHE K 580 26.33 94.63 13.71
N ASP K 581 26.75 93.41 13.37
CA ASP K 581 27.31 93.17 12.05
C ASP K 581 26.18 93.18 11.02
N ALA K 582 26.36 93.98 9.98
CA ALA K 582 25.34 94.22 8.96
C ALA K 582 25.90 93.88 7.59
N ARG K 583 26.43 92.67 7.47
CA ARG K 583 27.07 92.21 6.23
C ARG K 583 26.11 92.21 5.05
N ASN K 584 26.64 92.68 3.91
CA ASN K 584 26.14 92.42 2.56
C ASN K 584 24.86 93.17 2.21
N ILE K 585 24.25 93.83 3.17
CA ILE K 585 22.99 94.52 2.95
C ILE K 585 23.27 95.98 2.65
N LYS K 586 22.73 96.45 1.53
CA LYS K 586 23.18 97.68 0.91
C LYS K 586 22.28 98.88 1.13
N ASN K 587 21.16 98.75 1.84
CA ASN K 587 20.28 99.89 2.08
C ASN K 587 19.75 99.88 3.51
N VAL K 588 20.65 99.74 4.48
CA VAL K 588 20.26 99.70 5.89
C VAL K 588 19.75 101.09 6.28
N GLU K 589 18.45 101.25 6.36
CA GLU K 589 17.85 102.56 6.50
C GLU K 589 17.43 102.81 7.94
N ILE K 590 17.71 104.02 8.43
CA ILE K 590 17.25 104.47 9.74
C ILE K 590 16.27 105.61 9.50
N THR K 591 15.21 105.67 10.31
CA THR K 591 14.14 106.64 10.09
C THR K 591 13.87 107.50 11.32
N ARG K 592 14.15 107.00 12.52
CA ARG K 592 14.04 107.84 13.72
C ARG K 592 15.25 107.55 14.59
N LYS K 593 15.15 107.95 15.87
CA LYS K 593 16.26 108.11 16.82
C LYS K 593 17.27 106.96 16.84
N PHE K 594 18.54 107.32 16.85
CA PHE K 594 19.65 106.37 16.75
C PHE K 594 20.54 106.63 17.97
N ALA K 595 20.22 105.98 19.08
CA ALA K 595 20.85 106.29 20.35
C ALA K 595 21.64 105.12 20.90
N SER K 596 22.03 105.19 22.16
CA SER K 596 22.67 104.09 22.88
C SER K 596 21.75 103.58 23.98
N SER K 597 21.94 102.31 24.35
CA SER K 597 21.15 101.75 25.45
C SER K 597 21.56 102.32 26.80
N THR K 598 22.74 102.91 26.89
CA THR K 598 23.12 103.76 28.00
C THR K 598 23.10 105.19 27.50
N PRO K 599 21.94 105.85 27.45
CA PRO K 599 21.78 107.06 26.62
C PRO K 599 22.46 108.30 27.18
N GLU K 600 22.66 108.40 28.49
CA GLU K 600 23.28 109.60 29.03
C GLU K 600 24.69 109.34 29.53
N ASN K 601 25.09 108.08 29.65
CA ASN K 601 26.46 107.72 30.06
C ASN K 601 27.01 106.60 29.19
N PRO K 602 27.41 106.91 27.95
CA PRO K 602 27.99 105.87 27.10
C PRO K 602 29.40 105.52 27.53
N TRP K 603 29.81 104.30 27.19
CA TRP K 603 31.16 103.80 27.39
C TRP K 603 31.32 102.53 26.56
N GLY K 604 32.55 102.02 26.51
CA GLY K 604 32.80 100.80 25.78
C GLY K 604 32.88 101.01 24.28
N THR K 605 32.64 99.91 23.56
CA THR K 605 32.68 99.88 22.10
C THR K 605 31.46 99.15 21.56
N SER K 606 31.12 99.43 20.31
CA SER K 606 29.98 98.80 19.63
C SER K 606 30.34 98.62 18.17
N LYS K 607 30.69 97.40 17.75
CA LYS K 607 31.05 97.18 16.36
C LYS K 607 29.83 97.23 15.46
N LEU K 608 29.59 98.39 14.84
CA LEU K 608 28.54 98.55 13.85
C LEU K 608 29.12 98.28 12.45
N MET K 609 29.56 97.03 12.28
CA MET K 609 30.34 96.60 11.11
C MET K 609 29.42 96.53 9.90
N PHE K 610 29.27 97.66 9.23
CA PHE K 610 28.29 97.80 8.16
C PHE K 610 28.90 97.44 6.81
N ASN K 611 28.09 97.62 5.76
CA ASN K 611 28.59 97.73 4.40
C ASN K 611 27.93 98.85 3.61
N ASN K 612 26.88 99.48 4.14
CA ASN K 612 26.16 100.63 3.60
C ASN K 612 25.15 101.06 4.65
N LEU K 613 24.71 102.31 4.55
CA LEU K 613 23.46 102.72 5.19
C LEU K 613 22.91 103.91 4.42
N THR K 614 21.67 104.28 4.73
CA THR K 614 21.07 105.50 4.19
C THR K 614 20.04 106.01 5.19
N LEU K 615 20.35 107.13 5.83
CA LEU K 615 19.51 107.66 6.90
C LEU K 615 18.56 108.69 6.32
N GLY K 616 17.29 108.63 6.73
CA GLY K 616 16.26 109.48 6.19
C GLY K 616 15.95 110.68 7.06
N GLN K 617 14.66 110.98 7.14
CA GLN K 617 14.21 112.22 7.77
C GLN K 617 14.27 112.12 9.30
N ASN K 618 14.76 113.19 9.92
CA ASN K 618 14.57 113.49 11.35
C ASN K 618 15.24 112.49 12.28
N ALA K 619 16.11 111.62 11.77
CA ALA K 619 16.66 110.54 12.58
C ALA K 619 17.95 111.04 13.23
N VAL K 620 17.85 111.36 14.51
CA VAL K 620 18.97 111.92 15.26
C VAL K 620 19.98 110.82 15.55
N MET K 621 21.26 111.12 15.37
CA MET K 621 22.32 110.19 15.73
C MET K 621 23.15 110.74 16.88
N ASP K 622 23.79 109.83 17.62
CA ASP K 622 24.60 110.17 18.79
C ASP K 622 25.95 109.46 18.62
N TYR K 623 26.88 110.11 17.94
CA TYR K 623 28.16 109.50 17.65
C TYR K 623 29.26 110.08 18.53
N SER K 624 29.91 109.21 19.30
CA SER K 624 31.01 109.59 20.17
C SER K 624 32.18 108.62 19.97
N GLN K 625 33.20 108.77 20.81
CA GLN K 625 34.30 107.81 20.86
C GLN K 625 33.90 106.51 21.53
N PHE K 626 32.76 106.50 22.21
CA PHE K 626 32.29 105.37 22.99
C PHE K 626 31.47 104.39 22.14
N SER K 627 31.44 104.60 20.83
CA SER K 627 30.76 103.70 19.91
C SER K 627 31.52 103.78 18.59
N ASN K 628 32.41 102.82 18.35
CA ASN K 628 33.23 102.82 17.14
C ASN K 628 32.40 102.43 15.92
N LEU K 629 31.64 103.40 15.41
CA LEU K 629 30.72 103.22 14.30
C LEU K 629 31.54 103.08 13.02
N THR K 630 31.69 101.84 12.55
CA THR K 630 32.66 101.52 11.50
C THR K 630 31.93 101.23 10.18
N ILE K 631 31.98 102.18 9.25
CA ILE K 631 31.26 102.08 7.99
C ILE K 631 32.25 101.65 6.91
N GLN K 632 31.94 100.56 6.22
CA GLN K 632 32.66 100.12 5.03
C GLN K 632 31.92 100.45 3.75
N GLY K 633 31.07 101.46 3.76
CA GLY K 633 30.26 101.79 2.61
C GLY K 633 29.81 103.23 2.55
N ASP K 634 28.62 103.44 2.01
CA ASP K 634 28.22 104.75 1.53
C ASP K 634 27.26 105.44 2.49
N PHE K 635 27.79 106.14 3.49
CA PHE K 635 26.93 106.82 4.47
C PHE K 635 26.20 107.97 3.78
N ILE K 636 24.93 107.74 3.47
CA ILE K 636 24.11 108.74 2.79
C ILE K 636 23.12 109.29 3.80
N ASN K 637 22.98 110.61 3.84
CA ASN K 637 22.05 111.26 4.74
C ASN K 637 21.01 111.99 3.91
N ASN K 638 19.74 111.80 4.26
CA ASN K 638 18.64 112.63 3.78
C ASN K 638 18.43 113.73 4.81
N GLN K 639 17.24 114.36 4.85
CA GLN K 639 16.98 115.51 5.71
C GLN K 639 16.93 115.07 7.17
N GLY K 640 18.10 114.75 7.73
CA GLY K 640 18.19 114.22 9.07
C GLY K 640 19.21 114.92 9.93
N THR K 641 18.84 115.23 11.17
CA THR K 641 19.65 116.10 12.03
C THR K 641 20.55 115.24 12.92
N ILE K 642 21.81 115.10 12.50
CA ILE K 642 22.77 114.31 13.25
C ILE K 642 23.38 115.17 14.35
N ASN K 643 23.43 114.64 15.56
CA ASN K 643 24.02 115.34 16.70
C ASN K 643 25.37 114.74 17.03
N TYR K 644 26.25 115.58 17.60
CA TYR K 644 27.59 115.17 18.01
C TYR K 644 27.79 115.47 19.49
N LEU K 645 28.94 115.04 20.00
CA LEU K 645 29.33 115.20 21.40
C LEU K 645 30.82 114.93 21.50
N VAL K 646 31.46 115.57 22.49
CA VAL K 646 32.93 115.54 22.55
C VAL K 646 33.44 114.49 23.55
N ARG K 647 32.91 114.49 24.77
CA ARG K 647 33.35 113.66 25.90
C ARG K 647 34.87 113.76 26.09
N GLY K 648 35.32 114.96 26.39
CA GLY K 648 36.73 115.26 26.52
C GLY K 648 37.25 116.35 25.60
N GLY K 649 36.38 117.18 25.03
CA GLY K 649 36.80 118.30 24.23
C GLY K 649 37.11 118.00 22.79
N LYS K 650 37.27 116.73 22.41
CA LYS K 650 37.65 116.39 21.05
C LYS K 650 36.53 115.57 20.39
N VAL K 651 36.36 115.76 19.09
CA VAL K 651 35.28 115.14 18.33
C VAL K 651 35.84 113.93 17.59
N ALA K 652 35.19 112.78 17.74
CA ALA K 652 35.56 111.59 17.00
C ALA K 652 35.15 111.75 15.54
N THR K 653 36.05 111.38 14.63
CA THR K 653 35.76 111.48 13.21
C THR K 653 34.86 110.34 12.77
N LEU K 654 34.15 110.54 11.67
CA LEU K 654 33.19 109.59 11.15
C LEU K 654 33.60 109.24 9.72
N ASN K 655 33.93 107.97 9.48
CA ASN K 655 34.57 107.55 8.25
C ASN K 655 33.51 107.11 7.23
N VAL K 656 33.33 107.93 6.20
CA VAL K 656 32.51 107.57 5.05
C VAL K 656 33.38 106.82 4.06
N GLY K 657 32.90 105.66 3.60
CA GLY K 657 33.74 104.78 2.81
C GLY K 657 33.99 105.29 1.40
N ASN K 658 32.93 105.58 0.65
CA ASN K 658 33.07 106.03 -0.72
C ASN K 658 32.52 107.44 -0.92
N ALA K 659 31.26 107.68 -0.56
CA ALA K 659 30.65 108.97 -0.85
C ALA K 659 29.51 109.24 0.12
N ALA K 660 29.42 110.49 0.58
CA ALA K 660 28.31 110.95 1.40
C ALA K 660 27.55 112.01 0.61
N ALA K 661 26.69 111.55 -0.30
CA ALA K 661 25.93 112.46 -1.15
C ALA K 661 24.60 112.78 -0.51
N MET K 662 24.28 114.07 -0.42
CA MET K 662 23.12 114.51 0.34
C MET K 662 22.26 115.43 -0.51
N MET K 663 21.01 115.57 -0.08
CA MET K 663 20.02 116.38 -0.78
C MET K 663 18.96 116.80 0.23
N PHE K 664 18.57 118.08 0.20
CA PHE K 664 17.70 118.62 1.25
C PHE K 664 16.64 119.50 0.61
N ASN K 665 16.01 120.33 1.43
CA ASN K 665 15.04 121.29 0.97
C ASN K 665 15.07 122.48 1.92
N ASN K 666 14.08 123.36 1.79
CA ASN K 666 13.90 124.48 2.71
C ASN K 666 13.28 123.96 4.00
N ASP K 667 14.13 123.32 4.82
CA ASP K 667 13.71 122.65 6.05
C ASP K 667 13.65 123.67 7.20
N ILE K 668 12.80 124.68 7.01
CA ILE K 668 12.68 125.81 7.92
C ILE K 668 11.62 125.51 8.97
N ASP K 669 11.88 125.93 10.21
CA ASP K 669 10.91 125.80 11.29
C ASP K 669 10.61 127.19 11.85
N SER K 670 9.49 127.28 12.56
CA SER K 670 9.12 128.51 13.25
C SER K 670 9.58 128.54 14.69
N ALA K 671 10.20 127.46 15.18
CA ALA K 671 10.76 127.46 16.53
C ALA K 671 12.06 128.25 16.58
N THR K 672 12.85 128.20 15.50
CA THR K 672 14.08 128.95 15.41
C THR K 672 14.04 130.09 14.42
N GLY K 673 13.29 129.95 13.32
CA GLY K 673 13.25 130.93 12.25
C GLY K 673 14.20 130.62 11.13
N PHE K 674 15.30 129.94 11.45
CA PHE K 674 16.25 129.45 10.47
C PHE K 674 15.72 128.11 9.93
N TYR K 675 16.49 127.46 9.06
CA TYR K 675 16.32 126.05 8.78
C TYR K 675 16.50 125.21 10.04
N LYS K 676 16.08 123.96 9.95
CA LYS K 676 16.37 123.01 11.02
C LYS K 676 17.88 122.79 11.10
N PRO K 677 18.45 122.74 12.32
CA PRO K 677 19.91 122.61 12.44
C PRO K 677 20.39 121.24 12.02
N LEU K 678 21.02 121.19 10.85
CA LEU K 678 21.12 119.96 10.08
C LEU K 678 22.20 119.03 10.62
N ILE K 679 23.31 119.57 11.10
CA ILE K 679 24.33 118.80 11.78
C ILE K 679 24.73 119.60 13.02
N LYS K 680 24.50 119.04 14.20
CA LYS K 680 24.73 119.75 15.45
C LYS K 680 25.90 119.13 16.20
N ILE K 681 26.66 119.98 16.89
CA ILE K 681 27.67 119.55 17.85
C ILE K 681 27.22 120.08 19.20
N ASN K 682 26.50 119.27 19.94
CA ASN K 682 26.00 119.66 21.26
C ASN K 682 26.87 119.02 22.34
N SER K 683 26.78 119.57 23.55
CA SER K 683 27.56 119.16 24.75
C SER K 683 29.06 119.29 24.52
N ALA K 684 29.43 120.18 23.60
CA ALA K 684 30.81 120.63 23.39
C ALA K 684 31.09 121.90 24.17
N GLN K 685 30.79 121.87 25.47
CA GLN K 685 31.04 123.01 26.32
C GLN K 685 32.53 123.22 26.54
N ASP K 686 33.28 122.13 26.71
CA ASP K 686 34.72 122.16 26.83
C ASP K 686 35.42 121.95 25.49
N LEU K 687 34.80 122.36 24.39
CA LEU K 687 35.41 122.25 23.08
C LEU K 687 36.64 123.15 23.01
N ILE K 688 37.77 122.54 22.63
CA ILE K 688 39.07 123.18 22.77
C ILE K 688 39.20 124.29 21.73
N LYS K 689 39.39 125.51 22.21
CA LYS K 689 39.55 126.67 21.34
C LYS K 689 40.91 126.59 20.63
N ASN K 690 40.96 127.20 19.44
CA ASN K 690 42.18 127.33 18.63
C ASN K 690 42.74 125.98 18.21
N THR K 691 41.87 125.03 17.91
CA THR K 691 42.27 123.66 17.64
C THR K 691 41.37 123.07 16.57
N GLU K 692 41.98 122.47 15.55
CA GLU K 692 41.23 121.71 14.57
C GLU K 692 40.65 120.45 15.19
N HIS K 693 39.32 120.34 15.15
CA HIS K 693 38.62 119.13 15.57
C HIS K 693 37.96 118.54 14.33
N VAL K 694 38.49 117.41 13.88
CA VAL K 694 37.97 116.76 12.68
C VAL K 694 36.61 116.14 12.97
N LEU K 695 35.58 116.65 12.30
CA LEU K 695 34.23 116.16 12.54
C LEU K 695 34.01 114.81 11.87
N LEU K 696 34.44 114.69 10.61
CA LEU K 696 34.26 113.46 9.85
C LEU K 696 35.28 113.41 8.73
N LYS K 697 35.92 112.25 8.55
CA LYS K 697 36.75 112.01 7.39
C LYS K 697 35.91 111.37 6.30
N ALA K 698 35.83 112.04 5.16
CA ALA K 698 34.98 111.61 4.08
C ALA K 698 35.69 111.84 2.75
N LYS K 699 35.08 111.38 1.68
CA LYS K 699 35.66 111.51 0.35
C LYS K 699 34.90 112.48 -0.53
N ILE K 700 33.57 112.44 -0.49
CA ILE K 700 32.73 113.38 -1.24
C ILE K 700 31.62 113.84 -0.30
N ILE K 701 31.59 115.13 -0.01
CA ILE K 701 30.41 115.74 0.62
C ILE K 701 29.59 116.36 -0.50
N GLY K 702 28.70 115.58 -1.08
CA GLY K 702 27.89 116.08 -2.17
C GLY K 702 26.59 116.68 -1.67
N TYR K 703 26.57 118.00 -1.51
CA TYR K 703 25.37 118.68 -1.08
C TYR K 703 24.37 118.73 -2.22
N GLY K 704 23.09 118.72 -1.87
CA GLY K 704 22.06 119.02 -2.85
C GLY K 704 20.85 119.63 -2.19
N ASN K 705 19.96 120.13 -3.05
CA ASN K 705 18.60 120.49 -2.67
C ASN K 705 17.68 120.01 -3.80
N VAL K 706 16.44 120.51 -3.80
CA VAL K 706 15.49 120.15 -4.87
C VAL K 706 15.90 120.68 -6.23
N SER K 707 16.83 121.63 -6.29
CA SER K 707 17.52 121.97 -7.52
C SER K 707 19.02 121.90 -7.23
N THR K 708 19.83 122.16 -8.26
CA THR K 708 21.27 122.25 -8.05
C THR K 708 21.62 123.51 -7.27
N GLY K 709 20.96 124.62 -7.59
CA GLY K 709 21.09 125.85 -6.83
C GLY K 709 20.53 125.71 -5.44
N THR K 710 21.28 126.17 -4.45
CA THR K 710 21.02 125.82 -3.06
C THR K 710 20.22 126.91 -2.35
N ASN K 711 20.14 126.76 -1.03
CA ASN K 711 19.30 127.58 -0.13
C ASN K 711 17.83 127.52 -0.53
N GLY K 712 17.28 126.30 -0.42
CA GLY K 712 15.88 126.07 -0.72
C GLY K 712 15.64 125.78 -2.18
N ILE K 713 15.04 126.75 -2.88
CA ILE K 713 14.87 126.67 -4.33
C ILE K 713 15.30 128.00 -4.93
N SER K 714 16.56 128.05 -5.38
CA SER K 714 17.19 129.25 -5.89
C SER K 714 18.38 128.81 -6.74
N ASN K 715 19.30 129.74 -7.01
CA ASN K 715 20.50 129.45 -7.80
C ASN K 715 21.78 129.76 -7.04
N VAL K 716 21.84 129.40 -5.76
CA VAL K 716 23.00 129.67 -4.92
C VAL K 716 23.96 128.47 -5.03
N ASN K 717 25.26 128.74 -4.92
CA ASN K 717 26.29 127.71 -4.99
C ASN K 717 26.21 126.70 -3.84
N LEU K 718 27.10 125.71 -3.87
CA LEU K 718 26.84 124.43 -3.21
C LEU K 718 27.32 124.35 -1.76
N GLU K 719 28.45 124.95 -1.41
CA GLU K 719 29.07 124.56 -0.14
C GLU K 719 29.07 125.63 0.93
N GLU K 720 29.01 126.92 0.57
CA GLU K 720 29.19 127.98 1.58
C GLU K 720 28.00 128.14 2.51
N GLN K 721 26.79 127.85 2.02
CA GLN K 721 25.57 127.89 2.82
C GLN K 721 25.47 126.69 3.75
N PHE K 722 26.33 125.69 3.59
CA PHE K 722 26.27 124.51 4.45
C PHE K 722 26.98 124.79 5.76
N LYS K 723 27.81 125.85 5.79
CA LYS K 723 28.26 126.40 7.07
C LYS K 723 27.10 127.00 7.85
N GLU K 724 26.06 127.48 7.17
CA GLU K 724 24.93 128.07 7.87
C GLU K 724 24.06 127.02 8.55
N ARG K 725 23.76 125.93 7.86
CA ARG K 725 22.86 124.91 8.40
C ARG K 725 23.49 124.05 9.50
N LEU K 726 24.82 123.98 9.56
CA LEU K 726 25.44 123.42 10.75
C LEU K 726 25.28 124.39 11.92
N ALA K 727 25.39 123.85 13.13
CA ALA K 727 25.19 124.64 14.33
C ALA K 727 26.07 124.11 15.44
N LEU K 728 26.49 125.01 16.33
CA LEU K 728 27.30 124.67 17.49
C LEU K 728 26.50 125.12 18.70
N TYR K 729 25.76 124.18 19.29
CA TYR K 729 24.81 124.46 20.35
C TYR K 729 25.51 124.30 21.69
N ASN K 730 26.06 125.41 22.23
CA ASN K 730 26.73 125.32 23.50
C ASN K 730 26.38 126.52 24.37
N ASN K 731 26.53 126.33 25.68
CA ASN K 731 25.92 127.18 26.72
C ASN K 731 24.41 127.31 26.50
N ASN K 732 23.79 126.19 26.12
CA ASN K 732 22.34 126.02 25.96
C ASN K 732 21.74 126.96 24.91
N ASN K 733 22.55 127.39 23.95
CA ASN K 733 22.06 128.17 22.82
C ASN K 733 23.01 127.92 21.67
N ARG K 734 22.66 128.41 20.48
CA ARG K 734 23.49 128.22 19.30
C ARG K 734 24.60 129.28 19.29
N MET K 735 25.85 128.80 19.29
CA MET K 735 27.00 129.69 19.31
C MET K 735 27.67 129.84 17.94
N ASP K 736 27.38 128.94 17.01
CA ASP K 736 27.91 129.08 15.65
C ASP K 736 27.29 130.29 14.96
N THR K 737 25.98 130.27 14.77
CA THR K 737 25.21 131.45 14.46
C THR K 737 24.25 131.70 15.60
N CYS K 738 23.69 132.91 15.63
CA CYS K 738 22.69 133.23 16.64
C CYS K 738 21.48 133.77 15.88
N VAL K 739 20.52 132.88 15.65
CA VAL K 739 19.36 133.19 14.83
C VAL K 739 18.32 133.89 15.70
N VAL K 740 18.00 135.13 15.35
CA VAL K 740 17.29 136.04 16.23
C VAL K 740 16.04 136.55 15.53
N ARG K 741 14.89 136.46 16.22
CA ARG K 741 13.67 137.08 15.73
C ARG K 741 13.01 138.04 16.73
N ASN K 742 13.52 138.14 17.96
CA ASN K 742 12.95 139.04 18.95
C ASN K 742 14.06 139.50 19.90
N THR K 743 13.68 140.12 21.02
CA THR K 743 14.64 140.58 22.00
C THR K 743 14.85 139.62 23.15
N ASP K 744 13.97 138.62 23.29
CA ASP K 744 14.06 137.68 24.38
C ASP K 744 15.22 136.71 24.24
N ASP K 745 15.54 136.26 23.02
CA ASP K 745 16.63 135.31 22.82
C ASP K 745 17.99 135.98 22.86
N ILE K 746 18.02 137.32 22.89
CA ILE K 746 19.28 138.06 23.03
C ILE K 746 19.91 137.79 24.40
N LYS K 747 19.08 137.52 25.41
CA LYS K 747 19.56 137.19 26.74
C LYS K 747 20.36 135.89 26.73
N ALA K 748 19.75 134.82 26.22
CA ALA K 748 20.44 133.54 26.12
C ALA K 748 21.56 133.56 25.08
N CYS K 749 21.49 134.45 24.09
CA CYS K 749 22.58 134.57 23.13
C CYS K 749 23.81 135.20 23.77
N GLY K 750 23.60 136.24 24.58
CA GLY K 750 24.71 136.80 25.35
C GLY K 750 25.20 135.87 26.43
N MET K 751 24.33 135.00 26.96
CA MET K 751 24.79 133.92 27.82
C MET K 751 25.62 132.91 27.04
N ALA K 752 25.30 132.70 25.78
CA ALA K 752 26.03 131.73 24.96
C ALA K 752 27.42 132.25 24.61
N ILE K 753 27.51 133.53 24.23
CA ILE K 753 28.80 134.10 23.83
C ILE K 753 29.52 134.79 24.97
N GLY K 754 28.93 134.84 26.16
CA GLY K 754 29.61 135.37 27.33
C GLY K 754 29.82 136.87 27.33
N ASN K 755 28.80 137.64 26.95
CA ASN K 755 28.89 139.09 26.84
C ASN K 755 27.66 139.72 27.47
N GLN K 756 27.88 140.64 28.42
CA GLN K 756 26.79 141.36 29.05
C GLN K 756 26.22 142.47 28.19
N SER K 757 26.84 142.75 27.03
CA SER K 757 26.29 143.70 26.07
C SER K 757 25.04 143.17 25.37
N MET K 758 24.79 141.87 25.45
CA MET K 758 23.55 141.28 24.99
C MET K 758 22.67 140.78 26.13
N VAL K 759 23.18 140.82 27.37
CA VAL K 759 22.45 140.32 28.52
C VAL K 759 21.73 141.45 29.21
N ASN K 760 22.46 142.51 29.56
CA ASN K 760 21.87 143.61 30.30
C ASN K 760 20.96 144.47 29.44
N ASN K 761 21.24 144.57 28.14
CA ASN K 761 20.44 145.38 27.23
C ASN K 761 20.23 144.67 25.90
N PRO K 762 19.04 144.12 25.65
CA PRO K 762 18.77 143.48 24.36
C PRO K 762 18.61 144.45 23.20
N ASP K 763 18.17 145.68 23.47
CA ASP K 763 18.02 146.70 22.44
C ASP K 763 19.32 147.41 22.11
N ASN K 764 20.44 146.98 22.70
CA ASN K 764 21.75 147.51 22.32
C ASN K 764 22.11 147.11 20.90
N TYR K 765 21.73 145.91 20.48
CA TYR K 765 22.05 145.38 19.17
C TYR K 765 20.76 145.22 18.38
N LYS K 766 20.60 146.01 17.32
CA LYS K 766 19.37 146.06 16.55
C LYS K 766 19.57 145.63 15.11
N TYR K 767 20.62 144.85 14.86
CA TYR K 767 20.91 144.32 13.53
C TYR K 767 20.29 142.95 13.30
N LEU K 768 19.31 142.57 14.12
CA LEU K 768 18.90 141.19 14.27
C LEU K 768 17.38 141.03 14.29
N ILE K 769 16.67 142.02 13.74
CA ILE K 769 15.22 141.93 13.58
C ILE K 769 15.02 141.40 12.16
N GLY K 770 14.68 140.12 12.06
CA GLY K 770 14.63 139.48 10.77
C GLY K 770 15.97 139.07 10.22
N LYS K 771 17.01 139.11 11.05
CA LYS K 771 18.36 138.77 10.63
C LYS K 771 19.02 137.82 11.63
N ALA K 772 20.30 137.57 11.44
CA ALA K 772 21.11 136.80 12.37
C ALA K 772 22.56 137.23 12.22
N TRP K 773 23.46 136.45 12.81
CA TRP K 773 24.89 136.72 12.68
C TRP K 773 25.69 135.46 12.94
N LYS K 774 26.66 135.20 12.07
CA LYS K 774 27.60 134.11 12.28
C LYS K 774 28.74 134.58 13.16
N ASN K 775 29.14 133.74 14.11
CA ASN K 775 30.17 134.11 15.06
C ASN K 775 31.53 134.07 14.40
N ILE K 776 32.24 135.20 14.44
CA ILE K 776 33.62 135.23 14.01
C ILE K 776 34.49 134.53 15.06
N GLY K 777 35.50 133.83 14.59
CA GLY K 777 36.27 132.94 15.44
C GLY K 777 35.81 131.50 15.39
N ILE K 778 34.80 131.20 14.59
CA ILE K 778 34.31 129.83 14.38
C ILE K 778 34.27 129.60 12.88
N SER K 779 35.13 128.72 12.38
CA SER K 779 35.24 128.44 10.97
C SER K 779 34.94 126.96 10.73
N LYS K 780 34.34 126.66 9.58
CA LYS K 780 34.03 125.29 9.21
C LYS K 780 34.31 125.06 7.74
N THR K 781 34.55 123.81 7.37
CA THR K 781 34.68 123.40 5.99
C THR K 781 33.43 122.62 5.58
N ALA K 782 32.97 122.85 4.36
CA ALA K 782 31.80 122.13 3.83
C ALA K 782 32.04 121.78 2.36
N ASN K 783 33.31 121.76 1.96
CA ASN K 783 33.64 121.48 0.57
C ASN K 783 33.53 119.98 0.29
N GLY K 784 33.91 119.60 -0.93
CA GLY K 784 33.74 118.25 -1.40
C GLY K 784 34.69 117.21 -0.85
N SER K 785 35.49 117.53 0.18
CA SER K 785 36.47 116.57 0.67
C SER K 785 36.52 116.45 2.18
N LYS K 786 36.03 117.44 2.94
CA LYS K 786 36.22 117.43 4.38
C LYS K 786 35.20 118.36 5.03
N ILE K 787 34.63 117.90 6.15
CA ILE K 787 33.89 118.76 7.06
C ILE K 787 34.64 118.76 8.39
N SER K 788 35.30 119.89 8.69
CA SER K 788 36.00 120.08 9.94
C SER K 788 35.61 121.42 10.53
N VAL K 789 35.48 121.47 11.85
CA VAL K 789 35.05 122.66 12.56
C VAL K 789 36.25 123.25 13.29
N TYR K 790 36.49 124.54 13.07
CA TYR K 790 37.65 125.24 13.61
C TYR K 790 37.14 126.25 14.64
N TYR K 791 36.94 125.78 15.87
CA TYR K 791 36.53 126.65 16.97
C TYR K 791 37.78 127.34 17.49
N LEU K 792 37.94 128.62 17.14
CA LEU K 792 39.11 129.37 17.53
C LEU K 792 38.80 130.71 18.18
N GLY K 793 37.52 131.08 18.30
CA GLY K 793 37.20 132.32 18.99
C GLY K 793 35.74 132.52 19.31
N ASN K 794 35.47 132.84 20.57
CA ASN K 794 34.15 133.31 20.99
C ASN K 794 34.17 134.83 21.07
N SER K 795 34.26 135.45 19.90
CA SER K 795 34.44 136.88 19.80
C SER K 795 33.11 137.61 19.89
N THR K 796 33.16 138.83 20.40
CA THR K 796 31.96 139.64 20.55
C THR K 796 31.61 140.27 19.20
N PRO K 797 30.42 140.03 18.67
CA PRO K 797 30.05 140.68 17.41
C PRO K 797 29.69 142.13 17.61
N THR K 798 30.19 142.96 16.71
CA THR K 798 29.77 144.35 16.68
C THR K 798 28.38 144.46 16.05
N GLU K 799 27.76 145.64 16.20
CA GLU K 799 26.38 145.79 15.78
C GLU K 799 26.25 145.92 14.26
N ASN K 800 26.89 146.94 13.69
CA ASN K 800 26.73 147.24 12.27
C ASN K 800 28.09 147.28 11.58
N GLY K 801 28.89 146.23 11.78
CA GLY K 801 30.18 146.15 11.15
C GLY K 801 30.34 144.98 10.19
N GLY K 802 29.62 143.90 10.43
CA GLY K 802 29.67 142.75 9.56
C GLY K 802 29.41 141.47 10.32
N ASN K 803 29.72 140.36 9.64
CA ASN K 803 29.51 138.98 10.11
C ASN K 803 28.04 138.74 10.46
N THR K 804 27.14 139.28 9.65
CA THR K 804 25.71 139.16 9.89
C THR K 804 25.07 138.36 8.75
N THR K 805 24.02 137.62 9.09
CA THR K 805 23.28 136.84 8.11
C THR K 805 21.80 137.20 8.23
N ASN K 806 21.02 136.72 7.26
CA ASN K 806 19.59 137.01 7.20
C ASN K 806 18.80 135.77 7.64
N LEU K 807 17.48 135.88 7.67
CA LEU K 807 16.64 134.72 7.86
C LEU K 807 16.31 134.07 6.52
N PRO K 808 16.02 132.76 6.51
CA PRO K 808 15.51 132.15 5.26
C PRO K 808 14.16 132.70 4.84
N THR K 809 13.17 132.64 5.74
CA THR K 809 11.82 133.20 5.57
C THR K 809 11.15 132.66 4.31
N ASN K 810 10.84 131.36 4.35
CA ASN K 810 10.17 130.70 3.24
C ASN K 810 8.83 130.14 3.68
N THR K 811 8.22 130.77 4.68
CA THR K 811 6.92 130.37 5.18
C THR K 811 5.91 131.48 5.00
N LEU L 27 19.05 31.56 -34.85
CA LEU L 27 18.69 30.45 -35.74
C LEU L 27 17.30 30.66 -36.33
N LEU L 28 16.42 31.32 -35.56
CA LEU L 28 15.10 31.65 -36.08
C LEU L 28 15.11 32.92 -36.91
N GLY L 29 15.77 33.97 -36.43
CA GLY L 29 15.70 35.28 -37.06
C GLY L 29 14.65 36.16 -36.42
N TRP L 30 14.93 37.46 -36.44
CA TRP L 30 14.04 38.41 -35.79
C TRP L 30 12.74 38.59 -36.57
N GLY L 31 12.79 38.39 -37.89
CA GLY L 31 11.62 38.60 -38.72
C GLY L 31 10.53 37.58 -38.46
N LEU L 32 10.89 36.41 -37.94
CA LEU L 32 9.88 35.47 -37.46
C LEU L 32 9.41 35.85 -36.06
N LYS L 33 10.34 36.26 -35.21
CA LYS L 33 10.07 36.43 -33.79
C LYS L 33 9.12 37.59 -33.55
N GLN L 34 9.38 38.75 -34.15
CA GLN L 34 8.48 39.87 -33.96
C GLN L 34 7.15 39.64 -34.65
N ALA L 35 7.17 38.97 -35.80
CA ALA L 35 5.91 38.74 -36.52
C ALA L 35 5.03 37.72 -35.81
N GLU L 36 5.60 36.85 -34.99
CA GLU L 36 4.77 35.96 -34.19
C GLU L 36 4.41 36.54 -32.83
N GLU L 37 5.19 37.47 -32.29
CA GLU L 37 4.82 38.08 -31.02
C GLU L 37 3.89 39.26 -31.17
N ALA L 38 3.79 39.86 -32.35
CA ALA L 38 2.94 41.04 -32.51
C ALA L 38 1.47 40.66 -32.55
N ASN L 39 1.16 39.45 -33.00
CA ASN L 39 -0.23 38.99 -33.07
C ASN L 39 -0.46 37.89 -32.03
N LYS L 40 -0.76 38.32 -30.80
CA LYS L 40 -1.08 37.40 -29.72
C LYS L 40 -2.23 37.94 -28.90
N THR L 41 -3.04 37.03 -28.38
CA THR L 41 -3.89 37.37 -27.25
C THR L 41 -3.00 37.64 -26.04
N PRO L 42 -3.39 38.58 -25.15
CA PRO L 42 -2.52 38.93 -24.02
C PRO L 42 -2.21 37.78 -23.06
N ASP L 43 -3.24 37.24 -22.41
CA ASP L 43 -3.16 36.13 -21.47
C ASP L 43 -4.59 35.71 -21.14
N LYS L 44 -4.71 34.75 -20.22
CA LYS L 44 -5.97 34.42 -19.57
C LYS L 44 -5.75 34.46 -18.06
N PRO L 45 -5.82 35.64 -17.43
CA PRO L 45 -5.62 35.69 -15.98
C PRO L 45 -6.92 35.63 -15.21
N ASP L 46 -6.87 34.92 -14.11
CA ASP L 46 -7.90 35.00 -13.09
C ASP L 46 -7.58 36.15 -12.15
N LYS L 47 -8.58 36.56 -11.36
CA LYS L 47 -8.49 37.64 -10.39
C LYS L 47 -8.08 38.96 -11.05
N VAL L 48 -8.98 39.46 -11.88
CA VAL L 48 -8.77 40.77 -12.49
C VAL L 48 -9.07 41.82 -11.43
N TRP L 49 -8.04 42.33 -10.78
CA TRP L 49 -8.21 43.39 -9.79
C TRP L 49 -8.54 44.68 -10.49
N ARG L 50 -9.35 45.51 -9.87
CA ARG L 50 -9.66 46.83 -10.40
C ARG L 50 -9.56 47.87 -9.30
N ILE L 51 -8.72 48.88 -9.52
CA ILE L 51 -8.51 49.96 -8.59
C ILE L 51 -8.84 51.26 -9.29
N GLN L 52 -9.70 52.06 -8.70
CA GLN L 52 -10.02 53.37 -9.24
C GLN L 52 -9.54 54.42 -8.26
N ALA L 53 -8.76 55.38 -8.74
CA ALA L 53 -8.34 56.50 -7.91
C ALA L 53 -9.51 57.47 -7.80
N GLY L 54 -10.14 57.51 -6.62
CA GLY L 54 -11.33 58.31 -6.44
C GLY L 54 -11.02 59.76 -6.14
N LYS L 55 -11.66 60.31 -5.12
CA LYS L 55 -11.45 61.71 -4.79
C LYS L 55 -10.22 61.89 -3.94
N GLY L 56 -9.63 63.07 -4.03
CA GLY L 56 -8.38 63.35 -3.35
C GLY L 56 -7.26 63.67 -4.31
N PHE L 57 -7.21 62.94 -5.42
CA PHE L 57 -6.11 63.14 -6.36
C PHE L 57 -6.39 64.26 -7.35
N ASN L 58 -7.64 64.39 -7.80
CA ASN L 58 -7.94 65.02 -9.07
C ASN L 58 -8.09 66.54 -9.00
N GLU L 59 -7.51 67.18 -7.99
CA GLU L 59 -7.55 68.64 -7.98
C GLU L 59 -6.31 69.32 -7.43
N PHE L 60 -5.21 68.60 -7.18
CA PHE L 60 -3.93 69.22 -6.86
C PHE L 60 -3.00 69.05 -8.04
N PRO L 61 -2.86 70.07 -8.89
CA PRO L 61 -2.11 69.90 -10.14
C PRO L 61 -0.60 69.81 -10.00
N ASN L 62 -0.03 70.04 -8.82
CA ASN L 62 1.42 70.13 -8.73
C ASN L 62 1.97 69.42 -7.51
N LYS L 63 1.33 68.34 -7.06
CA LYS L 63 1.65 67.84 -5.73
C LYS L 63 2.90 66.97 -5.70
N GLU L 64 3.29 66.35 -6.82
CA GLU L 64 4.36 65.37 -6.90
C GLU L 64 4.07 64.20 -5.95
N TYR L 65 3.04 63.45 -6.34
CA TYR L 65 2.65 62.22 -5.67
C TYR L 65 3.73 61.16 -5.80
N ASP L 66 3.60 60.10 -5.03
CA ASP L 66 4.22 58.83 -5.34
C ASP L 66 3.11 57.95 -5.89
N LEU L 67 3.47 56.99 -6.74
CA LEU L 67 2.47 56.13 -7.34
C LEU L 67 2.51 54.73 -6.78
N TYR L 68 3.71 54.23 -6.45
CA TYR L 68 3.81 52.92 -5.84
C TYR L 68 3.23 52.93 -4.43
N LYS L 69 3.79 53.78 -3.56
CA LYS L 69 3.44 53.73 -2.15
C LYS L 69 2.05 54.27 -1.88
N SER L 70 1.66 55.36 -2.56
CA SER L 70 0.37 55.95 -2.25
C SER L 70 -0.77 55.21 -2.92
N LEU L 71 -0.54 54.57 -4.06
CA LEU L 71 -1.62 53.84 -4.73
C LEU L 71 -1.33 52.37 -4.94
N LEU L 72 -0.22 52.03 -5.60
CA LEU L 72 -0.08 50.69 -6.14
C LEU L 72 0.32 49.65 -5.12
N SER L 73 0.86 50.06 -3.98
CA SER L 73 1.33 49.07 -3.02
C SER L 73 0.19 48.39 -2.26
N SER L 74 -1.05 48.81 -2.50
CA SER L 74 -2.18 48.09 -1.93
C SER L 74 -2.36 46.73 -2.58
N LYS L 75 -2.13 46.63 -3.88
CA LYS L 75 -2.33 45.38 -4.60
C LYS L 75 -1.09 44.99 -5.39
N ILE L 76 0.09 45.39 -4.95
CA ILE L 76 1.35 44.87 -5.44
C ILE L 76 2.21 44.54 -4.23
N ASP L 77 2.50 43.27 -4.04
CA ASP L 77 3.18 42.79 -2.84
C ASP L 77 4.61 42.40 -3.15
N GLY L 78 5.53 42.87 -2.33
CA GLY L 78 6.92 42.50 -2.47
C GLY L 78 7.18 41.10 -1.94
N GLY L 79 8.43 40.69 -2.02
CA GLY L 79 8.79 39.39 -1.51
C GLY L 79 10.24 39.01 -1.67
N TRP L 80 10.54 37.73 -1.47
CA TRP L 80 11.88 37.19 -1.57
C TRP L 80 11.81 35.84 -2.26
N ASP L 81 12.62 35.66 -3.29
CA ASP L 81 12.68 34.38 -4.01
C ASP L 81 13.84 33.58 -3.45
N TRP L 82 13.57 32.37 -2.99
CA TRP L 82 14.63 31.50 -2.50
C TRP L 82 15.46 31.04 -3.68
N GLY L 83 16.60 31.69 -3.87
CA GLY L 83 17.37 31.58 -5.08
C GLY L 83 17.42 32.94 -5.75
N ASN L 84 18.64 33.51 -5.80
CA ASN L 84 19.07 34.79 -6.39
C ASN L 84 18.04 35.92 -6.35
N ALA L 85 17.59 36.28 -5.15
CA ALA L 85 16.70 37.43 -5.02
C ALA L 85 17.49 38.65 -4.58
N ALA L 86 17.06 39.79 -5.10
CA ALA L 86 17.33 41.08 -4.48
C ALA L 86 16.04 41.67 -3.93
N THR L 87 15.05 41.88 -4.80
CA THR L 87 13.66 42.01 -4.39
C THR L 87 12.85 41.03 -5.23
N HIS L 88 11.53 41.07 -5.08
CA HIS L 88 10.66 40.17 -5.80
C HIS L 88 9.26 40.75 -5.76
N TYR L 89 8.73 41.14 -6.92
CA TYR L 89 7.42 41.76 -6.98
C TYR L 89 6.52 40.99 -7.92
N TRP L 90 5.27 40.84 -7.50
CA TRP L 90 4.22 40.29 -8.33
C TRP L 90 2.96 41.06 -8.03
N ILE L 91 1.80 40.53 -8.44
CA ILE L 91 0.60 41.32 -8.27
C ILE L 91 -0.13 40.95 -6.99
N LYS L 92 -0.70 39.75 -6.95
CA LYS L 92 -1.38 39.26 -5.77
C LYS L 92 -1.58 37.76 -5.85
N GLY L 93 -0.90 37.01 -4.99
CA GLY L 93 -1.02 35.56 -5.02
C GLY L 93 -0.50 34.92 -6.27
N GLY L 94 0.70 35.28 -6.69
CA GLY L 94 1.32 34.70 -7.87
C GLY L 94 1.46 35.73 -8.99
N GLN L 95 2.11 35.28 -10.07
CA GLN L 95 2.42 36.14 -11.20
C GLN L 95 1.39 36.02 -12.31
N TRP L 96 0.18 35.57 -12.02
CA TRP L 96 -0.81 35.38 -13.08
C TRP L 96 -2.10 36.12 -12.81
N ASN L 97 -2.01 37.33 -12.27
CA ASN L 97 -3.18 38.09 -11.87
C ASN L 97 -3.10 39.50 -12.43
N LYS L 98 -4.10 39.88 -13.21
CA LYS L 98 -4.17 41.21 -13.78
C LYS L 98 -4.75 42.19 -12.78
N LEU L 99 -4.16 43.39 -12.72
CA LEU L 99 -4.83 44.51 -12.09
C LEU L 99 -5.03 45.58 -13.14
N GLU L 100 -5.81 46.60 -12.84
CA GLU L 100 -5.86 47.79 -13.66
C GLU L 100 -6.14 49.01 -12.78
N VAL L 101 -5.66 50.16 -13.22
CA VAL L 101 -5.89 51.43 -12.55
C VAL L 101 -6.60 52.35 -13.51
N ASP L 102 -7.74 52.89 -13.10
CA ASP L 102 -8.57 53.69 -13.97
C ASP L 102 -8.73 55.07 -13.36
N MET L 103 -7.79 55.96 -13.61
CA MET L 103 -7.88 57.31 -13.05
C MET L 103 -8.72 58.22 -13.93
N LYS L 104 -8.22 58.52 -15.13
CA LYS L 104 -8.85 59.31 -16.19
C LYS L 104 -9.09 60.78 -15.88
N ASP L 105 -8.85 61.21 -14.64
CA ASP L 105 -8.90 62.63 -14.33
C ASP L 105 -7.91 63.06 -13.27
N ALA L 106 -7.05 62.17 -12.79
CA ALA L 106 -6.17 62.50 -11.68
C ALA L 106 -5.03 63.38 -12.16
N VAL L 107 -5.06 64.63 -11.75
CA VAL L 107 -4.14 65.65 -12.25
C VAL L 107 -2.98 65.75 -11.26
N GLY L 108 -1.77 65.78 -11.79
CA GLY L 108 -0.61 65.96 -10.94
C GLY L 108 0.63 65.45 -11.66
N THR L 109 1.51 64.84 -10.88
CA THR L 109 2.74 64.25 -11.38
C THR L 109 3.17 63.10 -10.50
N TYR L 110 3.35 61.94 -11.10
CA TYR L 110 3.49 60.67 -10.41
C TYR L 110 4.85 60.07 -10.69
N LYS L 111 5.27 59.16 -9.83
CA LYS L 111 6.56 58.53 -10.07
C LYS L 111 6.57 57.12 -9.50
N LEU L 112 7.38 56.26 -10.12
CA LEU L 112 7.52 54.88 -9.66
C LEU L 112 8.65 54.75 -8.65
N SER L 113 9.88 55.05 -9.09
CA SER L 113 11.04 55.27 -8.23
C SER L 113 11.39 54.06 -7.37
N GLY L 114 11.73 52.96 -8.04
CA GLY L 114 12.32 51.86 -7.31
C GLY L 114 11.64 50.51 -7.44
N LEU L 115 10.77 50.34 -8.42
CA LEU L 115 10.14 49.04 -8.65
C LEU L 115 11.11 48.16 -9.42
N ARG L 116 11.84 47.34 -8.68
CA ARG L 116 12.90 46.53 -9.26
C ARG L 116 12.55 45.06 -9.23
N ASN L 117 12.90 44.37 -10.32
CA ASN L 117 12.62 42.94 -10.54
C ASN L 117 11.13 42.65 -10.41
N PHE L 118 10.32 43.47 -11.07
CA PHE L 118 8.88 43.27 -11.10
C PHE L 118 8.54 42.12 -12.04
N THR L 119 8.08 41.01 -11.49
CA THR L 119 7.58 39.93 -12.33
C THR L 119 6.14 40.19 -12.76
N GLY L 120 5.23 40.21 -11.80
CA GLY L 120 3.89 40.74 -11.97
C GLY L 120 3.01 40.16 -13.05
N GLY L 121 2.69 40.97 -14.04
CA GLY L 121 1.80 40.57 -15.09
C GLY L 121 0.59 41.46 -15.21
N ASP L 122 0.46 42.10 -16.37
CA ASP L 122 -0.74 42.79 -16.83
C ASP L 122 -1.13 43.97 -15.93
N LEU L 123 -0.22 44.94 -15.86
CA LEU L 123 -0.58 46.27 -15.41
C LEU L 123 -1.10 47.07 -16.59
N ASP L 124 -1.92 48.07 -16.30
CA ASP L 124 -2.22 49.14 -17.25
C ASP L 124 -2.68 50.36 -16.46
N VAL L 125 -1.79 51.30 -16.26
CA VAL L 125 -2.06 52.44 -15.42
C VAL L 125 -2.62 53.55 -16.29
N ASN L 126 -3.92 53.58 -16.44
CA ASN L 126 -4.59 54.51 -17.34
C ASN L 126 -4.65 55.87 -16.65
N MET L 127 -3.78 56.78 -17.08
CA MET L 127 -3.64 58.11 -16.46
C MET L 127 -3.75 59.18 -17.52
N GLN L 128 -4.96 59.57 -17.89
CA GLN L 128 -5.08 60.75 -18.73
C GLN L 128 -4.79 61.98 -17.89
N LYS L 129 -4.30 63.03 -18.59
CA LYS L 129 -3.84 64.34 -18.04
C LYS L 129 -3.02 64.20 -16.76
N ALA L 130 -2.10 63.25 -16.73
CA ALA L 130 -1.24 63.00 -15.58
C ALA L 130 0.18 62.80 -16.06
N THR L 131 1.07 63.71 -15.71
CA THR L 131 2.48 63.58 -16.03
C THR L 131 3.07 62.43 -15.22
N LEU L 132 3.80 61.55 -15.88
CA LEU L 132 4.48 60.46 -15.19
C LEU L 132 5.94 60.85 -14.99
N ARG L 133 6.66 60.06 -14.20
CA ARG L 133 8.10 60.14 -14.12
C ARG L 133 8.61 58.77 -13.72
N LEU L 134 9.10 57.99 -14.67
CA LEU L 134 9.30 56.57 -14.41
C LEU L 134 10.68 56.29 -13.82
N GLY L 135 11.26 57.25 -13.10
CA GLY L 135 12.51 57.02 -12.43
C GLY L 135 12.93 58.20 -11.59
N GLN L 136 13.27 57.93 -10.33
CA GLN L 136 13.71 58.98 -9.42
C GLN L 136 14.50 58.27 -8.33
N PHE L 137 15.82 58.53 -8.30
CA PHE L 137 16.77 58.06 -7.28
C PHE L 137 17.02 56.54 -7.36
N ASN L 138 16.27 55.83 -8.19
CA ASN L 138 16.37 54.39 -8.29
C ASN L 138 15.73 53.98 -9.60
N GLY L 139 16.23 52.89 -10.19
CA GLY L 139 15.76 52.43 -11.47
C GLY L 139 14.48 51.63 -11.38
N ASN L 140 14.13 51.02 -12.51
CA ASN L 140 12.92 50.21 -12.62
C ASN L 140 13.22 48.98 -13.48
N SER L 141 12.39 47.96 -13.34
CA SER L 141 12.59 46.73 -14.08
C SER L 141 11.25 46.03 -14.28
N PHE L 142 11.13 45.34 -15.40
CA PHE L 142 9.89 44.67 -15.77
C PHE L 142 10.24 43.34 -16.42
N THR L 143 10.03 42.25 -15.71
CA THR L 143 10.53 40.94 -16.09
C THR L 143 9.36 39.96 -16.01
N SER L 144 9.52 38.77 -16.58
CA SER L 144 8.61 37.67 -16.34
C SER L 144 9.40 36.43 -15.97
N TYR L 145 8.68 35.33 -15.79
CA TYR L 145 9.28 34.03 -15.51
C TYR L 145 8.88 33.02 -16.58
N LYS L 146 9.81 32.14 -16.90
CA LYS L 146 9.55 31.04 -17.82
C LYS L 146 8.82 29.97 -17.02
N ASP L 147 7.49 30.03 -17.04
CA ASP L 147 6.65 29.06 -16.39
C ASP L 147 6.34 27.93 -17.38
N SER L 148 5.40 27.07 -17.03
CA SER L 148 4.89 26.10 -17.97
C SER L 148 3.82 26.68 -18.88
N ALA L 149 3.36 27.90 -18.60
CA ALA L 149 2.38 28.57 -19.44
C ALA L 149 3.00 29.55 -20.41
N ASP L 150 4.26 29.96 -20.16
CA ASP L 150 5.06 30.82 -21.03
C ASP L 150 4.37 32.18 -21.28
N ARG L 151 4.24 32.92 -20.19
CA ARG L 151 3.45 34.14 -20.19
C ARG L 151 4.31 35.37 -20.47
N THR L 152 3.64 36.44 -20.85
CA THR L 152 4.24 37.76 -21.02
C THR L 152 3.92 38.61 -19.81
N THR L 153 4.22 39.90 -19.89
CA THR L 153 3.84 40.84 -18.84
C THR L 153 2.80 41.84 -19.29
N ARG L 154 2.95 42.43 -20.48
CA ARG L 154 2.02 43.38 -21.09
C ARG L 154 1.78 44.61 -20.21
N VAL L 155 2.87 45.11 -19.61
CA VAL L 155 2.81 46.30 -18.76
C VAL L 155 2.50 47.51 -19.63
N ASP L 156 1.46 48.25 -19.28
CA ASP L 156 1.00 49.36 -20.09
C ASP L 156 0.97 50.63 -19.26
N PHE L 157 0.97 51.77 -19.94
CA PHE L 157 0.81 53.08 -19.32
C PHE L 157 0.08 53.98 -20.30
N ASN L 158 -0.57 55.01 -19.80
CA ASN L 158 -1.32 55.88 -20.69
C ASN L 158 -1.23 57.33 -20.24
N ALA L 159 -0.03 57.80 -19.91
CA ALA L 159 0.16 59.09 -19.28
C ALA L 159 0.06 60.23 -20.29
N LYS L 160 0.51 61.42 -19.92
CA LYS L 160 0.46 62.59 -20.81
C LYS L 160 1.85 63.01 -21.27
N ASN L 161 2.76 63.29 -20.36
CA ASN L 161 4.19 63.16 -20.61
C ASN L 161 4.63 61.91 -19.88
N ILE L 162 5.88 61.48 -20.07
CA ILE L 162 6.37 60.29 -19.38
C ILE L 162 7.66 60.57 -18.60
N LEU L 163 8.67 61.17 -19.26
CA LEU L 163 9.86 61.73 -18.59
C LEU L 163 10.61 60.67 -17.78
N ILE L 164 11.27 59.76 -18.51
CA ILE L 164 11.84 58.53 -17.95
C ILE L 164 12.80 58.81 -16.80
N ASP L 165 13.85 59.60 -17.07
CA ASP L 165 14.67 60.30 -16.06
C ASP L 165 15.51 59.43 -15.13
N ASN L 166 15.40 58.11 -15.22
CA ASN L 166 16.34 57.18 -14.62
C ASN L 166 16.17 55.85 -15.33
N PHE L 167 17.11 54.93 -15.13
CA PHE L 167 17.21 53.77 -16.01
C PHE L 167 16.06 52.81 -15.80
N LEU L 168 15.80 52.02 -16.84
CA LEU L 168 14.70 51.08 -16.88
C LEU L 168 15.18 49.84 -17.63
N GLU L 169 15.06 48.68 -17.01
CA GLU L 169 15.58 47.45 -17.58
C GLU L 169 14.43 46.49 -17.86
N ILE L 170 14.09 46.36 -19.14
CA ILE L 170 12.96 45.55 -19.56
C ILE L 170 13.46 44.13 -19.79
N ASN L 171 12.82 43.17 -19.14
CA ASN L 171 13.18 41.74 -19.16
C ASN L 171 14.62 41.53 -18.73
N ASN L 172 14.96 41.99 -17.52
CA ASN L 172 16.34 41.86 -17.06
C ASN L 172 16.58 40.46 -16.51
N ARG L 173 17.77 40.24 -15.97
CA ARG L 173 18.00 39.10 -15.10
C ARG L 173 17.51 39.46 -13.72
N VAL L 174 16.88 38.49 -13.05
CA VAL L 174 16.30 38.76 -11.73
C VAL L 174 17.40 38.94 -10.69
N GLY L 175 18.17 37.89 -10.45
CA GLY L 175 19.35 38.01 -9.63
C GLY L 175 20.60 37.69 -10.41
N SER L 176 21.11 36.47 -10.22
CA SER L 176 22.33 36.01 -10.88
C SER L 176 22.11 34.56 -11.32
N GLY L 177 21.63 34.39 -12.55
CA GLY L 177 21.64 33.10 -13.20
C GLY L 177 20.60 32.10 -12.75
N ALA L 178 20.71 31.63 -11.51
CA ALA L 178 19.96 30.46 -11.06
C ALA L 178 18.51 30.84 -10.73
N GLY L 179 17.79 29.92 -10.11
CA GLY L 179 16.39 30.14 -9.87
C GLY L 179 15.59 29.96 -11.15
N ARG L 180 14.50 30.71 -11.26
CA ARG L 180 13.67 30.65 -12.44
C ARG L 180 14.17 31.63 -13.50
N LYS L 181 14.11 31.19 -14.75
CA LYS L 181 14.60 32.01 -15.85
C LYS L 181 13.52 32.97 -16.32
N ALA L 182 13.92 33.92 -17.17
CA ALA L 182 13.07 35.02 -17.58
C ALA L 182 12.51 34.77 -18.97
N SER L 183 11.19 34.87 -19.11
CA SER L 183 10.54 34.75 -20.41
C SER L 183 10.35 36.14 -21.01
N SER L 184 9.49 36.23 -22.03
CA SER L 184 9.31 37.46 -22.77
C SER L 184 8.50 38.48 -21.98
N THR L 185 8.43 39.69 -22.53
CA THR L 185 7.65 40.77 -21.95
C THR L 185 7.29 41.78 -23.04
N VAL L 186 6.34 42.66 -22.71
CA VAL L 186 5.93 43.76 -23.58
C VAL L 186 5.71 44.97 -22.69
N LEU L 187 6.37 46.08 -23.03
CA LEU L 187 6.11 47.34 -22.36
C LEU L 187 5.47 48.29 -23.35
N THR L 188 4.44 49.01 -22.93
CA THR L 188 3.76 49.95 -23.79
C THR L 188 3.66 51.29 -23.11
N LEU L 189 4.20 52.31 -23.75
CA LEU L 189 4.20 53.67 -23.20
C LEU L 189 3.43 54.54 -24.17
N GLN L 190 2.30 55.07 -23.75
CA GLN L 190 1.33 55.60 -24.69
C GLN L 190 0.93 57.01 -24.29
N ALA L 191 1.92 57.88 -24.14
CA ALA L 191 1.67 59.28 -23.81
C ALA L 191 1.00 60.01 -24.96
N SER L 192 0.76 61.29 -24.74
CA SER L 192 0.15 62.12 -25.78
C SER L 192 0.79 63.50 -25.90
N GLU L 193 1.94 63.72 -25.27
CA GLU L 193 2.66 64.98 -25.44
C GLU L 193 4.15 64.81 -25.64
N GLY L 194 4.70 63.65 -25.38
CA GLY L 194 6.12 63.42 -25.61
C GLY L 194 6.67 62.43 -24.61
N ILE L 195 7.55 61.56 -25.08
CA ILE L 195 8.25 60.61 -24.24
C ILE L 195 9.71 61.04 -24.28
N THR L 196 10.11 61.90 -23.37
CA THR L 196 11.50 62.32 -23.36
C THR L 196 12.25 61.46 -22.36
N SER L 197 13.48 61.84 -22.08
CA SER L 197 14.33 61.10 -21.17
C SER L 197 15.44 62.01 -20.68
N SER L 198 16.12 61.59 -19.63
CA SER L 198 17.26 62.36 -19.16
C SER L 198 18.55 61.77 -19.73
N LYS L 199 19.67 62.33 -19.29
CA LYS L 199 20.96 61.98 -19.87
C LYS L 199 21.45 60.63 -19.37
N ASN L 200 21.20 60.32 -18.10
CA ASN L 200 21.68 59.07 -17.49
C ASN L 200 20.60 58.03 -17.35
N ALA L 201 19.69 57.93 -18.32
CA ALA L 201 18.60 56.96 -18.27
C ALA L 201 18.89 55.85 -19.25
N GLU L 202 19.50 54.78 -18.75
CA GLU L 202 19.90 53.64 -19.57
C GLU L 202 18.70 52.73 -19.79
N ILE L 203 18.05 52.87 -20.93
CA ILE L 203 17.04 51.91 -21.33
C ILE L 203 17.75 50.69 -21.90
N SER L 204 17.56 49.54 -21.26
CA SER L 204 18.28 48.35 -21.68
C SER L 204 17.30 47.20 -21.73
N LEU L 205 16.75 46.94 -22.90
CA LEU L 205 15.82 45.84 -23.09
C LEU L 205 16.56 44.64 -23.65
N TYR L 206 16.13 43.45 -23.22
CA TYR L 206 16.94 42.24 -23.39
C TYR L 206 16.24 41.25 -24.31
N ASP L 207 16.72 40.00 -24.26
CA ASP L 207 16.37 38.89 -25.15
C ASP L 207 14.90 38.77 -25.55
N GLY L 208 13.99 38.98 -24.63
CA GLY L 208 12.60 38.76 -24.99
C GLY L 208 11.79 40.04 -25.06
N ALA L 209 12.41 41.17 -24.78
CA ALA L 209 11.69 42.38 -24.52
C ALA L 209 11.30 43.11 -25.80
N THR L 210 10.15 43.77 -25.74
CA THR L 210 9.73 44.70 -26.77
C THR L 210 9.44 46.05 -26.11
N LEU L 211 8.97 46.99 -26.91
CA LEU L 211 8.63 48.32 -26.42
C LEU L 211 7.76 48.98 -27.46
N ASN L 212 6.55 49.38 -27.10
CA ASN L 212 5.68 50.09 -28.02
C ASN L 212 5.51 51.52 -27.53
N LEU L 213 5.66 52.48 -28.42
CA LEU L 213 5.51 53.88 -28.08
C LEU L 213 4.42 54.46 -28.96
N ALA L 214 3.67 55.44 -28.45
CA ALA L 214 2.59 55.97 -29.27
C ALA L 214 2.35 57.46 -29.10
N SER L 215 3.31 58.18 -28.56
CA SER L 215 3.14 59.61 -28.34
C SER L 215 3.56 60.35 -29.62
N ASN L 216 3.79 61.64 -29.55
CA ASN L 216 4.56 62.32 -30.58
C ASN L 216 5.87 62.83 -30.00
N SER L 217 6.91 62.80 -30.84
CA SER L 217 8.26 63.29 -30.56
C SER L 217 8.90 62.58 -29.37
N VAL L 218 9.15 61.29 -29.56
CA VAL L 218 10.04 60.54 -28.69
C VAL L 218 11.43 61.13 -28.83
N LYS L 219 12.05 61.49 -27.70
CA LYS L 219 13.44 61.96 -27.76
C LYS L 219 14.24 61.40 -26.59
N LEU L 220 14.76 60.19 -26.78
CA LEU L 220 15.48 59.47 -25.74
C LEU L 220 16.92 59.93 -25.73
N ASN L 221 17.27 60.80 -24.80
CA ASN L 221 18.61 61.36 -24.76
C ASN L 221 19.59 60.49 -23.98
N GLY L 222 19.32 59.21 -23.82
CA GLY L 222 20.18 58.33 -23.05
C GLY L 222 20.56 57.07 -23.80
N ASN L 223 21.30 56.22 -23.10
CA ASN L 223 21.83 54.98 -23.65
C ASN L 223 20.69 54.00 -23.86
N VAL L 224 20.20 53.89 -25.10
CA VAL L 224 19.31 52.80 -25.42
C VAL L 224 20.13 51.57 -25.75
N TRP L 225 19.85 50.46 -25.08
CA TRP L 225 20.73 49.29 -25.13
C TRP L 225 19.92 48.07 -25.55
N MET L 226 19.75 47.86 -26.84
CA MET L 226 19.00 46.70 -27.33
C MET L 226 19.90 45.48 -27.31
N GLY L 227 19.54 44.49 -26.50
CA GLY L 227 20.32 43.27 -26.47
C GLY L 227 21.46 43.38 -25.48
N ARG L 228 21.47 42.52 -24.48
CA ARG L 228 22.52 42.56 -23.47
C ARG L 228 22.75 41.13 -23.01
N LEU L 229 23.90 40.90 -22.38
CA LEU L 229 24.17 39.61 -21.76
C LEU L 229 23.18 39.41 -20.64
N GLN L 230 22.18 38.57 -20.89
CA GLN L 230 21.15 38.32 -19.89
C GLN L 230 21.69 37.51 -18.74
N TYR L 231 22.58 36.56 -19.03
CA TYR L 231 23.21 35.75 -18.02
C TYR L 231 24.71 35.98 -18.07
N VAL L 232 25.44 35.29 -17.19
CA VAL L 232 26.80 35.70 -16.89
C VAL L 232 27.79 35.23 -17.96
N GLY L 233 27.56 34.09 -18.58
CA GLY L 233 28.55 33.56 -19.51
C GLY L 233 27.99 33.15 -20.85
N ALA L 234 26.66 33.21 -21.00
CA ALA L 234 26.00 32.75 -22.21
C ALA L 234 26.25 33.77 -23.34
N TYR L 235 27.39 33.59 -24.00
CA TYR L 235 27.73 34.43 -25.15
C TYR L 235 27.02 33.97 -26.42
N LEU L 236 26.33 32.83 -26.37
CA LEU L 236 25.70 32.26 -27.56
C LEU L 236 24.19 32.37 -27.51
N ALA L 237 23.65 33.33 -26.79
CA ALA L 237 22.22 33.54 -26.78
C ALA L 237 21.77 34.21 -28.07
N PRO L 238 20.53 33.99 -28.50
CA PRO L 238 19.99 34.72 -29.66
C PRO L 238 19.86 36.21 -29.42
N SER L 239 19.16 36.59 -28.34
CA SER L 239 19.04 37.96 -27.83
C SER L 239 18.42 38.90 -28.87
N TYR L 240 17.13 38.67 -29.12
CA TYR L 240 16.35 39.57 -29.96
C TYR L 240 15.81 40.73 -29.14
N SER L 241 15.24 41.72 -29.83
CA SER L 241 14.56 42.83 -29.19
C SER L 241 13.70 43.52 -30.24
N THR L 242 12.99 44.56 -29.80
CA THR L 242 12.11 45.35 -30.65
C THR L 242 11.80 46.66 -29.95
N ILE L 243 11.92 47.77 -30.66
CA ILE L 243 11.39 49.04 -30.17
C ILE L 243 10.43 49.55 -31.23
N ASN L 244 9.17 49.17 -31.12
CA ASN L 244 8.18 49.38 -32.17
C ASN L 244 7.58 50.76 -31.97
N THR L 245 8.26 51.78 -32.48
CA THR L 245 7.74 53.14 -32.39
C THR L 245 6.80 53.45 -33.54
N SER L 246 5.80 52.60 -33.75
CA SER L 246 4.99 52.68 -34.96
C SER L 246 4.03 53.85 -34.99
N LYS L 247 3.49 54.24 -33.86
CA LYS L 247 2.40 55.21 -33.84
C LYS L 247 2.89 56.64 -33.74
N VAL L 248 4.21 56.85 -33.70
CA VAL L 248 4.76 58.14 -33.29
C VAL L 248 4.55 59.14 -34.42
N THR L 249 3.63 60.07 -34.21
CA THR L 249 3.28 61.03 -35.24
C THR L 249 4.20 62.24 -35.29
N GLY L 250 5.24 62.27 -34.47
CA GLY L 250 6.08 63.45 -34.40
C GLY L 250 7.48 63.24 -34.91
N GLU L 251 8.47 63.42 -34.04
CA GLU L 251 9.88 63.44 -34.41
C GLU L 251 10.63 62.45 -33.54
N VAL L 252 10.90 61.27 -34.08
CA VAL L 252 11.70 60.29 -33.37
C VAL L 252 13.13 60.81 -33.28
N ASN L 253 13.75 60.68 -32.11
CA ASN L 253 15.08 61.24 -31.93
C ASN L 253 15.80 60.38 -30.89
N PHE L 254 16.53 59.37 -31.34
CA PHE L 254 17.42 58.73 -30.40
C PHE L 254 18.67 59.58 -30.21
N ASN L 255 19.51 59.17 -29.28
CA ASN L 255 20.76 59.91 -29.15
C ASN L 255 21.95 58.97 -29.09
N HIS L 256 21.78 57.81 -28.47
CA HIS L 256 22.90 56.90 -28.29
C HIS L 256 22.33 55.49 -28.31
N LEU L 257 22.36 54.86 -29.47
CA LEU L 257 21.83 53.53 -29.61
C LEU L 257 22.96 52.52 -29.61
N THR L 258 22.78 51.44 -28.86
CA THR L 258 23.83 50.45 -28.73
C THR L 258 23.23 49.06 -28.81
N VAL L 259 23.59 48.33 -29.85
CA VAL L 259 23.01 47.02 -30.13
C VAL L 259 24.03 45.96 -29.78
N GLY L 260 23.62 45.01 -28.96
CA GLY L 260 24.44 43.82 -28.81
C GLY L 260 25.54 44.00 -27.79
N ASP L 261 25.85 42.89 -27.11
CA ASP L 261 26.95 42.86 -26.15
C ASP L 261 27.40 41.40 -26.04
N HIS L 262 28.54 41.09 -26.65
CA HIS L 262 29.21 39.78 -26.55
C HIS L 262 28.35 38.63 -27.05
N ASN L 263 27.51 38.90 -28.04
CA ASN L 263 26.66 37.89 -28.64
C ASN L 263 26.23 38.35 -30.03
N ALA L 264 25.42 37.54 -30.68
CA ALA L 264 24.91 37.84 -32.02
C ALA L 264 23.48 38.36 -31.88
N ALA L 265 23.37 39.62 -31.45
CA ALA L 265 22.06 40.21 -31.24
C ALA L 265 21.48 40.69 -32.56
N GLN L 266 20.19 40.50 -32.73
CA GLN L 266 19.46 40.90 -33.93
C GLN L 266 18.29 41.77 -33.50
N ALA L 267 18.53 43.08 -33.41
CA ALA L 267 17.52 44.01 -32.98
C ALA L 267 16.74 44.54 -34.19
N GLY L 268 15.60 45.15 -33.91
CA GLY L 268 14.78 45.69 -34.98
C GLY L 268 13.93 46.83 -34.46
N ILE L 269 13.87 47.90 -35.24
CA ILE L 269 13.11 49.09 -34.90
C ILE L 269 12.11 49.35 -36.01
N ILE L 270 10.84 49.16 -35.71
CA ILE L 270 9.79 49.44 -36.68
C ILE L 270 9.41 50.89 -36.48
N ALA L 271 10.03 51.78 -37.25
CA ALA L 271 9.94 53.19 -36.96
C ALA L 271 8.74 53.80 -37.68
N SER L 272 8.70 55.13 -37.72
CA SER L 272 7.61 55.90 -38.31
C SER L 272 8.15 56.89 -39.32
N ASN L 273 8.96 56.37 -40.26
CA ASN L 273 9.47 56.99 -41.49
C ASN L 273 10.15 58.35 -41.30
N LYS L 274 10.67 58.62 -40.11
CA LYS L 274 11.62 59.73 -39.91
C LYS L 274 12.37 59.42 -38.62
N THR L 275 13.63 59.02 -38.72
CA THR L 275 14.34 58.51 -37.56
C THR L 275 15.73 59.12 -37.51
N HIS L 276 15.85 60.29 -36.94
CA HIS L 276 17.17 60.81 -36.62
C HIS L 276 17.67 60.08 -35.39
N ILE L 277 18.81 59.42 -35.49
CA ILE L 277 19.46 58.92 -34.30
C ILE L 277 20.82 59.59 -34.20
N GLY L 278 21.52 59.30 -33.10
CA GLY L 278 22.85 59.83 -32.93
C GLY L 278 23.88 58.74 -33.11
N THR L 279 24.72 58.56 -32.10
CA THR L 279 25.80 57.58 -32.17
C THR L 279 25.26 56.16 -32.08
N LEU L 280 25.50 55.37 -33.11
CA LEU L 280 25.15 53.96 -33.15
C LEU L 280 26.41 53.13 -32.88
N ASP L 281 26.33 52.20 -31.94
CA ASP L 281 27.48 51.41 -31.55
C ASP L 281 27.12 49.93 -31.67
N LEU L 282 27.36 49.35 -32.85
CA LEU L 282 27.11 47.93 -33.02
C LEU L 282 28.18 47.10 -32.32
N TRP L 283 27.93 45.81 -32.27
CA TRP L 283 28.91 44.84 -31.80
C TRP L 283 29.56 44.21 -33.04
N GLN L 284 30.40 43.19 -32.85
CA GLN L 284 31.03 42.47 -33.95
C GLN L 284 30.00 41.77 -34.81
N SER L 285 29.02 41.13 -34.19
CA SER L 285 28.04 40.30 -34.88
C SER L 285 26.62 40.77 -34.59
N ALA L 286 26.40 42.07 -34.55
CA ALA L 286 25.12 42.63 -34.18
C ALA L 286 24.37 43.10 -35.42
N GLY L 287 23.13 42.63 -35.56
CA GLY L 287 22.27 43.05 -36.65
C GLY L 287 21.34 44.16 -36.21
N LEU L 288 20.69 44.76 -37.21
CA LEU L 288 19.76 45.86 -36.94
C LEU L 288 18.78 45.94 -38.10
N ASN L 289 17.50 45.83 -37.80
CA ASN L 289 16.47 45.84 -38.85
C ASN L 289 15.58 47.05 -38.62
N ILE L 290 16.01 48.20 -39.11
CA ILE L 290 15.17 49.39 -39.10
C ILE L 290 14.18 49.23 -40.24
N ILE L 291 12.90 49.24 -39.93
CA ILE L 291 11.87 48.98 -40.93
C ILE L 291 10.98 50.20 -41.02
N ALA L 292 11.03 50.87 -42.15
CA ALA L 292 10.10 51.96 -42.42
C ALA L 292 8.71 51.39 -42.71
N PRO L 293 7.65 52.18 -42.55
CA PRO L 293 6.31 51.69 -42.86
C PRO L 293 6.11 51.55 -44.36
N PRO L 294 5.04 50.86 -44.80
CA PRO L 294 4.73 50.82 -46.24
C PRO L 294 4.20 52.13 -46.78
N GLU L 295 3.74 52.09 -48.03
CA GLU L 295 3.38 53.30 -48.77
C GLU L 295 2.19 54.02 -48.14
N GLY L 296 1.10 53.32 -47.93
CA GLY L 296 -0.08 53.95 -47.36
C GLY L 296 -0.09 53.92 -45.85
N GLY L 297 1.01 53.48 -45.25
CA GLY L 297 1.07 53.28 -43.82
C GLY L 297 0.38 52.00 -43.42
N TYR L 298 0.47 51.69 -42.13
CA TYR L 298 -0.16 50.50 -41.60
C TYR L 298 -1.67 50.66 -41.52
N LYS L 299 -2.39 49.64 -41.98
CA LYS L 299 -3.84 49.51 -41.89
C LYS L 299 -4.63 50.67 -42.50
N GLN L 335 -8.65 14.08 -30.12
CA GLN L 335 -9.83 14.27 -29.28
C GLN L 335 -10.79 15.26 -29.92
N LYS L 336 -10.29 16.45 -30.22
CA LYS L 336 -11.08 17.50 -30.84
C LYS L 336 -10.14 18.49 -31.52
N THR L 337 -10.51 18.88 -32.74
CA THR L 337 -9.75 19.90 -33.44
C THR L 337 -9.96 21.26 -32.77
N GLU L 338 -9.00 22.15 -32.98
CA GLU L 338 -9.14 23.53 -32.52
C GLU L 338 -8.43 24.45 -33.50
N VAL L 339 -9.08 25.56 -33.82
CA VAL L 339 -8.62 26.46 -34.86
C VAL L 339 -7.78 27.54 -34.22
N GLN L 340 -6.48 27.51 -34.49
CA GLN L 340 -5.62 28.60 -34.08
C GLN L 340 -5.91 29.82 -34.96
N PRO L 341 -5.73 31.03 -34.44
CA PRO L 341 -6.06 32.22 -35.24
C PRO L 341 -5.05 32.46 -36.34
N THR L 342 -5.45 33.31 -37.29
CA THR L 342 -4.63 33.60 -38.45
C THR L 342 -3.40 34.40 -38.06
N GLN L 343 -2.24 33.74 -38.17
CA GLN L 343 -0.97 34.34 -37.81
C GLN L 343 -0.40 34.98 -39.07
N VAL L 344 -0.79 36.22 -39.33
CA VAL L 344 -0.33 36.94 -40.51
C VAL L 344 1.14 37.27 -40.30
N ILE L 345 1.97 36.96 -41.28
CA ILE L 345 3.42 37.11 -41.17
C ILE L 345 3.84 38.18 -42.17
N ASP L 346 5.04 38.72 -41.98
CA ASP L 346 5.55 39.79 -42.81
C ASP L 346 6.74 39.31 -43.60
N GLY L 347 6.89 39.81 -44.82
CA GLY L 347 8.10 39.64 -45.58
C GLY L 347 8.85 40.95 -45.65
N PRO L 348 10.04 40.93 -46.24
CA PRO L 348 10.76 42.20 -46.44
C PRO L 348 10.13 43.03 -47.56
N PHE L 349 9.41 44.07 -47.18
CA PHE L 349 8.70 44.90 -48.14
C PHE L 349 9.48 46.17 -48.42
N ALA L 350 8.90 47.05 -49.21
CA ALA L 350 9.51 48.32 -49.56
C ALA L 350 8.88 49.42 -48.73
N GLY L 351 9.69 50.35 -48.25
CA GLY L 351 9.17 51.49 -47.51
C GLY L 351 8.43 52.45 -48.42
N GLY L 352 7.81 53.44 -47.79
CA GLY L 352 7.13 54.48 -48.53
C GLY L 352 8.09 55.43 -49.23
N LYS L 353 7.52 56.53 -49.75
CA LYS L 353 8.32 57.45 -50.56
C LYS L 353 9.27 58.28 -49.71
N ASP L 354 8.74 58.96 -48.70
CA ASP L 354 9.54 59.84 -47.85
C ASP L 354 9.90 59.17 -46.53
N THR L 355 10.70 58.11 -46.63
CA THR L 355 11.16 57.36 -45.47
C THR L 355 12.65 57.62 -45.31
N VAL L 356 13.02 58.32 -44.24
CA VAL L 356 14.38 58.83 -44.06
C VAL L 356 14.91 58.29 -42.74
N VAL L 357 16.13 57.76 -42.77
CA VAL L 357 16.79 57.26 -41.57
C VAL L 357 18.13 57.96 -41.45
N ASN L 358 18.21 59.00 -40.64
CA ASN L 358 19.37 59.88 -40.59
C ASN L 358 20.33 59.44 -39.50
N ILE L 359 20.85 58.23 -39.60
CA ILE L 359 21.87 57.77 -38.67
C ILE L 359 23.13 58.57 -38.88
N ASP L 360 23.71 59.14 -37.83
CA ASP L 360 24.80 60.08 -38.05
C ASP L 360 26.16 59.62 -37.57
N ARG L 361 26.27 58.45 -36.92
CA ARG L 361 27.57 57.87 -36.60
C ARG L 361 27.45 56.39 -36.33
N ILE L 362 28.27 55.58 -36.99
CA ILE L 362 28.24 54.13 -36.81
C ILE L 362 29.61 53.73 -36.29
N ASN L 363 29.69 53.34 -35.04
CA ASN L 363 30.92 52.77 -34.52
C ASN L 363 30.75 51.26 -34.40
N THR L 364 31.78 50.59 -33.89
CA THR L 364 31.72 49.15 -33.65
C THR L 364 32.70 48.82 -32.54
N LYS L 365 32.23 48.13 -31.51
CA LYS L 365 33.10 47.66 -30.46
C LYS L 365 33.56 46.25 -30.79
N ALA L 366 34.86 46.10 -31.08
CA ALA L 366 35.36 44.84 -31.60
C ALA L 366 36.50 44.34 -30.72
N ASP L 367 36.16 43.45 -29.78
CA ASP L 367 37.16 42.67 -29.07
C ASP L 367 36.58 41.29 -28.79
N GLY L 368 37.44 40.38 -28.36
CA GLY L 368 36.99 39.05 -28.02
C GLY L 368 37.76 37.95 -28.72
N THR L 369 37.05 36.92 -29.15
CA THR L 369 37.70 35.77 -29.77
C THR L 369 38.08 36.07 -31.21
N ILE L 370 38.64 35.06 -31.88
CA ILE L 370 39.04 35.16 -33.27
C ILE L 370 38.41 33.99 -34.01
N LYS L 371 37.62 34.29 -35.03
CA LYS L 371 36.93 33.28 -35.80
C LYS L 371 37.62 33.19 -37.17
N VAL L 372 37.23 32.19 -37.97
CA VAL L 372 37.86 31.91 -39.25
C VAL L 372 37.63 33.02 -40.27
N GLY L 373 36.63 33.87 -40.08
CA GLY L 373 36.41 35.04 -40.89
C GLY L 373 36.38 36.28 -40.02
N GLY L 374 35.54 37.22 -40.39
CA GLY L 374 35.27 38.35 -39.54
C GLY L 374 34.18 38.03 -38.55
N PHE L 375 33.27 38.98 -38.34
CA PHE L 375 32.01 38.66 -37.68
C PHE L 375 30.80 39.31 -38.34
N LYS L 376 31.01 40.25 -39.26
CA LYS L 376 29.98 40.83 -40.13
C LYS L 376 28.88 41.52 -39.31
N ALA L 377 29.27 42.63 -38.69
CA ALA L 377 28.30 43.58 -38.19
C ALA L 377 27.47 44.11 -39.35
N SER L 378 26.18 44.32 -39.10
CA SER L 378 25.28 44.64 -40.18
C SER L 378 24.11 45.46 -39.67
N LEU L 379 23.55 46.27 -40.55
CA LEU L 379 22.26 46.88 -40.32
C LEU L 379 21.47 46.80 -41.61
N THR L 380 20.16 46.64 -41.50
CA THR L 380 19.31 46.39 -42.64
C THR L 380 18.14 47.36 -42.62
N THR L 381 18.00 48.13 -43.67
CA THR L 381 17.02 49.20 -43.72
C THR L 381 16.24 49.09 -45.01
N ASN L 382 14.92 49.08 -44.93
CA ASN L 382 14.14 49.17 -46.16
C ASN L 382 13.48 50.52 -46.33
N ALA L 383 14.17 51.59 -45.95
CA ALA L 383 13.66 52.92 -46.21
C ALA L 383 14.14 53.42 -47.57
N ALA L 384 13.47 54.45 -48.07
CA ALA L 384 13.82 55.00 -49.38
C ALA L 384 15.05 55.87 -49.34
N HIS L 385 15.57 56.19 -48.15
CA HIS L 385 16.84 56.91 -48.02
C HIS L 385 17.52 56.38 -46.79
N LEU L 386 18.84 56.29 -46.83
CA LEU L 386 19.63 56.01 -45.64
C LEU L 386 20.75 57.03 -45.62
N ASN L 387 20.47 58.22 -45.14
CA ASN L 387 21.48 59.26 -45.09
C ASN L 387 22.38 58.98 -43.90
N ILE L 388 23.68 59.03 -44.12
CA ILE L 388 24.63 58.91 -43.02
C ILE L 388 25.48 60.17 -43.01
N GLY L 389 25.36 60.92 -41.93
CA GLY L 389 25.89 62.27 -41.87
C GLY L 389 27.38 62.34 -41.60
N LYS L 390 27.76 63.44 -40.96
CA LYS L 390 29.14 63.88 -40.97
C LYS L 390 30.01 63.11 -39.98
N GLY L 391 29.41 62.28 -39.12
CA GLY L 391 30.22 61.45 -38.26
C GLY L 391 30.94 60.34 -38.98
N GLY L 392 30.41 59.89 -40.12
CA GLY L 392 31.07 58.88 -40.90
C GLY L 392 30.97 57.50 -40.31
N VAL L 393 31.93 56.63 -40.64
CA VAL L 393 31.89 55.23 -40.27
C VAL L 393 33.19 54.88 -39.58
N ASN L 394 33.11 54.32 -38.39
CA ASN L 394 34.25 53.78 -37.68
C ASN L 394 34.13 52.26 -37.65
N LEU L 395 35.27 51.60 -37.44
CA LEU L 395 35.29 50.14 -37.40
C LEU L 395 36.51 49.72 -36.59
N SER L 396 36.29 49.20 -35.40
CA SER L 396 37.39 48.64 -34.63
C SER L 396 37.77 47.29 -35.23
N ASN L 397 39.04 46.93 -35.11
CA ASN L 397 39.60 45.80 -35.82
C ASN L 397 40.45 44.96 -34.86
N GLN L 398 40.10 43.69 -34.71
CA GLN L 398 40.92 42.73 -33.98
C GLN L 398 41.82 42.04 -35.01
N ALA L 399 42.40 40.87 -34.69
CA ALA L 399 43.38 40.23 -35.56
C ALA L 399 42.75 39.78 -36.88
N SER L 400 41.53 39.26 -36.84
CA SER L 400 40.82 39.00 -38.08
C SER L 400 40.13 40.28 -38.54
N GLY L 401 39.88 40.38 -39.84
CA GLY L 401 39.31 41.59 -40.40
C GLY L 401 37.82 41.68 -40.18
N ARG L 402 37.38 42.67 -39.40
CA ARG L 402 35.96 42.84 -39.14
C ARG L 402 35.25 43.34 -40.40
N THR L 403 33.94 43.17 -40.41
CA THR L 403 33.15 43.40 -41.61
C THR L 403 31.92 44.20 -41.23
N LEU L 404 31.65 45.27 -41.98
CA LEU L 404 30.47 46.07 -41.78
C LEU L 404 29.59 45.99 -43.01
N LEU L 405 28.30 45.70 -42.81
CA LEU L 405 27.33 45.50 -43.88
C LEU L 405 26.24 46.55 -43.75
N VAL L 406 26.41 47.66 -44.45
CA VAL L 406 25.43 48.75 -44.42
C VAL L 406 24.46 48.46 -45.56
N GLU L 407 23.51 47.59 -45.29
CA GLU L 407 22.61 47.12 -46.32
C GLU L 407 21.44 48.10 -46.47
N ASN L 408 20.86 48.13 -47.66
CA ASN L 408 19.60 48.82 -47.88
C ASN L 408 18.82 47.97 -48.86
N LEU L 409 17.57 47.65 -48.51
CA LEU L 409 16.81 46.77 -49.39
C LEU L 409 16.25 47.51 -50.58
N THR L 410 15.38 48.49 -50.36
CA THR L 410 14.70 49.16 -51.46
C THR L 410 14.92 50.66 -51.41
N GLY L 411 16.16 51.08 -51.22
CA GLY L 411 16.42 52.51 -51.16
C GLY L 411 17.75 52.97 -51.72
N ASN L 412 18.22 54.11 -51.22
CA ASN L 412 19.50 54.69 -51.59
C ASN L 412 20.41 54.67 -50.38
N ILE L 413 21.67 55.00 -50.59
CA ILE L 413 22.60 55.24 -49.49
C ILE L 413 23.35 56.51 -49.80
N THR L 414 23.37 57.45 -48.86
CA THR L 414 24.05 58.72 -49.05
C THR L 414 25.00 58.91 -47.88
N VAL L 415 26.18 58.33 -47.95
CA VAL L 415 27.18 58.49 -46.91
C VAL L 415 27.94 59.77 -47.17
N ASP L 416 28.00 60.64 -46.17
CA ASP L 416 28.70 61.92 -46.32
C ASP L 416 29.83 62.07 -45.32
N GLY L 417 30.47 60.97 -44.93
CA GLY L 417 31.48 61.02 -43.92
C GLY L 417 32.70 60.19 -44.25
N PRO L 418 33.78 60.39 -43.48
CA PRO L 418 35.03 59.67 -43.77
C PRO L 418 34.99 58.25 -43.22
N LEU L 419 35.33 57.30 -44.09
CA LEU L 419 35.32 55.89 -43.69
C LEU L 419 36.56 55.59 -42.88
N ARG L 420 36.46 55.72 -41.56
CA ARG L 420 37.57 55.43 -40.68
C ARG L 420 37.63 53.94 -40.39
N VAL L 421 38.74 53.53 -39.79
CA VAL L 421 38.90 52.21 -39.21
C VAL L 421 39.92 52.32 -38.09
N ASN L 422 39.55 51.78 -36.91
CA ASN L 422 40.23 51.99 -35.63
C ASN L 422 40.33 53.47 -35.26
N ASN L 423 39.36 54.25 -35.75
CA ASN L 423 39.21 55.69 -35.52
C ASN L 423 40.43 56.48 -36.01
N GLN L 424 40.79 56.25 -37.27
CA GLN L 424 41.61 57.21 -38.02
C GLN L 424 41.29 57.04 -39.49
N VAL L 425 41.62 58.08 -40.27
CA VAL L 425 41.18 58.14 -41.66
C VAL L 425 41.94 57.15 -42.53
N GLY L 426 43.26 57.06 -42.33
CA GLY L 426 44.05 56.11 -43.07
C GLY L 426 43.76 54.68 -42.68
N GLY L 427 44.13 54.32 -41.46
CA GLY L 427 43.75 53.02 -40.93
C GLY L 427 44.43 51.83 -41.56
N TYR L 428 45.72 51.67 -41.30
CA TYR L 428 46.43 50.49 -41.76
C TYR L 428 45.93 49.24 -41.02
N ALA L 429 45.90 48.14 -41.75
CA ALA L 429 45.48 46.86 -41.20
C ALA L 429 46.40 45.78 -41.75
N LEU L 430 46.61 44.74 -40.96
CA LEU L 430 47.57 43.70 -41.30
C LEU L 430 46.94 42.71 -42.28
N ALA L 431 47.69 41.68 -42.65
CA ALA L 431 47.28 40.79 -43.74
C ALA L 431 46.13 39.90 -43.33
N GLY L 432 46.18 39.35 -42.11
CA GLY L 432 45.05 38.61 -41.59
C GLY L 432 43.86 39.46 -41.22
N SER L 433 44.06 40.77 -41.09
CA SER L 433 42.97 41.69 -40.77
C SER L 433 42.55 42.41 -42.05
N SER L 434 41.69 41.75 -42.81
CA SER L 434 41.13 42.34 -44.02
C SER L 434 39.80 42.97 -43.65
N ALA L 435 39.81 44.28 -43.39
CA ALA L 435 38.60 45.00 -43.02
C ALA L 435 37.70 45.10 -44.23
N ASN L 436 36.42 44.81 -44.06
CA ASN L 436 35.49 44.65 -45.17
C ASN L 436 34.34 45.63 -45.02
N PHE L 437 34.47 46.82 -45.58
CA PHE L 437 33.32 47.69 -45.75
C PHE L 437 32.45 47.13 -46.86
N GLU L 438 31.14 47.29 -46.70
CA GLU L 438 30.23 46.64 -47.63
C GLU L 438 28.93 47.42 -47.67
N PHE L 439 28.46 47.70 -48.88
CA PHE L 439 27.30 48.54 -49.09
C PHE L 439 26.39 47.84 -50.09
N LYS L 440 25.09 47.93 -49.88
CA LYS L 440 24.11 47.27 -50.72
C LYS L 440 22.98 48.27 -50.92
N ALA L 441 23.02 49.04 -51.99
CA ALA L 441 22.06 50.10 -52.19
C ALA L 441 21.02 49.66 -53.21
N GLY L 442 19.79 49.47 -52.76
CA GLY L 442 18.70 49.11 -53.65
C GLY L 442 18.79 47.68 -54.14
N VAL L 443 18.70 46.72 -53.22
CA VAL L 443 18.92 45.33 -53.59
C VAL L 443 17.73 44.78 -54.35
N ASP L 444 16.55 44.76 -53.74
CA ASP L 444 15.42 44.06 -54.32
C ASP L 444 14.73 44.84 -55.43
N THR L 445 15.11 46.09 -55.66
CA THR L 445 14.56 46.85 -56.77
C THR L 445 15.58 47.19 -57.84
N LYS L 446 16.87 47.09 -57.52
CA LYS L 446 17.97 47.16 -58.49
C LYS L 446 18.04 48.51 -59.21
N ASN L 447 17.59 49.57 -58.56
CA ASN L 447 17.69 50.91 -59.12
C ASN L 447 18.07 51.91 -58.03
N GLY L 448 18.99 51.54 -57.16
CA GLY L 448 19.40 52.39 -56.05
C GLY L 448 20.85 52.81 -56.18
N THR L 449 21.09 54.11 -56.01
CA THR L 449 22.43 54.68 -56.07
C THR L 449 23.08 54.58 -54.69
N ALA L 450 24.40 54.52 -54.67
CA ALA L 450 25.17 54.57 -53.43
C ALA L 450 26.11 55.76 -53.51
N THR L 451 25.59 56.94 -53.22
CA THR L 451 26.35 58.17 -53.39
C THR L 451 27.20 58.44 -52.18
N PHE L 452 28.52 58.57 -52.38
CA PHE L 452 29.44 58.87 -51.28
C PHE L 452 29.97 60.26 -51.55
N ASN L 453 29.31 61.29 -51.03
CA ASN L 453 29.72 62.66 -51.30
C ASN L 453 30.93 63.12 -50.49
N ASN L 454 31.62 62.23 -49.79
CA ASN L 454 32.84 62.60 -49.10
C ASN L 454 33.99 61.82 -49.72
N ASP L 455 35.15 62.49 -49.78
CA ASP L 455 36.36 61.91 -50.32
C ASP L 455 36.86 60.81 -49.39
N ILE L 456 36.64 59.56 -49.76
CA ILE L 456 36.99 58.45 -48.89
C ILE L 456 38.49 58.21 -48.96
N SER L 457 39.00 57.47 -47.99
CA SER L 457 40.42 57.18 -47.90
C SER L 457 40.60 55.83 -47.24
N LEU L 458 41.11 54.87 -47.99
CA LEU L 458 41.31 53.51 -47.51
C LEU L 458 42.78 53.20 -47.45
N GLY L 459 43.21 52.65 -46.32
CA GLY L 459 44.60 52.29 -46.12
C GLY L 459 44.95 50.91 -46.67
N ARG L 460 45.55 50.09 -45.83
CA ARG L 460 46.11 48.80 -46.24
C ARG L 460 45.22 47.67 -45.73
N PHE L 461 44.95 46.69 -46.61
CA PHE L 461 44.11 45.52 -46.33
C PHE L 461 42.70 45.91 -45.87
N VAL L 462 42.10 46.84 -46.60
CA VAL L 462 40.72 47.25 -46.39
C VAL L 462 39.97 47.04 -47.69
N ASN L 463 38.77 46.48 -47.62
CA ASN L 463 38.10 45.93 -48.80
C ASN L 463 36.71 46.53 -48.95
N LEU L 464 36.63 47.65 -49.65
CA LEU L 464 35.34 48.22 -50.01
C LEU L 464 34.65 47.35 -51.06
N LYS L 465 33.35 47.18 -50.91
CA LYS L 465 32.56 46.60 -52.00
C LYS L 465 31.18 47.25 -52.02
N VAL L 466 30.75 47.64 -53.21
CA VAL L 466 29.51 48.37 -53.40
C VAL L 466 28.70 47.64 -54.46
N ASP L 467 27.49 47.22 -54.10
CA ASP L 467 26.65 46.46 -55.01
C ASP L 467 25.36 47.23 -55.21
N ALA L 468 25.39 48.18 -56.14
CA ALA L 468 24.28 49.10 -56.31
C ALA L 468 23.91 49.26 -57.77
N HIS L 469 23.09 50.25 -58.08
CA HIS L 469 22.81 50.58 -59.46
C HIS L 469 23.81 51.56 -60.05
N THR L 470 24.00 52.72 -59.43
CA THR L 470 24.90 53.74 -59.95
C THR L 470 25.70 54.31 -58.79
N ALA L 471 26.87 53.77 -58.52
CA ALA L 471 27.65 54.15 -57.35
C ALA L 471 28.45 55.41 -57.66
N ASN L 472 27.83 56.56 -57.42
CA ASN L 472 28.54 57.82 -57.56
C ASN L 472 29.57 57.97 -56.45
N PHE L 473 30.55 58.84 -56.67
CA PHE L 473 31.62 59.07 -55.72
C PHE L 473 32.08 60.51 -55.82
N LYS L 474 33.07 60.84 -54.99
CA LYS L 474 33.85 62.05 -55.15
C LYS L 474 35.35 61.82 -55.12
N GLY L 475 35.82 60.70 -54.60
CA GLY L 475 37.23 60.39 -54.64
C GLY L 475 37.59 59.18 -53.79
N ILE L 476 38.44 58.30 -54.34
CA ILE L 476 38.88 57.09 -53.66
C ILE L 476 40.39 57.12 -53.62
N ASP L 477 40.96 56.98 -52.43
CA ASP L 477 42.39 57.16 -52.24
C ASP L 477 42.94 55.93 -51.53
N THR L 478 43.45 54.97 -52.30
CA THR L 478 43.97 53.72 -51.76
C THR L 478 45.43 53.50 -52.10
N GLY L 479 46.10 54.48 -52.69
CA GLY L 479 47.50 54.31 -53.05
C GLY L 479 48.44 54.31 -51.87
N ASN L 480 47.96 54.77 -50.71
CA ASN L 480 48.81 54.82 -49.52
C ASN L 480 49.03 53.43 -48.95
N GLY L 481 47.99 52.61 -48.89
CA GLY L 481 48.10 51.33 -48.22
C GLY L 481 48.35 50.14 -49.13
N GLY L 482 47.58 50.04 -50.21
CA GLY L 482 47.69 48.89 -51.09
C GLY L 482 46.97 47.67 -50.53
N PHE L 483 46.99 46.60 -51.35
CA PHE L 483 46.36 45.31 -51.06
C PHE L 483 44.86 45.47 -50.77
N ASN L 484 44.21 46.28 -51.59
CA ASN L 484 42.83 46.69 -51.34
C ASN L 484 41.94 46.06 -52.39
N THR L 485 40.97 45.27 -51.95
CA THR L 485 39.98 44.69 -52.85
C THR L 485 38.87 45.72 -53.01
N LEU L 486 38.96 46.52 -54.05
CA LEU L 486 37.98 47.57 -54.34
C LEU L 486 36.94 46.96 -55.28
N ASP L 487 36.06 46.15 -54.72
CA ASP L 487 35.11 45.40 -55.52
C ASP L 487 33.94 46.29 -55.91
N PHE L 488 33.46 46.11 -57.14
CA PHE L 488 32.27 46.78 -57.66
C PHE L 488 31.46 45.81 -58.48
N SER L 489 31.49 44.52 -58.12
CA SER L 489 30.95 43.48 -58.98
C SER L 489 29.44 43.55 -59.10
N GLY L 490 28.77 44.07 -58.09
CA GLY L 490 27.33 44.13 -58.16
C GLY L 490 26.78 45.30 -58.94
N VAL L 491 27.65 46.19 -59.42
CA VAL L 491 27.19 47.44 -60.02
C VAL L 491 26.46 47.16 -61.33
N THR L 492 25.25 47.71 -61.44
CA THR L 492 24.43 47.50 -62.62
C THR L 492 25.05 48.17 -63.85
N ASN L 493 25.14 49.50 -63.86
CA ASN L 493 25.81 50.14 -65.00
C ASN L 493 27.03 50.97 -64.62
N LYS L 494 26.92 52.03 -63.84
CA LYS L 494 27.99 53.03 -63.81
C LYS L 494 28.59 53.21 -62.43
N VAL L 495 29.88 53.54 -62.39
CA VAL L 495 30.60 53.91 -61.17
C VAL L 495 31.29 55.22 -61.51
N ASN L 496 30.73 56.34 -61.09
CA ASN L 496 31.18 57.64 -61.60
C ASN L 496 32.17 58.27 -60.63
N ILE L 497 33.32 57.61 -60.47
CA ILE L 497 34.37 58.10 -59.57
C ILE L 497 34.96 59.39 -60.12
N ASN L 498 35.19 60.36 -59.23
CA ASN L 498 35.74 61.64 -59.63
C ASN L 498 37.26 61.72 -59.48
N LYS L 499 37.86 60.86 -58.65
CA LYS L 499 39.30 60.92 -58.45
C LYS L 499 39.75 59.57 -57.89
N LEU L 500 40.88 59.05 -58.38
CA LEU L 500 41.34 57.72 -58.00
C LEU L 500 42.84 57.75 -57.71
N ILE L 501 43.23 57.12 -56.60
CA ILE L 501 44.63 56.95 -56.23
C ILE L 501 44.83 55.49 -55.84
N THR L 502 45.64 54.78 -56.62
CA THR L 502 45.84 53.34 -56.43
C THR L 502 47.32 52.97 -56.51
N ALA L 503 47.71 52.00 -55.68
CA ALA L 503 49.04 51.40 -55.75
C ALA L 503 48.99 49.92 -56.10
N SER L 504 48.31 49.11 -55.29
CA SER L 504 48.18 47.67 -55.54
C SER L 504 46.73 47.30 -55.19
N THR L 505 45.87 47.36 -56.18
CA THR L 505 44.44 47.34 -55.95
C THR L 505 43.84 46.24 -56.80
N ASN L 506 42.62 45.83 -56.47
CA ASN L 506 41.90 44.75 -57.12
C ASN L 506 40.57 45.27 -57.64
N VAL L 507 40.65 46.38 -58.38
CA VAL L 507 39.47 47.05 -58.92
C VAL L 507 38.76 46.12 -59.89
N ALA L 508 37.43 46.06 -59.79
CA ALA L 508 36.63 45.23 -60.68
C ALA L 508 35.38 45.99 -61.05
N VAL L 509 35.43 46.78 -62.12
CA VAL L 509 34.31 47.58 -62.57
C VAL L 509 33.93 47.15 -63.98
N LYS L 510 32.63 47.03 -64.25
CA LYS L 510 32.18 46.60 -65.56
C LYS L 510 31.91 47.75 -66.52
N ASN L 511 31.62 48.94 -66.00
CA ASN L 511 31.39 50.12 -66.82
C ASN L 511 31.52 51.33 -65.90
N PHE L 512 32.22 52.36 -66.36
CA PHE L 512 32.54 53.50 -65.51
C PHE L 512 32.91 54.70 -66.37
N ASN L 513 33.11 55.84 -65.71
CA ASN L 513 33.88 56.94 -66.29
C ASN L 513 34.59 57.69 -65.16
N ILE L 514 35.81 57.22 -64.86
CA ILE L 514 36.64 57.77 -63.80
C ILE L 514 37.44 58.91 -64.44
N ASN L 515 37.04 60.15 -64.20
CA ASN L 515 37.62 61.26 -64.95
C ASN L 515 38.95 61.75 -64.41
N GLU L 516 39.59 61.01 -63.50
CA GLU L 516 40.95 61.33 -63.08
C GLU L 516 41.58 60.05 -62.54
N LEU L 517 42.80 59.73 -62.97
CA LEU L 517 43.45 58.48 -62.60
C LEU L 517 44.90 58.75 -62.23
N ILE L 518 45.37 58.09 -61.17
CA ILE L 518 46.76 58.19 -60.72
C ILE L 518 47.36 56.79 -60.69
N VAL L 519 48.48 56.63 -61.37
CA VAL L 519 49.21 55.37 -61.44
C VAL L 519 50.43 55.51 -60.54
N LYS L 520 50.32 55.06 -59.30
CA LYS L 520 51.42 55.18 -58.37
C LYS L 520 52.35 53.97 -58.46
N THR L 521 53.56 54.13 -57.93
CA THR L 521 54.46 53.02 -57.67
C THR L 521 54.28 52.57 -56.23
N ASN L 522 54.92 51.46 -55.90
CA ASN L 522 54.67 50.75 -54.65
C ASN L 522 55.96 50.21 -54.05
N GLY L 523 56.97 51.07 -53.97
CA GLY L 523 58.25 50.66 -53.42
C GLY L 523 59.13 50.01 -54.48
N VAL L 524 59.75 48.90 -54.14
CA VAL L 524 60.57 48.16 -55.09
C VAL L 524 60.02 46.77 -55.39
N SER L 525 59.06 46.29 -54.61
CA SER L 525 58.52 44.96 -54.82
C SER L 525 57.62 44.93 -56.05
N VAL L 526 57.54 43.75 -56.66
CA VAL L 526 56.68 43.52 -57.81
C VAL L 526 55.58 42.55 -57.40
N GLY L 527 54.69 42.27 -58.34
CA GLY L 527 53.46 41.56 -58.03
C GLY L 527 52.41 42.43 -57.39
N GLU L 528 52.63 43.73 -57.34
CA GLU L 528 51.73 44.69 -56.71
C GLU L 528 51.40 45.74 -57.76
N TYR L 529 50.13 45.83 -58.13
CA TYR L 529 49.74 46.59 -59.31
C TYR L 529 48.24 46.84 -59.31
N THR L 530 47.84 47.86 -60.07
CA THR L 530 46.43 48.05 -60.38
C THR L 530 46.00 46.94 -61.33
N HIS L 531 44.92 46.26 -60.97
CA HIS L 531 44.48 45.06 -61.67
C HIS L 531 42.98 45.17 -61.91
N PHE L 532 42.59 45.64 -63.09
CA PHE L 532 41.18 45.60 -63.44
C PHE L 532 40.81 44.17 -63.77
N SER L 533 40.46 43.40 -62.74
CA SER L 533 40.38 41.95 -62.85
C SER L 533 39.06 41.43 -63.38
N GLU L 534 38.30 42.26 -64.10
CA GLU L 534 37.14 41.75 -64.83
C GLU L 534 36.96 42.63 -66.07
N ASP L 535 35.90 42.35 -66.82
CA ASP L 535 35.72 42.95 -68.14
C ASP L 535 35.35 44.42 -68.01
N ILE L 536 35.87 45.24 -68.92
CA ILE L 536 35.68 46.68 -68.86
C ILE L 536 34.55 47.12 -69.77
N GLY L 537 34.10 46.25 -70.66
CA GLY L 537 32.89 46.52 -71.39
C GLY L 537 33.09 47.44 -72.58
N SER L 538 32.06 48.23 -72.85
CA SER L 538 31.97 49.03 -74.06
C SER L 538 31.85 50.52 -73.82
N GLN L 539 31.14 50.94 -72.79
CA GLN L 539 30.92 52.36 -72.57
C GLN L 539 31.91 52.96 -71.58
N SER L 540 33.03 52.29 -71.33
CA SER L 540 34.01 52.75 -70.36
C SER L 540 34.71 54.01 -70.86
N ARG L 541 35.37 54.69 -69.93
CA ARG L 541 35.93 56.01 -70.17
C ARG L 541 36.81 56.37 -69.00
N ILE L 542 37.89 57.11 -69.28
CA ILE L 542 38.70 57.79 -68.28
C ILE L 542 39.05 59.14 -68.89
N ASN L 543 38.83 60.23 -68.17
CA ASN L 543 39.12 61.52 -68.80
C ASN L 543 40.51 62.05 -68.48
N THR L 544 41.25 61.44 -67.57
CA THR L 544 42.65 61.82 -67.34
C THR L 544 43.36 60.64 -66.70
N VAL L 545 44.42 60.16 -67.35
CA VAL L 545 45.37 59.22 -66.75
C VAL L 545 46.64 60.00 -66.46
N ARG L 546 47.18 59.83 -65.26
CA ARG L 546 48.41 60.52 -64.88
C ARG L 546 49.32 59.53 -64.15
N LEU L 547 50.25 58.96 -64.91
CA LEU L 547 51.30 58.15 -64.32
C LEU L 547 52.28 59.04 -63.56
N GLU L 548 52.77 58.54 -62.42
CA GLU L 548 53.81 59.22 -61.68
C GLU L 548 55.07 58.35 -61.70
N THR L 549 56.19 58.98 -61.37
CA THR L 549 57.50 58.37 -61.58
C THR L 549 57.75 57.23 -60.60
N GLY L 550 58.16 56.07 -61.12
CA GLY L 550 58.43 54.93 -60.28
C GLY L 550 59.78 54.99 -59.60
N THR L 551 60.46 53.86 -59.50
CA THR L 551 61.80 53.79 -58.93
C THR L 551 62.75 53.19 -59.97
N ARG L 552 64.04 53.48 -59.79
CA ARG L 552 65.05 53.16 -60.78
C ARG L 552 65.22 51.64 -60.89
N SER L 553 65.45 51.17 -62.12
CA SER L 553 65.88 49.83 -62.51
C SER L 553 64.84 48.73 -62.32
N ILE L 554 63.60 49.05 -61.97
CA ILE L 554 62.55 48.05 -61.82
C ILE L 554 61.18 48.69 -62.04
N PHE L 555 60.30 47.97 -62.76
CA PHE L 555 58.91 48.36 -62.92
C PHE L 555 58.13 47.83 -61.72
N SER L 556 58.11 48.64 -60.66
CA SER L 556 57.48 48.20 -59.42
C SER L 556 55.97 48.24 -59.52
N GLY L 557 55.40 49.44 -59.70
CA GLY L 557 53.97 49.61 -59.83
C GLY L 557 53.55 49.67 -61.29
N GLY L 558 52.25 49.56 -61.50
CA GLY L 558 51.72 49.63 -62.84
C GLY L 558 50.26 49.26 -62.88
N VAL L 559 49.72 49.33 -64.09
CA VAL L 559 48.30 49.10 -64.37
C VAL L 559 48.19 48.01 -65.41
N LYS L 560 47.48 46.93 -65.08
CA LYS L 560 47.18 45.91 -66.08
C LYS L 560 45.70 45.62 -66.08
N PHE L 561 45.22 45.11 -67.20
CA PHE L 561 43.82 44.82 -67.42
C PHE L 561 43.67 43.31 -67.59
N LYS L 562 42.44 42.88 -67.87
CA LYS L 562 42.25 41.51 -68.31
C LYS L 562 41.37 41.41 -69.54
N SER L 563 40.41 42.32 -69.68
CA SER L 563 39.44 42.21 -70.76
C SER L 563 38.86 43.59 -71.05
N GLY L 564 37.87 43.63 -71.93
CA GLY L 564 37.30 44.86 -72.42
C GLY L 564 37.62 45.07 -73.90
N GLU L 565 36.95 46.07 -74.47
CA GLU L 565 37.18 46.39 -75.87
C GLU L 565 37.53 47.84 -76.15
N LYS L 566 37.19 48.79 -75.28
CA LYS L 566 37.58 50.17 -75.48
C LYS L 566 37.56 50.92 -74.15
N LEU L 567 38.35 51.99 -74.09
CA LEU L 567 38.29 52.96 -73.01
C LEU L 567 38.77 54.31 -73.53
N VAL L 568 37.84 55.22 -73.76
CA VAL L 568 38.14 56.51 -74.36
C VAL L 568 38.90 57.38 -73.36
N ILE L 569 40.20 57.44 -73.52
CA ILE L 569 41.05 58.29 -72.68
C ILE L 569 41.23 59.62 -73.38
N ASP L 570 41.13 60.71 -72.62
CA ASP L 570 41.49 62.01 -73.18
C ASP L 570 42.97 62.34 -73.05
N GLU L 571 43.49 62.38 -71.83
CA GLU L 571 44.86 62.85 -71.63
C GLU L 571 45.62 61.76 -70.88
N PHE L 572 46.92 61.69 -71.15
CA PHE L 572 47.75 60.62 -70.63
C PHE L 572 49.11 61.20 -70.26
N TYR L 573 49.81 60.52 -69.35
CA TYR L 573 51.18 60.88 -69.06
C TYR L 573 52.06 59.65 -69.02
N TYR L 574 53.26 59.78 -69.57
CA TYR L 574 54.31 58.78 -69.35
C TYR L 574 54.87 58.93 -67.94
N SER L 575 55.73 57.98 -67.57
CA SER L 575 56.51 58.07 -66.35
C SER L 575 57.67 57.10 -66.46
N PRO L 576 58.83 57.42 -65.89
CA PRO L 576 59.86 56.40 -65.72
C PRO L 576 59.41 55.32 -64.75
N TRP L 577 59.42 54.08 -65.26
CA TRP L 577 59.31 52.85 -64.46
C TRP L 577 57.94 52.67 -63.83
N ASN L 578 56.89 52.95 -64.58
CA ASN L 578 55.55 52.48 -64.25
C ASN L 578 54.88 52.07 -65.55
N TYR L 579 54.45 50.81 -65.63
CA TYR L 579 54.00 50.23 -66.88
C TYR L 579 52.50 50.39 -67.04
N PHE L 580 52.08 50.86 -68.20
CA PHE L 580 50.67 51.00 -68.55
C PHE L 580 50.29 49.82 -69.44
N ASP L 581 50.16 48.66 -68.83
CA ASP L 581 49.76 47.48 -69.58
C ASP L 581 48.28 47.59 -69.95
N ALA L 582 48.00 47.41 -71.24
CA ALA L 582 46.67 47.60 -71.80
C ALA L 582 46.23 46.34 -72.51
N ARG L 583 46.28 45.21 -71.79
CA ARG L 583 45.96 43.91 -72.35
C ARG L 583 44.53 43.83 -72.85
N ASN L 584 44.38 43.20 -74.02
CA ASN L 584 43.15 42.60 -74.53
C ASN L 584 42.12 43.62 -75.01
N ILE L 585 42.36 44.90 -74.79
CA ILE L 585 41.41 45.93 -75.16
C ILE L 585 41.78 46.50 -76.51
N LYS L 586 40.81 46.49 -77.43
CA LYS L 586 41.09 46.65 -78.83
C LYS L 586 40.79 48.04 -79.40
N ASN L 587 40.30 48.98 -78.61
CA ASN L 587 40.02 50.31 -79.12
C ASN L 587 40.44 51.38 -78.12
N VAL L 588 41.67 51.30 -77.63
CA VAL L 588 42.18 52.26 -76.65
C VAL L 588 42.34 53.61 -77.35
N GLU L 589 41.40 54.51 -77.11
CA GLU L 589 41.32 55.73 -77.89
C GLU L 589 41.89 56.91 -77.10
N ILE L 590 42.67 57.75 -77.78
CA ILE L 590 43.17 58.99 -77.22
C ILE L 590 42.54 60.13 -78.00
N THR L 591 42.19 61.21 -77.30
CA THR L 591 41.45 62.31 -77.92
C THR L 591 42.15 63.65 -77.75
N ARG L 592 42.97 63.84 -76.72
CA ARG L 592 43.77 65.05 -76.60
C ARG L 592 45.16 64.65 -76.13
N LYS L 593 45.92 65.62 -75.62
CA LYS L 593 47.37 65.60 -75.41
C LYS L 593 47.89 64.32 -74.77
N PHE L 594 48.99 63.80 -75.34
CA PHE L 594 49.58 62.52 -74.95
C PHE L 594 51.03 62.81 -74.60
N ALA L 595 51.28 63.20 -73.35
CA ALA L 595 52.59 63.71 -72.96
C ALA L 595 53.24 62.82 -71.91
N SER L 596 54.31 63.32 -71.30
CA SER L 596 54.97 62.66 -70.17
C SER L 596 54.78 63.48 -68.91
N SER L 597 54.84 62.79 -67.76
CA SER L 597 54.74 63.50 -66.48
C SER L 597 55.97 64.33 -66.18
N THR L 598 57.09 64.05 -66.85
CA THR L 598 58.23 64.95 -66.90
C THR L 598 58.25 65.56 -68.29
N PRO L 599 57.46 66.62 -68.54
CA PRO L 599 57.15 67.00 -69.93
C PRO L 599 58.28 67.66 -70.69
N GLU L 600 59.23 68.30 -70.02
CA GLU L 600 60.30 68.97 -70.72
C GLU L 600 61.63 68.27 -70.57
N ASN L 601 61.72 67.32 -69.63
CA ASN L 601 62.94 66.53 -69.43
C ASN L 601 62.61 65.05 -69.23
N PRO L 602 62.27 64.35 -70.32
CA PRO L 602 61.98 62.92 -70.19
C PRO L 602 63.25 62.12 -69.98
N TRP L 603 63.09 60.95 -69.36
CA TRP L 603 64.14 59.97 -69.17
C TRP L 603 63.49 58.65 -68.75
N GLY L 604 64.30 57.60 -68.69
CA GLY L 604 63.79 56.32 -68.26
C GLY L 604 63.03 55.59 -69.35
N THR L 605 62.18 54.67 -68.91
CA THR L 605 61.35 53.85 -69.79
C THR L 605 59.91 53.82 -69.27
N SER L 606 58.98 53.51 -70.17
CA SER L 606 57.56 53.43 -69.84
C SER L 606 56.94 52.32 -70.69
N LYS L 607 56.69 51.16 -70.09
CA LYS L 607 56.11 50.06 -70.86
C LYS L 607 54.64 50.32 -71.17
N LEU L 608 54.37 50.83 -72.37
CA LEU L 608 53.01 51.01 -72.85
C LEU L 608 52.58 49.76 -73.62
N MET L 609 52.54 48.65 -72.89
CA MET L 609 52.37 47.31 -73.46
C MET L 609 50.92 47.14 -73.92
N PHE L 610 50.68 47.56 -75.17
CA PHE L 610 49.32 47.64 -75.69
C PHE L 610 48.92 46.34 -76.37
N ASN L 611 47.73 46.36 -76.97
CA ASN L 611 47.35 45.41 -78.01
C ASN L 611 46.64 46.05 -79.17
N ASN L 612 46.27 47.33 -79.09
CA ASN L 612 45.66 48.16 -80.12
C ASN L 612 45.58 49.58 -79.57
N LEU L 613 45.46 50.54 -80.47
CA LEU L 613 44.97 51.87 -80.11
C LEU L 613 44.36 52.50 -81.35
N THR L 614 43.67 53.61 -81.16
CA THR L 614 43.16 54.42 -82.27
C THR L 614 43.06 55.86 -81.81
N LEU L 615 43.92 56.71 -82.34
CA LEU L 615 44.02 58.10 -81.89
C LEU L 615 43.18 58.97 -82.81
N GLY L 616 42.42 59.88 -82.21
CA GLY L 616 41.49 60.71 -82.95
C GLY L 616 42.03 62.10 -83.25
N GLN L 617 41.14 63.08 -83.13
CA GLN L 617 41.45 64.43 -83.58
C GLN L 617 42.36 65.16 -82.59
N ASN L 618 43.35 65.88 -83.13
CA ASN L 618 44.10 66.93 -82.44
C ASN L 618 44.94 66.42 -81.27
N ALA L 619 45.11 65.11 -81.13
CA ALA L 619 45.77 64.56 -79.95
C ALA L 619 47.27 64.47 -80.23
N VAL L 620 48.01 65.41 -79.66
CA VAL L 620 49.45 65.51 -79.89
C VAL L 620 50.16 64.40 -79.12
N MET L 621 51.12 63.74 -79.76
CA MET L 621 51.94 62.76 -79.07
C MET L 621 53.38 63.22 -78.98
N ASP L 622 54.10 62.70 -77.99
CA ASP L 622 55.49 63.05 -77.72
C ASP L 622 56.28 61.75 -77.59
N TYR L 623 56.75 61.23 -78.72
CA TYR L 623 57.45 59.95 -78.74
C TYR L 623 58.95 60.15 -78.89
N SER L 624 59.71 59.66 -77.92
CA SER L 624 61.16 59.71 -77.92
C SER L 624 61.72 58.33 -77.59
N GLN L 625 63.04 58.27 -77.43
CA GLN L 625 63.72 57.08 -76.93
C GLN L 625 63.49 56.87 -75.44
N PHE L 626 63.00 57.90 -74.75
CA PHE L 626 62.82 57.90 -73.31
C PHE L 626 61.48 57.32 -72.90
N SER L 627 60.73 56.76 -73.85
CA SER L 627 59.46 56.12 -73.57
C SER L 627 59.29 55.01 -74.61
N ASN L 628 59.64 53.78 -74.23
CA ASN L 628 59.56 52.67 -75.16
C ASN L 628 58.11 52.25 -75.42
N LEU L 629 57.46 53.00 -76.29
CA LEU L 629 56.04 52.83 -76.61
C LEU L 629 55.90 51.58 -77.48
N THR L 630 55.46 50.49 -76.87
CA THR L 630 55.53 49.17 -77.48
C THR L 630 54.13 48.70 -77.89
N ILE L 631 53.84 48.76 -79.19
CA ILE L 631 52.53 48.44 -79.73
C ILE L 631 52.57 47.02 -80.29
N GLN L 632 51.67 46.17 -79.81
CA GLN L 632 51.45 44.84 -80.38
C GLN L 632 50.20 44.78 -81.24
N GLY L 633 49.77 45.90 -81.80
CA GLY L 633 48.53 45.95 -82.55
C GLY L 633 48.48 47.06 -83.57
N ASP L 634 47.29 47.59 -83.79
CA ASP L 634 47.01 48.37 -84.99
C ASP L 634 46.97 49.86 -84.69
N PHE L 635 48.13 50.52 -84.75
CA PHE L 635 48.19 51.95 -84.47
C PHE L 635 47.48 52.72 -85.57
N ILE L 636 46.26 53.16 -85.30
CA ILE L 636 45.45 53.87 -86.28
C ILE L 636 45.39 55.32 -85.86
N ASN L 637 45.62 56.23 -86.80
CA ASN L 637 45.56 57.66 -86.52
C ASN L 637 44.45 58.27 -87.34
N ASN L 638 43.62 59.07 -86.69
CA ASN L 638 42.67 59.96 -87.36
C ASN L 638 43.35 61.31 -87.52
N GLN L 639 42.59 62.40 -87.69
CA GLN L 639 43.16 63.73 -87.97
C GLN L 639 43.87 64.27 -86.74
N GLY L 640 45.03 63.69 -86.43
CA GLY L 640 45.76 64.04 -85.23
C GLY L 640 47.22 64.33 -85.47
N THR L 641 47.73 65.40 -84.87
CA THR L 641 49.06 65.93 -85.19
C THR L 641 50.08 65.35 -84.21
N ILE L 642 50.78 64.31 -84.64
CA ILE L 642 51.79 63.67 -83.81
C ILE L 642 53.10 64.43 -83.94
N ASN L 643 53.73 64.73 -82.80
CA ASN L 643 55.01 65.42 -82.78
C ASN L 643 56.13 64.45 -82.43
N TYR L 644 57.33 64.76 -82.92
CA TYR L 644 58.52 63.95 -82.67
C TYR L 644 59.61 64.81 -82.05
N LEU L 645 60.70 64.15 -81.68
CA LEU L 645 61.85 64.77 -81.04
C LEU L 645 63.02 63.79 -81.12
N VAL L 646 64.24 64.34 -81.15
CA VAL L 646 65.40 63.51 -81.42
C VAL L 646 66.14 63.10 -80.14
N ARG L 647 66.44 64.07 -79.27
CA ARG L 647 67.26 63.91 -78.07
C ARG L 647 68.58 63.18 -78.37
N GLY L 648 69.38 63.83 -79.21
CA GLY L 648 70.62 63.26 -79.68
C GLY L 648 70.73 63.12 -81.18
N GLY L 649 69.92 63.83 -81.96
CA GLY L 649 70.04 63.84 -83.40
C GLY L 649 69.38 62.69 -84.12
N LYS L 650 68.99 61.63 -83.43
CA LYS L 650 68.40 60.47 -84.09
C LYS L 650 66.96 60.27 -83.60
N VAL L 651 66.12 59.78 -84.51
CA VAL L 651 64.69 59.63 -84.25
C VAL L 651 64.42 58.17 -83.92
N ALA L 652 63.73 57.93 -82.79
CA ALA L 652 63.31 56.59 -82.43
C ALA L 652 62.18 56.13 -83.34
N THR L 653 62.27 54.89 -83.84
CA THR L 653 61.24 54.36 -84.71
C THR L 653 60.01 53.95 -83.91
N LEU L 654 58.87 53.89 -84.57
CA LEU L 654 57.59 53.59 -83.93
C LEU L 654 57.00 52.38 -84.63
N ASN L 655 56.83 51.29 -83.90
CA ASN L 655 56.51 49.98 -84.48
C ASN L 655 55.00 49.79 -84.53
N VAL L 656 54.44 49.83 -85.73
CA VAL L 656 53.05 49.49 -85.97
C VAL L 656 52.99 47.98 -86.20
N GLY L 657 52.07 47.31 -85.50
CA GLY L 657 52.06 45.86 -85.51
C GLY L 657 51.56 45.28 -86.81
N ASN L 658 50.36 45.66 -87.24
CA ASN L 658 49.78 45.12 -88.45
C ASN L 658 49.55 46.19 -89.51
N ALA L 659 48.83 47.28 -89.18
CA ALA L 659 48.48 48.26 -90.20
C ALA L 659 48.22 49.60 -89.55
N ALA L 660 48.71 50.66 -90.19
CA ALA L 660 48.43 52.03 -89.78
C ALA L 660 47.61 52.69 -90.89
N ALA L 661 46.31 52.43 -90.89
CA ALA L 661 45.44 52.97 -91.92
C ALA L 661 44.85 54.29 -91.46
N MET L 662 44.94 55.30 -92.33
CA MET L 662 44.59 56.66 -91.92
C MET L 662 43.63 57.27 -92.93
N MET L 663 42.94 58.31 -92.49
CA MET L 663 41.95 59.00 -93.31
C MET L 663 41.81 60.42 -92.76
N PHE L 664 41.77 61.41 -93.65
CA PHE L 664 41.84 62.79 -93.22
C PHE L 664 40.84 63.61 -94.03
N ASN L 665 41.02 64.93 -94.02
CA ASN L 665 40.22 65.84 -94.80
C ASN L 665 41.07 67.06 -95.13
N ASN L 666 40.43 68.10 -95.64
CA ASN L 666 41.08 69.38 -95.89
C ASN L 666 41.23 70.12 -94.56
N ASP L 667 42.22 69.68 -93.78
CA ASP L 667 42.46 70.17 -92.43
C ASP L 667 43.31 71.44 -92.48
N ILE L 668 42.78 72.45 -93.17
CA ILE L 668 43.47 73.71 -93.43
C ILE L 668 43.18 74.70 -92.32
N ASP L 669 44.21 75.47 -91.95
CA ASP L 669 44.05 76.54 -90.97
C ASP L 669 44.46 77.85 -91.60
N SER L 670 44.03 78.95 -90.99
CA SER L 670 44.42 80.28 -91.41
C SER L 670 45.63 80.81 -90.65
N ALA L 671 46.15 80.05 -89.68
CA ALA L 671 47.37 80.45 -88.99
C ALA L 671 48.59 80.21 -89.86
N THR L 672 48.57 79.13 -90.65
CA THR L 672 49.66 78.82 -91.56
C THR L 672 49.30 79.02 -93.03
N GLY L 673 48.04 78.78 -93.42
CA GLY L 673 47.62 78.83 -94.80
C GLY L 673 47.63 77.48 -95.48
N PHE L 674 48.52 76.60 -95.02
CA PHE L 674 48.58 75.21 -95.46
C PHE L 674 47.53 74.42 -94.66
N TYR L 675 47.49 73.11 -94.87
CA TYR L 675 46.86 72.19 -93.95
C TYR L 675 47.55 72.24 -92.58
N LYS L 676 46.87 71.68 -91.57
CA LYS L 676 47.51 71.51 -90.28
C LYS L 676 48.68 70.54 -90.40
N PRO L 677 49.82 70.84 -89.77
CA PRO L 677 51.00 69.97 -89.93
C PRO L 677 50.81 68.62 -89.25
N LEU L 678 50.61 67.60 -90.09
CA LEU L 678 49.95 66.38 -89.65
C LEU L 678 50.89 65.47 -88.86
N ILE L 679 52.17 65.41 -89.24
CA ILE L 679 53.18 64.72 -88.47
C ILE L 679 54.40 65.64 -88.41
N LYS L 680 54.78 66.06 -87.22
CA LYS L 680 55.84 67.03 -87.04
C LYS L 680 57.06 66.38 -86.39
N ILE L 681 58.24 66.83 -86.79
CA ILE L 681 59.49 66.49 -86.11
C ILE L 681 60.06 67.80 -85.59
N ASN L 682 59.74 68.13 -84.35
CA ASN L 682 60.21 69.36 -83.73
C ASN L 682 61.37 69.03 -82.79
N SER L 683 62.13 70.09 -82.45
CA SER L 683 63.34 70.02 -81.59
C SER L 683 64.41 69.10 -82.18
N ALA L 684 64.36 68.94 -83.50
CA ALA L 684 65.41 68.30 -84.28
C ALA L 684 66.38 69.33 -84.84
N GLN L 685 66.89 70.18 -83.95
CA GLN L 685 67.86 71.20 -84.36
C GLN L 685 69.19 70.58 -84.72
N ASP L 686 69.62 69.56 -83.96
CA ASP L 686 70.82 68.80 -84.25
C ASP L 686 70.54 67.55 -85.07
N LEU L 687 69.51 67.58 -85.90
CA LEU L 687 69.20 66.44 -86.76
C LEU L 687 70.32 66.23 -87.78
N ILE L 688 70.84 65.01 -87.81
CA ILE L 688 72.09 64.72 -88.51
C ILE L 688 71.84 64.77 -90.01
N LYS L 689 72.56 65.65 -90.70
CA LYS L 689 72.43 65.80 -92.14
C LYS L 689 73.06 64.57 -92.83
N ASN L 690 72.54 64.28 -94.03
CA ASN L 690 73.05 63.21 -94.91
C ASN L 690 72.94 61.84 -94.27
N THR L 691 71.86 61.61 -93.52
CA THR L 691 71.70 60.39 -92.75
C THR L 691 70.24 59.97 -92.73
N GLU L 692 69.98 58.71 -93.06
CA GLU L 692 68.64 58.15 -92.90
C GLU L 692 68.27 58.06 -91.43
N HIS L 693 67.18 58.74 -91.07
CA HIS L 693 66.61 58.64 -89.73
C HIS L 693 65.24 57.99 -89.89
N VAL L 694 65.12 56.75 -89.43
CA VAL L 694 63.87 56.01 -89.55
C VAL L 694 62.84 56.58 -88.58
N LEU L 695 61.76 57.15 -89.14
CA LEU L 695 60.74 57.76 -88.30
C LEU L 695 59.87 56.69 -87.64
N LEU L 696 59.43 55.69 -88.42
CA LEU L 696 58.57 54.64 -87.91
C LEU L 696 58.70 53.41 -88.80
N LYS L 697 58.83 52.24 -88.18
CA LYS L 697 58.74 50.99 -88.89
C LYS L 697 57.30 50.49 -88.88
N ALA L 698 56.74 50.34 -90.07
CA ALA L 698 55.33 49.99 -90.19
C ALA L 698 55.18 49.01 -91.34
N LYS L 699 53.97 48.50 -91.50
CA LYS L 699 53.68 47.53 -92.55
C LYS L 699 52.79 48.10 -93.65
N ILE L 700 51.77 48.87 -93.29
CA ILE L 700 50.90 49.53 -94.26
C ILE L 700 50.69 50.96 -93.78
N ILE L 701 51.13 51.93 -94.57
CA ILE L 701 50.72 53.32 -94.38
C ILE L 701 49.56 53.56 -95.34
N GLY L 702 48.35 53.30 -94.89
CA GLY L 702 47.20 53.49 -95.75
C GLY L 702 46.62 54.87 -95.60
N TYR L 703 47.00 55.78 -96.49
CA TYR L 703 46.47 57.14 -96.47
C TYR L 703 45.04 57.14 -96.97
N GLY L 704 44.25 58.06 -96.45
CA GLY L 704 42.94 58.31 -97.04
C GLY L 704 42.51 59.74 -96.82
N ASN L 705 41.44 60.11 -97.51
CA ASN L 705 40.69 61.32 -97.23
C ASN L 705 39.21 60.96 -97.35
N VAL L 706 38.35 61.98 -97.45
CA VAL L 706 36.91 61.75 -97.61
C VAL L 706 36.55 61.09 -98.93
N SER L 707 37.45 61.11 -99.90
CA SER L 707 37.37 60.25 -101.07
C SER L 707 38.68 59.48 -101.18
N THR L 708 38.77 58.62 -102.19
CA THR L 708 40.04 57.95 -102.48
C THR L 708 41.05 58.94 -103.03
N GLY L 709 40.61 59.83 -103.92
CA GLY L 709 41.43 60.91 -104.41
C GLY L 709 41.77 61.90 -103.33
N THR L 710 43.04 62.27 -103.25
CA THR L 710 43.57 62.96 -102.08
C THR L 710 43.61 64.47 -102.28
N ASN L 711 44.29 65.14 -101.35
CA ASN L 711 44.36 66.60 -101.22
C ASN L 711 42.96 67.21 -101.07
N GLY L 712 42.32 66.85 -99.97
CA GLY L 712 40.99 67.37 -99.64
C GLY L 712 39.89 66.55 -100.27
N ILE L 713 39.23 67.10 -101.28
CA ILE L 713 38.24 66.38 -102.06
C ILE L 713 38.52 66.61 -103.54
N SER L 714 39.25 65.67 -104.14
CA SER L 714 39.73 65.76 -105.52
C SER L 714 40.06 64.35 -105.98
N ASN L 715 40.84 64.24 -107.05
CA ASN L 715 41.24 62.94 -107.59
C ASN L 715 42.76 62.80 -107.66
N VAL L 716 43.46 63.21 -106.62
CA VAL L 716 44.93 63.15 -106.58
C VAL L 716 45.33 61.81 -105.98
N ASN L 717 46.48 61.28 -106.41
CA ASN L 717 46.99 60.01 -105.90
C ASN L 717 47.36 60.05 -104.43
N LEU L 718 47.81 58.92 -103.90
CA LEU L 718 47.70 58.64 -102.47
C LEU L 718 48.90 59.09 -101.64
N GLU L 719 50.13 58.99 -102.14
CA GLU L 719 51.25 59.07 -101.21
C GLU L 719 52.13 60.31 -101.37
N GLU L 720 52.17 60.94 -102.55
CA GLU L 720 53.14 62.01 -102.78
C GLU L 720 52.79 63.30 -102.05
N GLN L 721 51.50 63.58 -101.85
CA GLN L 721 51.02 64.74 -101.11
C GLN L 721 51.21 64.57 -99.61
N PHE L 722 51.55 63.35 -99.16
CA PHE L 722 51.74 63.14 -97.73
C PHE L 722 53.13 63.60 -97.31
N LYS L 723 54.03 63.77 -98.27
CA LYS L 723 55.25 64.54 -98.02
C LYS L 723 54.95 66.01 -97.73
N GLU L 724 53.85 66.53 -98.26
CA GLU L 724 53.51 67.93 -98.03
C GLU L 724 52.98 68.17 -96.61
N ARG L 725 52.09 67.29 -96.13
CA ARG L 725 51.47 67.48 -94.83
C ARG L 725 52.41 67.19 -93.65
N LEU L 726 53.46 66.40 -93.86
CA LEU L 726 54.52 66.35 -92.86
C LEU L 726 55.30 67.66 -92.85
N ALA L 727 55.96 67.91 -91.72
CA ALA L 727 56.69 69.15 -91.55
C ALA L 727 57.90 68.90 -90.67
N LEU L 728 58.94 69.70 -90.90
CA LEU L 728 60.17 69.64 -90.13
C LEU L 728 60.36 71.03 -89.54
N TYR L 729 59.92 71.20 -88.30
CA TYR L 729 59.86 72.50 -87.66
C TYR L 729 61.15 72.71 -86.88
N ASN L 730 62.13 73.36 -87.50
CA ASN L 730 63.39 73.60 -86.82
C ASN L 730 63.89 75.00 -87.12
N ASN L 731 64.73 75.50 -86.21
CA ASN L 731 65.06 76.93 -86.08
C ASN L 731 63.79 77.77 -85.97
N ASN L 732 62.83 77.24 -85.20
CA ASN L 732 61.55 77.90 -84.83
C ASN L 732 60.69 78.26 -86.04
N ASN L 733 60.86 77.54 -87.14
CA ASN L 733 60.01 77.69 -88.32
C ASN L 733 60.02 76.36 -89.05
N ARG L 734 59.16 76.22 -90.06
CA ARG L 734 59.09 75.00 -90.84
C ARG L 734 60.19 74.99 -91.89
N MET L 735 61.04 73.97 -91.82
CA MET L 735 62.15 73.85 -92.75
C MET L 735 61.92 72.83 -93.85
N ASP L 736 60.94 71.94 -93.67
CA ASP L 736 60.59 70.99 -94.73
C ASP L 736 59.99 71.72 -95.93
N THR L 737 58.86 72.36 -95.71
CA THR L 737 58.34 73.36 -96.63
C THR L 737 58.32 74.70 -95.90
N CYS L 738 58.18 75.77 -96.67
CA CYS L 738 58.06 77.10 -96.06
C CYS L 738 56.80 77.72 -96.65
N VAL L 739 55.71 77.61 -95.90
CA VAL L 739 54.40 78.04 -96.36
C VAL L 739 54.26 79.54 -96.11
N VAL L 740 54.09 80.29 -97.20
CA VAL L 740 54.26 81.74 -97.19
C VAL L 740 53.00 82.40 -97.71
N ARG L 741 52.48 83.38 -96.96
CA ARG L 741 51.39 84.21 -97.44
C ARG L 741 51.68 85.71 -97.40
N ASN L 742 52.81 86.14 -96.84
CA ASN L 742 53.15 87.55 -96.79
C ASN L 742 54.68 87.69 -96.82
N THR L 743 55.17 88.89 -96.52
CA THR L 743 56.61 89.15 -96.50
C THR L 743 57.21 89.05 -95.11
N ASP L 744 56.38 89.03 -94.06
CA ASP L 744 56.88 88.99 -92.70
C ASP L 744 57.47 87.64 -92.33
N ASP L 745 56.90 86.54 -92.81
CA ASP L 745 57.42 85.22 -92.46
C ASP L 745 58.65 84.85 -93.26
N ILE L 746 59.00 85.66 -94.27
CA ILE L 746 60.24 85.46 -95.03
C ILE L 746 61.46 85.66 -94.13
N LYS L 747 61.34 86.52 -93.13
CA LYS L 747 62.43 86.75 -92.17
C LYS L 747 62.73 85.49 -91.38
N ALA L 748 61.71 84.92 -90.74
CA ALA L 748 61.90 83.68 -89.99
C ALA L 748 62.17 82.49 -90.90
N CYS L 749 61.74 82.54 -92.16
CA CYS L 749 62.06 81.47 -93.09
C CYS L 749 63.54 81.48 -93.47
N GLY L 750 64.10 82.67 -93.71
CA GLY L 750 65.52 82.77 -93.93
C GLY L 750 66.33 82.49 -92.67
N MET L 751 65.75 82.76 -91.50
CA MET L 751 66.37 82.30 -90.25
C MET L 751 66.33 80.77 -90.15
N ALA L 752 65.29 80.15 -90.69
CA ALA L 752 65.17 78.70 -90.63
C ALA L 752 66.16 78.02 -91.56
N ILE L 753 66.31 78.55 -92.78
CA ILE L 753 67.21 77.93 -93.75
C ILE L 753 68.60 78.55 -93.75
N GLY L 754 68.84 79.56 -92.93
CA GLY L 754 70.17 80.12 -92.77
C GLY L 754 70.68 80.91 -93.96
N ASN L 755 69.84 81.77 -94.52
CA ASN L 755 70.19 82.54 -95.71
C ASN L 755 69.74 83.98 -95.53
N GLN L 756 70.67 84.92 -95.69
CA GLN L 756 70.36 86.34 -95.61
C GLN L 756 69.67 86.88 -96.85
N SER L 757 69.55 86.08 -97.90
CA SER L 757 68.77 86.46 -99.08
C SER L 757 67.27 86.49 -98.81
N MET L 758 66.82 85.88 -97.72
CA MET L 758 65.45 85.99 -97.27
C MET L 758 65.32 86.80 -95.99
N VAL L 759 66.45 87.20 -95.39
CA VAL L 759 66.42 87.94 -94.13
C VAL L 759 66.53 89.43 -94.40
N ASN L 760 67.54 89.83 -95.16
CA ASN L 760 67.77 91.25 -95.41
C ASN L 760 66.76 91.84 -96.37
N ASN L 761 66.25 91.04 -97.30
CA ASN L 761 65.27 91.51 -98.28
C ASN L 761 64.17 90.48 -98.51
N PRO L 762 62.97 90.72 -97.97
CA PRO L 762 61.86 89.76 -98.21
C PRO L 762 61.29 89.85 -99.61
N ASP L 763 61.39 90.99 -100.27
CA ASP L 763 60.91 91.15 -101.64
C ASP L 763 61.89 90.64 -102.68
N ASN L 764 63.01 90.05 -102.26
CA ASN L 764 63.92 89.41 -103.19
C ASN L 764 63.29 88.19 -103.84
N TYR L 765 62.47 87.47 -103.10
CA TYR L 765 61.83 86.24 -103.56
C TYR L 765 60.33 86.47 -103.63
N LYS L 766 59.78 86.47 -104.84
CA LYS L 766 58.37 86.82 -105.07
C LYS L 766 57.59 85.66 -105.67
N TYR L 767 58.08 84.44 -105.47
CA TYR L 767 57.43 83.22 -105.95
C TYR L 767 56.48 82.63 -104.91
N LEU L 768 56.11 83.41 -103.89
CA LEU L 768 55.56 82.89 -102.66
C LEU L 768 54.35 83.68 -102.18
N ILE L 769 53.71 84.41 -103.09
CA ILE L 769 52.46 85.11 -102.79
C ILE L 769 51.35 84.14 -103.21
N GLY L 770 50.74 83.50 -102.22
CA GLY L 770 49.79 82.45 -102.50
C GLY L 770 50.43 81.12 -102.84
N LYS L 771 51.73 80.99 -102.60
CA LYS L 771 52.46 79.76 -102.92
C LYS L 771 53.34 79.34 -101.74
N ALA L 772 54.17 78.33 -101.97
CA ALA L 772 55.17 77.89 -100.99
C ALA L 772 56.31 77.23 -101.75
N TRP L 773 57.18 76.55 -101.01
CA TRP L 773 58.27 75.82 -101.63
C TRP L 773 58.75 74.72 -100.71
N LYS L 774 58.94 73.53 -101.27
CA LYS L 774 59.54 72.43 -100.52
C LYS L 774 61.06 72.52 -100.62
N ASN L 775 61.73 72.29 -99.49
CA ASN L 775 63.17 72.44 -99.42
C ASN L 775 63.84 71.26 -100.11
N ILE L 776 64.67 71.56 -101.11
CA ILE L 776 65.51 70.54 -101.73
C ILE L 776 66.64 70.17 -100.75
N GLY L 777 66.99 68.90 -100.74
CA GLY L 777 67.88 68.37 -99.73
C GLY L 777 67.17 67.74 -98.56
N ILE L 778 65.83 67.70 -98.58
CA ILE L 778 65.02 67.04 -97.56
C ILE L 778 64.05 66.12 -98.29
N SER L 779 64.24 64.81 -98.12
CA SER L 779 63.43 63.82 -98.80
C SER L 779 62.72 62.96 -97.76
N LYS L 780 61.51 62.51 -98.10
CA LYS L 780 60.74 61.66 -97.21
C LYS L 780 60.05 60.56 -98.01
N THR L 781 59.73 59.46 -97.34
CA THR L 781 58.93 58.39 -97.90
C THR L 781 57.55 58.42 -97.26
N ALA L 782 56.52 58.18 -98.07
CA ALA L 782 55.14 58.13 -97.58
C ALA L 782 54.40 57.00 -98.27
N ASN L 783 55.14 56.03 -98.79
CA ASN L 783 54.52 54.92 -99.49
C ASN L 783 53.92 53.91 -98.51
N GLY L 784 53.43 52.81 -99.06
CA GLY L 784 52.71 51.83 -98.28
C GLY L 784 53.53 50.93 -97.38
N SER L 785 54.83 51.22 -97.18
CA SER L 785 55.66 50.33 -96.38
C SER L 785 56.55 51.03 -95.37
N LYS L 786 56.83 52.32 -95.55
CA LYS L 786 57.82 52.99 -94.70
C LYS L 786 57.62 54.49 -94.77
N ILE L 787 57.72 55.14 -93.62
CA ILE L 787 57.87 56.59 -93.54
C ILE L 787 59.23 56.87 -92.91
N SER L 788 60.18 57.33 -93.73
CA SER L 788 61.50 57.72 -93.26
C SER L 788 61.85 59.09 -93.84
N VAL L 789 62.52 59.90 -93.03
CA VAL L 789 62.88 61.26 -93.40
C VAL L 789 64.37 61.30 -93.69
N TYR L 790 64.73 61.85 -94.86
CA TYR L 790 66.12 61.89 -95.34
C TYR L 790 66.55 63.35 -95.35
N TYR L 791 67.00 63.84 -94.20
CA TYR L 791 67.53 65.19 -94.09
C TYR L 791 68.96 65.17 -94.59
N LEU L 792 69.17 65.66 -95.80
CA LEU L 792 70.49 65.66 -96.41
C LEU L 792 70.93 67.00 -96.95
N GLY L 793 70.09 68.04 -96.87
CA GLY L 793 70.52 69.35 -97.30
C GLY L 793 69.62 70.50 -96.92
N ASN L 794 70.22 71.53 -96.33
CA ASN L 794 69.54 72.81 -96.12
C ASN L 794 69.96 73.77 -97.24
N SER L 795 69.49 73.46 -98.43
CA SER L 795 69.90 74.18 -99.63
C SER L 795 69.08 75.45 -99.82
N THR L 796 69.71 76.44 -100.44
CA THR L 796 69.04 77.71 -100.69
C THR L 796 68.13 77.58 -101.91
N PRO L 797 66.84 77.84 -101.77
CA PRO L 797 65.96 77.76 -102.94
C PRO L 797 66.13 78.98 -103.84
N THR L 798 66.18 78.71 -105.14
CA THR L 798 66.16 79.79 -106.10
C THR L 798 64.74 80.33 -106.26
N GLU L 799 64.62 81.48 -106.92
CA GLU L 799 63.32 82.15 -106.96
C GLU L 799 62.37 81.49 -107.96
N ASN L 800 62.77 81.44 -109.22
CA ASN L 800 61.89 80.95 -110.29
C ASN L 800 62.55 79.81 -111.06
N GLY L 801 63.06 78.82 -110.31
CA GLY L 801 63.69 77.67 -110.94
C GLY L 801 62.98 76.36 -110.68
N GLY L 802 62.30 76.24 -109.55
CA GLY L 802 61.56 75.03 -109.22
C GLY L 802 61.52 74.81 -107.73
N ASN L 803 61.10 73.59 -107.37
CA ASN L 803 60.90 73.14 -105.99
C ASN L 803 59.90 74.03 -105.25
N THR L 804 58.84 74.44 -105.94
CA THR L 804 57.84 75.33 -105.37
C THR L 804 56.50 74.60 -105.32
N THR L 805 55.71 74.94 -104.31
CA THR L 805 54.38 74.38 -104.14
C THR L 805 53.38 75.52 -104.00
N ASN L 806 52.09 75.16 -104.04
CA ASN L 806 51.01 76.13 -103.97
C ASN L 806 50.37 76.08 -102.57
N LEU L 807 49.38 76.93 -102.33
CA LEU L 807 48.56 76.81 -101.14
C LEU L 807 47.38 75.88 -101.40
N PRO L 808 46.85 75.24 -100.33
CA PRO L 808 45.59 74.50 -100.52
C PRO L 808 44.41 75.40 -100.88
N THR L 809 44.15 76.41 -100.06
CA THR L 809 43.13 77.45 -100.27
C THR L 809 41.75 76.84 -100.47
N ASN L 810 41.23 76.25 -99.39
CA ASN L 810 39.91 75.64 -99.41
C ASN L 810 39.00 76.32 -98.41
N THR L 811 39.25 77.59 -98.14
CA THR L 811 38.43 78.37 -97.22
C THR L 811 37.79 79.54 -97.94
#